data_6VXE
#
_entry.id   6VXE
#
_cell.length_a   100.346
_cell.length_b   341.655
_cell.length_c   122.605
_cell.angle_alpha   90.000
_cell.angle_beta   107.140
_cell.angle_gamma   90.000
#
_symmetry.space_group_name_H-M   'P 1 21 1'
#
loop_
_entity.id
_entity.type
_entity.pdbx_description
1 polymer 'Trans-4-hydroxy-L-proline dehydratase'
2 non-polymer 4-HYDROXYPROLINE
3 water water
#
_entity_poly.entity_id   1
_entity_poly.type   'polypeptide(L)'
_entity_poly.pdbx_seq_one_letter_code
;MGSSHHHHHHSSGLVPRGSHMARGTFERTKKLREESINAEPHISIERAVLMTEAYKKYEGSVEIPVLRALSFKHYIENRT
LSINDGELIVGEKGDSPNGAPTYPEICCHTMEDLEVMHNRDIINFSVSEEARKIHKEEIIPFWKKRQTRDKIINAMTPEW
LAAYEAGMFTEFMEQRAPGHTVCGDTIYKKGFLDLKKDIEARLKELDFLNDLDAYNKKADLEAMAIACDAMVILGKRYAE
KARQMAEEETDEAKKKDLLLIAETCDVVPAHKPETYHQAIQMYWFVHIGVTTELNIWDAFTPGRLDQHLNPFYERDVENG
ILDRDRAQELLECLWVKFNNQPAPPKVGITLKESSTYTDFANINTGGINPDGQDGVNEVSYIILDVMDEMKLIQPSSNVQ
ISKKTPQKFLKRACEISRKGWGQPAFYNTEAIVQELMEAGKTIEDARLGGTSGCVETGCFGKEAYVLTGYMNIPKILELT
LNNGYDPISKKQIGIETGDPRNFQSYEELFEAFKKQLHYMIDIKIEGNAVIENICAKHMPCPLMSTIVDDCIEKGKDYQR
GGARYNTRYIQGVGIGTITDSLTAIKYNVFDKKKFDMDTLLKALDANFEGYEAILNLVSNKTPKYGNDDDYADEIMQEIF
NAYYNEVTGRPTVCGGEYRVDMLPTTCHIYFGEIMGASPNGRLCAKPVSEGISPEKGGDTNGPTAVIKSCAKMDHIKTGG
TLLNQRFAPSVVQGEKGLDNMANLVRAYFNMDGHHIQFNVFDKNVLLEAQKNPQDYKDLIVRVAGYSDHFNNLSRTLQDE
IIGRTEQTF
;
_entity_poly.pdbx_strand_id   A,B,C,D,E,F,G,H
#
# COMPACT_ATOMS: atom_id res chain seq x y z
N MET A 21 -40.75 -47.06 -88.54
CA MET A 21 -41.39 -47.47 -87.30
C MET A 21 -40.38 -47.51 -86.15
N ALA A 22 -39.34 -48.32 -86.30
CA ALA A 22 -38.29 -48.46 -85.30
C ALA A 22 -38.85 -48.70 -83.90
N ARG A 23 -38.26 -47.91 -82.97
CA ARG A 23 -38.42 -47.91 -81.48
C ARG A 23 -38.87 -46.60 -80.81
N GLY A 24 -39.68 -46.72 -79.78
CA GLY A 24 -40.36 -45.57 -79.21
C GLY A 24 -41.85 -45.76 -79.44
N THR A 25 -42.62 -45.63 -78.35
CA THR A 25 -44.07 -45.86 -78.43
C THR A 25 -44.80 -44.72 -79.12
N PHE A 26 -44.24 -43.55 -79.06
CA PHE A 26 -44.82 -42.40 -79.65
C PHE A 26 -43.90 -41.80 -80.66
N GLU A 27 -44.39 -40.87 -81.45
CA GLU A 27 -43.59 -40.23 -82.45
C GLU A 27 -42.45 -39.53 -81.81
N ARG A 28 -42.77 -38.77 -80.80
CA ARG A 28 -41.86 -38.01 -80.02
C ARG A 28 -40.71 -38.84 -79.49
N THR A 29 -41.03 -39.90 -78.80
CA THR A 29 -39.96 -40.71 -78.22
C THR A 29 -39.21 -41.50 -79.28
N LYS A 30 -39.83 -41.80 -80.43
CA LYS A 30 -39.09 -42.35 -81.55
C LYS A 30 -38.03 -41.37 -82.03
N LYS A 31 -38.43 -40.11 -82.18
CA LYS A 31 -37.52 -39.10 -82.69
C LYS A 31 -36.39 -38.84 -81.70
N LEU A 32 -36.72 -38.63 -80.41
CA LEU A 32 -35.70 -38.37 -79.41
C LEU A 32 -34.73 -39.53 -79.33
N ARG A 33 -35.26 -40.76 -79.41
CA ARG A 33 -34.36 -41.90 -79.37
C ARG A 33 -33.46 -41.92 -80.60
N GLU A 34 -34.00 -41.57 -81.77
CA GLU A 34 -33.16 -41.59 -82.95
C GLU A 34 -32.04 -40.55 -82.84
N GLU A 35 -32.38 -39.36 -82.35
CA GLU A 35 -31.35 -38.34 -82.12
C GLU A 35 -30.30 -38.84 -81.14
N SER A 36 -30.73 -39.56 -80.10
CA SER A 36 -29.80 -40.06 -79.11
C SER A 36 -28.77 -41.00 -79.72
N ILE A 37 -29.22 -42.03 -80.46
CA ILE A 37 -28.26 -43.01 -80.93
C ILE A 37 -27.36 -42.46 -82.03
N ASN A 38 -27.77 -41.38 -82.69
CA ASN A 38 -26.95 -40.82 -83.75
C ASN A 38 -26.01 -39.73 -83.26
N ALA A 39 -26.13 -39.29 -82.00
CA ALA A 39 -25.24 -38.27 -81.47
C ALA A 39 -23.81 -38.77 -81.42
N GLU A 40 -22.89 -37.97 -81.90
CA GLU A 40 -21.52 -38.42 -81.94
C GLU A 40 -20.85 -38.12 -80.63
N PRO A 41 -20.14 -39.08 -80.07
CA PRO A 41 -19.45 -38.80 -78.80
C PRO A 41 -18.35 -37.79 -79.03
N HIS A 42 -18.40 -36.70 -78.28
CA HIS A 42 -17.42 -35.63 -78.41
C HIS A 42 -17.25 -34.97 -77.05
N ILE A 43 -16.20 -34.16 -76.92
CA ILE A 43 -16.00 -33.42 -75.69
C ILE A 43 -16.59 -32.04 -75.88
N SER A 44 -17.20 -31.53 -74.81
CA SER A 44 -17.75 -30.18 -74.78
C SER A 44 -16.85 -29.42 -73.84
N ILE A 45 -16.10 -28.46 -74.38
CA ILE A 45 -15.13 -27.77 -73.55
C ILE A 45 -15.73 -26.66 -72.72
N GLU A 46 -17.00 -26.32 -72.98
CA GLU A 46 -17.60 -25.15 -72.36
C GLU A 46 -17.49 -25.18 -70.85
N ARG A 47 -17.74 -26.35 -70.25
CA ARG A 47 -17.67 -26.47 -68.81
C ARG A 47 -16.27 -26.08 -68.31
N ALA A 48 -15.22 -26.62 -68.95
CA ALA A 48 -13.86 -26.30 -68.56
C ALA A 48 -13.60 -24.80 -68.70
N VAL A 49 -14.05 -24.19 -69.79
CA VAL A 49 -13.86 -22.75 -69.96
C VAL A 49 -14.54 -22.01 -68.82
N LEU A 50 -15.79 -22.36 -68.55
CA LEU A 50 -16.53 -21.61 -67.55
C LEU A 50 -15.96 -21.85 -66.16
N MET A 51 -15.53 -23.08 -65.87
N MET A 51 -15.45 -23.04 -65.93
CA MET A 51 -14.92 -23.34 -64.57
CA MET A 51 -14.87 -23.41 -64.65
C MET A 51 -13.59 -22.61 -64.42
C MET A 51 -13.61 -22.59 -64.47
N THR A 52 -12.83 -22.45 -65.52
CA THR A 52 -11.61 -21.64 -65.47
C THR A 52 -11.94 -20.18 -65.20
N GLU A 53 -12.96 -19.63 -65.86
CA GLU A 53 -13.37 -18.25 -65.60
C GLU A 53 -13.70 -18.06 -64.13
N ALA A 54 -14.47 -19.00 -63.58
CA ALA A 54 -14.90 -18.86 -62.20
C ALA A 54 -13.73 -18.96 -61.24
N TYR A 55 -12.78 -19.86 -61.52
CA TYR A 55 -11.62 -19.99 -60.64
C TYR A 55 -10.75 -18.74 -60.70
N LYS A 56 -10.40 -18.30 -61.90
CA LYS A 56 -9.61 -17.08 -62.04
C LYS A 56 -10.28 -15.91 -61.34
N LYS A 57 -11.60 -15.94 -61.22
CA LYS A 57 -12.28 -14.87 -60.53
C LYS A 57 -12.31 -15.11 -59.01
N TYR A 58 -12.49 -16.35 -58.58
CA TYR A 58 -12.75 -16.62 -57.18
C TYR A 58 -11.65 -17.36 -56.45
N GLU A 59 -10.81 -18.12 -57.15
CA GLU A 59 -9.80 -18.92 -56.48
C GLU A 59 -8.94 -18.03 -55.60
N GLY A 60 -8.71 -18.47 -54.37
CA GLY A 60 -7.92 -17.73 -53.42
C GLY A 60 -8.71 -16.77 -52.56
N SER A 61 -9.99 -16.56 -52.86
CA SER A 61 -10.79 -15.64 -52.08
C SER A 61 -11.82 -16.34 -51.21
N VAL A 62 -12.08 -17.62 -51.45
CA VAL A 62 -13.13 -18.34 -50.73
C VAL A 62 -12.60 -19.72 -50.38
N GLU A 63 -13.26 -20.39 -49.46
CA GLU A 63 -12.92 -21.77 -49.17
C GLU A 63 -13.26 -22.63 -50.38
N ILE A 64 -12.55 -23.77 -50.49
CA ILE A 64 -12.71 -24.61 -51.68
C ILE A 64 -14.16 -25.05 -51.89
N PRO A 65 -14.93 -25.45 -50.86
CA PRO A 65 -16.35 -25.80 -51.11
C PRO A 65 -17.15 -24.67 -51.73
N VAL A 66 -17.00 -23.46 -51.19
CA VAL A 66 -17.70 -22.31 -51.74
C VAL A 66 -17.22 -22.06 -53.15
N LEU A 67 -15.92 -22.24 -53.38
CA LEU A 67 -15.35 -22.05 -54.70
C LEU A 67 -15.99 -23.00 -55.69
N ARG A 68 -16.14 -24.26 -55.30
CA ARG A 68 -16.82 -25.23 -56.16
C ARG A 68 -18.25 -24.78 -56.46
N ALA A 69 -18.99 -24.38 -55.43
CA ALA A 69 -20.36 -23.95 -55.62
C ALA A 69 -20.44 -22.70 -56.50
N LEU A 70 -19.56 -21.73 -56.27
CA LEU A 70 -19.60 -20.52 -57.08
C LEU A 70 -19.28 -20.84 -58.53
N SER A 71 -18.35 -21.78 -58.76
CA SER A 71 -18.04 -22.16 -60.12
C SER A 71 -19.21 -22.88 -60.76
N PHE A 72 -19.82 -23.81 -60.02
CA PHE A 72 -21.01 -24.46 -60.53
C PHE A 72 -22.10 -23.46 -60.85
N LYS A 73 -22.33 -22.51 -59.94
CA LYS A 73 -23.32 -21.47 -60.19
C LYS A 73 -22.94 -20.63 -61.40
N HIS A 74 -21.67 -20.24 -61.49
CA HIS A 74 -21.22 -19.50 -62.65
C HIS A 74 -21.38 -20.33 -63.91
N TYR A 75 -21.13 -21.63 -63.82
CA TYR A 75 -21.32 -22.52 -64.96
C TYR A 75 -22.79 -22.62 -65.35
N ILE A 76 -23.66 -22.89 -64.37
CA ILE A 76 -25.09 -23.00 -64.63
C ILE A 76 -25.64 -21.67 -65.14
N GLU A 77 -25.10 -20.55 -64.65
CA GLU A 77 -25.61 -19.26 -65.09
C GLU A 77 -25.27 -18.96 -66.55
N ASN A 78 -24.13 -19.45 -67.05
CA ASN A 78 -23.61 -19.01 -68.33
C ASN A 78 -23.50 -20.12 -69.38
N ARG A 79 -23.72 -21.38 -69.00
CA ARG A 79 -23.64 -22.45 -69.99
C ARG A 79 -24.79 -22.33 -70.99
N THR A 80 -24.52 -22.73 -72.21
CA THR A 80 -25.58 -22.84 -73.20
C THR A 80 -26.51 -23.99 -72.80
N LEU A 81 -27.47 -24.10 -73.12
CA LEU A 81 -28.60 -24.90 -72.67
C LEU A 81 -29.40 -25.35 -73.88
N SER A 82 -29.82 -26.46 -74.11
CA SER A 82 -30.45 -26.97 -75.30
C SER A 82 -31.75 -27.68 -74.96
N ILE A 83 -32.76 -27.42 -75.78
CA ILE A 83 -34.01 -28.16 -75.78
C ILE A 83 -34.06 -28.90 -77.10
N ASN A 84 -33.84 -30.21 -77.05
CA ASN A 84 -33.85 -30.96 -78.29
C ASN A 84 -35.26 -31.06 -78.86
N ASP A 85 -35.34 -31.33 -80.16
CA ASP A 85 -36.61 -31.33 -80.85
C ASP A 85 -37.57 -32.36 -80.25
N GLY A 86 -38.71 -31.88 -79.76
CA GLY A 86 -39.73 -32.78 -79.28
C GLY A 86 -39.56 -33.22 -77.86
N GLU A 87 -38.61 -32.65 -77.13
CA GLU A 87 -38.37 -33.08 -75.77
C GLU A 87 -39.53 -32.68 -74.87
N LEU A 88 -39.79 -33.52 -73.87
CA LEU A 88 -40.63 -33.20 -72.72
C LEU A 88 -39.84 -33.05 -71.43
N ILE A 89 -38.80 -33.85 -71.26
CA ILE A 89 -37.82 -33.67 -70.19
C ILE A 89 -36.62 -33.00 -70.82
N VAL A 90 -36.13 -31.96 -70.19
CA VAL A 90 -35.11 -31.13 -70.80
C VAL A 90 -33.82 -31.17 -69.98
N GLY A 91 -32.69 -30.96 -70.64
CA GLY A 91 -31.41 -30.90 -69.96
C GLY A 91 -30.30 -31.82 -70.47
N GLU A 92 -29.15 -31.25 -70.83
CA GLU A 92 -28.00 -32.04 -71.29
C GLU A 92 -26.77 -31.67 -70.48
N LYS A 93 -25.91 -32.67 -70.22
CA LYS A 93 -24.64 -32.35 -69.54
C LYS A 93 -23.77 -31.41 -70.37
N GLY A 94 -23.59 -31.73 -71.64
CA GLY A 94 -22.72 -30.97 -72.51
C GLY A 94 -23.48 -30.08 -73.45
N ASP A 95 -22.83 -29.74 -74.57
CA ASP A 95 -23.45 -28.86 -75.55
C ASP A 95 -24.61 -29.53 -76.30
N SER A 96 -24.55 -30.85 -76.48
CA SER A 96 -25.51 -31.60 -77.28
C SER A 96 -25.43 -33.05 -76.84
N PRO A 97 -26.37 -33.90 -77.27
CA PRO A 97 -26.32 -35.32 -76.87
C PRO A 97 -24.96 -35.94 -77.13
N ASN A 98 -24.53 -36.78 -76.20
CA ASN A 98 -23.25 -37.44 -76.28
C ASN A 98 -22.09 -36.43 -76.30
N GLY A 99 -22.35 -35.21 -75.84
CA GLY A 99 -21.30 -34.24 -75.67
C GLY A 99 -20.81 -34.26 -74.23
N ALA A 100 -19.65 -34.86 -73.99
CA ALA A 100 -19.13 -35.00 -72.64
C ALA A 100 -18.38 -33.75 -72.22
N PRO A 101 -18.72 -33.15 -71.09
CA PRO A 101 -17.88 -32.08 -70.56
C PRO A 101 -16.54 -32.63 -70.13
N THR A 102 -15.57 -31.73 -69.96
CA THR A 102 -14.27 -32.10 -69.43
C THR A 102 -14.17 -31.59 -67.99
N TYR A 103 -13.30 -32.22 -67.23
CA TYR A 103 -13.18 -31.95 -65.81
C TYR A 103 -11.72 -31.72 -65.45
N PRO A 104 -11.14 -30.61 -65.95
CA PRO A 104 -9.71 -30.39 -65.73
C PRO A 104 -9.32 -30.23 -64.28
N GLU A 105 -10.27 -29.94 -63.39
CA GLU A 105 -9.96 -29.93 -61.97
C GLU A 105 -9.67 -31.34 -61.46
N ILE A 106 -10.13 -32.36 -62.17
CA ILE A 106 -9.89 -33.73 -61.76
C ILE A 106 -8.75 -34.26 -62.61
N CYS A 107 -8.97 -34.26 -63.90
CA CYS A 107 -7.94 -34.69 -64.84
C CYS A 107 -7.85 -33.62 -65.90
N CYS A 108 -6.73 -32.93 -65.93
CA CYS A 108 -6.45 -31.95 -66.98
C CYS A 108 -5.70 -32.70 -68.07
N HIS A 109 -6.37 -32.94 -69.18
CA HIS A 109 -5.79 -33.79 -70.21
C HIS A 109 -4.55 -33.13 -70.81
N THR A 110 -3.54 -33.94 -71.07
CA THR A 110 -2.47 -33.48 -71.92
C THR A 110 -2.97 -33.44 -73.37
N MET A 111 -2.23 -32.72 -74.20
CA MET A 111 -2.60 -32.73 -75.62
C MET A 111 -2.54 -34.14 -76.22
N GLU A 112 -1.66 -35.01 -75.71
CA GLU A 112 -1.66 -36.40 -76.19
C GLU A 112 -2.95 -37.12 -75.75
N ASP A 113 -3.47 -36.83 -74.55
CA ASP A 113 -4.76 -37.40 -74.14
C ASP A 113 -5.85 -37.04 -75.13
N LEU A 114 -5.90 -35.76 -75.51
CA LEU A 114 -6.87 -35.34 -76.51
C LEU A 114 -6.66 -36.12 -77.79
N GLU A 115 -5.39 -36.32 -78.17
CA GLU A 115 -5.07 -37.10 -79.36
C GLU A 115 -5.51 -38.55 -79.21
N VAL A 116 -5.18 -39.18 -78.09
CA VAL A 116 -5.51 -40.59 -77.92
C VAL A 116 -7.01 -40.79 -77.97
N MET A 117 -7.76 -40.00 -77.19
CA MET A 117 -9.20 -40.22 -77.09
C MET A 117 -9.90 -39.86 -78.39
N HIS A 118 -9.29 -38.98 -79.19
CA HIS A 118 -9.91 -38.66 -80.46
C HIS A 118 -9.71 -39.77 -81.48
N ASN A 119 -8.59 -40.45 -81.38
CA ASN A 119 -8.24 -41.41 -82.34
C ASN A 119 -8.33 -42.83 -81.96
N ARG A 120 -8.66 -43.13 -80.73
CA ARG A 120 -8.75 -44.53 -80.37
C ARG A 120 -9.91 -45.26 -81.01
N ASP A 121 -9.74 -46.56 -81.17
CA ASP A 121 -10.72 -47.38 -81.82
C ASP A 121 -12.03 -47.47 -81.08
N ILE A 122 -11.97 -47.76 -79.81
CA ILE A 122 -13.19 -47.90 -79.05
C ILE A 122 -13.22 -46.81 -77.97
N ILE A 123 -14.44 -46.37 -77.66
CA ILE A 123 -14.73 -45.35 -76.65
C ILE A 123 -13.97 -44.08 -77.00
N ASN A 124 -14.03 -43.69 -78.26
CA ASN A 124 -13.39 -42.47 -78.67
C ASN A 124 -14.27 -41.28 -78.33
N PHE A 125 -13.64 -40.11 -78.23
CA PHE A 125 -14.36 -38.86 -78.13
C PHE A 125 -13.74 -37.89 -79.11
N SER A 126 -14.57 -37.28 -79.94
CA SER A 126 -14.05 -36.31 -80.89
C SER A 126 -13.71 -35.03 -80.16
N VAL A 127 -12.51 -34.54 -80.43
CA VAL A 127 -12.01 -33.29 -79.90
C VAL A 127 -12.00 -32.32 -81.06
N SER A 128 -12.97 -31.41 -81.09
CA SER A 128 -12.96 -30.45 -82.17
C SER A 128 -11.70 -29.61 -82.06
N GLU A 129 -11.28 -29.02 -83.17
CA GLU A 129 -10.07 -28.20 -83.09
C GLU A 129 -10.32 -27.03 -82.15
N GLU A 130 -11.55 -26.49 -82.14
CA GLU A 130 -11.86 -25.41 -81.21
C GLU A 130 -11.70 -25.88 -79.77
N ALA A 131 -12.12 -27.11 -79.49
CA ALA A 131 -11.93 -27.61 -78.14
C ALA A 131 -10.47 -27.85 -77.85
N ARG A 132 -9.74 -28.40 -78.82
CA ARG A 132 -8.32 -28.66 -78.66
C ARG A 132 -7.54 -27.38 -78.38
N LYS A 133 -7.75 -26.35 -79.19
CA LYS A 133 -7.03 -25.09 -79.01
C LYS A 133 -7.34 -24.51 -77.63
N ILE A 134 -8.61 -24.47 -77.27
CA ILE A 134 -9.00 -23.93 -75.97
C ILE A 134 -8.34 -24.73 -74.85
N HIS A 135 -8.36 -26.06 -74.97
CA HIS A 135 -7.75 -26.84 -73.91
C HIS A 135 -6.26 -26.56 -73.79
N LYS A 136 -5.57 -26.43 -74.93
CA LYS A 136 -4.13 -26.22 -74.88
C LYS A 136 -3.81 -24.82 -74.33
N GLU A 137 -4.57 -23.82 -74.74
CA GLU A 137 -4.25 -22.42 -74.45
C GLU A 137 -4.95 -21.89 -73.21
N GLU A 138 -6.15 -22.35 -72.89
CA GLU A 138 -6.85 -21.82 -71.73
C GLU A 138 -6.90 -22.80 -70.57
N ILE A 139 -6.99 -24.09 -70.85
CA ILE A 139 -7.21 -25.07 -69.80
C ILE A 139 -5.90 -25.57 -69.23
N ILE A 140 -5.02 -26.11 -70.07
CA ILE A 140 -3.78 -26.67 -69.57
C ILE A 140 -2.96 -25.67 -68.76
N PRO A 141 -2.71 -24.46 -69.24
CA PRO A 141 -1.90 -23.53 -68.43
C PRO A 141 -2.47 -23.29 -67.04
N PHE A 142 -3.78 -23.34 -66.89
CA PHE A 142 -4.36 -23.08 -65.58
C PHE A 142 -4.49 -24.34 -64.74
N TRP A 143 -4.89 -25.45 -65.35
CA TRP A 143 -5.31 -26.63 -64.61
C TRP A 143 -4.23 -27.70 -64.51
N LYS A 144 -3.18 -27.61 -65.33
CA LYS A 144 -2.14 -28.64 -65.32
C LYS A 144 -1.55 -28.82 -63.94
N LYS A 145 -1.41 -27.73 -63.18
CA LYS A 145 -0.86 -27.85 -61.85
C LYS A 145 -1.94 -27.99 -60.77
N ARG A 146 -3.18 -27.60 -61.07
CA ARG A 146 -4.28 -27.68 -60.11
C ARG A 146 -5.04 -28.98 -60.13
N GLN A 147 -4.97 -29.75 -61.22
CA GLN A 147 -5.80 -30.95 -61.32
C GLN A 147 -5.52 -31.88 -60.17
N THR A 148 -6.57 -32.50 -59.64
CA THR A 148 -6.37 -33.39 -58.50
C THR A 148 -5.53 -34.59 -58.87
N ARG A 149 -5.52 -34.98 -60.14
CA ARG A 149 -4.77 -36.16 -60.53
C ARG A 149 -3.28 -36.01 -60.19
N ASP A 150 -2.66 -34.86 -60.52
CA ASP A 150 -1.26 -34.67 -60.16
C ASP A 150 -1.08 -34.61 -58.66
N LYS A 151 -2.01 -33.95 -57.97
CA LYS A 151 -1.99 -33.99 -56.51
C LYS A 151 -1.94 -35.41 -56.02
N ILE A 152 -2.75 -36.29 -56.62
CA ILE A 152 -2.81 -37.68 -56.18
C ILE A 152 -1.52 -38.40 -56.51
N ILE A 153 -1.11 -38.34 -57.78
CA ILE A 153 0.07 -39.07 -58.23
C ILE A 153 1.33 -38.63 -57.49
N ASN A 154 1.53 -37.30 -57.32
CA ASN A 154 2.71 -36.83 -56.62
C ASN A 154 2.70 -37.22 -55.14
N ALA A 155 1.54 -37.52 -54.59
CA ALA A 155 1.43 -37.89 -53.18
C ALA A 155 1.52 -39.38 -52.97
N MET A 156 1.63 -40.17 -54.04
CA MET A 156 1.66 -41.61 -53.88
C MET A 156 3.07 -42.09 -53.60
N THR A 157 3.16 -43.19 -52.85
CA THR A 157 4.43 -43.79 -52.50
C THR A 157 5.08 -44.44 -53.72
N PRO A 158 6.37 -44.75 -53.65
CA PRO A 158 6.94 -45.55 -54.75
C PRO A 158 6.26 -46.90 -54.90
N GLU A 159 6.01 -47.61 -53.79
CA GLU A 159 5.39 -48.92 -53.89
C GLU A 159 3.98 -48.84 -54.48
N TRP A 160 3.24 -47.77 -54.19
CA TRP A 160 1.96 -47.59 -54.82
C TRP A 160 2.13 -47.38 -56.32
N LEU A 161 3.05 -46.51 -56.72
CA LEU A 161 3.24 -46.25 -58.14
C LEU A 161 3.63 -47.52 -58.88
N ALA A 162 4.51 -48.31 -58.28
CA ALA A 162 4.93 -49.56 -58.91
C ALA A 162 3.75 -50.51 -59.04
N ALA A 163 3.01 -50.71 -57.95
CA ALA A 163 1.85 -51.59 -57.98
C ALA A 163 0.78 -51.09 -58.93
N TYR A 164 0.52 -49.78 -58.94
CA TYR A 164 -0.47 -49.22 -59.86
C TYR A 164 -0.06 -49.46 -61.31
N GLU A 165 1.20 -49.11 -61.63
CA GLU A 165 1.72 -49.33 -62.97
C GLU A 165 1.80 -50.82 -63.33
N ALA A 166 2.01 -51.67 -62.33
CA ALA A 166 2.05 -53.11 -62.57
C ALA A 166 0.66 -53.72 -62.74
N GLY A 167 -0.40 -52.94 -62.56
CA GLY A 167 -1.76 -53.46 -62.63
C GLY A 167 -2.20 -54.23 -61.42
N MET A 168 -1.61 -53.97 -60.26
CA MET A 168 -2.07 -54.67 -59.06
C MET A 168 -3.46 -54.21 -58.65
N PHE A 169 -3.77 -52.96 -58.88
CA PHE A 169 -5.06 -52.39 -58.55
C PHE A 169 -5.27 -51.21 -59.45
N THR A 170 -6.44 -50.60 -59.37
CA THR A 170 -6.69 -49.36 -60.07
C THR A 170 -7.05 -48.28 -59.06
N GLU A 171 -7.11 -47.06 -59.57
CA GLU A 171 -7.43 -45.90 -58.76
C GLU A 171 -8.62 -45.19 -59.38
N PHE A 172 -9.78 -45.29 -58.70
CA PHE A 172 -11.02 -44.73 -59.21
C PHE A 172 -11.01 -43.22 -59.22
N MET A 173 -10.23 -42.59 -58.35
CA MET A 173 -10.34 -41.14 -58.23
C MET A 173 -9.27 -40.38 -58.99
N GLU A 174 -8.47 -41.06 -59.82
CA GLU A 174 -7.47 -40.34 -60.63
C GLU A 174 -8.12 -39.49 -61.72
N GLN A 175 -9.23 -39.93 -62.30
CA GLN A 175 -9.86 -39.18 -63.38
C GLN A 175 -11.33 -38.89 -63.13
N ARG A 176 -11.86 -39.32 -61.99
CA ARG A 176 -13.26 -39.11 -61.68
C ARG A 176 -13.41 -38.87 -60.19
N ALA A 177 -14.46 -38.12 -59.86
CA ALA A 177 -14.83 -37.83 -58.49
C ALA A 177 -15.49 -39.05 -57.89
N PRO A 178 -15.42 -39.22 -56.57
CA PRO A 178 -15.97 -40.44 -55.96
C PRO A 178 -17.38 -40.80 -56.43
N GLY A 179 -18.29 -39.85 -56.43
CA GLY A 179 -19.68 -40.05 -56.87
C GLY A 179 -20.32 -41.33 -56.37
N HIS A 180 -20.87 -42.12 -57.30
CA HIS A 180 -21.37 -43.44 -56.98
C HIS A 180 -22.48 -43.39 -55.94
N THR A 181 -23.44 -42.50 -56.15
CA THR A 181 -24.55 -42.38 -55.24
C THR A 181 -25.84 -42.30 -56.02
N VAL A 182 -26.95 -42.40 -55.29
CA VAL A 182 -28.27 -42.54 -55.88
C VAL A 182 -29.22 -41.56 -55.22
N CYS A 183 -30.11 -40.98 -56.01
CA CYS A 183 -31.12 -40.09 -55.46
C CYS A 183 -32.06 -40.85 -54.53
N GLY A 184 -32.40 -40.21 -53.42
CA GLY A 184 -33.45 -40.71 -52.55
C GLY A 184 -34.75 -40.00 -52.89
N ASP A 185 -35.58 -39.69 -51.91
CA ASP A 185 -36.89 -39.10 -52.19
C ASP A 185 -36.96 -37.61 -51.93
N THR A 186 -35.86 -36.99 -51.49
CA THR A 186 -35.89 -35.58 -51.11
C THR A 186 -36.33 -34.68 -52.24
N ILE A 187 -35.85 -34.93 -53.46
CA ILE A 187 -36.14 -34.01 -54.55
C ILE A 187 -37.59 -34.06 -55.01
N TYR A 188 -38.36 -35.06 -54.59
CA TYR A 188 -39.79 -35.09 -54.92
C TYR A 188 -40.66 -34.47 -53.85
N LYS A 189 -40.15 -34.36 -52.63
CA LYS A 189 -40.85 -33.78 -51.49
C LYS A 189 -40.49 -32.31 -51.30
N LYS A 190 -39.33 -31.89 -51.80
CA LYS A 190 -38.79 -30.56 -51.58
C LYS A 190 -38.20 -30.03 -52.87
N GLY A 191 -38.33 -28.73 -53.09
CA GLY A 191 -37.60 -28.05 -54.13
C GLY A 191 -36.26 -27.56 -53.61
N PHE A 192 -35.48 -26.97 -54.50
CA PHE A 192 -34.23 -26.41 -54.04
C PHE A 192 -34.41 -25.10 -53.28
N LEU A 193 -35.53 -24.39 -53.52
CA LEU A 193 -35.87 -23.28 -52.63
C LEU A 193 -36.14 -23.79 -51.23
N ASP A 194 -36.82 -24.94 -51.13
CA ASP A 194 -37.03 -25.52 -49.82
C ASP A 194 -35.71 -25.97 -49.22
N LEU A 195 -34.85 -26.58 -50.04
CA LEU A 195 -33.56 -27.02 -49.52
C LEU A 195 -32.70 -25.82 -49.12
N LYS A 196 -32.75 -24.72 -49.89
CA LYS A 196 -32.02 -23.55 -49.45
C LYS A 196 -32.54 -23.09 -48.09
N LYS A 197 -33.86 -23.17 -47.88
CA LYS A 197 -34.44 -22.80 -46.58
C LYS A 197 -33.93 -23.70 -45.47
N ASP A 198 -33.84 -25.01 -45.71
CA ASP A 198 -33.25 -25.89 -44.71
C ASP A 198 -31.80 -25.51 -44.42
N ILE A 199 -31.03 -25.20 -45.47
CA ILE A 199 -29.62 -24.84 -45.31
C ILE A 199 -29.48 -23.52 -44.56
N GLU A 200 -30.34 -22.55 -44.87
CA GLU A 200 -30.34 -21.29 -44.16
C GLU A 200 -30.69 -21.48 -42.69
N ALA A 201 -31.57 -22.43 -42.38
CA ALA A 201 -31.85 -22.74 -40.99
C ALA A 201 -30.64 -23.37 -40.30
N ARG A 202 -29.90 -24.22 -41.01
CA ARG A 202 -28.69 -24.77 -40.42
C ARG A 202 -27.69 -23.66 -40.16
N LEU A 203 -27.51 -22.75 -41.12
CA LEU A 203 -26.58 -21.64 -40.93
C LEU A 203 -26.95 -20.79 -39.72
N LYS A 204 -28.24 -20.48 -39.54
CA LYS A 204 -28.65 -19.63 -38.43
C LYS A 204 -28.37 -20.30 -37.10
N GLU A 205 -28.30 -21.62 -37.08
CA GLU A 205 -28.17 -22.32 -35.82
C GLU A 205 -26.77 -22.81 -35.55
N LEU A 206 -25.84 -22.56 -36.46
CA LEU A 206 -24.46 -22.95 -36.21
C LEU A 206 -23.92 -22.20 -35.01
N ASP A 207 -23.36 -22.96 -34.09
CA ASP A 207 -22.84 -22.46 -32.83
C ASP A 207 -21.34 -22.29 -32.97
N PHE A 208 -20.89 -21.08 -33.28
CA PHE A 208 -19.44 -20.86 -33.39
C PHE A 208 -18.76 -20.72 -32.04
N LEU A 209 -19.52 -20.69 -30.94
CA LEU A 209 -18.87 -20.66 -29.64
C LEU A 209 -18.39 -22.05 -29.23
N ASN A 210 -19.23 -23.07 -29.40
CA ASN A 210 -18.97 -24.39 -28.84
C ASN A 210 -18.71 -25.45 -29.89
N ASP A 211 -19.21 -25.25 -31.08
CA ASP A 211 -18.99 -26.19 -32.15
C ASP A 211 -17.72 -25.77 -32.86
N LEU A 212 -16.60 -26.42 -32.51
CA LEU A 212 -15.33 -26.08 -33.12
C LEU A 212 -15.30 -26.45 -34.61
N ASP A 213 -16.28 -27.23 -35.08
CA ASP A 213 -16.36 -27.54 -36.50
C ASP A 213 -17.23 -26.54 -37.25
N ALA A 214 -17.75 -25.51 -36.57
CA ALA A 214 -18.76 -24.65 -37.17
C ALA A 214 -18.25 -23.97 -38.43
N TYR A 215 -16.95 -23.66 -38.49
CA TYR A 215 -16.38 -23.02 -39.67
C TYR A 215 -16.51 -23.92 -40.89
N ASN A 216 -16.09 -25.18 -40.74
CA ASN A 216 -16.22 -26.12 -41.84
C ASN A 216 -17.70 -26.36 -42.17
N LYS A 217 -18.57 -26.44 -41.14
CA LYS A 217 -20.00 -26.55 -41.42
C LYS A 217 -20.50 -25.34 -42.20
N LYS A 218 -20.08 -24.13 -41.79
CA LYS A 218 -20.53 -22.93 -42.50
C LYS A 218 -20.07 -22.96 -43.94
N ALA A 219 -18.80 -23.33 -44.18
CA ALA A 219 -18.30 -23.30 -45.55
C ALA A 219 -19.07 -24.28 -46.41
N ASP A 220 -19.29 -25.49 -45.89
CA ASP A 220 -20.06 -26.47 -46.66
C ASP A 220 -21.50 -26.01 -46.85
N LEU A 221 -22.13 -25.52 -45.79
CA LEU A 221 -23.51 -25.09 -45.92
C LEU A 221 -23.64 -23.91 -46.87
N GLU A 222 -22.76 -22.92 -46.72
CA GLU A 222 -22.78 -21.79 -47.66
C GLU A 222 -22.64 -22.29 -49.09
N ALA A 223 -21.79 -23.30 -49.29
CA ALA A 223 -21.63 -23.85 -50.63
C ALA A 223 -22.91 -24.49 -51.13
N MET A 224 -23.56 -25.30 -50.27
CA MET A 224 -24.83 -25.91 -50.62
C MET A 224 -25.90 -24.88 -50.95
N ALA A 225 -25.92 -23.76 -50.22
CA ALA A 225 -26.88 -22.72 -50.53
C ALA A 225 -26.66 -22.18 -51.93
N ILE A 226 -25.39 -22.00 -52.32
CA ILE A 226 -25.11 -21.55 -53.67
C ILE A 226 -25.56 -22.60 -54.68
N ALA A 227 -25.35 -23.87 -54.36
CA ALA A 227 -25.81 -24.92 -55.26
C ALA A 227 -27.31 -24.86 -55.42
N CYS A 228 -28.03 -24.60 -54.32
CA CYS A 228 -29.48 -24.41 -54.43
C CYS A 228 -29.77 -23.22 -55.33
N ASP A 229 -29.08 -22.09 -55.13
CA ASP A 229 -29.27 -20.96 -56.04
C ASP A 229 -29.00 -21.38 -57.47
N ALA A 230 -27.95 -22.19 -57.70
CA ALA A 230 -27.64 -22.63 -59.05
C ALA A 230 -28.76 -23.50 -59.60
N MET A 231 -29.28 -24.42 -58.81
CA MET A 231 -30.39 -25.24 -59.28
C MET A 231 -31.62 -24.38 -59.61
N VAL A 232 -31.88 -23.37 -58.79
CA VAL A 232 -32.99 -22.48 -59.10
C VAL A 232 -32.73 -21.70 -60.38
N ILE A 233 -31.48 -21.26 -60.60
CA ILE A 233 -31.15 -20.56 -61.84
C ILE A 233 -31.35 -21.48 -63.03
N LEU A 234 -31.02 -22.77 -62.87
CA LEU A 234 -31.17 -23.72 -63.95
C LEU A 234 -32.62 -23.83 -64.41
N GLY A 235 -33.56 -23.89 -63.45
CA GLY A 235 -34.96 -23.95 -63.81
C GLY A 235 -35.48 -22.67 -64.42
N LYS A 236 -35.13 -21.52 -63.82
CA LYS A 236 -35.56 -20.26 -64.41
C LYS A 236 -35.05 -20.13 -65.84
N ARG A 237 -33.79 -20.50 -66.07
CA ARG A 237 -33.20 -20.33 -67.38
C ARG A 237 -33.89 -21.23 -68.41
N TYR A 238 -34.19 -22.46 -68.03
CA TYR A 238 -34.81 -23.38 -68.96
C TYR A 238 -36.25 -22.99 -69.25
N ALA A 239 -36.98 -22.57 -68.21
CA ALA A 239 -38.33 -22.09 -68.43
C ALA A 239 -38.30 -20.86 -69.32
N GLU A 240 -37.34 -19.95 -69.09
CA GLU A 240 -37.24 -18.78 -69.96
C GLU A 240 -36.91 -19.20 -71.38
N LYS A 241 -35.98 -20.14 -71.53
CA LYS A 241 -35.64 -20.61 -72.87
C LYS A 241 -36.82 -21.30 -73.52
N ALA A 242 -37.58 -22.10 -72.77
CA ALA A 242 -38.74 -22.79 -73.33
C ALA A 242 -39.80 -21.80 -73.78
N ARG A 243 -40.12 -20.83 -72.91
CA ARG A 243 -41.04 -19.80 -73.33
C ARG A 243 -40.49 -19.02 -74.51
N GLN A 244 -39.20 -18.76 -74.47
CA GLN A 244 -38.62 -17.97 -75.56
C GLN A 244 -38.70 -18.78 -76.84
N MET A 245 -38.43 -20.10 -76.73
CA MET A 245 -38.51 -20.91 -77.94
C MET A 245 -39.94 -21.14 -78.40
N ALA A 246 -40.91 -21.06 -77.47
CA ALA A 246 -42.32 -21.15 -77.85
C ALA A 246 -42.76 -19.91 -78.61
N GLU A 247 -42.18 -18.75 -78.28
CA GLU A 247 -42.51 -17.54 -79.01
C GLU A 247 -42.10 -17.60 -80.49
N GLU A 248 -41.03 -18.29 -80.88
CA GLU A 248 -40.71 -18.36 -82.32
C GLU A 248 -41.13 -19.69 -82.93
N GLU A 249 -41.68 -20.60 -82.15
CA GLU A 249 -42.10 -21.89 -82.69
C GLU A 249 -43.40 -21.69 -83.45
N THR A 250 -43.43 -22.14 -84.71
CA THR A 250 -44.65 -21.99 -85.51
C THR A 250 -45.55 -23.21 -85.46
N ASP A 251 -45.13 -24.29 -84.80
CA ASP A 251 -45.93 -25.51 -84.71
C ASP A 251 -46.72 -25.49 -83.41
N GLU A 252 -48.05 -25.36 -83.50
CA GLU A 252 -48.89 -25.31 -82.28
C GLU A 252 -48.64 -26.49 -81.34
N ALA A 253 -48.45 -27.69 -81.88
CA ALA A 253 -48.23 -28.84 -81.02
C ALA A 253 -46.88 -28.76 -80.31
N LYS A 254 -45.81 -28.40 -81.04
CA LYS A 254 -44.51 -28.18 -80.41
C LYS A 254 -44.53 -26.96 -79.47
N LYS A 255 -45.25 -25.90 -79.84
CA LYS A 255 -45.38 -24.73 -78.98
C LYS A 255 -45.97 -25.13 -77.63
N LYS A 256 -46.98 -26.00 -77.65
CA LYS A 256 -47.62 -26.48 -76.43
C LYS A 256 -46.67 -27.37 -75.62
N ASP A 257 -45.85 -28.14 -76.31
CA ASP A 257 -44.84 -28.93 -75.60
C ASP A 257 -43.87 -28.01 -74.86
N LEU A 258 -43.43 -26.95 -75.52
CA LEU A 258 -42.52 -26.00 -74.92
C LEU A 258 -43.19 -25.27 -73.76
N LEU A 259 -44.46 -24.88 -73.92
CA LEU A 259 -45.21 -24.29 -72.82
C LEU A 259 -45.36 -25.27 -71.66
N LEU A 260 -45.49 -26.56 -71.95
CA LEU A 260 -45.52 -27.54 -70.87
C LEU A 260 -44.15 -27.65 -70.21
N ILE A 261 -43.07 -27.60 -71.00
CA ILE A 261 -41.71 -27.57 -70.44
C ILE A 261 -41.56 -26.36 -69.52
N ALA A 262 -41.98 -25.19 -69.99
CA ALA A 262 -41.88 -23.99 -69.16
C ALA A 262 -42.72 -24.15 -67.90
N GLU A 263 -43.96 -24.63 -68.01
CA GLU A 263 -44.76 -24.85 -66.81
C GLU A 263 -44.07 -25.80 -65.86
N THR A 264 -43.41 -26.81 -66.42
CA THR A 264 -42.70 -27.78 -65.59
C THR A 264 -41.51 -27.12 -64.89
N CYS A 265 -40.74 -26.33 -65.63
CA CYS A 265 -39.56 -25.68 -65.06
C CYS A 265 -39.92 -24.51 -64.16
N ASP A 266 -41.12 -23.93 -64.29
CA ASP A 266 -41.55 -22.97 -63.27
C ASP A 266 -41.64 -23.62 -61.91
N VAL A 267 -41.87 -24.92 -61.90
CA VAL A 267 -42.05 -25.64 -60.65
C VAL A 267 -40.72 -26.21 -60.22
N VAL A 268 -40.11 -27.03 -61.07
CA VAL A 268 -38.88 -27.73 -60.72
C VAL A 268 -37.71 -27.09 -61.45
N PRO A 269 -36.53 -27.02 -60.84
CA PRO A 269 -36.21 -27.59 -59.54
C PRO A 269 -36.36 -26.64 -58.34
N ALA A 270 -36.92 -25.46 -58.53
CA ALA A 270 -37.05 -24.55 -57.40
C ALA A 270 -38.02 -25.08 -56.35
N HIS A 271 -39.17 -25.61 -56.79
CA HIS A 271 -40.18 -26.13 -55.89
C HIS A 271 -40.32 -27.64 -56.07
N LYS A 272 -40.94 -28.27 -55.09
CA LYS A 272 -41.14 -29.70 -55.19
C LYS A 272 -42.05 -29.97 -56.39
N PRO A 273 -41.85 -31.09 -57.07
CA PRO A 273 -42.75 -31.44 -58.17
C PRO A 273 -44.15 -31.73 -57.62
N GLU A 274 -45.15 -31.25 -58.36
CA GLU A 274 -46.55 -31.51 -58.05
C GLU A 274 -47.17 -32.55 -58.97
N THR A 275 -46.57 -32.81 -60.11
CA THR A 275 -47.10 -33.72 -61.11
C THR A 275 -46.04 -34.76 -61.43
N TYR A 276 -46.51 -35.87 -62.01
CA TYR A 276 -45.63 -36.91 -62.51
C TYR A 276 -44.62 -36.36 -63.50
N HIS A 277 -45.09 -35.54 -64.45
CA HIS A 277 -44.21 -34.88 -65.39
C HIS A 277 -43.15 -34.08 -64.65
N GLN A 278 -43.57 -33.31 -63.65
CA GLN A 278 -42.61 -32.50 -62.91
C GLN A 278 -41.66 -33.34 -62.08
N ALA A 279 -42.13 -34.46 -61.54
CA ALA A 279 -41.22 -35.32 -60.78
C ALA A 279 -40.08 -35.78 -61.64
N ILE A 280 -40.35 -36.14 -62.90
CA ILE A 280 -39.30 -36.62 -63.78
C ILE A 280 -38.35 -35.48 -64.12
N GLN A 281 -38.90 -34.31 -64.46
CA GLN A 281 -38.06 -33.19 -64.79
C GLN A 281 -37.20 -32.77 -63.62
N MET A 282 -37.77 -32.80 -62.41
CA MET A 282 -36.96 -32.52 -61.24
C MET A 282 -35.78 -33.49 -61.16
N TYR A 283 -36.05 -34.79 -61.30
CA TYR A 283 -34.93 -35.72 -61.25
C TYR A 283 -33.88 -35.36 -62.28
N TRP A 284 -34.28 -35.16 -63.53
CA TRP A 284 -33.26 -34.99 -64.55
C TRP A 284 -32.46 -33.71 -64.36
N PHE A 285 -33.09 -32.64 -63.87
CA PHE A 285 -32.35 -31.42 -63.55
C PHE A 285 -31.30 -31.69 -62.48
N VAL A 286 -31.69 -32.32 -61.38
CA VAL A 286 -30.75 -32.74 -60.36
C VAL A 286 -29.67 -33.61 -60.96
N HIS A 287 -30.06 -34.47 -61.89
CA HIS A 287 -29.10 -35.35 -62.54
C HIS A 287 -28.06 -34.55 -63.28
N ILE A 288 -28.51 -33.61 -64.09
CA ILE A 288 -27.59 -32.75 -64.84
C ILE A 288 -26.69 -31.99 -63.87
N GLY A 289 -27.26 -31.48 -62.79
CA GLY A 289 -26.50 -30.73 -61.82
C GLY A 289 -25.33 -31.51 -61.26
N VAL A 290 -25.65 -32.61 -60.59
CA VAL A 290 -24.63 -33.33 -59.84
C VAL A 290 -23.64 -33.95 -60.78
N THR A 291 -24.02 -34.20 -62.02
CA THR A 291 -23.14 -34.85 -62.97
C THR A 291 -22.26 -33.87 -63.76
N THR A 292 -22.58 -32.58 -63.74
CA THR A 292 -21.65 -31.56 -64.20
C THR A 292 -20.93 -30.84 -63.07
N GLU A 293 -21.44 -30.94 -61.83
CA GLU A 293 -20.67 -30.43 -60.70
C GLU A 293 -19.33 -31.13 -60.61
N LEU A 294 -19.32 -32.45 -60.79
CA LEU A 294 -18.11 -33.26 -60.80
C LEU A 294 -18.30 -34.42 -61.74
N ASN A 295 -17.21 -34.91 -62.30
CA ASN A 295 -17.26 -36.12 -63.12
C ASN A 295 -17.37 -37.29 -62.14
N ILE A 296 -18.60 -37.52 -61.66
CA ILE A 296 -18.81 -38.50 -60.59
C ILE A 296 -19.06 -39.87 -61.18
N TRP A 297 -18.47 -40.89 -60.55
CA TRP A 297 -18.70 -42.26 -60.96
C TRP A 297 -20.20 -42.60 -60.94
N ASP A 298 -20.62 -43.42 -61.90
CA ASP A 298 -22.00 -43.91 -61.99
C ASP A 298 -23.00 -42.78 -62.11
N ALA A 299 -22.55 -41.66 -62.67
CA ALA A 299 -23.43 -40.56 -63.02
C ALA A 299 -24.42 -40.26 -61.91
N PHE A 300 -25.70 -40.51 -62.17
CA PHE A 300 -26.73 -40.44 -61.15
C PHE A 300 -27.89 -41.31 -61.59
N THR A 301 -28.75 -41.67 -60.64
CA THR A 301 -29.93 -42.46 -60.94
C THR A 301 -31.02 -42.06 -59.96
N PRO A 302 -32.30 -42.13 -60.36
CA PRO A 302 -33.40 -41.92 -59.40
C PRO A 302 -33.60 -43.06 -58.43
N GLY A 303 -32.82 -44.13 -58.56
CA GLY A 303 -32.98 -45.27 -57.68
C GLY A 303 -34.33 -45.96 -57.83
N ARG A 304 -35.16 -45.88 -56.79
CA ARG A 304 -36.47 -46.52 -56.78
C ARG A 304 -37.51 -45.64 -57.48
N LEU A 305 -37.26 -45.40 -58.77
CA LEU A 305 -38.09 -44.52 -59.57
C LEU A 305 -39.57 -44.87 -59.48
N ASP A 306 -39.91 -46.17 -59.52
CA ASP A 306 -41.32 -46.54 -59.50
C ASP A 306 -41.96 -46.17 -58.18
N GLN A 307 -41.19 -46.28 -57.09
CA GLN A 307 -41.71 -45.87 -55.80
C GLN A 307 -41.97 -44.38 -55.77
N HIS A 308 -41.05 -43.61 -56.33
CA HIS A 308 -41.15 -42.16 -56.30
C HIS A 308 -42.22 -41.66 -57.25
N LEU A 309 -42.33 -42.27 -58.43
CA LEU A 309 -43.31 -41.79 -59.41
C LEU A 309 -44.73 -42.23 -59.10
N ASN A 310 -44.92 -43.39 -58.47
CA ASN A 310 -46.28 -43.92 -58.35
C ASN A 310 -47.25 -42.98 -57.65
N PRO A 311 -46.94 -42.38 -56.50
CA PRO A 311 -47.92 -41.44 -55.93
C PRO A 311 -48.25 -40.32 -56.88
N PHE A 312 -47.27 -39.86 -57.67
CA PHE A 312 -47.55 -38.85 -58.69
C PHE A 312 -48.43 -39.42 -59.79
N TYR A 313 -48.16 -40.67 -60.20
CA TYR A 313 -48.97 -41.32 -61.23
C TYR A 313 -50.43 -41.45 -60.79
N GLU A 314 -50.67 -42.01 -59.60
CA GLU A 314 -52.03 -42.16 -59.12
C GLU A 314 -52.71 -40.80 -58.93
N ARG A 315 -52.03 -39.85 -58.31
CA ARG A 315 -52.61 -38.52 -58.10
C ARG A 315 -52.93 -37.84 -59.44
N ASP A 316 -52.10 -38.06 -60.46
CA ASP A 316 -52.34 -37.43 -61.76
C ASP A 316 -53.46 -38.10 -62.55
N VAL A 317 -53.56 -39.43 -62.54
CA VAL A 317 -54.67 -40.08 -63.26
C VAL A 317 -56.01 -39.78 -62.60
N GLU A 318 -56.07 -39.79 -61.28
CA GLU A 318 -57.30 -39.46 -60.62
C GLU A 318 -57.70 -38.05 -60.95
N ASN A 319 -56.74 -37.18 -61.12
CA ASN A 319 -57.05 -35.81 -61.46
C ASN A 319 -57.19 -35.61 -62.96
N GLY A 320 -57.08 -36.69 -63.75
CA GLY A 320 -57.26 -36.60 -65.19
C GLY A 320 -56.29 -35.79 -66.03
N ILE A 321 -55.07 -35.58 -65.57
CA ILE A 321 -54.10 -34.85 -66.36
C ILE A 321 -53.02 -35.76 -66.85
N LEU A 322 -53.21 -37.02 -66.60
CA LEU A 322 -52.23 -38.04 -66.93
C LEU A 322 -52.96 -39.36 -67.15
N ASP A 323 -52.50 -40.12 -68.14
CA ASP A 323 -52.93 -41.49 -68.35
C ASP A 323 -51.70 -42.37 -68.53
N ARG A 324 -51.95 -43.67 -68.65
CA ARG A 324 -50.83 -44.61 -68.72
C ARG A 324 -49.93 -44.32 -69.91
N ASP A 325 -50.50 -43.87 -71.03
CA ASP A 325 -49.64 -43.58 -72.17
C ASP A 325 -48.78 -42.34 -71.93
N ARG A 326 -49.37 -41.24 -71.42
CA ARG A 326 -48.55 -40.06 -71.15
C ARG A 326 -47.48 -40.39 -70.12
N ALA A 327 -47.83 -41.21 -69.13
CA ALA A 327 -46.82 -41.65 -68.18
C ALA A 327 -45.67 -42.37 -68.87
N GLN A 328 -45.99 -43.25 -69.82
CA GLN A 328 -44.96 -43.99 -70.51
C GLN A 328 -44.14 -43.10 -71.43
N GLU A 329 -44.79 -42.18 -72.11
CA GLU A 329 -44.08 -41.26 -72.99
C GLU A 329 -43.04 -40.47 -72.23
N LEU A 330 -43.43 -39.92 -71.07
CA LEU A 330 -42.50 -39.15 -70.27
C LEU A 330 -41.31 -40.00 -69.84
N LEU A 331 -41.57 -41.25 -69.41
CA LEU A 331 -40.45 -42.11 -69.02
C LEU A 331 -39.57 -42.47 -70.21
N GLU A 332 -40.15 -42.62 -71.40
CA GLU A 332 -39.33 -42.87 -72.57
C GLU A 332 -38.45 -41.66 -72.88
N CYS A 333 -38.98 -40.46 -72.69
CA CYS A 333 -38.14 -39.27 -72.81
C CYS A 333 -36.99 -39.33 -71.82
N LEU A 334 -37.30 -39.63 -70.56
CA LEU A 334 -36.25 -39.72 -69.56
C LEU A 334 -35.20 -40.76 -69.95
N TRP A 335 -35.64 -41.90 -70.48
CA TRP A 335 -34.69 -42.91 -70.93
C TRP A 335 -33.72 -42.33 -71.98
N VAL A 336 -34.25 -41.59 -72.95
CA VAL A 336 -33.38 -40.98 -73.95
C VAL A 336 -32.39 -40.01 -73.29
N LYS A 337 -32.87 -39.23 -72.33
CA LYS A 337 -32.01 -38.25 -71.67
C LYS A 337 -30.82 -38.93 -71.03
N PHE A 338 -31.04 -40.05 -70.35
CA PHE A 338 -29.91 -40.84 -69.87
C PHE A 338 -28.98 -41.21 -71.00
N ASN A 339 -29.54 -41.67 -72.13
CA ASN A 339 -28.68 -42.21 -73.17
C ASN A 339 -27.85 -41.12 -73.85
N ASN A 340 -28.25 -39.86 -73.72
CA ASN A 340 -27.50 -38.73 -74.25
C ASN A 340 -26.27 -38.37 -73.42
N GLN A 341 -26.07 -38.96 -72.24
CA GLN A 341 -25.00 -38.54 -71.34
C GLN A 341 -23.96 -39.64 -71.24
N PRO A 342 -22.90 -39.61 -72.04
CA PRO A 342 -21.83 -40.59 -71.88
C PRO A 342 -21.06 -40.31 -70.60
N ALA A 343 -20.45 -41.36 -70.06
CA ALA A 343 -19.40 -41.18 -69.08
C ALA A 343 -18.32 -40.33 -69.74
N PRO A 344 -17.92 -39.21 -69.14
CA PRO A 344 -16.92 -38.31 -69.76
C PRO A 344 -15.61 -39.03 -70.07
N PRO A 345 -14.81 -38.50 -71.00
CA PRO A 345 -13.68 -39.26 -71.54
C PRO A 345 -12.74 -39.74 -70.46
N LYS A 346 -12.37 -41.01 -70.54
CA LYS A 346 -11.36 -41.64 -69.71
C LYS A 346 -10.12 -41.90 -70.57
N VAL A 347 -8.95 -41.89 -69.93
CA VAL A 347 -7.71 -42.28 -70.55
C VAL A 347 -6.98 -43.21 -69.59
N GLY A 348 -5.83 -43.72 -70.04
CA GLY A 348 -4.99 -44.56 -69.22
C GLY A 348 -5.73 -45.72 -68.59
N ILE A 349 -5.42 -45.99 -67.32
CA ILE A 349 -5.95 -47.14 -66.61
C ILE A 349 -7.47 -46.99 -66.43
N THR A 350 -7.95 -45.76 -66.24
CA THR A 350 -9.37 -45.52 -66.04
C THR A 350 -10.18 -45.97 -67.24
N LEU A 351 -9.63 -45.81 -68.45
CA LEU A 351 -10.29 -46.34 -69.62
C LEU A 351 -10.27 -47.86 -69.61
N LYS A 352 -9.11 -48.43 -69.27
CA LYS A 352 -8.98 -49.87 -69.24
C LYS A 352 -9.99 -50.50 -68.28
N GLU A 353 -10.17 -49.92 -67.09
CA GLU A 353 -11.04 -50.50 -66.09
C GLU A 353 -12.51 -50.19 -66.32
N SER A 354 -12.83 -49.20 -67.16
CA SER A 354 -14.21 -48.80 -67.43
C SER A 354 -14.34 -48.40 -68.89
N SER A 355 -14.11 -49.38 -69.77
CA SER A 355 -14.00 -49.14 -71.19
C SER A 355 -15.40 -49.10 -71.78
N THR A 356 -16.10 -47.99 -71.53
CA THR A 356 -17.49 -47.87 -71.95
C THR A 356 -17.90 -46.40 -71.93
N TYR A 357 -18.87 -46.07 -72.78
CA TYR A 357 -19.51 -44.77 -72.72
C TYR A 357 -20.57 -44.70 -71.63
N THR A 358 -21.13 -45.83 -71.23
CA THR A 358 -22.22 -45.80 -70.25
C THR A 358 -21.71 -45.30 -68.92
N ASP A 359 -22.63 -44.67 -68.19
CA ASP A 359 -22.31 -44.10 -66.89
C ASP A 359 -23.10 -44.77 -65.78
N PHE A 360 -23.56 -46.00 -66.01
CA PHE A 360 -24.09 -46.86 -64.95
C PHE A 360 -25.17 -46.16 -64.13
N ALA A 361 -26.07 -45.50 -64.84
CA ALA A 361 -27.25 -44.92 -64.20
C ALA A 361 -28.22 -46.07 -63.95
N ASN A 362 -28.10 -46.67 -62.76
CA ASN A 362 -28.78 -47.90 -62.40
C ASN A 362 -30.13 -47.57 -61.76
N ILE A 363 -31.21 -47.95 -62.42
CA ILE A 363 -32.58 -47.79 -61.91
C ILE A 363 -33.09 -49.12 -61.36
N ASN A 364 -33.74 -49.08 -60.19
CA ASN A 364 -34.23 -50.28 -59.50
C ASN A 364 -35.76 -50.24 -59.56
N THR A 365 -36.35 -51.13 -60.35
CA THR A 365 -37.81 -51.19 -60.45
C THR A 365 -38.31 -52.43 -59.74
N GLY A 366 -39.44 -52.31 -59.08
CA GLY A 366 -39.98 -53.43 -58.33
C GLY A 366 -39.73 -53.35 -56.84
N GLY A 367 -39.02 -54.34 -56.30
CA GLY A 367 -38.59 -54.45 -54.93
C GLY A 367 -39.73 -54.22 -53.96
N ILE A 368 -39.39 -53.63 -52.83
CA ILE A 368 -40.34 -53.35 -51.78
C ILE A 368 -40.52 -51.84 -51.69
N ASN A 369 -41.65 -51.43 -51.14
CA ASN A 369 -41.94 -50.04 -50.85
C ASN A 369 -41.36 -49.67 -49.50
N PRO A 370 -41.39 -48.39 -49.11
CA PRO A 370 -40.82 -48.00 -47.82
C PRO A 370 -41.32 -48.81 -46.63
N ASP A 371 -42.56 -49.31 -46.68
CA ASP A 371 -43.09 -50.10 -45.58
C ASP A 371 -42.69 -51.56 -45.66
N GLY A 372 -41.86 -51.93 -46.64
CA GLY A 372 -41.38 -53.29 -46.73
C GLY A 372 -42.30 -54.25 -47.46
N GLN A 373 -43.42 -53.77 -48.00
CA GLN A 373 -44.34 -54.58 -48.77
C GLN A 373 -43.95 -54.57 -50.24
N ASP A 374 -44.52 -55.50 -50.98
CA ASP A 374 -44.33 -55.55 -52.42
C ASP A 374 -44.44 -54.17 -53.04
N GLY A 375 -43.40 -53.75 -53.76
CA GLY A 375 -43.35 -52.41 -54.28
C GLY A 375 -43.82 -52.30 -55.72
N VAL A 376 -44.12 -53.44 -56.35
CA VAL A 376 -44.56 -53.42 -57.74
C VAL A 376 -45.88 -52.68 -57.84
N ASN A 377 -45.93 -51.65 -58.68
CA ASN A 377 -47.10 -50.83 -58.81
C ASN A 377 -47.30 -50.59 -60.30
N GLU A 378 -48.21 -49.68 -60.63
CA GLU A 378 -48.48 -49.42 -62.03
C GLU A 378 -47.25 -48.85 -62.73
N VAL A 379 -46.52 -47.96 -62.06
CA VAL A 379 -45.30 -47.39 -62.66
C VAL A 379 -44.24 -48.47 -62.83
N SER A 380 -44.21 -49.46 -61.94
CA SER A 380 -43.28 -50.56 -62.15
C SER A 380 -43.45 -51.17 -63.54
N TYR A 381 -44.71 -51.41 -63.95
CA TYR A 381 -44.94 -52.01 -65.26
C TYR A 381 -44.69 -51.02 -66.39
N ILE A 382 -45.06 -49.74 -66.16
CA ILE A 382 -44.72 -48.72 -67.15
C ILE A 382 -43.21 -48.70 -67.40
N ILE A 383 -42.42 -48.78 -66.33
CA ILE A 383 -40.97 -48.77 -66.50
C ILE A 383 -40.52 -49.98 -67.30
N LEU A 384 -41.07 -51.16 -66.99
CA LEU A 384 -40.71 -52.34 -67.76
C LEU A 384 -41.03 -52.14 -69.24
N ASP A 385 -42.19 -51.55 -69.53
CA ASP A 385 -42.55 -51.32 -70.93
C ASP A 385 -41.59 -50.35 -71.57
N VAL A 386 -41.14 -49.35 -70.81
CA VAL A 386 -40.28 -48.32 -71.37
C VAL A 386 -38.92 -48.89 -71.71
N MET A 387 -38.34 -49.69 -70.82
CA MET A 387 -37.02 -50.24 -71.10
C MET A 387 -37.08 -51.23 -72.25
N ASP A 388 -38.16 -52.00 -72.31
CA ASP A 388 -38.40 -52.93 -73.40
C ASP A 388 -38.47 -52.19 -74.73
N GLU A 389 -39.28 -51.14 -74.78
CA GLU A 389 -39.46 -50.40 -76.00
C GLU A 389 -38.18 -49.69 -76.39
N MET A 390 -37.55 -49.01 -75.45
CA MET A 390 -36.45 -48.13 -75.80
C MET A 390 -35.17 -48.90 -76.15
N LYS A 391 -34.92 -50.02 -75.48
CA LYS A 391 -33.71 -50.83 -75.69
C LYS A 391 -32.46 -49.95 -75.76
N LEU A 392 -32.29 -49.11 -74.75
CA LEU A 392 -31.15 -48.23 -74.60
C LEU A 392 -30.25 -48.74 -73.49
N ILE A 393 -28.94 -48.77 -73.74
CA ILE A 393 -28.02 -49.27 -72.72
C ILE A 393 -27.85 -48.30 -71.56
N GLN A 394 -28.34 -47.06 -71.71
CA GLN A 394 -28.52 -46.13 -70.63
C GLN A 394 -30.00 -45.74 -70.60
N PRO A 395 -30.65 -45.72 -69.44
CA PRO A 395 -30.06 -46.02 -68.14
C PRO A 395 -29.89 -47.51 -68.01
N SER A 396 -29.22 -47.95 -66.96
CA SER A 396 -29.14 -49.35 -66.61
C SER A 396 -30.43 -49.65 -65.86
N SER A 397 -31.45 -50.09 -66.59
CA SER A 397 -32.80 -50.30 -66.04
C SER A 397 -32.92 -51.74 -65.55
N ASN A 398 -32.98 -51.92 -64.25
CA ASN A 398 -32.96 -53.26 -63.68
C ASN A 398 -34.15 -53.44 -62.76
N VAL A 399 -34.32 -54.67 -62.28
CA VAL A 399 -35.45 -54.98 -61.43
C VAL A 399 -34.92 -55.55 -60.13
N GLN A 400 -35.56 -55.17 -59.04
CA GLN A 400 -35.35 -55.78 -57.75
C GLN A 400 -36.48 -56.79 -57.54
N ILE A 401 -36.12 -58.03 -57.28
CA ILE A 401 -37.10 -59.09 -57.05
C ILE A 401 -37.07 -59.42 -55.57
N SER A 402 -38.21 -59.24 -54.92
CA SER A 402 -38.40 -59.67 -53.55
C SER A 402 -39.13 -60.99 -53.53
N LYS A 403 -39.01 -61.71 -52.41
CA LYS A 403 -39.91 -62.82 -52.15
C LYS A 403 -41.37 -62.36 -52.14
N LYS A 404 -41.61 -61.06 -52.05
CA LYS A 404 -42.95 -60.48 -52.11
C LYS A 404 -43.33 -60.06 -53.51
N THR A 405 -42.41 -60.18 -54.47
CA THR A 405 -42.70 -59.69 -55.81
C THR A 405 -43.71 -60.61 -56.46
N PRO A 406 -44.79 -60.07 -57.04
CA PRO A 406 -45.73 -60.92 -57.78
C PRO A 406 -45.03 -61.54 -58.98
N GLN A 407 -45.32 -62.83 -59.20
CA GLN A 407 -44.67 -63.58 -60.26
C GLN A 407 -44.85 -62.93 -61.62
N LYS A 408 -45.97 -62.26 -61.84
CA LYS A 408 -46.20 -61.56 -63.11
C LYS A 408 -45.09 -60.55 -63.38
N PHE A 409 -44.66 -59.81 -62.36
CA PHE A 409 -43.61 -58.82 -62.55
C PHE A 409 -42.26 -59.48 -62.84
N LEU A 410 -41.92 -60.53 -62.09
CA LEU A 410 -40.69 -61.25 -62.38
C LEU A 410 -40.72 -61.85 -63.78
N LYS A 411 -41.84 -62.49 -64.15
CA LYS A 411 -41.92 -63.12 -65.46
C LYS A 411 -41.86 -62.07 -66.57
N ARG A 412 -42.54 -60.95 -66.38
CA ARG A 412 -42.44 -59.85 -67.34
C ARG A 412 -41.00 -59.38 -67.47
N ALA A 413 -40.27 -59.29 -66.35
CA ALA A 413 -38.87 -58.89 -66.41
C ALA A 413 -38.06 -59.91 -67.20
N CYS A 414 -38.35 -61.20 -66.99
CA CYS A 414 -37.69 -62.23 -67.80
C CYS A 414 -38.04 -62.10 -69.27
N GLU A 415 -39.28 -61.67 -69.60
CA GLU A 415 -39.62 -61.43 -71.00
C GLU A 415 -38.63 -60.46 -71.62
N ILE A 416 -38.25 -59.43 -70.87
CA ILE A 416 -37.30 -58.47 -71.39
C ILE A 416 -35.87 -59.02 -71.39
N SER A 417 -35.47 -59.67 -70.29
CA SER A 417 -34.11 -60.18 -70.19
C SER A 417 -33.80 -61.19 -71.30
N ARG A 418 -34.73 -62.09 -71.56
CA ARG A 418 -34.49 -63.14 -72.54
C ARG A 418 -34.34 -62.56 -73.95
N LYS A 419 -34.81 -61.35 -74.18
CA LYS A 419 -34.58 -60.73 -75.48
C LYS A 419 -33.10 -60.48 -75.77
N GLY A 420 -32.21 -60.68 -74.79
CA GLY A 420 -30.81 -60.84 -75.07
C GLY A 420 -29.97 -59.57 -75.09
N TRP A 421 -30.50 -58.44 -74.66
CA TRP A 421 -29.65 -57.27 -74.57
C TRP A 421 -29.28 -56.96 -73.12
N GLY A 422 -29.28 -57.98 -72.28
CA GLY A 422 -28.73 -57.84 -70.94
C GLY A 422 -29.68 -57.28 -69.90
N GLN A 423 -30.35 -56.18 -70.21
CA GLN A 423 -31.27 -55.62 -69.26
C GLN A 423 -32.59 -56.39 -69.30
N PRO A 424 -33.29 -56.48 -68.17
CA PRO A 424 -32.84 -55.94 -66.89
C PRO A 424 -31.94 -56.89 -66.19
N ALA A 425 -31.11 -56.36 -65.30
CA ALA A 425 -30.49 -57.22 -64.32
C ALA A 425 -31.48 -57.49 -63.19
N PHE A 426 -31.22 -58.57 -62.47
CA PHE A 426 -32.07 -59.00 -61.38
C PHE A 426 -31.28 -58.85 -60.10
N TYR A 427 -31.85 -58.10 -59.15
CA TYR A 427 -31.27 -57.90 -57.84
C TYR A 427 -32.21 -58.47 -56.80
N ASN A 428 -31.63 -59.10 -55.81
CA ASN A 428 -32.36 -59.77 -54.73
C ASN A 428 -32.69 -58.73 -53.68
N THR A 429 -33.95 -58.30 -53.62
CA THR A 429 -34.31 -57.27 -52.65
C THR A 429 -33.94 -57.68 -51.24
N GLU A 430 -34.20 -58.93 -50.88
CA GLU A 430 -33.91 -59.33 -49.51
C GLU A 430 -32.40 -59.37 -49.26
N ALA A 431 -31.61 -59.70 -50.29
CA ALA A 431 -30.16 -59.61 -50.14
C ALA A 431 -29.73 -58.17 -49.95
N ILE A 432 -30.26 -57.28 -50.79
CA ILE A 432 -29.93 -55.86 -50.68
C ILE A 432 -30.22 -55.36 -49.27
N VAL A 433 -31.44 -55.64 -48.79
CA VAL A 433 -31.84 -55.16 -47.49
C VAL A 433 -30.90 -55.69 -46.42
N GLN A 434 -30.56 -56.98 -46.48
CA GLN A 434 -29.69 -57.58 -45.47
C GLN A 434 -28.25 -57.06 -45.56
N GLU A 435 -27.73 -56.89 -46.78
CA GLU A 435 -26.41 -56.28 -46.95
C GLU A 435 -26.38 -54.89 -46.34
N LEU A 436 -27.41 -54.09 -46.62
CA LEU A 436 -27.44 -52.75 -46.05
C LEU A 436 -27.43 -52.82 -44.53
N MET A 437 -28.27 -53.70 -43.96
CA MET A 437 -28.32 -53.81 -42.52
C MET A 437 -27.02 -54.35 -41.96
N GLU A 438 -26.36 -55.24 -42.70
CA GLU A 438 -25.04 -55.73 -42.28
C GLU A 438 -24.03 -54.60 -42.25
N ALA A 439 -24.16 -53.65 -43.16
CA ALA A 439 -23.26 -52.51 -43.15
C ALA A 439 -23.66 -51.46 -42.13
N GLY A 440 -24.78 -51.68 -41.40
CA GLY A 440 -25.24 -50.78 -40.35
C GLY A 440 -26.44 -49.93 -40.68
N LYS A 441 -27.06 -50.10 -41.86
CA LYS A 441 -28.28 -49.37 -42.18
C LYS A 441 -29.45 -49.86 -41.34
N THR A 442 -30.33 -48.94 -40.95
CA THR A 442 -31.57 -49.35 -40.30
C THR A 442 -32.48 -50.05 -41.31
N ILE A 443 -33.39 -50.90 -40.80
CA ILE A 443 -34.35 -51.55 -41.70
C ILE A 443 -35.18 -50.50 -42.41
N GLU A 444 -35.50 -49.41 -41.70
CA GLU A 444 -36.20 -48.31 -42.33
C GLU A 444 -35.42 -47.76 -43.50
N ASP A 445 -34.10 -47.55 -43.31
CA ASP A 445 -33.27 -47.03 -44.39
C ASP A 445 -32.97 -48.10 -45.43
N ALA A 446 -32.79 -49.35 -44.99
CA ALA A 446 -32.51 -50.41 -45.94
C ALA A 446 -33.66 -50.57 -46.92
N ARG A 447 -34.90 -50.41 -46.45
CA ARG A 447 -36.05 -50.57 -47.33
C ARG A 447 -36.06 -49.54 -48.45
N LEU A 448 -35.32 -48.44 -48.29
CA LEU A 448 -35.19 -47.45 -49.34
C LEU A 448 -34.01 -47.74 -50.27
N GLY A 449 -33.32 -48.84 -50.05
CA GLY A 449 -32.07 -49.10 -50.71
C GLY A 449 -32.21 -49.88 -52.00
N GLY A 450 -31.06 -50.27 -52.52
CA GLY A 450 -31.01 -51.04 -53.75
C GLY A 450 -29.59 -51.09 -54.25
N THR A 451 -29.46 -51.29 -55.55
CA THR A 451 -28.15 -51.37 -56.14
C THR A 451 -27.98 -50.24 -57.13
N SER A 452 -26.73 -49.83 -57.30
CA SER A 452 -26.40 -48.82 -58.27
C SER A 452 -25.13 -49.26 -58.98
N GLY A 453 -24.71 -48.46 -59.95
CA GLY A 453 -23.60 -48.83 -60.78
C GLY A 453 -23.86 -50.18 -61.40
N CYS A 454 -22.96 -51.12 -61.14
CA CYS A 454 -23.17 -52.47 -61.65
C CYS A 454 -24.07 -53.26 -60.74
N VAL A 455 -23.64 -53.48 -59.50
CA VAL A 455 -24.34 -54.32 -58.55
C VAL A 455 -24.21 -53.68 -57.17
N GLU A 456 -23.80 -52.42 -57.12
CA GLU A 456 -23.33 -51.88 -55.85
C GLU A 456 -24.50 -51.51 -54.94
N THR A 457 -24.56 -52.18 -53.79
CA THR A 457 -25.63 -51.93 -52.83
C THR A 457 -25.41 -50.61 -52.12
N GLY A 458 -26.46 -49.83 -52.01
CA GLY A 458 -26.36 -48.58 -51.28
C GLY A 458 -27.71 -48.21 -50.73
N CYS A 459 -27.68 -47.38 -49.71
CA CYS A 459 -28.90 -46.85 -49.15
C CYS A 459 -29.14 -45.54 -49.89
N PHE A 460 -30.02 -45.59 -50.89
CA PHE A 460 -30.20 -44.51 -51.84
C PHE A 460 -30.55 -43.22 -51.11
N GLY A 461 -29.89 -42.13 -51.51
CA GLY A 461 -30.16 -40.84 -50.92
C GLY A 461 -29.61 -40.65 -49.52
N LYS A 462 -28.94 -41.66 -48.96
CA LYS A 462 -28.49 -41.56 -47.58
C LYS A 462 -27.07 -42.08 -47.40
N GLU A 463 -26.34 -42.33 -48.49
CA GLU A 463 -25.06 -42.99 -48.37
C GLU A 463 -24.05 -42.49 -49.39
N ALA A 464 -22.81 -42.32 -48.94
CA ALA A 464 -21.65 -42.27 -49.82
C ALA A 464 -21.04 -43.66 -49.78
N TYR A 465 -21.23 -44.42 -50.84
CA TYR A 465 -20.63 -45.75 -50.92
C TYR A 465 -19.72 -45.64 -52.14
N VAL A 466 -18.45 -45.36 -51.85
CA VAL A 466 -17.45 -44.96 -52.83
C VAL A 466 -16.62 -46.16 -53.21
N LEU A 467 -16.53 -46.43 -54.51
CA LEU A 467 -15.61 -47.42 -55.01
C LEU A 467 -14.25 -46.76 -55.22
N THR A 468 -13.19 -47.41 -54.75
CA THR A 468 -11.87 -46.81 -54.83
C THR A 468 -10.97 -47.45 -55.89
N GLY A 469 -11.33 -48.62 -56.38
CA GLY A 469 -10.60 -49.25 -57.46
C GLY A 469 -10.68 -50.75 -57.39
N TYR A 470 -10.39 -51.37 -58.53
CA TYR A 470 -10.38 -52.82 -58.66
C TYR A 470 -9.08 -53.37 -58.09
N MET A 471 -9.17 -54.53 -57.46
CA MET A 471 -8.05 -55.21 -56.85
C MET A 471 -7.79 -56.48 -57.63
N ASN A 472 -6.56 -56.63 -58.14
CA ASN A 472 -6.21 -57.73 -59.02
C ASN A 472 -5.85 -58.94 -58.16
N ILE A 473 -6.91 -59.58 -57.65
CA ILE A 473 -6.73 -60.71 -56.75
C ILE A 473 -5.90 -61.82 -57.38
N PRO A 474 -6.12 -62.21 -58.63
CA PRO A 474 -5.25 -63.23 -59.21
C PRO A 474 -3.80 -62.79 -59.29
N LYS A 475 -3.52 -61.50 -59.58
CA LYS A 475 -2.13 -61.10 -59.70
C LYS A 475 -1.45 -61.12 -58.35
N ILE A 476 -2.21 -60.94 -57.28
CA ILE A 476 -1.67 -61.12 -55.95
C ILE A 476 -1.24 -62.57 -55.77
N LEU A 477 -2.02 -63.50 -56.31
CA LEU A 477 -1.55 -64.89 -56.30
C LEU A 477 -0.27 -65.01 -57.11
N GLU A 478 -0.20 -64.33 -58.25
CA GLU A 478 1.02 -64.34 -59.06
C GLU A 478 2.21 -63.81 -58.28
N LEU A 479 2.05 -62.68 -57.61
CA LEU A 479 3.15 -62.17 -56.80
C LEU A 479 3.56 -63.20 -55.77
N THR A 480 2.56 -63.82 -55.13
CA THR A 480 2.84 -64.86 -54.15
C THR A 480 3.73 -65.93 -54.76
N LEU A 481 3.37 -66.39 -55.96
CA LEU A 481 4.11 -67.49 -56.56
C LEU A 481 5.51 -67.08 -56.97
N ASN A 482 5.79 -65.79 -57.10
CA ASN A 482 7.09 -65.30 -57.50
C ASN A 482 7.78 -64.54 -56.37
N ASN A 483 7.46 -64.88 -55.13
CA ASN A 483 8.12 -64.29 -53.96
C ASN A 483 8.11 -62.77 -54.04
N GLY A 484 6.95 -62.21 -54.42
CA GLY A 484 6.78 -60.77 -54.52
C GLY A 484 7.22 -60.17 -55.83
N TYR A 485 7.88 -60.93 -56.68
CA TYR A 485 8.36 -60.41 -57.96
C TYR A 485 7.23 -60.45 -58.98
N ASP A 486 7.10 -59.38 -59.75
CA ASP A 486 6.11 -59.38 -60.82
C ASP A 486 6.81 -59.78 -62.10
N PRO A 487 6.56 -60.97 -62.65
CA PRO A 487 7.23 -61.38 -63.89
C PRO A 487 6.80 -60.56 -65.08
N ILE A 488 5.72 -59.77 -64.97
CA ILE A 488 5.29 -59.01 -66.12
C ILE A 488 6.04 -57.68 -66.14
N SER A 489 5.90 -56.86 -65.08
CA SER A 489 6.67 -55.62 -65.04
C SER A 489 8.13 -55.82 -64.68
N LYS A 490 8.52 -57.01 -64.23
CA LYS A 490 9.92 -57.30 -63.89
C LYS A 490 10.44 -56.38 -62.80
N LYS A 491 9.56 -56.03 -61.86
CA LYS A 491 9.89 -55.22 -60.70
C LYS A 491 9.49 -56.02 -59.47
N GLN A 492 10.00 -55.66 -58.31
CA GLN A 492 9.62 -56.33 -57.06
C GLN A 492 8.40 -55.60 -56.47
N ILE A 493 7.22 -55.98 -56.97
CA ILE A 493 5.99 -55.28 -56.64
C ILE A 493 5.48 -55.63 -55.25
N GLY A 494 5.47 -56.91 -54.91
CA GLY A 494 5.02 -57.39 -53.63
C GLY A 494 6.16 -57.48 -52.64
N ILE A 495 5.99 -58.34 -51.65
CA ILE A 495 6.97 -58.54 -50.61
C ILE A 495 7.54 -59.95 -50.76
N GLU A 496 8.60 -60.22 -50.01
CA GLU A 496 9.24 -61.53 -50.07
C GLU A 496 8.50 -62.42 -49.07
N THR A 497 7.54 -63.17 -49.57
CA THR A 497 6.79 -64.11 -48.76
C THR A 497 7.35 -65.53 -48.83
N GLY A 498 8.44 -65.74 -49.57
CA GLY A 498 9.06 -67.06 -49.62
C GLY A 498 9.03 -67.69 -51.00
N ASP A 499 10.00 -68.55 -51.29
CA ASP A 499 9.98 -69.35 -52.52
C ASP A 499 8.89 -70.41 -52.36
N PRO A 500 7.82 -70.41 -53.18
CA PRO A 500 6.74 -71.39 -52.98
C PRO A 500 7.21 -72.82 -53.11
N ARG A 501 8.36 -73.04 -53.76
CA ARG A 501 8.90 -74.39 -53.83
C ARG A 501 9.18 -74.94 -52.45
N ASN A 502 9.37 -74.05 -51.46
CA ASN A 502 9.62 -74.44 -50.09
C ASN A 502 8.34 -74.62 -49.27
N PHE A 503 7.18 -74.22 -49.82
CA PHE A 503 5.93 -74.38 -49.09
C PHE A 503 5.55 -75.86 -49.03
N GLN A 504 5.44 -76.41 -47.83
CA GLN A 504 5.15 -77.83 -47.71
C GLN A 504 3.66 -78.14 -47.66
N SER A 505 2.78 -77.13 -47.58
CA SER A 505 1.35 -77.40 -47.52
C SER A 505 0.62 -76.27 -48.24
N TYR A 506 -0.60 -76.59 -48.70
CA TYR A 506 -1.42 -75.57 -49.34
C TYR A 506 -1.69 -74.41 -48.40
N GLU A 507 -2.01 -74.71 -47.18
CA GLU A 507 -2.27 -73.70 -46.20
C GLU A 507 -1.15 -72.67 -46.11
N GLU A 508 0.08 -73.12 -46.17
CA GLU A 508 1.24 -72.24 -46.11
C GLU A 508 1.30 -71.32 -47.33
N LEU A 509 0.99 -71.85 -48.52
CA LEU A 509 0.90 -70.99 -49.71
C LEU A 509 -0.23 -69.99 -49.55
N PHE A 510 -1.38 -70.44 -49.05
CA PHE A 510 -2.51 -69.53 -48.88
C PHE A 510 -2.19 -68.47 -47.84
N GLU A 511 -1.44 -68.84 -46.80
CA GLU A 511 -0.93 -67.83 -45.87
C GLU A 511 0.02 -66.86 -46.58
N ALA A 512 0.92 -67.39 -47.43
CA ALA A 512 1.78 -66.49 -48.20
C ALA A 512 0.95 -65.58 -49.08
N PHE A 513 -0.15 -66.11 -49.62
CA PHE A 513 -1.03 -65.29 -50.45
C PHE A 513 -1.70 -64.20 -49.64
N LYS A 514 -2.18 -64.54 -48.44
CA LYS A 514 -2.81 -63.52 -47.59
C LYS A 514 -1.80 -62.45 -47.24
N LYS A 515 -0.53 -62.83 -47.03
CA LYS A 515 0.49 -61.83 -46.74
C LYS A 515 0.68 -60.89 -47.93
N GLN A 516 0.71 -61.45 -49.13
CA GLN A 516 0.78 -60.59 -50.31
C GLN A 516 -0.47 -59.73 -50.42
N LEU A 517 -1.62 -60.32 -50.14
CA LEU A 517 -2.88 -59.58 -50.15
C LEU A 517 -2.84 -58.46 -49.11
N HIS A 518 -2.41 -58.77 -47.89
CA HIS A 518 -2.30 -57.74 -46.87
C HIS A 518 -1.41 -56.59 -47.34
N TYR A 519 -0.23 -56.93 -47.88
CA TYR A 519 0.68 -55.90 -48.35
C TYR A 519 0.03 -55.05 -49.43
N MET A 520 -0.59 -55.71 -50.42
CA MET A 520 -1.17 -54.97 -51.52
C MET A 520 -2.39 -54.17 -51.07
N ILE A 521 -3.22 -54.75 -50.19
CA ILE A 521 -4.34 -53.97 -49.70
C ILE A 521 -3.83 -52.80 -48.87
N ASP A 522 -2.78 -53.02 -48.09
CA ASP A 522 -2.16 -51.93 -47.33
C ASP A 522 -1.72 -50.80 -48.25
N ILE A 523 -1.04 -51.12 -49.35
CA ILE A 523 -0.63 -50.07 -50.29
C ILE A 523 -1.85 -49.36 -50.84
N LYS A 524 -2.87 -50.12 -51.23
CA LYS A 524 -4.05 -49.51 -51.82
C LYS A 524 -4.78 -48.60 -50.84
N ILE A 525 -5.02 -49.10 -49.61
CA ILE A 525 -5.76 -48.30 -48.65
C ILE A 525 -5.00 -47.03 -48.28
N GLU A 526 -3.66 -47.16 -48.13
CA GLU A 526 -2.81 -46.02 -47.82
C GLU A 526 -2.95 -44.95 -48.88
N GLY A 527 -2.85 -45.33 -50.15
CA GLY A 527 -3.11 -44.38 -51.21
C GLY A 527 -4.51 -43.82 -51.16
N ASN A 528 -5.50 -44.68 -50.85
CA ASN A 528 -6.89 -44.24 -50.77
C ASN A 528 -7.06 -43.19 -49.71
N ALA A 529 -6.40 -43.37 -48.56
CA ALA A 529 -6.52 -42.40 -47.50
C ALA A 529 -6.03 -41.03 -47.99
N VAL A 530 -4.87 -41.03 -48.67
CA VAL A 530 -4.37 -39.79 -49.25
C VAL A 530 -5.36 -39.29 -50.28
N ILE A 531 -5.86 -40.19 -51.11
CA ILE A 531 -6.81 -39.79 -52.13
C ILE A 531 -8.09 -39.28 -51.51
N GLU A 532 -8.60 -39.98 -50.48
CA GLU A 532 -9.86 -39.56 -49.87
C GLU A 532 -9.75 -38.15 -49.30
N ASN A 533 -8.58 -37.83 -48.73
CA ASN A 533 -8.30 -36.49 -48.27
C ASN A 533 -8.33 -35.50 -49.42
N ILE A 534 -7.68 -35.85 -50.52
CA ILE A 534 -7.65 -34.95 -51.66
C ILE A 534 -9.05 -34.69 -52.18
N CYS A 535 -9.88 -35.74 -52.29
CA CYS A 535 -11.25 -35.52 -52.76
C CYS A 535 -12.07 -34.71 -51.78
N ALA A 536 -11.90 -35.00 -50.48
CA ALA A 536 -12.61 -34.26 -49.45
C ALA A 536 -12.25 -32.78 -49.50
N LYS A 537 -10.95 -32.46 -49.64
CA LYS A 537 -10.53 -31.07 -49.62
C LYS A 537 -10.70 -30.41 -50.99
N HIS A 538 -10.44 -31.15 -52.06
CA HIS A 538 -10.34 -30.53 -53.37
C HIS A 538 -11.51 -30.86 -54.29
N MET A 539 -12.32 -31.84 -53.94
CA MET A 539 -13.52 -32.07 -54.73
C MET A 539 -14.80 -32.00 -53.91
N PRO A 540 -15.05 -30.96 -53.12
CA PRO A 540 -16.34 -30.90 -52.42
C PRO A 540 -17.47 -30.81 -53.44
N CYS A 541 -18.62 -31.38 -53.09
CA CYS A 541 -19.78 -31.45 -53.99
C CYS A 541 -21.00 -30.88 -53.27
N PRO A 542 -21.07 -29.55 -53.14
CA PRO A 542 -22.21 -28.95 -52.44
C PRO A 542 -23.56 -29.30 -53.06
N LEU A 543 -23.64 -29.42 -54.38
CA LEU A 543 -24.93 -29.77 -54.97
C LEU A 543 -25.36 -31.16 -54.56
N MET A 544 -24.50 -32.15 -54.75
CA MET A 544 -24.85 -33.50 -54.32
C MET A 544 -25.28 -33.48 -52.86
N SER A 545 -24.61 -32.67 -52.05
CA SER A 545 -24.86 -32.66 -50.62
C SER A 545 -26.28 -32.21 -50.29
N THR A 546 -26.88 -31.33 -51.09
CA THR A 546 -28.20 -30.83 -50.75
C THR A 546 -29.27 -31.93 -50.74
N ILE A 547 -29.05 -33.02 -51.46
CA ILE A 547 -30.05 -34.05 -51.62
C ILE A 547 -29.66 -35.36 -50.97
N VAL A 548 -28.49 -35.43 -50.42
CA VAL A 548 -28.10 -36.67 -49.85
C VAL A 548 -28.29 -36.52 -48.39
N ASP A 549 -28.92 -37.50 -47.78
CA ASP A 549 -29.17 -37.43 -46.39
C ASP A 549 -28.01 -37.43 -45.45
N ASP A 550 -28.25 -36.47 -44.61
CA ASP A 550 -27.58 -35.98 -43.47
C ASP A 550 -26.61 -34.89 -43.68
N CYS A 551 -26.31 -34.59 -44.91
CA CYS A 551 -25.38 -33.56 -45.23
C CYS A 551 -25.81 -32.22 -44.79
N ILE A 552 -27.03 -31.83 -45.09
CA ILE A 552 -27.50 -30.52 -44.61
C ILE A 552 -27.56 -30.49 -43.09
N GLU A 553 -28.14 -31.54 -42.51
CA GLU A 553 -28.28 -31.60 -41.05
C GLU A 553 -26.92 -31.58 -40.36
N LYS A 554 -25.96 -32.35 -40.88
CA LYS A 554 -24.62 -32.37 -40.33
C LYS A 554 -23.81 -31.13 -40.68
N GLY A 555 -24.22 -30.38 -41.70
CA GLY A 555 -23.39 -29.32 -42.25
C GLY A 555 -22.07 -29.85 -42.76
N LYS A 556 -22.09 -30.97 -43.46
CA LYS A 556 -20.87 -31.63 -43.86
C LYS A 556 -21.04 -32.11 -45.29
N ASP A 557 -20.08 -31.76 -46.14
CA ASP A 557 -20.20 -32.10 -47.54
C ASP A 557 -20.25 -33.60 -47.73
N TYR A 558 -20.94 -34.04 -48.76
CA TYR A 558 -21.03 -35.43 -49.06
C TYR A 558 -19.67 -36.06 -49.26
N GLN A 559 -18.75 -35.26 -49.75
CA GLN A 559 -17.40 -35.65 -50.02
C GLN A 559 -16.50 -35.75 -48.82
N ARG A 560 -16.95 -35.33 -47.67
CA ARG A 560 -16.15 -35.48 -46.48
C ARG A 560 -16.91 -36.22 -45.39
N GLY A 561 -17.99 -36.90 -45.74
CA GLY A 561 -18.75 -37.70 -44.80
C GLY A 561 -20.13 -37.20 -44.39
N GLY A 562 -20.71 -36.24 -45.11
CA GLY A 562 -22.03 -35.77 -44.73
C GLY A 562 -23.16 -36.79 -44.90
N ALA A 563 -22.98 -37.78 -45.76
CA ALA A 563 -24.02 -38.80 -45.90
C ALA A 563 -24.23 -39.49 -44.57
N ARG A 564 -25.45 -39.97 -44.36
CA ARG A 564 -25.74 -40.73 -43.15
C ARG A 564 -24.86 -41.96 -43.07
N TYR A 565 -24.66 -42.63 -44.20
CA TYR A 565 -23.84 -43.82 -44.25
C TYR A 565 -22.68 -43.56 -45.17
N ASN A 566 -21.51 -44.07 -44.78
CA ASN A 566 -20.30 -43.87 -45.53
C ASN A 566 -19.56 -45.18 -45.59
N THR A 567 -19.38 -45.66 -46.79
CA THR A 567 -18.62 -46.87 -47.02
C THR A 567 -17.68 -46.61 -48.17
N ARG A 568 -16.56 -47.29 -48.14
CA ARG A 568 -15.66 -47.31 -49.26
C ARG A 568 -15.45 -48.75 -49.65
N TYR A 569 -15.30 -48.97 -50.95
CA TYR A 569 -15.13 -50.30 -51.47
C TYR A 569 -13.85 -50.37 -52.27
N ILE A 570 -13.22 -51.52 -52.19
CA ILE A 570 -12.25 -51.99 -53.15
C ILE A 570 -12.92 -53.17 -53.84
N GLN A 571 -13.14 -53.06 -55.13
CA GLN A 571 -13.88 -54.08 -55.84
C GLN A 571 -12.94 -55.21 -56.26
N GLY A 572 -13.18 -56.39 -55.70
CA GLY A 572 -12.32 -57.55 -55.96
C GLY A 572 -12.64 -58.15 -57.32
N VAL A 573 -11.60 -58.34 -58.13
CA VAL A 573 -11.74 -58.86 -59.48
C VAL A 573 -11.06 -60.21 -59.58
N GLY A 574 -11.70 -61.13 -60.32
CA GLY A 574 -11.05 -62.38 -60.65
C GLY A 574 -11.16 -63.46 -59.60
N ILE A 575 -12.25 -63.47 -58.82
CA ILE A 575 -12.42 -64.50 -57.80
C ILE A 575 -12.45 -65.89 -58.43
N GLY A 576 -13.06 -66.03 -59.61
CA GLY A 576 -13.06 -67.32 -60.26
C GLY A 576 -11.67 -67.78 -60.65
N THR A 577 -10.94 -66.92 -61.36
CA THR A 577 -9.58 -67.22 -61.79
C THR A 577 -8.69 -67.64 -60.63
N ILE A 578 -8.68 -66.84 -59.58
CA ILE A 578 -7.81 -67.12 -58.45
C ILE A 578 -8.32 -68.33 -57.67
N THR A 579 -9.64 -68.52 -57.59
CA THR A 579 -10.16 -69.71 -56.90
C THR A 579 -9.68 -70.96 -57.63
N ASP A 580 -9.89 -71.00 -58.94
CA ASP A 580 -9.46 -72.16 -59.71
C ASP A 580 -7.94 -72.30 -59.66
N SER A 581 -7.22 -71.18 -59.68
CA SER A 581 -5.77 -71.24 -59.62
C SER A 581 -5.31 -71.84 -58.29
N LEU A 582 -5.88 -71.38 -57.18
CA LEU A 582 -5.51 -71.97 -55.91
C LEU A 582 -6.03 -73.40 -55.80
N THR A 583 -7.21 -73.67 -56.36
CA THR A 583 -7.71 -75.04 -56.37
C THR A 583 -6.80 -75.94 -57.18
N ALA A 584 -6.34 -75.47 -58.35
CA ALA A 584 -5.41 -76.25 -59.14
C ALA A 584 -4.15 -76.56 -58.35
N ILE A 585 -3.66 -75.60 -57.57
CA ILE A 585 -2.46 -75.85 -56.79
C ILE A 585 -2.76 -76.78 -55.64
N LYS A 586 -3.88 -76.56 -54.93
CA LYS A 586 -4.21 -77.46 -53.84
C LYS A 586 -4.39 -78.88 -54.35
N TYR A 587 -5.10 -79.04 -55.47
CA TYR A 587 -5.37 -80.36 -56.00
C TYR A 587 -4.10 -81.02 -56.53
N ASN A 588 -3.38 -80.31 -57.42
CA ASN A 588 -2.30 -80.93 -58.17
C ASN A 588 -0.96 -80.90 -57.47
N VAL A 589 -0.65 -79.84 -56.72
CA VAL A 589 0.67 -79.79 -56.11
C VAL A 589 0.67 -80.48 -54.75
N PHE A 590 -0.32 -80.18 -53.94
CA PHE A 590 -0.37 -80.69 -52.60
C PHE A 590 -1.20 -81.90 -52.36
N ASP A 591 -2.35 -81.98 -53.01
CA ASP A 591 -3.26 -83.09 -52.84
C ASP A 591 -2.85 -84.31 -53.62
N LYS A 592 -3.07 -84.26 -54.92
CA LYS A 592 -2.75 -85.38 -55.76
C LYS A 592 -1.29 -85.50 -56.12
N LYS A 593 -0.54 -84.42 -55.97
CA LYS A 593 0.90 -84.37 -56.25
C LYS A 593 1.23 -84.83 -57.66
N LYS A 594 0.45 -84.34 -58.63
CA LYS A 594 0.74 -84.63 -60.02
C LYS A 594 1.98 -83.87 -60.50
N PHE A 595 2.27 -82.72 -59.90
CA PHE A 595 3.50 -82.00 -60.19
C PHE A 595 3.79 -81.08 -59.01
N ASP A 596 5.03 -80.63 -58.93
CA ASP A 596 5.42 -79.81 -57.79
C ASP A 596 5.40 -78.33 -58.18
N MET A 597 5.64 -77.47 -57.19
CA MET A 597 5.57 -76.05 -57.43
C MET A 597 6.56 -75.63 -58.52
N ASP A 598 7.80 -76.14 -58.45
CA ASP A 598 8.84 -75.73 -59.40
C ASP A 598 8.39 -75.99 -60.83
N THR A 599 7.76 -77.15 -61.08
CA THR A 599 7.26 -77.43 -62.40
C THR A 599 6.14 -76.46 -62.78
N LEU A 600 5.21 -76.22 -61.86
CA LEU A 600 4.08 -75.35 -62.18
C LEU A 600 4.57 -73.97 -62.59
N LEU A 601 5.54 -73.43 -61.84
CA LEU A 601 6.04 -72.10 -62.18
C LEU A 601 6.78 -72.11 -63.50
N LYS A 602 7.53 -73.18 -63.79
CA LYS A 602 8.14 -73.33 -65.09
C LYS A 602 7.06 -73.35 -66.17
N ALA A 603 5.99 -74.11 -65.94
CA ALA A 603 4.88 -74.12 -66.90
C ALA A 603 4.30 -72.73 -67.06
N LEU A 604 4.03 -72.04 -65.94
CA LEU A 604 3.49 -70.69 -65.99
C LEU A 604 4.44 -69.77 -66.75
N ASP A 605 5.74 -69.86 -66.47
CA ASP A 605 6.67 -68.96 -67.13
C ASP A 605 6.69 -69.23 -68.64
N ALA A 606 6.47 -70.47 -69.05
CA ALA A 606 6.46 -70.85 -70.45
C ALA A 606 5.12 -70.65 -71.12
N ASN A 607 4.15 -70.02 -70.42
CA ASN A 607 2.77 -69.92 -70.92
C ASN A 607 2.21 -71.28 -71.29
N PHE A 608 2.62 -72.31 -70.55
CA PHE A 608 2.27 -73.72 -70.71
C PHE A 608 2.85 -74.34 -71.97
N GLU A 609 3.64 -73.61 -72.76
CA GLU A 609 4.32 -74.21 -73.90
C GLU A 609 5.31 -75.26 -73.41
N GLY A 610 5.14 -76.49 -73.88
CA GLY A 610 5.94 -77.60 -73.40
C GLY A 610 5.44 -78.26 -72.14
N TYR A 611 4.29 -77.84 -71.62
CA TYR A 611 3.68 -78.41 -70.41
C TYR A 611 2.23 -78.77 -70.68
N GLU A 612 1.94 -79.31 -71.88
CA GLU A 612 0.57 -79.68 -72.24
C GLU A 612 -0.05 -80.60 -71.19
N ALA A 613 0.76 -81.47 -70.59
CA ALA A 613 0.25 -82.37 -69.56
C ALA A 613 -0.29 -81.55 -68.40
N ILE A 614 0.48 -80.56 -67.95
CA ILE A 614 0.05 -79.76 -66.82
C ILE A 614 -1.18 -78.92 -67.20
N LEU A 615 -1.13 -78.29 -68.37
CA LEU A 615 -2.26 -77.47 -68.79
C LEU A 615 -3.55 -78.25 -68.81
N ASN A 616 -3.50 -79.49 -69.31
CA ASN A 616 -4.71 -80.30 -69.32
C ASN A 616 -5.14 -80.67 -67.91
N LEU A 617 -4.18 -81.01 -67.04
CA LEU A 617 -4.56 -81.38 -65.68
C LEU A 617 -5.33 -80.26 -65.00
N VAL A 618 -4.80 -79.04 -65.07
CA VAL A 618 -5.43 -77.94 -64.34
C VAL A 618 -6.69 -77.45 -65.04
N SER A 619 -6.79 -77.61 -66.36
CA SER A 619 -7.98 -77.14 -67.06
C SER A 619 -9.16 -78.12 -66.98
N ASN A 620 -8.90 -79.43 -66.95
CA ASN A 620 -9.94 -80.43 -67.17
C ASN A 620 -9.97 -81.56 -66.15
N LYS A 621 -8.95 -81.72 -65.33
CA LYS A 621 -8.93 -82.81 -64.37
C LYS A 621 -8.79 -82.29 -62.94
N THR A 622 -9.27 -81.08 -62.69
CA THR A 622 -9.15 -80.46 -61.37
C THR A 622 -10.46 -79.77 -61.04
N PRO A 623 -10.90 -79.85 -59.79
CA PRO A 623 -12.16 -79.23 -59.41
C PRO A 623 -12.17 -77.76 -59.78
N LYS A 624 -13.32 -77.29 -60.22
CA LYS A 624 -13.48 -75.95 -60.76
C LYS A 624 -14.62 -75.24 -60.04
N TYR A 625 -14.45 -73.94 -59.84
CA TYR A 625 -15.48 -73.13 -59.23
C TYR A 625 -16.70 -73.05 -60.16
N GLY A 626 -17.88 -73.11 -59.56
CA GLY A 626 -19.12 -72.94 -60.26
C GLY A 626 -19.83 -74.21 -60.66
N ASN A 627 -19.63 -75.30 -59.92
CA ASN A 627 -20.24 -76.59 -60.23
C ASN A 627 -20.86 -77.18 -58.98
N ASP A 628 -21.11 -76.37 -57.96
CA ASP A 628 -21.54 -76.85 -56.67
C ASP A 628 -20.56 -77.89 -56.09
N ASP A 629 -19.27 -77.71 -56.42
CA ASP A 629 -18.20 -78.59 -55.95
C ASP A 629 -17.53 -77.94 -54.74
N ASP A 630 -17.79 -78.52 -53.56
CA ASP A 630 -17.28 -77.91 -52.33
C ASP A 630 -15.76 -77.81 -52.32
N TYR A 631 -15.06 -78.70 -53.04
CA TYR A 631 -13.60 -78.64 -53.02
C TYR A 631 -13.10 -77.32 -53.58
N ALA A 632 -13.69 -76.88 -54.70
CA ALA A 632 -13.31 -75.61 -55.28
C ALA A 632 -14.04 -74.44 -54.60
N ASP A 633 -15.33 -74.64 -54.28
CA ASP A 633 -16.13 -73.54 -53.74
C ASP A 633 -15.66 -73.13 -52.36
N GLU A 634 -15.18 -74.09 -51.56
CA GLU A 634 -14.62 -73.72 -50.26
C GLU A 634 -13.34 -72.90 -50.42
N ILE A 635 -12.54 -73.19 -51.46
CA ILE A 635 -11.37 -72.37 -51.74
C ILE A 635 -11.82 -70.95 -52.10
N MET A 636 -12.86 -70.85 -52.93
CA MET A 636 -13.47 -69.56 -53.21
C MET A 636 -13.87 -68.86 -51.92
N GLN A 637 -14.46 -69.61 -50.99
CA GLN A 637 -14.88 -69.00 -49.74
C GLN A 637 -13.67 -68.53 -48.96
N GLU A 638 -12.62 -69.34 -48.90
CA GLU A 638 -11.43 -68.91 -48.19
C GLU A 638 -10.86 -67.65 -48.80
N ILE A 639 -10.78 -67.59 -50.13
CA ILE A 639 -10.22 -66.41 -50.78
C ILE A 639 -11.12 -65.21 -50.56
N PHE A 640 -12.43 -65.37 -50.79
CA PHE A 640 -13.36 -64.28 -50.58
C PHE A 640 -13.34 -63.79 -49.14
N ASN A 641 -13.35 -64.71 -48.17
CA ASN A 641 -13.26 -64.29 -46.77
C ASN A 641 -11.93 -63.60 -46.48
N ALA A 642 -10.82 -64.14 -46.99
CA ALA A 642 -9.53 -63.48 -46.85
C ALA A 642 -9.60 -62.05 -47.38
N TYR A 643 -10.27 -61.86 -48.52
CA TYR A 643 -10.46 -60.53 -49.07
C TYR A 643 -11.37 -59.69 -48.19
N TYR A 644 -12.51 -60.27 -47.78
CA TYR A 644 -13.46 -59.59 -46.91
C TYR A 644 -12.78 -59.20 -45.60
N ASN A 645 -12.01 -60.12 -45.02
CA ASN A 645 -11.35 -59.82 -43.76
C ASN A 645 -10.24 -58.79 -43.96
N GLU A 646 -9.56 -58.83 -45.10
CA GLU A 646 -8.45 -57.91 -45.31
C GLU A 646 -8.92 -56.48 -45.47
N VAL A 647 -10.11 -56.27 -46.04
CA VAL A 647 -10.60 -54.95 -46.38
C VAL A 647 -11.66 -54.45 -45.39
N THR A 648 -12.61 -55.31 -45.03
CA THR A 648 -13.81 -54.84 -44.35
C THR A 648 -13.50 -54.36 -42.94
N GLY A 649 -14.02 -53.19 -42.59
CA GLY A 649 -13.77 -52.63 -41.29
C GLY A 649 -12.67 -51.59 -41.24
N ARG A 650 -11.79 -51.57 -42.24
CA ARG A 650 -10.75 -50.53 -42.26
C ARG A 650 -11.42 -49.17 -42.25
N PRO A 651 -10.96 -48.25 -41.40
CA PRO A 651 -11.61 -46.93 -41.35
C PRO A 651 -11.35 -46.12 -42.61
N THR A 652 -12.36 -45.39 -43.04
CA THR A 652 -12.16 -44.40 -44.07
C THR A 652 -11.84 -43.09 -43.40
N VAL A 653 -11.24 -42.16 -44.15
CA VAL A 653 -10.78 -40.92 -43.54
C VAL A 653 -11.95 -40.19 -42.88
N CYS A 654 -13.12 -40.25 -43.50
CA CYS A 654 -14.24 -39.44 -43.07
C CYS A 654 -15.24 -40.22 -42.23
N GLY A 655 -14.77 -41.17 -41.43
CA GLY A 655 -15.61 -41.76 -40.41
C GLY A 655 -16.46 -42.94 -40.82
N GLY A 656 -16.25 -43.48 -42.03
CA GLY A 656 -16.92 -44.68 -42.47
C GLY A 656 -16.00 -45.88 -42.45
N GLU A 657 -16.39 -46.91 -43.18
CA GLU A 657 -15.59 -48.11 -43.19
C GLU A 657 -15.44 -48.65 -44.59
N TYR A 658 -14.37 -49.40 -44.78
CA TYR A 658 -14.18 -50.10 -46.03
C TYR A 658 -15.06 -51.32 -46.03
N ARG A 659 -15.59 -51.63 -47.19
CA ARG A 659 -16.30 -52.87 -47.39
C ARG A 659 -15.85 -53.43 -48.73
N VAL A 660 -16.37 -54.58 -49.07
CA VAL A 660 -15.91 -55.36 -50.19
C VAL A 660 -17.09 -55.53 -51.13
N ASP A 661 -16.83 -55.48 -52.42
CA ASP A 661 -17.82 -55.87 -53.40
C ASP A 661 -17.06 -56.54 -54.54
N MET A 662 -17.79 -57.25 -55.39
CA MET A 662 -17.14 -58.06 -56.43
C MET A 662 -17.80 -57.74 -57.76
N LEU A 663 -17.22 -57.16 -58.56
CA LEU A 663 -17.80 -56.57 -59.76
C LEU A 663 -16.63 -56.17 -60.64
N PRO A 664 -16.26 -56.22 -61.95
CA PRO A 664 -15.02 -55.89 -62.66
C PRO A 664 -15.15 -54.75 -63.67
N THR A 665 -16.38 -54.44 -64.10
CA THR A 665 -16.60 -53.66 -65.30
C THR A 665 -15.73 -54.21 -66.43
N THR A 666 -14.76 -53.46 -66.96
CA THR A 666 -13.87 -54.06 -67.94
C THR A 666 -12.50 -54.38 -67.36
N CYS A 667 -12.31 -54.18 -66.07
CA CYS A 667 -10.98 -54.34 -65.50
C CYS A 667 -10.52 -55.79 -65.49
N HIS A 668 -11.43 -56.75 -65.63
CA HIS A 668 -10.98 -58.13 -65.72
C HIS A 668 -10.19 -58.38 -66.99
N ILE A 669 -10.44 -57.58 -68.03
CA ILE A 669 -9.59 -57.61 -69.22
C ILE A 669 -8.20 -57.09 -68.88
N TYR A 670 -8.11 -55.84 -68.44
CA TYR A 670 -6.83 -55.24 -68.06
C TYR A 670 -6.07 -56.11 -67.06
N PHE A 671 -6.76 -56.55 -66.00
CA PHE A 671 -6.08 -57.33 -64.97
C PHE A 671 -5.52 -58.63 -65.52
N GLY A 672 -6.14 -59.17 -66.54
CA GLY A 672 -5.63 -60.36 -67.17
C GLY A 672 -4.46 -60.02 -68.08
N GLU A 673 -4.58 -58.87 -68.76
CA GLU A 673 -3.55 -58.48 -69.73
C GLU A 673 -2.18 -58.36 -69.09
N ILE A 674 -2.10 -57.71 -67.92
CA ILE A 674 -0.80 -57.45 -67.30
C ILE A 674 -0.49 -58.57 -66.34
N MET A 675 -1.12 -59.71 -66.51
CA MET A 675 -0.82 -60.85 -65.68
C MET A 675 -0.30 -62.00 -66.53
N GLY A 676 0.65 -62.76 -65.98
CA GLY A 676 1.12 -63.94 -66.65
C GLY A 676 0.17 -65.10 -66.48
N ALA A 677 0.62 -66.26 -66.96
CA ALA A 677 -0.19 -67.46 -66.88
C ALA A 677 -0.54 -67.78 -65.43
N SER A 678 -1.74 -68.33 -65.24
CA SER A 678 -2.12 -68.65 -63.89
C SER A 678 -2.31 -70.14 -63.69
N PRO A 679 -2.15 -70.61 -62.45
CA PRO A 679 -2.22 -72.06 -62.18
C PRO A 679 -3.49 -72.73 -62.61
N ASN A 680 -4.56 -72.00 -62.91
CA ASN A 680 -5.79 -72.66 -63.30
C ASN A 680 -5.84 -73.04 -64.77
N GLY A 681 -4.88 -72.59 -65.53
CA GLY A 681 -4.88 -72.91 -66.92
C GLY A 681 -5.03 -71.71 -67.76
N ARG A 682 -5.40 -70.58 -67.17
CA ARG A 682 -5.51 -69.34 -67.88
C ARG A 682 -4.18 -68.99 -68.45
N LEU A 683 -4.16 -68.58 -69.69
CA LEU A 683 -2.93 -68.23 -70.33
C LEU A 683 -2.52 -66.82 -70.05
N CYS A 684 -1.26 -66.54 -70.31
CA CYS A 684 -0.69 -65.21 -70.13
C CYS A 684 -1.49 -64.20 -70.95
N ALA A 685 -1.68 -63.01 -70.38
CA ALA A 685 -2.39 -61.85 -70.94
C ALA A 685 -3.88 -62.08 -71.16
N LYS A 686 -4.40 -63.27 -70.85
CA LYS A 686 -5.80 -63.56 -71.03
C LYS A 686 -6.61 -62.94 -69.89
N PRO A 687 -7.86 -62.55 -70.14
CA PRO A 687 -8.65 -61.92 -69.08
C PRO A 687 -8.75 -62.83 -67.86
N VAL A 688 -8.91 -62.22 -66.68
CA VAL A 688 -9.28 -63.00 -65.50
C VAL A 688 -10.80 -63.09 -65.52
N SER A 689 -11.37 -63.95 -64.72
CA SER A 689 -12.83 -64.05 -64.67
C SER A 689 -13.62 -62.78 -64.30
N GLU A 690 -14.79 -62.63 -64.86
CA GLU A 690 -15.63 -61.48 -64.60
C GLU A 690 -16.56 -61.71 -63.45
N GLY A 691 -16.78 -60.70 -62.64
CA GLY A 691 -17.63 -60.77 -61.47
C GLY A 691 -17.35 -61.95 -60.59
N ILE A 692 -18.38 -62.56 -60.09
CA ILE A 692 -18.18 -63.79 -59.32
C ILE A 692 -18.51 -65.00 -60.21
N SER A 693 -18.60 -64.75 -61.52
CA SER A 693 -18.92 -65.80 -62.47
C SER A 693 -17.80 -66.84 -62.50
N PRO A 694 -18.10 -68.06 -62.92
CA PRO A 694 -17.04 -69.05 -63.03
C PRO A 694 -15.97 -68.59 -64.00
N GLU A 695 -14.80 -69.20 -63.88
CA GLU A 695 -13.75 -68.97 -64.84
C GLU A 695 -14.17 -69.53 -66.19
N LYS A 696 -13.58 -68.98 -67.26
CA LYS A 696 -13.80 -69.50 -68.61
C LYS A 696 -13.61 -71.00 -68.62
N GLY A 697 -14.63 -71.70 -69.12
CA GLY A 697 -14.64 -73.14 -69.13
C GLY A 697 -14.80 -73.81 -67.78
N GLY A 698 -15.00 -73.05 -66.70
CA GLY A 698 -15.05 -73.67 -65.39
C GLY A 698 -16.36 -74.33 -65.03
N ASP A 699 -17.48 -73.78 -65.48
CA ASP A 699 -18.80 -74.29 -65.11
C ASP A 699 -19.29 -75.23 -66.21
N THR A 700 -19.30 -76.53 -65.88
CA THR A 700 -19.70 -77.58 -66.81
C THR A 700 -20.91 -78.35 -66.30
N ASN A 701 -21.67 -77.78 -65.37
CA ASN A 701 -22.79 -78.51 -64.76
C ASN A 701 -24.09 -77.73 -64.80
N GLY A 702 -24.19 -76.70 -65.63
CA GLY A 702 -25.45 -76.02 -65.79
C GLY A 702 -25.59 -74.86 -64.82
N PRO A 703 -26.62 -74.05 -65.01
CA PRO A 703 -26.73 -72.81 -64.21
C PRO A 703 -27.10 -73.08 -62.76
N THR A 704 -27.89 -74.12 -62.48
CA THR A 704 -28.24 -74.42 -61.10
C THR A 704 -27.00 -74.74 -60.29
N ALA A 705 -26.02 -75.39 -60.91
CA ALA A 705 -24.75 -75.61 -60.22
C ALA A 705 -24.02 -74.29 -59.98
N VAL A 706 -24.10 -73.33 -60.91
CA VAL A 706 -23.35 -72.11 -60.65
C VAL A 706 -24.06 -71.26 -59.61
N ILE A 707 -25.40 -71.18 -59.65
CA ILE A 707 -26.03 -70.32 -58.64
C ILE A 707 -25.86 -70.90 -57.26
N LYS A 708 -25.75 -72.23 -57.14
CA LYS A 708 -25.46 -72.84 -55.86
C LYS A 708 -24.03 -72.55 -55.43
N SER A 709 -23.07 -72.60 -56.38
CA SER A 709 -21.70 -72.21 -56.07
C SER A 709 -21.61 -70.75 -55.67
N CYS A 710 -22.21 -69.87 -56.48
CA CYS A 710 -22.18 -68.45 -56.18
C CYS A 710 -22.85 -68.13 -54.86
N ALA A 711 -23.90 -68.89 -54.48
CA ALA A 711 -24.55 -68.61 -53.19
C ALA A 711 -23.65 -68.94 -52.01
N LYS A 712 -22.63 -69.77 -52.21
CA LYS A 712 -21.73 -70.06 -51.10
C LYS A 712 -20.84 -68.85 -50.77
N MET A 713 -20.73 -67.89 -51.68
CA MET A 713 -20.12 -66.61 -51.33
C MET A 713 -21.09 -65.79 -50.49
N ASP A 714 -20.61 -65.25 -49.38
CA ASP A 714 -21.48 -64.57 -48.42
C ASP A 714 -21.84 -63.18 -48.94
N HIS A 715 -22.82 -63.15 -49.84
CA HIS A 715 -23.20 -61.91 -50.48
C HIS A 715 -23.62 -60.87 -49.45
N ILE A 716 -24.26 -61.32 -48.38
CA ILE A 716 -24.77 -60.39 -47.39
C ILE A 716 -23.63 -59.61 -46.76
N LYS A 717 -22.44 -60.22 -46.67
CA LYS A 717 -21.29 -59.50 -46.14
C LYS A 717 -20.64 -58.58 -47.17
N THR A 718 -21.24 -58.40 -48.35
CA THR A 718 -20.65 -57.57 -49.37
C THR A 718 -21.56 -56.39 -49.66
N GLY A 719 -21.05 -55.48 -50.47
CA GLY A 719 -21.83 -54.40 -51.02
C GLY A 719 -22.21 -54.74 -52.43
N GLY A 720 -22.32 -56.03 -52.73
CA GLY A 720 -22.73 -56.47 -54.04
C GLY A 720 -21.77 -57.44 -54.68
N THR A 721 -22.33 -58.39 -55.42
CA THR A 721 -21.59 -59.33 -56.22
C THR A 721 -22.26 -59.39 -57.57
N LEU A 722 -21.47 -59.64 -58.60
CA LEU A 722 -21.96 -59.61 -59.97
C LEU A 722 -21.87 -61.03 -60.50
N LEU A 723 -23.02 -61.57 -60.90
CA LEU A 723 -23.09 -62.88 -61.52
C LEU A 723 -23.59 -62.69 -62.95
N ASN A 724 -22.78 -63.10 -63.91
CA ASN A 724 -23.17 -63.16 -65.31
C ASN A 724 -23.60 -64.58 -65.60
N GLN A 725 -24.75 -64.75 -66.21
CA GLN A 725 -25.14 -66.03 -66.77
C GLN A 725 -25.60 -65.83 -68.18
N ARG A 726 -25.29 -66.81 -69.02
CA ARG A 726 -25.65 -66.78 -70.42
C ARG A 726 -26.48 -68.01 -70.70
N PHE A 727 -27.58 -67.84 -71.43
CA PHE A 727 -28.45 -68.95 -71.81
C PHE A 727 -28.48 -69.11 -73.32
N ALA A 728 -28.51 -70.37 -73.77
CA ALA A 728 -28.79 -70.64 -75.16
C ALA A 728 -30.16 -70.07 -75.49
N PRO A 729 -30.32 -69.33 -76.58
CA PRO A 729 -31.61 -68.70 -76.87
C PRO A 729 -32.78 -69.66 -76.93
N SER A 730 -32.54 -70.92 -77.31
CA SER A 730 -33.63 -71.86 -77.49
C SER A 730 -34.33 -72.15 -76.17
N VAL A 731 -33.58 -72.24 -75.07
CA VAL A 731 -34.15 -72.66 -73.79
C VAL A 731 -34.89 -71.56 -73.04
N VAL A 732 -34.94 -70.34 -73.57
CA VAL A 732 -35.67 -69.26 -72.91
C VAL A 732 -36.99 -68.95 -73.62
N GLN A 733 -37.33 -69.76 -74.61
CA GLN A 733 -38.51 -69.52 -75.37
C GLN A 733 -39.76 -69.94 -74.65
N GLY A 734 -40.79 -69.18 -74.88
CA GLY A 734 -42.09 -69.44 -74.31
C GLY A 734 -42.27 -69.45 -72.83
N GLU A 735 -43.42 -69.86 -72.42
CA GLU A 735 -43.71 -69.91 -71.04
C GLU A 735 -42.81 -70.83 -70.29
N LYS A 736 -42.28 -71.87 -70.91
CA LYS A 736 -41.39 -72.76 -70.18
C LYS A 736 -40.09 -72.03 -69.86
N GLY A 737 -39.62 -71.22 -70.81
CA GLY A 737 -38.40 -70.46 -70.61
C GLY A 737 -38.55 -69.40 -69.55
N LEU A 738 -39.64 -68.62 -69.64
CA LEU A 738 -39.93 -67.62 -68.63
C LEU A 738 -39.94 -68.26 -67.24
N ASP A 739 -40.64 -69.38 -67.12
CA ASP A 739 -40.72 -70.04 -65.82
C ASP A 739 -39.36 -70.51 -65.36
N ASN A 740 -38.55 -71.01 -66.29
CA ASN A 740 -37.22 -71.50 -65.93
C ASN A 740 -36.31 -70.36 -65.53
N MET A 741 -36.37 -69.25 -66.25
CA MET A 741 -35.64 -68.05 -65.84
C MET A 741 -36.11 -67.57 -64.49
N ALA A 742 -37.43 -67.41 -64.33
CA ALA A 742 -37.99 -66.95 -63.06
C ALA A 742 -37.60 -67.87 -61.92
N ASN A 743 -37.61 -69.18 -62.16
CA ASN A 743 -37.22 -70.08 -61.09
C ASN A 743 -35.74 -69.93 -60.74
N LEU A 744 -34.88 -69.76 -61.74
CA LEU A 744 -33.45 -69.65 -61.48
C LEU A 744 -33.14 -68.40 -60.67
N VAL A 745 -33.72 -67.27 -61.07
CA VAL A 745 -33.60 -66.06 -60.27
C VAL A 745 -34.08 -66.32 -58.85
N ARG A 746 -35.26 -66.93 -58.72
CA ARG A 746 -35.79 -67.16 -57.39
C ARG A 746 -34.97 -68.18 -56.63
N ALA A 747 -34.46 -69.20 -57.30
CA ALA A 747 -33.65 -70.19 -56.60
C ALA A 747 -32.34 -69.57 -56.11
N TYR A 748 -31.71 -68.74 -56.95
CA TYR A 748 -30.50 -68.05 -56.51
C TYR A 748 -30.83 -67.03 -55.42
N PHE A 749 -31.88 -66.25 -55.61
CA PHE A 749 -32.26 -65.30 -54.58
C PHE A 749 -32.75 -65.99 -53.32
N ASN A 750 -33.32 -67.18 -53.43
CA ASN A 750 -33.74 -67.84 -52.20
C ASN A 750 -32.55 -68.26 -51.35
N MET A 751 -31.39 -68.44 -51.97
CA MET A 751 -30.15 -68.71 -51.27
C MET A 751 -29.36 -67.46 -50.97
N ASP A 752 -29.98 -66.28 -51.10
CA ASP A 752 -29.33 -65.00 -50.84
C ASP A 752 -28.30 -64.62 -51.88
N GLY A 753 -28.37 -65.20 -53.07
CA GLY A 753 -27.61 -64.63 -54.16
C GLY A 753 -27.98 -63.18 -54.31
N HIS A 754 -27.05 -62.35 -54.71
CA HIS A 754 -27.28 -60.94 -54.79
C HIS A 754 -27.81 -60.39 -56.09
N HIS A 755 -27.22 -60.85 -57.18
CA HIS A 755 -27.52 -60.36 -58.50
C HIS A 755 -27.32 -61.38 -59.59
N ILE A 756 -28.23 -61.44 -60.53
CA ILE A 756 -28.03 -62.28 -61.65
C ILE A 756 -28.46 -61.49 -62.86
N GLN A 757 -27.70 -61.57 -63.93
CA GLN A 757 -28.09 -60.94 -65.17
C GLN A 757 -27.72 -61.89 -66.30
N PHE A 758 -28.45 -61.78 -67.39
CA PHE A 758 -28.43 -62.81 -68.39
C PHE A 758 -27.93 -62.26 -69.71
N ASN A 759 -27.07 -63.05 -70.34
CA ASN A 759 -26.84 -62.96 -71.78
C ASN A 759 -27.72 -64.02 -72.43
N VAL A 760 -28.43 -63.63 -73.49
CA VAL A 760 -29.16 -64.56 -74.34
C VAL A 760 -28.83 -64.17 -75.76
N PHE A 761 -27.77 -64.71 -76.30
CA PHE A 761 -27.38 -64.34 -77.64
C PHE A 761 -27.00 -65.58 -78.42
N ASP A 762 -27.02 -65.43 -79.74
CA ASP A 762 -26.51 -66.44 -80.65
C ASP A 762 -25.02 -66.19 -80.87
N LYS A 763 -24.19 -67.14 -80.53
CA LYS A 763 -22.78 -66.97 -80.68
C LYS A 763 -22.40 -66.57 -82.07
N ASN A 764 -23.09 -67.06 -83.08
CA ASN A 764 -22.74 -66.73 -84.46
C ASN A 764 -23.06 -65.29 -84.83
N VAL A 765 -24.10 -64.70 -84.24
CA VAL A 765 -24.36 -63.28 -84.49
C VAL A 765 -23.18 -62.44 -84.01
N LEU A 766 -22.64 -62.78 -82.84
CA LEU A 766 -21.48 -62.05 -82.32
C LEU A 766 -20.24 -62.33 -83.14
N LEU A 767 -20.01 -63.59 -83.53
CA LEU A 767 -18.86 -63.89 -84.38
C LEU A 767 -18.93 -63.12 -85.70
N GLU A 768 -20.10 -63.05 -86.29
CA GLU A 768 -20.25 -62.23 -87.49
C GLU A 768 -20.05 -60.75 -87.15
N ALA A 769 -20.53 -60.34 -85.98
CA ALA A 769 -20.39 -58.94 -85.58
C ALA A 769 -18.93 -58.56 -85.49
N GLN A 770 -18.08 -59.48 -85.06
CA GLN A 770 -16.65 -59.20 -85.06
C GLN A 770 -16.15 -59.01 -86.49
N LYS A 771 -16.60 -59.89 -87.40
CA LYS A 771 -16.09 -59.85 -88.77
C LYS A 771 -16.56 -58.61 -89.51
N ASN A 772 -17.84 -58.27 -89.35
CA ASN A 772 -18.45 -57.09 -89.99
C ASN A 772 -19.16 -56.26 -88.94
N PRO A 773 -18.40 -55.49 -88.16
CA PRO A 773 -19.02 -54.68 -87.11
C PRO A 773 -20.01 -53.67 -87.64
N GLN A 774 -19.79 -53.17 -88.86
CA GLN A 774 -20.70 -52.17 -89.42
C GLN A 774 -22.11 -52.70 -89.62
N ASP A 775 -22.26 -54.02 -89.71
CA ASP A 775 -23.58 -54.61 -89.89
C ASP A 775 -24.31 -54.85 -88.57
N TYR A 776 -23.61 -54.78 -87.45
CA TYR A 776 -24.27 -55.01 -86.17
C TYR A 776 -24.12 -53.86 -85.18
N LYS A 777 -24.35 -52.62 -85.62
CA LYS A 777 -24.24 -51.48 -84.71
C LYS A 777 -25.30 -51.59 -83.61
N ASP A 778 -26.44 -52.21 -83.93
CA ASP A 778 -27.50 -52.46 -82.98
C ASP A 778 -27.10 -53.38 -81.83
N LEU A 779 -26.06 -54.20 -82.01
CA LEU A 779 -25.91 -55.40 -81.18
C LEU A 779 -25.49 -55.01 -79.77
N ILE A 780 -26.33 -55.35 -78.80
CA ILE A 780 -26.05 -55.04 -77.41
C ILE A 780 -25.91 -56.35 -76.68
N VAL A 781 -24.84 -56.47 -75.88
CA VAL A 781 -24.61 -57.62 -75.04
C VAL A 781 -24.45 -57.15 -73.58
N ARG A 782 -24.48 -58.07 -72.68
CA ARG A 782 -24.26 -57.71 -71.33
C ARG A 782 -22.80 -57.94 -71.04
N VAL A 783 -22.14 -56.95 -70.51
CA VAL A 783 -20.75 -57.07 -70.16
C VAL A 783 -20.61 -57.45 -68.70
N ALA A 784 -20.68 -56.50 -67.79
CA ALA A 784 -20.56 -56.80 -66.38
C ALA A 784 -21.26 -55.75 -65.56
N GLY A 785 -22.51 -55.98 -65.22
CA GLY A 785 -23.26 -54.99 -64.53
C GLY A 785 -23.84 -53.94 -65.44
N TYR A 786 -23.66 -54.11 -66.74
CA TYR A 786 -24.19 -53.17 -67.70
C TYR A 786 -24.25 -53.84 -69.06
N SER A 787 -25.04 -53.25 -69.93
CA SER A 787 -25.11 -53.64 -71.32
C SER A 787 -24.35 -52.64 -72.17
N ASP A 788 -23.73 -53.13 -73.22
CA ASP A 788 -22.95 -52.27 -74.10
C ASP A 788 -23.15 -52.74 -75.53
N HIS A 789 -22.88 -51.84 -76.46
CA HIS A 789 -22.82 -52.25 -77.85
C HIS A 789 -21.61 -53.13 -78.03
N PHE A 790 -21.80 -54.28 -78.68
CA PHE A 790 -20.71 -55.23 -78.87
C PHE A 790 -19.52 -54.58 -79.57
N ASN A 791 -19.75 -53.64 -80.49
CA ASN A 791 -18.65 -53.03 -81.25
C ASN A 791 -17.81 -52.07 -80.41
N ASN A 792 -18.30 -51.63 -79.27
CA ASN A 792 -17.52 -50.77 -78.40
C ASN A 792 -16.50 -51.55 -77.58
N LEU A 793 -16.52 -52.86 -77.64
CA LEU A 793 -15.68 -53.69 -76.79
C LEU A 793 -14.44 -54.11 -77.57
N SER A 794 -13.31 -54.17 -76.88
CA SER A 794 -12.14 -54.68 -77.52
C SER A 794 -12.34 -56.15 -77.90
N ARG A 795 -11.53 -56.59 -78.87
CA ARG A 795 -11.53 -57.99 -79.29
C ARG A 795 -11.36 -58.91 -78.08
N THR A 796 -10.48 -58.55 -77.16
CA THR A 796 -10.29 -59.36 -75.96
C THR A 796 -11.58 -59.43 -75.14
N LEU A 797 -12.28 -58.30 -75.00
CA LEU A 797 -13.51 -58.31 -74.20
C LEU A 797 -14.65 -59.02 -74.94
N GLN A 798 -14.75 -58.80 -76.26
CA GLN A 798 -15.71 -59.55 -77.07
C GLN A 798 -15.52 -61.04 -76.90
N ASP A 799 -14.28 -61.51 -77.02
CA ASP A 799 -14.02 -62.95 -76.90
C ASP A 799 -14.29 -63.44 -75.49
N GLU A 800 -14.12 -62.58 -74.49
CA GLU A 800 -14.42 -62.95 -73.12
C GLU A 800 -15.92 -63.24 -72.98
N ILE A 801 -16.76 -62.35 -73.50
CA ILE A 801 -18.20 -62.56 -73.43
C ILE A 801 -18.58 -63.83 -74.18
N ILE A 802 -18.02 -63.99 -75.39
CA ILE A 802 -18.27 -65.18 -76.21
C ILE A 802 -17.87 -66.45 -75.46
N GLY A 803 -16.79 -66.38 -74.67
CA GLY A 803 -16.31 -67.53 -73.93
C GLY A 803 -17.14 -67.88 -72.73
N ARG A 804 -18.12 -67.05 -72.38
CA ARG A 804 -18.99 -67.36 -71.26
C ARG A 804 -19.86 -68.58 -71.58
N THR A 805 -20.08 -69.40 -70.57
CA THR A 805 -20.74 -70.69 -70.72
C THR A 805 -22.17 -70.53 -71.23
N GLU A 806 -22.48 -71.19 -72.34
CA GLU A 806 -23.86 -71.21 -72.81
C GLU A 806 -24.62 -72.22 -71.96
N GLN A 807 -25.47 -71.73 -71.07
CA GLN A 807 -26.19 -72.59 -70.14
C GLN A 807 -27.50 -73.02 -70.77
N THR A 808 -27.90 -74.23 -70.41
CA THR A 808 -29.21 -74.76 -70.75
C THR A 808 -29.90 -75.14 -69.45
N PHE A 809 -31.23 -75.16 -69.47
CA PHE A 809 -31.95 -75.54 -68.26
C PHE A 809 -32.00 -77.06 -68.17
N MET B 21 30.82 11.47 -29.08
CA MET B 21 30.31 10.37 -28.23
C MET B 21 29.01 9.80 -28.82
N ALA B 22 29.06 8.63 -29.44
CA ALA B 22 27.87 8.13 -29.91
C ALA B 22 27.50 7.15 -28.84
N ARG B 23 26.27 6.74 -28.97
CA ARG B 23 25.89 5.68 -28.14
C ARG B 23 26.59 4.53 -28.89
N GLY B 24 27.34 3.77 -28.14
CA GLY B 24 28.09 2.69 -28.70
C GLY B 24 29.38 2.64 -27.97
N THR B 25 29.69 1.50 -27.44
CA THR B 25 30.95 1.31 -26.71
C THR B 25 32.14 1.27 -27.67
N PHE B 26 31.88 0.88 -28.88
CA PHE B 26 32.89 0.79 -29.85
C PHE B 26 32.51 1.59 -31.03
N GLU B 27 33.50 1.85 -31.85
CA GLU B 27 33.33 2.64 -33.02
C GLU B 27 32.49 1.91 -34.01
N ARG B 28 32.69 0.62 -34.09
CA ARG B 28 31.86 -0.20 -34.92
C ARG B 28 30.40 -0.03 -34.56
N THR B 29 30.06 -0.28 -33.31
CA THR B 29 28.66 -0.15 -32.93
C THR B 29 28.24 1.31 -32.86
N LYS B 30 29.20 2.22 -32.66
CA LYS B 30 28.92 3.64 -32.83
C LYS B 30 28.47 3.90 -34.25
N LYS B 31 29.17 3.32 -35.22
CA LYS B 31 28.81 3.50 -36.62
C LYS B 31 27.47 2.83 -36.92
N LEU B 32 27.29 1.59 -36.45
CA LEU B 32 26.04 0.88 -36.71
C LEU B 32 24.84 1.61 -36.10
N ARG B 33 24.97 2.05 -34.84
CA ARG B 33 23.85 2.72 -34.19
C ARG B 33 23.50 4.00 -34.92
N GLU B 34 24.51 4.71 -35.39
CA GLU B 34 24.23 5.94 -36.11
C GLU B 34 23.44 5.63 -37.37
N GLU B 35 23.82 4.55 -38.06
CA GLU B 35 23.07 4.15 -39.24
C GLU B 35 21.62 3.80 -38.92
N SER B 36 21.40 3.11 -37.80
CA SER B 36 20.04 2.72 -37.42
C SER B 36 19.14 3.93 -37.16
N ILE B 37 19.57 4.86 -36.31
CA ILE B 37 18.68 5.96 -35.95
C ILE B 37 18.46 6.91 -37.12
N ASN B 38 19.36 6.89 -38.10
CA ASN B 38 19.26 7.76 -39.27
C ASN B 38 18.49 7.13 -40.42
N ALA B 39 18.23 5.83 -40.37
CA ALA B 39 17.48 5.16 -41.43
C ALA B 39 16.03 5.64 -41.45
N GLU B 40 15.58 6.13 -42.59
CA GLU B 40 14.19 6.53 -42.59
C GLU B 40 13.28 5.30 -42.72
N PRO B 41 12.18 5.26 -41.99
CA PRO B 41 11.24 4.13 -42.13
C PRO B 41 10.64 4.10 -43.52
N HIS B 42 10.76 2.96 -44.18
CA HIS B 42 10.22 2.83 -45.52
C HIS B 42 9.80 1.38 -45.73
N ILE B 43 9.02 1.17 -46.78
CA ILE B 43 8.56 -0.17 -47.14
C ILE B 43 9.47 -0.73 -48.22
N SER B 44 9.75 -2.02 -48.10
CA SER B 44 10.51 -2.78 -49.07
C SER B 44 9.54 -3.73 -49.75
N ILE B 45 9.26 -3.52 -51.04
CA ILE B 45 8.31 -4.39 -51.73
C ILE B 45 8.91 -5.71 -52.18
N GLU B 46 10.22 -5.91 -52.01
CA GLU B 46 10.85 -7.10 -52.58
C GLU B 46 10.16 -8.37 -52.09
N ARG B 47 9.84 -8.43 -50.79
CA ARG B 47 9.18 -9.59 -50.23
C ARG B 47 7.85 -9.87 -50.92
N ALA B 48 7.04 -8.82 -51.10
CA ALA B 48 5.78 -8.97 -51.80
C ALA B 48 5.99 -9.47 -53.22
N VAL B 49 6.99 -8.91 -53.91
CA VAL B 49 7.29 -9.30 -55.30
C VAL B 49 7.65 -10.78 -55.38
N LEU B 50 8.53 -11.21 -54.52
CA LEU B 50 8.90 -12.57 -54.55
C LEU B 50 7.81 -13.50 -54.07
N MET B 51 7.01 -13.07 -53.33
N MET B 51 6.91 -13.09 -53.21
CA MET B 51 5.93 -13.89 -52.86
CA MET B 51 5.85 -14.01 -52.76
C MET B 51 4.87 -14.06 -53.92
C MET B 51 4.77 -14.17 -53.83
N THR B 52 4.65 -13.17 -54.67
CA THR B 52 3.74 -13.18 -55.77
C THR B 52 4.29 -14.10 -56.83
N GLU B 53 5.57 -14.05 -57.11
CA GLU B 53 6.19 -15.01 -58.03
C GLU B 53 5.96 -16.43 -57.56
N ALA B 54 6.19 -16.68 -56.28
CA ALA B 54 6.06 -18.03 -55.76
C ALA B 54 4.62 -18.50 -55.83
N TYR B 55 3.68 -17.62 -55.52
CA TYR B 55 2.28 -18.00 -55.61
C TYR B 55 1.87 -18.26 -57.04
N LYS B 56 2.19 -17.33 -57.94
CA LYS B 56 1.86 -17.55 -59.35
C LYS B 56 2.45 -18.85 -59.86
N LYS B 57 3.55 -19.29 -59.27
CA LYS B 57 4.17 -20.54 -59.67
C LYS B 57 3.49 -21.73 -59.01
N TYR B 58 3.16 -21.64 -57.72
CA TYR B 58 2.76 -22.83 -56.97
C TYR B 58 1.30 -22.87 -56.53
N GLU B 59 0.63 -21.74 -56.43
CA GLU B 59 -0.73 -21.72 -55.90
C GLU B 59 -1.64 -22.65 -56.68
N GLY B 60 -2.41 -23.45 -55.94
CA GLY B 60 -3.32 -24.39 -56.54
C GLY B 60 -2.71 -25.74 -56.81
N SER B 61 -1.40 -25.87 -56.66
CA SER B 61 -0.75 -27.14 -56.96
C SER B 61 -0.29 -27.88 -55.71
N VAL B 62 -0.27 -27.21 -54.56
CA VAL B 62 0.18 -27.80 -53.32
C VAL B 62 -0.80 -27.36 -52.23
N GLU B 63 -0.76 -28.07 -51.11
CA GLU B 63 -1.54 -27.62 -49.97
C GLU B 63 -0.93 -26.33 -49.43
N ILE B 64 -1.78 -25.50 -48.82
CA ILE B 64 -1.38 -24.15 -48.42
C ILE B 64 -0.12 -24.15 -47.54
N PRO B 65 0.03 -25.06 -46.57
CA PRO B 65 1.30 -25.05 -45.80
C PRO B 65 2.51 -25.16 -46.71
N VAL B 66 2.50 -26.10 -47.66
CA VAL B 66 3.63 -26.23 -48.56
C VAL B 66 3.79 -24.98 -49.40
N LEU B 67 2.67 -24.38 -49.80
CA LEU B 67 2.73 -23.14 -50.56
C LEU B 67 3.44 -22.05 -49.77
N ARG B 68 3.08 -21.90 -48.50
CA ARG B 68 3.77 -20.92 -47.66
C ARG B 68 5.25 -21.21 -47.60
N ALA B 69 5.60 -22.48 -47.33
CA ALA B 69 7.00 -22.86 -47.24
C ALA B 69 7.71 -22.64 -48.57
N LEU B 70 7.06 -22.98 -49.69
CA LEU B 70 7.71 -22.77 -50.99
C LEU B 70 7.90 -21.29 -51.28
N SER B 71 6.94 -20.46 -50.88
CA SER B 71 7.08 -19.03 -51.11
C SER B 71 8.21 -18.48 -50.26
N PHE B 72 8.27 -18.90 -49.00
CA PHE B 72 9.35 -18.46 -48.15
C PHE B 72 10.70 -18.85 -48.73
N LYS B 73 10.83 -20.12 -49.15
CA LYS B 73 12.09 -20.55 -49.75
C LYS B 73 12.43 -19.72 -50.98
N HIS B 74 11.44 -19.45 -51.81
CA HIS B 74 11.69 -18.61 -52.97
C HIS B 74 12.15 -17.23 -52.53
N TYR B 75 11.56 -16.72 -51.45
CA TYR B 75 11.92 -15.41 -50.92
C TYR B 75 13.36 -15.40 -50.41
N ILE B 76 13.74 -16.39 -49.59
CA ILE B 76 15.12 -16.46 -49.09
C ILE B 76 16.12 -16.67 -50.23
N GLU B 77 15.76 -17.47 -51.25
CA GLU B 77 16.68 -17.77 -52.34
C GLU B 77 17.01 -16.53 -53.18
N ASN B 78 16.07 -15.59 -53.30
CA ASN B 78 16.18 -14.52 -54.28
C ASN B 78 16.20 -13.13 -53.68
N ARG B 79 15.93 -12.98 -52.39
CA ARG B 79 15.97 -11.66 -51.81
C ARG B 79 17.39 -11.12 -51.81
N THR B 80 17.51 -9.81 -52.01
CA THR B 80 18.81 -9.16 -51.89
C THR B 80 19.23 -9.15 -50.43
N LEU B 81 20.16 -9.18 -50.07
CA LEU B 81 20.76 -9.44 -48.77
C LEU B 81 21.75 -8.33 -48.44
N SER B 82 22.01 -7.67 -47.52
CA SER B 82 22.86 -6.52 -47.26
C SER B 82 23.75 -6.81 -46.05
N ILE B 83 24.99 -6.39 -46.14
CA ILE B 83 25.91 -6.36 -45.02
C ILE B 83 26.28 -4.90 -44.83
N ASN B 84 25.72 -4.29 -43.79
CA ASN B 84 25.96 -2.87 -43.58
C ASN B 84 27.39 -2.63 -43.11
N ASP B 85 27.86 -1.41 -43.34
CA ASP B 85 29.23 -1.07 -43.00
C ASP B 85 29.48 -1.35 -41.52
N GLY B 86 30.40 -2.25 -41.23
CA GLY B 86 30.87 -2.56 -39.90
C GLY B 86 30.13 -3.65 -39.17
N GLU B 87 29.15 -4.29 -39.80
CA GLU B 87 28.33 -5.28 -39.11
C GLU B 87 29.16 -6.50 -38.74
N LEU B 88 28.81 -7.10 -37.60
CA LEU B 88 29.25 -8.43 -37.22
C LEU B 88 28.09 -9.42 -37.25
N ILE B 89 26.88 -8.97 -36.97
CA ILE B 89 25.66 -9.75 -37.17
C ILE B 89 24.97 -9.23 -38.41
N VAL B 90 24.61 -10.13 -39.31
CA VAL B 90 24.05 -9.76 -40.61
C VAL B 90 22.61 -10.26 -40.69
N GLY B 91 21.83 -9.57 -41.50
CA GLY B 91 20.45 -9.93 -41.75
C GLY B 91 19.52 -8.74 -41.58
N GLU B 92 18.78 -8.44 -42.64
CA GLU B 92 17.77 -7.40 -42.61
C GLU B 92 16.48 -8.00 -43.16
N LYS B 93 15.35 -7.62 -42.56
CA LYS B 93 14.06 -8.01 -43.10
C LYS B 93 13.83 -7.39 -44.46
N GLY B 94 14.14 -6.11 -44.59
CA GLY B 94 13.87 -5.37 -45.79
C GLY B 94 15.10 -5.18 -46.63
N ASP B 95 15.03 -4.17 -47.50
CA ASP B 95 16.12 -3.87 -48.41
C ASP B 95 17.29 -3.25 -47.66
N SER B 96 16.99 -2.49 -46.61
CA SER B 96 17.98 -1.69 -45.90
C SER B 96 17.46 -1.46 -44.50
N PRO B 97 18.29 -0.95 -43.58
CA PRO B 97 17.79 -0.67 -42.23
C PRO B 97 16.54 0.20 -42.28
N ASN B 98 15.56 -0.15 -41.42
CA ASN B 98 14.24 0.48 -41.32
C ASN B 98 13.36 0.28 -42.57
N GLY B 99 13.67 -0.71 -43.39
CA GLY B 99 12.82 -1.06 -44.50
C GLY B 99 11.89 -2.19 -44.13
N ALA B 100 10.61 -1.90 -43.96
CA ALA B 100 9.67 -2.95 -43.58
C ALA B 100 9.16 -3.67 -44.82
N PRO B 101 9.22 -4.99 -44.87
CA PRO B 101 8.56 -5.71 -45.98
C PRO B 101 7.06 -5.55 -45.90
N THR B 102 6.40 -5.85 -47.01
CA THR B 102 4.95 -5.84 -47.05
C THR B 102 4.42 -7.26 -47.01
N TYR B 103 3.18 -7.39 -46.57
CA TYR B 103 2.58 -8.69 -46.29
C TYR B 103 1.21 -8.74 -46.94
N PRO B 104 1.15 -8.71 -48.26
CA PRO B 104 -0.15 -8.67 -48.93
C PRO B 104 -0.98 -9.92 -48.71
N GLU B 105 -0.37 -11.03 -48.31
CA GLU B 105 -1.16 -12.22 -48.05
C GLU B 105 -2.06 -12.06 -46.82
N ILE B 106 -1.74 -11.10 -45.96
CA ILE B 106 -2.50 -10.82 -44.75
C ILE B 106 -3.37 -9.61 -44.99
N CYS B 107 -2.74 -8.49 -45.26
CA CYS B 107 -3.42 -7.25 -45.61
C CYS B 107 -2.76 -6.76 -46.89
N CYS B 108 -3.53 -6.74 -47.97
CA CYS B 108 -3.05 -6.15 -49.20
C CYS B 108 -3.49 -4.69 -49.19
N HIS B 109 -2.53 -3.79 -49.06
CA HIS B 109 -2.86 -2.38 -48.93
C HIS B 109 -3.52 -1.86 -50.19
N THR B 110 -4.50 -0.98 -50.01
CA THR B 110 -5.00 -0.20 -51.12
C THR B 110 -3.98 0.88 -51.47
N MET B 111 -4.12 1.45 -52.67
CA MET B 111 -3.29 2.61 -52.99
C MET B 111 -3.53 3.73 -51.99
N GLU B 112 -4.76 3.84 -51.50
CA GLU B 112 -5.10 4.83 -50.49
C GLU B 112 -4.36 4.52 -49.18
N ASP B 113 -4.22 3.22 -48.83
CA ASP B 113 -3.41 2.87 -47.67
C ASP B 113 -1.98 3.37 -47.81
N LEU B 114 -1.38 3.15 -48.99
CA LEU B 114 -0.01 3.59 -49.21
C LEU B 114 0.09 5.10 -49.10
N GLU B 115 -0.90 5.82 -49.63
CA GLU B 115 -0.85 7.27 -49.53
C GLU B 115 -0.87 7.68 -48.06
N VAL B 116 -1.76 7.07 -47.28
CA VAL B 116 -1.88 7.43 -45.87
C VAL B 116 -0.59 7.15 -45.14
N MET B 117 -0.04 5.93 -45.27
CA MET B 117 1.15 5.60 -44.49
C MET B 117 2.36 6.40 -44.92
N HIS B 118 2.38 6.91 -46.16
CA HIS B 118 3.50 7.72 -46.58
C HIS B 118 3.42 9.12 -46.02
N ASN B 119 2.21 9.62 -45.89
CA ASN B 119 2.01 10.97 -45.47
C ASN B 119 1.55 11.26 -44.08
N ARG B 120 1.32 10.26 -43.26
CA ARG B 120 0.84 10.57 -41.94
C ARG B 120 1.90 11.24 -41.09
N ASP B 121 1.46 11.97 -40.07
CA ASP B 121 2.37 12.72 -39.27
C ASP B 121 3.17 11.83 -38.41
N ILE B 122 2.58 10.76 -37.92
CA ILE B 122 3.34 9.84 -37.13
C ILE B 122 3.25 8.44 -37.65
N ILE B 123 4.30 7.68 -37.36
CA ILE B 123 4.40 6.28 -37.77
C ILE B 123 4.21 6.18 -39.28
N ASN B 124 4.83 7.10 -40.01
CA ASN B 124 4.77 7.02 -41.44
C ASN B 124 5.85 6.08 -41.94
N PHE B 125 5.63 5.57 -43.15
CA PHE B 125 6.59 4.76 -43.86
C PHE B 125 6.74 5.36 -45.24
N SER B 126 7.97 5.60 -45.66
CA SER B 126 8.15 6.13 -46.99
C SER B 126 7.83 5.04 -48.00
N VAL B 127 7.00 5.36 -48.96
CA VAL B 127 6.68 4.47 -50.06
C VAL B 127 7.36 5.05 -51.28
N SER B 128 8.46 4.43 -51.70
CA SER B 128 9.15 4.91 -52.87
C SER B 128 8.26 4.76 -54.11
N GLU B 129 8.58 5.47 -55.15
CA GLU B 129 7.84 5.37 -56.37
C GLU B 129 7.96 3.98 -56.95
N GLU B 130 9.12 3.37 -56.84
CA GLU B 130 9.26 2.06 -57.36
C GLU B 130 8.39 1.12 -56.56
N ALA B 131 8.37 1.26 -55.25
CA ALA B 131 7.53 0.40 -54.42
C ALA B 131 6.05 0.66 -54.68
N ARG B 132 5.66 1.92 -54.84
CA ARG B 132 4.27 2.24 -55.13
C ARG B 132 3.83 1.58 -56.42
N LYS B 133 4.61 1.77 -57.49
CA LYS B 133 4.26 1.25 -58.81
C LYS B 133 4.13 -0.27 -58.77
N ILE B 134 5.09 -0.95 -58.14
CA ILE B 134 5.05 -2.40 -58.06
C ILE B 134 3.84 -2.87 -57.24
N HIS B 135 3.54 -2.20 -56.13
CA HIS B 135 2.39 -2.61 -55.35
C HIS B 135 1.10 -2.47 -56.15
N LYS B 136 0.97 -1.39 -56.93
CA LYS B 136 -0.25 -1.17 -57.69
C LYS B 136 -0.40 -2.20 -58.80
N GLU B 137 0.70 -2.52 -59.48
CA GLU B 137 0.65 -3.27 -60.72
C GLU B 137 0.83 -4.76 -60.56
N GLU B 138 1.64 -5.19 -59.60
CA GLU B 138 1.95 -6.59 -59.41
C GLU B 138 1.32 -7.17 -58.15
N ILE B 139 1.16 -6.37 -57.11
CA ILE B 139 0.75 -6.90 -55.82
C ILE B 139 -0.76 -6.89 -55.69
N ILE B 140 -1.39 -5.72 -55.85
CA ILE B 140 -2.84 -5.63 -55.68
C ILE B 140 -3.61 -6.57 -56.60
N PRO B 141 -3.38 -6.61 -57.92
CA PRO B 141 -4.24 -7.46 -58.76
C PRO B 141 -4.24 -8.88 -58.31
N PHE B 142 -3.17 -9.33 -57.68
CA PHE B 142 -3.11 -10.71 -57.25
C PHE B 142 -3.61 -10.91 -55.83
N TRP B 143 -3.31 -9.97 -54.95
CA TRP B 143 -3.50 -10.19 -53.53
C TRP B 143 -4.77 -9.58 -52.99
N LYS B 144 -5.39 -8.65 -53.65
CA LYS B 144 -6.59 -8.07 -53.09
C LYS B 144 -7.68 -9.08 -52.77
N LYS B 145 -7.71 -10.16 -53.53
CA LYS B 145 -8.64 -11.25 -53.45
C LYS B 145 -8.27 -12.19 -52.36
N ARG B 146 -7.00 -12.51 -52.36
CA ARG B 146 -6.47 -13.50 -51.50
C ARG B 146 -6.13 -13.09 -50.10
N GLN B 147 -6.06 -11.82 -49.85
CA GLN B 147 -5.62 -11.37 -48.53
C GLN B 147 -6.54 -11.93 -47.45
N THR B 148 -5.92 -12.37 -46.35
CA THR B 148 -6.67 -12.97 -45.27
C THR B 148 -7.61 -11.95 -44.64
N ARG B 149 -7.28 -10.67 -44.71
CA ARG B 149 -8.13 -9.65 -44.10
C ARG B 149 -9.53 -9.69 -44.69
N ASP B 150 -9.63 -9.77 -46.01
CA ASP B 150 -10.94 -9.79 -46.63
C ASP B 150 -11.69 -11.07 -46.35
N LYS B 151 -11.00 -12.21 -46.25
CA LYS B 151 -11.64 -13.42 -45.79
C LYS B 151 -12.30 -13.20 -44.43
N ILE B 152 -11.63 -12.46 -43.55
CA ILE B 152 -12.13 -12.25 -42.20
C ILE B 152 -13.37 -11.36 -42.22
N ILE B 153 -13.26 -10.18 -42.82
CA ILE B 153 -14.35 -9.20 -42.79
C ILE B 153 -15.61 -9.76 -43.44
N ASN B 154 -15.46 -10.47 -44.57
CA ASN B 154 -16.63 -11.04 -45.24
C ASN B 154 -17.30 -12.14 -44.43
N ALA B 155 -16.58 -12.78 -43.51
CA ALA B 155 -17.12 -13.88 -42.75
C ALA B 155 -17.70 -13.46 -41.40
N MET B 156 -17.63 -12.18 -41.07
CA MET B 156 -18.07 -11.68 -39.78
C MET B 156 -19.57 -11.39 -39.79
N THR B 157 -20.21 -11.59 -38.64
CA THR B 157 -21.64 -11.36 -38.54
C THR B 157 -21.93 -9.86 -38.55
N PRO B 158 -23.16 -9.46 -38.90
CA PRO B 158 -23.50 -8.04 -38.82
C PRO B 158 -23.24 -7.45 -37.43
N GLU B 159 -23.53 -8.22 -36.39
CA GLU B 159 -23.30 -7.75 -35.04
C GLU B 159 -21.81 -7.50 -34.79
N TRP B 160 -20.96 -8.37 -35.33
CA TRP B 160 -19.51 -8.19 -35.20
C TRP B 160 -19.03 -6.95 -35.93
N LEU B 161 -19.43 -6.76 -37.19
CA LEU B 161 -19.00 -5.57 -37.90
C LEU B 161 -19.47 -4.31 -37.18
N ALA B 162 -20.68 -4.34 -36.63
CA ALA B 162 -21.18 -3.19 -35.89
C ALA B 162 -20.32 -2.92 -34.67
N ALA B 163 -20.08 -3.97 -33.87
CA ALA B 163 -19.26 -3.81 -32.68
C ALA B 163 -17.85 -3.37 -33.06
N TYR B 164 -17.27 -3.98 -34.10
CA TYR B 164 -15.93 -3.60 -34.55
C TYR B 164 -15.89 -2.15 -35.00
N GLU B 165 -16.84 -1.73 -35.84
CA GLU B 165 -16.81 -0.37 -36.32
C GLU B 165 -17.06 0.61 -35.20
N ALA B 166 -17.84 0.20 -34.19
CA ALA B 166 -18.17 1.02 -33.02
C ALA B 166 -17.06 1.07 -31.98
N GLY B 167 -15.94 0.39 -32.19
CA GLY B 167 -14.88 0.40 -31.21
C GLY B 167 -15.16 -0.44 -29.98
N MET B 168 -16.05 -1.44 -30.08
CA MET B 168 -16.27 -2.31 -28.95
C MET B 168 -15.06 -3.19 -28.71
N PHE B 169 -14.39 -3.56 -29.78
CA PHE B 169 -13.20 -4.38 -29.70
C PHE B 169 -12.39 -4.14 -30.97
N THR B 170 -11.20 -4.73 -30.99
CA THR B 170 -10.36 -4.72 -32.17
C THR B 170 -10.10 -6.15 -32.61
N GLU B 171 -9.54 -6.28 -33.80
CA GLU B 171 -9.24 -7.59 -34.37
C GLU B 171 -7.75 -7.65 -34.67
N PHE B 172 -7.04 -8.48 -33.93
CA PHE B 172 -5.59 -8.52 -34.09
C PHE B 172 -5.17 -9.08 -35.43
N MET B 173 -5.97 -9.96 -36.01
CA MET B 173 -5.59 -10.68 -37.21
C MET B 173 -6.11 -10.02 -38.48
N GLU B 174 -6.62 -8.78 -38.42
CA GLU B 174 -6.99 -8.16 -39.68
C GLU B 174 -5.76 -7.76 -40.49
N GLN B 175 -4.69 -7.33 -39.84
CA GLN B 175 -3.53 -6.87 -40.58
C GLN B 175 -2.23 -7.56 -40.20
N ARG B 176 -2.27 -8.52 -39.28
CA ARG B 176 -1.06 -9.21 -38.85
C ARG B 176 -1.39 -10.66 -38.57
N ALA B 177 -0.40 -11.51 -38.71
CA ALA B 177 -0.58 -12.91 -38.39
C ALA B 177 -0.54 -13.09 -36.88
N PRO B 178 -1.17 -14.16 -36.37
CA PRO B 178 -1.19 -14.37 -34.92
C PRO B 178 0.17 -14.16 -34.27
N GLY B 179 1.20 -14.84 -34.77
CA GLY B 179 2.53 -14.70 -34.22
C GLY B 179 2.50 -14.69 -32.71
N HIS B 180 3.02 -13.61 -32.14
CA HIS B 180 2.98 -13.38 -30.70
C HIS B 180 3.64 -14.54 -29.96
N THR B 181 4.82 -14.93 -30.43
CA THR B 181 5.52 -16.03 -29.81
C THR B 181 6.98 -15.64 -29.61
N VAL B 182 7.69 -16.53 -28.91
CA VAL B 182 9.03 -16.27 -28.45
C VAL B 182 9.91 -17.48 -28.71
N CYS B 183 11.15 -17.23 -29.12
CA CYS B 183 12.08 -18.31 -29.35
C CYS B 183 12.37 -19.06 -28.06
N GLY B 184 12.38 -20.36 -28.15
CA GLY B 184 12.86 -21.19 -27.08
C GLY B 184 14.32 -21.50 -27.34
N ASP B 185 14.77 -22.69 -26.99
CA ASP B 185 16.19 -23.00 -27.11
C ASP B 185 16.52 -23.89 -28.28
N THR B 186 15.53 -24.29 -29.08
CA THR B 186 15.80 -25.26 -30.14
C THR B 186 16.93 -24.78 -31.04
N ILE B 187 16.91 -23.50 -31.41
CA ILE B 187 17.91 -23.02 -32.36
C ILE B 187 19.34 -22.95 -31.83
N TYR B 188 19.57 -23.06 -30.53
CA TYR B 188 20.94 -23.14 -30.02
C TYR B 188 21.42 -24.56 -29.83
N LYS B 189 20.50 -25.51 -29.78
CA LYS B 189 20.87 -26.91 -29.65
C LYS B 189 20.88 -27.64 -30.98
N LYS B 190 20.18 -27.12 -31.99
CA LYS B 190 20.02 -27.74 -33.28
C LYS B 190 20.08 -26.68 -34.38
N GLY B 191 20.66 -27.07 -35.51
CA GLY B 191 20.52 -26.30 -36.72
C GLY B 191 19.29 -26.77 -37.51
N PHE B 192 19.02 -26.07 -38.61
CA PHE B 192 17.89 -26.44 -39.44
C PHE B 192 18.13 -27.72 -40.25
N LEU B 193 19.38 -28.13 -40.45
CA LEU B 193 19.62 -29.45 -41.03
C LEU B 193 19.20 -30.51 -40.03
N ASP B 194 19.46 -30.28 -38.74
CA ASP B 194 19.01 -31.21 -37.71
C ASP B 194 17.49 -31.21 -37.64
N LEU B 195 16.88 -30.02 -37.71
CA LEU B 195 15.43 -29.94 -37.66
C LEU B 195 14.80 -30.59 -38.86
N LYS B 196 15.41 -30.43 -40.04
CA LYS B 196 14.89 -31.08 -41.22
C LYS B 196 14.94 -32.58 -41.05
N LYS B 197 15.99 -33.10 -40.43
CA LYS B 197 16.09 -34.53 -40.17
C LYS B 197 14.96 -34.98 -39.24
N ASP B 198 14.66 -34.19 -38.21
CA ASP B 198 13.54 -34.50 -37.34
C ASP B 198 12.25 -34.54 -38.13
N ILE B 199 12.07 -33.58 -39.03
CA ILE B 199 10.87 -33.57 -39.84
C ILE B 199 10.85 -34.80 -40.74
N GLU B 200 11.98 -35.13 -41.37
CA GLU B 200 11.98 -36.28 -42.26
C GLU B 200 11.69 -37.57 -41.51
N ALA B 201 12.20 -37.68 -40.28
CA ALA B 201 11.89 -38.84 -39.46
C ALA B 201 10.39 -38.91 -39.15
N ARG B 202 9.76 -37.75 -38.96
CA ARG B 202 8.31 -37.72 -38.72
C ARG B 202 7.54 -38.18 -39.95
N LEU B 203 7.92 -37.69 -41.13
CA LEU B 203 7.25 -38.08 -42.37
C LEU B 203 7.28 -39.59 -42.55
N LYS B 204 8.44 -40.19 -42.30
CA LYS B 204 8.59 -41.62 -42.50
C LYS B 204 7.72 -42.42 -41.54
N GLU B 205 7.27 -41.84 -40.44
CA GLU B 205 6.52 -42.62 -39.47
C GLU B 205 5.02 -42.33 -39.53
N LEU B 206 4.58 -41.47 -40.43
CA LEU B 206 3.16 -41.20 -40.60
C LEU B 206 2.43 -42.47 -41.02
N ASP B 207 1.39 -42.83 -40.27
CA ASP B 207 0.55 -44.03 -40.50
C ASP B 207 -0.74 -43.62 -41.20
N PHE B 208 -0.77 -43.77 -42.52
CA PHE B 208 -1.97 -43.43 -43.27
C PHE B 208 -3.05 -44.49 -43.25
N LEU B 209 -2.79 -45.66 -42.67
CA LEU B 209 -3.84 -46.66 -42.52
C LEU B 209 -4.73 -46.34 -41.33
N ASN B 210 -4.13 -45.98 -40.20
CA ASN B 210 -4.84 -45.85 -38.95
C ASN B 210 -4.94 -44.44 -38.43
N ASP B 211 -4.03 -43.56 -38.84
CA ASP B 211 -4.07 -42.18 -38.42
C ASP B 211 -4.89 -41.42 -39.47
N LEU B 212 -6.15 -41.17 -39.16
CA LEU B 212 -6.99 -40.46 -40.11
C LEU B 212 -6.55 -39.01 -40.29
N ASP B 213 -5.71 -38.51 -39.40
CA ASP B 213 -5.16 -37.17 -39.54
C ASP B 213 -3.82 -37.15 -40.28
N ALA B 214 -3.34 -38.30 -40.76
CA ALA B 214 -1.97 -38.34 -41.30
C ALA B 214 -1.79 -37.36 -42.45
N TYR B 215 -2.83 -37.15 -43.26
CA TYR B 215 -2.68 -36.26 -44.40
C TYR B 215 -2.35 -34.86 -43.96
N ASN B 216 -3.09 -34.32 -43.01
CA ASN B 216 -2.81 -32.97 -42.56
C ASN B 216 -1.43 -32.89 -41.94
N LYS B 217 -1.02 -33.93 -41.24
CA LYS B 217 0.33 -33.98 -40.69
C LYS B 217 1.37 -33.96 -41.81
N LYS B 218 1.14 -34.72 -42.88
CA LYS B 218 2.12 -34.77 -43.96
C LYS B 218 2.29 -33.40 -44.59
N ALA B 219 1.17 -32.70 -44.79
CA ALA B 219 1.22 -31.38 -45.39
C ALA B 219 2.03 -30.42 -44.53
N ASP B 220 1.77 -30.43 -43.22
CA ASP B 220 2.50 -29.54 -42.33
C ASP B 220 3.98 -29.89 -42.27
N LEU B 221 4.29 -31.18 -42.10
CA LEU B 221 5.68 -31.60 -42.00
C LEU B 221 6.43 -31.33 -43.30
N GLU B 222 5.84 -31.65 -44.44
CA GLU B 222 6.51 -31.37 -45.70
C GLU B 222 6.84 -29.90 -45.82
N ALA B 223 5.94 -29.04 -45.36
CA ALA B 223 6.17 -27.62 -45.41
C ALA B 223 7.31 -27.21 -44.47
N MET B 224 7.33 -27.77 -43.26
CA MET B 224 8.40 -27.43 -42.34
C MET B 224 9.76 -27.82 -42.89
N ALA B 225 9.84 -28.97 -43.55
CA ALA B 225 11.11 -29.41 -44.13
C ALA B 225 11.59 -28.41 -45.16
N ILE B 226 10.68 -27.89 -45.97
CA ILE B 226 11.04 -26.86 -46.93
C ILE B 226 11.52 -25.62 -46.19
N ALA B 227 10.90 -25.31 -45.06
CA ALA B 227 11.32 -24.16 -44.29
C ALA B 227 12.77 -24.30 -43.83
N CYS B 228 13.16 -25.51 -43.41
CA CYS B 228 14.55 -25.74 -43.02
C CYS B 228 15.51 -25.47 -44.17
N ASP B 229 15.22 -26.01 -45.35
CA ASP B 229 16.05 -25.73 -46.52
C ASP B 229 16.17 -24.23 -46.76
N ALA B 230 15.09 -23.48 -46.55
CA ALA B 230 15.17 -22.05 -46.75
C ALA B 230 16.18 -21.43 -45.79
N MET B 231 16.17 -21.85 -44.53
CA MET B 231 17.12 -21.31 -43.58
C MET B 231 18.54 -21.63 -43.97
N VAL B 232 18.78 -22.86 -44.45
CA VAL B 232 20.11 -23.26 -44.87
C VAL B 232 20.60 -22.38 -46.01
N ILE B 233 19.70 -22.09 -46.95
CA ILE B 233 20.05 -21.21 -48.07
C ILE B 233 20.40 -19.82 -47.56
N LEU B 234 19.69 -19.34 -46.53
CA LEU B 234 19.98 -18.02 -45.99
C LEU B 234 21.42 -17.96 -45.46
N GLY B 235 21.84 -19.01 -44.77
CA GLY B 235 23.21 -19.05 -44.27
C GLY B 235 24.22 -19.18 -45.38
N LYS B 236 23.95 -20.08 -46.33
CA LYS B 236 24.84 -20.23 -47.47
C LYS B 236 24.99 -18.90 -48.22
N ARG B 237 23.88 -18.20 -48.45
CA ARG B 237 23.92 -16.98 -49.24
C ARG B 237 24.69 -15.87 -48.55
N TYR B 238 24.50 -15.71 -47.25
CA TYR B 238 25.22 -14.64 -46.57
C TYR B 238 26.71 -14.96 -46.47
N ALA B 239 27.05 -16.23 -46.27
CA ALA B 239 28.47 -16.62 -46.26
C ALA B 239 29.13 -16.30 -47.59
N GLU B 240 28.45 -16.59 -48.70
CA GLU B 240 28.95 -16.21 -50.01
C GLU B 240 29.09 -14.69 -50.13
N LYS B 241 28.09 -13.95 -49.63
CA LYS B 241 28.11 -12.50 -49.70
C LYS B 241 29.26 -11.93 -48.87
N ALA B 242 29.50 -12.48 -47.67
CA ALA B 242 30.60 -11.98 -46.85
C ALA B 242 31.95 -12.26 -47.52
N ARG B 243 32.14 -13.48 -48.04
CA ARG B 243 33.40 -13.78 -48.71
C ARG B 243 33.57 -12.94 -49.96
N GLN B 244 32.49 -12.70 -50.67
CA GLN B 244 32.60 -11.93 -51.89
C GLN B 244 33.02 -10.50 -51.59
N MET B 245 32.54 -9.95 -50.48
CA MET B 245 32.91 -8.59 -50.10
C MET B 245 34.32 -8.52 -49.50
N ALA B 246 34.77 -9.59 -48.87
CA ALA B 246 36.11 -9.59 -48.30
C ALA B 246 37.16 -9.56 -49.41
N GLU B 247 36.91 -10.29 -50.51
CA GLU B 247 37.88 -10.27 -51.61
C GLU B 247 38.00 -8.89 -52.23
N GLU B 248 37.03 -8.02 -52.03
CA GLU B 248 37.07 -6.68 -52.58
C GLU B 248 37.45 -5.62 -51.54
N GLU B 249 37.51 -5.98 -50.26
CA GLU B 249 37.73 -4.99 -49.23
C GLU B 249 39.22 -4.67 -49.12
N THR B 250 39.55 -3.37 -49.16
CA THR B 250 40.96 -2.97 -49.05
C THR B 250 41.37 -2.66 -47.62
N ASP B 251 40.42 -2.61 -46.68
CA ASP B 251 40.62 -2.35 -45.26
C ASP B 251 40.79 -3.68 -44.54
N GLU B 252 42.03 -4.16 -44.46
CA GLU B 252 42.35 -5.40 -43.76
C GLU B 252 41.46 -5.70 -42.54
N ALA B 253 41.05 -4.68 -41.78
CA ALA B 253 40.19 -4.91 -40.62
C ALA B 253 38.77 -5.26 -41.04
N LYS B 254 38.20 -4.50 -41.99
CA LYS B 254 36.90 -4.84 -42.54
C LYS B 254 36.96 -6.20 -43.25
N LYS B 255 38.07 -6.51 -43.92
CA LYS B 255 38.22 -7.83 -44.53
C LYS B 255 38.11 -8.92 -43.49
N LYS B 256 38.77 -8.75 -42.33
CA LYS B 256 38.69 -9.77 -41.30
C LYS B 256 37.29 -9.85 -40.72
N ASP B 257 36.58 -8.72 -40.63
CA ASP B 257 35.18 -8.74 -40.17
C ASP B 257 34.31 -9.58 -41.09
N LEU B 258 34.47 -9.37 -42.40
CA LEU B 258 33.71 -10.11 -43.39
C LEU B 258 34.05 -11.60 -43.35
N LEU B 259 35.34 -11.92 -43.22
CA LEU B 259 35.73 -13.31 -43.05
C LEU B 259 35.12 -13.88 -41.78
N LEU B 260 34.94 -13.05 -40.75
CA LEU B 260 34.33 -13.56 -39.54
C LEU B 260 32.85 -13.88 -39.78
N ILE B 261 32.16 -12.99 -40.50
CA ILE B 261 30.78 -13.23 -40.86
C ILE B 261 30.66 -14.53 -41.68
N ALA B 262 31.48 -14.66 -42.71
CA ALA B 262 31.41 -15.84 -43.56
C ALA B 262 31.65 -17.10 -42.74
N GLU B 263 32.66 -17.08 -41.88
CA GLU B 263 32.89 -18.24 -41.03
C GLU B 263 31.70 -18.49 -40.11
N THR B 264 31.01 -17.43 -39.68
CA THR B 264 29.81 -17.59 -38.85
C THR B 264 28.67 -18.21 -39.67
N CYS B 265 28.41 -17.66 -40.84
CA CYS B 265 27.33 -18.15 -41.67
C CYS B 265 27.65 -19.53 -42.27
N ASP B 266 28.90 -19.96 -42.25
CA ASP B 266 29.18 -21.35 -42.59
C ASP B 266 28.54 -22.29 -41.59
N VAL B 267 28.32 -21.82 -40.36
CA VAL B 267 27.76 -22.66 -39.29
C VAL B 267 26.26 -22.46 -39.19
N VAL B 268 25.84 -21.22 -38.97
CA VAL B 268 24.45 -20.91 -38.67
C VAL B 268 23.79 -20.29 -39.89
N PRO B 269 22.50 -20.60 -40.18
CA PRO B 269 21.62 -21.43 -39.37
C PRO B 269 21.57 -22.92 -39.71
N ALA B 270 22.40 -23.39 -40.63
CA ALA B 270 22.30 -24.79 -41.03
C ALA B 270 22.67 -25.72 -39.88
N HIS B 271 23.72 -25.38 -39.13
CA HIS B 271 24.16 -26.16 -37.99
C HIS B 271 23.94 -25.40 -36.70
N LYS B 272 23.99 -26.12 -35.60
CA LYS B 272 23.83 -25.48 -34.31
C LYS B 272 25.01 -24.53 -34.08
N PRO B 273 24.78 -23.41 -33.41
CA PRO B 273 25.89 -22.51 -33.12
C PRO B 273 26.90 -23.19 -32.21
N GLU B 274 28.18 -22.94 -32.51
CA GLU B 274 29.25 -23.37 -31.64
C GLU B 274 29.83 -22.22 -30.86
N THR B 275 29.58 -20.99 -31.29
CA THR B 275 30.15 -19.83 -30.62
C THR B 275 29.06 -18.85 -30.24
N TYR B 276 29.41 -18.02 -29.26
CA TYR B 276 28.54 -16.93 -28.83
C TYR B 276 28.13 -16.09 -30.03
N HIS B 277 29.13 -15.70 -30.83
CA HIS B 277 28.86 -14.95 -32.04
C HIS B 277 27.88 -15.70 -32.93
N GLN B 278 28.11 -17.00 -33.11
CA GLN B 278 27.24 -17.80 -33.97
C GLN B 278 25.83 -17.95 -33.36
N ALA B 279 25.73 -18.12 -32.04
CA ALA B 279 24.41 -18.19 -31.40
C ALA B 279 23.62 -16.92 -31.67
N ILE B 280 24.29 -15.78 -31.63
CA ILE B 280 23.60 -14.53 -31.89
C ILE B 280 23.17 -14.45 -33.34
N GLN B 281 24.08 -14.81 -34.27
CA GLN B 281 23.73 -14.78 -35.68
C GLN B 281 22.65 -15.80 -35.96
N MET B 282 22.73 -16.96 -35.32
CA MET B 282 21.66 -17.95 -35.45
C MET B 282 20.32 -17.37 -35.03
N TYR B 283 20.25 -16.78 -33.83
CA TYR B 283 18.99 -16.16 -33.43
C TYR B 283 18.55 -15.14 -34.46
N TRP B 284 19.45 -14.24 -34.87
CA TRP B 284 18.98 -13.17 -35.72
C TRP B 284 18.51 -13.70 -37.07
N PHE B 285 19.14 -14.77 -37.56
CA PHE B 285 18.68 -15.38 -38.81
C PHE B 285 17.26 -15.93 -38.67
N VAL B 286 17.02 -16.71 -37.60
CA VAL B 286 15.68 -17.18 -37.32
C VAL B 286 14.72 -16.02 -37.19
N HIS B 287 15.18 -14.93 -36.55
CA HIS B 287 14.36 -13.73 -36.40
C HIS B 287 14.01 -13.17 -37.77
N ILE B 288 15.00 -13.06 -38.63
CA ILE B 288 14.73 -12.57 -39.98
C ILE B 288 13.73 -13.50 -40.67
N GLY B 289 13.93 -14.81 -40.52
CA GLY B 289 13.05 -15.78 -41.10
C GLY B 289 11.61 -15.66 -40.66
N VAL B 290 11.35 -15.80 -39.35
CA VAL B 290 9.96 -15.91 -38.92
C VAL B 290 9.22 -14.60 -39.09
N THR B 291 9.91 -13.47 -39.03
CA THR B 291 9.22 -12.19 -39.23
C THR B 291 9.07 -11.81 -40.70
N THR B 292 9.77 -12.51 -41.61
CA THR B 292 9.45 -12.40 -43.03
C THR B 292 8.55 -13.53 -43.53
N GLU B 293 8.46 -14.64 -42.79
CA GLU B 293 7.45 -15.64 -43.12
C GLU B 293 6.05 -15.04 -43.03
N LEU B 294 5.77 -14.31 -41.96
CA LEU B 294 4.49 -13.68 -41.76
C LEU B 294 4.71 -12.40 -40.96
N ASN B 295 3.84 -11.41 -41.14
CA ASN B 295 3.93 -10.21 -40.33
C ASN B 295 3.35 -10.54 -38.96
N ILE B 296 4.14 -11.23 -38.17
CA ILE B 296 3.63 -11.79 -36.93
C ILE B 296 3.69 -10.74 -35.84
N TRP B 297 2.67 -10.71 -35.00
CA TRP B 297 2.68 -9.81 -33.86
C TRP B 297 3.90 -10.04 -33.01
N ASP B 298 4.45 -8.95 -32.46
CA ASP B 298 5.58 -9.00 -31.56
C ASP B 298 6.82 -9.58 -32.23
N ALA B 299 6.87 -9.46 -33.55
CA ALA B 299 8.01 -9.85 -34.36
C ALA B 299 8.57 -11.18 -33.89
N PHE B 300 9.77 -11.15 -33.34
CA PHE B 300 10.34 -12.30 -32.67
C PHE B 300 11.31 -11.78 -31.63
N THR B 301 11.64 -12.63 -30.68
CA THR B 301 12.56 -12.28 -29.62
C THR B 301 13.30 -13.54 -29.20
N PRO B 302 14.57 -13.43 -28.77
CA PRO B 302 15.22 -14.60 -28.19
C PRO B 302 14.68 -14.96 -26.81
N GLY B 303 13.80 -14.13 -26.24
CA GLY B 303 13.24 -14.39 -24.94
C GLY B 303 14.29 -14.33 -23.85
N ARG B 304 14.62 -15.48 -23.26
CA ARG B 304 15.63 -15.56 -22.20
C ARG B 304 17.04 -15.53 -22.82
N LEU B 305 17.34 -14.40 -23.48
CA LEU B 305 18.59 -14.25 -24.21
C LEU B 305 19.79 -14.55 -23.33
N ASP B 306 19.77 -14.06 -22.08
CA ASP B 306 20.92 -14.29 -21.21
C ASP B 306 21.08 -15.76 -20.87
N GLN B 307 19.98 -16.52 -20.79
CA GLN B 307 20.09 -17.96 -20.56
C GLN B 307 20.70 -18.65 -21.76
N HIS B 308 20.31 -18.24 -22.96
CA HIS B 308 20.81 -18.91 -24.14
C HIS B 308 22.26 -18.52 -24.44
N LEU B 309 22.61 -17.25 -24.25
CA LEU B 309 23.95 -16.81 -24.60
C LEU B 309 24.98 -17.22 -23.56
N ASN B 310 24.59 -17.36 -22.29
CA ASN B 310 25.58 -17.53 -21.24
C ASN B 310 26.48 -18.73 -21.44
N PRO B 311 25.98 -19.94 -21.72
CA PRO B 311 26.90 -21.07 -21.94
C PRO B 311 27.89 -20.85 -23.08
N PHE B 312 27.50 -20.14 -24.14
CA PHE B 312 28.44 -19.85 -25.21
C PHE B 312 29.50 -18.87 -24.75
N TYR B 313 29.07 -17.84 -24.02
CA TYR B 313 29.98 -16.84 -23.49
C TYR B 313 31.08 -17.50 -22.68
N GLU B 314 30.70 -18.38 -21.75
CA GLU B 314 31.66 -19.04 -20.90
C GLU B 314 32.62 -19.90 -21.71
N ARG B 315 32.08 -20.66 -22.65
CA ARG B 315 32.92 -21.53 -23.46
C ARG B 315 33.87 -20.71 -24.33
N ASP B 316 33.43 -19.54 -24.79
CA ASP B 316 34.26 -18.75 -25.69
C ASP B 316 35.40 -18.03 -24.95
N VAL B 317 35.14 -17.44 -23.78
CA VAL B 317 36.23 -16.78 -23.07
C VAL B 317 37.24 -17.82 -22.58
N GLU B 318 36.75 -18.98 -22.15
CA GLU B 318 37.64 -20.06 -21.74
C GLU B 318 38.51 -20.52 -22.91
N ASN B 319 38.00 -20.42 -24.14
CA ASN B 319 38.79 -20.76 -25.31
C ASN B 319 39.57 -19.57 -25.84
N GLY B 320 39.52 -18.43 -25.16
CA GLY B 320 40.24 -17.26 -25.61
C GLY B 320 39.80 -16.66 -26.92
N ILE B 321 38.59 -16.92 -27.33
CA ILE B 321 38.13 -16.39 -28.58
C ILE B 321 37.17 -15.28 -28.42
N LEU B 322 36.90 -14.96 -27.18
CA LEU B 322 35.90 -13.95 -26.87
C LEU B 322 36.23 -13.37 -25.51
N ASP B 323 35.98 -12.08 -25.35
CA ASP B 323 36.04 -11.45 -24.05
C ASP B 323 34.78 -10.61 -23.84
N ARG B 324 34.68 -10.00 -22.65
CA ARG B 324 33.47 -9.25 -22.31
C ARG B 324 33.24 -8.12 -23.29
N ASP B 325 34.30 -7.49 -23.75
CA ASP B 325 34.17 -6.39 -24.70
C ASP B 325 33.60 -6.88 -26.03
N ARG B 326 34.18 -7.97 -26.56
CA ARG B 326 33.66 -8.53 -27.80
C ARG B 326 32.24 -9.06 -27.59
N ALA B 327 31.97 -9.68 -26.44
CA ALA B 327 30.62 -10.12 -26.13
C ALA B 327 29.64 -8.96 -26.12
N GLN B 328 30.03 -7.84 -25.50
CA GLN B 328 29.17 -6.68 -25.50
C GLN B 328 29.07 -6.08 -26.90
N GLU B 329 30.20 -6.08 -27.62
CA GLU B 329 30.20 -5.56 -28.98
C GLU B 329 29.20 -6.33 -29.83
N LEU B 330 29.20 -7.65 -29.74
CA LEU B 330 28.27 -8.45 -30.52
C LEU B 330 26.83 -8.13 -30.14
N LEU B 331 26.52 -8.04 -28.83
CA LEU B 331 25.16 -7.73 -28.40
C LEU B 331 24.76 -6.34 -28.81
N GLU B 332 25.71 -5.40 -28.86
CA GLU B 332 25.36 -4.08 -29.34
C GLU B 332 25.01 -4.13 -30.82
N CYS B 333 25.69 -4.99 -31.58
CA CYS B 333 25.31 -5.22 -32.98
C CYS B 333 23.90 -5.78 -33.06
N LEU B 334 23.61 -6.80 -32.26
CA LEU B 334 22.26 -7.37 -32.27
C LEU B 334 21.21 -6.32 -31.93
N TRP B 335 21.49 -5.46 -30.94
CA TRP B 335 20.56 -4.40 -30.59
C TRP B 335 20.25 -3.51 -31.78
N VAL B 336 21.27 -3.10 -32.54
CA VAL B 336 21.04 -2.29 -33.72
C VAL B 336 20.20 -3.08 -34.73
N LYS B 337 20.49 -4.37 -34.85
CA LYS B 337 19.73 -5.20 -35.76
C LYS B 337 18.25 -5.14 -35.44
N PHE B 338 17.90 -5.30 -34.15
CA PHE B 338 16.52 -5.09 -33.72
C PHE B 338 16.02 -3.72 -34.12
N ASN B 339 16.82 -2.68 -33.87
CA ASN B 339 16.32 -1.33 -34.12
C ASN B 339 16.16 -1.08 -35.59
N ASN B 340 16.82 -1.86 -36.42
CA ASN B 340 16.69 -1.77 -37.86
C ASN B 340 15.41 -2.37 -38.42
N GLN B 341 14.60 -3.08 -37.61
CA GLN B 341 13.41 -3.78 -38.10
C GLN B 341 12.14 -3.17 -37.53
N PRO B 342 11.50 -2.23 -38.23
CA PRO B 342 10.22 -1.70 -37.74
C PRO B 342 9.11 -2.75 -37.87
N ALA B 343 8.10 -2.62 -37.01
CA ALA B 343 6.84 -3.33 -37.26
C ALA B 343 6.28 -2.88 -38.60
N PRO B 344 6.00 -3.81 -39.51
CA PRO B 344 5.53 -3.40 -40.86
C PRO B 344 4.31 -2.51 -40.77
N PRO B 345 4.05 -1.71 -41.78
CA PRO B 345 3.02 -0.67 -41.68
C PRO B 345 1.67 -1.22 -41.26
N LYS B 346 1.03 -0.48 -40.35
CA LYS B 346 -0.33 -0.69 -39.90
C LYS B 346 -1.20 0.45 -40.41
N VAL B 347 -2.47 0.15 -40.67
CA VAL B 347 -3.45 1.17 -41.03
C VAL B 347 -4.72 0.90 -40.25
N GLY B 348 -5.68 1.82 -40.39
CA GLY B 348 -6.97 1.67 -39.75
C GLY B 348 -6.88 1.35 -38.28
N ILE B 349 -7.75 0.44 -37.83
CA ILE B 349 -7.85 0.16 -36.40
C ILE B 349 -6.55 -0.42 -35.89
N THR B 350 -5.86 -1.19 -36.72
CA THR B 350 -4.60 -1.77 -36.28
C THR B 350 -3.56 -0.70 -35.98
N LEU B 351 -3.57 0.40 -36.69
CA LEU B 351 -2.63 1.46 -36.41
C LEU B 351 -2.98 2.16 -35.10
N LYS B 352 -4.26 2.32 -34.84
CA LYS B 352 -4.70 2.94 -33.65
C LYS B 352 -4.36 2.14 -32.47
N GLU B 353 -4.55 0.85 -32.55
CA GLU B 353 -4.31 0.00 -31.43
C GLU B 353 -2.83 -0.24 -31.17
N SER B 354 -2.00 0.04 -32.14
CA SER B 354 -0.58 -0.23 -32.04
C SER B 354 0.19 0.84 -32.82
N SER B 355 0.07 2.10 -32.40
CA SER B 355 0.65 3.23 -33.13
C SER B 355 2.13 3.40 -32.78
N THR B 356 2.94 2.54 -33.37
CA THR B 356 4.36 2.52 -33.05
C THR B 356 5.09 1.85 -34.19
N TYR B 357 6.37 2.24 -34.36
CA TYR B 357 7.30 1.52 -35.22
C TYR B 357 7.85 0.29 -34.54
N THR B 358 7.91 0.29 -33.22
CA THR B 358 8.54 -0.81 -32.52
C THR B 358 7.69 -2.07 -32.72
N ASP B 359 8.36 -3.21 -32.66
CA ASP B 359 7.70 -4.48 -32.88
C ASP B 359 7.77 -5.37 -31.65
N PHE B 360 8.00 -4.78 -30.49
CA PHE B 360 7.81 -5.47 -29.22
C PHE B 360 8.61 -6.77 -29.18
N ALA B 361 9.87 -6.69 -29.61
CA ALA B 361 10.79 -7.80 -29.45
C ALA B 361 11.18 -7.76 -27.99
N ASN B 362 10.47 -8.53 -27.17
CA ASN B 362 10.59 -8.43 -25.73
C ASN B 362 11.66 -9.41 -25.28
N ILE B 363 12.80 -8.88 -24.78
CA ILE B 363 13.86 -9.70 -24.22
C ILE B 363 13.68 -9.71 -22.70
N ASN B 364 13.77 -10.90 -22.13
CA ASN B 364 13.59 -11.09 -20.71
C ASN B 364 14.94 -11.48 -20.14
N THR B 365 15.59 -10.52 -19.46
CA THR B 365 16.92 -10.73 -18.89
C THR B 365 16.79 -10.89 -17.38
N GLY B 366 17.59 -11.78 -16.82
CA GLY B 366 17.48 -12.05 -15.40
C GLY B 366 16.66 -13.29 -15.12
N GLY B 367 15.55 -13.13 -14.38
CA GLY B 367 14.61 -14.20 -14.09
C GLY B 367 15.30 -15.45 -13.55
N ILE B 368 14.74 -16.59 -13.91
CA ILE B 368 15.27 -17.87 -13.47
C ILE B 368 15.75 -18.64 -14.68
N ASN B 369 16.62 -19.61 -14.43
CA ASN B 369 17.13 -20.52 -15.43
C ASN B 369 16.23 -21.73 -15.53
N PRO B 370 16.44 -22.62 -16.51
CA PRO B 370 15.55 -23.79 -16.63
C PRO B 370 15.34 -24.58 -15.35
N ASP B 371 16.31 -24.58 -14.42
CA ASP B 371 16.18 -25.30 -13.16
C ASP B 371 15.45 -24.52 -12.08
N GLY B 372 14.95 -23.32 -12.39
CA GLY B 372 14.20 -22.53 -11.45
C GLY B 372 15.03 -21.69 -10.50
N GLN B 373 16.36 -21.77 -10.58
CA GLN B 373 17.19 -20.95 -9.73
C GLN B 373 17.55 -19.64 -10.43
N ASP B 374 18.10 -18.71 -9.65
CA ASP B 374 18.51 -17.39 -10.14
C ASP B 374 19.24 -17.48 -11.47
N GLY B 375 18.73 -16.77 -12.47
CA GLY B 375 19.24 -16.84 -13.83
C GLY B 375 20.20 -15.73 -14.20
N VAL B 376 20.39 -14.74 -13.33
CA VAL B 376 21.33 -13.66 -13.61
C VAL B 376 22.73 -14.21 -13.75
N ASN B 377 23.36 -13.92 -14.89
CA ASN B 377 24.69 -14.39 -15.18
C ASN B 377 25.45 -13.24 -15.79
N GLU B 378 26.67 -13.52 -16.26
CA GLU B 378 27.49 -12.45 -16.82
C GLU B 378 26.83 -11.84 -18.06
N VAL B 379 26.19 -12.66 -18.89
CA VAL B 379 25.53 -12.12 -20.07
C VAL B 379 24.37 -11.23 -19.66
N SER B 380 23.71 -11.54 -18.53
CA SER B 380 22.63 -10.67 -18.07
C SER B 380 23.16 -9.25 -17.89
N TYR B 381 24.31 -9.11 -17.22
CA TYR B 381 24.85 -7.78 -17.03
C TYR B 381 25.40 -7.21 -18.32
N ILE B 382 25.95 -8.05 -19.20
CA ILE B 382 26.36 -7.53 -20.50
C ILE B 382 25.15 -6.92 -21.19
N ILE B 383 24.02 -7.65 -21.20
CA ILE B 383 22.81 -7.16 -21.85
C ILE B 383 22.39 -5.84 -21.24
N LEU B 384 22.43 -5.75 -19.92
CA LEU B 384 22.10 -4.49 -19.26
C LEU B 384 23.03 -3.36 -19.75
N ASP B 385 24.33 -3.65 -19.88
CA ASP B 385 25.24 -2.61 -20.36
C ASP B 385 24.89 -2.18 -21.76
N VAL B 386 24.56 -3.13 -22.65
CA VAL B 386 24.29 -2.75 -24.03
C VAL B 386 22.99 -1.95 -24.13
N MET B 387 21.93 -2.36 -23.42
CA MET B 387 20.71 -1.57 -23.52
C MET B 387 20.94 -0.19 -22.93
N ASP B 388 21.71 -0.11 -21.84
CA ASP B 388 22.07 1.18 -21.25
C ASP B 388 22.86 2.02 -22.25
N GLU B 389 23.92 1.45 -22.81
CA GLU B 389 24.75 2.18 -23.75
C GLU B 389 23.97 2.54 -25.01
N MET B 390 23.24 1.56 -25.59
CA MET B 390 22.64 1.76 -26.90
C MET B 390 21.42 2.66 -26.88
N LYS B 391 20.65 2.65 -25.80
CA LYS B 391 19.42 3.45 -25.67
C LYS B 391 18.57 3.37 -26.95
N LEU B 392 18.25 2.14 -27.34
CA LEU B 392 17.42 1.88 -28.50
C LEU B 392 16.04 1.40 -28.04
N ILE B 393 14.97 1.95 -28.64
CA ILE B 393 13.63 1.53 -28.23
C ILE B 393 13.28 0.13 -28.76
N GLN B 394 14.07 -0.39 -29.70
CA GLN B 394 14.03 -1.79 -30.07
C GLN B 394 15.42 -2.38 -29.85
N PRO B 395 15.54 -3.54 -29.23
CA PRO B 395 14.46 -4.40 -28.76
C PRO B 395 13.76 -3.85 -27.52
N SER B 396 12.69 -4.49 -27.05
CA SER B 396 12.15 -4.15 -25.74
C SER B 396 12.98 -4.94 -24.73
N SER B 397 14.03 -4.30 -24.24
CA SER B 397 15.00 -4.97 -23.36
C SER B 397 14.48 -4.83 -21.93
N ASN B 398 14.02 -5.94 -21.35
CA ASN B 398 13.39 -5.89 -20.03
C ASN B 398 14.03 -6.90 -19.10
N VAL B 399 13.62 -6.82 -17.84
CA VAL B 399 14.18 -7.66 -16.80
C VAL B 399 13.07 -8.49 -16.17
N GLN B 400 13.39 -9.73 -15.89
CA GLN B 400 12.53 -10.55 -15.06
C GLN B 400 13.12 -10.52 -13.66
N ILE B 401 12.35 -10.03 -12.71
CA ILE B 401 12.78 -9.96 -11.32
C ILE B 401 12.11 -11.12 -10.62
N SER B 402 12.92 -12.02 -10.12
CA SER B 402 12.50 -13.11 -9.28
C SER B 402 12.78 -12.76 -7.83
N LYS B 403 12.07 -13.43 -6.93
CA LYS B 403 12.46 -13.40 -5.53
C LYS B 403 13.88 -13.93 -5.33
N LYS B 404 14.43 -14.63 -6.33
CA LYS B 404 15.79 -15.17 -6.37
C LYS B 404 16.80 -14.24 -7.03
N THR B 405 16.36 -13.10 -7.58
CA THR B 405 17.23 -12.20 -8.34
C THR B 405 18.12 -11.38 -7.40
N PRO B 406 19.42 -11.29 -7.67
CA PRO B 406 20.29 -10.44 -6.83
C PRO B 406 19.88 -8.98 -6.88
N GLN B 407 19.91 -8.32 -5.71
CA GLN B 407 19.50 -6.92 -5.68
C GLN B 407 20.40 -6.08 -6.57
N LYS B 408 21.66 -6.50 -6.74
CA LYS B 408 22.55 -5.82 -7.66
C LYS B 408 21.95 -5.75 -9.07
N PHE B 409 21.37 -6.84 -9.55
CA PHE B 409 20.79 -6.83 -10.89
C PHE B 409 19.54 -5.97 -10.97
N LEU B 410 18.64 -6.09 -9.98
CA LEU B 410 17.45 -5.25 -9.97
C LEU B 410 17.82 -3.78 -9.91
N LYS B 411 18.78 -3.43 -9.04
CA LYS B 411 19.20 -2.03 -8.89
C LYS B 411 19.88 -1.52 -10.16
N ARG B 412 20.74 -2.33 -10.79
CA ARG B 412 21.30 -1.91 -12.06
C ARG B 412 20.18 -1.65 -13.07
N ALA B 413 19.15 -2.50 -13.09
CA ALA B 413 18.02 -2.27 -13.98
C ALA B 413 17.32 -0.98 -13.62
N CYS B 414 17.19 -0.70 -12.33
CA CYS B 414 16.64 0.57 -11.89
C CYS B 414 17.50 1.76 -12.31
N GLU B 415 18.83 1.60 -12.32
CA GLU B 415 19.71 2.65 -12.83
C GLU B 415 19.31 3.02 -14.24
N ILE B 416 19.04 2.01 -15.05
CA ILE B 416 18.67 2.24 -16.43
C ILE B 416 17.26 2.79 -16.52
N SER B 417 16.34 2.21 -15.75
CA SER B 417 14.96 2.68 -15.81
C SER B 417 14.84 4.14 -15.44
N ARG B 418 15.54 4.56 -14.38
CA ARG B 418 15.43 5.93 -13.92
C ARG B 418 16.02 6.92 -14.91
N LYS B 419 16.87 6.47 -15.83
CA LYS B 419 17.34 7.36 -16.88
C LYS B 419 16.21 7.83 -17.78
N GLY B 420 15.01 7.25 -17.61
CA GLY B 420 13.80 7.87 -18.09
C GLY B 420 13.40 7.56 -19.51
N TRP B 421 14.00 6.57 -20.15
CA TRP B 421 13.56 6.18 -21.47
C TRP B 421 12.75 4.87 -21.43
N GLY B 422 12.11 4.59 -20.31
CA GLY B 422 11.14 3.51 -20.23
C GLY B 422 11.72 2.15 -19.96
N GLN B 423 12.73 1.77 -20.70
CA GLN B 423 13.30 0.47 -20.49
C GLN B 423 14.23 0.47 -19.28
N PRO B 424 14.35 -0.66 -18.60
CA PRO B 424 13.58 -1.89 -18.84
C PRO B 424 12.26 -1.91 -18.08
N ALA B 425 11.31 -2.68 -18.60
CA ALA B 425 10.15 -2.99 -17.79
C ALA B 425 10.49 -4.10 -16.83
N PHE B 426 9.67 -4.23 -15.80
CA PHE B 426 9.90 -5.22 -14.76
C PHE B 426 8.77 -6.25 -14.80
N TYR B 427 9.14 -7.52 -14.84
CA TYR B 427 8.18 -8.60 -14.85
C TYR B 427 8.46 -9.48 -13.66
N ASN B 428 7.39 -9.95 -13.03
CA ASN B 428 7.49 -10.78 -11.85
C ASN B 428 7.64 -12.23 -12.28
N THR B 429 8.84 -12.77 -12.16
CA THR B 429 9.09 -14.14 -12.57
C THR B 429 8.14 -15.11 -11.87
N GLU B 430 7.88 -14.89 -10.59
CA GLU B 430 6.98 -15.80 -9.88
C GLU B 430 5.54 -15.65 -10.33
N ALA B 431 5.12 -14.44 -10.66
CA ALA B 431 3.80 -14.28 -11.24
C ALA B 431 3.72 -14.99 -12.58
N ILE B 432 4.73 -14.77 -13.42
CA ILE B 432 4.78 -15.41 -14.74
C ILE B 432 4.66 -16.92 -14.58
N VAL B 433 5.49 -17.49 -13.72
CA VAL B 433 5.49 -18.93 -13.53
C VAL B 433 4.12 -19.42 -13.09
N GLN B 434 3.51 -18.73 -12.12
CA GLN B 434 2.20 -19.13 -11.62
C GLN B 434 1.11 -18.93 -12.67
N GLU B 435 1.16 -17.82 -13.41
CA GLU B 435 0.20 -17.62 -14.49
C GLU B 435 0.25 -18.76 -15.48
N LEU B 436 1.46 -19.15 -15.87
CA LEU B 436 1.64 -20.26 -16.80
C LEU B 436 1.06 -21.55 -16.23
N MET B 437 1.35 -21.85 -14.97
CA MET B 437 0.83 -23.08 -14.39
C MET B 437 -0.69 -23.05 -14.31
N GLU B 438 -1.27 -21.87 -14.03
CA GLU B 438 -2.71 -21.75 -14.00
C GLU B 438 -3.34 -22.07 -15.35
N ALA B 439 -2.66 -21.70 -16.43
CA ALA B 439 -3.15 -21.98 -17.77
C ALA B 439 -2.81 -23.40 -18.22
N GLY B 440 -2.14 -24.18 -17.39
CA GLY B 440 -1.85 -25.57 -17.69
C GLY B 440 -0.42 -25.92 -18.06
N LYS B 441 0.52 -24.96 -18.04
CA LYS B 441 1.91 -25.33 -18.28
C LYS B 441 2.46 -26.09 -17.08
N THR B 442 3.28 -27.09 -17.36
CA THR B 442 4.02 -27.71 -16.27
C THR B 442 5.02 -26.72 -15.70
N ILE B 443 5.45 -26.98 -14.46
CA ILE B 443 6.45 -26.09 -13.88
C ILE B 443 7.71 -26.12 -14.74
N GLU B 444 8.07 -27.29 -15.25
CA GLU B 444 9.24 -27.40 -16.09
C GLU B 444 9.14 -26.48 -17.29
N ASP B 445 7.98 -26.46 -17.93
CA ASP B 445 7.83 -25.56 -19.07
C ASP B 445 7.67 -24.11 -18.63
N ALA B 446 7.04 -23.88 -17.47
CA ALA B 446 6.88 -22.50 -16.98
C ALA B 446 8.23 -21.84 -16.73
N ARG B 447 9.21 -22.61 -16.22
CA ARG B 447 10.50 -22.01 -15.93
C ARG B 447 11.19 -21.49 -17.18
N LEU B 448 10.83 -21.99 -18.36
CA LEU B 448 11.41 -21.47 -19.59
C LEU B 448 10.68 -20.24 -20.08
N GLY B 449 9.61 -19.86 -19.39
CA GLY B 449 8.70 -18.85 -19.90
C GLY B 449 9.06 -17.44 -19.47
N GLY B 450 8.17 -16.53 -19.81
CA GLY B 450 8.38 -15.13 -19.48
C GLY B 450 7.31 -14.35 -20.16
N THR B 451 7.61 -13.10 -20.45
CA THR B 451 6.64 -12.22 -21.09
C THR B 451 7.16 -11.83 -22.45
N SER B 452 6.20 -11.53 -23.34
CA SER B 452 6.45 -11.13 -24.71
C SER B 452 5.55 -9.93 -24.99
N GLY B 453 5.77 -9.31 -26.14
CA GLY B 453 5.05 -8.09 -26.46
C GLY B 453 5.18 -7.06 -25.36
N CYS B 454 4.04 -6.62 -24.82
CA CYS B 454 4.04 -5.69 -23.70
C CYS B 454 4.20 -6.43 -22.38
N VAL B 455 3.25 -7.27 -22.02
CA VAL B 455 3.28 -7.93 -20.71
C VAL B 455 2.81 -9.36 -20.79
N GLU B 456 2.62 -9.89 -22.00
CA GLU B 456 1.86 -11.11 -22.19
C GLU B 456 2.67 -12.33 -21.75
N THR B 457 2.13 -13.07 -20.81
CA THR B 457 2.81 -14.26 -20.33
C THR B 457 2.71 -15.36 -21.38
N GLY B 458 3.81 -16.06 -21.61
CA GLY B 458 3.82 -17.18 -22.54
C GLY B 458 4.93 -18.13 -22.17
N CYS B 459 4.79 -19.37 -22.62
CA CYS B 459 5.83 -20.38 -22.43
C CYS B 459 6.67 -20.39 -23.68
N PHE B 460 7.84 -19.75 -23.59
CA PHE B 460 8.71 -19.50 -24.74
C PHE B 460 9.08 -20.79 -25.44
N GLY B 461 9.00 -20.78 -26.75
CA GLY B 461 9.37 -21.94 -27.52
C GLY B 461 8.37 -23.08 -27.47
N LYS B 462 7.28 -22.96 -26.71
CA LYS B 462 6.36 -24.08 -26.56
C LYS B 462 4.91 -23.68 -26.65
N GLU B 463 4.59 -22.43 -27.01
CA GLU B 463 3.21 -21.99 -26.92
C GLU B 463 2.84 -21.02 -28.04
N ALA B 464 1.64 -21.22 -28.56
CA ALA B 464 0.92 -20.18 -29.29
C ALA B 464 -0.06 -19.55 -28.31
N TYR B 465 0.27 -18.35 -27.85
CA TYR B 465 -0.59 -17.54 -27.01
C TYR B 465 -0.89 -16.31 -27.85
N VAL B 466 -2.02 -16.37 -28.53
CA VAL B 466 -2.38 -15.43 -29.57
C VAL B 466 -3.29 -14.38 -28.96
N LEU B 467 -2.94 -13.12 -29.14
CA LEU B 467 -3.83 -12.06 -28.74
C LEU B 467 -4.81 -11.84 -29.88
N THR B 468 -6.09 -11.70 -29.53
CA THR B 468 -7.09 -11.54 -30.57
C THR B 468 -7.61 -10.13 -30.69
N GLY B 469 -7.40 -9.28 -29.70
CA GLY B 469 -7.85 -7.91 -29.84
C GLY B 469 -8.26 -7.32 -28.51
N TYR B 470 -8.30 -6.01 -28.49
CA TYR B 470 -8.65 -5.33 -27.27
C TYR B 470 -10.16 -5.28 -27.11
N MET B 471 -10.62 -5.36 -25.88
CA MET B 471 -12.04 -5.34 -25.58
C MET B 471 -12.33 -4.03 -24.87
N ASN B 472 -13.24 -3.23 -25.44
CA ASN B 472 -13.55 -1.91 -24.89
C ASN B 472 -14.54 -2.08 -23.73
N ILE B 473 -14.02 -2.56 -22.60
CA ILE B 473 -14.86 -2.83 -21.43
C ILE B 473 -15.63 -1.61 -20.98
N PRO B 474 -15.04 -0.42 -20.88
CA PRO B 474 -15.87 0.73 -20.50
C PRO B 474 -16.99 0.99 -21.47
N LYS B 475 -16.79 0.76 -22.77
CA LYS B 475 -17.91 1.00 -23.67
C LYS B 475 -18.99 -0.06 -23.50
N ILE B 476 -18.62 -1.26 -23.04
CA ILE B 476 -19.64 -2.25 -22.73
C ILE B 476 -20.54 -1.72 -21.60
N LEU B 477 -19.93 -1.07 -20.60
CA LEU B 477 -20.75 -0.38 -19.62
C LEU B 477 -21.58 0.71 -20.27
N GLU B 478 -20.99 1.45 -21.21
CA GLU B 478 -21.75 2.49 -21.90
C GLU B 478 -22.98 1.90 -22.59
N LEU B 479 -22.82 0.76 -23.27
CA LEU B 479 -23.99 0.11 -23.86
C LEU B 479 -25.01 -0.26 -22.78
N THR B 480 -24.54 -0.84 -21.67
CA THR B 480 -25.44 -1.22 -20.58
C THR B 480 -26.33 -0.06 -20.16
N LEU B 481 -25.73 1.12 -19.96
CA LEU B 481 -26.50 2.27 -19.51
C LEU B 481 -27.45 2.77 -20.59
N ASN B 482 -27.25 2.36 -21.84
CA ASN B 482 -28.12 2.77 -22.93
C ASN B 482 -28.91 1.59 -23.50
N ASN B 483 -29.14 0.58 -22.68
CA ASN B 483 -29.98 -0.54 -23.05
C ASN B 483 -29.53 -1.15 -24.38
N GLY B 484 -28.21 -1.30 -24.54
CA GLY B 484 -27.60 -1.87 -25.73
C GLY B 484 -27.32 -0.90 -26.86
N TYR B 485 -27.85 0.32 -26.79
CA TYR B 485 -27.63 1.34 -27.81
C TYR B 485 -26.26 2.00 -27.60
N ASP B 486 -25.55 2.27 -28.69
CA ASP B 486 -24.30 3.00 -28.60
C ASP B 486 -24.58 4.45 -28.92
N PRO B 487 -24.48 5.38 -27.96
CA PRO B 487 -24.79 6.79 -28.25
C PRO B 487 -23.83 7.43 -29.24
N ILE B 488 -22.66 6.83 -29.50
CA ILE B 488 -21.65 7.45 -30.35
C ILE B 488 -21.90 7.06 -31.80
N SER B 489 -21.89 5.76 -32.10
CA SER B 489 -22.23 5.34 -33.45
C SER B 489 -23.74 5.41 -33.73
N LYS B 490 -24.55 5.65 -32.70
CA LYS B 490 -26.01 5.81 -32.81
C LYS B 490 -26.65 4.54 -33.34
N LYS B 491 -26.10 3.39 -32.96
CA LYS B 491 -26.62 2.10 -33.40
C LYS B 491 -26.89 1.22 -32.19
N GLN B 492 -27.66 0.16 -32.42
CA GLN B 492 -27.95 -0.81 -31.37
C GLN B 492 -26.85 -1.86 -31.40
N ILE B 493 -25.74 -1.56 -30.72
CA ILE B 493 -24.58 -2.44 -30.76
C ILE B 493 -24.77 -3.61 -29.81
N GLY B 494 -25.29 -3.36 -28.61
CA GLY B 494 -25.52 -4.39 -27.61
C GLY B 494 -26.92 -5.00 -27.66
N ILE B 495 -27.33 -5.56 -26.53
CA ILE B 495 -28.63 -6.19 -26.38
C ILE B 495 -29.48 -5.36 -25.43
N GLU B 496 -30.77 -5.67 -25.38
CA GLU B 496 -31.67 -4.95 -24.49
C GLU B 496 -31.64 -5.65 -23.14
N THR B 497 -30.83 -5.11 -22.24
CA THR B 497 -30.72 -5.61 -20.88
C THR B 497 -31.60 -4.83 -19.92
N GLY B 498 -32.38 -3.87 -20.42
CA GLY B 498 -33.31 -3.10 -19.63
C GLY B 498 -33.00 -1.61 -19.63
N ASP B 499 -34.01 -0.81 -19.40
CA ASP B 499 -33.78 0.59 -19.10
C ASP B 499 -33.11 0.67 -17.73
N PRO B 500 -31.88 1.18 -17.62
CA PRO B 500 -31.23 1.24 -16.30
C PRO B 500 -31.97 2.13 -15.30
N ARG B 501 -32.87 3.01 -15.77
CA ARG B 501 -33.69 3.78 -14.85
C ARG B 501 -34.60 2.88 -14.01
N ASN B 502 -34.89 1.67 -14.49
CA ASN B 502 -35.75 0.73 -13.79
C ASN B 502 -34.99 -0.21 -12.87
N PHE B 503 -33.65 -0.18 -12.89
CA PHE B 503 -32.86 -1.08 -12.06
C PHE B 503 -32.98 -0.68 -10.60
N GLN B 504 -33.44 -1.60 -9.78
CA GLN B 504 -33.69 -1.30 -8.38
C GLN B 504 -32.46 -1.48 -7.51
N SER B 505 -31.37 -2.02 -8.05
CA SER B 505 -30.18 -2.24 -7.25
C SER B 505 -28.95 -2.17 -8.15
N TYR B 506 -27.80 -1.93 -7.53
CA TYR B 506 -26.56 -2.00 -8.29
C TYR B 506 -26.37 -3.41 -8.86
N GLU B 507 -26.70 -4.45 -8.07
CA GLU B 507 -26.55 -5.83 -8.56
C GLU B 507 -27.33 -6.01 -9.85
N GLU B 508 -28.54 -5.45 -9.91
CA GLU B 508 -29.33 -5.54 -11.13
C GLU B 508 -28.63 -4.82 -12.27
N LEU B 509 -28.04 -3.66 -12.00
CA LEU B 509 -27.28 -2.97 -13.01
C LEU B 509 -26.06 -3.77 -13.43
N PHE B 510 -25.38 -4.38 -12.46
CA PHE B 510 -24.20 -5.16 -12.79
C PHE B 510 -24.60 -6.41 -13.56
N GLU B 511 -25.76 -7.00 -13.24
CA GLU B 511 -26.24 -8.12 -14.05
C GLU B 511 -26.44 -7.71 -15.51
N ALA B 512 -26.98 -6.52 -15.74
CA ALA B 512 -27.13 -6.03 -17.10
C ALA B 512 -25.77 -5.89 -17.76
N PHE B 513 -24.79 -5.35 -17.03
CA PHE B 513 -23.46 -5.18 -17.60
C PHE B 513 -22.85 -6.54 -17.89
N LYS B 514 -23.01 -7.49 -16.97
CA LYS B 514 -22.53 -8.85 -17.24
C LYS B 514 -23.20 -9.45 -18.48
N LYS B 515 -24.48 -9.15 -18.68
CA LYS B 515 -25.17 -9.60 -19.89
C LYS B 515 -24.66 -8.89 -21.13
N GLN B 516 -24.42 -7.58 -21.05
CA GLN B 516 -23.82 -6.89 -22.19
C GLN B 516 -22.43 -7.44 -22.45
N LEU B 517 -21.68 -7.71 -21.39
CA LEU B 517 -20.34 -8.29 -21.53
C LEU B 517 -20.41 -9.65 -22.20
N HIS B 518 -21.36 -10.48 -21.75
CA HIS B 518 -21.59 -11.79 -22.35
C HIS B 518 -21.89 -11.67 -23.83
N TYR B 519 -22.80 -10.77 -24.20
CA TYR B 519 -23.15 -10.60 -25.59
C TYR B 519 -21.93 -10.18 -26.40
N MET B 520 -21.18 -9.20 -25.89
CA MET B 520 -20.04 -8.68 -26.63
C MET B 520 -18.92 -9.71 -26.72
N ILE B 521 -18.62 -10.41 -25.62
CA ILE B 521 -17.59 -11.43 -25.73
C ILE B 521 -18.04 -12.54 -26.67
N ASP B 522 -19.33 -12.89 -26.61
CA ASP B 522 -19.87 -13.88 -27.54
C ASP B 522 -19.64 -13.46 -28.97
N ILE B 523 -19.93 -12.20 -29.29
CA ILE B 523 -19.65 -11.71 -30.64
C ILE B 523 -18.17 -11.84 -30.95
N LYS B 524 -17.33 -11.36 -30.03
CA LYS B 524 -15.90 -11.35 -30.29
C LYS B 524 -15.39 -12.77 -30.44
N ILE B 525 -15.79 -13.67 -29.55
CA ILE B 525 -15.33 -15.05 -29.66
C ILE B 525 -15.84 -15.67 -30.95
N GLU B 526 -17.09 -15.42 -31.31
CA GLU B 526 -17.64 -15.98 -32.54
C GLU B 526 -16.84 -15.51 -33.75
N GLY B 527 -16.54 -14.21 -33.82
CA GLY B 527 -15.64 -13.75 -34.88
C GLY B 527 -14.28 -14.38 -34.75
N ASN B 528 -13.78 -14.49 -33.52
CA ASN B 528 -12.46 -15.05 -33.30
C ASN B 528 -12.38 -16.48 -33.79
N ALA B 529 -13.45 -17.25 -33.58
CA ALA B 529 -13.46 -18.64 -34.00
C ALA B 529 -13.28 -18.74 -35.50
N VAL B 530 -14.00 -17.92 -36.26
CA VAL B 530 -13.84 -17.88 -37.70
C VAL B 530 -12.41 -17.47 -38.06
N ILE B 531 -11.93 -16.39 -37.45
CA ILE B 531 -10.60 -15.86 -37.75
C ILE B 531 -9.55 -16.92 -37.44
N GLU B 532 -9.73 -17.64 -36.33
CA GLU B 532 -8.77 -18.69 -35.99
C GLU B 532 -8.72 -19.75 -37.07
N ASN B 533 -9.88 -20.11 -37.63
CA ASN B 533 -9.89 -21.06 -38.74
C ASN B 533 -9.19 -20.46 -39.95
N ILE B 534 -9.50 -19.20 -40.27
CA ILE B 534 -8.90 -18.55 -41.43
C ILE B 534 -7.38 -18.52 -41.29
N CYS B 535 -6.88 -18.16 -40.10
CA CYS B 535 -5.44 -18.16 -39.89
C CYS B 535 -4.87 -19.56 -39.89
N ALA B 536 -5.58 -20.53 -39.32
CA ALA B 536 -5.07 -21.90 -39.34
C ALA B 536 -4.95 -22.40 -40.77
N LYS B 537 -5.92 -22.09 -41.60
CA LYS B 537 -5.91 -22.59 -42.98
C LYS B 537 -5.11 -21.72 -43.91
N HIS B 538 -5.12 -20.40 -43.73
CA HIS B 538 -4.56 -19.52 -44.74
C HIS B 538 -3.26 -18.83 -44.33
N MET B 539 -2.89 -18.87 -43.06
CA MET B 539 -1.60 -18.37 -42.63
C MET B 539 -0.80 -19.44 -41.92
N PRO B 540 -0.62 -20.64 -42.45
CA PRO B 540 0.25 -21.59 -41.76
C PRO B 540 1.67 -21.03 -41.76
N CYS B 541 2.43 -21.35 -40.72
CA CYS B 541 3.78 -20.81 -40.52
C CYS B 541 4.76 -21.95 -40.33
N PRO B 542 5.10 -22.67 -41.42
CA PRO B 542 6.00 -23.81 -41.29
C PRO B 542 7.34 -23.47 -40.67
N LEU B 543 7.89 -22.28 -40.95
CA LEU B 543 9.19 -21.95 -40.38
C LEU B 543 9.11 -21.82 -38.87
N MET B 544 8.17 -21.02 -38.38
CA MET B 544 7.94 -20.92 -36.95
C MET B 544 7.72 -22.28 -36.35
N SER B 545 6.97 -23.14 -37.05
CA SER B 545 6.61 -24.43 -36.50
C SER B 545 7.82 -25.30 -36.24
N THR B 546 8.89 -25.14 -37.03
CA THR B 546 10.06 -26.00 -36.82
C THR B 546 10.70 -25.77 -35.46
N ILE B 547 10.55 -24.58 -34.88
CA ILE B 547 11.26 -24.23 -33.66
C ILE B 547 10.34 -24.13 -32.46
N VAL B 548 9.06 -24.35 -32.65
CA VAL B 548 8.10 -24.29 -31.57
C VAL B 548 7.72 -25.64 -31.10
N ASP B 549 7.93 -25.88 -29.84
CA ASP B 549 7.62 -27.17 -29.31
C ASP B 549 6.23 -27.64 -29.49
N ASP B 550 6.36 -28.83 -30.01
CA ASP B 550 5.47 -29.83 -30.41
C ASP B 550 5.03 -29.82 -31.85
N CYS B 551 5.34 -28.80 -32.65
CA CYS B 551 4.79 -28.85 -33.99
C CYS B 551 5.30 -30.06 -34.78
N ILE B 552 6.61 -30.28 -34.77
CA ILE B 552 7.17 -31.40 -35.50
C ILE B 552 6.66 -32.72 -34.95
N GLU B 553 6.64 -32.86 -33.62
CA GLU B 553 6.18 -34.11 -33.02
C GLU B 553 4.71 -34.38 -33.36
N LYS B 554 3.87 -33.35 -33.28
CA LYS B 554 2.47 -33.51 -33.64
C LYS B 554 2.26 -33.56 -35.12
N GLY B 555 3.25 -33.14 -35.91
CA GLY B 555 2.94 -32.94 -37.31
C GLY B 555 1.82 -31.95 -37.45
N LYS B 556 1.87 -30.86 -36.71
CA LYS B 556 0.78 -29.90 -36.69
C LYS B 556 1.36 -28.50 -36.68
N ASP B 557 0.89 -27.67 -37.59
CA ASP B 557 1.42 -26.34 -37.71
C ASP B 557 1.16 -25.54 -36.46
N TYR B 558 2.01 -24.59 -36.19
CA TYR B 558 1.90 -23.72 -35.07
C TYR B 558 0.66 -22.89 -35.21
N GLN B 559 0.21 -22.67 -36.43
CA GLN B 559 -0.97 -21.89 -36.69
C GLN B 559 -2.30 -22.58 -36.45
N ARG B 560 -2.28 -23.86 -36.17
CA ARG B 560 -3.44 -24.66 -35.90
C ARG B 560 -3.33 -25.58 -34.71
N GLY B 561 -2.52 -25.22 -33.74
CA GLY B 561 -2.48 -25.95 -32.48
C GLY B 561 -1.29 -26.86 -32.30
N GLY B 562 -0.28 -26.75 -33.16
CA GLY B 562 0.92 -27.56 -33.01
C GLY B 562 1.74 -27.22 -31.79
N ALA B 563 1.62 -26.00 -31.27
CA ALA B 563 2.35 -25.65 -30.07
C ALA B 563 1.89 -26.56 -28.94
N ARG B 564 2.81 -26.80 -28.00
CA ARG B 564 2.44 -27.63 -26.86
C ARG B 564 1.28 -27.02 -26.09
N TYR B 565 1.26 -25.70 -25.96
CA TYR B 565 0.23 -25.00 -25.24
C TYR B 565 -0.44 -24.04 -26.20
N ASN B 566 -1.76 -23.89 -26.07
CA ASN B 566 -2.49 -23.04 -26.98
C ASN B 566 -3.47 -22.24 -26.18
N THR B 567 -3.31 -20.93 -26.23
CA THR B 567 -4.21 -20.02 -25.55
C THR B 567 -4.52 -18.90 -26.50
N ARG B 568 -5.69 -18.33 -26.33
CA ARG B 568 -6.03 -17.11 -27.02
C ARG B 568 -6.46 -16.10 -25.98
N TYR B 569 -6.17 -14.84 -26.26
CA TYR B 569 -6.48 -13.78 -25.34
C TYR B 569 -7.36 -12.75 -26.02
N ILE B 570 -8.22 -12.17 -25.21
CA ILE B 570 -8.88 -10.91 -25.50
C ILE B 570 -8.31 -9.94 -24.47
N GLN B 571 -7.73 -8.85 -24.94
CA GLN B 571 -7.08 -7.93 -24.02
C GLN B 571 -8.10 -6.97 -23.43
N GLY B 572 -8.24 -7.01 -22.11
CA GLY B 572 -9.17 -6.10 -21.45
C GLY B 572 -8.54 -4.74 -21.33
N VAL B 573 -9.24 -3.72 -21.81
CA VAL B 573 -8.76 -2.35 -21.75
C VAL B 573 -9.72 -1.54 -20.89
N GLY B 574 -9.15 -0.61 -20.12
CA GLY B 574 -9.96 0.37 -19.41
C GLY B 574 -10.52 -0.11 -18.10
N ILE B 575 -9.86 -1.05 -17.43
CA ILE B 575 -10.38 -1.55 -16.15
C ILE B 575 -10.52 -0.39 -15.17
N GLY B 576 -9.54 0.54 -15.18
CA GLY B 576 -9.62 1.68 -14.29
C GLY B 576 -10.82 2.55 -14.59
N THR B 577 -10.97 2.93 -15.83
CA THR B 577 -12.08 3.74 -16.19
C THR B 577 -13.40 3.11 -15.86
N ILE B 578 -13.51 1.83 -16.13
CA ILE B 578 -14.72 1.12 -15.90
C ILE B 578 -14.92 0.84 -14.44
N THR B 579 -13.86 0.69 -13.71
CA THR B 579 -13.99 0.42 -12.33
C THR B 579 -14.53 1.64 -11.67
N ASP B 580 -13.99 2.77 -12.01
CA ASP B 580 -14.44 4.03 -11.44
C ASP B 580 -15.86 4.35 -11.88
N SER B 581 -16.21 4.01 -13.13
CA SER B 581 -17.56 4.30 -13.59
C SER B 581 -18.59 3.47 -12.82
N LEU B 582 -18.35 2.18 -12.65
CA LEU B 582 -19.31 1.39 -11.90
C LEU B 582 -19.30 1.79 -10.43
N THR B 583 -18.13 2.11 -9.90
CA THR B 583 -18.07 2.63 -8.53
C THR B 583 -18.85 3.93 -8.42
N ALA B 584 -18.71 4.81 -9.40
CA ALA B 584 -19.49 6.04 -9.38
C ALA B 584 -20.98 5.75 -9.35
N ILE B 585 -21.44 4.74 -10.09
CA ILE B 585 -22.88 4.46 -10.13
C ILE B 585 -23.32 3.81 -8.82
N LYS B 586 -22.57 2.81 -8.34
CA LYS B 586 -22.94 2.15 -7.09
C LYS B 586 -22.96 3.14 -5.94
N TYR B 587 -21.95 4.00 -5.86
CA TYR B 587 -21.86 4.95 -4.77
C TYR B 587 -22.97 5.98 -4.87
N ASN B 588 -23.11 6.60 -6.03
CA ASN B 588 -23.95 7.78 -6.15
C ASN B 588 -25.40 7.46 -6.43
N VAL B 589 -25.68 6.44 -7.22
CA VAL B 589 -27.05 6.15 -7.61
C VAL B 589 -27.73 5.24 -6.61
N PHE B 590 -27.06 4.16 -6.19
CA PHE B 590 -27.73 3.12 -5.41
C PHE B 590 -27.43 3.17 -3.93
N ASP B 591 -26.21 3.54 -3.54
CA ASP B 591 -25.87 3.60 -2.13
C ASP B 591 -26.29 4.95 -1.53
N LYS B 592 -25.69 6.04 -2.00
CA LYS B 592 -25.94 7.35 -1.43
C LYS B 592 -27.19 8.02 -1.99
N LYS B 593 -27.67 7.57 -3.16
CA LYS B 593 -28.85 8.14 -3.79
C LYS B 593 -28.71 9.65 -3.99
N LYS B 594 -27.50 10.08 -4.35
CA LYS B 594 -27.29 11.52 -4.57
C LYS B 594 -27.97 11.99 -5.85
N PHE B 595 -28.08 11.11 -6.83
CA PHE B 595 -28.84 11.35 -8.04
C PHE B 595 -29.23 9.98 -8.59
N ASP B 596 -30.20 9.98 -9.48
CA ASP B 596 -30.72 8.72 -9.99
C ASP B 596 -30.11 8.43 -11.36
N MET B 597 -30.44 7.23 -11.87
CA MET B 597 -29.86 6.78 -13.13
C MET B 597 -30.20 7.74 -14.25
N ASP B 598 -31.45 8.21 -14.30
CA ASP B 598 -31.87 9.11 -15.37
C ASP B 598 -30.98 10.35 -15.41
N THR B 599 -30.71 10.94 -14.24
CA THR B 599 -29.88 12.14 -14.18
C THR B 599 -28.46 11.86 -14.64
N LEU B 600 -27.90 10.74 -14.19
CA LEU B 600 -26.55 10.37 -14.61
C LEU B 600 -26.48 10.24 -16.13
N LEU B 601 -27.45 9.59 -16.75
CA LEU B 601 -27.41 9.43 -18.20
C LEU B 601 -27.51 10.77 -18.90
N LYS B 602 -28.34 11.67 -18.37
CA LYS B 602 -28.37 13.04 -18.86
C LYS B 602 -27.00 13.71 -18.70
N ALA B 603 -26.35 13.52 -17.55
CA ALA B 603 -25.04 14.11 -17.36
C ALA B 603 -24.06 13.60 -18.41
N LEU B 604 -24.01 12.28 -18.59
CA LEU B 604 -23.12 11.71 -19.58
C LEU B 604 -23.43 12.25 -20.97
N ASP B 605 -24.72 12.37 -21.29
CA ASP B 605 -25.10 12.84 -22.61
C ASP B 605 -24.69 14.29 -22.84
N ALA B 606 -24.66 15.09 -21.78
CA ALA B 606 -24.24 16.48 -21.93
C ALA B 606 -22.74 16.65 -21.81
N ASN B 607 -21.98 15.56 -21.73
CA ASN B 607 -20.55 15.62 -21.42
C ASN B 607 -20.32 16.38 -20.12
N PHE B 608 -21.28 16.26 -19.20
CA PHE B 608 -21.27 16.91 -17.89
C PHE B 608 -21.46 18.43 -17.96
N GLU B 609 -21.65 19.00 -19.15
CA GLU B 609 -21.94 20.42 -19.27
C GLU B 609 -23.23 20.75 -18.54
N GLY B 610 -23.17 21.63 -17.56
CA GLY B 610 -24.35 21.88 -16.76
C GLY B 610 -24.56 20.88 -15.66
N TYR B 611 -23.62 19.97 -15.45
CA TYR B 611 -23.70 18.93 -14.43
C TYR B 611 -22.45 18.91 -13.55
N GLU B 612 -21.89 20.10 -13.27
CA GLU B 612 -20.67 20.21 -12.49
C GLU B 612 -20.76 19.53 -11.13
N ALA B 613 -21.92 19.62 -10.48
CA ALA B 613 -22.09 18.97 -9.19
C ALA B 613 -21.93 17.47 -9.34
N ILE B 614 -22.59 16.90 -10.35
CA ILE B 614 -22.47 15.48 -10.59
C ILE B 614 -21.06 15.15 -11.04
N LEU B 615 -20.48 15.96 -11.95
CA LEU B 615 -19.10 15.73 -12.34
C LEU B 615 -18.17 15.77 -11.14
N ASN B 616 -18.36 16.76 -10.25
CA ASN B 616 -17.48 16.87 -9.11
C ASN B 616 -17.69 15.70 -8.17
N LEU B 617 -18.94 15.26 -8.02
CA LEU B 617 -19.24 14.08 -7.22
C LEU B 617 -18.51 12.87 -7.76
N VAL B 618 -18.58 12.64 -9.07
CA VAL B 618 -17.97 11.43 -9.60
C VAL B 618 -16.44 11.56 -9.73
N SER B 619 -15.91 12.78 -9.92
CA SER B 619 -14.46 12.94 -10.05
C SER B 619 -13.74 12.99 -8.71
N ASN B 620 -14.36 13.57 -7.71
CA ASN B 620 -13.64 13.95 -6.50
C ASN B 620 -14.29 13.47 -5.22
N LYS B 621 -15.57 13.10 -5.23
CA LYS B 621 -16.25 12.66 -4.01
C LYS B 621 -16.79 11.25 -4.16
N THR B 622 -16.09 10.43 -4.95
CA THR B 622 -16.47 9.03 -5.20
C THR B 622 -15.19 8.22 -5.06
N PRO B 623 -15.23 7.11 -4.32
CA PRO B 623 -14.02 6.31 -4.15
C PRO B 623 -13.49 5.87 -5.51
N LYS B 624 -12.17 5.84 -5.64
CA LYS B 624 -11.57 5.61 -6.94
C LYS B 624 -10.55 4.49 -6.88
N TYR B 625 -10.40 3.82 -8.03
CA TYR B 625 -9.50 2.70 -8.14
C TYR B 625 -8.05 3.19 -8.09
N GLY B 626 -7.20 2.39 -7.45
CA GLY B 626 -5.81 2.72 -7.37
C GLY B 626 -5.42 3.50 -6.14
N ASN B 627 -6.21 3.39 -5.08
CA ASN B 627 -5.96 4.08 -3.82
C ASN B 627 -6.04 3.11 -2.67
N ASP B 628 -5.92 1.82 -2.94
CA ASP B 628 -6.14 0.80 -1.93
C ASP B 628 -7.51 0.96 -1.28
N ASP B 629 -8.50 1.45 -2.04
CA ASP B 629 -9.87 1.67 -1.56
C ASP B 629 -10.75 0.47 -1.94
N ASP B 630 -11.07 -0.35 -0.95
CA ASP B 630 -11.84 -1.56 -1.21
C ASP B 630 -13.20 -1.28 -1.81
N TYR B 631 -13.77 -0.10 -1.57
CA TYR B 631 -15.06 0.15 -2.19
C TYR B 631 -14.93 0.13 -3.71
N ALA B 632 -13.88 0.77 -4.24
CA ALA B 632 -13.67 0.75 -5.68
C ALA B 632 -12.96 -0.53 -6.11
N ASP B 633 -12.03 -1.00 -5.30
CA ASP B 633 -11.22 -2.15 -5.69
C ASP B 633 -12.04 -3.43 -5.72
N GLU B 634 -13.04 -3.57 -4.86
CA GLU B 634 -13.93 -4.74 -4.94
C GLU B 634 -14.77 -4.70 -6.21
N ILE B 635 -15.17 -3.50 -6.65
CA ILE B 635 -15.86 -3.40 -7.93
C ILE B 635 -14.91 -3.74 -9.07
N MET B 636 -13.67 -3.22 -9.03
CA MET B 636 -12.67 -3.65 -9.98
C MET B 636 -12.55 -5.18 -10.02
N GLN B 637 -12.51 -5.81 -8.84
CA GLN B 637 -12.44 -7.27 -8.79
C GLN B 637 -13.69 -7.90 -9.38
N GLU B 638 -14.87 -7.34 -9.07
CA GLU B 638 -16.09 -7.87 -9.67
C GLU B 638 -16.04 -7.75 -11.18
N ILE B 639 -15.57 -6.61 -11.70
CA ILE B 639 -15.49 -6.45 -13.14
C ILE B 639 -14.48 -7.39 -13.74
N PHE B 640 -13.29 -7.46 -13.12
CA PHE B 640 -12.26 -8.34 -13.64
C PHE B 640 -12.74 -9.78 -13.65
N ASN B 641 -13.37 -10.22 -12.54
CA ASN B 641 -13.90 -11.59 -12.49
C ASN B 641 -14.94 -11.81 -13.56
N ALA B 642 -15.86 -10.85 -13.72
CA ALA B 642 -16.88 -10.96 -14.74
C ALA B 642 -16.24 -11.17 -16.09
N TYR B 643 -15.21 -10.38 -16.37
CA TYR B 643 -14.46 -10.49 -17.61
C TYR B 643 -13.72 -11.82 -17.66
N TYR B 644 -13.03 -12.17 -16.58
CA TYR B 644 -12.33 -13.43 -16.53
C TYR B 644 -13.29 -14.60 -16.70
N ASN B 645 -14.43 -14.57 -15.97
CA ASN B 645 -15.38 -15.68 -16.07
C ASN B 645 -16.04 -15.72 -17.44
N GLU B 646 -16.31 -14.54 -18.01
CA GLU B 646 -16.99 -14.51 -19.29
C GLU B 646 -16.11 -15.04 -20.42
N VAL B 647 -14.80 -14.88 -20.32
CA VAL B 647 -13.86 -15.21 -21.39
C VAL B 647 -13.13 -16.53 -21.11
N THR B 648 -12.60 -16.70 -19.92
CA THR B 648 -11.68 -17.79 -19.66
C THR B 648 -12.37 -19.15 -19.69
N GLY B 649 -11.74 -20.11 -20.36
CA GLY B 649 -12.25 -21.44 -20.47
C GLY B 649 -12.97 -21.73 -21.76
N ARG B 650 -13.44 -20.70 -22.45
CA ARG B 650 -14.06 -20.91 -23.73
C ARG B 650 -13.09 -21.62 -24.66
N PRO B 651 -13.52 -22.64 -25.38
CA PRO B 651 -12.58 -23.39 -26.22
C PRO B 651 -12.14 -22.57 -27.44
N THR B 652 -10.89 -22.74 -27.82
CA THR B 652 -10.48 -22.21 -29.10
C THR B 652 -10.65 -23.29 -30.14
N VAL B 653 -10.71 -22.88 -31.41
CA VAL B 653 -10.96 -23.82 -32.50
C VAL B 653 -9.88 -24.89 -32.54
N CYS B 654 -8.64 -24.53 -32.22
CA CYS B 654 -7.54 -25.46 -32.43
C CYS B 654 -7.06 -26.11 -31.14
N GLY B 655 -7.97 -26.37 -30.21
CA GLY B 655 -7.70 -27.21 -29.08
C GLY B 655 -7.15 -26.51 -27.85
N GLY B 656 -7.13 -25.18 -27.84
CA GLY B 656 -6.77 -24.43 -26.66
C GLY B 656 -7.97 -23.77 -26.02
N GLU B 657 -7.67 -22.82 -25.13
CA GLU B 657 -8.74 -22.15 -24.41
C GLU B 657 -8.47 -20.67 -24.39
N TYR B 658 -9.53 -19.92 -24.21
CA TYR B 658 -9.39 -18.49 -24.06
C TYR B 658 -8.95 -18.18 -22.65
N ARG B 659 -8.13 -17.14 -22.55
CA ARG B 659 -7.72 -16.59 -21.28
C ARG B 659 -7.74 -15.08 -21.44
N VAL B 660 -7.43 -14.42 -20.35
CA VAL B 660 -7.65 -12.99 -20.24
C VAL B 660 -6.31 -12.34 -19.94
N ASP B 661 -6.08 -11.17 -20.51
CA ASP B 661 -4.95 -10.36 -20.09
C ASP B 661 -5.38 -8.92 -20.23
N MET B 662 -4.61 -8.02 -19.62
CA MET B 662 -5.00 -6.62 -19.53
C MET B 662 -3.85 -5.73 -19.99
N LEU B 663 -3.97 -5.17 -21.19
CA LEU B 663 -2.93 -4.27 -21.75
C LEU B 663 -3.56 -3.54 -22.92
N PRO B 664 -3.22 -2.28 -23.19
CA PRO B 664 -3.79 -1.63 -24.35
C PRO B 664 -2.90 -1.14 -25.50
N THR B 665 -1.58 -1.21 -25.39
CA THR B 665 -0.67 -0.60 -26.39
C THR B 665 -1.12 0.84 -26.57
N THR B 666 -1.77 1.20 -27.67
CA THR B 666 -2.32 2.56 -27.79
C THR B 666 -3.84 2.45 -27.93
N CYS B 667 -4.41 1.28 -27.62
CA CYS B 667 -5.82 1.15 -27.83
C CYS B 667 -6.63 1.89 -26.80
N HIS B 668 -6.05 2.18 -25.66
CA HIS B 668 -6.79 2.97 -24.70
C HIS B 668 -7.08 4.36 -25.25
N ILE B 669 -6.24 4.87 -26.16
CA ILE B 669 -6.58 6.10 -26.87
C ILE B 669 -7.80 5.86 -27.74
N TYR B 670 -7.71 4.90 -28.66
CA TYR B 670 -8.83 4.60 -29.55
C TYR B 670 -10.10 4.32 -28.76
N PHE B 671 -10.02 3.44 -27.76
CA PHE B 671 -11.23 3.06 -27.05
C PHE B 671 -11.85 4.25 -26.35
N GLY B 672 -11.07 5.24 -25.97
CA GLY B 672 -11.65 6.42 -25.38
C GLY B 672 -12.28 7.34 -26.40
N GLU B 673 -11.62 7.50 -27.56
CA GLU B 673 -12.08 8.44 -28.58
C GLU B 673 -13.51 8.16 -29.01
N ILE B 674 -13.85 6.89 -29.22
CA ILE B 674 -15.17 6.54 -29.74
C ILE B 674 -16.15 6.21 -28.61
N MET B 675 -15.86 6.65 -27.40
CA MET B 675 -16.74 6.48 -26.25
C MET B 675 -17.16 7.84 -25.76
N GLY B 676 -18.41 7.95 -25.32
CA GLY B 676 -18.88 9.18 -24.72
C GLY B 676 -18.37 9.31 -23.31
N ALA B 677 -18.88 10.33 -22.62
CA ALA B 677 -18.49 10.53 -21.22
C ALA B 677 -18.89 9.31 -20.39
N SER B 678 -18.08 9.01 -19.39
CA SER B 678 -18.34 7.86 -18.54
C SER B 678 -18.71 8.30 -17.13
N PRO B 679 -19.44 7.46 -16.40
CA PRO B 679 -19.90 7.86 -15.06
C PRO B 679 -18.78 8.22 -14.10
N ASN B 680 -17.53 7.93 -14.40
CA ASN B 680 -16.49 8.30 -13.46
C ASN B 680 -16.02 9.74 -13.62
N GLY B 681 -16.55 10.48 -14.59
CA GLY B 681 -16.09 11.83 -14.86
C GLY B 681 -15.16 11.97 -16.03
N ARG B 682 -14.66 10.87 -16.59
CA ARG B 682 -13.87 10.95 -17.80
C ARG B 682 -14.74 11.55 -18.91
N LEU B 683 -14.22 12.57 -19.59
CA LEU B 683 -15.02 13.29 -20.57
C LEU B 683 -15.16 12.48 -21.85
N CYS B 684 -16.14 12.88 -22.66
CA CYS B 684 -16.35 12.27 -23.96
C CYS B 684 -15.06 12.34 -24.77
N ALA B 685 -14.80 11.26 -25.53
CA ALA B 685 -13.65 11.13 -26.43
C ALA B 685 -12.29 11.08 -25.73
N LYS B 686 -12.25 11.24 -24.42
CA LYS B 686 -10.94 11.16 -23.81
C LYS B 686 -10.52 9.71 -23.65
N PRO B 687 -9.23 9.42 -23.73
CA PRO B 687 -8.78 8.03 -23.59
C PRO B 687 -9.28 7.41 -22.29
N VAL B 688 -9.41 6.09 -22.32
CA VAL B 688 -9.68 5.33 -21.11
C VAL B 688 -8.35 5.00 -20.45
N SER B 689 -8.39 4.53 -19.23
CA SER B 689 -7.16 4.21 -18.55
C SER B 689 -6.30 3.21 -19.30
N GLU B 690 -4.99 3.30 -19.16
CA GLU B 690 -4.08 2.41 -19.82
C GLU B 690 -3.78 1.25 -18.94
N GLY B 691 -3.74 0.06 -19.48
CA GLY B 691 -3.46 -1.13 -18.71
C GLY B 691 -4.35 -1.29 -17.50
N ILE B 692 -3.78 -1.79 -16.45
CA ILE B 692 -4.52 -1.83 -15.20
C ILE B 692 -4.20 -0.60 -14.37
N SER B 693 -3.57 0.39 -14.99
CA SER B 693 -3.23 1.60 -14.26
C SER B 693 -4.49 2.34 -13.82
N PRO B 694 -4.38 3.17 -12.79
CA PRO B 694 -5.53 3.97 -12.35
C PRO B 694 -5.99 4.93 -13.43
N GLU B 695 -7.23 5.36 -13.29
CA GLU B 695 -7.73 6.36 -14.19
C GLU B 695 -6.97 7.66 -14.02
N LYS B 696 -6.96 8.50 -15.06
CA LYS B 696 -6.38 9.82 -14.95
C LYS B 696 -6.95 10.51 -13.73
N GLY B 697 -6.07 10.97 -12.86
CA GLY B 697 -6.46 11.61 -11.64
C GLY B 697 -7.05 10.70 -10.59
N GLY B 698 -7.10 9.39 -10.84
CA GLY B 698 -7.70 8.50 -9.86
C GLY B 698 -6.80 8.17 -8.68
N ASP B 699 -5.48 8.10 -8.89
CA ASP B 699 -4.56 7.73 -7.84
C ASP B 699 -4.01 8.99 -7.19
N THR B 700 -4.49 9.27 -5.98
CA THR B 700 -4.10 10.46 -5.23
C THR B 700 -3.49 10.09 -3.89
N ASN B 701 -2.97 8.87 -3.76
CA ASN B 701 -2.36 8.40 -2.51
C ASN B 701 -1.00 7.76 -2.76
N GLY B 702 -0.38 8.02 -3.91
CA GLY B 702 0.97 7.57 -4.12
C GLY B 702 1.10 6.18 -4.69
N PRO B 703 2.34 5.82 -5.06
CA PRO B 703 2.53 4.55 -5.78
C PRO B 703 2.28 3.31 -4.93
N THR B 704 2.58 3.32 -3.63
CA THR B 704 2.29 2.14 -2.82
C THR B 704 0.79 1.85 -2.80
N ALA B 705 -0.04 2.89 -2.81
CA ALA B 705 -1.48 2.65 -2.86
C ALA B 705 -1.88 2.01 -4.18
N VAL B 706 -1.28 2.42 -5.30
CA VAL B 706 -1.74 1.84 -6.55
C VAL B 706 -1.26 0.40 -6.68
N ILE B 707 -0.02 0.10 -6.26
CA ILE B 707 0.40 -1.31 -6.39
C ILE B 707 -0.42 -2.18 -5.47
N LYS B 708 -0.93 -1.64 -4.35
CA LYS B 708 -1.85 -2.42 -3.52
C LYS B 708 -3.20 -2.64 -4.22
N SER B 709 -3.74 -1.61 -4.87
CA SER B 709 -4.95 -1.80 -5.66
C SER B 709 -4.73 -2.78 -6.80
N CYS B 710 -3.65 -2.59 -7.56
CA CYS B 710 -3.39 -3.47 -8.70
C CYS B 710 -3.22 -4.91 -8.26
N ALA B 711 -2.65 -5.12 -7.08
CA ALA B 711 -2.46 -6.49 -6.58
C ALA B 711 -3.78 -7.18 -6.28
N LYS B 712 -4.87 -6.43 -6.11
CA LYS B 712 -6.16 -7.04 -5.82
C LYS B 712 -6.78 -7.69 -7.05
N MET B 713 -6.32 -7.31 -8.25
CA MET B 713 -6.65 -8.04 -9.46
C MET B 713 -5.87 -9.34 -9.48
N ASP B 714 -6.54 -10.45 -9.76
CA ASP B 714 -5.90 -11.76 -9.67
C ASP B 714 -5.01 -12.01 -10.89
N HIS B 715 -3.78 -11.47 -10.82
CA HIS B 715 -2.87 -11.59 -11.95
C HIS B 715 -2.62 -13.03 -12.34
N ILE B 716 -2.63 -13.94 -11.37
CA ILE B 716 -2.33 -15.33 -11.67
C ILE B 716 -3.35 -15.88 -12.65
N LYS B 717 -4.59 -15.38 -12.60
CA LYS B 717 -5.63 -15.86 -13.49
C LYS B 717 -5.52 -15.27 -14.89
N THR B 718 -4.48 -14.46 -15.16
CA THR B 718 -4.34 -13.74 -16.42
C THR B 718 -3.10 -14.20 -17.17
N GLY B 719 -3.02 -13.73 -18.41
CA GLY B 719 -1.81 -13.88 -19.19
C GLY B 719 -1.02 -12.59 -19.17
N GLY B 720 -1.19 -11.81 -18.11
CA GLY B 720 -0.43 -10.59 -17.97
C GLY B 720 -1.26 -9.35 -17.80
N THR B 721 -0.77 -8.46 -16.96
CA THR B 721 -1.35 -7.14 -16.77
C THR B 721 -0.23 -6.11 -16.83
N LEU B 722 -0.58 -4.93 -17.31
CA LEU B 722 0.38 -3.87 -17.57
C LEU B 722 0.11 -2.73 -16.60
N LEU B 723 1.11 -2.39 -15.79
CA LEU B 723 1.01 -1.25 -14.89
C LEU B 723 2.05 -0.22 -15.28
N ASN B 724 1.58 0.98 -15.59
CA ASN B 724 2.44 2.14 -15.80
C ASN B 724 2.51 2.93 -14.51
N GLN B 725 3.72 3.28 -14.11
CA GLN B 725 3.90 4.26 -13.05
C GLN B 725 4.91 5.29 -13.52
N ARG B 726 4.67 6.53 -13.13
CA ARG B 726 5.53 7.64 -13.49
C ARG B 726 6.08 8.23 -12.21
N PHE B 727 7.40 8.47 -12.19
CA PHE B 727 8.05 9.08 -11.04
C PHE B 727 8.66 10.42 -11.40
N ALA B 728 8.52 11.37 -10.49
CA ALA B 728 9.22 12.64 -10.64
C ALA B 728 10.73 12.39 -10.63
N PRO B 729 11.48 13.04 -11.52
CA PRO B 729 12.93 12.79 -11.58
C PRO B 729 13.63 12.99 -10.25
N SER B 730 13.14 13.91 -9.41
CA SER B 730 13.81 14.20 -8.15
C SER B 730 13.76 13.02 -7.21
N VAL B 731 12.62 12.31 -7.15
CA VAL B 731 12.49 11.24 -6.18
C VAL B 731 13.21 9.99 -6.63
N VAL B 732 13.80 10.00 -7.81
CA VAL B 732 14.50 8.83 -8.32
C VAL B 732 16.02 9.01 -8.30
N GLN B 733 16.52 10.13 -7.81
CA GLN B 733 17.96 10.40 -7.86
C GLN B 733 18.72 9.67 -6.76
N GLY B 734 19.99 9.43 -7.02
CA GLY B 734 20.92 8.92 -6.06
C GLY B 734 20.60 7.48 -5.68
N GLU B 735 21.12 7.10 -4.53
CA GLU B 735 20.98 5.72 -4.10
C GLU B 735 19.63 5.52 -3.44
N LYS B 736 19.14 6.57 -2.75
CA LYS B 736 17.77 6.52 -2.26
C LYS B 736 16.79 6.32 -3.40
N GLY B 737 17.07 6.90 -4.56
CA GLY B 737 16.19 6.71 -5.71
C GLY B 737 16.24 5.28 -6.20
N LEU B 738 17.44 4.73 -6.36
CA LEU B 738 17.56 3.32 -6.75
C LEU B 738 16.84 2.41 -5.77
N ASP B 739 17.06 2.62 -4.47
CA ASP B 739 16.44 1.75 -3.46
C ASP B 739 14.92 1.83 -3.49
N ASN B 740 14.36 3.03 -3.72
CA ASN B 740 12.92 3.18 -3.76
C ASN B 740 12.31 2.53 -4.99
N MET B 741 12.95 2.66 -6.15
CA MET B 741 12.45 1.95 -7.33
C MET B 741 12.50 0.46 -7.10
N ALA B 742 13.66 -0.04 -6.66
CA ALA B 742 13.80 -1.47 -6.42
C ALA B 742 12.78 -1.96 -5.40
N ASN B 743 12.51 -1.14 -4.37
CA ASN B 743 11.55 -1.55 -3.34
C ASN B 743 10.13 -1.60 -3.90
N LEU B 744 9.73 -0.63 -4.71
CA LEU B 744 8.39 -0.64 -5.25
C LEU B 744 8.17 -1.85 -6.15
N VAL B 745 9.15 -2.14 -7.02
CA VAL B 745 9.09 -3.32 -7.87
C VAL B 745 8.91 -4.57 -7.02
N ARG B 746 9.75 -4.73 -6.01
CA ARG B 746 9.67 -5.94 -5.20
C ARG B 746 8.41 -5.96 -4.36
N ALA B 747 7.92 -4.80 -3.91
CA ALA B 747 6.73 -4.80 -3.05
C ALA B 747 5.51 -5.25 -3.84
N TYR B 748 5.36 -4.73 -5.06
CA TYR B 748 4.27 -5.14 -5.93
C TYR B 748 4.40 -6.61 -6.28
N PHE B 749 5.60 -7.04 -6.65
CA PHE B 749 5.81 -8.42 -7.02
C PHE B 749 5.61 -9.34 -5.83
N ASN B 750 5.87 -8.85 -4.64
CA ASN B 750 5.63 -9.68 -3.46
C ASN B 750 4.15 -9.97 -3.28
N MET B 751 3.27 -9.12 -3.80
CA MET B 751 1.84 -9.33 -3.84
C MET B 751 1.39 -10.00 -5.12
N ASP B 752 2.32 -10.59 -5.86
CA ASP B 752 2.06 -11.28 -7.12
C ASP B 752 1.66 -10.35 -8.23
N GLY B 753 1.94 -9.05 -8.08
CA GLY B 753 1.80 -8.16 -9.21
C GLY B 753 2.62 -8.66 -10.38
N HIS B 754 2.11 -8.42 -11.57
CA HIS B 754 2.71 -9.04 -12.75
C HIS B 754 3.82 -8.18 -13.35
N HIS B 755 3.57 -6.91 -13.55
CA HIS B 755 4.49 -6.05 -14.23
C HIS B 755 4.50 -4.60 -13.80
N ILE B 756 5.66 -4.00 -13.74
CA ILE B 756 5.71 -2.61 -13.51
C ILE B 756 6.73 -1.99 -14.47
N GLN B 757 6.48 -0.81 -14.96
CA GLN B 757 7.39 -0.10 -15.82
C GLN B 757 7.35 1.37 -15.39
N PHE B 758 8.40 2.14 -15.64
CA PHE B 758 8.46 3.48 -15.09
C PHE B 758 8.73 4.49 -16.18
N ASN B 759 8.03 5.60 -16.10
CA ASN B 759 8.43 6.85 -16.73
C ASN B 759 9.10 7.70 -15.66
N VAL B 760 10.24 8.29 -16.00
CA VAL B 760 10.92 9.27 -15.15
C VAL B 760 11.32 10.39 -16.10
N PHE B 761 10.44 11.35 -16.29
CA PHE B 761 10.70 12.43 -17.21
C PHE B 761 10.35 13.77 -16.57
N ASP B 762 10.92 14.82 -17.15
CA ASP B 762 10.61 16.19 -16.77
C ASP B 762 9.40 16.64 -17.58
N LYS B 763 8.30 16.94 -16.90
CA LYS B 763 7.12 17.47 -17.57
C LYS B 763 7.50 18.60 -18.51
N ASN B 764 8.49 19.40 -18.12
CA ASN B 764 8.86 20.55 -18.94
C ASN B 764 9.49 20.12 -20.24
N VAL B 765 10.27 19.04 -20.22
CA VAL B 765 10.88 18.56 -21.46
C VAL B 765 9.80 18.09 -22.44
N LEU B 766 8.82 17.33 -21.95
CA LEU B 766 7.78 16.81 -22.84
C LEU B 766 6.94 17.94 -23.42
N LEU B 767 6.54 18.90 -22.57
CA LEU B 767 5.75 20.03 -23.05
C LEU B 767 6.55 20.87 -24.05
N GLU B 768 7.84 21.09 -23.79
CA GLU B 768 8.69 21.81 -24.76
C GLU B 768 8.87 21.00 -26.03
N ALA B 769 9.00 19.67 -25.87
CA ALA B 769 9.10 18.80 -27.04
C ALA B 769 7.84 18.87 -27.89
N GLN B 770 6.66 19.04 -27.25
CA GLN B 770 5.44 19.26 -28.03
C GLN B 770 5.52 20.54 -28.84
N LYS B 771 6.14 21.55 -28.28
CA LYS B 771 6.25 22.84 -28.93
C LYS B 771 7.31 22.85 -30.00
N ASN B 772 8.44 22.23 -29.70
CA ASN B 772 9.58 22.15 -30.63
C ASN B 772 10.11 20.73 -30.75
N PRO B 773 9.40 19.87 -31.49
CA PRO B 773 9.82 18.47 -31.56
C PRO B 773 11.20 18.26 -32.17
N GLN B 774 11.62 19.13 -33.09
CA GLN B 774 12.92 18.96 -33.75
C GLN B 774 14.08 19.04 -32.77
N ASP B 775 13.86 19.64 -31.60
CA ASP B 775 14.90 19.73 -30.57
C ASP B 775 14.95 18.48 -29.70
N TYR B 776 13.90 17.67 -29.74
CA TYR B 776 13.82 16.47 -28.92
C TYR B 776 13.59 15.24 -29.79
N LYS B 777 14.40 15.07 -30.85
CA LYS B 777 14.18 13.95 -31.74
C LYS B 777 14.45 12.61 -31.03
N ASP B 778 15.42 12.57 -30.13
CA ASP B 778 15.72 11.36 -29.38
C ASP B 778 14.98 11.29 -28.04
N LEU B 779 14.00 12.16 -27.82
CA LEU B 779 13.26 12.11 -26.56
C LEU B 779 12.34 10.88 -26.55
N ILE B 780 12.57 9.99 -25.59
CA ILE B 780 11.90 8.70 -25.49
C ILE B 780 11.13 8.65 -24.18
N VAL B 781 9.86 8.21 -24.26
CA VAL B 781 9.01 7.98 -23.09
C VAL B 781 8.51 6.54 -23.12
N ARG B 782 8.02 6.07 -21.98
CA ARG B 782 7.37 4.78 -21.91
C ARG B 782 5.89 4.97 -22.21
N VAL B 783 5.38 4.22 -23.19
CA VAL B 783 3.97 4.31 -23.53
C VAL B 783 3.19 3.26 -22.75
N ALA B 784 3.14 2.02 -23.25
CA ALA B 784 2.37 0.97 -22.56
C ALA B 784 2.96 -0.37 -22.96
N GLY B 785 3.85 -0.89 -22.12
CA GLY B 785 4.56 -2.08 -22.46
C GLY B 785 5.73 -1.86 -23.37
N TYR B 786 6.00 -0.62 -23.76
CA TYR B 786 7.09 -0.37 -24.67
C TYR B 786 7.53 1.08 -24.55
N SER B 787 8.76 1.35 -24.96
CA SER B 787 9.25 2.70 -25.04
C SER B 787 9.18 3.15 -26.50
N ASP B 788 8.93 4.43 -26.69
CA ASP B 788 8.84 5.00 -28.02
C ASP B 788 9.43 6.40 -27.98
N HIS B 789 9.78 6.91 -29.15
CA HIS B 789 10.14 8.33 -29.22
C HIS B 789 8.88 9.19 -29.03
N PHE B 790 8.98 10.17 -28.13
CA PHE B 790 7.87 11.06 -27.84
C PHE B 790 7.28 11.70 -29.09
N ASN B 791 8.11 11.96 -30.09
CA ASN B 791 7.59 12.58 -31.30
C ASN B 791 6.73 11.63 -32.11
N ASN B 792 6.82 10.32 -31.85
CA ASN B 792 6.00 9.34 -32.56
C ASN B 792 4.56 9.27 -32.08
N LEU B 793 4.21 9.96 -31.00
CA LEU B 793 2.90 9.83 -30.38
C LEU B 793 1.97 10.96 -30.77
N SER B 794 0.69 10.63 -30.95
CA SER B 794 -0.31 11.65 -31.22
C SER B 794 -0.40 12.61 -30.04
N ARG B 795 -0.98 13.78 -30.31
CA ARG B 795 -1.20 14.72 -29.22
C ARG B 795 -1.92 14.05 -28.06
N THR B 796 -2.99 13.31 -28.36
CA THR B 796 -3.79 12.68 -27.32
C THR B 796 -2.95 11.70 -26.49
N LEU B 797 -2.12 10.89 -27.15
CA LEU B 797 -1.32 9.91 -26.42
C LEU B 797 -0.23 10.61 -25.60
N GLN B 798 0.40 11.67 -26.16
CA GLN B 798 1.34 12.47 -25.39
C GLN B 798 0.68 13.02 -24.14
N ASP B 799 -0.49 13.66 -24.31
CA ASP B 799 -1.20 14.23 -23.17
C ASP B 799 -1.65 13.14 -22.22
N GLU B 800 -1.92 11.95 -22.75
CA GLU B 800 -2.22 10.83 -21.87
C GLU B 800 -1.02 10.50 -21.01
N ILE B 801 0.15 10.38 -21.61
CA ILE B 801 1.36 10.09 -20.85
C ILE B 801 1.66 11.22 -19.87
N ILE B 802 1.66 12.46 -20.39
CA ILE B 802 1.92 13.62 -19.54
C ILE B 802 0.92 13.65 -18.38
N GLY B 803 -0.32 13.24 -18.64
CA GLY B 803 -1.38 13.22 -17.65
C GLY B 803 -1.27 12.12 -16.61
N ARG B 804 -0.31 11.21 -16.78
CA ARG B 804 -0.13 10.17 -15.78
C ARG B 804 0.37 10.77 -14.49
N THR B 805 -0.06 10.17 -13.39
CA THR B 805 0.27 10.66 -12.07
C THR B 805 1.79 10.70 -11.88
N GLU B 806 2.30 11.89 -11.59
CA GLU B 806 3.70 12.03 -11.19
C GLU B 806 3.80 11.57 -9.73
N GLN B 807 4.40 10.41 -9.53
CA GLN B 807 4.48 9.84 -8.20
C GLN B 807 5.73 10.29 -7.48
N THR B 808 5.61 10.37 -6.17
CA THR B 808 6.71 10.59 -5.27
C THR B 808 6.78 9.41 -4.32
N PHE B 809 7.97 9.13 -3.79
CA PHE B 809 8.12 8.05 -2.82
C PHE B 809 7.77 8.51 -1.39
N MET C 21 2.74 -22.91 36.07
CA MET C 21 3.56 -24.11 36.17
C MET C 21 2.97 -25.26 35.32
N ALA C 22 1.68 -25.40 35.41
CA ALA C 22 0.99 -26.39 34.65
C ALA C 22 0.61 -25.69 33.38
N ARG C 23 0.75 -26.39 32.28
CA ARG C 23 0.43 -25.83 31.00
C ARG C 23 -1.05 -25.67 30.84
N GLY C 24 -1.40 -24.57 30.23
CA GLY C 24 -2.78 -24.19 30.02
C GLY C 24 -3.03 -22.77 30.47
N THR C 25 -3.58 -21.92 29.61
CA THR C 25 -3.76 -20.51 29.95
C THR C 25 -4.85 -20.31 30.99
N PHE C 26 -5.82 -21.22 31.04
CA PHE C 26 -6.95 -21.10 31.96
C PHE C 26 -7.05 -22.34 32.82
N GLU C 27 -7.69 -22.18 33.98
CA GLU C 27 -7.86 -23.31 34.87
C GLU C 27 -8.61 -24.42 34.17
N ARG C 28 -9.64 -24.06 33.40
CA ARG C 28 -10.39 -25.05 32.64
C ARG C 28 -9.46 -25.86 31.74
N THR C 29 -8.67 -25.18 30.90
CA THR C 29 -7.83 -25.88 29.96
C THR C 29 -6.62 -26.53 30.62
N LYS C 30 -6.17 -26.01 31.76
CA LYS C 30 -5.16 -26.74 32.53
C LYS C 30 -5.71 -28.09 32.97
N LYS C 31 -6.95 -28.10 33.46
CA LYS C 31 -7.58 -29.34 33.94
C LYS C 31 -7.78 -30.32 32.79
N LEU C 32 -8.32 -29.82 31.68
CA LEU C 32 -8.51 -30.65 30.50
C LEU C 32 -7.17 -31.18 29.99
N ARG C 33 -6.14 -30.34 29.98
CA ARG C 33 -4.84 -30.81 29.53
C ARG C 33 -4.28 -31.89 30.44
N GLU C 34 -4.47 -31.74 31.76
CA GLU C 34 -3.98 -32.75 32.68
C GLU C 34 -4.73 -34.08 32.47
N GLU C 35 -6.05 -34.01 32.27
CA GLU C 35 -6.81 -35.21 31.96
C GLU C 35 -6.29 -35.89 30.69
N SER C 36 -5.97 -35.09 29.67
CA SER C 36 -5.45 -35.64 28.41
C SER C 36 -4.10 -36.31 28.61
N ILE C 37 -3.16 -35.60 29.25
CA ILE C 37 -1.81 -36.11 29.38
C ILE C 37 -1.76 -37.33 30.28
N ASN C 38 -2.73 -37.49 31.17
CA ASN C 38 -2.76 -38.62 32.08
C ASN C 38 -3.59 -39.79 31.60
N ALA C 39 -4.47 -39.60 30.61
CA ALA C 39 -5.30 -40.69 30.14
C ALA C 39 -4.35 -41.70 29.49
N GLU C 40 -4.50 -42.94 29.88
CA GLU C 40 -3.68 -44.00 29.38
C GLU C 40 -4.27 -44.53 28.07
N PRO C 41 -3.43 -44.75 27.07
CA PRO C 41 -4.02 -45.27 25.83
C PRO C 41 -4.64 -46.65 25.95
N HIS C 42 -5.88 -46.78 25.48
CA HIS C 42 -6.62 -48.03 25.55
C HIS C 42 -7.55 -48.15 24.35
N ILE C 43 -8.06 -49.37 24.11
CA ILE C 43 -9.00 -49.60 23.03
C ILE C 43 -10.44 -49.59 23.58
N SER C 44 -11.33 -49.00 22.83
CA SER C 44 -12.72 -48.91 23.19
C SER C 44 -13.55 -49.68 22.19
N ILE C 45 -14.07 -50.84 22.54
CA ILE C 45 -14.83 -51.65 21.58
C ILE C 45 -16.27 -51.36 21.39
N GLU C 46 -16.77 -50.27 21.90
CA GLU C 46 -18.14 -49.99 21.73
C GLU C 46 -18.49 -49.81 20.30
N ARG C 47 -17.60 -49.17 19.57
CA ARG C 47 -17.86 -48.96 18.15
C ARG C 47 -17.96 -50.28 17.42
N ALA C 48 -17.04 -51.20 17.70
CA ALA C 48 -17.09 -52.51 17.06
C ALA C 48 -18.39 -53.23 17.38
N VAL C 49 -18.86 -53.12 18.62
CA VAL C 49 -20.12 -53.73 19.00
C VAL C 49 -21.29 -53.10 18.23
N LEU C 50 -21.33 -51.77 18.20
CA LEU C 50 -22.47 -51.13 17.58
C LEU C 50 -22.52 -51.37 16.08
N MET C 51 -21.34 -51.42 15.43
N MET C 51 -21.34 -51.51 15.47
CA MET C 51 -21.32 -51.70 13.99
CA MET C 51 -21.21 -51.74 14.04
C MET C 51 -21.73 -53.14 13.71
C MET C 51 -21.69 -53.14 13.74
N THR C 52 -21.37 -54.07 14.60
CA THR C 52 -21.81 -55.45 14.45
C THR C 52 -23.33 -55.57 14.52
N GLU C 53 -23.95 -54.89 15.49
CA GLU C 53 -25.40 -54.92 15.58
C GLU C 53 -26.03 -54.44 14.28
N ALA C 54 -25.55 -53.32 13.75
CA ALA C 54 -26.17 -52.76 12.56
C ALA C 54 -25.92 -53.66 11.35
N TYR C 55 -24.72 -54.23 11.26
CA TYR C 55 -24.43 -55.15 10.17
C TYR C 55 -25.30 -56.40 10.27
N LYS C 56 -25.37 -57.02 11.45
CA LYS C 56 -26.26 -58.16 11.63
C LYS C 56 -27.71 -57.78 11.31
N LYS C 57 -28.07 -56.50 11.43
CA LYS C 57 -29.41 -56.08 11.10
C LYS C 57 -29.59 -55.75 9.61
N TYR C 58 -28.62 -55.06 9.00
CA TYR C 58 -28.82 -54.51 7.67
C TYR C 58 -27.98 -55.16 6.58
N GLU C 59 -26.87 -55.80 6.91
CA GLU C 59 -26.00 -56.32 5.87
C GLU C 59 -26.78 -57.27 4.97
N GLY C 60 -26.61 -57.09 3.67
CA GLY C 60 -27.30 -57.91 2.70
C GLY C 60 -28.63 -57.33 2.25
N SER C 61 -29.10 -56.28 2.91
CA SER C 61 -30.38 -55.69 2.56
C SER C 61 -30.22 -54.36 1.85
N VAL C 62 -29.02 -53.78 1.87
CA VAL C 62 -28.75 -52.49 1.24
C VAL C 62 -27.38 -52.53 0.61
N GLU C 63 -27.13 -51.56 -0.26
CA GLU C 63 -25.79 -51.40 -0.83
C GLU C 63 -24.81 -50.99 0.25
N ILE C 64 -23.54 -51.32 0.03
CA ILE C 64 -22.52 -51.10 1.03
C ILE C 64 -22.47 -49.63 1.49
N PRO C 65 -22.57 -48.63 0.61
CA PRO C 65 -22.63 -47.25 1.13
C PRO C 65 -23.77 -47.03 2.11
N VAL C 66 -25.00 -47.45 1.78
CA VAL C 66 -26.10 -47.26 2.71
C VAL C 66 -25.83 -48.03 4.00
N LEU C 67 -25.24 -49.21 3.88
CA LEU C 67 -24.86 -50.01 5.05
C LEU C 67 -23.87 -49.25 5.94
N ARG C 68 -22.81 -48.69 5.36
CA ARG C 68 -21.87 -47.90 6.14
C ARG C 68 -22.60 -46.75 6.81
N ALA C 69 -23.39 -46.01 6.03
CA ALA C 69 -24.14 -44.89 6.57
C ALA C 69 -25.12 -45.34 7.63
N LEU C 70 -25.84 -46.45 7.39
CA LEU C 70 -26.79 -46.93 8.39
C LEU C 70 -26.07 -47.40 9.64
N SER C 71 -24.92 -48.05 9.47
CA SER C 71 -24.19 -48.50 10.62
C SER C 71 -23.69 -47.30 11.42
N PHE C 72 -23.16 -46.31 10.72
CA PHE C 72 -22.73 -45.09 11.39
C PHE C 72 -23.89 -44.46 12.12
N LYS C 73 -25.05 -44.36 11.47
CA LYS C 73 -26.23 -43.80 12.11
C LYS C 73 -26.61 -44.62 13.34
N HIS C 74 -26.56 -45.94 13.23
CA HIS C 74 -26.83 -46.78 14.39
C HIS C 74 -25.76 -46.56 15.46
N TYR C 75 -24.52 -46.34 15.04
CA TYR C 75 -23.43 -46.05 15.98
C TYR C 75 -23.69 -44.73 16.69
N ILE C 76 -24.05 -43.70 15.92
CA ILE C 76 -24.31 -42.39 16.51
C ILE C 76 -25.54 -42.44 17.41
N GLU C 77 -26.59 -43.18 17.02
CA GLU C 77 -27.82 -43.22 17.81
C GLU C 77 -27.62 -43.88 19.17
N ASN C 78 -26.68 -44.81 19.27
CA ASN C 78 -26.59 -45.68 20.43
C ASN C 78 -25.24 -45.64 21.14
N ARG C 79 -24.24 -44.96 20.61
CA ARG C 79 -22.96 -44.93 21.31
C ARG C 79 -23.11 -44.15 22.61
N THR C 80 -22.35 -44.56 23.63
CA THR C 80 -22.30 -43.77 24.84
C THR C 80 -21.58 -42.46 24.53
N LEU C 81 -22.14 -41.36 24.99
CA LEU C 81 -21.53 -40.06 24.84
C LEU C 81 -21.02 -39.60 26.20
N SER C 82 -19.86 -38.96 26.21
CA SER C 82 -19.28 -38.43 27.43
C SER C 82 -18.98 -36.96 27.23
N ILE C 83 -19.27 -36.17 28.26
CA ILE C 83 -18.84 -34.78 28.36
C ILE C 83 -17.85 -34.75 29.50
N ASN C 84 -16.57 -34.61 29.19
CA ASN C 84 -15.58 -34.63 30.26
C ASN C 84 -15.69 -33.38 31.12
N ASP C 85 -15.19 -33.50 32.34
CA ASP C 85 -15.30 -32.45 33.34
C ASP C 85 -14.68 -31.16 32.82
N GLY C 86 -15.49 -30.11 32.72
CA GLY C 86 -15.00 -28.82 32.35
C GLY C 86 -14.93 -28.55 30.87
N GLU C 87 -15.45 -29.44 30.04
CA GLU C 87 -15.34 -29.25 28.60
C GLU C 87 -16.21 -28.10 28.13
N LEU C 88 -15.74 -27.44 27.09
CA LEU C 88 -16.55 -26.55 26.27
C LEU C 88 -16.85 -27.13 24.91
N ILE C 89 -15.88 -27.88 24.37
CA ILE C 89 -16.05 -28.67 23.16
C ILE C 89 -16.20 -30.12 23.57
N VAL C 90 -17.24 -30.79 23.06
CA VAL C 90 -17.55 -32.15 23.46
C VAL C 90 -17.37 -33.07 22.27
N GLY C 91 -17.08 -34.33 22.58
CA GLY C 91 -16.93 -35.34 21.56
C GLY C 91 -15.66 -36.14 21.71
N GLU C 92 -15.80 -37.45 21.83
CA GLU C 92 -14.67 -38.35 21.90
C GLU C 92 -14.86 -39.44 20.87
N LYS C 93 -13.77 -39.87 20.25
CA LYS C 93 -13.84 -41.03 19.37
C LYS C 93 -14.25 -42.27 20.15
N GLY C 94 -13.61 -42.48 21.31
CA GLY C 94 -13.85 -43.65 22.12
C GLY C 94 -14.71 -43.37 23.33
N ASP C 95 -14.60 -44.26 24.31
CA ASP C 95 -15.42 -44.15 25.52
C ASP C 95 -14.95 -43.02 26.41
N SER C 96 -13.65 -42.76 26.43
CA SER C 96 -13.04 -41.78 27.32
C SER C 96 -11.78 -41.29 26.62
N PRO C 97 -11.20 -40.18 27.08
CA PRO C 97 -9.97 -39.67 26.45
C PRO C 97 -8.91 -40.76 26.32
N ASN C 98 -8.18 -40.71 25.19
CA ASN C 98 -7.16 -41.68 24.81
C ASN C 98 -7.72 -43.08 24.60
N GLY C 99 -9.03 -43.18 24.38
CA GLY C 99 -9.67 -44.41 24.00
C GLY C 99 -9.84 -44.51 22.49
N ALA C 100 -9.06 -45.31 21.89
CA ALA C 100 -9.22 -45.41 20.45
C ALA C 100 -10.26 -46.45 20.14
N PRO C 101 -11.29 -46.15 19.35
CA PRO C 101 -12.19 -47.21 18.92
C PRO C 101 -11.45 -48.15 17.98
N THR C 102 -12.05 -49.32 17.77
CA THR C 102 -11.49 -50.30 16.84
C THR C 102 -12.25 -50.30 15.53
N TYR C 103 -11.58 -50.77 14.49
CA TYR C 103 -12.09 -50.72 13.13
C TYR C 103 -12.00 -52.12 12.53
N PRO C 104 -12.81 -53.04 13.05
CA PRO C 104 -12.71 -54.44 12.59
C PRO C 104 -13.08 -54.60 11.14
N GLU C 105 -13.84 -53.65 10.58
CA GLU C 105 -14.13 -53.68 9.16
C GLU C 105 -12.88 -53.42 8.34
N ILE C 106 -11.85 -52.79 8.93
CA ILE C 106 -10.60 -52.52 8.23
C ILE C 106 -9.57 -53.56 8.62
N CYS C 107 -9.23 -53.59 9.89
CA CYS C 107 -8.34 -54.60 10.44
C CYS C 107 -9.00 -55.14 11.70
N CYS C 108 -9.42 -56.38 11.64
CA CYS C 108 -10.00 -57.06 12.79
C CYS C 108 -8.85 -57.74 13.51
N HIS C 109 -8.45 -57.20 14.65
CA HIS C 109 -7.25 -57.68 15.31
C HIS C 109 -7.41 -59.13 15.72
N THR C 110 -6.35 -59.91 15.55
CA THR C 110 -6.33 -61.22 16.16
C THR C 110 -6.15 -61.05 17.66
N MET C 111 -6.46 -62.11 18.41
CA MET C 111 -6.22 -62.07 19.84
C MET C 111 -4.74 -61.85 20.15
N GLU C 112 -3.85 -62.31 19.26
CA GLU C 112 -2.42 -62.03 19.40
C GLU C 112 -2.13 -60.55 19.24
N ASP C 113 -2.82 -59.87 18.31
CA ASP C 113 -2.64 -58.44 18.14
C ASP C 113 -2.96 -57.69 19.43
N LEU C 114 -4.07 -58.06 20.08
CA LEU C 114 -4.44 -57.41 21.33
C LEU C 114 -3.36 -57.65 22.38
N GLU C 115 -2.79 -58.84 22.40
CA GLU C 115 -1.69 -59.14 23.31
C GLU C 115 -0.45 -58.31 22.99
N VAL C 116 -0.07 -58.25 21.71
CA VAL C 116 1.13 -57.51 21.32
C VAL C 116 0.98 -56.04 21.65
N MET C 117 -0.12 -55.42 21.20
CA MET C 117 -0.31 -53.99 21.40
C MET C 117 -0.46 -53.62 22.86
N HIS C 118 -0.87 -54.58 23.70
CA HIS C 118 -1.05 -54.30 25.11
C HIS C 118 0.28 -54.32 25.87
N ASN C 119 1.21 -55.19 25.48
CA ASN C 119 2.40 -55.46 26.28
C ASN C 119 3.70 -54.98 25.66
N ARG C 120 3.66 -54.39 24.47
CA ARG C 120 4.86 -53.87 23.80
C ARG C 120 5.42 -52.66 24.55
N ASP C 121 6.71 -52.41 24.33
CA ASP C 121 7.41 -51.34 25.04
C ASP C 121 6.86 -49.97 24.68
N ILE C 122 6.78 -49.66 23.40
CA ILE C 122 6.42 -48.32 22.96
C ILE C 122 5.13 -48.34 22.14
N ILE C 123 4.37 -47.25 22.24
CA ILE C 123 3.13 -47.04 21.51
C ILE C 123 2.18 -48.19 21.82
N ASN C 124 2.06 -48.54 23.08
CA ASN C 124 1.15 -49.59 23.49
C ASN C 124 -0.27 -49.05 23.65
N PHE C 125 -1.23 -49.95 23.55
CA PHE C 125 -2.62 -49.66 23.85
C PHE C 125 -3.14 -50.69 24.84
N SER C 126 -3.75 -50.19 25.89
CA SER C 126 -4.35 -51.04 26.90
C SER C 126 -5.60 -51.71 26.32
N VAL C 127 -5.68 -53.03 26.46
CA VAL C 127 -6.82 -53.81 26.00
C VAL C 127 -7.56 -54.31 27.23
N SER C 128 -8.70 -53.70 27.54
CA SER C 128 -9.45 -54.13 28.71
C SER C 128 -9.92 -55.57 28.56
N GLU C 129 -10.14 -56.22 29.71
CA GLU C 129 -10.66 -57.59 29.69
C GLU C 129 -12.04 -57.67 29.05
N GLU C 130 -12.91 -56.72 29.37
CA GLU C 130 -14.24 -56.72 28.77
C GLU C 130 -14.15 -56.56 27.25
N ALA C 131 -13.23 -55.72 26.79
CA ALA C 131 -13.05 -55.53 25.35
C ALA C 131 -12.43 -56.77 24.72
N ARG C 132 -11.47 -57.40 25.40
CA ARG C 132 -10.86 -58.61 24.88
C ARG C 132 -11.90 -59.70 24.67
N LYS C 133 -12.73 -59.95 25.69
CA LYS C 133 -13.79 -60.94 25.59
C LYS C 133 -14.76 -60.58 24.47
N ILE C 134 -15.23 -59.33 24.45
CA ILE C 134 -16.15 -58.91 23.41
C ILE C 134 -15.48 -59.04 22.04
N HIS C 135 -14.20 -58.65 21.93
CA HIS C 135 -13.53 -58.78 20.66
C HIS C 135 -13.42 -60.23 20.20
N LYS C 136 -13.10 -61.15 21.13
CA LYS C 136 -12.94 -62.54 20.73
C LYS C 136 -14.27 -63.18 20.35
N GLU C 137 -15.31 -62.89 21.12
CA GLU C 137 -16.58 -63.63 21.05
C GLU C 137 -17.62 -62.98 20.16
N GLU C 138 -17.63 -61.65 20.06
CA GLU C 138 -18.61 -60.95 19.23
C GLU C 138 -18.00 -60.31 17.99
N ILE C 139 -16.76 -59.84 18.05
CA ILE C 139 -16.18 -59.07 16.95
C ILE C 139 -15.53 -60.03 15.96
N ILE C 140 -14.61 -60.86 16.44
CA ILE C 140 -13.90 -61.79 15.54
C ILE C 140 -14.87 -62.69 14.77
N PRO C 141 -15.83 -63.39 15.39
CA PRO C 141 -16.69 -64.27 14.59
C PRO C 141 -17.40 -63.56 13.45
N PHE C 142 -17.70 -62.28 13.61
CA PHE C 142 -18.38 -61.59 12.53
C PHE C 142 -17.41 -60.94 11.54
N TRP C 143 -16.30 -60.37 12.03
CA TRP C 143 -15.49 -59.47 11.23
C TRP C 143 -14.19 -60.07 10.71
N LYS C 144 -13.74 -61.21 11.24
CA LYS C 144 -12.47 -61.73 10.77
C LYS C 144 -12.50 -61.98 9.26
N LYS C 145 -13.67 -62.34 8.72
CA LYS C 145 -13.74 -62.59 7.29
C LYS C 145 -14.16 -61.35 6.50
N ARG C 146 -14.77 -60.38 7.14
CA ARG C 146 -15.22 -59.18 6.44
C ARG C 146 -14.18 -58.07 6.37
N GLN C 147 -13.13 -58.11 7.20
CA GLN C 147 -12.15 -57.03 7.26
C GLN C 147 -11.44 -56.81 5.92
N THR C 148 -11.21 -55.54 5.58
CA THR C 148 -10.57 -55.23 4.31
C THR C 148 -9.11 -55.69 4.27
N ARG C 149 -8.43 -55.75 5.41
CA ARG C 149 -7.04 -56.17 5.37
C ARG C 149 -6.91 -57.53 4.72
N ASP C 150 -7.80 -58.47 5.08
CA ASP C 150 -7.77 -59.80 4.47
C ASP C 150 -8.15 -59.74 2.99
N LYS C 151 -9.12 -58.89 2.63
CA LYS C 151 -9.40 -58.62 1.23
C LYS C 151 -8.15 -58.13 0.50
N ILE C 152 -7.36 -57.27 1.13
CA ILE C 152 -6.17 -56.73 0.47
C ILE C 152 -5.08 -57.81 0.36
N ILE C 153 -4.73 -58.43 1.49
CA ILE C 153 -3.63 -59.39 1.49
C ILE C 153 -3.93 -60.56 0.56
N ASN C 154 -5.16 -61.10 0.62
CA ASN C 154 -5.52 -62.23 -0.22
C ASN C 154 -5.50 -61.86 -1.69
N ALA C 155 -5.66 -60.57 -2.01
CA ALA C 155 -5.71 -60.12 -3.38
C ALA C 155 -4.36 -59.71 -3.93
N MET C 156 -3.31 -59.75 -3.13
CA MET C 156 -2.01 -59.30 -3.57
C MET C 156 -1.16 -60.39 -4.21
N THR C 157 -0.30 -59.97 -5.12
CA THR C 157 0.55 -60.86 -5.89
C THR C 157 1.63 -61.49 -5.00
N PRO C 158 2.26 -62.58 -5.46
CA PRO C 158 3.43 -63.07 -4.72
C PRO C 158 4.58 -62.07 -4.67
N GLU C 159 4.84 -61.36 -5.78
CA GLU C 159 5.93 -60.38 -5.80
C GLU C 159 5.68 -59.26 -4.80
N TRP C 160 4.42 -58.81 -4.71
CA TRP C 160 4.08 -57.76 -3.76
C TRP C 160 4.29 -58.23 -2.32
N LEU C 161 3.83 -59.44 -2.02
CA LEU C 161 4.00 -59.95 -0.67
C LEU C 161 5.47 -60.07 -0.32
N ALA C 162 6.30 -60.53 -1.26
CA ALA C 162 7.72 -60.66 -0.97
C ALA C 162 8.35 -59.29 -0.72
N ALA C 163 8.11 -58.33 -1.61
CA ALA C 163 8.68 -57.00 -1.43
C ALA C 163 8.20 -56.35 -0.13
N TYR C 164 6.91 -56.50 0.18
CA TYR C 164 6.36 -55.93 1.40
C TYR C 164 7.06 -56.49 2.62
N GLU C 165 7.16 -57.81 2.69
CA GLU C 165 7.83 -58.41 3.82
C GLU C 165 9.33 -58.14 3.82
N ALA C 166 9.94 -57.99 2.64
CA ALA C 166 11.34 -57.67 2.56
C ALA C 166 11.64 -56.21 2.85
N GLY C 167 10.63 -55.39 3.09
CA GLY C 167 10.81 -53.99 3.38
C GLY C 167 11.08 -53.11 2.18
N MET C 168 10.69 -53.53 0.99
CA MET C 168 10.90 -52.65 -0.16
C MET C 168 9.96 -51.45 -0.11
N PHE C 169 8.76 -51.65 0.41
CA PHE C 169 7.76 -50.58 0.53
C PHE C 169 6.80 -50.97 1.64
N THR C 170 5.88 -50.06 1.94
CA THR C 170 4.85 -50.37 2.92
C THR C 170 3.48 -50.19 2.27
N GLU C 171 2.44 -50.62 3.00
CA GLU C 171 1.05 -50.53 2.54
C GLU C 171 0.23 -49.74 3.54
N PHE C 172 -0.20 -48.54 3.14
CA PHE C 172 -0.90 -47.66 4.06
C PHE C 172 -2.30 -48.17 4.41
N MET C 173 -2.97 -48.85 3.49
CA MET C 173 -4.37 -49.20 3.66
C MET C 173 -4.59 -50.60 4.24
N GLU C 174 -3.55 -51.25 4.74
CA GLU C 174 -3.75 -52.54 5.36
C GLU C 174 -4.50 -52.43 6.68
N GLN C 175 -4.30 -51.35 7.44
CA GLN C 175 -4.94 -51.18 8.74
C GLN C 175 -5.64 -49.86 8.89
N ARG C 176 -5.68 -49.02 7.86
CA ARG C 176 -6.34 -47.74 7.98
C ARG C 176 -7.03 -47.43 6.67
N ALA C 177 -8.08 -46.65 6.77
CA ALA C 177 -8.76 -46.18 5.59
C ALA C 177 -7.92 -45.10 4.92
N PRO C 178 -8.08 -44.91 3.61
CA PRO C 178 -7.22 -43.94 2.89
C PRO C 178 -7.14 -42.60 3.59
N GLY C 179 -8.28 -42.05 3.94
CA GLY C 179 -8.35 -40.79 4.65
C GLY C 179 -7.42 -39.74 4.09
N HIS C 180 -6.53 -39.25 4.95
CA HIS C 180 -5.48 -38.32 4.56
C HIS C 180 -6.06 -37.07 3.90
N THR C 181 -7.12 -36.52 4.49
CA THR C 181 -7.75 -35.33 3.93
C THR C 181 -7.99 -34.31 5.05
N VAL C 182 -8.39 -33.13 4.61
CA VAL C 182 -8.48 -31.96 5.45
C VAL C 182 -9.81 -31.30 5.21
N CYS C 183 -10.45 -30.84 6.27
CA CYS C 183 -11.70 -30.11 6.17
C CYS C 183 -11.53 -28.83 5.35
N GLY C 184 -12.51 -28.54 4.53
CA GLY C 184 -12.58 -27.29 3.84
C GLY C 184 -13.44 -26.33 4.61
N ASP C 185 -14.16 -25.48 3.91
CA ASP C 185 -14.98 -24.49 4.57
C ASP C 185 -16.47 -24.86 4.60
N THR C 186 -16.84 -26.04 4.10
CA THR C 186 -18.25 -26.37 3.96
C THR C 186 -18.96 -26.40 5.31
N ILE C 187 -18.36 -27.04 6.32
CA ILE C 187 -19.00 -27.20 7.60
C ILE C 187 -19.18 -25.89 8.35
N TYR C 188 -18.54 -24.80 7.89
CA TYR C 188 -18.78 -23.50 8.49
C TYR C 188 -19.84 -22.70 7.75
N LYS C 189 -20.17 -23.09 6.51
CA LYS C 189 -21.21 -22.44 5.73
C LYS C 189 -22.54 -23.18 5.77
N LYS C 190 -22.52 -24.50 6.04
CA LYS C 190 -23.70 -25.35 5.99
C LYS C 190 -23.68 -26.33 7.16
N GLY C 191 -24.87 -26.61 7.72
CA GLY C 191 -25.02 -27.72 8.63
C GLY C 191 -25.42 -28.99 7.92
N PHE C 192 -25.47 -30.09 8.67
CA PHE C 192 -25.82 -31.35 8.04
C PHE C 192 -27.29 -31.44 7.66
N LEU C 193 -28.18 -30.63 8.24
CA LEU C 193 -29.52 -30.53 7.67
C LEU C 193 -29.46 -29.86 6.31
N ASP C 194 -28.58 -28.86 6.17
CA ASP C 194 -28.37 -28.24 4.87
C ASP C 194 -27.77 -29.22 3.89
N LEU C 195 -26.81 -30.04 4.35
CA LEU C 195 -26.21 -31.02 3.46
C LEU C 195 -27.24 -32.06 3.06
N LYS C 196 -28.11 -32.45 3.98
CA LYS C 196 -29.22 -33.34 3.65
C LYS C 196 -30.13 -32.73 2.60
N LYS C 197 -30.46 -31.45 2.71
CA LYS C 197 -31.29 -30.84 1.68
C LYS C 197 -30.60 -30.87 0.32
N ASP C 198 -29.29 -30.60 0.28
CA ASP C 198 -28.55 -30.70 -0.99
C ASP C 198 -28.60 -32.12 -1.54
N ILE C 199 -28.42 -33.12 -0.66
CA ILE C 199 -28.49 -34.50 -1.09
C ILE C 199 -29.89 -34.85 -1.56
N GLU C 200 -30.92 -34.37 -0.86
CA GLU C 200 -32.28 -34.63 -1.32
C GLU C 200 -32.54 -33.95 -2.64
N ALA C 201 -31.99 -32.75 -2.84
CA ALA C 201 -32.11 -32.11 -4.13
C ALA C 201 -31.41 -32.92 -5.21
N ARG C 202 -30.24 -33.49 -4.88
CA ARG C 202 -29.54 -34.33 -5.83
C ARG C 202 -30.35 -35.60 -6.15
N LEU C 203 -30.85 -36.28 -5.11
CA LEU C 203 -31.62 -37.50 -5.33
C LEU C 203 -32.77 -37.23 -6.28
N LYS C 204 -33.44 -36.11 -6.12
CA LYS C 204 -34.59 -35.76 -6.93
C LYS C 204 -34.23 -35.49 -8.38
N GLU C 205 -32.96 -35.17 -8.66
CA GLU C 205 -32.62 -34.85 -10.03
C GLU C 205 -31.88 -36.00 -10.71
N LEU C 206 -31.64 -37.10 -10.01
CA LEU C 206 -31.00 -38.24 -10.64
C LEU C 206 -31.86 -38.76 -11.78
N ASP C 207 -31.25 -38.88 -12.95
CA ASP C 207 -31.94 -39.30 -14.16
C ASP C 207 -31.66 -40.78 -14.37
N PHE C 208 -32.60 -41.62 -13.95
CA PHE C 208 -32.42 -43.06 -14.15
C PHE C 208 -32.76 -43.50 -15.57
N LEU C 209 -33.30 -42.61 -16.40
CA LEU C 209 -33.43 -42.95 -17.81
C LEU C 209 -32.08 -42.82 -18.53
N ASN C 210 -31.36 -41.70 -18.31
CA ASN C 210 -30.21 -41.38 -19.15
C ASN C 210 -28.87 -41.43 -18.45
N ASP C 211 -28.83 -41.22 -17.14
CA ASP C 211 -27.58 -41.32 -16.39
C ASP C 211 -27.42 -42.77 -15.98
N LEU C 212 -26.61 -43.53 -16.72
CA LEU C 212 -26.46 -44.94 -16.41
C LEU C 212 -25.78 -45.16 -15.08
N ASP C 213 -25.17 -44.13 -14.51
CA ASP C 213 -24.53 -44.22 -13.21
C ASP C 213 -25.46 -43.84 -12.08
N ALA C 214 -26.73 -43.50 -12.38
CA ALA C 214 -27.62 -42.92 -11.40
C ALA C 214 -27.82 -43.84 -10.21
N TYR C 215 -27.79 -45.15 -10.42
CA TYR C 215 -27.94 -46.04 -9.29
C TYR C 215 -26.80 -45.86 -8.31
N ASN C 216 -25.55 -45.82 -8.81
CA ASN C 216 -24.40 -45.63 -7.92
C ASN C 216 -24.45 -44.28 -7.20
N LYS C 217 -24.87 -43.24 -7.91
CA LYS C 217 -25.11 -41.95 -7.26
C LYS C 217 -26.21 -42.06 -6.21
N LYS C 218 -27.31 -42.74 -6.55
CA LYS C 218 -28.39 -42.87 -5.59
C LYS C 218 -27.90 -43.60 -4.36
N ALA C 219 -27.13 -44.67 -4.56
CA ALA C 219 -26.63 -45.43 -3.42
C ALA C 219 -25.73 -44.56 -2.56
N ASP C 220 -24.80 -43.82 -3.18
CA ASP C 220 -23.93 -42.92 -2.44
C ASP C 220 -24.71 -41.76 -1.83
N LEU C 221 -25.62 -41.17 -2.59
CA LEU C 221 -26.35 -40.05 -2.04
C LEU C 221 -27.27 -40.49 -0.90
N GLU C 222 -27.97 -41.62 -1.05
CA GLU C 222 -28.79 -42.14 0.05
C GLU C 222 -27.93 -42.35 1.28
N ALA C 223 -26.70 -42.82 1.08
CA ALA C 223 -25.80 -43.01 2.21
C ALA C 223 -25.42 -41.67 2.82
N MET C 224 -25.10 -40.70 1.98
CA MET C 224 -24.77 -39.39 2.50
C MET C 224 -25.94 -38.79 3.27
N ALA C 225 -27.16 -38.98 2.77
CA ALA C 225 -28.33 -38.46 3.48
C ALA C 225 -28.46 -39.09 4.84
N ILE C 226 -28.24 -40.40 4.93
CA ILE C 226 -28.25 -41.08 6.22
C ILE C 226 -27.10 -40.56 7.08
N ALA C 227 -25.94 -40.31 6.45
CA ALA C 227 -24.80 -39.77 7.20
C ALA C 227 -25.14 -38.40 7.77
N CYS C 228 -25.88 -37.59 7.02
CA CYS C 228 -26.35 -36.31 7.55
C CYS C 228 -27.30 -36.52 8.73
N ASP C 229 -28.31 -37.39 8.56
CA ASP C 229 -29.20 -37.70 9.68
C ASP C 229 -28.40 -38.10 10.91
N ALA C 230 -27.32 -38.86 10.70
CA ALA C 230 -26.51 -39.32 11.81
C ALA C 230 -25.83 -38.13 12.51
N MET C 231 -25.35 -37.15 11.75
CA MET C 231 -24.76 -35.98 12.38
C MET C 231 -25.81 -35.19 13.16
N VAL C 232 -27.02 -35.09 12.61
CA VAL C 232 -28.09 -34.37 13.29
C VAL C 232 -28.41 -35.05 14.60
N ILE C 233 -28.43 -36.37 14.58
CA ILE C 233 -28.68 -37.14 15.80
C ILE C 233 -27.57 -36.92 16.82
N LEU C 234 -26.32 -36.82 16.35
CA LEU C 234 -25.21 -36.55 17.26
C LEU C 234 -25.40 -35.24 18.01
N GLY C 235 -25.88 -34.20 17.31
CA GLY C 235 -26.15 -32.94 17.97
C GLY C 235 -27.33 -33.00 18.91
N LYS C 236 -28.44 -33.60 18.47
CA LYS C 236 -29.59 -33.77 19.35
C LYS C 236 -29.21 -34.55 20.59
N ARG C 237 -28.41 -35.62 20.43
CA ARG C 237 -28.06 -36.43 21.58
C ARG C 237 -27.13 -35.70 22.54
N TYR C 238 -26.14 -34.96 22.03
CA TYR C 238 -25.26 -34.24 22.95
C TYR C 238 -26.00 -33.09 23.61
N ALA C 239 -26.89 -32.42 22.87
CA ALA C 239 -27.75 -31.40 23.47
C ALA C 239 -28.64 -32.00 24.54
N GLU C 240 -29.26 -33.15 24.25
CA GLU C 240 -30.10 -33.83 25.21
C GLU C 240 -29.29 -34.26 26.43
N LYS C 241 -28.10 -34.79 26.20
CA LYS C 241 -27.24 -35.18 27.31
C LYS C 241 -26.77 -33.97 28.09
N ALA C 242 -26.44 -32.87 27.39
CA ALA C 242 -25.98 -31.68 28.09
C ALA C 242 -27.07 -31.15 28.99
N ARG C 243 -28.30 -31.07 28.49
CA ARG C 243 -29.42 -30.63 29.33
C ARG C 243 -29.66 -31.62 30.47
N GLN C 244 -29.49 -32.92 30.19
CA GLN C 244 -29.62 -33.94 31.24
C GLN C 244 -28.54 -33.83 32.30
N MET C 245 -27.31 -33.46 31.92
CA MET C 245 -26.28 -33.27 32.93
C MET C 245 -26.44 -31.94 33.65
N ALA C 246 -27.05 -30.94 32.99
CA ALA C 246 -27.34 -29.67 33.65
C ALA C 246 -28.46 -29.83 34.67
N GLU C 247 -29.43 -30.70 34.40
CA GLU C 247 -30.46 -30.84 35.41
C GLU C 247 -29.93 -31.38 36.74
N GLU C 248 -28.80 -32.11 36.72
CA GLU C 248 -28.29 -32.73 37.94
C GLU C 248 -27.04 -32.05 38.51
N GLU C 249 -26.54 -31.09 37.78
CA GLU C 249 -25.35 -30.41 38.17
C GLU C 249 -25.60 -29.18 38.99
N THR C 250 -24.85 -29.09 40.06
CA THR C 250 -24.97 -27.96 40.95
C THR C 250 -23.58 -27.43 41.01
N ASP C 251 -23.30 -26.34 40.33
CA ASP C 251 -21.95 -25.79 40.40
C ASP C 251 -21.88 -24.47 39.69
N GLU C 252 -23.04 -23.88 39.42
CA GLU C 252 -23.15 -22.59 38.72
C GLU C 252 -22.32 -22.61 37.43
N ALA C 253 -21.06 -22.20 37.54
CA ALA C 253 -20.15 -22.18 36.41
C ALA C 253 -20.11 -23.47 35.57
N LYS C 254 -20.56 -24.58 36.12
CA LYS C 254 -20.52 -25.81 35.37
C LYS C 254 -21.85 -26.06 34.70
N LYS C 255 -22.90 -25.75 35.41
CA LYS C 255 -24.25 -25.91 34.87
C LYS C 255 -24.37 -25.07 33.60
N LYS C 256 -23.93 -23.80 33.66
CA LYS C 256 -24.05 -22.99 32.45
C LYS C 256 -23.10 -23.48 31.36
N ASP C 257 -21.97 -24.10 31.73
CA ASP C 257 -21.12 -24.74 30.72
C ASP C 257 -21.92 -25.79 29.96
N LEU C 258 -22.65 -26.62 30.71
CA LEU C 258 -23.47 -27.65 30.09
C LEU C 258 -24.61 -27.03 29.28
N LEU C 259 -25.25 -25.99 29.82
CA LEU C 259 -26.27 -25.29 29.05
C LEU C 259 -25.68 -24.64 27.81
N LEU C 260 -24.44 -24.16 27.89
CA LEU C 260 -23.80 -23.60 26.70
C LEU C 260 -23.50 -24.69 25.68
N ILE C 261 -23.03 -25.85 26.12
CA ILE C 261 -22.81 -26.97 25.22
C ILE C 261 -24.12 -27.34 24.52
N ALA C 262 -25.20 -27.48 25.31
CA ALA C 262 -26.51 -27.82 24.74
C ALA C 262 -27.00 -26.75 23.76
N GLU C 263 -26.87 -25.48 24.13
CA GLU C 263 -27.27 -24.40 23.22
C GLU C 263 -26.44 -24.46 21.94
N THR C 264 -25.17 -24.85 22.07
CA THR C 264 -24.29 -25.03 20.92
C THR C 264 -24.74 -26.21 20.07
N CYS C 265 -24.99 -27.35 20.71
CA CYS C 265 -25.39 -28.56 19.99
C CYS C 265 -26.80 -28.46 19.44
N ASP C 266 -27.62 -27.53 19.91
CA ASP C 266 -28.87 -27.26 19.23
C ASP C 266 -28.62 -26.69 17.86
N VAL C 267 -27.45 -26.08 17.67
CA VAL C 267 -27.11 -25.47 16.39
C VAL C 267 -26.31 -26.47 15.57
N VAL C 268 -25.18 -26.91 16.10
CA VAL C 268 -24.27 -27.74 15.32
C VAL C 268 -24.35 -29.18 15.83
N PRO C 269 -24.24 -30.18 14.95
CA PRO C 269 -23.92 -29.98 13.53
C PRO C 269 -25.09 -29.86 12.57
N ALA C 270 -26.33 -29.77 13.06
CA ALA C 270 -27.47 -29.77 12.14
C ALA C 270 -27.51 -28.50 11.30
N HIS C 271 -27.24 -27.35 11.90
CA HIS C 271 -27.28 -26.08 11.18
C HIS C 271 -25.87 -25.52 11.06
N LYS C 272 -25.69 -24.56 10.18
CA LYS C 272 -24.37 -23.95 10.08
C LYS C 272 -24.05 -23.26 11.41
N PRO C 273 -22.80 -23.34 11.86
CA PRO C 273 -22.43 -22.65 13.10
C PRO C 273 -22.61 -21.16 12.93
N GLU C 274 -23.11 -20.52 13.97
CA GLU C 274 -23.26 -19.07 13.96
C GLU C 274 -22.18 -18.38 14.76
N THR C 275 -21.50 -19.11 15.64
CA THR C 275 -20.50 -18.52 16.50
C THR C 275 -19.18 -19.27 16.39
N TYR C 276 -18.14 -18.55 16.77
CA TYR C 276 -16.79 -19.10 16.87
C TYR C 276 -16.79 -20.37 17.70
N HIS C 277 -17.48 -20.35 18.85
CA HIS C 277 -17.65 -21.55 19.65
C HIS C 277 -18.32 -22.65 18.82
N GLN C 278 -19.40 -22.32 18.13
CA GLN C 278 -20.12 -23.34 17.38
C GLN C 278 -19.28 -23.87 16.24
N ALA C 279 -18.54 -22.99 15.55
CA ALA C 279 -17.68 -23.44 14.46
C ALA C 279 -16.69 -24.48 14.95
N ILE C 280 -16.16 -24.28 16.15
CA ILE C 280 -15.18 -25.24 16.65
C ILE C 280 -15.88 -26.54 17.01
N GLN C 281 -17.03 -26.47 17.68
CA GLN C 281 -17.74 -27.70 18.01
C GLN C 281 -18.23 -28.39 16.74
N MET C 282 -18.70 -27.60 15.78
CA MET C 282 -19.07 -28.19 14.49
C MET C 282 -17.88 -28.93 13.89
N TYR C 283 -16.73 -28.28 13.83
CA TYR C 283 -15.55 -28.95 13.31
C TYR C 283 -15.28 -30.23 14.11
N TRP C 284 -15.27 -30.12 15.43
CA TRP C 284 -14.88 -31.28 16.22
C TRP C 284 -15.87 -32.43 16.08
N PHE C 285 -17.17 -32.12 15.92
CA PHE C 285 -18.16 -33.16 15.63
C PHE C 285 -17.83 -33.86 14.33
N VAL C 286 -17.60 -33.07 13.29
CA VAL C 286 -17.17 -33.61 12.01
C VAL C 286 -15.89 -34.40 12.17
N HIS C 287 -14.95 -33.90 12.97
CA HIS C 287 -13.72 -34.65 13.22
C HIS C 287 -14.07 -35.99 13.87
N ILE C 288 -14.93 -35.96 14.90
CA ILE C 288 -15.36 -37.20 15.55
C ILE C 288 -16.07 -38.11 14.55
N GLY C 289 -16.99 -37.55 13.79
CA GLY C 289 -17.69 -38.34 12.80
C GLY C 289 -16.74 -39.04 11.84
N VAL C 290 -15.92 -38.27 11.13
CA VAL C 290 -15.16 -38.89 10.05
C VAL C 290 -14.11 -39.84 10.58
N THR C 291 -13.60 -39.59 11.79
CA THR C 291 -12.59 -40.49 12.36
C THR C 291 -13.20 -41.69 13.07
N THR C 292 -14.51 -41.67 13.33
CA THR C 292 -15.20 -42.88 13.75
C THR C 292 -15.96 -43.55 12.63
N GLU C 293 -16.27 -42.82 11.55
CA GLU C 293 -16.78 -43.47 10.35
C GLU C 293 -15.78 -44.48 9.84
N LEU C 294 -14.50 -44.12 9.81
CA LEU C 294 -13.41 -44.99 9.39
C LEU C 294 -12.15 -44.61 10.16
N ASN C 295 -11.24 -45.56 10.33
CA ASN C 295 -9.91 -45.27 10.85
C ASN C 295 -9.09 -44.63 9.73
N ILE C 296 -9.27 -43.35 9.53
CA ILE C 296 -8.65 -42.65 8.42
C ILE C 296 -7.26 -42.15 8.79
N TRP C 297 -6.34 -42.24 7.84
CA TRP C 297 -5.00 -41.67 7.99
C TRP C 297 -5.08 -40.16 8.23
N ASP C 298 -4.21 -39.66 9.09
CA ASP C 298 -4.12 -38.25 9.36
C ASP C 298 -5.32 -37.71 10.04
N ALA C 299 -6.10 -38.60 10.65
CA ALA C 299 -7.32 -38.31 11.35
C ALA C 299 -8.15 -37.35 10.57
N PHE C 300 -8.25 -36.16 11.06
CA PHE C 300 -8.88 -35.08 10.38
C PHE C 300 -8.26 -33.80 10.92
N THR C 301 -8.35 -32.73 10.17
CA THR C 301 -7.80 -31.46 10.61
C THR C 301 -8.67 -30.38 10.01
N PRO C 302 -8.83 -29.24 10.69
CA PRO C 302 -9.48 -28.09 10.04
C PRO C 302 -8.61 -27.45 8.99
N GLY C 303 -7.37 -27.90 8.81
CA GLY C 303 -6.50 -27.26 7.84
C GLY C 303 -6.22 -25.83 8.19
N ARG C 304 -6.78 -24.91 7.41
CA ARG C 304 -6.56 -23.49 7.58
C ARG C 304 -7.47 -22.92 8.69
N LEU C 305 -7.25 -23.46 9.89
CA LEU C 305 -8.06 -23.12 11.04
C LEU C 305 -8.20 -21.62 11.23
N ASP C 306 -7.08 -20.89 11.08
CA ASP C 306 -7.12 -19.44 11.29
C ASP C 306 -7.97 -18.76 10.23
N GLN C 307 -8.03 -19.31 9.02
CA GLN C 307 -8.89 -18.72 8.01
C GLN C 307 -10.37 -18.95 8.32
N HIS C 308 -10.73 -20.14 8.77
CA HIS C 308 -12.14 -20.43 9.02
C HIS C 308 -12.64 -19.76 10.28
N LEU C 309 -11.82 -19.75 11.35
CA LEU C 309 -12.28 -19.22 12.62
C LEU C 309 -12.31 -17.70 12.64
N ASN C 310 -11.45 -17.05 11.86
CA ASN C 310 -11.35 -15.60 11.97
C ASN C 310 -12.66 -14.87 11.68
N PRO C 311 -13.44 -15.21 10.64
CA PRO C 311 -14.71 -14.49 10.45
C PRO C 311 -15.65 -14.65 11.64
N PHE C 312 -15.63 -15.83 12.29
CA PHE C 312 -16.45 -16.00 13.48
C PHE C 312 -15.87 -15.19 14.63
N TYR C 313 -14.54 -15.20 14.78
CA TYR C 313 -13.91 -14.43 15.84
C TYR C 313 -14.23 -12.94 15.72
N GLU C 314 -14.02 -12.36 14.55
CA GLU C 314 -14.33 -10.95 14.39
C GLU C 314 -15.80 -10.67 14.63
N ARG C 315 -16.68 -11.52 14.10
CA ARG C 315 -18.12 -11.32 14.29
C ARG C 315 -18.50 -11.47 15.75
N ASP C 316 -17.91 -12.44 16.45
CA ASP C 316 -18.28 -12.65 17.84
C ASP C 316 -17.74 -11.55 18.74
N VAL C 317 -16.51 -11.10 18.49
CA VAL C 317 -15.95 -9.99 19.23
C VAL C 317 -16.78 -8.72 18.97
N GLU C 318 -17.20 -8.53 17.71
CA GLU C 318 -18.08 -7.41 17.39
C GLU C 318 -19.42 -7.52 18.13
N ASN C 319 -19.88 -8.74 18.41
CA ASN C 319 -21.13 -8.92 19.15
C ASN C 319 -20.91 -9.02 20.65
N GLY C 320 -19.68 -8.88 21.12
CA GLY C 320 -19.43 -8.94 22.55
C GLY C 320 -19.72 -10.28 23.18
N ILE C 321 -19.86 -11.34 22.37
CA ILE C 321 -20.04 -12.68 22.91
C ILE C 321 -18.72 -13.43 22.99
N LEU C 322 -17.63 -12.81 22.59
CA LEU C 322 -16.32 -13.45 22.60
C LEU C 322 -15.24 -12.38 22.70
N ASP C 323 -14.13 -12.75 23.34
CA ASP C 323 -12.90 -11.97 23.26
C ASP C 323 -11.73 -12.93 23.00
N ARG C 324 -10.52 -12.37 22.88
CA ARG C 324 -9.34 -13.16 22.56
C ARG C 324 -9.06 -14.22 23.61
N ASP C 325 -9.33 -13.91 24.87
CA ASP C 325 -9.07 -14.86 25.94
C ASP C 325 -9.99 -16.07 25.80
N ARG C 326 -11.29 -15.82 25.61
CA ARG C 326 -12.25 -16.89 25.40
C ARG C 326 -11.95 -17.66 24.10
N ALA C 327 -11.60 -16.94 23.02
CA ALA C 327 -11.20 -17.61 21.79
C ALA C 327 -9.99 -18.53 22.03
N GLN C 328 -9.00 -18.04 22.77
CA GLN C 328 -7.83 -18.88 23.04
C GLN C 328 -8.22 -20.07 23.90
N GLU C 329 -9.15 -19.86 24.84
CA GLU C 329 -9.61 -20.95 25.68
C GLU C 329 -10.24 -22.06 24.85
N LEU C 330 -11.14 -21.69 23.94
CA LEU C 330 -11.80 -22.68 23.11
C LEU C 330 -10.79 -23.44 22.27
N LEU C 331 -9.82 -22.71 21.69
CA LEU C 331 -8.80 -23.36 20.88
C LEU C 331 -7.90 -24.26 21.73
N GLU C 332 -7.68 -23.89 23.00
CA GLU C 332 -6.95 -24.79 23.88
C GLU C 332 -7.77 -26.04 24.21
N CYS C 333 -9.09 -25.89 24.35
CA CYS C 333 -9.95 -27.06 24.45
C CYS C 333 -9.83 -27.92 23.20
N LEU C 334 -9.94 -27.28 22.03
CA LEU C 334 -9.82 -28.02 20.79
C LEU C 334 -8.48 -28.75 20.72
N TRP C 335 -7.39 -28.09 21.11
CA TRP C 335 -6.09 -28.75 21.12
C TRP C 335 -6.10 -29.98 22.02
N VAL C 336 -6.70 -29.88 23.20
CA VAL C 336 -6.83 -31.05 24.08
C VAL C 336 -7.67 -32.12 23.41
N LYS C 337 -8.76 -31.71 22.77
CA LYS C 337 -9.58 -32.68 22.05
C LYS C 337 -8.75 -33.42 21.01
N PHE C 338 -7.96 -32.68 20.24
CA PHE C 338 -7.03 -33.37 19.34
C PHE C 338 -6.15 -34.35 20.11
N ASN C 339 -5.60 -33.92 21.26
CA ASN C 339 -4.65 -34.78 21.97
C ASN C 339 -5.32 -35.98 22.59
N ASN C 340 -6.64 -35.92 22.81
CA ASN C 340 -7.41 -37.03 23.36
C ASN C 340 -7.67 -38.15 22.37
N GLN C 341 -7.35 -37.96 21.08
CA GLN C 341 -7.66 -38.93 20.03
C GLN C 341 -6.37 -39.53 19.52
N PRO C 342 -5.92 -40.65 20.08
CA PRO C 342 -4.75 -41.33 19.51
C PRO C 342 -5.10 -41.92 18.17
N ALA C 343 -4.10 -42.07 17.32
CA ALA C 343 -4.26 -42.92 16.17
C ALA C 343 -4.61 -44.31 16.67
N PRO C 344 -5.73 -44.89 16.23
CA PRO C 344 -6.12 -46.22 16.73
C PRO C 344 -4.99 -47.20 16.55
N PRO C 345 -4.95 -48.27 17.34
CA PRO C 345 -3.73 -49.10 17.39
C PRO C 345 -3.30 -49.58 16.01
N LYS C 346 -2.00 -49.45 15.74
CA LYS C 346 -1.37 -50.00 14.56
C LYS C 346 -0.54 -51.19 15.02
N VAL C 347 -0.44 -52.21 14.17
CA VAL C 347 0.36 -53.38 14.47
C VAL C 347 1.22 -53.70 13.26
N GLY C 348 2.07 -54.72 13.39
CA GLY C 348 2.88 -55.14 12.26
C GLY C 348 3.61 -53.99 11.59
N ILE C 349 3.68 -54.04 10.25
CA ILE C 349 4.44 -53.03 9.50
C ILE C 349 3.86 -51.64 9.70
N THR C 350 2.53 -51.52 9.87
CA THR C 350 1.95 -50.20 10.05
C THR C 350 2.50 -49.51 11.28
N LEU C 351 2.78 -50.26 12.34
CA LEU C 351 3.42 -49.65 13.49
C LEU C 351 4.84 -49.23 13.17
N LYS C 352 5.61 -50.10 12.52
CA LYS C 352 6.97 -49.76 12.14
C LYS C 352 7.03 -48.47 11.33
N GLU C 353 6.10 -48.30 10.38
CA GLU C 353 6.18 -47.12 9.54
C GLU C 353 5.57 -45.89 10.20
N SER C 354 4.75 -46.07 11.24
CA SER C 354 4.08 -44.94 11.87
C SER C 354 4.02 -45.21 13.38
N SER C 355 5.20 -45.28 14.00
CA SER C 355 5.36 -45.67 15.41
C SER C 355 5.09 -44.49 16.33
N THR C 356 3.80 -44.13 16.43
CA THR C 356 3.41 -42.96 17.18
C THR C 356 1.93 -43.07 17.53
N TYR C 357 1.59 -42.48 18.68
CA TYR C 357 0.21 -42.26 19.05
C TYR C 357 -0.38 -41.10 18.29
N THR C 358 0.45 -40.22 17.77
CA THR C 358 -0.10 -39.05 17.09
C THR C 358 -0.76 -39.47 15.80
N ASP C 359 -1.78 -38.73 15.42
CA ASP C 359 -2.56 -38.99 14.23
C ASP C 359 -2.44 -37.83 13.26
N PHE C 360 -1.40 -37.03 13.40
CA PHE C 360 -0.99 -36.08 12.37
C PHE C 360 -2.13 -35.16 11.96
N ALA C 361 -2.87 -34.66 12.94
CA ALA C 361 -3.88 -33.65 12.65
C ALA C 361 -3.13 -32.36 12.43
N ASN C 362 -2.79 -32.11 11.17
CA ASN C 362 -1.87 -31.05 10.79
C ASN C 362 -2.66 -29.78 10.56
N ILE C 363 -2.42 -28.77 11.40
CA ILE C 363 -3.03 -27.43 11.29
C ILE C 363 -2.05 -26.53 10.55
N ASN C 364 -2.54 -25.76 9.60
CA ASN C 364 -1.70 -24.87 8.82
C ASN C 364 -2.11 -23.45 9.16
N THR C 365 -1.26 -22.76 9.92
CA THR C 365 -1.55 -21.41 10.37
C THR C 365 -0.66 -20.41 9.63
N GLY C 366 -1.25 -19.26 9.31
CA GLY C 366 -0.50 -18.31 8.55
C GLY C 366 -0.87 -18.40 7.10
N GLY C 367 0.10 -18.74 6.26
CA GLY C 367 -0.15 -18.89 4.85
C GLY C 367 -0.88 -17.70 4.27
N ILE C 368 -1.70 -17.98 3.27
CA ILE C 368 -2.46 -16.97 2.58
C ILE C 368 -3.94 -17.22 2.81
N ASN C 369 -4.74 -16.19 2.58
CA ASN C 369 -6.18 -16.32 2.63
C ASN C 369 -6.69 -16.74 1.25
N PRO C 370 -8.00 -17.07 1.12
CA PRO C 370 -8.52 -17.49 -0.19
C PRO C 370 -8.20 -16.57 -1.35
N ASP C 371 -8.04 -15.27 -1.11
CA ASP C 371 -7.68 -14.37 -2.19
C ASP C 371 -6.16 -14.35 -2.42
N GLY C 372 -5.42 -15.13 -1.66
CA GLY C 372 -4.00 -15.27 -1.88
C GLY C 372 -3.14 -14.22 -1.24
N GLN C 373 -3.74 -13.26 -0.56
CA GLN C 373 -2.96 -12.24 0.12
C GLN C 373 -2.64 -12.76 1.52
N ASP C 374 -1.74 -12.08 2.22
CA ASP C 374 -1.28 -12.51 3.53
C ASP C 374 -2.45 -12.99 4.40
N GLY C 375 -2.35 -14.22 4.88
CA GLY C 375 -3.46 -14.81 5.60
C GLY C 375 -3.38 -14.71 7.11
N VAL C 376 -2.25 -14.24 7.63
CA VAL C 376 -2.07 -14.13 9.06
C VAL C 376 -3.11 -13.17 9.62
N ASN C 377 -3.86 -13.63 10.63
CA ASN C 377 -4.91 -12.83 11.24
C ASN C 377 -4.80 -12.99 12.75
N GLU C 378 -5.76 -12.43 13.49
CA GLU C 378 -5.67 -12.50 14.94
C GLU C 378 -5.70 -13.94 15.42
N VAL C 379 -6.50 -14.78 14.76
CA VAL C 379 -6.57 -16.18 15.15
C VAL C 379 -5.24 -16.87 14.90
N SER C 380 -4.52 -16.43 13.85
CA SER C 380 -3.19 -16.99 13.57
C SER C 380 -2.28 -16.87 14.78
N TYR C 381 -2.24 -15.69 15.42
CA TYR C 381 -1.37 -15.54 16.57
C TYR C 381 -1.95 -16.26 17.78
N ILE C 382 -3.28 -16.25 17.91
CA ILE C 382 -3.93 -17.03 18.98
C ILE C 382 -3.51 -18.50 18.87
N ILE C 383 -3.56 -19.05 17.67
CA ILE C 383 -3.17 -20.44 17.49
C ILE C 383 -1.73 -20.62 17.93
N LEU C 384 -0.85 -19.72 17.50
CA LEU C 384 0.54 -19.79 17.94
C LEU C 384 0.62 -19.76 19.45
N ASP C 385 -0.16 -18.88 20.09
CA ASP C 385 -0.18 -18.86 21.54
C ASP C 385 -0.70 -20.18 22.10
N VAL C 386 -1.79 -20.72 21.54
CA VAL C 386 -2.34 -21.91 22.16
C VAL C 386 -1.36 -23.08 21.99
N MET C 387 -0.76 -23.24 20.81
CA MET C 387 0.17 -24.34 20.64
C MET C 387 1.40 -24.16 21.52
N ASP C 388 1.86 -22.90 21.64
CA ASP C 388 3.00 -22.57 22.50
C ASP C 388 2.69 -22.91 23.94
N GLU C 389 1.53 -22.50 24.42
CA GLU C 389 1.17 -22.78 25.79
C GLU C 389 0.98 -24.27 26.01
N MET C 390 0.19 -24.91 25.14
CA MET C 390 -0.25 -26.27 25.43
C MET C 390 0.89 -27.26 25.28
N LYS C 391 1.82 -27.00 24.36
CA LYS C 391 2.92 -27.92 24.07
C LYS C 391 2.40 -29.34 23.95
N LEU C 392 1.42 -29.50 23.07
CA LEU C 392 0.84 -30.79 22.77
C LEU C 392 1.30 -31.23 21.40
N ILE C 393 1.85 -32.45 21.32
CA ILE C 393 2.34 -32.98 20.05
C ILE C 393 1.20 -33.32 19.11
N GLN C 394 -0.02 -33.36 19.63
CA GLN C 394 -1.24 -33.42 18.85
C GLN C 394 -2.13 -32.25 19.28
N PRO C 395 -2.69 -31.47 18.35
CA PRO C 395 -2.57 -31.65 16.91
C PRO C 395 -1.19 -31.23 16.43
N SER C 396 -0.88 -31.49 15.16
CA SER C 396 0.34 -30.99 14.54
C SER C 396 0.07 -29.55 14.11
N SER C 397 0.42 -28.62 14.99
CA SER C 397 0.20 -27.19 14.75
C SER C 397 1.43 -26.64 14.08
N ASN C 398 1.32 -26.29 12.81
CA ASN C 398 2.45 -25.83 12.03
C ASN C 398 2.08 -24.52 11.37
N VAL C 399 3.08 -23.90 10.76
CA VAL C 399 2.89 -22.58 10.17
C VAL C 399 3.25 -22.66 8.70
N GLN C 400 2.48 -21.93 7.91
CA GLN C 400 2.79 -21.72 6.51
C GLN C 400 3.44 -20.34 6.40
N ILE C 401 4.66 -20.30 5.85
CA ILE C 401 5.38 -19.05 5.68
C ILE C 401 5.29 -18.67 4.21
N SER C 402 4.68 -17.54 3.94
CA SER C 402 4.62 -16.95 2.62
C SER C 402 5.67 -15.84 2.52
N LYS C 403 6.06 -15.53 1.29
CA LYS C 403 6.81 -14.30 1.07
C LYS C 403 5.98 -13.11 1.50
N LYS C 404 4.68 -13.31 1.63
CA LYS C 404 3.77 -12.27 2.08
C LYS C 404 3.58 -12.33 3.60
N THR C 405 4.20 -13.31 4.26
CA THR C 405 4.02 -13.47 5.70
C THR C 405 4.79 -12.40 6.48
N PRO C 406 4.17 -11.76 7.48
CA PRO C 406 4.92 -10.79 8.30
C PRO C 406 6.06 -11.45 9.05
N GLN C 407 7.21 -10.78 9.06
CA GLN C 407 8.38 -11.31 9.76
C GLN C 407 8.07 -11.54 11.23
N LYS C 408 7.18 -10.72 11.79
CA LYS C 408 6.75 -10.91 13.17
C LYS C 408 6.18 -12.32 13.36
N PHE C 409 5.31 -12.75 12.42
CA PHE C 409 4.70 -14.08 12.55
C PHE C 409 5.73 -15.18 12.35
N LEU C 410 6.63 -15.02 11.39
CA LEU C 410 7.68 -16.00 11.20
C LEU C 410 8.58 -16.09 12.42
N LYS C 411 9.00 -14.94 12.96
CA LYS C 411 9.88 -14.94 14.11
C LYS C 411 9.18 -15.54 15.33
N ARG C 412 7.90 -15.20 15.51
CA ARG C 412 7.14 -15.82 16.58
C ARG C 412 7.13 -17.32 16.42
N ALA C 413 7.00 -17.79 15.18
CA ALA C 413 7.07 -19.22 14.93
C ALA C 413 8.45 -19.75 15.25
N CYS C 414 9.51 -19.02 14.85
CA CYS C 414 10.86 -19.45 15.22
C CYS C 414 11.03 -19.47 16.73
N GLU C 415 10.43 -18.51 17.43
CA GLU C 415 10.51 -18.52 18.89
C GLU C 415 10.04 -19.86 19.44
N ILE C 416 8.91 -20.33 18.92
CA ILE C 416 8.34 -21.60 19.37
C ILE C 416 9.20 -22.75 18.89
N SER C 417 9.69 -22.68 17.65
CA SER C 417 10.50 -23.78 17.14
C SER C 417 11.75 -23.98 17.98
N ARG C 418 12.41 -22.89 18.36
CA ARG C 418 13.67 -22.96 19.11
C ARG C 418 13.49 -23.47 20.53
N LYS C 419 12.27 -23.44 21.06
CA LYS C 419 12.05 -24.05 22.36
C LYS C 419 12.26 -25.56 22.31
N GLY C 420 12.41 -26.15 21.12
CA GLY C 420 12.97 -27.46 20.96
C GLY C 420 12.01 -28.63 21.04
N TRP C 421 10.70 -28.40 20.99
CA TRP C 421 9.76 -29.51 20.93
C TRP C 421 9.18 -29.70 19.54
N GLY C 422 9.92 -29.28 18.54
CA GLY C 422 9.62 -29.57 17.14
C GLY C 422 8.68 -28.65 16.42
N GLN C 423 7.53 -28.41 17.01
CA GLN C 423 6.55 -27.56 16.39
C GLN C 423 6.92 -26.09 16.60
N PRO C 424 6.54 -25.22 15.66
CA PRO C 424 5.89 -25.64 14.43
C PRO C 424 6.91 -26.02 13.39
N ALA C 425 6.49 -26.83 12.43
CA ALA C 425 7.25 -26.94 11.21
C ALA C 425 6.90 -25.76 10.33
N PHE C 426 7.76 -25.49 9.36
CA PHE C 426 7.60 -24.36 8.47
C PHE C 426 7.32 -24.89 7.08
N TYR C 427 6.23 -24.44 6.49
CA TYR C 427 5.87 -24.83 5.14
C TYR C 427 5.85 -23.60 4.28
N ASN C 428 6.42 -23.74 3.08
CA ASN C 428 6.57 -22.63 2.15
C ASN C 428 5.28 -22.52 1.38
N THR C 429 4.47 -21.51 1.70
CA THR C 429 3.18 -21.34 1.05
C THR C 429 3.33 -21.31 -0.46
N GLU C 430 4.38 -20.65 -0.95
CA GLU C 430 4.55 -20.54 -2.40
C GLU C 430 4.90 -21.88 -3.00
N ALA C 431 5.69 -22.68 -2.29
CA ALA C 431 5.93 -24.04 -2.74
C ALA C 431 4.63 -24.84 -2.77
N ILE C 432 3.83 -24.74 -1.70
CA ILE C 432 2.56 -25.45 -1.63
C ILE C 432 1.68 -25.09 -2.82
N VAL C 433 1.46 -23.79 -3.04
CA VAL C 433 0.59 -23.35 -4.11
C VAL C 433 1.10 -23.88 -5.44
N GLN C 434 2.41 -23.73 -5.64
CA GLN C 434 3.02 -24.18 -6.88
C GLN C 434 2.95 -25.69 -7.03
N GLU C 435 3.16 -26.44 -5.95
CA GLU C 435 2.98 -27.89 -6.02
C GLU C 435 1.54 -28.23 -6.44
N LEU C 436 0.56 -27.58 -5.82
CA LEU C 436 -0.84 -27.84 -6.17
C LEU C 436 -1.11 -27.52 -7.63
N MET C 437 -0.63 -26.36 -8.11
CA MET C 437 -0.88 -26.00 -9.50
C MET C 437 -0.17 -26.97 -10.45
N GLU C 438 1.01 -27.45 -10.06
CA GLU C 438 1.66 -28.46 -10.86
C GLU C 438 0.82 -29.73 -10.93
N ALA C 439 0.09 -30.03 -9.85
CA ALA C 439 -0.78 -31.19 -9.80
C ALA C 439 -2.15 -30.93 -10.43
N GLY C 440 -2.42 -29.72 -10.91
CA GLY C 440 -3.68 -29.44 -11.60
C GLY C 440 -4.69 -28.64 -10.81
N LYS C 441 -4.41 -28.26 -9.57
CA LYS C 441 -5.35 -27.42 -8.85
C LYS C 441 -5.36 -26.03 -9.46
N THR C 442 -6.54 -25.46 -9.57
CA THR C 442 -6.64 -24.07 -9.96
C THR C 442 -6.01 -23.21 -8.86
N ILE C 443 -5.60 -21.99 -9.23
CA ILE C 443 -5.05 -21.11 -8.20
C ILE C 443 -6.10 -20.81 -7.15
N GLU C 444 -7.36 -20.65 -7.56
CA GLU C 444 -8.43 -20.40 -6.60
C GLU C 444 -8.47 -21.51 -5.56
N ASP C 445 -8.37 -22.76 -5.98
CA ASP C 445 -8.36 -23.88 -5.05
C ASP C 445 -7.02 -24.07 -4.36
N ALA C 446 -5.91 -23.77 -5.05
CA ALA C 446 -4.59 -23.91 -4.40
C ALA C 446 -4.47 -22.98 -3.20
N ARG C 447 -5.05 -21.79 -3.29
CA ARG C 447 -4.97 -20.84 -2.19
C ARG C 447 -5.66 -21.36 -0.94
N LEU C 448 -6.58 -22.33 -1.06
CA LEU C 448 -7.19 -22.98 0.08
C LEU C 448 -6.35 -24.13 0.58
N GLY C 449 -5.23 -24.42 -0.07
CA GLY C 449 -4.49 -25.62 0.20
C GLY C 449 -3.42 -25.41 1.24
N GLY C 450 -2.68 -26.47 1.45
CA GLY C 450 -1.63 -26.47 2.45
C GLY C 450 -1.09 -27.87 2.58
N THR C 451 -0.51 -28.16 3.74
CA THR C 451 0.08 -29.47 3.95
C THR C 451 -0.66 -30.13 5.09
N SER C 452 -0.69 -31.45 5.08
CA SER C 452 -1.32 -32.20 6.16
C SER C 452 -0.44 -33.40 6.45
N GLY C 453 -0.83 -34.18 7.46
CA GLY C 453 0.06 -35.23 7.91
C GLY C 453 1.40 -34.66 8.28
N CYS C 454 2.45 -35.12 7.61
CA CYS C 454 3.81 -34.62 7.88
C CYS C 454 4.08 -33.36 7.08
N VAL C 455 4.13 -33.49 5.74
CA VAL C 455 4.50 -32.40 4.86
C VAL C 455 3.64 -32.48 3.59
N GLU C 456 2.61 -33.32 3.62
CA GLU C 456 1.92 -33.70 2.39
C GLU C 456 1.04 -32.57 1.91
N THR C 457 1.30 -32.10 0.70
CA THR C 457 0.53 -31.02 0.09
C THR C 457 -0.82 -31.52 -0.36
N GLY C 458 -1.85 -30.70 -0.13
CA GLY C 458 -3.19 -31.02 -0.59
C GLY C 458 -4.03 -29.77 -0.69
N CYS C 459 -5.13 -29.89 -1.44
CA CYS C 459 -6.14 -28.84 -1.55
C CYS C 459 -7.26 -29.19 -0.57
N PHE C 460 -7.29 -28.48 0.55
CA PHE C 460 -8.14 -28.81 1.68
C PHE C 460 -9.63 -28.79 1.32
N GLY C 461 -10.37 -29.82 1.76
CA GLY C 461 -11.80 -29.93 1.53
C GLY C 461 -12.21 -30.27 0.11
N LYS C 462 -11.28 -30.41 -0.81
CA LYS C 462 -11.61 -30.63 -2.20
C LYS C 462 -10.76 -31.73 -2.81
N GLU C 463 -10.05 -32.52 -2.00
CA GLU C 463 -9.08 -33.42 -2.57
C GLU C 463 -8.97 -34.69 -1.74
N ALA C 464 -8.90 -35.82 -2.43
CA ALA C 464 -8.36 -37.04 -1.88
C ALA C 464 -6.93 -37.13 -2.36
N TYR C 465 -5.99 -36.90 -1.46
CA TYR C 465 -4.57 -37.10 -1.75
C TYR C 465 -4.13 -38.18 -0.80
N VAL C 466 -4.13 -39.42 -1.29
CA VAL C 466 -3.95 -40.59 -0.46
C VAL C 466 -2.49 -41.01 -0.52
N LEU C 467 -1.89 -41.18 0.64
CA LEU C 467 -0.57 -41.78 0.68
C LEU C 467 -0.77 -43.28 0.69
N THR C 468 0.01 -43.98 -0.13
CA THR C 468 -0.15 -45.41 -0.25
C THR C 468 0.98 -46.20 0.41
N GLY C 469 2.09 -45.55 0.72
CA GLY C 469 3.15 -46.23 1.43
C GLY C 469 4.51 -45.68 1.08
N TYR C 470 5.45 -45.94 1.97
CA TYR C 470 6.82 -45.50 1.80
C TYR C 470 7.54 -46.43 0.85
N MET C 471 8.48 -45.88 0.09
CA MET C 471 9.29 -46.62 -0.85
C MET C 471 10.74 -46.60 -0.37
N ASN C 472 11.33 -47.78 -0.21
CA ASN C 472 12.69 -47.93 0.30
C ASN C 472 13.67 -47.75 -0.85
N ILE C 473 13.91 -46.49 -1.21
CA ILE C 473 14.81 -46.19 -2.33
C ILE C 473 16.22 -46.73 -2.09
N PRO C 474 16.85 -46.52 -0.94
CA PRO C 474 18.21 -47.08 -0.75
C PRO C 474 18.25 -48.58 -0.90
N LYS C 475 17.20 -49.29 -0.50
CA LYS C 475 17.25 -50.72 -0.68
C LYS C 475 17.11 -51.11 -2.15
N ILE C 476 16.46 -50.26 -2.95
CA ILE C 476 16.42 -50.52 -4.38
C ILE C 476 17.83 -50.45 -4.96
N LEU C 477 18.64 -49.49 -4.48
CA LEU C 477 20.06 -49.51 -4.83
C LEU C 477 20.73 -50.77 -4.31
N GLU C 478 20.41 -51.18 -3.08
CA GLU C 478 20.96 -52.42 -2.57
C GLU C 478 20.60 -53.60 -3.48
N LEU C 479 19.34 -53.66 -3.95
CA LEU C 479 18.96 -54.65 -4.93
C LEU C 479 19.78 -54.49 -6.22
N THR C 480 19.91 -53.25 -6.69
CA THR C 480 20.70 -53.00 -7.89
C THR C 480 22.11 -53.56 -7.75
N LEU C 481 22.79 -53.23 -6.67
CA LEU C 481 24.16 -53.70 -6.51
C LEU C 481 24.24 -55.21 -6.30
N ASN C 482 23.13 -55.88 -5.99
CA ASN C 482 23.11 -57.34 -5.81
C ASN C 482 22.28 -58.06 -6.88
N ASN C 483 22.17 -57.47 -8.06
CA ASN C 483 21.47 -58.09 -9.18
C ASN C 483 20.06 -58.53 -8.80
N GLY C 484 19.36 -57.67 -8.04
CA GLY C 484 17.98 -57.94 -7.66
C GLY C 484 17.83 -58.82 -6.44
N TYR C 485 18.90 -59.40 -5.94
CA TYR C 485 18.86 -60.25 -4.76
C TYR C 485 18.82 -59.38 -3.50
N ASP C 486 18.00 -59.77 -2.53
CA ASP C 486 18.00 -59.05 -1.26
C ASP C 486 18.92 -59.80 -0.32
N PRO C 487 20.09 -59.24 0.02
CA PRO C 487 21.02 -59.95 0.91
C PRO C 487 20.49 -60.16 2.32
N ILE C 488 19.40 -59.47 2.68
CA ILE C 488 18.84 -59.59 4.02
C ILE C 488 17.76 -60.66 4.02
N SER C 489 16.74 -60.49 3.17
CA SER C 489 15.70 -61.51 3.11
C SER C 489 16.17 -62.75 2.38
N LYS C 490 17.29 -62.66 1.67
CA LYS C 490 17.86 -63.81 0.97
C LYS C 490 16.86 -64.37 -0.05
N LYS C 491 16.10 -63.47 -0.66
CA LYS C 491 15.15 -63.79 -1.70
C LYS C 491 15.48 -62.90 -2.90
N GLN C 492 14.99 -63.27 -4.09
CA GLN C 492 15.20 -62.45 -5.27
C GLN C 492 14.04 -61.46 -5.37
N ILE C 493 14.17 -60.36 -4.65
CA ILE C 493 13.07 -59.42 -4.57
C ILE C 493 12.95 -58.61 -5.85
N GLY C 494 14.07 -58.16 -6.41
CA GLY C 494 14.07 -57.38 -7.63
C GLY C 494 14.23 -58.22 -8.89
N ILE C 495 14.69 -57.54 -9.95
CA ILE C 495 14.93 -58.16 -11.24
C ILE C 495 16.44 -58.20 -11.46
N GLU C 496 16.86 -58.93 -12.51
CA GLU C 496 18.28 -59.05 -12.82
C GLU C 496 18.71 -57.89 -13.70
N THR C 497 19.31 -56.89 -13.08
CA THR C 497 19.84 -55.76 -13.82
C THR C 497 21.31 -55.91 -14.18
N GLY C 498 21.93 -57.03 -13.82
CA GLY C 498 23.31 -57.29 -14.20
C GLY C 498 24.20 -57.38 -12.98
N ASP C 499 25.34 -58.07 -13.09
CA ASP C 499 26.37 -58.02 -12.04
C ASP C 499 27.01 -56.64 -12.11
N PRO C 500 26.92 -55.81 -11.06
CA PRO C 500 27.48 -54.46 -11.16
C PRO C 500 28.98 -54.41 -11.45
N ARG C 501 29.72 -55.49 -11.15
CA ARG C 501 31.13 -55.52 -11.49
C ARG C 501 31.36 -55.38 -13.00
N ASN C 502 30.36 -55.70 -13.81
CA ASN C 502 30.48 -55.57 -15.26
C ASN C 502 30.13 -54.19 -15.77
N PHE C 503 29.62 -53.30 -14.91
CA PHE C 503 29.28 -51.96 -15.34
C PHE C 503 30.56 -51.16 -15.61
N GLN C 504 30.70 -50.67 -16.85
CA GLN C 504 31.89 -49.94 -17.25
C GLN C 504 31.84 -48.47 -16.91
N SER C 505 30.69 -47.97 -16.46
CA SER C 505 30.57 -46.55 -16.12
C SER C 505 29.53 -46.39 -15.03
N TYR C 506 29.57 -45.24 -14.36
CA TYR C 506 28.53 -44.93 -13.39
C TYR C 506 27.15 -44.88 -14.05
N GLU C 507 27.07 -44.33 -15.26
CA GLU C 507 25.78 -44.23 -15.96
C GLU C 507 25.13 -45.60 -16.11
N GLU C 508 25.94 -46.63 -16.40
CA GLU C 508 25.39 -47.97 -16.55
C GLU C 508 24.84 -48.49 -15.23
N LEU C 509 25.55 -48.24 -14.13
CA LEU C 509 25.02 -48.63 -12.82
C LEU C 509 23.73 -47.88 -12.51
N PHE C 510 23.65 -46.59 -12.86
CA PHE C 510 22.43 -45.86 -12.57
C PHE C 510 21.27 -46.37 -13.41
N GLU C 511 21.55 -46.70 -14.68
CA GLU C 511 20.53 -47.31 -15.51
C GLU C 511 20.02 -48.60 -14.88
N ALA C 512 20.92 -49.41 -14.33
CA ALA C 512 20.50 -50.62 -13.63
C ALA C 512 19.63 -50.29 -12.44
N PHE C 513 19.94 -49.20 -11.74
CA PHE C 513 19.14 -48.80 -10.59
C PHE C 513 17.74 -48.37 -11.00
N LYS C 514 17.63 -47.60 -12.08
CA LYS C 514 16.34 -47.17 -12.57
C LYS C 514 15.47 -48.36 -12.97
N LYS C 515 16.08 -49.42 -13.51
CA LYS C 515 15.29 -50.60 -13.85
C LYS C 515 14.76 -51.26 -12.60
N GLN C 516 15.58 -51.36 -11.55
CA GLN C 516 15.11 -51.89 -10.28
C GLN C 516 14.03 -51.00 -9.68
N LEU C 517 14.21 -49.68 -9.81
CA LEU C 517 13.22 -48.74 -9.33
C LEU C 517 11.92 -48.94 -10.07
N HIS C 518 11.99 -49.07 -11.39
CA HIS C 518 10.80 -49.29 -12.19
C HIS C 518 10.06 -50.54 -11.73
N TYR C 519 10.81 -51.62 -11.51
CA TYR C 519 10.23 -52.87 -11.10
C TYR C 519 9.51 -52.74 -9.76
N MET C 520 10.18 -52.13 -8.78
CA MET C 520 9.58 -52.04 -7.45
C MET C 520 8.38 -51.12 -7.43
N ILE C 521 8.46 -50.00 -8.17
CA ILE C 521 7.30 -49.10 -8.25
C ILE C 521 6.13 -49.81 -8.92
N ASP C 522 6.38 -50.63 -9.91
CA ASP C 522 5.32 -51.32 -10.61
C ASP C 522 4.58 -52.23 -9.69
N ILE C 523 5.31 -52.92 -8.85
CA ILE C 523 4.74 -53.83 -7.92
C ILE C 523 3.85 -53.12 -6.96
N LYS C 524 4.31 -52.01 -6.46
CA LYS C 524 3.57 -51.25 -5.54
C LYS C 524 2.34 -50.65 -6.17
N ILE C 525 2.45 -50.11 -7.35
CA ILE C 525 1.30 -49.50 -8.01
C ILE C 525 0.24 -50.54 -8.34
N GLU C 526 0.68 -51.72 -8.76
CA GLU C 526 -0.24 -52.81 -9.05
C GLU C 526 -1.05 -53.17 -7.82
N GLY C 527 -0.37 -53.39 -6.70
CA GLY C 527 -1.08 -53.65 -5.47
C GLY C 527 -1.97 -52.49 -5.09
N ASN C 528 -1.50 -51.27 -5.31
CA ASN C 528 -2.28 -50.09 -4.97
C ASN C 528 -3.61 -50.05 -5.70
N ALA C 529 -3.63 -50.43 -6.98
CA ALA C 529 -4.86 -50.36 -7.76
C ALA C 529 -5.94 -51.27 -7.16
N VAL C 530 -5.56 -52.49 -6.79
CA VAL C 530 -6.49 -53.38 -6.13
C VAL C 530 -6.97 -52.76 -4.83
N ILE C 531 -6.02 -52.24 -4.03
CA ILE C 531 -6.37 -51.65 -2.75
C ILE C 531 -7.31 -50.46 -2.94
N GLU C 532 -7.05 -49.64 -3.95
CA GLU C 532 -7.94 -48.51 -4.21
C GLU C 532 -9.35 -48.99 -4.55
N ASN C 533 -9.47 -50.12 -5.25
CA ASN C 533 -10.80 -50.67 -5.52
C ASN C 533 -11.47 -51.16 -4.25
N ILE C 534 -10.73 -51.95 -3.47
CA ILE C 534 -11.25 -52.52 -2.24
C ILE C 534 -11.75 -51.41 -1.33
N CYS C 535 -11.01 -50.29 -1.24
CA CYS C 535 -11.42 -49.18 -0.41
C CYS C 535 -12.64 -48.46 -0.98
N ALA C 536 -12.69 -48.32 -2.30
CA ALA C 536 -13.86 -47.70 -2.91
C ALA C 536 -15.13 -48.53 -2.64
N LYS C 537 -15.05 -49.85 -2.78
CA LYS C 537 -16.27 -50.64 -2.68
C LYS C 537 -16.61 -50.97 -1.24
N HIS C 538 -15.60 -51.24 -0.41
CA HIS C 538 -15.83 -51.78 0.90
C HIS C 538 -15.57 -50.81 2.04
N MET C 539 -14.90 -49.68 1.77
CA MET C 539 -14.75 -48.59 2.73
C MET C 539 -15.33 -47.27 2.23
N PRO C 540 -16.55 -47.23 1.70
CA PRO C 540 -17.11 -45.93 1.34
C PRO C 540 -17.30 -45.12 2.61
N CYS C 541 -17.17 -43.81 2.48
CA CYS C 541 -17.27 -42.91 3.61
C CYS C 541 -18.31 -41.85 3.31
N PRO C 542 -19.60 -42.22 3.39
CA PRO C 542 -20.65 -41.23 3.11
C PRO C 542 -20.54 -40.00 3.98
N LEU C 543 -20.10 -40.12 5.22
CA LEU C 543 -19.99 -38.91 6.03
C LEU C 543 -18.91 -37.98 5.49
N MET C 544 -17.68 -38.49 5.37
CA MET C 544 -16.61 -37.69 4.79
C MET C 544 -17.04 -37.11 3.47
N SER C 545 -17.83 -37.86 2.70
CA SER C 545 -18.24 -37.43 1.38
C SER C 545 -19.12 -36.18 1.43
N THR C 546 -19.91 -36.01 2.49
CA THR C 546 -20.81 -34.88 2.54
C THR C 546 -20.08 -33.54 2.57
N ILE C 547 -18.83 -33.53 3.05
CA ILE C 547 -18.13 -32.27 3.28
C ILE C 547 -16.98 -32.03 2.31
N VAL C 548 -16.55 -33.05 1.60
CA VAL C 548 -15.47 -32.92 0.67
C VAL C 548 -16.01 -32.54 -0.66
N ASP C 549 -15.52 -31.47 -1.19
CA ASP C 549 -15.99 -31.03 -2.44
C ASP C 549 -15.92 -31.96 -3.57
N ASP C 550 -17.10 -31.88 -4.14
CA ASP C 550 -17.67 -32.50 -5.26
C ASP C 550 -18.37 -33.81 -4.96
N CYS C 551 -18.25 -34.37 -3.77
CA CYS C 551 -18.91 -35.67 -3.63
C CYS C 551 -20.42 -35.61 -3.81
N ILE C 552 -21.09 -34.65 -3.16
CA ILE C 552 -22.54 -34.55 -3.33
C ILE C 552 -22.90 -34.20 -4.77
N GLU C 553 -22.20 -33.22 -5.35
CA GLU C 553 -22.49 -32.80 -6.72
C GLU C 553 -22.27 -33.94 -7.70
N LYS C 554 -21.18 -34.69 -7.54
CA LYS C 554 -20.92 -35.84 -8.39
C LYS C 554 -21.81 -37.03 -8.07
N GLY C 555 -22.47 -37.02 -6.92
CA GLY C 555 -23.12 -38.24 -6.45
C GLY C 555 -22.15 -39.37 -6.28
N LYS C 556 -20.97 -39.09 -5.76
CA LYS C 556 -19.91 -40.08 -5.74
C LYS C 556 -19.14 -39.99 -4.43
N ASP C 557 -18.97 -41.12 -3.75
CA ASP C 557 -18.31 -41.15 -2.46
C ASP C 557 -16.85 -40.70 -2.58
N TYR C 558 -16.35 -40.11 -1.51
CA TYR C 558 -14.99 -39.65 -1.45
C TYR C 558 -14.00 -40.75 -1.69
N GLN C 559 -14.32 -41.98 -1.35
CA GLN C 559 -13.40 -43.09 -1.55
C GLN C 559 -13.34 -43.65 -2.93
N ARG C 560 -14.17 -43.16 -3.82
CA ARG C 560 -14.17 -43.59 -5.16
C ARG C 560 -14.07 -42.43 -6.12
N GLY C 561 -13.58 -41.30 -5.64
CA GLY C 561 -13.26 -40.23 -6.56
C GLY C 561 -14.19 -39.04 -6.56
N GLY C 562 -15.07 -38.93 -5.57
CA GLY C 562 -15.96 -37.78 -5.51
C GLY C 562 -15.23 -36.48 -5.28
N ALA C 563 -14.02 -36.53 -4.74
CA ALA C 563 -13.28 -35.30 -4.54
C ALA C 563 -13.01 -34.63 -5.87
N ARG C 564 -12.99 -33.29 -5.85
CA ARG C 564 -12.68 -32.53 -7.04
C ARG C 564 -11.31 -32.91 -7.58
N TYR C 565 -10.35 -33.14 -6.68
CA TYR C 565 -9.00 -33.50 -7.02
C TYR C 565 -8.69 -34.85 -6.41
N ASN C 566 -7.94 -35.68 -7.13
CA ASN C 566 -7.60 -36.99 -6.63
C ASN C 566 -6.17 -37.29 -6.99
N THR C 567 -5.34 -37.48 -5.98
CA THR C 567 -3.96 -37.85 -6.19
C THR C 567 -3.64 -38.97 -5.23
N ARG C 568 -2.72 -39.81 -5.65
CA ARG C 568 -2.18 -40.83 -4.80
C ARG C 568 -0.67 -40.63 -4.78
N TYR C 569 -0.07 -40.96 -3.65
CA TYR C 569 1.35 -40.77 -3.47
C TYR C 569 2.01 -42.07 -3.01
N ILE C 570 3.28 -42.14 -3.32
CA ILE C 570 4.15 -43.14 -2.83
C ILE C 570 5.23 -42.27 -2.16
N GLN C 571 5.52 -42.55 -0.91
CA GLN C 571 6.49 -41.77 -0.15
C GLN C 571 7.92 -42.20 -0.31
N GLY C 572 8.75 -41.32 -0.83
CA GLY C 572 10.14 -41.61 -1.01
C GLY C 572 10.97 -41.43 0.24
N VAL C 573 11.64 -42.48 0.64
CA VAL C 573 12.45 -42.45 1.85
C VAL C 573 13.91 -42.64 1.49
N GLY C 574 14.78 -41.94 2.21
CA GLY C 574 16.19 -42.23 2.13
C GLY C 574 16.94 -41.62 0.97
N ILE C 575 16.49 -40.46 0.46
CA ILE C 575 17.20 -39.86 -0.66
C ILE C 575 18.66 -39.56 -0.29
N GLY C 576 18.89 -39.12 0.94
CA GLY C 576 20.26 -38.80 1.33
C GLY C 576 21.16 -40.02 1.27
N THR C 577 20.76 -41.09 1.93
CA THR C 577 21.56 -42.30 1.96
C THR C 577 21.90 -42.77 0.56
N ILE C 578 20.87 -42.84 -0.29
CA ILE C 578 21.04 -43.39 -1.61
C ILE C 578 21.89 -42.44 -2.44
N THR C 579 21.76 -41.13 -2.22
CA THR C 579 22.61 -40.17 -2.91
C THR C 579 24.07 -40.33 -2.51
N ASP C 580 24.35 -40.38 -1.21
CA ASP C 580 25.75 -40.54 -0.80
C ASP C 580 26.31 -41.88 -1.26
N SER C 581 25.48 -42.93 -1.29
CA SER C 581 25.94 -44.25 -1.74
C SER C 581 26.29 -44.23 -3.21
N LEU C 582 25.43 -43.64 -4.04
CA LEU C 582 25.72 -43.58 -5.46
C LEU C 582 26.85 -42.58 -5.77
N THR C 583 26.91 -41.47 -5.04
CA THR C 583 28.03 -40.55 -5.22
C THR C 583 29.33 -41.22 -4.79
N ALA C 584 29.28 -42.01 -3.72
CA ALA C 584 30.46 -42.75 -3.28
C ALA C 584 30.96 -43.66 -4.39
N ILE C 585 30.03 -44.27 -5.14
CA ILE C 585 30.40 -45.18 -6.23
C ILE C 585 30.94 -44.42 -7.42
N LYS C 586 30.28 -43.34 -7.81
CA LYS C 586 30.77 -42.57 -8.94
C LYS C 586 32.17 -42.04 -8.65
N TYR C 587 32.38 -41.53 -7.43
CA TYR C 587 33.67 -40.94 -7.10
C TYR C 587 34.75 -42.00 -6.97
N ASN C 588 34.50 -43.03 -6.16
CA ASN C 588 35.57 -43.95 -5.78
C ASN C 588 35.81 -45.05 -6.81
N VAL C 589 34.75 -45.56 -7.44
CA VAL C 589 34.89 -46.69 -8.35
C VAL C 589 35.17 -46.22 -9.77
N PHE C 590 34.45 -45.21 -10.24
CA PHE C 590 34.52 -44.83 -11.63
C PHE C 590 35.35 -43.59 -11.89
N ASP C 591 35.31 -42.60 -11.00
CA ASP C 591 36.01 -41.36 -11.26
C ASP C 591 37.49 -41.49 -10.92
N LYS C 592 37.79 -41.66 -9.64
CA LYS C 592 39.17 -41.77 -9.16
C LYS C 592 39.70 -43.20 -9.19
N LYS C 593 38.83 -44.19 -9.34
CA LYS C 593 39.25 -45.59 -9.40
C LYS C 593 40.12 -45.97 -8.22
N LYS C 594 39.70 -45.51 -7.03
CA LYS C 594 40.45 -45.89 -5.83
C LYS C 594 40.19 -47.35 -5.48
N PHE C 595 39.04 -47.88 -5.84
CA PHE C 595 38.79 -49.32 -5.70
C PHE C 595 37.73 -49.70 -6.71
N ASP C 596 37.60 -51.01 -6.94
CA ASP C 596 36.69 -51.50 -7.96
C ASP C 596 35.38 -51.97 -7.31
N MET C 597 34.39 -52.24 -8.16
CA MET C 597 33.07 -52.62 -7.68
C MET C 597 33.13 -53.89 -6.83
N ASP C 598 33.90 -54.89 -7.28
CA ASP C 598 34.00 -56.13 -6.52
C ASP C 598 34.47 -55.86 -5.09
N THR C 599 35.45 -54.98 -4.92
CA THR C 599 35.93 -54.69 -3.58
C THR C 599 34.83 -54.02 -2.75
N LEU C 600 34.09 -53.08 -3.36
CA LEU C 600 33.06 -52.36 -2.63
C LEU C 600 31.99 -53.30 -2.08
N LEU C 601 31.52 -54.23 -2.91
CA LEU C 601 30.45 -55.13 -2.47
C LEU C 601 30.95 -56.07 -1.39
N LYS C 602 32.21 -56.51 -1.50
CA LYS C 602 32.82 -57.28 -0.42
C LYS C 602 32.81 -56.47 0.87
N ALA C 603 33.17 -55.18 0.77
CA ALA C 603 33.12 -54.31 1.93
C ALA C 603 31.69 -54.23 2.50
N LEU C 604 30.71 -53.98 1.63
CA LEU C 604 29.32 -53.91 2.11
C LEU C 604 28.91 -55.21 2.77
N ASP C 605 29.26 -56.35 2.16
CA ASP C 605 28.88 -57.62 2.75
C ASP C 605 29.59 -57.82 4.08
N ALA C 606 30.78 -57.26 4.23
CA ALA C 606 31.56 -57.37 5.45
C ALA C 606 31.26 -56.28 6.46
N ASN C 607 30.25 -55.44 6.20
CA ASN C 607 29.94 -54.29 7.03
C ASN C 607 31.19 -53.42 7.25
N PHE C 608 32.06 -53.40 6.24
CA PHE C 608 33.31 -52.65 6.18
C PHE C 608 34.37 -53.18 7.14
N GLU C 609 34.07 -54.19 7.95
CA GLU C 609 35.10 -54.79 8.80
C GLU C 609 36.19 -55.40 7.91
N GLY C 610 37.43 -54.95 8.12
CA GLY C 610 38.54 -55.30 7.26
C GLY C 610 38.67 -54.41 6.04
N TYR C 611 37.82 -53.40 5.90
CA TYR C 611 37.90 -52.47 4.79
C TYR C 611 37.88 -51.03 5.30
N GLU C 612 38.50 -50.80 6.46
CA GLU C 612 38.53 -49.46 7.04
C GLU C 612 39.12 -48.45 6.06
N ALA C 613 40.07 -48.88 5.24
CA ALA C 613 40.61 -47.98 4.23
C ALA C 613 39.54 -47.47 3.26
N ILE C 614 38.69 -48.37 2.82
CA ILE C 614 37.62 -48.00 1.92
C ILE C 614 36.53 -47.29 2.68
N LEU C 615 36.23 -47.78 3.86
CA LEU C 615 35.20 -47.15 4.69
C LEU C 615 35.55 -45.68 4.89
N ASN C 616 36.82 -45.41 5.21
CA ASN C 616 37.23 -44.03 5.42
C ASN C 616 37.16 -43.25 4.11
N LEU C 617 37.51 -43.89 3.00
CA LEU C 617 37.38 -43.23 1.70
C LEU C 617 35.95 -42.77 1.44
N VAL C 618 34.97 -43.65 1.66
CA VAL C 618 33.60 -43.31 1.27
C VAL C 618 32.96 -42.35 2.26
N SER C 619 33.33 -42.41 3.54
CA SER C 619 32.73 -41.53 4.54
C SER C 619 33.35 -40.15 4.55
N ASN C 620 34.66 -40.05 4.24
CA ASN C 620 35.42 -38.84 4.54
C ASN C 620 36.17 -38.22 3.38
N LYS C 621 36.38 -38.98 2.32
CA LYS C 621 37.10 -38.46 1.19
C LYS C 621 36.29 -38.59 -0.08
N THR C 622 35.00 -38.43 0.06
CA THR C 622 34.00 -38.58 -0.99
C THR C 622 32.95 -37.51 -0.80
N PRO C 623 32.54 -36.83 -1.87
CA PRO C 623 31.50 -35.79 -1.76
C PRO C 623 30.21 -36.29 -1.15
N LYS C 624 29.54 -35.40 -0.44
CA LYS C 624 28.35 -35.78 0.32
C LYS C 624 27.21 -34.86 -0.06
N TYR C 625 26.00 -35.39 0.02
CA TYR C 625 24.82 -34.57 -0.17
C TYR C 625 24.62 -33.71 1.07
N GLY C 626 24.26 -32.45 0.85
CA GLY C 626 24.08 -31.51 1.94
C GLY C 626 25.30 -30.66 2.23
N ASN C 627 26.13 -30.39 1.24
CA ASN C 627 27.32 -29.56 1.36
C ASN C 627 27.41 -28.55 0.24
N ASP C 628 26.30 -28.28 -0.46
CA ASP C 628 26.30 -27.45 -1.67
C ASP C 628 27.32 -27.95 -2.68
N ASP C 629 27.58 -29.25 -2.65
CA ASP C 629 28.58 -29.91 -3.48
C ASP C 629 27.89 -30.50 -4.72
N ASP C 630 28.09 -29.87 -5.88
CA ASP C 630 27.39 -30.30 -7.09
C ASP C 630 27.69 -31.75 -7.45
N TYR C 631 28.86 -32.26 -7.08
CA TYR C 631 29.19 -33.63 -7.44
C TYR C 631 28.24 -34.64 -6.79
N ALA C 632 27.92 -34.44 -5.50
CA ALA C 632 26.94 -35.30 -4.85
C ALA C 632 25.50 -34.85 -5.12
N ASP C 633 25.26 -33.53 -5.15
CA ASP C 633 23.90 -33.03 -5.29
C ASP C 633 23.33 -33.33 -6.67
N GLU C 634 24.18 -33.38 -7.69
CA GLU C 634 23.66 -33.76 -9.00
C GLU C 634 23.19 -35.21 -9.01
N ILE C 635 23.86 -36.07 -8.25
CA ILE C 635 23.39 -37.45 -8.12
C ILE C 635 22.03 -37.47 -7.43
N MET C 636 21.90 -36.71 -6.33
CA MET C 636 20.61 -36.57 -5.66
C MET C 636 19.54 -36.17 -6.64
N GLN C 637 19.86 -35.21 -7.50
CA GLN C 637 18.88 -34.77 -8.46
C GLN C 637 18.51 -35.89 -9.43
N GLU C 638 19.50 -36.63 -9.91
CA GLU C 638 19.19 -37.75 -10.79
C GLU C 638 18.29 -38.77 -10.09
N ILE C 639 18.60 -39.11 -8.84
CA ILE C 639 17.79 -40.09 -8.13
C ILE C 639 16.39 -39.57 -7.90
N PHE C 640 16.28 -38.32 -7.47
CA PHE C 640 14.95 -37.74 -7.29
C PHE C 640 14.20 -37.70 -8.60
N ASN C 641 14.86 -37.24 -9.67
CA ASN C 641 14.21 -37.19 -10.98
C ASN C 641 13.78 -38.58 -11.42
N ALA C 642 14.64 -39.57 -11.23
CA ALA C 642 14.22 -40.93 -11.57
C ALA C 642 12.96 -41.31 -10.80
N TYR C 643 12.96 -41.04 -9.49
CA TYR C 643 11.82 -41.36 -8.65
C TYR C 643 10.60 -40.57 -9.09
N TYR C 644 10.78 -39.29 -9.40
CA TYR C 644 9.66 -38.51 -9.88
C TYR C 644 9.11 -39.07 -11.19
N ASN C 645 10.00 -39.38 -12.14
CA ASN C 645 9.55 -39.83 -13.45
C ASN C 645 8.89 -41.20 -13.36
N GLU C 646 9.40 -42.07 -12.49
CA GLU C 646 8.87 -43.42 -12.40
C GLU C 646 7.47 -43.45 -11.82
N VAL C 647 7.13 -42.52 -10.94
CA VAL C 647 5.88 -42.56 -10.21
C VAL C 647 4.85 -41.60 -10.78
N THR C 648 5.26 -40.37 -11.07
CA THR C 648 4.32 -39.30 -11.35
C THR C 648 3.60 -39.52 -12.67
N GLY C 649 2.29 -39.29 -12.66
CA GLY C 649 1.46 -39.40 -13.84
C GLY C 649 0.73 -40.71 -13.98
N ARG C 650 1.17 -41.76 -13.29
CA ARG C 650 0.47 -43.03 -13.36
C ARG C 650 -0.98 -42.86 -12.94
N PRO C 651 -1.94 -43.42 -13.67
CA PRO C 651 -3.35 -43.24 -13.33
C PRO C 651 -3.73 -43.99 -12.07
N THR C 652 -4.64 -43.39 -11.31
CA THR C 652 -5.33 -44.09 -10.22
C THR C 652 -6.66 -44.65 -10.72
N VAL C 653 -7.18 -45.60 -9.95
CA VAL C 653 -8.40 -46.29 -10.34
C VAL C 653 -9.57 -45.34 -10.47
N CYS C 654 -9.63 -44.32 -9.61
CA CYS C 654 -10.82 -43.50 -9.54
C CYS C 654 -10.63 -42.15 -10.20
N GLY C 655 -9.81 -42.09 -11.26
CA GLY C 655 -9.72 -40.93 -12.10
C GLY C 655 -8.72 -39.88 -11.68
N GLY C 656 -7.83 -40.18 -10.74
CA GLY C 656 -6.71 -39.31 -10.40
C GLY C 656 -5.38 -39.85 -10.89
N GLU C 657 -4.30 -39.32 -10.35
CA GLU C 657 -2.99 -39.76 -10.79
C GLU C 657 -2.02 -39.86 -9.62
N TYR C 658 -0.98 -40.66 -9.82
CA TYR C 658 0.06 -40.77 -8.82
C TYR C 658 1.00 -39.58 -8.89
N ARG C 659 1.45 -39.17 -7.72
CA ARG C 659 2.44 -38.14 -7.59
C ARG C 659 3.41 -38.59 -6.51
N VAL C 660 4.43 -37.78 -6.29
CA VAL C 660 5.56 -38.19 -5.48
C VAL C 660 5.71 -37.23 -4.31
N ASP C 661 6.11 -37.78 -3.17
CA ASP C 661 6.51 -36.99 -2.02
C ASP C 661 7.59 -37.74 -1.27
N MET C 662 8.29 -37.01 -0.41
CA MET C 662 9.50 -37.49 0.27
C MET C 662 9.35 -37.23 1.76
N LEU C 663 9.22 -38.13 2.48
CA LEU C 663 8.81 -37.85 3.83
C LEU C 663 8.98 -39.11 4.63
N PRO C 664 9.29 -39.72 5.70
CA PRO C 664 9.38 -41.10 6.16
C PRO C 664 8.68 -41.47 7.42
N THR C 665 8.22 -40.52 8.21
CA THR C 665 7.69 -40.75 9.53
C THR C 665 8.74 -41.57 10.23
N THR C 666 8.44 -42.77 10.63
CA THR C 666 9.42 -43.63 11.27
C THR C 666 9.97 -44.70 10.34
N CYS C 667 9.59 -44.67 9.06
CA CYS C 667 9.94 -45.74 8.12
C CYS C 667 11.41 -45.73 7.73
N HIS C 668 12.11 -44.61 7.90
CA HIS C 668 13.56 -44.64 7.64
C HIS C 668 14.26 -45.55 8.64
N ILE C 669 13.68 -45.73 9.82
CA ILE C 669 14.20 -46.73 10.75
C ILE C 669 13.99 -48.13 10.19
N TYR C 670 12.73 -48.51 9.99
CA TYR C 670 12.41 -49.82 9.42
C TYR C 670 13.18 -50.07 8.14
N PHE C 671 13.17 -49.10 7.22
CA PHE C 671 13.85 -49.32 5.94
C PHE C 671 15.33 -49.55 6.12
N GLY C 672 15.93 -48.95 7.15
CA GLY C 672 17.34 -49.16 7.41
C GLY C 672 17.59 -50.48 8.08
N GLU C 673 16.71 -50.85 9.02
CA GLU C 673 16.88 -52.10 9.76
C GLU C 673 16.94 -53.30 8.82
N ILE C 674 16.12 -53.33 7.79
CA ILE C 674 16.11 -54.46 6.86
C ILE C 674 17.03 -54.21 5.67
N MET C 675 17.99 -53.29 5.82
CA MET C 675 18.98 -52.97 4.80
C MET C 675 20.37 -53.35 5.30
N GLY C 676 21.21 -53.81 4.38
CA GLY C 676 22.60 -54.02 4.69
C GLY C 676 23.36 -52.71 4.65
N ALA C 677 24.68 -52.82 4.80
CA ALA C 677 25.53 -51.65 4.66
C ALA C 677 25.41 -51.08 3.25
N SER C 678 25.45 -49.76 3.15
CA SER C 678 25.32 -49.09 1.87
C SER C 678 26.63 -48.41 1.47
N PRO C 679 26.85 -48.18 0.17
CA PRO C 679 28.15 -47.67 -0.29
C PRO C 679 28.62 -46.36 0.34
N ASN C 680 27.77 -45.62 1.04
CA ASN C 680 28.20 -44.35 1.63
C ASN C 680 28.92 -44.51 2.96
N GLY C 681 28.99 -45.70 3.49
CA GLY C 681 29.60 -45.91 4.76
C GLY C 681 28.58 -46.25 5.82
N ARG C 682 27.32 -46.34 5.76
CA ARG C 682 26.32 -46.73 6.73
C ARG C 682 26.52 -48.17 7.10
N LEU C 683 26.36 -48.32 7.95
CA LEU C 683 26.45 -49.71 8.31
C LEU C 683 25.16 -50.49 8.29
N CYS C 684 25.31 -51.79 8.20
CA CYS C 684 24.15 -52.68 8.16
C CYS C 684 23.19 -52.38 9.29
N ALA C 685 21.89 -52.54 8.98
CA ALA C 685 20.74 -52.36 9.88
C ALA C 685 20.59 -50.92 10.34
N LYS C 686 21.44 -50.03 9.93
CA LYS C 686 21.32 -48.67 10.41
C LYS C 686 20.25 -47.93 9.62
N PRO C 687 19.53 -47.01 10.26
CA PRO C 687 18.49 -46.25 9.54
C PRO C 687 19.03 -45.60 8.28
N VAL C 688 18.14 -45.39 7.33
CA VAL C 688 18.49 -44.61 6.15
C VAL C 688 18.20 -43.19 6.56
N SER C 689 18.59 -42.23 5.75
CA SER C 689 18.33 -40.89 6.09
C SER C 689 16.86 -40.63 6.15
N GLU C 690 16.48 -39.67 6.97
CA GLU C 690 15.09 -39.31 7.09
C GLU C 690 14.82 -38.16 6.20
N GLY C 691 13.66 -38.15 5.59
CA GLY C 691 13.26 -37.10 4.67
C GLY C 691 14.26 -36.79 3.61
N ILE C 692 14.39 -35.54 3.28
CA ILE C 692 15.46 -35.17 2.37
C ILE C 692 16.69 -34.68 3.14
N SER C 693 16.75 -34.97 4.43
CA SER C 693 17.86 -34.53 5.26
C SER C 693 19.13 -35.23 4.79
N PRO C 694 20.29 -34.61 5.01
CA PRO C 694 21.55 -35.28 4.62
C PRO C 694 21.71 -36.56 5.41
N GLU C 695 22.58 -37.43 4.94
CA GLU C 695 22.83 -38.65 5.66
C GLU C 695 23.68 -38.28 6.88
N LYS C 696 23.60 -39.10 7.92
CA LYS C 696 24.34 -38.91 9.14
C LYS C 696 25.79 -38.57 8.89
N GLY C 697 26.15 -37.39 9.35
CA GLY C 697 27.48 -36.91 9.21
C GLY C 697 27.81 -36.48 7.83
N GLY C 698 26.84 -36.48 6.94
CA GLY C 698 27.15 -36.10 5.58
C GLY C 698 27.34 -34.60 5.40
N ASP C 699 26.63 -33.78 6.17
CA ASP C 699 26.69 -32.33 6.02
C ASP C 699 27.74 -31.76 6.98
N THR C 700 28.84 -31.30 6.40
CA THR C 700 29.98 -30.80 7.16
C THR C 700 30.32 -29.36 6.80
N ASN C 701 29.36 -28.61 6.23
CA ASN C 701 29.62 -27.23 5.83
C ASN C 701 28.52 -26.27 6.28
N GLY C 702 27.74 -26.65 7.30
CA GLY C 702 26.76 -25.78 7.90
C GLY C 702 25.37 -25.83 7.29
N PRO C 703 24.40 -25.20 7.97
CA PRO C 703 23.00 -25.35 7.55
C PRO C 703 22.69 -24.67 6.23
N THR C 704 23.34 -23.54 5.94
CA THR C 704 23.13 -22.92 4.63
C THR C 704 23.59 -23.85 3.53
N ALA C 705 24.65 -24.62 3.77
CA ALA C 705 25.11 -25.57 2.75
C ALA C 705 24.06 -26.64 2.50
N VAL C 706 23.34 -27.10 3.54
CA VAL C 706 22.38 -28.16 3.28
C VAL C 706 21.14 -27.60 2.62
N ILE C 707 20.66 -26.42 3.01
CA ILE C 707 19.46 -25.91 2.35
C ILE C 707 19.77 -25.59 0.91
N LYS C 708 21.02 -25.21 0.59
CA LYS C 708 21.36 -25.02 -0.81
C LYS C 708 21.30 -26.35 -1.57
N SER C 709 21.79 -27.43 -0.95
CA SER C 709 21.63 -28.76 -1.51
C SER C 709 20.16 -29.14 -1.64
N CYS C 710 19.41 -29.04 -0.53
CA CYS C 710 18.01 -29.44 -0.53
C CYS C 710 17.17 -28.66 -1.52
N ALA C 711 17.51 -27.41 -1.78
CA ALA C 711 16.77 -26.62 -2.74
C ALA C 711 16.95 -27.15 -4.16
N LYS C 712 17.99 -27.93 -4.41
CA LYS C 712 18.22 -28.46 -5.75
C LYS C 712 17.25 -29.60 -6.08
N MET C 713 16.64 -30.20 -5.06
CA MET C 713 15.53 -31.12 -5.31
C MET C 713 14.30 -30.31 -5.72
N ASP C 714 13.63 -30.74 -6.79
CA ASP C 714 12.53 -29.96 -7.38
C ASP C 714 11.24 -30.14 -6.59
N HIS C 715 11.14 -29.38 -5.50
CA HIS C 715 10.00 -29.51 -4.61
C HIS C 715 8.67 -29.24 -5.31
N ILE C 716 8.67 -28.34 -6.30
CA ILE C 716 7.40 -27.99 -6.92
C ILE C 716 6.78 -29.25 -7.55
N LYS C 717 7.62 -30.16 -8.03
CA LYS C 717 7.17 -31.38 -8.67
C LYS C 717 6.74 -32.45 -7.68
N THR C 718 6.67 -32.13 -6.39
CA THR C 718 6.28 -33.10 -5.38
C THR C 718 5.02 -32.63 -4.68
N GLY C 719 4.48 -33.54 -3.88
CA GLY C 719 3.41 -33.17 -2.97
C GLY C 719 3.95 -32.99 -1.57
N GLY C 720 5.24 -32.63 -1.49
CA GLY C 720 5.88 -32.35 -0.22
C GLY C 720 7.15 -33.13 0.05
N THR C 721 8.12 -32.43 0.65
CA THR C 721 9.39 -33.02 1.04
C THR C 721 9.65 -32.56 2.47
N LEU C 722 10.32 -33.40 3.23
CA LEU C 722 10.52 -33.17 4.65
C LEU C 722 12.00 -32.96 4.90
N LEU C 723 12.36 -31.80 5.46
CA LEU C 723 13.74 -31.49 5.82
C LEU C 723 13.82 -31.29 7.33
N ASN C 724 14.64 -32.12 7.99
CA ASN C 724 14.96 -31.93 9.41
C ASN C 724 16.31 -31.21 9.51
N GLN C 725 16.34 -30.16 10.32
CA GLN C 725 17.59 -29.52 10.68
C GLN C 725 17.68 -29.40 12.19
N ARG C 726 18.87 -29.61 12.72
CA ARG C 726 19.13 -29.54 14.14
C ARG C 726 20.10 -28.41 14.38
N PHE C 727 19.81 -27.58 15.37
CA PHE C 727 20.72 -26.49 15.74
C PHE C 727 21.22 -26.72 17.14
N ALA C 728 22.50 -26.41 17.34
CA ALA C 728 23.05 -26.32 18.69
C ALA C 728 22.25 -25.27 19.42
N PRO C 729 21.79 -25.54 20.64
CA PRO C 729 20.92 -24.58 21.32
C PRO C 729 21.51 -23.19 21.45
N SER C 730 22.85 -23.08 21.51
CA SER C 730 23.46 -21.77 21.71
C SER C 730 23.26 -20.85 20.52
N VAL C 731 23.35 -21.36 19.29
CA VAL C 731 23.31 -20.48 18.13
C VAL C 731 21.93 -19.98 17.79
N VAL C 732 20.89 -20.47 18.48
CA VAL C 732 19.53 -19.99 18.25
C VAL C 732 19.05 -19.12 19.38
N GLN C 733 19.92 -18.74 20.31
CA GLN C 733 19.49 -17.93 21.44
C GLN C 733 19.31 -16.48 21.04
N GLY C 734 18.37 -15.81 21.65
CA GLY C 734 18.15 -14.42 21.38
C GLY C 734 17.71 -14.02 20.02
N GLU C 735 17.82 -12.74 19.74
CA GLU C 735 17.43 -12.15 18.51
C GLU C 735 18.28 -12.60 17.37
N LYS C 736 19.55 -12.81 17.62
CA LYS C 736 20.44 -13.23 16.60
C LYS C 736 19.97 -14.59 16.19
N GLY C 737 19.59 -15.39 17.16
CA GLY C 737 19.06 -16.72 16.86
C GLY C 737 17.76 -16.68 16.07
N LEU C 738 16.79 -15.88 16.51
CA LEU C 738 15.55 -15.75 15.74
C LEU C 738 15.83 -15.30 14.31
N ASP C 739 16.64 -14.25 14.17
CA ASP C 739 16.95 -13.73 12.85
C ASP C 739 17.67 -14.77 12.00
N ASN C 740 18.58 -15.53 12.60
CA ASN C 740 19.28 -16.56 11.83
C ASN C 740 18.33 -17.68 11.44
N MET C 741 17.44 -18.09 12.35
CA MET C 741 16.42 -19.07 12.01
C MET C 741 15.47 -18.54 10.96
N ALA C 742 14.94 -17.34 11.18
CA ALA C 742 14.02 -16.76 10.20
C ALA C 742 14.70 -16.61 8.84
N ASN C 743 15.98 -16.21 8.84
CA ASN C 743 16.66 -16.03 7.57
C ASN C 743 16.86 -17.36 6.87
N LEU C 744 17.24 -18.39 7.62
CA LEU C 744 17.43 -19.71 7.03
C LEU C 744 16.13 -20.26 6.48
N VAL C 745 15.03 -20.12 7.24
CA VAL C 745 13.72 -20.51 6.75
C VAL C 745 13.43 -19.79 5.45
N ARG C 746 13.59 -18.46 5.43
CA ARG C 746 13.29 -17.71 4.22
C ARG C 746 14.29 -17.99 3.10
N ALA C 747 15.57 -18.23 3.43
CA ALA C 747 16.55 -18.51 2.37
C ALA C 747 16.22 -19.83 1.68
N TYR C 748 15.80 -20.83 2.46
CA TYR C 748 15.38 -22.11 1.88
C TYR C 748 14.12 -21.95 1.04
N PHE C 749 13.13 -21.23 1.57
CA PHE C 749 11.88 -21.03 0.83
C PHE C 749 12.09 -20.17 -0.40
N ASN C 750 13.06 -19.25 -0.35
CA ASN C 750 13.31 -18.41 -1.51
C ASN C 750 13.85 -19.22 -2.66
N MET C 751 14.45 -20.37 -2.38
CA MET C 751 14.90 -21.31 -3.40
C MET C 751 13.84 -22.37 -3.69
N ASP C 752 12.60 -22.15 -3.24
CA ASP C 752 11.45 -23.04 -3.40
C ASP C 752 11.55 -24.30 -2.57
N GLY C 753 12.39 -24.32 -1.54
CA GLY C 753 12.29 -25.40 -0.56
C GLY C 753 10.87 -25.47 0.00
N HIS C 754 10.42 -26.70 0.25
CA HIS C 754 9.04 -26.97 0.62
C HIS C 754 8.80 -26.87 2.11
N HIS C 755 9.71 -27.42 2.90
CA HIS C 755 9.47 -27.54 4.33
C HIS C 755 10.78 -27.62 5.07
N ILE C 756 10.81 -27.03 6.26
CA ILE C 756 11.93 -27.22 7.15
C ILE C 756 11.35 -27.19 8.55
N GLN C 757 11.92 -28.00 9.42
CA GLN C 757 11.56 -28.06 10.82
C GLN C 757 12.84 -28.32 11.61
N PHE C 758 12.85 -27.85 12.85
CA PHE C 758 14.08 -27.74 13.61
C PHE C 758 14.04 -28.60 14.85
N ASN C 759 15.15 -29.28 15.10
CA ASN C 759 15.44 -29.78 16.43
C ASN C 759 16.39 -28.79 17.10
N VAL C 760 16.07 -28.42 18.34
CA VAL C 760 16.92 -27.57 19.15
C VAL C 760 16.99 -28.23 20.52
N PHE C 761 17.92 -29.15 20.69
CA PHE C 761 18.07 -29.86 21.96
C PHE C 761 19.54 -29.94 22.33
N ASP C 762 19.78 -30.23 23.61
CA ASP C 762 21.10 -30.53 24.13
C ASP C 762 21.35 -32.03 23.96
N LYS C 763 22.42 -32.36 23.23
CA LYS C 763 22.76 -33.78 23.00
C LYS C 763 22.74 -34.56 24.32
N ASN C 764 23.21 -33.94 25.40
CA ASN C 764 23.26 -34.64 26.69
C ASN C 764 21.88 -34.81 27.32
N VAL C 765 20.95 -33.87 27.07
CA VAL C 765 19.58 -34.07 27.55
C VAL C 765 19.01 -35.35 26.98
N LEU C 766 19.23 -35.58 25.67
CA LEU C 766 18.74 -36.78 25.02
C LEU C 766 19.50 -38.03 25.49
N LEU C 767 20.83 -37.92 25.62
CA LEU C 767 21.61 -39.05 26.09
C LEU C 767 21.24 -39.45 27.51
N GLU C 768 20.97 -38.48 28.37
CA GLU C 768 20.51 -38.85 29.71
C GLU C 768 19.10 -39.46 29.70
N ALA C 769 18.21 -38.97 28.84
CA ALA C 769 16.87 -39.56 28.77
C ALA C 769 16.94 -41.03 28.39
N GLN C 770 17.87 -41.40 27.52
CA GLN C 770 18.04 -42.82 27.19
C GLN C 770 18.41 -43.61 28.43
N LYS C 771 19.28 -43.03 29.28
CA LYS C 771 19.72 -43.73 30.48
C LYS C 771 18.59 -43.79 31.51
N ASN C 772 17.85 -42.69 31.70
CA ASN C 772 16.76 -42.63 32.66
C ASN C 772 15.52 -42.04 31.99
N PRO C 773 14.80 -42.84 31.20
CA PRO C 773 13.61 -42.29 30.53
C PRO C 773 12.54 -41.81 31.49
N GLN C 774 12.44 -42.40 32.68
CA GLN C 774 11.37 -42.03 33.62
C GLN C 774 11.42 -40.57 34.04
N ASP C 775 12.57 -39.91 33.92
CA ASP C 775 12.68 -38.51 34.34
C ASP C 775 12.26 -37.51 33.28
N TYR C 776 12.32 -37.87 32.00
CA TYR C 776 12.01 -36.91 30.96
C TYR C 776 10.82 -37.43 30.17
N LYS C 777 9.77 -37.81 30.89
CA LYS C 777 8.63 -38.42 30.21
C LYS C 777 7.95 -37.43 29.28
N ASP C 778 8.01 -36.14 29.61
CA ASP C 778 7.45 -35.06 28.81
C ASP C 778 8.43 -34.48 27.79
N LEU C 779 9.59 -35.11 27.61
CA LEU C 779 10.58 -34.63 26.65
C LEU C 779 10.12 -34.92 25.22
N ILE C 780 9.95 -33.86 24.44
CA ILE C 780 9.41 -33.96 23.10
C ILE C 780 10.47 -33.50 22.10
N VAL C 781 10.70 -34.32 21.08
CA VAL C 781 11.61 -34.02 20.00
C VAL C 781 10.85 -34.08 18.68
N ARG C 782 11.46 -33.58 17.63
CA ARG C 782 10.83 -33.68 16.36
C ARG C 782 11.39 -34.91 15.72
N VAL C 783 10.51 -35.71 15.14
CA VAL C 783 10.96 -36.91 14.49
C VAL C 783 11.09 -36.64 13.03
N ALA C 784 9.97 -36.72 12.33
CA ALA C 784 9.90 -36.47 10.90
C ALA C 784 8.51 -36.09 10.49
N GLY C 785 8.25 -34.80 10.45
CA GLY C 785 6.94 -34.26 10.17
C GLY C 785 6.04 -34.16 11.38
N TYR C 786 6.54 -34.57 12.55
CA TYR C 786 5.74 -34.53 13.75
C TYR C 786 6.67 -34.52 14.95
N SER C 787 6.13 -34.04 16.06
CA SER C 787 6.84 -34.07 17.34
C SER C 787 6.29 -35.23 18.16
N ASP C 788 7.18 -35.87 18.89
CA ASP C 788 6.77 -36.99 19.72
C ASP C 788 7.55 -36.96 21.02
N HIS C 789 7.00 -37.64 22.01
CA HIS C 789 7.75 -37.84 23.23
C HIS C 789 8.95 -38.71 22.92
N PHE C 790 10.13 -38.25 23.35
CA PHE C 790 11.38 -38.98 23.13
C PHE C 790 11.28 -40.41 23.62
N ASN C 791 10.51 -40.64 24.70
CA ASN C 791 10.39 -41.99 25.24
C ASN C 791 9.52 -42.90 24.38
N ASN C 792 8.70 -42.33 23.49
CA ASN C 792 7.90 -43.11 22.56
C ASN C 792 8.71 -43.65 21.38
N LEU C 793 9.98 -43.27 21.28
CA LEU C 793 10.82 -43.65 20.14
C LEU C 793 11.76 -44.79 20.54
N SER C 794 12.01 -45.65 19.60
CA SER C 794 12.91 -46.69 19.87
C SER C 794 14.29 -46.08 19.99
N ARG C 795 15.16 -46.82 20.62
CA ARG C 795 16.56 -46.54 20.68
C ARG C 795 17.15 -46.20 19.34
N THR C 796 16.90 -47.03 18.35
CA THR C 796 17.44 -46.76 17.03
C THR C 796 16.94 -45.45 16.53
N LEU C 797 15.70 -45.16 16.77
CA LEU C 797 15.15 -43.89 16.33
C LEU C 797 15.72 -42.75 17.17
N GLN C 798 15.88 -42.95 18.47
CA GLN C 798 16.53 -41.96 19.31
C GLN C 798 17.92 -41.65 18.81
N ASP C 799 18.72 -42.68 18.54
CA ASP C 799 20.08 -42.46 18.06
C ASP C 799 20.10 -41.82 16.69
N GLU C 800 19.06 -42.04 15.88
CA GLU C 800 18.98 -41.33 14.61
C GLU C 800 18.89 -39.83 14.82
N ILE C 801 17.98 -39.39 15.69
CA ILE C 801 17.78 -37.97 15.95
C ILE C 801 19.05 -37.34 16.52
N ILE C 802 19.63 -37.98 17.53
CA ILE C 802 20.87 -37.53 18.16
C ILE C 802 21.99 -37.43 17.14
N GLY C 803 22.01 -38.33 16.15
CA GLY C 803 23.05 -38.29 15.15
C GLY C 803 22.89 -37.21 14.11
N ARG C 804 21.76 -36.50 14.11
CA ARG C 804 21.57 -35.46 13.12
C ARG C 804 22.58 -34.34 13.36
N THR C 805 23.07 -33.77 12.29
CA THR C 805 24.14 -32.78 12.38
C THR C 805 23.72 -31.60 13.24
N GLU C 806 24.46 -31.36 14.31
CA GLU C 806 24.25 -30.18 15.13
C GLU C 806 24.81 -28.98 14.39
N GLN C 807 23.94 -28.16 13.85
CA GLN C 807 24.35 -27.05 13.00
C GLN C 807 24.62 -25.79 13.81
N THR C 808 25.56 -24.99 13.34
CA THR C 808 25.76 -23.65 13.84
C THR C 808 25.56 -22.68 12.68
N PHE C 809 25.12 -21.48 12.99
CA PHE C 809 24.89 -20.51 11.93
C PHE C 809 26.19 -19.86 11.47
N MET D 21 -52.22 -97.11 -26.67
CA MET D 21 -50.84 -97.31 -26.23
C MET D 21 -50.30 -96.05 -25.49
N ALA D 22 -49.19 -96.19 -24.76
CA ALA D 22 -48.64 -95.10 -23.98
C ALA D 22 -47.62 -94.31 -24.77
N ARG D 23 -47.54 -93.00 -24.52
CA ARG D 23 -46.68 -92.16 -25.32
C ARG D 23 -45.22 -92.36 -24.94
N GLY D 24 -44.35 -92.28 -25.94
CA GLY D 24 -42.93 -92.62 -25.80
C GLY D 24 -42.63 -93.70 -26.82
N THR D 25 -41.59 -93.48 -27.63
CA THR D 25 -41.31 -94.42 -28.71
C THR D 25 -40.76 -95.74 -28.18
N PHE D 26 -40.10 -95.72 -27.03
CA PHE D 26 -39.45 -96.91 -26.50
C PHE D 26 -39.94 -97.15 -25.08
N GLU D 27 -39.77 -98.40 -24.63
CA GLU D 27 -40.19 -98.77 -23.29
C GLU D 27 -39.56 -97.84 -22.26
N ARG D 28 -38.28 -97.51 -22.46
CA ARG D 28 -37.57 -96.61 -21.57
C ARG D 28 -38.24 -95.25 -21.50
N THR D 29 -38.49 -94.62 -22.63
CA THR D 29 -39.07 -93.29 -22.61
C THR D 29 -40.55 -93.30 -22.28
N LYS D 30 -41.26 -94.42 -22.49
CA LYS D 30 -42.61 -94.56 -21.98
C LYS D 30 -42.62 -94.51 -20.46
N LYS D 31 -41.70 -95.26 -19.84
CA LYS D 31 -41.61 -95.27 -18.39
C LYS D 31 -41.20 -93.90 -17.87
N LEU D 32 -40.19 -93.29 -18.48
CA LEU D 32 -39.79 -91.94 -18.07
C LEU D 32 -40.92 -90.94 -18.26
N ARG D 33 -41.62 -91.00 -19.40
CA ARG D 33 -42.71 -90.06 -19.62
C ARG D 33 -43.84 -90.24 -18.63
N GLU D 34 -44.17 -91.49 -18.31
CA GLU D 34 -45.25 -91.74 -17.35
C GLU D 34 -44.87 -91.19 -15.99
N GLU D 35 -43.61 -91.38 -15.60
CA GLU D 35 -43.14 -90.80 -14.33
C GLU D 35 -43.28 -89.29 -14.35
N SER D 36 -42.92 -88.66 -15.47
CA SER D 36 -42.98 -87.21 -15.57
C SER D 36 -44.40 -86.71 -15.39
N ILE D 37 -45.36 -87.27 -16.14
CA ILE D 37 -46.72 -86.74 -16.11
C ILE D 37 -47.42 -87.04 -14.79
N ASN D 38 -46.97 -88.03 -14.04
CA ASN D 38 -47.55 -88.35 -12.74
C ASN D 38 -46.85 -87.62 -11.61
N ALA D 39 -45.73 -86.98 -11.89
CA ALA D 39 -45.01 -86.27 -10.85
C ALA D 39 -45.88 -85.15 -10.29
N GLU D 40 -46.05 -85.15 -8.98
CA GLU D 40 -46.84 -84.11 -8.34
C GLU D 40 -45.99 -82.85 -8.25
N PRO D 41 -46.53 -81.69 -8.63
CA PRO D 41 -45.76 -80.44 -8.49
C PRO D 41 -45.53 -80.11 -7.02
N HIS D 42 -44.27 -79.97 -6.63
CA HIS D 42 -43.94 -79.65 -5.25
C HIS D 42 -42.68 -78.78 -5.23
N ILE D 43 -42.42 -78.16 -4.08
CA ILE D 43 -41.21 -77.38 -3.95
C ILE D 43 -40.16 -78.24 -3.25
N SER D 44 -38.92 -78.11 -3.69
CA SER D 44 -37.78 -78.80 -3.10
C SER D 44 -36.92 -77.76 -2.38
N ILE D 45 -36.82 -77.88 -1.05
CA ILE D 45 -36.16 -76.86 -0.23
C ILE D 45 -34.64 -76.95 -0.20
N GLU D 46 -34.06 -78.01 -0.76
CA GLU D 46 -32.62 -78.25 -0.60
C GLU D 46 -31.77 -77.10 -1.13
N ARG D 47 -32.14 -76.55 -2.30
CA ARG D 47 -31.32 -75.49 -2.87
C ARG D 47 -31.23 -74.30 -1.91
N ALA D 48 -32.37 -73.88 -1.36
CA ALA D 48 -32.36 -72.77 -0.42
C ALA D 48 -31.48 -73.10 0.77
N VAL D 49 -31.58 -74.32 1.28
CA VAL D 49 -30.75 -74.72 2.40
C VAL D 49 -29.28 -74.60 2.03
N LEU D 50 -28.92 -75.10 0.86
CA LEU D 50 -27.51 -75.10 0.50
C LEU D 50 -27.00 -73.70 0.24
N MET D 51 -27.85 -72.84 -0.36
N MET D 51 -27.88 -72.84 -0.27
CA MET D 51 -27.44 -71.45 -0.58
CA MET D 51 -27.53 -71.48 -0.58
C MET D 51 -27.31 -70.71 0.75
C MET D 51 -27.30 -70.76 0.75
N THR D 52 -28.16 -71.05 1.72
CA THR D 52 -28.03 -70.42 3.03
C THR D 52 -26.74 -70.83 3.71
N GLU D 53 -26.38 -72.12 3.66
CA GLU D 53 -25.10 -72.55 4.21
C GLU D 53 -23.94 -71.79 3.57
N ALA D 54 -23.96 -71.66 2.23
CA ALA D 54 -22.83 -71.05 1.56
C ALA D 54 -22.74 -69.56 1.86
N TYR D 55 -23.88 -68.88 1.90
CA TYR D 55 -23.86 -67.46 2.22
C TYR D 55 -23.35 -67.22 3.63
N LYS D 56 -23.89 -67.97 4.60
CA LYS D 56 -23.46 -67.85 5.98
C LYS D 56 -21.97 -68.10 6.13
N LYS D 57 -21.36 -68.83 5.20
CA LYS D 57 -19.93 -69.11 5.22
C LYS D 57 -19.10 -68.03 4.53
N TYR D 58 -19.53 -67.54 3.37
CA TYR D 58 -18.69 -66.69 2.55
C TYR D 58 -19.15 -65.24 2.47
N GLU D 59 -20.42 -64.96 2.72
CA GLU D 59 -20.92 -63.61 2.54
C GLU D 59 -20.07 -62.62 3.34
N GLY D 60 -19.66 -61.54 2.68
CA GLY D 60 -18.88 -60.49 3.29
C GLY D 60 -17.39 -60.64 3.17
N SER D 61 -16.89 -61.79 2.72
CA SER D 61 -15.46 -62.03 2.60
C SER D 61 -15.00 -61.97 1.16
N VAL D 62 -15.91 -61.97 0.21
CA VAL D 62 -15.58 -61.98 -1.20
C VAL D 62 -16.55 -61.03 -1.89
N GLU D 63 -16.22 -60.66 -3.12
CA GLU D 63 -17.15 -59.87 -3.92
C GLU D 63 -18.37 -60.72 -4.25
N ILE D 64 -19.50 -60.07 -4.48
CA ILE D 64 -20.74 -60.82 -4.72
C ILE D 64 -20.60 -61.80 -5.86
N PRO D 65 -19.95 -61.48 -6.99
CA PRO D 65 -19.80 -62.50 -8.03
C PRO D 65 -19.14 -63.76 -7.51
N VAL D 66 -18.04 -63.61 -6.77
CA VAL D 66 -17.35 -64.76 -6.20
C VAL D 66 -18.26 -65.45 -5.20
N LEU D 67 -19.06 -64.67 -4.48
CA LEU D 67 -20.02 -65.22 -3.54
C LEU D 67 -21.03 -66.13 -4.25
N ARG D 68 -21.59 -65.64 -5.36
CA ARG D 68 -22.51 -66.47 -6.14
C ARG D 68 -21.83 -67.75 -6.60
N ALA D 69 -20.61 -67.63 -7.14
CA ALA D 69 -19.91 -68.81 -7.63
C ALA D 69 -19.60 -69.77 -6.49
N LEU D 70 -19.15 -69.25 -5.35
CA LEU D 70 -18.84 -70.14 -4.24
C LEU D 70 -20.10 -70.81 -3.72
N SER D 71 -21.22 -70.09 -3.67
CA SER D 71 -22.44 -70.70 -3.19
C SER D 71 -22.93 -71.77 -4.15
N PHE D 72 -22.94 -71.46 -5.45
CA PHE D 72 -23.26 -72.45 -6.45
C PHE D 72 -22.32 -73.65 -6.35
N LYS D 73 -21.02 -73.39 -6.24
CA LYS D 73 -20.06 -74.49 -6.10
C LYS D 73 -20.42 -75.32 -4.86
N HIS D 74 -20.74 -74.64 -3.77
CA HIS D 74 -21.17 -75.36 -2.58
C HIS D 74 -22.46 -76.12 -2.82
N TYR D 75 -23.40 -75.53 -3.57
CA TYR D 75 -24.66 -76.19 -3.89
C TYR D 75 -24.44 -77.44 -4.73
N ILE D 76 -23.66 -77.32 -5.80
CA ILE D 76 -23.35 -78.46 -6.65
C ILE D 76 -22.57 -79.51 -5.88
N GLU D 77 -21.70 -79.09 -4.98
CA GLU D 77 -20.89 -80.05 -4.26
C GLU D 77 -21.74 -80.92 -3.35
N ASN D 78 -22.85 -80.38 -2.84
CA ASN D 78 -23.57 -81.02 -1.76
C ASN D 78 -25.03 -81.38 -2.04
N ARG D 79 -25.62 -80.92 -3.14
CA ARG D 79 -27.01 -81.28 -3.39
C ARG D 79 -27.14 -82.77 -3.64
N THR D 80 -28.27 -83.32 -3.21
CA THR D 80 -28.58 -84.70 -3.53
C THR D 80 -28.81 -84.81 -5.03
N LEU D 81 -28.23 -85.84 -5.63
CA LEU D 81 -28.40 -86.11 -7.04
C LEU D 81 -29.34 -87.30 -7.21
N SER D 82 -30.17 -87.24 -8.23
CA SER D 82 -31.09 -88.33 -8.50
C SER D 82 -30.88 -88.84 -9.91
N ILE D 83 -30.90 -90.16 -10.04
CA ILE D 83 -30.92 -90.83 -11.33
C ILE D 83 -32.22 -91.60 -11.40
N ASN D 84 -33.18 -91.07 -12.16
CA ASN D 84 -34.49 -91.71 -12.21
C ASN D 84 -34.43 -93.03 -12.98
N ASP D 85 -35.42 -93.86 -12.71
CA ASP D 85 -35.49 -95.20 -13.30
C ASP D 85 -35.50 -95.10 -14.82
N GLY D 86 -34.46 -95.65 -15.44
CA GLY D 86 -34.38 -95.71 -16.88
C GLY D 86 -33.74 -94.52 -17.55
N GLU D 87 -33.18 -93.57 -16.80
CA GLU D 87 -32.66 -92.36 -17.42
C GLU D 87 -31.39 -92.65 -18.21
N LEU D 88 -31.19 -91.91 -19.30
CA LEU D 88 -29.91 -91.83 -19.97
C LEU D 88 -29.30 -90.45 -19.84
N ILE D 89 -30.12 -89.42 -19.85
CA ILE D 89 -29.70 -88.08 -19.55
C ILE D 89 -30.08 -87.81 -18.12
N VAL D 90 -29.13 -87.32 -17.37
CA VAL D 90 -29.26 -87.32 -15.92
C VAL D 90 -29.26 -85.87 -15.41
N GLY D 91 -29.98 -85.64 -14.32
CA GLY D 91 -29.98 -84.30 -13.77
C GLY D 91 -31.36 -83.72 -13.55
N GLU D 92 -31.64 -83.31 -12.33
CA GLU D 92 -32.89 -82.64 -11.99
C GLU D 92 -32.56 -81.35 -11.27
N LYS D 93 -33.38 -80.32 -11.48
CA LYS D 93 -33.22 -79.10 -10.70
C LYS D 93 -33.47 -79.35 -9.22
N GLY D 94 -34.55 -80.07 -8.91
CA GLY D 94 -34.96 -80.32 -7.56
C GLY D 94 -34.64 -81.73 -7.09
N ASP D 95 -35.35 -82.14 -6.03
CA ASP D 95 -35.11 -83.44 -5.40
C ASP D 95 -35.63 -84.58 -6.26
N SER D 96 -36.71 -84.34 -7.00
CA SER D 96 -37.40 -85.36 -7.76
C SER D 96 -38.12 -84.67 -8.90
N PRO D 97 -38.56 -85.42 -9.92
CA PRO D 97 -39.29 -84.82 -11.02
C PRO D 97 -40.47 -83.98 -10.53
N ASN D 98 -40.64 -82.82 -11.18
CA ASN D 98 -41.62 -81.79 -10.85
C ASN D 98 -41.36 -81.16 -9.48
N GLY D 99 -40.16 -81.30 -8.94
CA GLY D 99 -39.83 -80.61 -7.72
C GLY D 99 -39.08 -79.31 -7.98
N ALA D 100 -39.77 -78.22 -7.82
CA ALA D 100 -39.17 -76.93 -8.11
C ALA D 100 -38.28 -76.50 -6.94
N PRO D 101 -37.04 -76.10 -7.19
CA PRO D 101 -36.25 -75.49 -6.11
C PRO D 101 -36.83 -74.13 -5.78
N THR D 102 -36.44 -73.61 -4.62
CA THR D 102 -36.78 -72.25 -4.28
C THR D 102 -35.56 -71.35 -4.45
N TYR D 103 -35.81 -70.06 -4.65
CA TYR D 103 -34.76 -69.09 -4.91
C TYR D 103 -34.97 -67.94 -3.95
N PRO D 104 -34.73 -68.17 -2.67
CA PRO D 104 -34.99 -67.12 -1.67
C PRO D 104 -34.12 -65.88 -1.87
N GLU D 105 -33.01 -65.98 -2.59
CA GLU D 105 -32.20 -64.80 -2.92
C GLU D 105 -32.94 -63.89 -3.88
N ILE D 106 -33.94 -64.41 -4.59
CA ILE D 106 -34.73 -63.63 -5.52
C ILE D 106 -36.07 -63.30 -4.89
N CYS D 107 -36.84 -64.33 -4.57
CA CYS D 107 -38.12 -64.18 -3.87
C CYS D 107 -38.09 -65.15 -2.70
N CYS D 108 -38.14 -64.59 -1.50
CA CYS D 108 -38.25 -65.41 -0.30
C CYS D 108 -39.73 -65.48 0.06
N HIS D 109 -40.35 -66.64 -0.18
CA HIS D 109 -41.80 -66.74 -0.02
C HIS D 109 -42.22 -66.52 1.41
N THR D 110 -43.36 -65.86 1.59
CA THR D 110 -43.98 -65.85 2.90
C THR D 110 -44.60 -67.21 3.18
N MET D 111 -44.86 -67.47 4.47
CA MET D 111 -45.62 -68.67 4.84
C MET D 111 -47.00 -68.67 4.21
N GLU D 112 -47.60 -67.49 4.03
CA GLU D 112 -48.86 -67.42 3.31
C GLU D 112 -48.69 -67.82 1.85
N ASP D 113 -47.57 -67.40 1.23
CA ASP D 113 -47.27 -67.83 -0.14
C ASP D 113 -47.25 -69.35 -0.22
N LEU D 114 -46.58 -70.00 0.72
CA LEU D 114 -46.51 -71.45 0.73
C LEU D 114 -47.90 -72.06 0.84
N GLU D 115 -48.75 -71.47 1.69
CA GLU D 115 -50.12 -71.95 1.79
C GLU D 115 -50.87 -71.75 0.49
N VAL D 116 -50.76 -70.55 -0.10
CA VAL D 116 -51.52 -70.27 -1.31
C VAL D 116 -51.14 -71.26 -2.39
N MET D 117 -49.84 -71.39 -2.66
CA MET D 117 -49.40 -72.24 -3.75
C MET D 117 -49.68 -73.71 -3.48
N HIS D 118 -49.83 -74.08 -2.21
CA HIS D 118 -50.17 -75.47 -1.93
C HIS D 118 -51.64 -75.76 -2.22
N ASN D 119 -52.54 -74.78 -2.01
CA ASN D 119 -53.98 -75.03 -2.07
C ASN D 119 -54.71 -74.32 -3.20
N ARG D 120 -54.04 -73.52 -4.02
CA ARG D 120 -54.79 -72.85 -5.09
C ARG D 120 -55.33 -73.88 -6.08
N ASP D 121 -56.37 -73.46 -6.81
CA ASP D 121 -57.02 -74.36 -7.74
C ASP D 121 -56.06 -74.79 -8.85
N ILE D 122 -55.34 -73.83 -9.45
CA ILE D 122 -54.47 -74.12 -10.59
C ILE D 122 -53.02 -73.71 -10.31
N ILE D 123 -52.09 -74.44 -10.94
CA ILE D 123 -50.65 -74.24 -10.84
C ILE D 123 -50.23 -74.33 -9.38
N ASN D 124 -50.76 -75.32 -8.68
CA ASN D 124 -50.36 -75.46 -7.30
C ASN D 124 -49.04 -76.19 -7.20
N PHE D 125 -48.37 -75.98 -6.09
CA PHE D 125 -47.17 -76.73 -5.73
C PHE D 125 -47.39 -77.25 -4.32
N SER D 126 -47.22 -78.54 -4.12
CA SER D 126 -47.34 -79.07 -2.76
C SER D 126 -46.13 -78.62 -1.95
N VAL D 127 -46.39 -78.05 -0.79
CA VAL D 127 -45.34 -77.63 0.10
C VAL D 127 -45.35 -78.62 1.24
N SER D 128 -44.38 -79.51 1.25
CA SER D 128 -44.30 -80.54 2.28
C SER D 128 -44.09 -79.90 3.64
N GLU D 129 -44.47 -80.64 4.68
CA GLU D 129 -44.27 -80.14 6.03
C GLU D 129 -42.78 -79.94 6.29
N GLU D 130 -41.96 -80.81 5.77
CA GLU D 130 -40.55 -80.70 5.90
C GLU D 130 -40.06 -79.43 5.27
N ALA D 131 -40.56 -79.12 4.10
CA ALA D 131 -40.18 -77.89 3.40
C ALA D 131 -40.76 -76.66 4.09
N ARG D 132 -42.02 -76.74 4.52
CA ARG D 132 -42.64 -75.64 5.24
C ARG D 132 -41.83 -75.29 6.48
N LYS D 133 -41.47 -76.31 7.26
CA LYS D 133 -40.69 -76.08 8.48
C LYS D 133 -39.34 -75.45 8.17
N ILE D 134 -38.60 -76.02 7.22
CA ILE D 134 -37.28 -75.49 6.87
C ILE D 134 -37.39 -74.07 6.34
N HIS D 135 -38.38 -73.81 5.48
CA HIS D 135 -38.52 -72.46 4.96
C HIS D 135 -38.83 -71.47 6.06
N LYS D 136 -39.68 -71.85 7.02
CA LYS D 136 -40.03 -70.92 8.10
C LYS D 136 -38.84 -70.67 9.01
N GLU D 137 -38.06 -71.71 9.31
CA GLU D 137 -37.07 -71.66 10.38
C GLU D 137 -35.66 -71.28 9.91
N GLU D 138 -35.24 -71.69 8.73
CA GLU D 138 -33.88 -71.41 8.27
C GLU D 138 -33.81 -70.40 7.14
N ILE D 139 -34.81 -70.37 6.25
CA ILE D 139 -34.72 -69.62 5.00
C ILE D 139 -35.22 -68.19 5.15
N ILE D 140 -36.46 -68.03 5.63
CA ILE D 140 -37.00 -66.69 5.80
C ILE D 140 -36.13 -65.82 6.70
N PRO D 141 -35.69 -66.28 7.88
CA PRO D 141 -34.86 -65.41 8.72
C PRO D 141 -33.59 -64.95 8.05
N PHE D 142 -33.03 -65.74 7.15
CA PHE D 142 -31.81 -65.29 6.48
C PHE D 142 -32.09 -64.48 5.23
N TRP D 143 -33.11 -64.87 4.47
CA TRP D 143 -33.30 -64.34 3.13
C TRP D 143 -34.40 -63.27 3.03
N LYS D 144 -35.28 -63.13 4.03
CA LYS D 144 -36.37 -62.17 3.88
C LYS D 144 -35.84 -60.77 3.64
N LYS D 145 -34.72 -60.41 4.27
CA LYS D 145 -34.16 -59.08 4.06
C LYS D 145 -33.14 -59.04 2.94
N ARG D 146 -32.58 -60.18 2.55
CA ARG D 146 -31.60 -60.21 1.49
C ARG D 146 -32.21 -60.39 0.11
N GLN D 147 -33.45 -60.87 0.02
CA GLN D 147 -34.05 -61.23 -1.27
C GLN D 147 -34.05 -60.03 -2.22
N THR D 148 -33.74 -60.28 -3.48
CA THR D 148 -33.69 -59.16 -4.41
C THR D 148 -35.07 -58.54 -4.60
N ARG D 149 -36.15 -59.30 -4.40
CA ARG D 149 -37.47 -58.72 -4.60
C ARG D 149 -37.66 -57.49 -3.69
N ASP D 150 -37.27 -57.62 -2.42
CA ASP D 150 -37.43 -56.50 -1.50
C ASP D 150 -36.51 -55.35 -1.87
N LYS D 151 -35.28 -55.64 -2.28
CA LYS D 151 -34.43 -54.60 -2.86
C LYS D 151 -35.13 -53.90 -4.01
N ILE D 152 -35.83 -54.65 -4.85
CA ILE D 152 -36.47 -54.01 -5.99
C ILE D 152 -37.64 -53.17 -5.53
N ILE D 153 -38.58 -53.77 -4.77
CA ILE D 153 -39.79 -53.06 -4.38
C ILE D 153 -39.44 -51.84 -3.54
N ASN D 154 -38.48 -51.99 -2.63
CA ASN D 154 -38.10 -50.85 -1.80
C ASN D 154 -37.48 -49.73 -2.62
N ALA D 155 -36.91 -50.04 -3.78
CA ALA D 155 -36.27 -49.01 -4.59
C ALA D 155 -37.21 -48.38 -5.61
N MET D 156 -38.45 -48.82 -5.69
CA MET D 156 -39.34 -48.34 -6.73
C MET D 156 -40.03 -47.03 -6.33
N THR D 157 -40.37 -46.23 -7.33
CA THR D 157 -41.04 -44.97 -7.07
C THR D 157 -42.48 -45.22 -6.64
N PRO D 158 -43.11 -44.23 -6.02
CA PRO D 158 -44.54 -44.39 -5.73
C PRO D 158 -45.37 -44.63 -6.97
N GLU D 159 -45.13 -43.87 -8.04
CA GLU D 159 -45.89 -44.06 -9.27
C GLU D 159 -45.65 -45.44 -9.86
N TRP D 160 -44.43 -45.96 -9.74
CA TRP D 160 -44.20 -47.32 -10.19
C TRP D 160 -45.04 -48.32 -9.39
N LEU D 161 -45.06 -48.16 -8.06
CA LEU D 161 -45.84 -49.05 -7.21
C LEU D 161 -47.35 -48.92 -7.49
N ALA D 162 -47.82 -47.70 -7.74
CA ALA D 162 -49.25 -47.55 -8.02
C ALA D 162 -49.61 -48.24 -9.32
N ALA D 163 -48.84 -47.95 -10.39
CA ALA D 163 -49.10 -48.53 -11.70
C ALA D 163 -48.99 -50.04 -11.65
N TYR D 164 -47.98 -50.54 -10.95
CA TYR D 164 -47.78 -51.98 -10.86
C TYR D 164 -48.99 -52.66 -10.25
N GLU D 165 -49.50 -52.14 -9.13
CA GLU D 165 -50.67 -52.75 -8.52
C GLU D 165 -51.94 -52.48 -9.28
N ALA D 166 -52.00 -51.37 -10.01
CA ALA D 166 -53.18 -51.17 -10.81
C ALA D 166 -53.18 -52.06 -12.04
N GLY D 167 -52.12 -52.85 -12.23
CA GLY D 167 -52.03 -53.72 -13.37
C GLY D 167 -51.67 -53.01 -14.64
N MET D 168 -50.99 -51.86 -14.54
CA MET D 168 -50.52 -51.16 -15.75
C MET D 168 -49.39 -51.91 -16.43
N PHE D 169 -48.56 -52.58 -15.67
CA PHE D 169 -47.47 -53.37 -16.22
C PHE D 169 -47.12 -54.41 -15.19
N THR D 170 -46.22 -55.30 -15.56
CA THR D 170 -45.72 -56.24 -14.57
C THR D 170 -44.23 -56.05 -14.47
N GLU D 171 -43.63 -56.73 -13.50
CA GLU D 171 -42.20 -56.65 -13.27
C GLU D 171 -41.63 -58.06 -13.31
N PHE D 172 -40.83 -58.34 -14.35
CA PHE D 172 -40.31 -59.69 -14.51
C PHE D 172 -39.29 -60.06 -13.45
N MET D 173 -38.58 -59.08 -12.89
CA MET D 173 -37.50 -59.45 -11.99
C MET D 173 -37.91 -59.42 -10.54
N GLU D 174 -39.20 -59.33 -10.24
CA GLU D 174 -39.60 -59.40 -8.84
C GLU D 174 -39.40 -60.80 -8.28
N GLN D 175 -39.65 -61.85 -9.06
CA GLN D 175 -39.55 -63.22 -8.53
C GLN D 175 -38.65 -64.12 -9.35
N ARG D 176 -38.00 -63.61 -10.39
CA ARG D 176 -37.16 -64.42 -11.24
C ARG D 176 -35.98 -63.56 -11.69
N ALA D 177 -34.88 -64.21 -12.03
CA ALA D 177 -33.70 -63.54 -12.55
C ALA D 177 -33.92 -63.17 -14.02
N PRO D 178 -33.18 -62.17 -14.54
CA PRO D 178 -33.40 -61.76 -15.93
C PRO D 178 -33.43 -62.93 -16.90
N GLY D 179 -32.45 -63.82 -16.79
CA GLY D 179 -32.36 -65.00 -17.61
C GLY D 179 -32.69 -64.75 -19.05
N HIS D 180 -33.64 -65.52 -19.57
CA HIS D 180 -34.17 -65.31 -20.90
C HIS D 180 -33.07 -65.38 -21.96
N THR D 181 -32.23 -66.39 -21.85
CA THR D 181 -31.14 -66.51 -22.80
C THR D 181 -31.05 -67.95 -23.27
N VAL D 182 -30.22 -68.15 -24.29
CA VAL D 182 -30.15 -69.41 -25.00
C VAL D 182 -28.71 -69.83 -25.11
N CYS D 183 -28.46 -71.11 -24.94
CA CYS D 183 -27.14 -71.65 -25.13
C CYS D 183 -26.70 -71.48 -26.58
N GLY D 184 -25.45 -71.07 -26.76
CA GLY D 184 -24.83 -71.04 -28.05
C GLY D 184 -24.06 -72.33 -28.24
N ASP D 185 -22.90 -72.29 -28.92
CA ASP D 185 -22.18 -73.51 -29.28
C ASP D 185 -20.99 -73.79 -28.39
N THR D 186 -20.70 -72.91 -27.42
CA THR D 186 -19.49 -73.03 -26.63
C THR D 186 -19.42 -74.36 -25.89
N ILE D 187 -20.53 -74.78 -25.27
CA ILE D 187 -20.50 -75.98 -24.45
C ILE D 187 -20.29 -77.24 -25.27
N TYR D 188 -20.41 -77.16 -26.59
CA TYR D 188 -20.06 -78.30 -27.43
C TYR D 188 -18.64 -78.23 -27.99
N LYS D 189 -18.03 -77.06 -27.99
CA LYS D 189 -16.65 -76.90 -28.44
C LYS D 189 -15.64 -76.92 -27.31
N LYS D 190 -16.08 -76.60 -26.08
CA LYS D 190 -15.20 -76.47 -24.93
C LYS D 190 -15.89 -77.10 -23.73
N GLY D 191 -15.12 -77.74 -22.89
CA GLY D 191 -15.59 -78.12 -21.58
C GLY D 191 -15.28 -77.01 -20.60
N PHE D 192 -15.75 -77.19 -19.38
CA PHE D 192 -15.51 -76.15 -18.40
C PHE D 192 -14.04 -76.12 -17.93
N LEU D 193 -13.30 -77.22 -18.10
CA LEU D 193 -11.86 -77.14 -17.90
C LEU D 193 -11.21 -76.26 -18.95
N ASP D 194 -11.70 -76.32 -20.19
CA ASP D 194 -11.18 -75.44 -21.22
C ASP D 194 -11.52 -73.99 -20.90
N LEU D 195 -12.75 -73.75 -20.45
CA LEU D 195 -13.17 -72.41 -20.09
C LEU D 195 -12.37 -71.93 -18.88
N LYS D 196 -12.11 -72.84 -17.93
CA LYS D 196 -11.30 -72.44 -16.79
C LYS D 196 -9.93 -71.97 -17.23
N LYS D 197 -9.31 -72.67 -18.20
CA LYS D 197 -8.03 -72.22 -18.70
C LYS D 197 -8.14 -70.86 -19.39
N ASP D 198 -9.20 -70.67 -20.19
CA ASP D 198 -9.37 -69.39 -20.86
C ASP D 198 -9.44 -68.28 -19.84
N ILE D 199 -10.16 -68.51 -18.76
CA ILE D 199 -10.35 -67.51 -17.72
C ILE D 199 -9.04 -67.21 -17.06
N GLU D 200 -8.25 -68.25 -16.76
CA GLU D 200 -6.96 -68.05 -16.10
C GLU D 200 -5.99 -67.27 -16.98
N ALA D 201 -6.03 -67.51 -18.30
CA ALA D 201 -5.22 -66.70 -19.20
C ALA D 201 -5.69 -65.25 -19.18
N ARG D 202 -7.00 -65.02 -19.05
CA ARG D 202 -7.50 -63.66 -18.92
C ARG D 202 -7.01 -63.03 -17.62
N LEU D 203 -7.12 -63.77 -16.52
CA LEU D 203 -6.64 -63.26 -15.24
C LEU D 203 -5.17 -62.88 -15.31
N LYS D 204 -4.36 -63.72 -15.98
CA LYS D 204 -2.94 -63.47 -16.10
C LYS D 204 -2.63 -62.19 -16.87
N GLU D 205 -3.52 -61.75 -17.74
CA GLU D 205 -3.19 -60.61 -18.59
C GLU D 205 -3.87 -59.32 -18.14
N LEU D 206 -4.61 -59.36 -17.04
CA LEU D 206 -5.19 -58.14 -16.50
C LEU D 206 -4.07 -57.17 -16.13
N ASP D 207 -4.17 -55.95 -16.63
CA ASP D 207 -3.18 -54.88 -16.43
C ASP D 207 -3.70 -53.98 -15.31
N PHE D 208 -3.26 -54.23 -14.09
CA PHE D 208 -3.72 -53.38 -13.01
C PHE D 208 -3.03 -52.02 -12.97
N LEU D 209 -2.00 -51.80 -13.79
CA LEU D 209 -1.41 -50.46 -13.84
C LEU D 209 -2.29 -49.51 -14.65
N ASN D 210 -2.77 -49.98 -15.81
CA ASN D 210 -3.45 -49.11 -16.76
C ASN D 210 -4.91 -49.43 -16.99
N ASP D 211 -5.35 -50.65 -16.76
CA ASP D 211 -6.77 -50.98 -16.92
C ASP D 211 -7.44 -50.69 -15.59
N LEU D 212 -8.11 -49.54 -15.50
CA LEU D 212 -8.76 -49.17 -14.27
C LEU D 212 -9.96 -50.05 -13.93
N ASP D 213 -10.43 -50.84 -14.87
CA ASP D 213 -11.53 -51.76 -14.69
C ASP D 213 -11.05 -53.16 -14.31
N ALA D 214 -9.74 -53.35 -14.16
CA ALA D 214 -9.16 -54.67 -13.99
C ALA D 214 -9.71 -55.36 -12.75
N TYR D 215 -9.98 -54.58 -11.71
CA TYR D 215 -10.50 -55.17 -10.48
C TYR D 215 -11.86 -55.80 -10.73
N ASN D 216 -12.76 -55.07 -11.40
CA ASN D 216 -14.06 -55.64 -11.70
C ASN D 216 -13.91 -56.86 -12.61
N LYS D 217 -12.98 -56.79 -13.55
CA LYS D 217 -12.70 -57.94 -14.39
C LYS D 217 -12.20 -59.09 -13.56
N LYS D 218 -11.31 -58.82 -12.62
CA LYS D 218 -10.76 -59.92 -11.83
C LYS D 218 -11.84 -60.61 -11.00
N ALA D 219 -12.76 -59.83 -10.41
CA ALA D 219 -13.83 -60.42 -9.60
C ALA D 219 -14.73 -61.31 -10.45
N ASP D 220 -15.16 -60.82 -11.60
CA ASP D 220 -16.05 -61.62 -12.44
C ASP D 220 -15.34 -62.87 -12.93
N LEU D 221 -14.07 -62.72 -13.37
CA LEU D 221 -13.32 -63.86 -13.87
C LEU D 221 -13.06 -64.88 -12.78
N GLU D 222 -12.74 -64.43 -11.58
CA GLU D 222 -12.57 -65.37 -10.47
C GLU D 222 -13.85 -66.16 -10.23
N ALA D 223 -15.00 -65.50 -10.30
CA ALA D 223 -16.26 -66.19 -10.09
C ALA D 223 -16.53 -67.17 -11.23
N MET D 224 -16.29 -66.73 -12.45
CA MET D 224 -16.43 -67.59 -13.60
C MET D 224 -15.52 -68.81 -13.48
N ALA D 225 -14.32 -68.61 -12.94
CA ALA D 225 -13.43 -69.75 -12.75
C ALA D 225 -14.00 -70.74 -11.74
N ILE D 226 -14.55 -70.25 -10.63
CA ILE D 226 -15.15 -71.14 -9.63
C ILE D 226 -16.37 -71.85 -10.21
N ALA D 227 -17.17 -71.13 -11.00
CA ALA D 227 -18.31 -71.78 -11.64
C ALA D 227 -17.86 -72.95 -12.51
N CYS D 228 -16.70 -72.81 -13.16
CA CYS D 228 -16.13 -73.92 -13.91
C CYS D 228 -15.84 -75.10 -13.01
N ASP D 229 -15.19 -74.84 -11.87
CA ASP D 229 -14.91 -75.89 -10.90
C ASP D 229 -16.21 -76.61 -10.50
N ALA D 230 -17.29 -75.84 -10.31
CA ALA D 230 -18.56 -76.43 -9.93
C ALA D 230 -19.10 -77.34 -11.02
N MET D 231 -18.98 -76.93 -12.29
CA MET D 231 -19.43 -77.80 -13.37
C MET D 231 -18.59 -79.07 -13.42
N VAL D 232 -17.28 -78.95 -13.19
CA VAL D 232 -16.44 -80.12 -13.14
C VAL D 232 -16.88 -81.04 -12.02
N ILE D 233 -17.22 -80.45 -10.87
CA ILE D 233 -17.69 -81.27 -9.75
C ILE D 233 -19.03 -81.93 -10.08
N LEU D 234 -19.92 -81.22 -10.77
CA LEU D 234 -21.22 -81.78 -11.11
C LEU D 234 -21.08 -83.06 -11.91
N GLY D 235 -20.17 -83.07 -12.89
CA GLY D 235 -19.96 -84.27 -13.67
C GLY D 235 -19.31 -85.37 -12.87
N LYS D 236 -18.27 -85.01 -12.10
CA LYS D 236 -17.56 -85.97 -11.28
C LYS D 236 -18.51 -86.64 -10.28
N ARG D 237 -19.40 -85.85 -9.65
CA ARG D 237 -20.33 -86.42 -8.68
C ARG D 237 -21.34 -87.35 -9.36
N TYR D 238 -21.89 -86.94 -10.51
CA TYR D 238 -22.83 -87.80 -11.20
C TYR D 238 -22.13 -89.05 -11.74
N ALA D 239 -20.90 -88.91 -12.20
CA ALA D 239 -20.15 -90.09 -12.64
C ALA D 239 -19.96 -91.06 -11.50
N GLU D 240 -19.54 -90.57 -10.34
CA GLU D 240 -19.41 -91.46 -9.19
C GLU D 240 -20.77 -91.99 -8.72
N LYS D 241 -21.81 -91.15 -8.78
CA LYS D 241 -23.12 -91.66 -8.37
C LYS D 241 -23.58 -92.75 -9.32
N ALA D 242 -23.40 -92.57 -10.62
CA ALA D 242 -23.80 -93.62 -11.55
C ALA D 242 -23.02 -94.89 -11.28
N ARG D 243 -21.71 -94.78 -11.08
CA ARG D 243 -20.91 -95.95 -10.79
C ARG D 243 -21.30 -96.57 -9.46
N GLN D 244 -21.64 -95.76 -8.45
CA GLN D 244 -21.99 -96.33 -7.16
C GLN D 244 -23.31 -97.09 -7.21
N MET D 245 -24.32 -96.56 -7.92
CA MET D 245 -25.55 -97.32 -8.07
C MET D 245 -25.47 -98.38 -9.17
N ALA D 246 -24.50 -98.26 -10.07
CA ALA D 246 -24.28 -99.35 -11.01
C ALA D 246 -23.71 -100.58 -10.31
N GLU D 247 -22.82 -100.36 -9.34
CA GLU D 247 -22.23 -101.48 -8.62
C GLU D 247 -23.24 -102.21 -7.75
N GLU D 248 -24.37 -101.58 -7.41
CA GLU D 248 -25.37 -102.25 -6.61
C GLU D 248 -26.60 -102.66 -7.43
N GLU D 249 -26.62 -102.34 -8.74
CA GLU D 249 -27.73 -102.70 -9.59
C GLU D 249 -27.59 -104.15 -10.11
N THR D 250 -28.65 -104.94 -9.94
CA THR D 250 -28.65 -106.33 -10.40
C THR D 250 -29.20 -106.55 -11.80
N ASP D 251 -29.91 -105.59 -12.35
CA ASP D 251 -30.44 -105.77 -13.69
C ASP D 251 -29.39 -105.28 -14.62
N GLU D 252 -28.74 -106.16 -15.34
CA GLU D 252 -27.67 -105.74 -16.23
C GLU D 252 -27.99 -104.66 -17.25
N ALA D 253 -29.19 -104.64 -17.76
CA ALA D 253 -29.62 -103.63 -18.65
C ALA D 253 -29.47 -102.31 -17.95
N LYS D 254 -30.00 -102.20 -16.75
CA LYS D 254 -29.89 -100.92 -16.03
C LYS D 254 -28.44 -100.60 -15.70
N LYS D 255 -27.64 -101.63 -15.37
CA LYS D 255 -26.24 -101.40 -15.06
C LYS D 255 -25.51 -100.77 -16.24
N LYS D 256 -25.71 -101.31 -17.43
CA LYS D 256 -24.99 -100.72 -18.56
C LYS D 256 -25.46 -99.29 -18.80
N ASP D 257 -26.74 -98.99 -18.50
CA ASP D 257 -27.20 -97.61 -18.55
C ASP D 257 -26.39 -96.76 -17.59
N LEU D 258 -26.19 -97.24 -16.36
CA LEU D 258 -25.45 -96.46 -15.37
C LEU D 258 -23.98 -96.28 -15.76
N LEU D 259 -23.32 -97.34 -16.25
CA LEU D 259 -21.94 -97.16 -16.72
C LEU D 259 -21.87 -96.19 -17.88
N LEU D 260 -22.89 -96.15 -18.73
CA LEU D 260 -22.87 -95.18 -19.81
C LEU D 260 -23.06 -93.77 -19.27
N ILE D 261 -23.96 -93.61 -18.30
CA ILE D 261 -24.09 -92.31 -17.64
C ILE D 261 -22.76 -91.92 -17.04
N ALA D 262 -22.13 -92.85 -16.31
CA ALA D 262 -20.82 -92.60 -15.70
C ALA D 262 -19.77 -92.29 -16.75
N GLU D 263 -19.72 -93.08 -17.82
CA GLU D 263 -18.77 -92.79 -18.89
C GLU D 263 -19.05 -91.43 -19.51
N THR D 264 -20.32 -91.04 -19.59
CA THR D 264 -20.68 -89.73 -20.15
C THR D 264 -20.19 -88.60 -19.26
N CYS D 265 -20.44 -88.70 -17.95
CA CYS D 265 -20.07 -87.64 -17.03
C CYS D 265 -18.57 -87.57 -16.79
N ASP D 266 -17.81 -88.61 -17.13
CA ASP D 266 -16.36 -88.49 -17.12
C ASP D 266 -15.89 -87.48 -18.13
N VAL D 267 -16.69 -87.23 -19.17
CA VAL D 267 -16.32 -86.27 -20.21
C VAL D 267 -16.92 -84.91 -19.93
N VAL D 268 -18.25 -84.87 -19.82
CA VAL D 268 -18.99 -83.61 -19.69
C VAL D 268 -19.47 -83.41 -18.26
N PRO D 269 -19.47 -82.17 -17.74
CA PRO D 269 -19.09 -80.94 -18.43
C PRO D 269 -17.62 -80.50 -18.29
N ALA D 270 -16.73 -81.33 -17.73
CA ALA D 270 -15.36 -80.88 -17.54
C ALA D 270 -14.65 -80.68 -18.88
N HIS D 271 -14.83 -81.61 -19.80
CA HIS D 271 -14.24 -81.54 -21.12
C HIS D 271 -15.35 -81.38 -22.13
N LYS D 272 -14.98 -80.96 -23.33
CA LYS D 272 -15.94 -80.80 -24.40
C LYS D 272 -16.56 -82.16 -24.71
N PRO D 273 -17.84 -82.18 -25.07
CA PRO D 273 -18.46 -83.46 -25.45
C PRO D 273 -17.80 -84.01 -26.71
N GLU D 274 -17.59 -85.33 -26.71
CA GLU D 274 -17.08 -86.01 -27.89
C GLU D 274 -18.16 -86.77 -28.65
N THR D 275 -19.29 -87.07 -28.02
CA THR D 275 -20.38 -87.81 -28.63
C THR D 275 -21.70 -87.06 -28.47
N TYR D 276 -22.64 -87.41 -29.35
CA TYR D 276 -23.99 -86.88 -29.33
C TYR D 276 -24.63 -87.06 -27.97
N HIS D 277 -24.53 -88.28 -27.42
CA HIS D 277 -25.04 -88.51 -26.08
C HIS D 277 -24.42 -87.49 -25.12
N GLN D 278 -23.10 -87.31 -25.23
CA GLN D 278 -22.39 -86.38 -24.36
C GLN D 278 -22.80 -84.94 -24.63
N ALA D 279 -23.01 -84.60 -25.89
CA ALA D 279 -23.44 -83.23 -26.20
C ALA D 279 -24.75 -82.92 -25.49
N ILE D 280 -25.66 -83.91 -25.45
CA ILE D 280 -26.95 -83.69 -24.79
C ILE D 280 -26.76 -83.59 -23.28
N GLN D 281 -25.99 -84.51 -22.69
CA GLN D 281 -25.78 -84.46 -21.25
C GLN D 281 -25.08 -83.19 -20.86
N MET D 282 -24.09 -82.77 -21.67
CA MET D 282 -23.44 -81.48 -21.45
C MET D 282 -24.47 -80.36 -21.47
N TYR D 283 -25.32 -80.33 -22.49
CA TYR D 283 -26.36 -79.31 -22.49
C TYR D 283 -27.19 -79.40 -21.21
N TRP D 284 -27.67 -80.59 -20.88
CA TRP D 284 -28.57 -80.68 -19.75
C TRP D 284 -27.84 -80.35 -18.46
N PHE D 285 -26.58 -80.75 -18.35
CA PHE D 285 -25.80 -80.36 -17.18
C PHE D 285 -25.69 -78.85 -17.08
N VAL D 286 -25.35 -78.19 -18.19
CA VAL D 286 -25.37 -76.74 -18.21
C VAL D 286 -26.77 -76.21 -17.89
N HIS D 287 -27.81 -76.88 -18.41
CA HIS D 287 -29.18 -76.45 -18.14
C HIS D 287 -29.46 -76.48 -16.65
N ILE D 288 -29.15 -77.59 -16.01
CA ILE D 288 -29.33 -77.69 -14.57
C ILE D 288 -28.50 -76.61 -13.87
N GLY D 289 -27.27 -76.41 -14.33
CA GLY D 289 -26.45 -75.39 -13.73
C GLY D 289 -27.10 -74.02 -13.76
N VAL D 290 -27.38 -73.53 -14.96
CA VAL D 290 -27.78 -72.12 -15.06
C VAL D 290 -29.17 -71.91 -14.47
N THR D 291 -30.05 -72.91 -14.51
CA THR D 291 -31.38 -72.72 -13.94
C THR D 291 -31.46 -73.01 -12.44
N THR D 292 -30.44 -73.62 -11.86
CA THR D 292 -30.33 -73.61 -10.40
C THR D 292 -29.36 -72.55 -9.89
N GLU D 293 -28.49 -72.02 -10.75
CA GLU D 293 -27.72 -70.84 -10.36
C GLU D 293 -28.67 -69.70 -10.05
N LEU D 294 -29.67 -69.49 -10.91
CA LEU D 294 -30.68 -68.46 -10.69
C LEU D 294 -32.02 -68.94 -11.24
N ASN D 295 -33.11 -68.46 -10.64
CA ASN D 295 -34.43 -68.76 -11.19
C ASN D 295 -34.63 -67.87 -12.40
N ILE D 296 -34.03 -68.28 -13.49
CA ILE D 296 -33.98 -67.42 -14.67
C ILE D 296 -35.23 -67.61 -15.50
N TRP D 297 -35.75 -66.51 -16.03
CA TRP D 297 -36.85 -66.61 -16.96
C TRP D 297 -36.48 -67.50 -18.14
N ASP D 298 -37.48 -68.22 -18.64
CA ASP D 298 -37.33 -69.10 -19.79
C ASP D 298 -36.32 -70.18 -19.56
N ALA D 299 -36.16 -70.54 -18.29
CA ALA D 299 -35.28 -71.63 -17.90
C ALA D 299 -34.00 -71.53 -18.70
N PHE D 300 -33.77 -72.55 -19.53
CA PHE D 300 -32.66 -72.53 -20.47
C PHE D 300 -33.07 -73.40 -21.64
N THR D 301 -32.40 -73.20 -22.76
CA THR D 301 -32.68 -73.98 -23.94
C THR D 301 -31.40 -74.18 -24.73
N PRO D 302 -31.23 -75.34 -25.38
CA PRO D 302 -30.09 -75.50 -26.30
C PRO D 302 -30.26 -74.68 -27.54
N GLY D 303 -31.43 -74.07 -27.73
CA GLY D 303 -31.69 -73.25 -28.87
C GLY D 303 -31.70 -74.01 -30.17
N ARG D 304 -30.67 -73.79 -30.99
CA ARG D 304 -30.62 -74.47 -32.28
C ARG D 304 -30.12 -75.88 -32.05
N LEU D 305 -30.93 -76.62 -31.28
CA LEU D 305 -30.55 -77.97 -30.87
C LEU D 305 -30.13 -78.82 -32.05
N ASP D 306 -30.87 -78.74 -33.16
CA ASP D 306 -30.54 -79.55 -34.34
C ASP D 306 -29.21 -79.12 -34.98
N GLN D 307 -28.86 -77.84 -34.93
CA GLN D 307 -27.56 -77.44 -35.46
C GLN D 307 -26.42 -77.96 -34.60
N HIS D 308 -26.59 -77.92 -33.27
CA HIS D 308 -25.50 -78.32 -32.41
C HIS D 308 -25.35 -79.83 -32.41
N LEU D 309 -26.45 -80.57 -32.40
CA LEU D 309 -26.37 -82.02 -32.27
C LEU D 309 -25.98 -82.70 -33.58
N ASN D 310 -26.36 -82.12 -34.71
CA ASN D 310 -26.18 -82.82 -35.97
C ASN D 310 -24.75 -83.24 -36.25
N PRO D 311 -23.73 -82.39 -36.08
CA PRO D 311 -22.35 -82.89 -36.30
C PRO D 311 -22.00 -84.05 -35.39
N PHE D 312 -22.50 -84.06 -34.15
CA PHE D 312 -22.28 -85.21 -33.29
C PHE D 312 -23.06 -86.41 -33.79
N TYR D 313 -24.28 -86.20 -34.24
CA TYR D 313 -25.06 -87.30 -34.81
C TYR D 313 -24.33 -87.93 -35.98
N GLU D 314 -23.89 -87.10 -36.93
CA GLU D 314 -23.21 -87.64 -38.10
C GLU D 314 -21.96 -88.40 -37.72
N ARG D 315 -21.15 -87.82 -36.82
CA ARG D 315 -19.92 -88.47 -36.40
C ARG D 315 -20.21 -89.77 -35.65
N ASP D 316 -21.26 -89.77 -34.84
CA ASP D 316 -21.57 -90.95 -34.04
C ASP D 316 -22.14 -92.07 -34.91
N VAL D 317 -22.99 -91.73 -35.89
CA VAL D 317 -23.47 -92.77 -36.79
C VAL D 317 -22.33 -93.34 -37.63
N GLU D 318 -21.44 -92.46 -38.06
CA GLU D 318 -20.26 -92.86 -38.80
C GLU D 318 -19.35 -93.78 -37.99
N ASN D 319 -19.22 -93.53 -36.71
CA ASN D 319 -18.43 -94.38 -35.84
C ASN D 319 -19.25 -95.53 -35.27
N GLY D 320 -20.52 -95.65 -35.67
CA GLY D 320 -21.36 -96.75 -35.22
C GLY D 320 -21.73 -96.77 -33.75
N ILE D 321 -21.58 -95.65 -33.03
CA ILE D 321 -21.97 -95.61 -31.63
C ILE D 321 -23.36 -95.05 -31.45
N LEU D 322 -24.05 -94.75 -32.54
CA LEU D 322 -25.38 -94.16 -32.47
C LEU D 322 -26.18 -94.53 -33.71
N ASP D 323 -27.49 -94.71 -33.54
CA ASP D 323 -28.39 -94.81 -34.68
C ASP D 323 -29.55 -93.86 -34.43
N ARG D 324 -30.48 -93.79 -35.39
CA ARG D 324 -31.57 -92.83 -35.28
C ARG D 324 -32.44 -93.09 -34.06
N ASP D 325 -32.75 -94.35 -33.77
CA ASP D 325 -33.59 -94.62 -32.61
C ASP D 325 -32.85 -94.24 -31.34
N ARG D 326 -31.56 -94.58 -31.26
CA ARG D 326 -30.78 -94.17 -30.12
C ARG D 326 -30.74 -92.67 -30.00
N ALA D 327 -30.59 -91.97 -31.12
CA ALA D 327 -30.66 -90.51 -31.10
C ALA D 327 -32.02 -90.04 -30.65
N GLN D 328 -33.07 -90.68 -31.15
CA GLN D 328 -34.42 -90.27 -30.76
C GLN D 328 -34.70 -90.61 -29.30
N GLU D 329 -34.22 -91.76 -28.84
CA GLU D 329 -34.41 -92.10 -27.43
C GLU D 329 -33.75 -91.07 -26.52
N LEU D 330 -32.50 -90.67 -26.83
CA LEU D 330 -31.81 -89.66 -26.03
C LEU D 330 -32.57 -88.34 -26.03
N LEU D 331 -33.09 -87.93 -27.20
CA LEU D 331 -33.88 -86.71 -27.22
C LEU D 331 -35.22 -86.90 -26.50
N GLU D 332 -35.79 -88.08 -26.54
CA GLU D 332 -37.02 -88.27 -25.77
C GLU D 332 -36.73 -88.21 -24.28
N CYS D 333 -35.57 -88.73 -23.86
CA CYS D 333 -35.15 -88.55 -22.48
C CYS D 333 -35.04 -87.08 -22.15
N LEU D 334 -34.40 -86.31 -23.03
CA LEU D 334 -34.23 -84.87 -22.83
C LEU D 334 -35.58 -84.17 -22.70
N TRP D 335 -36.53 -84.53 -23.56
CA TRP D 335 -37.87 -83.97 -23.47
C TRP D 335 -38.49 -84.23 -22.09
N VAL D 336 -38.36 -85.47 -21.60
CA VAL D 336 -38.85 -85.77 -20.25
C VAL D 336 -38.12 -84.93 -19.23
N LYS D 337 -36.79 -84.77 -19.39
CA LYS D 337 -36.05 -83.94 -18.45
C LYS D 337 -36.57 -82.52 -18.41
N PHE D 338 -36.81 -81.92 -19.57
CA PHE D 338 -37.46 -80.61 -19.60
C PHE D 338 -38.77 -80.64 -18.85
N ASN D 339 -39.58 -81.69 -19.09
CA ASN D 339 -40.92 -81.73 -18.52
C ASN D 339 -40.90 -81.95 -17.02
N ASN D 340 -39.82 -82.53 -16.49
CA ASN D 340 -39.64 -82.70 -15.07
C ASN D 340 -39.27 -81.38 -14.37
N GLN D 341 -39.00 -80.30 -15.12
CA GLN D 341 -38.57 -79.04 -14.50
C GLN D 341 -39.65 -77.98 -14.67
N PRO D 342 -40.55 -77.84 -13.71
CA PRO D 342 -41.51 -76.73 -13.77
C PRO D 342 -40.82 -75.40 -13.55
N ALA D 343 -41.43 -74.35 -14.09
CA ALA D 343 -41.09 -73.02 -13.63
C ALA D 343 -41.30 -72.99 -12.13
N PRO D 344 -40.30 -72.62 -11.33
CA PRO D 344 -40.44 -72.64 -9.87
C PRO D 344 -41.64 -71.81 -9.44
N PRO D 345 -42.21 -72.11 -8.26
CA PRO D 345 -43.50 -71.52 -7.90
C PRO D 345 -43.49 -70.01 -7.97
N LYS D 346 -44.51 -69.47 -8.62
CA LYS D 346 -44.77 -68.05 -8.71
C LYS D 346 -45.99 -67.72 -7.85
N VAL D 347 -46.02 -66.51 -7.32
CA VAL D 347 -47.17 -66.02 -6.61
C VAL D 347 -47.48 -64.62 -7.10
N GLY D 348 -48.60 -64.09 -6.61
CA GLY D 348 -49.01 -62.74 -6.96
C GLY D 348 -49.07 -62.52 -8.46
N ILE D 349 -48.58 -61.35 -8.88
CA ILE D 349 -48.71 -60.93 -10.27
C ILE D 349 -47.91 -61.85 -11.18
N THR D 350 -46.75 -62.34 -10.70
CA THR D 350 -45.93 -63.21 -11.53
C THR D 350 -46.71 -64.45 -11.92
N LEU D 351 -47.53 -64.95 -11.01
CA LEU D 351 -48.41 -66.05 -11.36
C LEU D 351 -49.48 -65.60 -12.35
N LYS D 352 -50.13 -64.47 -12.09
CA LYS D 352 -51.21 -64.03 -12.98
C LYS D 352 -50.70 -63.89 -14.41
N GLU D 353 -49.50 -63.31 -14.59
CA GLU D 353 -48.94 -63.03 -15.92
C GLU D 353 -48.33 -64.26 -16.57
N SER D 354 -48.07 -65.30 -15.80
CA SER D 354 -47.40 -66.48 -16.25
C SER D 354 -48.03 -67.65 -15.51
N SER D 355 -49.33 -67.87 -15.72
CA SER D 355 -50.07 -68.85 -14.92
C SER D 355 -49.87 -70.24 -15.52
N THR D 356 -48.70 -70.78 -15.26
CA THR D 356 -48.33 -72.04 -15.88
C THR D 356 -47.19 -72.69 -15.11
N TYR D 357 -47.13 -74.00 -15.21
CA TYR D 357 -45.96 -74.74 -14.75
C TYR D 357 -44.84 -74.71 -15.78
N THR D 358 -45.13 -74.46 -17.05
CA THR D 358 -44.07 -74.54 -18.05
C THR D 358 -43.07 -73.42 -17.87
N ASP D 359 -41.82 -73.70 -18.25
CA ASP D 359 -40.75 -72.75 -18.10
C ASP D 359 -40.17 -72.33 -19.44
N PHE D 360 -40.93 -72.48 -20.52
CA PHE D 360 -40.66 -71.80 -21.81
C PHE D 360 -39.25 -72.07 -22.30
N ALA D 361 -38.83 -73.32 -22.19
CA ALA D 361 -37.58 -73.75 -22.81
C ALA D 361 -37.88 -73.92 -24.29
N ASN D 362 -37.68 -72.84 -25.04
CA ASN D 362 -38.11 -72.78 -26.43
C ASN D 362 -36.98 -73.30 -27.29
N ILE D 363 -37.21 -74.44 -27.95
CA ILE D 363 -36.24 -75.03 -28.87
C ILE D 363 -36.66 -74.65 -30.28
N ASN D 364 -35.67 -74.25 -31.08
CA ASN D 364 -35.84 -73.80 -32.46
C ASN D 364 -35.24 -74.87 -33.36
N THR D 365 -36.10 -75.61 -34.06
CA THR D 365 -35.69 -76.69 -34.94
C THR D 365 -35.90 -76.22 -36.37
N GLY D 366 -34.98 -76.58 -37.27
CA GLY D 366 -35.08 -76.10 -38.63
C GLY D 366 -34.17 -74.91 -38.92
N GLY D 367 -34.75 -73.79 -39.32
CA GLY D 367 -34.02 -72.55 -39.56
C GLY D 367 -32.84 -72.71 -40.50
N ILE D 368 -31.81 -71.89 -40.26
CA ILE D 368 -30.61 -71.86 -41.09
C ILE D 368 -29.43 -72.31 -40.25
N ASN D 369 -28.38 -72.73 -40.93
CA ASN D 369 -27.13 -73.10 -40.29
C ASN D 369 -26.26 -71.86 -40.09
N PRO D 370 -25.12 -71.97 -39.39
CA PRO D 370 -24.26 -70.78 -39.22
C PRO D 370 -23.91 -70.09 -40.51
N ASP D 371 -23.88 -70.79 -41.64
CA ASP D 371 -23.58 -70.17 -42.92
C ASP D 371 -24.81 -69.55 -43.57
N GLY D 372 -25.99 -69.63 -42.94
CA GLY D 372 -27.19 -69.02 -43.47
C GLY D 372 -28.00 -69.87 -44.44
N GLN D 373 -27.58 -71.10 -44.67
CA GLN D 373 -28.29 -72.03 -45.54
C GLN D 373 -29.24 -72.90 -44.72
N ASP D 374 -30.18 -73.56 -45.42
CA ASP D 374 -31.18 -74.42 -44.81
C ASP D 374 -30.59 -75.28 -43.71
N GLY D 375 -31.15 -75.17 -42.51
CA GLY D 375 -30.56 -75.87 -41.39
C GLY D 375 -31.23 -77.18 -41.06
N VAL D 376 -32.34 -77.49 -41.73
CA VAL D 376 -33.05 -78.73 -41.47
C VAL D 376 -32.11 -79.89 -41.78
N ASN D 377 -31.91 -80.76 -40.81
CA ASN D 377 -31.05 -81.90 -40.99
C ASN D 377 -31.77 -83.10 -40.39
N GLU D 378 -31.08 -84.23 -40.29
CA GLU D 378 -31.74 -85.41 -39.75
C GLU D 378 -32.15 -85.18 -38.31
N VAL D 379 -31.31 -84.48 -37.54
CA VAL D 379 -31.66 -84.21 -36.15
C VAL D 379 -32.90 -83.34 -36.09
N SER D 380 -33.11 -82.47 -37.07
CA SER D 380 -34.33 -81.68 -37.10
C SER D 380 -35.56 -82.58 -37.10
N TYR D 381 -35.55 -83.63 -37.93
CA TYR D 381 -36.74 -84.49 -38.02
C TYR D 381 -36.86 -85.37 -36.80
N ILE D 382 -35.73 -85.82 -36.24
CA ILE D 382 -35.80 -86.58 -35.00
C ILE D 382 -36.54 -85.77 -33.96
N ILE D 383 -36.21 -84.46 -33.87
CA ILE D 383 -36.88 -83.58 -32.93
C ILE D 383 -38.39 -83.52 -33.21
N LEU D 384 -38.78 -83.37 -34.48
CA LEU D 384 -40.21 -83.38 -34.76
C LEU D 384 -40.85 -84.70 -34.34
N ASP D 385 -40.17 -85.82 -34.56
CA ASP D 385 -40.70 -87.12 -34.10
C ASP D 385 -40.82 -87.15 -32.59
N VAL D 386 -39.81 -86.61 -31.91
CA VAL D 386 -39.78 -86.68 -30.46
C VAL D 386 -40.90 -85.85 -29.86
N MET D 387 -41.11 -84.63 -30.35
CA MET D 387 -42.18 -83.82 -29.79
C MET D 387 -43.55 -84.41 -30.12
N ASP D 388 -43.71 -84.94 -31.33
CA ASP D 388 -44.98 -85.55 -31.71
C ASP D 388 -45.32 -86.70 -30.78
N GLU D 389 -44.38 -87.61 -30.58
CA GLU D 389 -44.62 -88.76 -29.74
C GLU D 389 -44.86 -88.36 -28.30
N MET D 390 -44.00 -87.49 -27.76
CA MET D 390 -44.02 -87.26 -26.33
C MET D 390 -45.23 -86.43 -25.92
N LYS D 391 -45.70 -85.55 -26.81
CA LYS D 391 -46.81 -84.64 -26.52
C LYS D 391 -46.64 -84.03 -25.13
N LEU D 392 -45.47 -83.44 -24.90
CA LEU D 392 -45.16 -82.77 -23.63
C LEU D 392 -45.15 -81.26 -23.83
N ILE D 393 -45.81 -80.54 -22.91
CA ILE D 393 -45.82 -79.10 -23.02
C ILE D 393 -44.47 -78.48 -22.68
N GLN D 394 -43.56 -79.27 -22.11
CA GLN D 394 -42.15 -78.90 -22.00
C GLN D 394 -41.25 -79.94 -22.65
N PRO D 395 -40.28 -79.53 -23.47
CA PRO D 395 -39.99 -78.13 -23.78
C PRO D 395 -40.99 -77.54 -24.74
N SER D 396 -40.87 -76.25 -25.00
CA SER D 396 -41.64 -75.62 -26.05
C SER D 396 -40.93 -75.92 -27.36
N SER D 397 -41.31 -77.04 -28.00
CA SER D 397 -40.60 -77.52 -29.19
C SER D 397 -41.20 -76.85 -30.42
N ASN D 398 -40.45 -75.94 -31.02
CA ASN D 398 -41.00 -75.15 -32.10
C ASN D 398 -40.08 -75.25 -33.29
N VAL D 399 -40.54 -74.67 -34.38
CA VAL D 399 -39.80 -74.78 -35.62
C VAL D 399 -39.50 -73.39 -36.12
N GLN D 400 -38.31 -73.24 -36.68
CA GLN D 400 -37.98 -72.02 -37.40
C GLN D 400 -38.19 -72.33 -38.87
N ILE D 401 -39.07 -71.58 -39.49
CA ILE D 401 -39.37 -71.76 -40.90
C ILE D 401 -38.64 -70.66 -41.64
N SER D 402 -37.72 -71.07 -42.50
CA SER D 402 -37.04 -70.18 -43.42
C SER D 402 -37.69 -70.33 -44.77
N LYS D 403 -37.54 -69.30 -45.60
CA LYS D 403 -37.85 -69.47 -47.01
C LYS D 403 -36.99 -70.57 -47.62
N LYS D 404 -35.92 -70.96 -46.94
CA LYS D 404 -35.05 -72.03 -47.39
C LYS D 404 -35.46 -73.37 -46.83
N THR D 405 -36.48 -73.40 -45.96
CA THR D 405 -36.90 -74.63 -45.33
C THR D 405 -37.65 -75.51 -46.33
N PRO D 406 -37.34 -76.79 -46.40
CA PRO D 406 -38.11 -77.69 -47.27
C PRO D 406 -39.54 -77.79 -46.79
N GLN D 407 -40.45 -77.82 -47.77
CA GLN D 407 -41.87 -77.94 -47.46
C GLN D 407 -42.18 -79.19 -46.65
N LYS D 408 -41.44 -80.28 -46.86
CA LYS D 408 -41.65 -81.50 -46.08
C LYS D 408 -41.52 -81.20 -44.58
N PHE D 409 -40.53 -80.40 -44.21
CA PHE D 409 -40.33 -80.08 -42.81
C PHE D 409 -41.44 -79.17 -42.30
N LEU D 410 -41.81 -78.16 -43.09
CA LEU D 410 -42.92 -77.30 -42.68
C LEU D 410 -44.22 -78.09 -42.55
N LYS D 411 -44.50 -78.98 -43.50
CA LYS D 411 -45.74 -79.76 -43.44
C LYS D 411 -45.71 -80.74 -42.27
N ARG D 412 -44.55 -81.36 -42.01
CA ARG D 412 -44.47 -82.23 -40.85
C ARG D 412 -44.85 -81.48 -39.59
N ALA D 413 -44.38 -80.24 -39.44
CA ALA D 413 -44.73 -79.41 -38.30
C ALA D 413 -46.23 -79.11 -38.27
N CYS D 414 -46.81 -78.80 -39.44
CA CYS D 414 -48.26 -78.61 -39.48
C CYS D 414 -49.00 -79.90 -39.12
N GLU D 415 -48.46 -81.05 -39.53
CA GLU D 415 -49.02 -82.33 -39.12
C GLU D 415 -49.11 -82.43 -37.60
N ILE D 416 -48.06 -82.02 -36.91
CA ILE D 416 -48.05 -82.07 -35.45
C ILE D 416 -48.97 -80.98 -34.90
N SER D 417 -48.92 -79.79 -35.49
CA SER D 417 -49.77 -78.70 -35.02
C SER D 417 -51.23 -79.07 -35.14
N ARG D 418 -51.61 -79.72 -36.23
CA ARG D 418 -52.99 -80.04 -36.47
C ARG D 418 -53.56 -81.03 -35.45
N LYS D 419 -52.72 -81.81 -34.78
CA LYS D 419 -53.21 -82.68 -33.73
C LYS D 419 -53.77 -81.92 -32.55
N GLY D 420 -53.61 -80.61 -32.49
CA GLY D 420 -54.41 -79.81 -31.60
C GLY D 420 -53.86 -79.60 -30.21
N TRP D 421 -52.59 -79.91 -29.95
CA TRP D 421 -52.03 -79.54 -28.66
C TRP D 421 -51.06 -78.36 -28.75
N GLY D 422 -51.24 -77.51 -29.75
CA GLY D 422 -50.50 -76.24 -29.76
C GLY D 422 -49.13 -76.25 -30.35
N GLN D 423 -48.27 -77.16 -29.91
CA GLN D 423 -46.94 -77.22 -30.48
C GLN D 423 -46.95 -77.92 -31.84
N PRO D 424 -46.03 -77.56 -32.73
CA PRO D 424 -45.03 -76.53 -32.53
C PRO D 424 -45.54 -75.17 -32.92
N ALA D 425 -44.94 -74.12 -32.36
CA ALA D 425 -45.12 -72.80 -32.92
C ALA D 425 -44.23 -72.64 -34.14
N PHE D 426 -44.56 -71.70 -34.99
CA PHE D 426 -43.81 -71.47 -36.22
C PHE D 426 -43.16 -70.10 -36.11
N TYR D 427 -41.84 -70.03 -36.33
CA TYR D 427 -41.14 -68.76 -36.32
C TYR D 427 -40.48 -68.53 -37.66
N ASN D 428 -40.50 -67.27 -38.08
CA ASN D 428 -39.99 -66.83 -39.37
C ASN D 428 -38.49 -66.54 -39.27
N THR D 429 -37.66 -67.46 -39.77
CA THR D 429 -36.21 -67.32 -39.69
C THR D 429 -35.74 -66.01 -40.33
N GLU D 430 -36.29 -65.65 -41.48
CA GLU D 430 -35.80 -64.42 -42.09
C GLU D 430 -36.23 -63.20 -41.29
N ALA D 431 -37.39 -63.26 -40.62
CA ALA D 431 -37.72 -62.17 -39.71
C ALA D 431 -36.75 -62.16 -38.52
N ILE D 432 -36.50 -63.33 -37.95
CA ILE D 432 -35.56 -63.42 -36.82
C ILE D 432 -34.22 -62.79 -37.19
N VAL D 433 -33.65 -63.19 -38.33
CA VAL D 433 -32.33 -62.68 -38.72
C VAL D 433 -32.37 -61.17 -38.87
N GLN D 434 -33.40 -60.66 -39.56
CA GLN D 434 -33.50 -59.22 -39.75
C GLN D 434 -33.75 -58.50 -38.43
N GLU D 435 -34.60 -59.06 -37.56
CA GLU D 435 -34.80 -58.47 -36.25
C GLU D 435 -33.46 -58.35 -35.52
N LEU D 436 -32.67 -59.43 -35.54
CA LEU D 436 -31.37 -59.42 -34.89
C LEU D 436 -30.46 -58.37 -35.50
N MET D 437 -30.40 -58.30 -36.83
CA MET D 437 -29.50 -57.34 -37.45
C MET D 437 -29.94 -55.92 -37.18
N GLU D 438 -31.26 -55.70 -37.12
CA GLU D 438 -31.77 -54.37 -36.82
C GLU D 438 -31.33 -53.94 -35.43
N ALA D 439 -31.25 -54.88 -34.50
CA ALA D 439 -30.80 -54.63 -33.15
C ALA D 439 -29.28 -54.51 -33.04
N GLY D 440 -28.56 -54.67 -34.15
CA GLY D 440 -27.12 -54.50 -34.18
C GLY D 440 -26.32 -55.78 -34.27
N LYS D 441 -26.94 -56.93 -34.39
CA LYS D 441 -26.15 -58.13 -34.56
C LYS D 441 -25.54 -58.13 -35.96
N THR D 442 -24.37 -58.69 -36.06
CA THR D 442 -23.80 -58.89 -37.35
C THR D 442 -24.59 -60.03 -37.97
N ILE D 443 -24.53 -60.17 -39.27
CA ILE D 443 -25.21 -61.28 -39.90
C ILE D 443 -24.69 -62.63 -39.45
N GLU D 444 -23.40 -62.73 -39.22
CA GLU D 444 -22.73 -63.90 -38.74
C GLU D 444 -23.31 -64.33 -37.43
N ASP D 445 -23.54 -63.39 -36.55
CA ASP D 445 -24.14 -63.75 -35.26
C ASP D 445 -25.65 -63.98 -35.37
N ALA D 446 -26.34 -63.24 -36.26
CA ALA D 446 -27.78 -63.45 -36.42
C ALA D 446 -28.09 -64.86 -36.87
N ARG D 447 -27.24 -65.43 -37.73
CA ARG D 447 -27.44 -66.78 -38.22
C ARG D 447 -27.43 -67.81 -37.10
N LEU D 448 -26.85 -67.47 -35.96
CA LEU D 448 -26.87 -68.33 -34.79
C LEU D 448 -28.10 -68.10 -33.93
N GLY D 449 -28.98 -67.18 -34.33
CA GLY D 449 -30.07 -66.72 -33.50
C GLY D 449 -31.39 -67.46 -33.71
N GLY D 450 -32.41 -66.95 -33.03
CA GLY D 450 -33.73 -67.53 -33.12
C GLY D 450 -34.60 -66.94 -32.04
N THR D 451 -35.65 -67.67 -31.67
CA THR D 451 -36.58 -67.19 -30.67
C THR D 451 -36.53 -68.11 -29.46
N SER D 452 -36.84 -67.52 -28.33
CA SER D 452 -36.88 -68.23 -27.07
C SER D 452 -38.09 -67.71 -26.30
N GLY D 453 -38.30 -68.28 -25.13
CA GLY D 453 -39.52 -67.95 -24.42
C GLY D 453 -40.73 -68.24 -25.28
N CYS D 454 -41.56 -67.22 -25.46
CA CYS D 454 -42.75 -67.34 -26.30
C CYS D 454 -42.43 -67.09 -27.76
N VAL D 455 -41.95 -65.88 -28.06
CA VAL D 455 -41.65 -65.46 -29.43
C VAL D 455 -40.40 -64.59 -29.45
N GLU D 456 -39.64 -64.56 -28.36
CA GLU D 456 -38.64 -63.51 -28.16
C GLU D 456 -37.37 -63.79 -28.95
N THR D 457 -37.05 -62.87 -29.85
CA THR D 457 -35.88 -62.99 -30.73
C THR D 457 -34.58 -62.69 -29.99
N GLY D 458 -33.58 -63.55 -30.20
CA GLY D 458 -32.30 -63.35 -29.56
C GLY D 458 -31.20 -64.02 -30.35
N CYS D 459 -29.98 -63.54 -30.11
CA CYS D 459 -28.77 -64.09 -30.68
C CYS D 459 -28.17 -65.07 -29.69
N PHE D 460 -28.43 -66.35 -29.90
CA PHE D 460 -28.14 -67.39 -28.93
C PHE D 460 -26.65 -67.44 -28.58
N GLY D 461 -26.36 -67.58 -27.28
CA GLY D 461 -25.00 -67.67 -26.81
C GLY D 461 -24.22 -66.36 -26.82
N LYS D 462 -24.83 -65.27 -27.28
CA LYS D 462 -24.12 -64.02 -27.45
C LYS D 462 -24.93 -62.82 -26.99
N GLU D 463 -26.05 -63.02 -26.29
CA GLU D 463 -26.91 -61.89 -25.99
C GLU D 463 -27.61 -62.06 -24.65
N ALA D 464 -27.66 -60.95 -23.91
CA ALA D 464 -28.61 -60.78 -22.83
C ALA D 464 -29.76 -59.99 -23.43
N TYR D 465 -30.87 -60.66 -23.70
CA TYR D 465 -32.08 -60.00 -24.20
C TYR D 465 -33.12 -60.28 -23.13
N VAL D 466 -33.27 -59.31 -22.22
CA VAL D 466 -34.02 -59.47 -20.98
C VAL D 466 -35.43 -58.89 -21.15
N LEU D 467 -36.44 -59.70 -20.86
CA LEU D 467 -37.80 -59.19 -20.79
C LEU D 467 -38.02 -58.58 -19.41
N THR D 468 -38.61 -57.39 -19.38
CA THR D 468 -38.77 -56.69 -18.11
C THR D 468 -40.19 -56.67 -17.58
N GLY D 469 -41.19 -56.92 -18.42
CA GLY D 469 -42.56 -57.02 -17.99
C GLY D 469 -43.56 -56.64 -19.06
N TYR D 470 -44.79 -57.10 -18.86
CA TYR D 470 -45.87 -56.80 -19.78
C TYR D 470 -46.37 -55.39 -19.53
N MET D 471 -46.81 -54.74 -20.59
CA MET D 471 -47.33 -53.38 -20.56
C MET D 471 -48.79 -53.45 -20.97
N ASN D 472 -49.69 -52.98 -20.10
CA ASN D 472 -51.14 -53.07 -20.33
C ASN D 472 -51.57 -51.91 -21.22
N ILE D 473 -51.27 -52.04 -22.51
CA ILE D 473 -51.57 -50.96 -23.45
C ILE D 473 -53.03 -50.57 -23.43
N PRO D 474 -54.00 -51.49 -23.42
CA PRO D 474 -55.40 -51.05 -23.36
C PRO D 474 -55.70 -50.26 -22.10
N LYS D 475 -55.14 -50.65 -20.95
CA LYS D 475 -55.43 -49.88 -19.75
C LYS D 475 -54.82 -48.49 -19.82
N ILE D 476 -53.74 -48.32 -20.59
CA ILE D 476 -53.24 -46.97 -20.84
C ILE D 476 -54.31 -46.17 -21.57
N LEU D 477 -55.01 -46.80 -22.51
CA LEU D 477 -56.16 -46.14 -23.11
C LEU D 477 -57.22 -45.85 -22.06
N GLU D 478 -57.47 -46.80 -21.16
CA GLU D 478 -58.43 -46.56 -20.11
C GLU D 478 -58.02 -45.35 -19.27
N LEU D 479 -56.74 -45.28 -18.88
CA LEU D 479 -56.25 -44.09 -18.15
C LEU D 479 -56.46 -42.83 -18.98
N THR D 480 -56.12 -42.89 -20.27
CA THR D 480 -56.33 -41.77 -21.17
C THR D 480 -57.78 -41.30 -21.14
N LEU D 481 -58.72 -42.24 -21.25
CA LEU D 481 -60.12 -41.87 -21.29
C LEU D 481 -60.62 -41.37 -19.95
N ASN D 482 -59.90 -41.65 -18.88
CA ASN D 482 -60.27 -41.19 -17.55
C ASN D 482 -59.28 -40.17 -17.03
N ASN D 483 -58.61 -39.46 -17.94
CA ASN D 483 -57.71 -38.35 -17.61
C ASN D 483 -56.69 -38.78 -16.55
N GLY D 484 -56.14 -39.98 -16.73
CA GLY D 484 -55.15 -40.53 -15.84
C GLY D 484 -55.70 -41.26 -14.65
N TYR D 485 -57.00 -41.19 -14.41
CA TYR D 485 -57.63 -41.92 -13.32
C TYR D 485 -57.93 -43.35 -13.77
N ASP D 486 -57.72 -44.29 -12.88
CA ASP D 486 -58.03 -45.69 -13.11
C ASP D 486 -59.39 -46.01 -12.51
N PRO D 487 -60.44 -46.27 -13.30
CA PRO D 487 -61.76 -46.55 -12.72
C PRO D 487 -61.80 -47.81 -11.88
N ILE D 488 -60.80 -48.68 -11.97
CA ILE D 488 -60.84 -49.96 -11.27
C ILE D 488 -60.20 -49.84 -9.91
N SER D 489 -58.91 -49.48 -9.87
CA SER D 489 -58.25 -49.29 -8.58
C SER D 489 -58.60 -47.95 -7.95
N LYS D 490 -59.25 -47.06 -8.71
CA LYS D 490 -59.70 -45.75 -8.20
C LYS D 490 -58.56 -44.89 -7.67
N LYS D 491 -57.40 -44.95 -8.34
CA LYS D 491 -56.24 -44.12 -8.03
C LYS D 491 -55.86 -43.36 -9.28
N GLN D 492 -55.02 -42.33 -9.10
CA GLN D 492 -54.52 -41.55 -10.22
C GLN D 492 -53.24 -42.22 -10.71
N ILE D 493 -53.39 -43.21 -11.58
CA ILE D 493 -52.24 -43.98 -12.02
C ILE D 493 -51.48 -43.25 -13.12
N GLY D 494 -52.19 -42.66 -14.06
CA GLY D 494 -51.57 -41.93 -15.14
C GLY D 494 -51.39 -40.46 -14.83
N ILE D 495 -51.29 -39.68 -15.90
CA ILE D 495 -51.13 -38.24 -15.80
C ILE D 495 -52.40 -37.59 -16.36
N GLU D 496 -52.54 -36.28 -16.14
CA GLU D 496 -53.73 -35.59 -16.64
C GLU D 496 -53.47 -35.15 -18.06
N THR D 497 -53.89 -35.98 -19.00
CA THR D 497 -53.76 -35.64 -20.41
C THR D 497 -55.00 -34.96 -20.96
N GLY D 498 -56.01 -34.74 -20.13
CA GLY D 498 -57.21 -34.04 -20.54
C GLY D 498 -58.50 -34.82 -20.38
N ASP D 499 -59.62 -34.11 -20.23
CA ASP D 499 -60.94 -34.73 -20.30
C ASP D 499 -61.21 -35.13 -21.75
N PRO D 500 -61.39 -36.40 -22.07
CA PRO D 500 -61.59 -36.76 -23.49
C PRO D 500 -62.79 -36.13 -24.13
N ARG D 501 -63.77 -35.68 -23.32
CA ARG D 501 -64.92 -34.97 -23.86
C ARG D 501 -64.54 -33.67 -24.56
N ASN D 502 -63.38 -33.09 -24.22
CA ASN D 502 -62.87 -31.87 -24.84
C ASN D 502 -62.04 -32.14 -26.09
N PHE D 503 -61.70 -33.40 -26.37
CA PHE D 503 -60.89 -33.71 -27.54
C PHE D 503 -61.72 -33.52 -28.80
N GLN D 504 -61.28 -32.61 -29.67
CA GLN D 504 -62.00 -32.26 -30.89
C GLN D 504 -61.72 -33.20 -32.05
N SER D 505 -60.72 -34.08 -31.91
CA SER D 505 -60.36 -34.96 -33.01
C SER D 505 -59.79 -36.25 -32.44
N TYR D 506 -59.78 -37.27 -33.29
CA TYR D 506 -59.12 -38.50 -32.91
C TYR D 506 -57.65 -38.20 -32.66
N GLU D 507 -57.05 -37.38 -33.50
CA GLU D 507 -55.65 -37.03 -33.38
C GLU D 507 -55.32 -36.58 -31.99
N GLU D 508 -56.16 -35.70 -31.48
CA GLU D 508 -55.96 -35.19 -30.13
C GLU D 508 -56.09 -36.26 -29.05
N LEU D 509 -57.05 -37.19 -29.21
CA LEU D 509 -57.13 -38.30 -28.27
C LEU D 509 -55.90 -39.19 -28.37
N PHE D 510 -55.38 -39.42 -29.58
CA PHE D 510 -54.23 -40.29 -29.71
C PHE D 510 -52.95 -39.67 -29.12
N GLU D 511 -52.74 -38.35 -29.30
CA GLU D 511 -51.61 -37.69 -28.64
C GLU D 511 -51.72 -37.83 -27.13
N ALA D 512 -52.95 -37.71 -26.62
CA ALA D 512 -53.20 -37.93 -25.21
C ALA D 512 -52.83 -39.35 -24.81
N PHE D 513 -53.12 -40.32 -25.67
CA PHE D 513 -52.74 -41.69 -25.36
C PHE D 513 -51.22 -41.83 -25.37
N LYS D 514 -50.55 -41.23 -26.36
CA LYS D 514 -49.09 -41.30 -26.37
C LYS D 514 -48.48 -40.63 -25.14
N LYS D 515 -49.07 -39.52 -24.68
CA LYS D 515 -48.53 -38.88 -23.48
C LYS D 515 -48.66 -39.83 -22.28
N GLN D 516 -49.80 -40.53 -22.18
CA GLN D 516 -49.98 -41.55 -21.15
C GLN D 516 -48.98 -42.67 -21.34
N LEU D 517 -48.80 -43.09 -22.59
CA LEU D 517 -47.84 -44.16 -22.89
C LEU D 517 -46.43 -43.77 -22.47
N HIS D 518 -46.01 -42.55 -22.84
CA HIS D 518 -44.69 -42.04 -22.46
C HIS D 518 -44.50 -42.06 -20.95
N TYR D 519 -45.51 -41.57 -20.22
CA TYR D 519 -45.44 -41.57 -18.76
C TYR D 519 -45.30 -42.99 -18.23
N MET D 520 -46.14 -43.90 -18.73
CA MET D 520 -46.09 -45.26 -18.19
C MET D 520 -44.78 -45.94 -18.56
N ILE D 521 -44.31 -45.75 -19.79
CA ILE D 521 -43.03 -46.34 -20.13
C ILE D 521 -41.91 -45.69 -19.31
N ASP D 522 -41.95 -44.37 -19.14
CA ASP D 522 -40.95 -43.71 -18.31
C ASP D 522 -40.93 -44.32 -16.92
N ILE D 523 -42.12 -44.51 -16.33
CA ILE D 523 -42.19 -45.13 -15.01
C ILE D 523 -41.56 -46.51 -15.04
N LYS D 524 -41.94 -47.30 -16.05
CA LYS D 524 -41.45 -48.68 -16.16
C LYS D 524 -39.95 -48.72 -16.42
N ILE D 525 -39.44 -47.91 -17.35
CA ILE D 525 -38.01 -47.94 -17.66
C ILE D 525 -37.19 -47.51 -16.45
N GLU D 526 -37.67 -46.49 -15.73
CA GLU D 526 -36.95 -46.04 -14.55
C GLU D 526 -36.81 -47.16 -13.52
N GLY D 527 -37.91 -47.86 -13.21
CA GLY D 527 -37.81 -48.99 -12.32
C GLY D 527 -36.89 -50.07 -12.87
N ASN D 528 -36.96 -50.30 -14.17
CA ASN D 528 -36.10 -51.31 -14.79
C ASN D 528 -34.63 -50.96 -14.65
N ALA D 529 -34.29 -49.67 -14.83
CA ALA D 529 -32.90 -49.27 -14.70
C ALA D 529 -32.40 -49.60 -13.30
N VAL D 530 -33.23 -49.30 -12.31
CA VAL D 530 -32.91 -49.67 -10.94
C VAL D 530 -32.82 -51.18 -10.83
N ILE D 531 -33.78 -51.89 -11.40
CA ILE D 531 -33.78 -53.34 -11.32
C ILE D 531 -32.55 -53.91 -12.04
N GLU D 532 -32.20 -53.33 -13.21
CA GLU D 532 -31.04 -53.83 -13.94
C GLU D 532 -29.77 -53.72 -13.12
N ASN D 533 -29.60 -52.61 -12.40
CA ASN D 533 -28.44 -52.47 -11.51
C ASN D 533 -28.48 -53.51 -10.41
N ILE D 534 -29.66 -53.67 -9.80
CA ILE D 534 -29.81 -54.61 -8.70
C ILE D 534 -29.43 -56.00 -9.16
N CYS D 535 -29.90 -56.40 -10.34
CA CYS D 535 -29.55 -57.74 -10.82
C CYS D 535 -28.08 -57.83 -11.17
N ALA D 536 -27.53 -56.76 -11.79
CA ALA D 536 -26.11 -56.75 -12.13
C ALA D 536 -25.25 -56.87 -10.88
N LYS D 537 -25.61 -56.18 -9.82
CA LYS D 537 -24.80 -56.22 -8.62
C LYS D 537 -25.13 -57.44 -7.79
N HIS D 538 -26.42 -57.80 -7.72
CA HIS D 538 -26.86 -58.78 -6.75
C HIS D 538 -27.26 -60.11 -7.36
N MET D 539 -27.43 -60.20 -8.67
CA MET D 539 -27.64 -61.51 -9.25
C MET D 539 -26.58 -61.83 -10.30
N PRO D 540 -25.28 -61.71 -10.01
CA PRO D 540 -24.31 -62.13 -11.02
C PRO D 540 -24.50 -63.60 -11.26
N CYS D 541 -24.21 -64.03 -12.48
CA CYS D 541 -24.36 -65.41 -12.89
C CYS D 541 -23.04 -65.86 -13.50
N PRO D 542 -22.03 -66.09 -12.65
CA PRO D 542 -20.72 -66.51 -13.19
C PRO D 542 -20.79 -67.76 -14.05
N LEU D 543 -21.67 -68.72 -13.70
CA LEU D 543 -21.78 -69.92 -14.52
C LEU D 543 -22.29 -69.58 -15.91
N MET D 544 -23.41 -68.87 -15.98
CA MET D 544 -23.93 -68.42 -17.27
C MET D 544 -22.86 -67.67 -18.04
N SER D 545 -22.05 -66.87 -17.35
CA SER D 545 -21.08 -66.02 -18.03
C SER D 545 -20.02 -66.82 -18.75
N THR D 546 -19.66 -67.99 -18.24
CA THR D 546 -18.61 -68.77 -18.90
C THR D 546 -19.00 -69.21 -20.31
N ILE D 547 -20.30 -69.32 -20.60
CA ILE D 547 -20.79 -69.88 -21.86
C ILE D 547 -21.44 -68.86 -22.75
N VAL D 548 -21.51 -67.63 -22.29
CA VAL D 548 -22.13 -66.59 -23.07
C VAL D 548 -21.07 -65.76 -23.69
N ASP D 549 -21.20 -65.56 -24.97
CA ASP D 549 -20.23 -64.78 -25.64
C ASP D 549 -20.09 -63.41 -25.22
N ASP D 550 -18.80 -63.26 -25.00
CA ASP D 550 -17.95 -62.19 -24.62
C ASP D 550 -17.69 -62.01 -23.15
N CYS D 551 -18.32 -62.80 -22.29
CA CYS D 551 -18.07 -62.53 -20.88
C CYS D 551 -16.59 -62.77 -20.51
N ILE D 552 -16.04 -63.91 -20.91
CA ILE D 552 -14.66 -64.21 -20.55
C ILE D 552 -13.72 -63.18 -21.17
N GLU D 553 -13.92 -62.89 -22.45
CA GLU D 553 -13.05 -61.95 -23.13
C GLU D 553 -13.13 -60.58 -22.47
N LYS D 554 -14.35 -60.12 -22.17
CA LYS D 554 -14.51 -58.80 -21.55
C LYS D 554 -14.13 -58.81 -20.07
N GLY D 555 -14.04 -59.98 -19.46
CA GLY D 555 -13.98 -60.04 -18.01
C GLY D 555 -15.20 -59.41 -17.37
N LYS D 556 -16.38 -59.68 -17.90
CA LYS D 556 -17.59 -59.01 -17.44
C LYS D 556 -18.73 -60.00 -17.36
N ASP D 557 -19.40 -60.04 -16.22
CA ASP D 557 -20.48 -60.99 -15.99
C ASP D 557 -21.64 -60.77 -16.96
N TYR D 558 -22.36 -61.83 -17.24
CA TYR D 558 -23.49 -61.77 -18.12
C TYR D 558 -24.59 -60.85 -17.62
N GLN D 559 -24.74 -60.73 -16.31
CA GLN D 559 -25.72 -59.87 -15.75
C GLN D 559 -25.40 -58.37 -15.83
N ARG D 560 -24.19 -57.99 -16.13
CA ARG D 560 -23.82 -56.60 -16.27
C ARG D 560 -23.31 -56.19 -17.64
N GLY D 561 -23.61 -56.94 -18.66
CA GLY D 561 -23.25 -56.55 -20.01
C GLY D 561 -22.09 -57.33 -20.59
N GLY D 562 -21.69 -58.43 -19.97
CA GLY D 562 -20.62 -59.23 -20.53
C GLY D 562 -20.99 -59.84 -21.87
N ALA D 563 -22.29 -60.00 -22.15
CA ALA D 563 -22.70 -60.52 -23.44
C ALA D 563 -22.26 -59.58 -24.57
N ARG D 564 -21.99 -60.16 -25.73
CA ARG D 564 -21.65 -59.32 -26.87
C ARG D 564 -22.79 -58.36 -27.18
N TYR D 565 -24.03 -58.82 -27.09
CA TYR D 565 -25.19 -57.98 -27.37
C TYR D 565 -26.07 -57.88 -26.13
N ASN D 566 -26.65 -56.70 -25.92
CA ASN D 566 -27.47 -56.47 -24.75
C ASN D 566 -28.70 -55.67 -25.13
N THR D 567 -29.87 -56.28 -24.94
CA THR D 567 -31.15 -55.66 -25.18
C THR D 567 -32.07 -55.92 -23.99
N ARG D 568 -32.99 -55.00 -23.76
CA ARG D 568 -34.06 -55.19 -22.80
C ARG D 568 -35.37 -54.96 -23.51
N TYR D 569 -36.41 -55.68 -23.08
CA TYR D 569 -37.72 -55.55 -23.70
C TYR D 569 -38.77 -55.22 -22.65
N ILE D 570 -39.83 -54.61 -23.14
CA ILE D 570 -41.04 -54.35 -22.45
C ILE D 570 -42.10 -54.99 -23.38
N GLN D 571 -42.80 -56.00 -22.90
CA GLN D 571 -43.79 -56.72 -23.67
C GLN D 571 -45.16 -56.09 -23.84
N GLY D 572 -45.52 -55.73 -25.05
CA GLY D 572 -46.80 -55.12 -25.31
C GLY D 572 -47.96 -56.07 -25.28
N VAL D 573 -48.92 -55.82 -24.42
CA VAL D 573 -50.08 -56.70 -24.34
C VAL D 573 -51.29 -55.95 -24.83
N GLY D 574 -52.19 -56.66 -25.52
CA GLY D 574 -53.49 -56.12 -25.87
C GLY D 574 -53.56 -55.23 -27.09
N ILE D 575 -52.67 -55.42 -28.06
CA ILE D 575 -52.72 -54.54 -29.24
C ILE D 575 -54.09 -54.65 -29.91
N GLY D 576 -54.67 -55.86 -29.94
CA GLY D 576 -55.99 -56.02 -30.55
C GLY D 576 -57.06 -55.25 -29.83
N THR D 577 -57.22 -55.48 -28.52
CA THR D 577 -58.22 -54.78 -27.74
C THR D 577 -58.09 -53.27 -27.88
N ILE D 578 -56.86 -52.75 -27.73
CA ILE D 578 -56.67 -51.30 -27.75
C ILE D 578 -56.90 -50.77 -29.15
N THR D 579 -56.52 -51.53 -30.19
CA THR D 579 -56.79 -51.10 -31.55
C THR D 579 -58.28 -51.00 -31.80
N ASP D 580 -59.02 -52.05 -31.44
CA ASP D 580 -60.46 -52.02 -31.64
C ASP D 580 -61.10 -50.92 -30.80
N SER D 581 -60.59 -50.69 -29.59
CA SER D 581 -61.16 -49.63 -28.75
C SER D 581 -60.92 -48.26 -29.38
N LEU D 582 -59.68 -47.99 -29.78
CA LEU D 582 -59.40 -46.72 -30.39
C LEU D 582 -60.08 -46.61 -31.75
N THR D 583 -60.19 -47.73 -32.47
CA THR D 583 -60.93 -47.71 -33.73
C THR D 583 -62.40 -47.40 -33.49
N ALA D 584 -62.99 -48.02 -32.46
CA ALA D 584 -64.38 -47.73 -32.14
C ALA D 584 -64.59 -46.25 -31.84
N ILE D 585 -63.62 -45.64 -31.17
CA ILE D 585 -63.75 -44.22 -30.84
C ILE D 585 -63.60 -43.39 -32.10
N LYS D 586 -62.60 -43.70 -32.92
CA LYS D 586 -62.45 -42.96 -34.17
C LYS D 586 -63.68 -43.13 -35.05
N TYR D 587 -64.18 -44.36 -35.15
CA TYR D 587 -65.32 -44.59 -36.02
C TYR D 587 -66.59 -43.95 -35.46
N ASN D 588 -66.94 -44.29 -34.22
CA ASN D 588 -68.24 -43.92 -33.71
C ASN D 588 -68.30 -42.51 -33.13
N VAL D 589 -67.24 -42.06 -32.47
CA VAL D 589 -67.28 -40.77 -31.80
C VAL D 589 -66.83 -39.65 -32.72
N PHE D 590 -65.78 -39.85 -33.50
CA PHE D 590 -65.23 -38.75 -34.29
C PHE D 590 -65.66 -38.78 -35.75
N ASP D 591 -65.76 -39.97 -36.37
CA ASP D 591 -66.12 -40.07 -37.79
C ASP D 591 -67.64 -40.10 -37.99
N LYS D 592 -68.28 -41.18 -37.54
CA LYS D 592 -69.72 -41.34 -37.78
C LYS D 592 -70.57 -40.59 -36.77
N LYS D 593 -69.98 -40.22 -35.62
CA LYS D 593 -70.63 -39.37 -34.64
C LYS D 593 -71.98 -39.96 -34.22
N LYS D 594 -72.03 -41.28 -34.08
CA LYS D 594 -73.25 -41.93 -33.63
C LYS D 594 -73.49 -41.66 -32.15
N PHE D 595 -72.42 -41.43 -31.40
CA PHE D 595 -72.53 -40.99 -30.02
C PHE D 595 -71.26 -40.25 -29.68
N ASP D 596 -71.30 -39.48 -28.61
CA ASP D 596 -70.17 -38.65 -28.22
C ASP D 596 -69.37 -39.35 -27.13
N MET D 597 -68.23 -38.74 -26.80
CA MET D 597 -67.34 -39.32 -25.81
C MET D 597 -68.05 -39.52 -24.49
N ASP D 598 -68.84 -38.53 -24.05
CA ASP D 598 -69.49 -38.65 -22.75
C ASP D 598 -70.41 -39.87 -22.70
N THR D 599 -71.19 -40.09 -23.75
CA THR D 599 -72.07 -41.26 -23.73
C THR D 599 -71.24 -42.54 -23.71
N LEU D 600 -70.15 -42.58 -24.50
CA LEU D 600 -69.30 -43.77 -24.54
C LEU D 600 -68.79 -44.09 -23.15
N LEU D 601 -68.32 -43.08 -22.42
CA LEU D 601 -67.82 -43.31 -21.08
C LEU D 601 -68.95 -43.73 -20.14
N LYS D 602 -70.14 -43.13 -20.27
CA LYS D 602 -71.28 -43.60 -19.49
C LYS D 602 -71.57 -45.05 -19.80
N ALA D 603 -71.54 -45.42 -21.08
CA ALA D 603 -71.74 -46.81 -21.46
C ALA D 603 -70.70 -47.71 -20.81
N LEU D 604 -69.42 -47.31 -20.87
CA LEU D 604 -68.35 -48.13 -20.30
C LEU D 604 -68.54 -48.31 -18.80
N ASP D 605 -68.87 -47.22 -18.11
CA ASP D 605 -69.03 -47.32 -16.66
C ASP D 605 -70.22 -48.22 -16.31
N ALA D 606 -71.23 -48.28 -17.19
CA ALA D 606 -72.38 -49.15 -16.99
C ALA D 606 -72.16 -50.56 -17.52
N ASN D 607 -70.94 -50.89 -17.97
CA ASN D 607 -70.67 -52.16 -18.63
C ASN D 607 -71.65 -52.40 -19.77
N PHE D 608 -72.09 -51.30 -20.39
CA PHE D 608 -73.05 -51.22 -21.49
C PHE D 608 -74.49 -51.59 -21.09
N GLU D 609 -74.74 -51.96 -19.82
CA GLU D 609 -76.10 -52.13 -19.30
C GLU D 609 -76.89 -50.83 -19.47
N GLY D 610 -77.95 -50.87 -20.24
CA GLY D 610 -78.65 -49.66 -20.59
C GLY D 610 -78.08 -48.94 -21.79
N TYR D 611 -77.06 -49.50 -22.43
CA TYR D 611 -76.51 -48.94 -23.66
C TYR D 611 -76.41 -50.03 -24.71
N GLU D 612 -77.37 -50.96 -24.70
CA GLU D 612 -77.34 -52.07 -25.65
C GLU D 612 -77.22 -51.58 -27.08
N ALA D 613 -77.83 -50.44 -27.40
CA ALA D 613 -77.71 -49.89 -28.73
C ALA D 613 -76.25 -49.54 -29.04
N ILE D 614 -75.60 -48.82 -28.12
CA ILE D 614 -74.21 -48.45 -28.33
C ILE D 614 -73.31 -49.68 -28.33
N LEU D 615 -73.56 -50.63 -27.42
CA LEU D 615 -72.81 -51.88 -27.43
C LEU D 615 -72.89 -52.55 -28.78
N ASN D 616 -74.07 -52.56 -29.39
CA ASN D 616 -74.22 -53.18 -30.70
C ASN D 616 -73.41 -52.41 -31.74
N LEU D 617 -73.36 -51.08 -31.64
CA LEU D 617 -72.56 -50.31 -32.58
C LEU D 617 -71.07 -50.68 -32.50
N VAL D 618 -70.52 -50.71 -31.29
CA VAL D 618 -69.08 -50.88 -31.20
C VAL D 618 -68.67 -52.33 -31.40
N SER D 619 -69.55 -53.28 -31.05
CA SER D 619 -69.23 -54.69 -31.22
C SER D 619 -69.46 -55.15 -32.65
N ASN D 620 -70.45 -54.61 -33.35
CA ASN D 620 -70.92 -55.22 -34.58
C ASN D 620 -70.98 -54.29 -35.77
N LYS D 621 -70.97 -52.98 -35.58
CA LYS D 621 -71.06 -52.06 -36.71
C LYS D 621 -69.84 -51.13 -36.76
N THR D 622 -68.68 -51.65 -36.36
CA THR D 622 -67.44 -50.90 -36.25
C THR D 622 -66.27 -51.66 -36.85
N PRO D 623 -65.39 -50.97 -37.58
CA PRO D 623 -64.22 -51.65 -38.15
C PRO D 623 -63.40 -52.36 -37.07
N LYS D 624 -62.85 -53.50 -37.43
CA LYS D 624 -62.17 -54.33 -36.44
C LYS D 624 -60.79 -54.70 -36.95
N TYR D 625 -59.83 -54.68 -36.04
CA TYR D 625 -58.52 -55.25 -36.30
C TYR D 625 -58.67 -56.71 -36.69
N GLY D 626 -57.86 -57.14 -37.63
CA GLY D 626 -57.78 -58.54 -37.99
C GLY D 626 -58.68 -58.94 -39.12
N ASN D 627 -59.05 -58.01 -39.97
CA ASN D 627 -59.91 -58.27 -41.12
C ASN D 627 -59.29 -57.67 -42.37
N ASP D 628 -57.99 -57.37 -42.32
CA ASP D 628 -57.34 -56.66 -43.41
C ASP D 628 -58.09 -55.37 -43.71
N ASP D 629 -58.64 -54.76 -42.65
CA ASP D 629 -59.36 -53.49 -42.73
C ASP D 629 -58.41 -52.37 -42.33
N ASP D 630 -57.96 -51.59 -43.31
CA ASP D 630 -56.97 -50.56 -43.02
C ASP D 630 -57.47 -49.54 -42.01
N TYR D 631 -58.78 -49.31 -41.94
CA TYR D 631 -59.28 -48.33 -40.99
C TYR D 631 -58.90 -48.72 -39.57
N ALA D 632 -59.03 -50.01 -39.26
CA ALA D 632 -58.59 -50.50 -37.96
C ALA D 632 -57.09 -50.79 -37.96
N ASP D 633 -56.55 -51.30 -39.07
CA ASP D 633 -55.16 -51.72 -39.06
C ASP D 633 -54.18 -50.55 -39.00
N GLU D 634 -54.52 -49.40 -39.62
CA GLU D 634 -53.64 -48.25 -39.51
C GLU D 634 -53.58 -47.73 -38.08
N ILE D 635 -54.71 -47.82 -37.37
CA ILE D 635 -54.71 -47.50 -35.96
C ILE D 635 -53.84 -48.48 -35.19
N MET D 636 -53.93 -49.76 -35.52
CA MET D 636 -53.01 -50.72 -34.93
C MET D 636 -51.56 -50.28 -35.13
N GLN D 637 -51.22 -49.87 -36.36
CA GLN D 637 -49.84 -49.50 -36.65
C GLN D 637 -49.42 -48.27 -35.86
N GLU D 638 -50.29 -47.25 -35.81
CA GLU D 638 -50.00 -46.05 -35.04
C GLU D 638 -49.76 -46.41 -33.58
N ILE D 639 -50.57 -47.30 -33.01
CA ILE D 639 -50.36 -47.73 -31.63
C ILE D 639 -49.04 -48.47 -31.52
N PHE D 640 -48.77 -49.37 -32.45
CA PHE D 640 -47.51 -50.10 -32.43
C PHE D 640 -46.33 -49.15 -32.60
N ASN D 641 -46.40 -48.25 -33.56
CA ASN D 641 -45.30 -47.31 -33.76
C ASN D 641 -45.07 -46.45 -32.52
N ALA D 642 -46.15 -45.92 -31.95
CA ALA D 642 -45.98 -45.15 -30.72
C ALA D 642 -45.32 -46.00 -29.66
N TYR D 643 -45.75 -47.24 -29.53
CA TYR D 643 -45.13 -48.12 -28.56
C TYR D 643 -43.67 -48.40 -28.94
N TYR D 644 -43.39 -48.66 -30.21
CA TYR D 644 -42.02 -48.92 -30.64
C TYR D 644 -41.11 -47.74 -30.36
N ASN D 645 -41.52 -46.55 -30.78
CA ASN D 645 -40.69 -45.36 -30.63
C ASN D 645 -40.53 -45.00 -29.16
N GLU D 646 -41.57 -45.22 -28.37
CA GLU D 646 -41.50 -44.84 -26.97
C GLU D 646 -40.47 -45.66 -26.23
N VAL D 647 -40.26 -46.89 -26.64
CA VAL D 647 -39.39 -47.82 -25.91
C VAL D 647 -38.03 -47.98 -26.59
N THR D 648 -38.02 -48.14 -27.92
CA THR D 648 -36.82 -48.61 -28.60
C THR D 648 -35.74 -47.54 -28.66
N GLY D 649 -34.52 -47.93 -28.33
CA GLY D 649 -33.38 -47.05 -28.35
C GLY D 649 -32.98 -46.52 -26.99
N ARG D 650 -33.90 -46.57 -26.01
CA ARG D 650 -33.58 -46.15 -24.67
C ARG D 650 -32.40 -46.97 -24.18
N PRO D 651 -31.39 -46.36 -23.59
CA PRO D 651 -30.21 -47.12 -23.15
C PRO D 651 -30.52 -48.00 -21.94
N THR D 652 -29.86 -49.16 -21.89
CA THR D 652 -29.89 -49.89 -20.65
C THR D 652 -28.68 -49.51 -19.80
N VAL D 653 -28.77 -49.84 -18.52
CA VAL D 653 -27.74 -49.44 -17.58
C VAL D 653 -26.37 -49.98 -17.99
N CYS D 654 -26.33 -51.19 -18.53
CA CYS D 654 -25.06 -51.85 -18.75
C CYS D 654 -24.64 -51.83 -20.23
N GLY D 655 -25.02 -50.79 -20.96
CA GLY D 655 -24.52 -50.52 -22.29
C GLY D 655 -25.32 -51.08 -23.46
N GLY D 656 -26.54 -51.57 -23.23
CA GLY D 656 -27.40 -52.00 -24.31
C GLY D 656 -28.50 -51.01 -24.59
N GLU D 657 -29.52 -51.46 -25.31
CA GLU D 657 -30.65 -50.60 -25.62
C GLU D 657 -31.95 -51.38 -25.42
N TYR D 658 -33.02 -50.64 -25.17
CA TYR D 658 -34.34 -51.23 -25.08
C TYR D 658 -34.88 -51.49 -26.46
N ARG D 659 -35.68 -52.55 -26.56
CA ARG D 659 -36.45 -52.86 -27.76
C ARG D 659 -37.83 -53.35 -27.31
N VAL D 660 -38.67 -53.65 -28.28
CA VAL D 660 -40.10 -53.89 -28.09
C VAL D 660 -40.44 -55.29 -28.57
N ASP D 661 -41.34 -55.97 -27.86
CA ASP D 661 -41.93 -57.21 -28.38
C ASP D 661 -43.37 -57.34 -27.88
N MET D 662 -44.14 -58.22 -28.53
CA MET D 662 -45.59 -58.29 -28.32
C MET D 662 -46.00 -59.72 -27.98
N LEU D 663 -46.13 -60.02 -26.69
CA LEU D 663 -46.54 -61.37 -26.23
C LEU D 663 -47.16 -61.20 -24.85
N PRO D 664 -48.19 -61.96 -24.47
CA PRO D 664 -48.74 -61.82 -23.15
C PRO D 664 -48.69 -62.99 -22.16
N THR D 665 -48.29 -64.19 -22.58
CA THR D 665 -48.40 -65.40 -21.74
C THR D 665 -49.85 -65.44 -21.27
N THR D 666 -50.10 -65.42 -19.97
CA THR D 666 -51.47 -65.34 -19.47
C THR D 666 -51.83 -63.95 -18.99
N CYS D 667 -50.95 -62.98 -19.24
CA CYS D 667 -51.15 -61.65 -18.69
C CYS D 667 -52.31 -60.91 -19.35
N HIS D 668 -52.74 -61.35 -20.52
CA HIS D 668 -53.92 -60.72 -21.11
C HIS D 668 -55.18 -60.99 -20.30
N ILE D 669 -55.22 -62.10 -19.54
CA ILE D 669 -56.32 -62.30 -18.60
C ILE D 669 -56.24 -61.25 -17.49
N TYR D 670 -55.14 -61.27 -16.75
CA TYR D 670 -54.90 -60.32 -15.68
C TYR D 670 -55.10 -58.89 -16.15
N PHE D 671 -54.51 -58.53 -17.29
CA PHE D 671 -54.65 -57.16 -17.75
C PHE D 671 -56.10 -56.84 -18.06
N GLY D 672 -56.89 -57.84 -18.45
CA GLY D 672 -58.31 -57.64 -18.71
C GLY D 672 -59.16 -57.60 -17.45
N GLU D 673 -58.81 -58.46 -16.48
CA GLU D 673 -59.55 -58.54 -15.24
C GLU D 673 -59.60 -57.19 -14.52
N ILE D 674 -58.45 -56.53 -14.41
CA ILE D 674 -58.42 -55.29 -13.65
C ILE D 674 -58.60 -54.09 -14.57
N MET D 675 -59.22 -54.32 -15.72
CA MET D 675 -59.59 -53.26 -16.64
C MET D 675 -61.10 -53.22 -16.77
N GLY D 676 -61.66 -52.03 -16.89
CA GLY D 676 -63.08 -51.89 -17.08
C GLY D 676 -63.49 -52.20 -18.50
N ALA D 677 -64.76 -51.94 -18.79
CA ALA D 677 -65.25 -52.10 -20.15
C ALA D 677 -64.47 -51.18 -21.05
N SER D 678 -64.20 -51.65 -22.25
CA SER D 678 -63.44 -50.86 -23.20
C SER D 678 -64.31 -50.51 -24.39
N PRO D 679 -63.97 -49.42 -25.09
CA PRO D 679 -64.85 -48.92 -26.16
C PRO D 679 -65.10 -49.92 -27.27
N ASN D 680 -64.36 -51.02 -27.34
CA ASN D 680 -64.59 -51.96 -28.41
C ASN D 680 -65.76 -52.90 -28.14
N GLY D 681 -66.34 -52.79 -26.96
CA GLY D 681 -67.45 -53.68 -26.61
C GLY D 681 -66.95 -54.81 -25.75
N ARG D 682 -65.65 -54.83 -25.45
CA ARG D 682 -65.14 -55.84 -24.50
C ARG D 682 -65.76 -55.43 -23.17
N LEU D 683 -66.37 -56.37 -22.47
CA LEU D 683 -67.05 -55.99 -21.21
C LEU D 683 -66.03 -55.86 -20.09
N CYS D 684 -66.50 -55.34 -18.95
CA CYS D 684 -65.66 -55.14 -17.79
C CYS D 684 -65.08 -56.47 -17.31
N ALA D 685 -63.84 -56.44 -16.84
CA ALA D 685 -63.11 -57.58 -16.27
C ALA D 685 -62.84 -58.68 -17.27
N LYS D 686 -63.28 -58.55 -18.49
CA LYS D 686 -63.01 -59.57 -19.47
C LYS D 686 -61.58 -59.42 -20.01
N PRO D 687 -60.93 -60.53 -20.37
CA PRO D 687 -59.53 -60.46 -20.84
C PRO D 687 -59.33 -59.48 -21.99
N VAL D 688 -58.12 -58.97 -22.11
CA VAL D 688 -57.78 -58.19 -23.30
C VAL D 688 -57.31 -59.18 -24.35
N SER D 689 -57.23 -58.72 -25.60
CA SER D 689 -56.79 -59.60 -26.69
C SER D 689 -55.41 -60.16 -26.40
N GLU D 690 -55.20 -61.42 -26.82
CA GLU D 690 -53.94 -62.13 -26.59
C GLU D 690 -52.98 -61.94 -27.77
N GLY D 691 -51.68 -61.87 -27.46
CA GLY D 691 -50.66 -61.64 -28.47
C GLY D 691 -50.99 -60.45 -29.36
N ILE D 692 -50.68 -60.56 -30.64
CA ILE D 692 -51.15 -59.55 -31.58
C ILE D 692 -52.41 -60.06 -32.25
N SER D 693 -53.02 -61.10 -31.65
CA SER D 693 -54.21 -61.74 -32.19
C SER D 693 -55.39 -60.78 -32.14
N PRO D 694 -56.36 -60.96 -33.03
CA PRO D 694 -57.53 -60.09 -33.02
C PRO D 694 -58.32 -60.21 -31.73
N GLU D 695 -59.14 -59.19 -31.47
CA GLU D 695 -60.01 -59.17 -30.31
C GLU D 695 -61.08 -60.27 -30.46
N LYS D 696 -61.65 -60.66 -29.32
CA LYS D 696 -62.79 -61.58 -29.30
C LYS D 696 -63.91 -61.09 -30.21
N GLY D 697 -64.26 -61.95 -31.18
CA GLY D 697 -65.27 -61.64 -32.16
C GLY D 697 -64.90 -60.58 -33.16
N GLY D 698 -63.67 -60.05 -33.13
CA GLY D 698 -63.32 -58.98 -34.03
C GLY D 698 -62.96 -59.43 -35.43
N ASP D 699 -62.38 -60.60 -35.57
CA ASP D 699 -61.97 -61.12 -36.88
C ASP D 699 -63.12 -61.97 -37.42
N THR D 700 -63.81 -61.45 -38.41
CA THR D 700 -64.97 -62.13 -38.96
C THR D 700 -64.78 -62.40 -40.44
N ASN D 701 -63.52 -62.44 -40.92
CA ASN D 701 -63.25 -62.65 -42.33
C ASN D 701 -62.20 -63.72 -42.57
N GLY D 702 -61.93 -64.57 -41.60
CA GLY D 702 -61.06 -65.70 -41.82
C GLY D 702 -59.59 -65.43 -41.57
N PRO D 703 -58.78 -66.48 -41.61
CA PRO D 703 -57.38 -66.35 -41.20
C PRO D 703 -56.52 -65.56 -42.16
N THR D 704 -56.80 -65.59 -43.46
CA THR D 704 -55.96 -64.80 -44.36
C THR D 704 -56.07 -63.31 -44.06
N ALA D 705 -57.28 -62.84 -43.73
CA ALA D 705 -57.41 -61.43 -43.38
C ALA D 705 -56.63 -61.10 -42.11
N VAL D 706 -56.58 -62.02 -41.14
CA VAL D 706 -55.89 -61.62 -39.93
C VAL D 706 -54.39 -61.63 -40.14
N ILE D 707 -53.84 -62.60 -40.90
CA ILE D 707 -52.39 -62.58 -41.05
C ILE D 707 -51.98 -61.36 -41.85
N LYS D 708 -52.82 -60.91 -42.78
CA LYS D 708 -52.53 -59.66 -43.45
C LYS D 708 -52.56 -58.50 -42.49
N SER D 709 -53.55 -58.48 -41.60
CA SER D 709 -53.58 -57.45 -40.57
C SER D 709 -52.33 -57.50 -39.71
N CYS D 710 -51.99 -58.68 -39.20
CA CYS D 710 -50.80 -58.80 -38.36
C CYS D 710 -49.53 -58.43 -39.11
N ALA D 711 -49.49 -58.70 -40.43
CA ALA D 711 -48.31 -58.37 -41.21
C ALA D 711 -48.09 -56.86 -41.30
N LYS D 712 -49.11 -56.06 -41.03
CA LYS D 712 -48.94 -54.61 -41.09
C LYS D 712 -48.15 -54.08 -39.90
N MET D 713 -47.99 -54.87 -38.86
CA MET D 713 -47.09 -54.54 -37.77
C MET D 713 -45.65 -54.82 -38.19
N ASP D 714 -44.75 -53.86 -37.94
CA ASP D 714 -43.37 -53.97 -38.39
C ASP D 714 -42.61 -54.94 -37.48
N HIS D 715 -42.81 -56.23 -37.72
CA HIS D 715 -42.20 -57.25 -36.87
C HIS D 715 -40.69 -57.11 -36.82
N ILE D 716 -40.07 -56.66 -37.90
CA ILE D 716 -38.60 -56.58 -37.90
C ILE D 716 -38.12 -55.59 -36.87
N LYS D 717 -38.89 -54.55 -36.58
CA LYS D 717 -38.47 -53.61 -35.57
C LYS D 717 -38.69 -54.11 -34.15
N THR D 718 -39.10 -55.36 -33.98
CA THR D 718 -39.37 -55.90 -32.66
C THR D 718 -38.43 -57.05 -32.36
N GLY D 719 -38.49 -57.52 -31.12
CA GLY D 719 -37.86 -58.77 -30.77
C GLY D 719 -38.89 -59.87 -30.75
N GLY D 720 -39.95 -59.76 -31.56
CA GLY D 720 -40.90 -60.85 -31.64
C GLY D 720 -42.35 -60.50 -31.35
N THR D 721 -43.27 -61.12 -32.09
CA THR D 721 -44.69 -60.92 -31.91
C THR D 721 -45.38 -62.27 -31.89
N LEU D 722 -46.46 -62.37 -31.12
CA LEU D 722 -47.14 -63.65 -30.91
C LEU D 722 -48.50 -63.59 -31.60
N LEU D 723 -48.71 -64.51 -32.54
CA LEU D 723 -50.00 -64.62 -33.22
C LEU D 723 -50.60 -65.99 -32.93
N ASN D 724 -51.80 -65.99 -32.35
CA ASN D 724 -52.61 -67.19 -32.16
C ASN D 724 -53.62 -67.27 -33.29
N GLN D 725 -53.77 -68.47 -33.87
CA GLN D 725 -54.90 -68.75 -34.75
C GLN D 725 -55.55 -70.07 -34.38
N ARG D 726 -56.85 -70.14 -34.58
CA ARG D 726 -57.61 -71.33 -34.25
C ARG D 726 -58.36 -71.85 -35.47
N PHE D 727 -58.32 -73.17 -35.66
CA PHE D 727 -59.01 -73.75 -36.79
C PHE D 727 -60.08 -74.72 -36.32
N ALA D 728 -61.20 -74.72 -37.04
CA ALA D 728 -62.16 -75.78 -36.86
C ALA D 728 -61.46 -77.10 -37.17
N PRO D 729 -61.60 -78.13 -36.34
CA PRO D 729 -60.87 -79.38 -36.64
C PRO D 729 -61.17 -79.93 -38.02
N SER D 730 -62.37 -79.66 -38.54
CA SER D 730 -62.77 -80.21 -39.84
C SER D 730 -62.00 -79.54 -40.97
N VAL D 731 -61.72 -78.24 -40.86
CA VAL D 731 -61.15 -77.50 -41.98
C VAL D 731 -59.66 -77.72 -42.15
N VAL D 732 -59.02 -78.46 -41.26
CA VAL D 732 -57.61 -78.81 -41.40
C VAL D 732 -57.44 -80.29 -41.73
N GLN D 733 -58.52 -80.97 -42.10
CA GLN D 733 -58.45 -82.41 -42.32
C GLN D 733 -57.73 -82.77 -43.62
N GLY D 734 -57.06 -83.91 -43.59
CA GLY D 734 -56.39 -84.50 -44.73
C GLY D 734 -55.21 -83.69 -45.19
N GLU D 735 -54.95 -83.73 -46.48
CA GLU D 735 -53.76 -83.09 -47.00
C GLU D 735 -54.03 -81.64 -47.33
N LYS D 736 -55.25 -81.36 -47.78
CA LYS D 736 -55.66 -79.98 -48.02
C LYS D 736 -55.52 -79.16 -46.77
N GLY D 737 -55.81 -79.75 -45.61
CA GLY D 737 -55.67 -79.02 -44.36
C GLY D 737 -54.22 -78.70 -44.05
N LEU D 738 -53.34 -79.71 -44.17
CA LEU D 738 -51.92 -79.45 -44.00
C LEU D 738 -51.44 -78.35 -44.95
N ASP D 739 -51.78 -78.46 -46.23
CA ASP D 739 -51.34 -77.47 -47.21
C ASP D 739 -51.88 -76.09 -46.87
N ASN D 740 -53.13 -76.03 -46.37
CA ASN D 740 -53.67 -74.75 -45.98
C ASN D 740 -52.94 -74.19 -44.76
N MET D 741 -52.66 -75.03 -43.77
CA MET D 741 -51.90 -74.57 -42.61
C MET D 741 -50.52 -74.11 -43.03
N ALA D 742 -49.80 -74.97 -43.75
CA ALA D 742 -48.47 -74.60 -44.21
C ALA D 742 -48.53 -73.35 -45.08
N ASN D 743 -49.54 -73.24 -45.94
CA ASN D 743 -49.58 -72.05 -46.79
C ASN D 743 -49.77 -70.80 -45.95
N LEU D 744 -50.64 -70.87 -44.93
CA LEU D 744 -50.87 -69.71 -44.10
C LEU D 744 -49.59 -69.28 -43.40
N VAL D 745 -48.84 -70.26 -42.87
CA VAL D 745 -47.57 -69.95 -42.24
C VAL D 745 -46.67 -69.24 -43.23
N ARG D 746 -46.55 -69.80 -44.44
CA ARG D 746 -45.67 -69.19 -45.43
C ARG D 746 -46.18 -67.88 -45.95
N ALA D 747 -47.50 -67.70 -46.06
CA ALA D 747 -48.01 -66.43 -46.57
C ALA D 747 -47.72 -65.30 -45.59
N TYR D 748 -47.92 -65.58 -44.30
CA TYR D 748 -47.64 -64.63 -43.24
C TYR D 748 -46.15 -64.32 -43.16
N PHE D 749 -45.32 -65.38 -43.17
CA PHE D 749 -43.88 -65.17 -43.08
C PHE D 749 -43.35 -64.48 -44.32
N ASN D 750 -44.03 -64.67 -45.44
CA ASN D 750 -43.61 -63.94 -46.62
C ASN D 750 -43.83 -62.45 -46.47
N MET D 751 -44.77 -62.07 -45.62
CA MET D 751 -45.00 -60.68 -45.28
C MET D 751 -44.17 -60.24 -44.09
N ASP D 752 -43.18 -61.03 -43.72
CA ASP D 752 -42.27 -60.79 -42.62
C ASP D 752 -42.94 -60.92 -41.26
N GLY D 753 -44.11 -61.56 -41.20
CA GLY D 753 -44.68 -61.92 -39.93
C GLY D 753 -43.70 -62.75 -39.12
N HIS D 754 -43.75 -62.57 -37.81
CA HIS D 754 -42.74 -63.17 -36.96
C HIS D 754 -43.10 -64.59 -36.53
N HIS D 755 -44.35 -64.80 -36.15
CA HIS D 755 -44.72 -66.05 -35.51
C HIS D 755 -46.20 -66.28 -35.69
N ILE D 756 -46.58 -67.54 -35.83
CA ILE D 756 -47.97 -67.95 -35.80
C ILE D 756 -48.01 -69.32 -35.16
N GLN D 757 -49.06 -69.58 -34.39
CA GLN D 757 -49.26 -70.88 -33.79
C GLN D 757 -50.75 -71.17 -33.76
N PHE D 758 -51.11 -72.45 -33.69
CA PHE D 758 -52.48 -72.89 -33.94
C PHE D 758 -53.10 -73.66 -32.78
N ASN D 759 -54.37 -73.35 -32.53
CA ASN D 759 -55.29 -74.25 -31.81
C ASN D 759 -56.16 -75.01 -32.81
N VAL D 760 -56.32 -76.31 -32.61
CA VAL D 760 -57.26 -77.10 -33.40
C VAL D 760 -58.07 -77.94 -32.41
N PHE D 761 -59.17 -77.39 -31.90
CA PHE D 761 -59.97 -78.16 -30.95
C PHE D 761 -61.47 -78.06 -31.26
N ASP D 762 -62.20 -79.05 -30.74
CA ASP D 762 -63.66 -79.08 -30.77
C ASP D 762 -64.20 -78.32 -29.55
N LYS D 763 -64.99 -77.27 -29.82
CA LYS D 763 -65.57 -76.47 -28.75
C LYS D 763 -66.21 -77.34 -27.67
N ASN D 764 -66.95 -78.38 -28.08
CA ASN D 764 -67.66 -79.19 -27.10
C ASN D 764 -66.73 -80.01 -26.25
N VAL D 765 -65.58 -80.41 -26.78
CA VAL D 765 -64.62 -81.12 -25.94
C VAL D 765 -64.17 -80.23 -24.80
N LEU D 766 -63.89 -78.96 -25.10
CA LEU D 766 -63.47 -78.04 -24.05
C LEU D 766 -64.62 -77.81 -23.07
N LEU D 767 -65.84 -77.62 -23.58
CA LEU D 767 -66.98 -77.41 -22.70
C LEU D 767 -67.25 -78.62 -21.83
N GLU D 768 -67.14 -79.82 -22.39
CA GLU D 768 -67.28 -81.01 -21.55
C GLU D 768 -66.13 -81.11 -20.56
N ALA D 769 -64.91 -80.74 -21.00
CA ALA D 769 -63.79 -80.74 -20.09
C ALA D 769 -64.05 -79.79 -18.93
N GLN D 770 -64.67 -78.64 -19.21
CA GLN D 770 -65.04 -77.74 -18.12
C GLN D 770 -66.02 -78.40 -17.17
N LYS D 771 -66.99 -79.15 -17.73
CA LYS D 771 -67.99 -79.80 -16.89
C LYS D 771 -67.40 -80.95 -16.09
N ASN D 772 -66.57 -81.78 -16.73
CA ASN D 772 -65.96 -82.95 -16.08
C ASN D 772 -64.46 -82.98 -16.35
N PRO D 773 -63.69 -82.16 -15.63
CA PRO D 773 -62.24 -82.12 -15.86
C PRO D 773 -61.51 -83.43 -15.61
N GLN D 774 -61.99 -84.28 -14.74
CA GLN D 774 -61.31 -85.52 -14.48
C GLN D 774 -61.24 -86.38 -15.69
N ASP D 775 -62.17 -86.17 -16.58
CA ASP D 775 -62.24 -86.98 -17.78
C ASP D 775 -61.28 -86.45 -18.84
N TYR D 776 -60.86 -85.20 -18.71
CA TYR D 776 -60.00 -84.64 -19.73
C TYR D 776 -58.68 -84.12 -19.16
N LYS D 777 -58.02 -84.91 -18.34
CA LYS D 777 -56.77 -84.53 -17.74
C LYS D 777 -55.61 -84.30 -18.68
N ASP D 778 -55.65 -84.90 -19.84
CA ASP D 778 -54.57 -84.73 -20.76
C ASP D 778 -54.91 -83.84 -21.90
N LEU D 779 -55.96 -83.09 -21.77
CA LEU D 779 -56.38 -82.17 -22.82
C LEU D 779 -55.46 -80.95 -22.77
N ILE D 780 -54.77 -80.68 -23.88
CA ILE D 780 -53.77 -79.63 -23.99
C ILE D 780 -54.22 -78.62 -25.03
N VAL D 781 -54.16 -77.35 -24.70
CA VAL D 781 -54.48 -76.33 -25.69
C VAL D 781 -53.30 -75.39 -25.81
N ARG D 782 -53.33 -74.59 -26.88
CA ARG D 782 -52.36 -73.54 -27.08
C ARG D 782 -52.87 -72.28 -26.39
N VAL D 783 -52.06 -71.74 -25.49
CA VAL D 783 -52.43 -70.54 -24.77
C VAL D 783 -51.84 -69.33 -25.49
N ALA D 784 -50.57 -69.01 -25.24
CA ALA D 784 -49.92 -67.88 -25.89
C ALA D 784 -48.41 -68.09 -25.83
N GLY D 785 -47.84 -68.62 -26.89
CA GLY D 785 -46.43 -68.90 -26.87
C GLY D 785 -46.08 -70.20 -26.20
N TYR D 786 -47.08 -70.93 -25.74
CA TYR D 786 -46.85 -72.21 -25.09
C TYR D 786 -48.15 -73.00 -25.09
N SER D 787 -48.00 -74.31 -24.92
CA SER D 787 -49.15 -75.17 -24.74
C SER D 787 -49.28 -75.54 -23.27
N ASP D 788 -50.52 -75.67 -22.81
CA ASP D 788 -50.77 -76.00 -21.42
C ASP D 788 -51.94 -76.96 -21.36
N HIS D 789 -52.03 -77.70 -20.26
CA HIS D 789 -53.20 -78.50 -19.97
C HIS D 789 -54.41 -77.61 -19.71
N PHE D 790 -55.53 -77.90 -20.40
CA PHE D 790 -56.76 -77.12 -20.26
C PHE D 790 -57.20 -77.01 -18.82
N ASN D 791 -56.95 -78.05 -18.00
CA ASN D 791 -57.36 -77.99 -16.61
C ASN D 791 -56.48 -77.06 -15.81
N ASN D 792 -55.30 -76.69 -16.31
CA ASN D 792 -54.46 -75.75 -15.61
C ASN D 792 -54.91 -74.32 -15.82
N LEU D 793 -55.87 -74.09 -16.68
CA LEU D 793 -56.24 -72.73 -17.04
C LEU D 793 -57.44 -72.31 -16.23
N SER D 794 -57.43 -71.06 -15.78
CA SER D 794 -58.58 -70.55 -15.08
C SER D 794 -59.81 -70.61 -15.99
N ARG D 795 -61.00 -70.61 -15.37
CA ARG D 795 -62.23 -70.58 -16.14
C ARG D 795 -62.21 -69.41 -17.13
N THR D 796 -61.76 -68.24 -16.67
CA THR D 796 -61.67 -67.12 -17.57
C THR D 796 -60.72 -67.41 -18.72
N LEU D 797 -59.58 -68.05 -18.42
CA LEU D 797 -58.61 -68.29 -19.49
C LEU D 797 -59.12 -69.35 -20.46
N GLN D 798 -59.71 -70.42 -19.93
CA GLN D 798 -60.35 -71.41 -20.79
C GLN D 798 -61.37 -70.75 -21.70
N ASP D 799 -62.26 -69.93 -21.12
CA ASP D 799 -63.29 -69.29 -21.93
C ASP D 799 -62.68 -68.29 -22.92
N GLU D 800 -61.54 -67.70 -22.57
CA GLU D 800 -60.82 -66.88 -23.54
C GLU D 800 -60.40 -67.74 -24.73
N ILE D 801 -59.80 -68.90 -24.46
CA ILE D 801 -59.40 -69.81 -25.54
C ILE D 801 -60.62 -70.31 -26.30
N ILE D 802 -61.67 -70.74 -25.58
CA ILE D 802 -62.92 -71.16 -26.22
C ILE D 802 -63.48 -70.04 -27.09
N GLY D 803 -63.32 -68.80 -26.64
CA GLY D 803 -63.82 -67.68 -27.41
C GLY D 803 -62.97 -67.28 -28.60
N ARG D 804 -61.79 -67.87 -28.76
CA ARG D 804 -60.97 -67.50 -29.91
C ARG D 804 -61.65 -67.96 -31.21
N THR D 805 -61.53 -67.13 -32.24
CA THR D 805 -62.28 -67.34 -33.48
C THR D 805 -61.94 -68.67 -34.10
N GLU D 806 -62.95 -69.52 -34.29
CA GLU D 806 -62.76 -70.77 -35.00
C GLU D 806 -62.72 -70.43 -36.48
N GLN D 807 -61.51 -70.45 -37.05
CA GLN D 807 -61.32 -70.06 -38.44
C GLN D 807 -61.55 -71.26 -39.33
N THR D 808 -62.02 -70.97 -40.53
CA THR D 808 -62.09 -71.95 -41.59
C THR D 808 -61.25 -71.41 -42.73
N PHE D 809 -60.68 -72.29 -43.53
CA PHE D 809 -59.88 -71.84 -44.66
C PHE D 809 -60.73 -71.44 -45.86
N MET E 21 82.87 45.11 28.80
CA MET E 21 82.38 45.61 30.07
C MET E 21 81.04 46.33 30.03
N ALA E 22 80.68 46.88 28.89
CA ALA E 22 79.42 47.52 28.79
C ALA E 22 78.40 46.44 28.60
N ARG E 23 77.26 46.35 28.71
CA ARG E 23 76.11 45.54 28.42
C ARG E 23 75.67 45.78 26.98
N GLY E 24 75.39 44.49 26.96
CA GLY E 24 75.10 44.25 25.57
C GLY E 24 75.98 43.13 25.07
N THR E 25 75.40 42.11 24.44
CA THR E 25 76.16 40.98 23.95
C THR E 25 76.99 41.36 22.73
N PHE E 26 76.60 42.41 22.02
CA PHE E 26 77.23 42.79 20.77
C PHE E 26 77.68 44.24 20.80
N GLU E 27 78.58 44.57 19.86
CA GLU E 27 79.01 45.95 19.73
C GLU E 27 77.81 46.83 19.49
N ARG E 28 76.96 46.38 18.57
CA ARG E 28 75.76 47.11 18.22
C ARG E 28 74.91 47.38 19.44
N THR E 29 74.56 46.33 20.18
CA THR E 29 73.66 46.49 21.31
C THR E 29 74.34 47.16 22.50
N LYS E 30 75.67 47.06 22.63
CA LYS E 30 76.37 47.85 23.63
C LYS E 30 76.22 49.35 23.37
N LYS E 31 76.37 49.74 22.11
CA LYS E 31 76.25 51.15 21.75
C LYS E 31 74.81 51.64 21.91
N LEU E 32 73.85 50.85 21.42
CA LEU E 32 72.43 51.18 21.55
C LEU E 32 72.01 51.26 23.01
N ARG E 33 72.50 50.34 23.83
CA ARG E 33 72.13 50.37 25.24
C ARG E 33 72.72 51.59 25.92
N GLU E 34 73.95 51.95 25.56
CA GLU E 34 74.60 53.09 26.19
C GLU E 34 73.87 54.37 25.86
N GLU E 35 73.43 54.53 24.61
CA GLU E 35 72.62 55.67 24.24
C GLU E 35 71.31 55.68 25.01
N SER E 36 70.69 54.52 25.16
CA SER E 36 69.44 54.46 25.90
C SER E 36 69.62 54.94 27.32
N ILE E 37 70.64 54.43 28.03
CA ILE E 37 70.76 54.79 29.44
C ILE E 37 71.24 56.22 29.59
N ASN E 38 71.85 56.80 28.55
CA ASN E 38 72.32 58.17 28.61
C ASN E 38 71.30 59.18 28.09
N ALA E 39 70.25 58.72 27.43
CA ALA E 39 69.24 59.63 26.91
C ALA E 39 68.56 60.36 28.06
N GLU E 40 68.53 61.68 27.98
CA GLU E 40 67.89 62.47 29.03
C GLU E 40 66.36 62.45 28.86
N PRO E 41 65.60 62.27 29.94
CA PRO E 41 64.13 62.29 29.84
C PRO E 41 63.65 63.68 29.44
N HIS E 42 62.91 63.75 28.33
CA HIS E 42 62.41 65.04 27.88
C HIS E 42 61.10 64.85 27.13
N ILE E 43 60.37 65.92 26.95
CA ILE E 43 59.12 65.81 26.22
C ILE E 43 59.35 66.19 24.78
N SER E 44 58.72 65.46 23.88
CA SER E 44 58.79 65.75 22.45
C SER E 44 57.44 66.33 22.07
N ILE E 45 57.42 67.64 21.76
CA ILE E 45 56.15 68.32 21.52
C ILE E 45 55.58 68.04 20.15
N GLU E 46 56.32 67.33 19.30
CA GLU E 46 55.92 67.17 17.90
C GLU E 46 54.53 66.55 17.78
N ARG E 47 54.24 65.51 18.57
CA ARG E 47 52.95 64.84 18.47
C ARG E 47 51.81 65.82 18.74
N ALA E 48 51.94 66.60 19.80
CA ALA E 48 50.89 67.57 20.14
C ALA E 48 50.67 68.53 18.99
N VAL E 49 51.75 68.99 18.35
CA VAL E 49 51.61 69.88 17.21
C VAL E 49 50.83 69.19 16.10
N LEU E 50 51.22 67.97 15.78
CA LEU E 50 50.57 67.30 14.66
C LEU E 50 49.11 66.93 14.99
N MET E 51 48.82 66.55 16.24
N MET E 51 48.81 66.65 16.25
CA MET E 51 47.41 66.27 16.56
CA MET E 51 47.44 66.31 16.60
C MET E 51 46.59 67.54 16.49
C MET E 51 46.60 67.55 16.51
N THR E 52 47.18 68.67 16.90
CA THR E 52 46.49 69.94 16.78
C THR E 52 46.22 70.30 15.32
N GLU E 53 47.21 70.09 14.44
CA GLU E 53 46.99 70.34 13.02
C GLU E 53 45.84 69.49 12.51
N ALA E 54 45.83 68.22 12.88
CA ALA E 54 44.84 67.32 12.33
C ALA E 54 43.43 67.67 12.81
N TYR E 55 43.29 68.03 14.09
CA TYR E 55 41.98 68.40 14.62
C TYR E 55 41.48 69.68 13.99
N LYS E 56 42.32 70.72 13.95
CA LYS E 56 41.92 71.98 13.35
C LYS E 56 41.43 71.78 11.92
N LYS E 57 41.89 70.71 11.29
CA LYS E 57 41.47 70.36 9.94
C LYS E 57 40.20 69.52 9.91
N TYR E 58 40.05 68.54 10.82
CA TYR E 58 38.99 67.56 10.72
C TYR E 58 37.91 67.67 11.80
N GLU E 59 38.18 68.30 12.93
CA GLU E 59 37.21 68.30 14.01
C GLU E 59 35.89 68.91 13.57
N GLY E 60 34.78 68.20 13.85
CA GLY E 60 33.48 68.67 13.48
C GLY E 60 33.01 68.21 12.12
N SER E 61 33.88 67.59 11.33
CA SER E 61 33.53 67.16 10.00
C SER E 61 33.33 65.66 9.90
N VAL E 62 33.72 64.91 10.93
CA VAL E 62 33.62 63.46 10.93
C VAL E 62 33.22 63.01 12.32
N GLU E 63 32.75 61.78 12.43
CA GLU E 63 32.53 61.23 13.76
C GLU E 63 33.87 61.09 14.50
N ILE E 64 33.79 61.10 15.84
CA ILE E 64 35.02 61.11 16.65
C ILE E 64 35.96 59.95 16.35
N PRO E 65 35.51 58.70 16.18
CA PRO E 65 36.46 57.64 15.80
C PRO E 65 37.25 57.98 14.55
N VAL E 66 36.56 58.44 13.49
CA VAL E 66 37.27 58.81 12.27
C VAL E 66 38.22 59.97 12.55
N LEU E 67 37.80 60.89 13.42
CA LEU E 67 38.67 62.02 13.77
C LEU E 67 39.95 61.52 14.40
N ARG E 68 39.83 60.61 15.36
CA ARG E 68 41.02 60.04 15.99
C ARG E 68 41.91 59.34 14.98
N ALA E 69 41.32 58.49 14.13
CA ALA E 69 42.14 57.80 13.14
C ALA E 69 42.79 58.78 12.20
N LEU E 70 42.05 59.80 11.75
CA LEU E 70 42.62 60.77 10.83
C LEU E 70 43.73 61.55 11.51
N SER E 71 43.56 61.86 12.79
CA SER E 71 44.60 62.56 13.49
C SER E 71 45.86 61.69 13.61
N PHE E 72 45.66 60.42 13.97
CA PHE E 72 46.77 59.48 14.00
C PHE E 72 47.44 59.37 12.63
N LYS E 73 46.63 59.25 11.57
CA LYS E 73 47.21 59.15 10.24
C LYS E 73 48.05 60.38 9.91
N HIS E 74 47.52 61.57 10.22
CA HIS E 74 48.29 62.79 10.00
C HIS E 74 49.54 62.82 10.85
N TYR E 75 49.46 62.34 12.08
CA TYR E 75 50.65 62.28 12.94
C TYR E 75 51.71 61.38 12.34
N ILE E 76 51.33 60.18 11.93
CA ILE E 76 52.28 59.23 11.35
C ILE E 76 52.85 59.79 10.05
N GLU E 77 52.03 60.51 9.27
CA GLU E 77 52.49 61.02 7.97
C GLU E 77 53.60 62.06 8.12
N ASN E 78 53.59 62.83 9.21
CA ASN E 78 54.43 64.00 9.30
C ASN E 78 55.38 64.00 10.49
N ARG E 79 55.27 63.05 11.40
CA ARG E 79 56.21 63.05 12.51
C ARG E 79 57.62 62.81 11.99
N THR E 80 58.60 63.40 12.67
CA THR E 80 60.00 63.13 12.39
C THR E 80 60.37 61.72 12.82
N LEU E 81 61.11 61.04 11.95
CA LEU E 81 61.58 59.69 12.20
C LEU E 81 63.08 59.70 12.46
N SER E 82 63.52 58.87 13.39
CA SER E 82 64.93 58.73 13.69
C SER E 82 65.31 57.26 13.60
N ILE E 83 66.49 57.01 13.04
CA ILE E 83 67.12 55.70 13.08
C ILE E 83 68.41 55.92 13.85
N ASN E 84 68.45 55.47 15.10
CA ASN E 84 69.62 55.72 15.93
C ASN E 84 70.81 54.90 15.44
N ASP E 85 72.00 55.35 15.83
CA ASP E 85 73.26 54.76 15.39
C ASP E 85 73.30 53.27 15.77
N GLY E 86 73.31 52.40 14.76
CA GLY E 86 73.42 50.96 14.93
C GLY E 86 72.13 50.18 15.09
N GLU E 87 70.96 50.81 14.96
CA GLU E 87 69.71 50.10 15.23
C GLU E 87 69.41 49.05 14.18
N LEU E 88 68.75 47.97 14.61
CA LEU E 88 68.13 47.01 13.71
C LEU E 88 66.61 47.04 13.77
N ILE E 89 66.03 47.30 14.93
CA ILE E 89 64.62 47.55 15.07
C ILE E 89 64.46 49.05 15.25
N VAL E 90 63.56 49.64 14.49
CA VAL E 90 63.46 51.08 14.40
C VAL E 90 62.09 51.57 14.87
N GLY E 91 62.06 52.81 15.34
CA GLY E 91 60.82 53.42 15.76
C GLY E 91 60.93 54.04 17.13
N GLU E 92 60.63 55.33 17.25
CA GLU E 92 60.63 56.01 18.53
C GLU E 92 59.28 56.69 18.68
N LYS E 93 58.72 56.68 19.91
CA LYS E 93 57.49 57.42 20.17
C LYS E 93 57.71 58.91 19.96
N GLY E 94 58.81 59.43 20.52
CA GLY E 94 59.14 60.82 20.46
C GLY E 94 60.26 61.12 19.49
N ASP E 95 60.89 62.28 19.70
CA ASP E 95 61.91 62.81 18.79
C ASP E 95 63.22 62.04 18.87
N SER E 96 63.55 61.54 20.05
CA SER E 96 64.83 60.90 20.32
C SER E 96 64.61 59.93 21.47
N PRO E 97 65.57 59.05 21.74
CA PRO E 97 65.39 58.14 22.88
C PRO E 97 65.07 58.93 24.14
N ASN E 98 64.14 58.38 24.92
CA ASN E 98 63.63 59.00 26.15
C ASN E 98 62.88 60.29 25.89
N GLY E 99 62.42 60.49 24.65
CA GLY E 99 61.56 61.61 24.35
C GLY E 99 60.10 61.21 24.38
N ALA E 100 59.39 61.62 25.42
CA ALA E 100 57.98 61.24 25.56
C ALA E 100 57.08 62.23 24.80
N PRO E 101 56.17 61.75 23.96
CA PRO E 101 55.18 62.65 23.37
C PRO E 101 54.24 63.15 24.45
N THR E 102 53.51 64.22 24.12
CA THR E 102 52.46 64.74 24.97
C THR E 102 51.08 64.38 24.43
N TYR E 103 50.09 64.39 25.33
CA TYR E 103 48.74 63.92 25.01
C TYR E 103 47.67 64.90 25.48
N PRO E 104 47.65 66.12 24.91
CA PRO E 104 46.71 67.14 25.41
C PRO E 104 45.25 66.80 25.15
N GLU E 105 44.93 65.86 24.24
CA GLU E 105 43.56 65.39 24.11
C GLU E 105 43.13 64.62 25.35
N ILE E 106 44.09 64.13 26.11
CA ILE E 106 43.81 63.42 27.35
C ILE E 106 44.06 64.38 28.50
N CYS E 107 45.30 64.81 28.63
CA CYS E 107 45.66 65.79 29.65
C CYS E 107 46.48 66.88 28.98
N CYS E 108 45.93 68.09 28.93
CA CYS E 108 46.65 69.24 28.39
C CYS E 108 47.38 69.92 29.54
N HIS E 109 48.71 69.83 29.54
CA HIS E 109 49.47 70.32 30.69
C HIS E 109 49.35 71.82 30.85
N THR E 110 49.26 72.27 32.10
CA THR E 110 49.44 73.68 32.37
C THR E 110 50.92 74.03 32.24
N MET E 111 51.21 75.33 32.10
CA MET E 111 52.61 75.73 32.12
C MET E 111 53.24 75.37 33.46
N GLU E 112 52.43 75.36 34.52
CA GLU E 112 52.92 74.91 35.82
C GLU E 112 53.33 73.45 35.75
N ASP E 113 52.52 72.62 35.05
CA ASP E 113 52.86 71.21 34.86
C ASP E 113 54.21 71.04 34.18
N LEU E 114 54.44 71.80 33.10
CA LEU E 114 55.73 71.72 32.41
C LEU E 114 56.88 72.16 33.31
N GLU E 115 56.68 73.24 34.07
CA GLU E 115 57.74 73.66 34.98
C GLU E 115 57.97 72.60 36.06
N VAL E 116 56.88 72.08 36.64
CA VAL E 116 57.00 71.09 37.69
C VAL E 116 57.70 69.85 37.15
N MET E 117 57.28 69.38 35.98
CA MET E 117 57.89 68.15 35.49
C MET E 117 59.34 68.35 35.10
N HIS E 118 59.75 69.58 34.79
CA HIS E 118 61.13 69.86 34.40
C HIS E 118 62.07 69.92 35.60
N ASN E 119 61.58 70.38 36.75
CA ASN E 119 62.43 70.65 37.91
C ASN E 119 62.19 69.65 39.03
N ARG E 120 61.36 68.65 38.78
CA ARG E 120 61.09 67.60 39.73
C ARG E 120 62.41 66.93 40.10
N ASP E 121 62.49 66.43 41.33
CA ASP E 121 63.69 65.71 41.72
C ASP E 121 63.77 64.40 40.96
N ILE E 122 62.67 63.64 41.00
CA ILE E 122 62.57 62.30 40.43
C ILE E 122 61.50 62.32 39.34
N ILE E 123 61.70 61.45 38.35
CA ILE E 123 60.77 61.29 37.23
C ILE E 123 60.59 62.65 36.58
N ASN E 124 61.70 63.38 36.42
CA ASN E 124 61.60 64.65 35.74
C ASN E 124 61.61 64.44 34.23
N PHE E 125 61.03 65.38 33.54
CA PHE E 125 61.13 65.43 32.09
C PHE E 125 61.61 66.82 31.75
N SER E 126 62.69 66.87 30.98
CA SER E 126 63.17 68.16 30.50
C SER E 126 62.22 68.66 29.45
N VAL E 127 61.83 69.93 29.58
CA VAL E 127 61.01 70.59 28.58
C VAL E 127 61.91 71.62 27.91
N SER E 128 62.32 71.34 26.68
CA SER E 128 63.17 72.30 25.99
C SER E 128 62.42 73.61 25.83
N GLU E 129 63.17 74.69 25.68
CA GLU E 129 62.53 75.99 25.53
C GLU E 129 61.60 76.00 24.33
N GLU E 130 62.02 75.37 23.22
CA GLU E 130 61.17 75.28 22.04
C GLU E 130 59.85 74.57 22.34
N ALA E 131 59.90 73.52 23.17
CA ALA E 131 58.69 72.79 23.55
C ALA E 131 57.79 73.61 24.47
N ARG E 132 58.37 74.41 25.34
CA ARG E 132 57.60 75.23 26.25
C ARG E 132 56.84 76.26 25.46
N LYS E 133 57.53 76.91 24.54
CA LYS E 133 56.90 77.90 23.68
C LYS E 133 55.75 77.30 22.89
N ILE E 134 56.01 76.19 22.20
CA ILE E 134 54.99 75.57 21.37
C ILE E 134 53.80 75.13 22.20
N HIS E 135 54.04 74.52 23.36
CA HIS E 135 52.90 74.09 24.16
C HIS E 135 52.07 75.28 24.60
N LYS E 136 52.71 76.36 25.02
CA LYS E 136 51.95 77.49 25.54
C LYS E 136 51.13 78.15 24.43
N GLU E 137 51.71 78.28 23.24
CA GLU E 137 51.15 79.12 22.20
C GLU E 137 50.24 78.37 21.26
N GLU E 138 50.53 77.10 20.99
CA GLU E 138 49.73 76.33 20.05
C GLU E 138 48.91 75.25 20.72
N ILE E 139 49.40 74.65 21.80
CA ILE E 139 48.76 73.46 22.36
C ILE E 139 47.71 73.83 23.40
N ILE E 140 48.08 74.60 24.42
CA ILE E 140 47.10 74.96 25.45
C ILE E 140 45.86 75.63 24.85
N PRO E 141 45.99 76.66 24.00
CA PRO E 141 44.78 77.33 23.51
C PRO E 141 43.81 76.40 22.82
N PHE E 142 44.29 75.30 22.24
CA PHE E 142 43.36 74.42 21.56
C PHE E 142 42.82 73.30 22.44
N TRP E 143 43.67 72.75 23.30
CA TRP E 143 43.36 71.50 23.96
C TRP E 143 42.87 71.67 25.39
N LYS E 144 43.06 72.84 25.99
CA LYS E 144 42.66 72.98 27.38
C LYS E 144 41.16 72.78 27.53
N LYS E 145 40.36 73.15 26.54
CA LYS E 145 38.94 72.93 26.68
C LYS E 145 38.50 71.59 26.10
N ARG E 146 39.32 71.00 25.22
CA ARG E 146 38.97 69.72 24.62
C ARG E 146 39.48 68.51 25.39
N GLN E 147 40.44 68.70 26.29
CA GLN E 147 41.05 67.56 26.96
C GLN E 147 40.00 66.76 27.73
N THR E 148 40.10 65.43 27.64
CA THR E 148 39.13 64.59 28.34
C THR E 148 39.21 64.74 29.85
N ARG E 149 40.37 65.14 30.39
CA ARG E 149 40.48 65.25 31.84
C ARG E 149 39.45 66.23 32.38
N ASP E 150 39.27 67.36 31.70
CA ASP E 150 38.26 68.31 32.17
C ASP E 150 36.85 67.76 31.99
N LYS E 151 36.58 67.05 30.87
CA LYS E 151 35.29 66.37 30.74
C LYS E 151 35.03 65.46 31.94
N ILE E 152 36.07 64.76 32.39
CA ILE E 152 35.93 63.84 33.50
C ILE E 152 35.73 64.59 34.80
N ILE E 153 36.64 65.51 35.12
CA ILE E 153 36.60 66.18 36.42
C ILE E 153 35.31 66.96 36.56
N ASN E 154 34.94 67.73 35.54
CA ASN E 154 33.72 68.54 35.59
C ASN E 154 32.46 67.68 35.65
N ALA E 155 32.53 66.41 35.25
CA ALA E 155 31.36 65.54 35.28
C ALA E 155 31.28 64.73 36.57
N MET E 156 32.24 64.88 37.46
CA MET E 156 32.25 64.05 38.66
C MET E 156 31.37 64.62 39.74
N THR E 157 30.88 63.72 40.56
CA THR E 157 30.01 64.06 41.65
C THR E 157 30.79 64.86 42.71
N PRO E 158 30.10 65.67 43.52
CA PRO E 158 30.82 66.30 44.63
C PRO E 158 31.44 65.27 45.57
N GLU E 159 30.69 64.21 45.89
CA GLU E 159 31.21 63.14 46.74
C GLU E 159 32.42 62.47 46.11
N TRP E 160 32.40 62.28 44.78
CA TRP E 160 33.54 61.72 44.06
C TRP E 160 34.73 62.65 44.12
N LEU E 161 34.50 63.95 43.86
CA LEU E 161 35.61 64.88 43.89
C LEU E 161 36.23 64.93 45.28
N ALA E 162 35.39 64.92 46.32
CA ALA E 162 35.90 64.95 47.68
C ALA E 162 36.71 63.69 47.97
N ALA E 163 36.15 62.53 47.62
CA ALA E 163 36.82 61.26 47.86
C ALA E 163 38.15 61.19 47.11
N TYR E 164 38.17 61.62 45.85
CA TYR E 164 39.39 61.60 45.05
C TYR E 164 40.46 62.52 45.65
N GLU E 165 40.07 63.75 46.01
CA GLU E 165 41.04 64.69 46.55
C GLU E 165 41.57 64.21 47.89
N ALA E 166 40.74 63.50 48.65
CA ALA E 166 41.10 62.94 49.95
C ALA E 166 41.92 61.66 49.85
N GLY E 167 42.20 61.18 48.64
CA GLY E 167 42.98 59.96 48.50
C GLY E 167 42.22 58.68 48.77
N MET E 168 40.89 58.69 48.63
CA MET E 168 40.13 57.47 48.79
C MET E 168 40.39 56.53 47.64
N PHE E 169 40.57 57.08 46.46
CA PHE E 169 40.80 56.27 45.28
C PHE E 169 41.52 57.16 44.28
N THR E 170 41.93 56.56 43.17
CA THR E 170 42.52 57.30 42.09
C THR E 170 41.70 57.11 40.84
N GLU E 171 41.99 57.90 39.83
CA GLU E 171 41.27 57.81 38.57
C GLU E 171 42.30 57.58 37.49
N PHE E 172 42.26 56.39 36.90
CA PHE E 172 43.24 56.05 35.89
C PHE E 172 43.10 56.87 34.63
N MET E 173 41.87 57.33 34.32
CA MET E 173 41.65 57.93 33.02
C MET E 173 41.75 59.44 33.06
N GLU E 174 42.26 60.00 34.17
CA GLU E 174 42.42 61.45 34.21
C GLU E 174 43.57 61.93 33.30
N GLN E 175 44.69 61.18 33.23
CA GLN E 175 45.82 61.59 32.40
C GLN E 175 46.26 60.52 31.43
N ARG E 176 45.56 59.39 31.37
CA ARG E 176 45.91 58.33 30.44
C ARG E 176 44.63 57.71 29.92
N ALA E 177 44.71 57.18 28.69
CA ALA E 177 43.59 56.47 28.10
C ALA E 177 43.52 55.06 28.67
N PRO E 178 42.32 54.46 28.71
CA PRO E 178 42.20 53.14 29.35
C PRO E 178 43.30 52.16 28.99
N GLY E 179 43.57 51.99 27.71
CA GLY E 179 44.63 51.12 27.27
C GLY E 179 44.66 49.81 28.02
N HIS E 180 45.79 49.54 28.65
CA HIS E 180 45.94 48.40 29.52
C HIS E 180 45.60 47.11 28.82
N THR E 181 46.08 46.94 27.60
CA THR E 181 45.80 45.70 26.90
C THR E 181 47.07 45.19 26.25
N VAL E 182 46.96 43.99 25.71
CA VAL E 182 48.11 43.23 25.25
C VAL E 182 47.84 42.72 23.86
N CYS E 183 48.88 42.80 23.03
CA CYS E 183 48.80 42.27 21.68
C CYS E 183 48.57 40.79 21.72
N GLY E 184 47.71 40.32 20.84
CA GLY E 184 47.53 38.92 20.58
C GLY E 184 48.39 38.48 19.43
N ASP E 185 47.86 37.58 18.61
CA ASP E 185 48.58 36.97 17.50
C ASP E 185 48.22 37.58 16.16
N THR E 186 47.28 38.54 16.15
CA THR E 186 46.78 39.08 14.89
C THR E 186 47.89 39.71 14.07
N ILE E 187 48.77 40.48 14.71
CA ILE E 187 49.78 41.19 13.94
C ILE E 187 50.85 40.29 13.35
N TYR E 188 50.95 39.02 13.74
CA TYR E 188 51.91 38.12 13.11
C TYR E 188 51.28 37.28 12.02
N LYS E 189 49.95 37.18 12.03
CA LYS E 189 49.18 36.44 11.06
C LYS E 189 48.63 37.33 9.96
N LYS E 190 48.51 38.62 10.22
CA LYS E 190 47.92 39.57 9.31
C LYS E 190 48.73 40.85 9.36
N GLY E 191 48.90 41.47 8.22
CA GLY E 191 49.38 42.83 8.21
C GLY E 191 48.21 43.78 8.24
N PHE E 192 48.53 45.07 8.33
CA PHE E 192 47.45 46.04 8.39
C PHE E 192 46.73 46.20 7.07
N LEU E 193 47.36 45.80 5.96
CA LEU E 193 46.60 45.72 4.72
C LEU E 193 45.55 44.63 4.83
N ASP E 194 45.90 43.53 5.48
CA ASP E 194 44.94 42.45 5.69
C ASP E 194 43.80 42.89 6.59
N LEU E 195 44.12 43.63 7.65
CA LEU E 195 43.08 44.09 8.56
C LEU E 195 42.14 45.05 7.86
N LYS E 196 42.69 45.94 7.03
CA LYS E 196 41.85 46.85 6.24
C LYS E 196 40.93 46.05 5.34
N LYS E 197 41.42 44.95 4.77
CA LYS E 197 40.53 44.11 3.97
C LYS E 197 39.41 43.53 4.83
N ASP E 198 39.73 43.07 6.05
CA ASP E 198 38.70 42.58 6.95
C ASP E 198 37.67 43.66 7.26
N ILE E 199 38.15 44.88 7.51
CA ILE E 199 37.28 45.98 7.85
C ILE E 199 36.37 46.32 6.68
N GLU E 200 36.91 46.30 5.47
CA GLU E 200 36.10 46.60 4.29
C GLU E 200 35.02 45.57 4.09
N ALA E 201 35.33 44.30 4.38
CA ALA E 201 34.32 43.25 4.28
C ALA E 201 33.17 43.48 5.25
N ARG E 202 33.49 43.98 6.44
CA ARG E 202 32.45 44.29 7.43
C ARG E 202 31.58 45.45 6.98
N LEU E 203 32.21 46.54 6.54
CA LEU E 203 31.46 47.70 6.09
C LEU E 203 30.49 47.31 5.01
N LYS E 204 30.94 46.45 4.11
CA LYS E 204 30.12 46.09 2.98
C LYS E 204 28.90 45.27 3.40
N GLU E 205 28.93 44.64 4.58
CA GLU E 205 27.81 43.80 5.02
C GLU E 205 26.92 44.42 6.09
N LEU E 206 27.18 45.67 6.50
CA LEU E 206 26.34 46.32 7.50
C LEU E 206 24.91 46.48 6.98
N ASP E 207 23.94 46.06 7.79
CA ASP E 207 22.51 46.11 7.43
C ASP E 207 21.86 47.33 8.08
N PHE E 208 21.74 48.41 7.32
CA PHE E 208 21.09 49.61 7.83
C PHE E 208 19.58 49.51 7.81
N LEU E 209 19.00 48.45 7.23
CA LEU E 209 17.56 48.26 7.30
C LEU E 209 17.13 47.69 8.66
N ASN E 210 17.85 46.69 9.13
CA ASN E 210 17.45 45.95 10.32
C ASN E 210 18.41 46.07 11.48
N ASP E 211 19.68 46.38 11.24
CA ASP E 211 20.63 46.57 12.31
C ASP E 211 20.63 48.05 12.68
N LEU E 212 19.89 48.38 13.74
CA LEU E 212 19.78 49.77 14.13
C LEU E 212 21.10 50.31 14.63
N ASP E 213 22.07 49.46 14.92
CA ASP E 213 23.37 49.91 15.36
C ASP E 213 24.33 50.10 14.20
N ALA E 214 23.86 49.94 12.97
CA ALA E 214 24.75 49.89 11.80
C ALA E 214 25.59 51.16 11.68
N TYR E 215 25.04 52.31 12.03
CA TYR E 215 25.79 53.56 11.89
C TYR E 215 27.03 53.55 12.77
N ASN E 216 26.86 53.18 14.03
CA ASN E 216 28.00 53.13 14.94
C ASN E 216 29.04 52.12 14.46
N LYS E 217 28.57 51.01 13.89
CA LYS E 217 29.48 50.06 13.29
C LYS E 217 30.26 50.71 12.15
N LYS E 218 29.57 51.45 11.28
CA LYS E 218 30.26 52.07 10.16
C LYS E 218 31.29 53.08 10.67
N ALA E 219 30.94 53.87 11.69
CA ALA E 219 31.86 54.88 12.19
C ALA E 219 33.13 54.25 12.78
N ASP E 220 32.97 53.23 13.62
CA ASP E 220 34.15 52.58 14.19
C ASP E 220 34.95 51.84 13.12
N LEU E 221 34.27 51.15 12.20
CA LEU E 221 34.98 50.44 11.14
C LEU E 221 35.75 51.38 10.23
N GLU E 222 35.12 52.49 9.82
CA GLU E 222 35.80 53.45 8.98
C GLU E 222 37.06 53.97 9.66
N ALA E 223 36.97 54.20 10.97
CA ALA E 223 38.14 54.71 11.70
C ALA E 223 39.24 53.66 11.74
N MET E 224 38.87 52.39 11.97
CA MET E 224 39.84 51.31 11.96
C MET E 224 40.56 51.22 10.62
N ALA E 225 39.82 51.40 9.52
CA ALA E 225 40.44 51.35 8.20
C ALA E 225 41.47 52.44 8.03
N ILE E 226 41.16 53.65 8.50
CA ILE E 226 42.14 54.72 8.44
C ILE E 226 43.35 54.38 9.29
N ALA E 227 43.13 53.76 10.44
CA ALA E 227 44.25 53.34 11.26
C ALA E 227 45.15 52.38 10.49
N CYS E 228 44.55 51.47 9.71
CA CYS E 228 45.35 50.57 8.89
C CYS E 228 46.22 51.36 7.92
N ASP E 229 45.61 52.32 7.21
CA ASP E 229 46.39 53.16 6.31
C ASP E 229 47.55 53.82 7.02
N ALA E 230 47.33 54.28 8.25
CA ALA E 230 48.40 54.93 8.98
C ALA E 230 49.55 53.96 9.25
N MET E 231 49.23 52.72 9.61
CA MET E 231 50.30 51.74 9.84
C MET E 231 51.10 51.49 8.57
N VAL E 232 50.43 51.40 7.43
CA VAL E 232 51.12 51.17 6.15
C VAL E 232 52.11 52.30 5.88
N ILE E 233 51.67 53.53 6.14
CA ILE E 233 52.50 54.70 5.91
C ILE E 233 53.70 54.70 6.85
N LEU E 234 53.51 54.27 8.09
CA LEU E 234 54.62 54.23 9.02
C LEU E 234 55.76 53.38 8.47
N GLY E 235 55.43 52.26 7.82
CA GLY E 235 56.45 51.40 7.25
C GLY E 235 57.15 52.03 6.06
N LYS E 236 56.37 52.59 5.12
CA LYS E 236 56.97 53.24 3.95
C LYS E 236 57.93 54.35 4.37
N ARG E 237 57.53 55.16 5.35
CA ARG E 237 58.36 56.28 5.73
C ARG E 237 59.67 55.83 6.37
N TYR E 238 59.62 54.81 7.22
CA TYR E 238 60.85 54.34 7.84
C TYR E 238 61.74 53.65 6.82
N ALA E 239 61.14 52.90 5.90
CA ALA E 239 61.95 52.31 4.84
C ALA E 239 62.63 53.39 4.02
N GLU E 240 61.88 54.42 3.63
CA GLU E 240 62.45 55.51 2.86
C GLU E 240 63.54 56.22 3.66
N LYS E 241 63.33 56.41 4.96
CA LYS E 241 64.33 57.04 5.80
C LYS E 241 65.58 56.17 5.90
N ALA E 242 65.40 54.85 6.02
CA ALA E 242 66.54 53.96 6.08
C ALA E 242 67.33 54.01 4.77
N ARG E 243 66.62 54.01 3.67
CA ARG E 243 67.24 54.07 2.39
C ARG E 243 67.94 55.35 2.12
N GLN E 244 67.44 56.44 2.66
CA GLN E 244 68.13 57.68 2.44
C GLN E 244 69.37 57.73 3.29
N MET E 245 69.32 57.12 4.45
CA MET E 245 70.45 57.05 5.32
C MET E 245 71.52 56.10 4.75
N ALA E 246 71.12 55.06 4.05
CA ALA E 246 72.09 54.15 3.47
C ALA E 246 72.90 54.84 2.37
N GLU E 247 72.22 55.67 1.56
CA GLU E 247 72.90 56.38 0.46
C GLU E 247 73.98 57.32 0.98
N GLU E 248 73.90 57.74 2.23
CA GLU E 248 74.83 58.70 2.78
C GLU E 248 75.86 58.04 3.69
N GLU E 249 75.72 56.75 3.96
CA GLU E 249 76.58 56.10 4.94
C GLU E 249 77.90 55.68 4.31
N THR E 250 79.02 56.08 4.94
CA THR E 250 80.35 55.75 4.46
C THR E 250 80.89 54.46 5.06
N ASP E 251 80.23 53.97 6.09
CA ASP E 251 80.61 52.78 6.77
C ASP E 251 79.88 51.67 6.14
N GLU E 252 80.54 50.67 5.62
CA GLU E 252 79.87 49.58 4.97
C GLU E 252 78.91 48.80 5.83
N ALA E 253 79.19 48.72 7.10
CA ALA E 253 78.39 47.92 7.96
C ALA E 253 77.07 48.53 8.28
N LYS E 254 77.10 49.81 8.60
CA LYS E 254 75.94 50.59 8.88
C LYS E 254 75.06 50.65 7.68
N LYS E 255 75.65 50.82 6.52
CA LYS E 255 74.90 50.85 5.31
C LYS E 255 74.16 49.56 5.17
N LYS E 256 74.78 48.42 5.49
CA LYS E 256 74.07 47.16 5.35
C LYS E 256 72.94 47.05 6.37
N ASP E 257 73.16 47.56 7.59
CA ASP E 257 72.13 47.61 8.61
C ASP E 257 70.95 48.44 8.16
N LEU E 258 71.22 49.61 7.58
CA LEU E 258 70.17 50.48 7.11
C LEU E 258 69.40 49.82 5.98
N LEU E 259 70.10 49.15 5.08
CA LEU E 259 69.39 48.44 4.03
C LEU E 259 68.53 47.33 4.61
N LEU E 260 68.97 46.71 5.70
CA LEU E 260 68.16 45.67 6.31
C LEU E 260 66.91 46.26 6.96
N ILE E 261 67.05 47.40 7.64
CA ILE E 261 65.88 48.08 8.18
C ILE E 261 64.88 48.37 7.07
N ALA E 262 65.37 48.92 5.95
CA ALA E 262 64.49 49.22 4.82
C ALA E 262 63.76 47.97 4.34
N GLU E 263 64.49 46.87 4.13
CA GLU E 263 63.86 45.64 3.69
C GLU E 263 62.78 45.19 4.67
N THR E 264 63.01 45.38 5.96
CA THR E 264 62.01 45.02 6.95
C THR E 264 60.79 45.90 6.83
N CYS E 265 61.00 47.21 6.71
CA CYS E 265 59.89 48.14 6.66
C CYS E 265 59.10 48.05 5.35
N ASP E 266 59.68 47.44 4.32
CA ASP E 266 58.90 47.08 3.14
C ASP E 266 57.89 45.97 3.43
N VAL E 267 58.10 45.17 4.47
CA VAL E 267 57.17 44.09 4.76
C VAL E 267 56.17 44.57 5.82
N VAL E 268 56.69 44.96 6.98
CA VAL E 268 55.84 45.31 8.12
C VAL E 268 55.84 46.82 8.30
N PRO E 269 54.71 47.42 8.74
CA PRO E 269 53.50 46.69 9.18
C PRO E 269 52.42 46.45 8.13
N ALA E 270 52.70 46.81 6.89
CA ALA E 270 51.67 46.70 5.87
C ALA E 270 51.28 45.26 5.63
N HIS E 271 52.26 44.37 5.63
CA HIS E 271 52.03 42.93 5.45
C HIS E 271 52.40 42.19 6.71
N LYS E 272 51.94 40.95 6.80
CA LYS E 272 52.30 40.12 7.93
C LYS E 272 53.80 39.86 7.90
N PRO E 273 54.44 39.80 9.06
CA PRO E 273 55.86 39.48 9.08
C PRO E 273 56.09 38.09 8.52
N GLU E 274 57.15 37.96 7.74
CA GLU E 274 57.60 36.66 7.28
C GLU E 274 58.81 36.17 8.04
N THR E 275 59.56 37.05 8.68
CA THR E 275 60.76 36.65 9.37
C THR E 275 60.69 37.13 10.81
N TYR E 276 61.51 36.47 11.62
CA TYR E 276 61.68 36.83 13.02
C TYR E 276 62.02 38.30 13.16
N HIS E 277 62.98 38.79 12.37
CA HIS E 277 63.31 40.22 12.39
C HIS E 277 62.07 41.04 12.10
N GLN E 278 61.31 40.64 11.08
CA GLN E 278 60.11 41.37 10.71
C GLN E 278 59.04 41.25 11.79
N ALA E 279 58.93 40.07 12.41
CA ALA E 279 57.95 39.89 13.48
C ALA E 279 58.20 40.88 14.60
N ILE E 280 59.47 41.09 14.93
CA ILE E 280 59.82 42.04 15.99
C ILE E 280 59.57 43.46 15.54
N GLN E 281 59.96 43.80 14.31
CA GLN E 281 59.71 45.15 13.84
C GLN E 281 58.21 45.41 13.72
N MET E 282 57.45 44.41 13.26
CA MET E 282 56.01 44.55 13.23
C MET E 282 55.46 44.88 14.60
N TYR E 283 55.83 44.07 15.61
CA TYR E 283 55.36 44.39 16.95
C TYR E 283 55.74 45.81 17.32
N TRP E 284 57.00 46.18 17.12
CA TRP E 284 57.44 47.48 17.64
C TRP E 284 56.74 48.63 16.96
N PHE E 285 56.44 48.49 15.66
CA PHE E 285 55.64 49.48 14.97
C PHE E 285 54.24 49.58 15.58
N VAL E 286 53.58 48.42 15.73
CA VAL E 286 52.27 48.41 16.37
C VAL E 286 52.39 49.00 17.76
N HIS E 287 53.51 48.76 18.44
CA HIS E 287 53.74 49.37 19.74
C HIS E 287 53.79 50.89 19.63
N ILE E 288 54.58 51.40 18.69
CA ILE E 288 54.68 52.85 18.50
C ILE E 288 53.31 53.42 18.15
N GLY E 289 52.59 52.74 17.27
CA GLY E 289 51.26 53.18 16.91
C GLY E 289 50.31 53.31 18.09
N VAL E 290 50.06 52.20 18.79
CA VAL E 290 49.00 52.23 19.78
C VAL E 290 49.40 53.10 20.96
N THR E 291 50.71 53.26 21.22
CA THR E 291 51.18 54.12 22.31
C THR E 291 51.32 55.57 21.89
N THR E 292 51.27 55.86 20.60
CA THR E 292 51.09 57.23 20.15
C THR E 292 49.66 57.54 19.71
N GLU E 293 48.85 56.51 19.41
CA GLU E 293 47.44 56.75 19.20
C GLU E 293 46.82 57.37 20.44
N LEU E 294 47.16 56.85 21.61
CA LEU E 294 46.68 57.35 22.89
C LEU E 294 47.78 57.06 23.92
N ASN E 295 47.82 57.87 24.96
CA ASN E 295 48.70 57.60 26.08
C ASN E 295 48.06 56.52 26.94
N ILE E 296 48.19 55.28 26.47
CA ILE E 296 47.46 54.15 27.06
C ILE E 296 48.25 53.62 28.25
N TRP E 297 47.53 53.25 29.29
CA TRP E 297 48.18 52.64 30.44
C TRP E 297 48.92 51.38 30.03
N ASP E 298 50.09 51.18 30.66
CA ASP E 298 50.90 49.98 30.43
C ASP E 298 51.36 49.86 28.98
N ALA E 299 51.51 50.99 28.31
CA ALA E 299 52.03 51.08 26.95
C ALA E 299 51.42 50.02 26.06
N PHE E 300 52.25 49.11 25.58
CA PHE E 300 51.81 47.94 24.86
C PHE E 300 52.84 46.85 25.11
N THR E 301 52.44 45.62 24.89
CA THR E 301 53.37 44.53 25.09
C THR E 301 53.04 43.45 24.09
N PRO E 302 54.05 42.74 23.57
CA PRO E 302 53.76 41.59 22.71
C PRO E 302 53.11 40.44 23.45
N GLY E 303 52.97 40.56 24.77
CA GLY E 303 52.40 39.53 25.61
C GLY E 303 53.25 38.29 25.62
N ARG E 304 52.74 37.25 25.00
CA ARG E 304 53.44 35.97 24.89
C ARG E 304 54.45 36.03 23.75
N LEU E 305 55.44 36.93 23.91
CA LEU E 305 56.45 37.15 22.87
C LEU E 305 57.09 35.85 22.43
N ASP E 306 57.37 34.96 23.38
CA ASP E 306 58.05 33.72 22.98
C ASP E 306 57.12 32.84 22.16
N GLN E 307 55.81 32.87 22.42
CA GLN E 307 54.89 32.08 21.60
C GLN E 307 54.81 32.64 20.18
N HIS E 308 54.78 33.95 20.06
CA HIS E 308 54.62 34.56 18.74
C HIS E 308 55.90 34.49 17.92
N LEU E 309 57.05 34.72 18.57
CA LEU E 309 58.30 34.74 17.83
C LEU E 309 58.80 33.35 17.47
N ASN E 310 58.49 32.35 18.29
CA ASN E 310 59.15 31.05 18.10
C ASN E 310 58.94 30.48 16.71
N PRO E 311 57.73 30.44 16.12
CA PRO E 311 57.63 29.91 14.75
C PRO E 311 58.49 30.68 13.76
N PHE E 312 58.69 31.98 13.97
CA PHE E 312 59.58 32.72 13.10
C PHE E 312 61.04 32.32 13.32
N TYR E 313 61.46 32.15 14.56
CA TYR E 313 62.80 31.74 14.85
C TYR E 313 63.12 30.40 14.28
N GLU E 314 62.20 29.46 14.36
CA GLU E 314 62.45 28.18 13.81
C GLU E 314 62.52 28.25 12.30
N ARG E 315 61.63 29.00 11.67
CA ARG E 315 61.66 29.10 10.24
C ARG E 315 62.95 29.72 9.80
N ASP E 316 63.37 30.75 10.51
CA ASP E 316 64.52 31.53 10.08
C ASP E 316 65.83 30.77 10.28
N VAL E 317 66.01 30.06 11.40
CA VAL E 317 67.23 29.28 11.56
C VAL E 317 67.25 28.14 10.56
N GLU E 318 66.09 27.51 10.32
CA GLU E 318 66.01 26.47 9.31
C GLU E 318 66.32 27.01 7.91
N ASN E 319 65.97 28.25 7.64
CA ASN E 319 66.28 28.85 6.35
C ASN E 319 67.62 29.54 6.35
N GLY E 320 68.38 29.44 7.44
CA GLY E 320 69.70 30.02 7.44
C GLY E 320 69.78 31.52 7.36
N ILE E 321 68.70 32.25 7.65
CA ILE E 321 68.79 33.71 7.73
C ILE E 321 68.95 34.19 9.15
N LEU E 322 69.03 33.28 10.12
CA LEU E 322 69.11 33.66 11.51
C LEU E 322 69.77 32.53 12.29
N ASP E 323 70.50 32.91 13.34
CA ASP E 323 70.92 31.95 14.36
C ASP E 323 70.61 32.55 15.73
N ARG E 324 70.97 31.83 16.78
CA ARG E 324 70.60 32.26 18.11
C ARG E 324 71.18 33.62 18.46
N ASP E 325 72.39 33.88 18.04
CA ASP E 325 73.03 35.12 18.39
C ASP E 325 72.45 36.31 17.68
N ARG E 326 72.04 36.11 16.45
CA ARG E 326 71.42 37.09 15.62
C ARG E 326 70.05 37.30 16.19
N ALA E 327 69.40 36.22 16.60
CA ALA E 327 68.10 36.30 17.23
C ALA E 327 68.20 37.00 18.56
N GLN E 328 69.27 36.77 19.29
CA GLN E 328 69.44 37.48 20.55
C GLN E 328 69.79 38.94 20.32
N GLU E 329 70.58 39.23 19.28
CA GLU E 329 70.91 40.62 18.97
C GLU E 329 69.64 41.42 18.68
N LEU E 330 68.74 40.85 17.88
CA LEU E 330 67.48 41.52 17.57
C LEU E 330 66.66 41.79 18.83
N LEU E 331 66.54 40.79 19.70
CA LEU E 331 65.78 41.02 20.93
C LEU E 331 66.46 42.03 21.84
N GLU E 332 67.79 42.09 21.86
CA GLU E 332 68.43 43.11 22.67
C GLU E 332 68.13 44.50 22.12
N CYS E 333 68.05 44.62 20.80
CA CYS E 333 67.62 45.88 20.21
C CYS E 333 66.22 46.24 20.72
N LEU E 334 65.29 45.29 20.61
CA LEU E 334 63.94 45.52 21.09
C LEU E 334 63.95 45.95 22.54
N TRP E 335 64.77 45.28 23.36
CA TRP E 335 64.84 45.68 24.76
C TRP E 335 65.25 47.14 24.89
N VAL E 336 66.23 47.57 24.09
CA VAL E 336 66.62 48.98 24.12
C VAL E 336 65.46 49.86 23.69
N LYS E 337 64.69 49.41 22.69
CA LYS E 337 63.56 50.20 22.22
C LYS E 337 62.55 50.45 23.34
N PHE E 338 62.16 49.39 24.04
CA PHE E 338 61.30 49.55 25.21
C PHE E 338 61.91 50.55 26.17
N ASN E 339 63.21 50.45 26.41
CA ASN E 339 63.83 51.33 27.39
C ASN E 339 63.92 52.76 26.87
N ASN E 340 63.85 52.96 25.56
CA ASN E 340 63.84 54.31 25.01
C ASN E 340 62.51 55.03 25.14
N GLN E 341 61.42 54.34 25.52
CA GLN E 341 60.08 54.91 25.56
C GLN E 341 59.60 55.06 26.99
N PRO E 342 59.81 56.19 27.62
CA PRO E 342 59.26 56.38 28.97
C PRO E 342 57.74 56.46 28.90
N ALA E 343 57.10 56.14 30.01
CA ALA E 343 55.72 56.55 30.22
C ALA E 343 55.63 58.06 30.09
N PRO E 344 54.74 58.59 29.25
CA PRO E 344 54.65 60.05 29.08
C PRO E 344 54.43 60.73 30.43
N PRO E 345 54.81 62.00 30.55
CA PRO E 345 54.85 62.65 31.87
C PRO E 345 53.52 62.61 32.60
N LYS E 346 53.59 62.28 33.87
CA LYS E 346 52.46 62.29 34.79
C LYS E 346 52.62 63.46 35.76
N VAL E 347 51.48 64.01 36.20
CA VAL E 347 51.48 65.04 37.21
C VAL E 347 50.40 64.70 38.22
N GLY E 348 50.32 65.51 39.28
CA GLY E 348 49.28 65.32 40.26
C GLY E 348 49.19 63.89 40.73
N ILE E 349 47.95 63.41 40.87
CA ILE E 349 47.72 62.09 41.48
C ILE E 349 48.33 60.99 40.62
N THR E 350 48.22 61.11 39.29
CA THR E 350 48.72 60.06 38.39
C THR E 350 50.21 59.83 38.58
N LEU E 351 50.98 60.88 38.84
CA LEU E 351 52.39 60.65 39.15
C LEU E 351 52.57 59.97 40.49
N LYS E 352 51.83 60.40 41.50
CA LYS E 352 51.94 59.78 42.82
C LYS E 352 51.65 58.29 42.74
N GLU E 353 50.64 57.90 41.95
CA GLU E 353 50.23 56.51 41.89
C GLU E 353 51.12 55.69 40.95
N SER E 354 51.88 56.34 40.08
CA SER E 354 52.69 55.63 39.10
C SER E 354 53.98 56.42 38.88
N SER E 355 54.77 56.57 39.94
CA SER E 355 55.95 57.44 39.94
C SER E 355 57.14 56.70 39.33
N THR E 356 57.12 56.58 38.01
CA THR E 356 58.12 55.82 37.27
C THR E 356 58.12 56.30 35.84
N TYR E 357 59.29 56.18 35.20
CA TYR E 357 59.39 56.34 33.75
C TYR E 357 58.93 55.09 33.02
N THR E 358 58.93 53.94 33.68
CA THR E 358 58.57 52.71 32.98
C THR E 358 57.09 52.71 32.60
N ASP E 359 56.79 52.03 31.51
CA ASP E 359 55.40 51.97 31.05
C ASP E 359 54.86 50.55 31.10
N PHE E 360 55.44 49.69 31.92
CA PHE E 360 54.85 48.41 32.27
C PHE E 360 54.50 47.60 31.03
N ALA E 361 55.44 47.59 30.08
CA ALA E 361 55.32 46.71 28.90
C ALA E 361 55.67 45.32 29.40
N ASN E 362 54.64 44.59 29.81
CA ASN E 362 54.81 43.34 30.53
C ASN E 362 54.84 42.20 29.55
N ILE E 363 55.99 41.57 29.42
CA ILE E 363 56.17 40.42 28.56
C ILE E 363 56.05 39.17 29.41
N ASN E 364 55.33 38.17 28.90
CA ASN E 364 55.10 36.91 29.59
C ASN E 364 55.83 35.80 28.83
N THR E 365 56.94 35.33 29.38
CA THR E 365 57.74 34.29 28.76
C THR E 365 57.50 32.97 29.47
N GLY E 366 57.41 31.90 28.70
CA GLY E 366 57.14 30.60 29.25
C GLY E 366 55.69 30.18 29.13
N GLY E 367 55.04 29.94 30.26
CA GLY E 367 53.63 29.61 30.33
C GLY E 367 53.28 28.48 29.39
N ILE E 368 52.07 28.54 28.88
CA ILE E 368 51.55 27.50 28.01
C ILE E 368 51.34 28.07 26.61
N ASN E 369 51.27 27.17 25.64
CA ASN E 369 50.96 27.50 24.26
C ASN E 369 49.45 27.48 24.04
N PRO E 370 48.95 27.92 22.88
CA PRO E 370 47.49 27.92 22.67
C PRO E 370 46.81 26.59 22.97
N ASP E 371 47.51 25.47 22.83
CA ASP E 371 46.90 24.19 23.14
C ASP E 371 47.00 23.82 24.61
N GLY E 372 47.57 24.68 25.44
CA GLY E 372 47.63 24.40 26.86
C GLY E 372 48.81 23.57 27.29
N GLN E 373 49.71 23.24 26.37
CA GLN E 373 50.92 22.51 26.72
C GLN E 373 52.01 23.49 27.10
N ASP E 374 53.08 22.95 27.68
CA ASP E 374 54.24 23.73 28.04
C ASP E 374 54.67 24.67 26.91
N GLY E 375 54.79 25.96 27.22
CA GLY E 375 55.12 26.93 26.19
C GLY E 375 56.57 27.29 26.06
N VAL E 376 57.42 26.82 26.97
CA VAL E 376 58.84 27.17 26.91
C VAL E 376 59.46 26.66 25.63
N ASN E 377 60.10 27.55 24.89
CA ASN E 377 60.74 27.19 23.64
C ASN E 377 62.09 27.89 23.59
N GLU E 378 62.78 27.81 22.45
CA GLU E 378 64.10 28.42 22.37
C GLU E 378 64.04 29.93 22.54
N VAL E 379 63.00 30.58 22.00
CA VAL E 379 62.92 32.03 22.17
C VAL E 379 62.78 32.39 23.63
N SER E 380 62.07 31.55 24.40
CA SER E 380 61.90 31.79 25.83
C SER E 380 63.23 31.95 26.52
N TYR E 381 64.22 31.12 26.17
CA TYR E 381 65.53 31.25 26.80
C TYR E 381 66.33 32.39 26.22
N ILE E 382 66.19 32.65 24.92
CA ILE E 382 66.85 33.81 24.35
C ILE E 382 66.39 35.05 25.09
N ILE E 383 65.07 35.15 25.32
CA ILE E 383 64.51 36.31 26.03
C ILE E 383 65.12 36.41 27.43
N LEU E 384 65.22 35.28 28.13
CA LEU E 384 65.88 35.29 29.42
C LEU E 384 67.31 35.80 29.28
N ASP E 385 68.02 35.38 28.21
CA ASP E 385 69.38 35.86 28.01
C ASP E 385 69.43 37.36 27.76
N VAL E 386 68.52 37.90 26.92
CA VAL E 386 68.64 39.31 26.62
C VAL E 386 68.30 40.15 27.86
N MET E 387 67.24 39.78 28.59
CA MET E 387 66.91 40.55 29.79
C MET E 387 68.02 40.44 30.82
N ASP E 388 68.63 39.25 30.92
CA ASP E 388 69.79 39.07 31.76
C ASP E 388 70.93 39.99 31.33
N GLU E 389 71.27 39.98 30.05
CA GLU E 389 72.37 40.80 29.56
C GLU E 389 72.05 42.29 29.67
N MET E 390 70.85 42.69 29.23
CA MET E 390 70.56 44.11 29.05
C MET E 390 70.36 44.85 30.36
N LYS E 391 69.89 44.15 31.39
CA LYS E 391 69.57 44.75 32.68
C LYS E 391 68.84 46.10 32.48
N LEU E 392 67.75 46.05 31.73
CA LEU E 392 66.92 47.23 31.46
C LEU E 392 65.59 47.11 32.20
N ILE E 393 65.22 48.17 32.92
CA ILE E 393 63.96 48.13 33.65
C ILE E 393 62.75 48.17 32.71
N GLN E 394 62.96 48.53 31.45
CA GLN E 394 61.99 48.33 30.40
C GLN E 394 62.58 47.47 29.30
N PRO E 395 61.86 46.48 28.77
CA PRO E 395 60.49 46.17 29.16
C PRO E 395 60.44 45.47 30.49
N SER E 396 59.24 45.23 31.01
CA SER E 396 59.03 44.40 32.18
C SER E 396 59.01 42.95 31.68
N SER E 397 60.18 42.32 31.71
CA SER E 397 60.34 40.96 31.21
C SER E 397 60.06 39.97 32.33
N ASN E 398 58.94 39.26 32.22
CA ASN E 398 58.52 38.35 33.27
C ASN E 398 58.27 36.96 32.71
N VAL E 399 58.06 36.00 33.61
CA VAL E 399 57.89 34.61 33.23
C VAL E 399 56.53 34.14 33.74
N GLN E 400 55.87 33.33 32.93
CA GLN E 400 54.70 32.59 33.34
C GLN E 400 55.19 31.19 33.66
N ILE E 401 54.92 30.75 34.89
CA ILE E 401 55.30 29.43 35.35
C ILE E 401 54.04 28.59 35.42
N SER E 402 54.03 27.53 34.65
CA SER E 402 52.98 26.52 34.71
C SER E 402 53.48 25.31 35.47
N LYS E 403 52.52 24.52 35.95
CA LYS E 403 52.85 23.19 36.42
C LYS E 403 53.51 22.36 35.31
N LYS E 404 53.38 22.80 34.05
CA LYS E 404 53.99 22.19 32.88
C LYS E 404 55.34 22.80 32.50
N THR E 405 55.77 23.84 33.20
CA THR E 405 57.00 24.53 32.83
C THR E 405 58.21 23.69 33.22
N PRO E 406 59.19 23.49 32.33
CA PRO E 406 60.41 22.79 32.73
C PRO E 406 61.15 23.53 33.83
N GLN E 407 61.65 22.75 34.80
CA GLN E 407 62.36 23.34 35.92
C GLN E 407 63.56 24.16 35.48
N LYS E 408 64.19 23.77 34.37
CA LYS E 408 65.34 24.52 33.87
C LYS E 408 64.95 25.97 33.64
N PHE E 409 63.78 26.20 33.03
CA PHE E 409 63.35 27.56 32.73
C PHE E 409 63.05 28.35 33.99
N LEU E 410 62.37 27.74 34.98
CA LEU E 410 62.12 28.42 36.23
C LEU E 410 63.41 28.79 36.94
N LYS E 411 64.37 27.86 36.95
CA LYS E 411 65.67 28.12 37.59
C LYS E 411 66.45 29.21 36.85
N ARG E 412 66.43 29.17 35.51
CA ARG E 412 67.06 30.25 34.78
C ARG E 412 66.42 31.58 35.13
N ALA E 413 65.09 31.58 35.28
CA ALA E 413 64.39 32.80 35.68
C ALA E 413 64.80 33.23 37.09
N CYS E 414 64.89 32.28 38.01
CA CYS E 414 65.36 32.58 39.36
C CYS E 414 66.81 33.06 39.34
N GLU E 415 67.62 32.50 38.43
CA GLU E 415 69.01 32.94 38.30
C GLU E 415 69.09 34.44 38.00
N ILE E 416 68.23 34.92 37.10
CA ILE E 416 68.21 36.36 36.80
C ILE E 416 67.57 37.11 37.95
N SER E 417 66.48 36.58 38.51
CA SER E 417 65.81 37.27 39.62
C SER E 417 66.77 37.45 40.77
N ARG E 418 67.57 36.42 41.07
CA ARG E 418 68.47 36.52 42.21
C ARG E 418 69.57 37.55 42.00
N LYS E 419 69.83 37.99 40.76
CA LYS E 419 70.81 39.07 40.61
C LYS E 419 70.33 40.39 41.21
N GLY E 420 69.07 40.47 41.61
CA GLY E 420 68.62 41.51 42.52
C GLY E 420 68.11 42.77 41.90
N TRP E 421 67.85 42.79 40.59
CA TRP E 421 67.20 43.95 40.01
C TRP E 421 65.74 43.69 39.70
N GLY E 422 65.13 42.77 40.43
CA GLY E 422 63.68 42.61 40.38
C GLY E 422 63.11 41.69 39.33
N GLN E 423 63.54 41.86 38.08
CA GLN E 423 63.04 41.02 37.02
C GLN E 423 63.75 39.67 37.02
N PRO E 424 63.06 38.60 36.59
CA PRO E 424 61.65 38.62 36.22
C PRO E 424 60.70 38.37 37.41
N ALA E 425 59.46 38.84 37.25
CA ALA E 425 58.40 38.42 38.12
C ALA E 425 57.85 37.09 37.64
N PHE E 426 57.18 36.39 38.55
CA PHE E 426 56.68 35.05 38.32
C PHE E 426 55.16 35.05 38.38
N TYR E 427 54.54 34.51 37.35
CA TYR E 427 53.09 34.44 37.25
C TYR E 427 52.63 33.00 37.09
N ASN E 428 51.53 32.66 37.77
CA ASN E 428 51.00 31.31 37.79
C ASN E 428 50.06 31.10 36.61
N THR E 429 50.52 30.35 35.61
CA THR E 429 49.72 30.11 34.42
C THR E 429 48.36 29.48 34.73
N GLU E 430 48.32 28.50 35.62
CA GLU E 430 47.04 27.85 35.92
C GLU E 430 46.12 28.82 36.65
N ALA E 431 46.67 29.68 37.49
CA ALA E 431 45.87 30.70 38.14
C ALA E 431 45.26 31.63 37.10
N ILE E 432 46.11 32.11 36.19
CA ILE E 432 45.69 32.99 35.10
C ILE E 432 44.54 32.33 34.34
N VAL E 433 44.71 31.08 33.93
CA VAL E 433 43.67 30.40 33.17
C VAL E 433 42.40 30.30 34.00
N GLN E 434 42.53 29.91 35.27
CA GLN E 434 41.33 29.76 36.08
C GLN E 434 40.64 31.10 36.31
N GLU E 435 41.41 32.15 36.60
CA GLU E 435 40.85 33.49 36.75
C GLU E 435 40.08 33.91 35.49
N LEU E 436 40.71 33.74 34.33
CA LEU E 436 40.07 34.12 33.08
C LEU E 436 38.74 33.39 32.90
N MET E 437 38.73 32.08 33.16
CA MET E 437 37.51 31.32 32.97
C MET E 437 36.45 31.76 33.96
N GLU E 438 36.86 32.07 35.20
CA GLU E 438 35.93 32.60 36.19
C GLU E 438 35.30 33.90 35.71
N ALA E 439 36.07 34.69 34.97
CA ALA E 439 35.57 35.93 34.40
C ALA E 439 34.75 35.70 33.16
N GLY E 440 34.62 34.45 32.72
CA GLY E 440 33.82 34.13 31.56
C GLY E 440 34.61 33.80 30.31
N LYS E 441 35.94 33.77 30.37
CA LYS E 441 36.71 33.37 29.19
C LYS E 441 36.53 31.89 28.91
N THR E 442 36.46 31.54 27.63
CA THR E 442 36.51 30.13 27.28
C THR E 442 37.92 29.60 27.58
N ILE E 443 38.01 28.28 27.77
CA ILE E 443 39.32 27.70 28.00
C ILE E 443 40.22 27.99 26.80
N GLU E 444 39.64 27.97 25.60
CA GLU E 444 40.42 28.26 24.41
C GLU E 444 41.06 29.64 24.47
N ASP E 445 40.29 30.65 24.88
CA ASP E 445 40.84 32.01 24.93
C ASP E 445 41.72 32.23 26.16
N ALA E 446 41.42 31.57 27.28
CA ALA E 446 42.24 31.70 28.48
C ALA E 446 43.68 31.26 28.22
N ARG E 447 43.85 30.21 27.40
CA ARG E 447 45.18 29.70 27.09
C ARG E 447 46.05 30.73 26.38
N LEU E 448 45.44 31.72 25.74
CA LEU E 448 46.18 32.82 25.13
C LEU E 448 46.45 33.94 26.11
N GLY E 449 45.99 33.82 27.35
CA GLY E 449 46.04 34.92 28.28
C GLY E 449 47.33 34.99 29.06
N GLY E 450 47.32 35.88 30.05
CA GLY E 450 48.47 36.06 30.90
C GLY E 450 48.25 37.32 31.71
N THR E 451 49.34 37.91 32.15
CA THR E 451 49.28 39.12 32.94
C THR E 451 50.01 40.23 32.20
N SER E 452 49.57 41.46 32.44
CA SER E 452 50.21 42.65 31.91
C SER E 452 50.25 43.71 32.99
N GLY E 453 50.84 44.84 32.66
CA GLY E 453 51.08 45.85 33.67
C GLY E 453 51.89 45.23 34.78
N CYS E 454 51.36 45.34 35.99
CA CYS E 454 52.03 44.72 37.14
C CYS E 454 51.68 43.26 37.24
N VAL E 455 50.39 42.94 37.43
CA VAL E 455 49.97 41.57 37.66
C VAL E 455 48.62 41.29 37.01
N GLU E 456 48.17 42.20 36.16
CA GLU E 456 46.76 42.21 35.77
C GLU E 456 46.46 41.12 34.76
N THR E 457 45.52 40.25 35.13
CA THR E 457 45.12 39.17 34.26
C THR E 457 44.24 39.66 33.12
N GLY E 458 44.51 39.17 31.93
CA GLY E 458 43.71 39.52 30.78
C GLY E 458 43.82 38.45 29.73
N CYS E 459 42.86 38.43 28.83
CA CYS E 459 42.88 37.55 27.67
C CYS E 459 43.50 38.34 26.52
N PHE E 460 44.80 38.11 26.26
CA PHE E 460 45.58 38.93 25.35
C PHE E 460 44.98 38.99 23.95
N GLY E 461 44.85 40.20 23.42
CA GLY E 461 44.31 40.39 22.09
C GLY E 461 42.80 40.23 21.98
N LYS E 462 42.13 39.90 23.08
CA LYS E 462 40.70 39.64 23.02
C LYS E 462 39.98 40.35 24.15
N GLU E 463 40.65 41.20 24.90
CA GLU E 463 40.01 41.72 26.09
C GLU E 463 40.40 43.16 26.33
N ALA E 464 39.39 43.96 26.68
CA ALA E 464 39.59 45.22 27.36
C ALA E 464 39.36 44.94 28.84
N TYR E 465 40.44 44.92 29.59
CA TYR E 465 40.40 44.80 31.03
C TYR E 465 41.01 46.09 31.52
N VAL E 466 40.13 47.03 31.79
CA VAL E 466 40.53 48.39 32.07
C VAL E 466 40.64 48.55 33.58
N LEU E 467 41.77 49.05 34.03
CA LEU E 467 41.93 49.45 35.42
C LEU E 467 41.41 50.87 35.57
N THR E 468 40.59 51.10 36.59
CA THR E 468 40.00 52.42 36.76
C THR E 468 40.61 53.18 37.91
N GLY E 469 41.35 52.54 38.77
CA GLY E 469 42.01 53.28 39.83
C GLY E 469 42.21 52.43 41.06
N TYR E 470 43.12 52.88 41.89
CA TYR E 470 43.39 52.22 43.14
C TYR E 470 42.32 52.60 44.14
N MET E 471 41.97 51.66 45.00
CA MET E 471 40.98 51.88 46.05
C MET E 471 41.72 51.80 47.37
N ASN E 472 41.62 52.86 48.16
CA ASN E 472 42.33 52.94 49.42
C ASN E 472 41.49 52.20 50.48
N ILE E 473 41.56 50.87 50.43
CA ILE E 473 40.76 50.08 51.38
C ILE E 473 41.09 50.45 52.81
N PRO E 474 42.34 50.64 53.21
CA PRO E 474 42.58 51.06 54.61
C PRO E 474 41.92 52.37 54.96
N LYS E 475 41.87 53.34 54.03
CA LYS E 475 41.23 54.60 54.39
C LYS E 475 39.72 54.44 54.51
N ILE E 476 39.12 53.46 53.82
CA ILE E 476 37.71 53.18 54.05
C ILE E 476 37.50 52.71 55.49
N LEU E 477 38.40 51.86 56.00
CA LEU E 477 38.33 51.52 57.43
C LEU E 477 38.54 52.76 58.29
N GLU E 478 39.47 53.62 57.88
CA GLU E 478 39.68 54.87 58.60
C GLU E 478 38.39 55.67 58.67
N LEU E 479 37.70 55.79 57.53
CA LEU E 479 36.40 56.45 57.52
C LEU E 479 35.42 55.74 58.44
N THR E 480 35.32 54.42 58.34
CA THR E 480 34.40 53.68 59.20
C THR E 480 34.63 54.00 60.66
N LEU E 481 35.90 53.97 61.08
CA LEU E 481 36.22 54.24 62.48
C LEU E 481 35.95 55.68 62.86
N ASN E 482 35.79 56.57 61.87
CA ASN E 482 35.45 57.96 62.10
C ASN E 482 34.05 58.29 61.60
N ASN E 483 33.18 57.28 61.52
CA ASN E 483 31.77 57.50 61.14
C ASN E 483 31.66 58.30 59.85
N GLY E 484 32.48 57.94 58.86
CA GLY E 484 32.50 58.58 57.56
C GLY E 484 33.36 59.80 57.45
N TYR E 485 33.89 60.31 58.56
CA TYR E 485 34.75 61.49 58.55
C TYR E 485 36.20 61.12 58.22
N ASP E 486 36.87 61.97 57.43
CA ASP E 486 38.28 61.78 57.12
C ASP E 486 39.18 62.63 58.03
N PRO E 487 39.95 62.03 58.94
CA PRO E 487 40.79 62.83 59.86
C PRO E 487 41.90 63.61 59.19
N ILE E 488 42.26 63.30 57.94
CA ILE E 488 43.39 63.98 57.31
C ILE E 488 42.90 65.22 56.57
N SER E 489 41.99 65.04 55.62
CA SER E 489 41.41 66.17 54.91
C SER E 489 40.34 66.91 55.72
N LYS E 490 39.87 66.32 56.83
CA LYS E 490 38.90 66.96 57.72
C LYS E 490 37.56 67.29 57.02
N LYS E 491 37.10 66.36 56.17
CA LYS E 491 35.79 66.44 55.51
C LYS E 491 35.03 65.14 55.76
N GLN E 492 33.72 65.18 55.51
CA GLN E 492 32.90 63.97 55.63
C GLN E 492 32.90 63.24 54.29
N ILE E 493 33.93 62.44 54.09
CA ILE E 493 34.10 61.75 52.81
C ILE E 493 33.17 60.55 52.72
N GLY E 494 33.05 59.78 53.81
CA GLY E 494 32.17 58.63 53.84
C GLY E 494 30.79 58.99 54.33
N ILE E 495 30.06 57.96 54.78
CA ILE E 495 28.70 58.11 55.27
C ILE E 495 28.68 57.79 56.77
N GLU E 496 27.53 58.05 57.40
CA GLU E 496 27.39 57.79 58.83
C GLU E 496 26.96 56.36 59.01
N THR E 497 27.93 55.49 59.21
CA THR E 497 27.65 54.10 59.52
C THR E 497 27.62 53.85 61.02
N GLY E 498 27.81 54.89 61.81
CA GLY E 498 27.71 54.77 63.25
C GLY E 498 28.99 55.13 63.98
N ASP E 499 28.86 55.58 65.22
CA ASP E 499 30.01 55.76 66.10
C ASP E 499 30.52 54.36 66.46
N PRO E 500 31.73 53.98 66.06
CA PRO E 500 32.18 52.61 66.34
C PRO E 500 32.26 52.29 67.81
N ARG E 501 32.31 53.31 68.67
CA ARG E 501 32.32 53.05 70.09
C ARG E 501 31.07 52.31 70.54
N ASN E 502 29.97 52.42 69.79
CA ASN E 502 28.72 51.77 70.16
C ASN E 502 28.59 50.35 69.61
N PHE E 503 29.52 49.91 68.76
CA PHE E 503 29.41 48.59 68.15
C PHE E 503 29.60 47.51 69.19
N GLN E 504 28.59 46.66 69.33
CA GLN E 504 28.63 45.62 70.35
C GLN E 504 29.38 44.39 69.90
N SER E 505 29.76 44.32 68.63
CA SER E 505 30.50 43.17 68.14
C SER E 505 31.42 43.60 67.02
N TYR E 506 32.41 42.76 66.74
CA TYR E 506 33.22 42.97 65.55
C TYR E 506 32.37 42.87 64.28
N GLU E 507 31.43 41.91 64.26
CA GLU E 507 30.58 41.72 63.09
C GLU E 507 29.84 43.00 62.75
N GLU E 508 29.34 43.69 63.76
CA GLU E 508 28.68 44.97 63.54
C GLU E 508 29.65 46.01 62.98
N LEU E 509 30.89 46.05 63.47
CA LEU E 509 31.90 46.95 62.90
C LEU E 509 32.19 46.58 61.46
N PHE E 510 32.29 45.29 61.17
CA PHE E 510 32.54 44.90 59.79
C PHE E 510 31.34 45.23 58.89
N GLU E 511 30.11 45.12 59.42
CA GLU E 511 28.96 45.60 58.67
C GLU E 511 29.07 47.09 58.40
N ALA E 512 29.52 47.86 59.39
CA ALA E 512 29.72 49.30 59.16
C ALA E 512 30.78 49.53 58.10
N PHE E 513 31.86 48.74 58.12
CA PHE E 513 32.90 48.90 57.13
C PHE E 513 32.39 48.51 55.75
N LYS E 514 31.61 47.43 55.68
CA LYS E 514 31.05 47.05 54.39
C LYS E 514 30.14 48.13 53.84
N LYS E 515 29.39 48.80 54.72
CA LYS E 515 28.55 49.89 54.23
C LYS E 515 29.39 51.03 53.72
N GLN E 516 30.48 51.35 54.40
CA GLN E 516 31.44 52.35 53.92
C GLN E 516 32.09 51.92 52.63
N LEU E 517 32.45 50.65 52.52
CA LEU E 517 33.00 50.15 51.27
C LEU E 517 31.99 50.30 50.15
N HIS E 518 30.73 49.89 50.42
CA HIS E 518 29.64 49.99 49.45
C HIS E 518 29.45 51.43 49.00
N TYR E 519 29.42 52.36 49.94
CA TYR E 519 29.28 53.75 49.57
C TYR E 519 30.45 54.20 48.71
N MET E 520 31.69 53.90 49.15
CA MET E 520 32.86 54.39 48.42
C MET E 520 32.96 53.75 47.06
N ILE E 521 32.69 52.44 46.98
CA ILE E 521 32.69 51.76 45.69
C ILE E 521 31.57 52.30 44.82
N ASP E 522 30.41 52.58 45.41
CA ASP E 522 29.32 53.17 44.63
C ASP E 522 29.76 54.49 44.00
N ILE E 523 30.40 55.35 44.79
CA ILE E 523 30.91 56.60 44.25
C ILE E 523 31.87 56.33 43.10
N LYS E 524 32.81 55.40 43.31
CA LYS E 524 33.80 55.13 42.28
C LYS E 524 33.14 54.58 41.01
N ILE E 525 32.24 53.61 41.17
CA ILE E 525 31.61 53.02 39.99
C ILE E 525 30.80 54.09 39.26
N GLU E 526 30.11 54.94 40.01
CA GLU E 526 29.35 56.02 39.41
C GLU E 526 30.25 56.92 38.59
N GLY E 527 31.36 57.37 39.19
CA GLY E 527 32.33 58.15 38.44
C GLY E 527 32.92 57.38 37.29
N ASN E 528 33.20 56.08 37.50
CA ASN E 528 33.75 55.26 36.43
C ASN E 528 32.80 55.14 35.26
N ALA E 529 31.50 54.96 35.56
CA ALA E 529 30.53 54.80 34.48
C ALA E 529 30.54 56.03 33.60
N VAL E 530 30.56 57.21 34.21
CA VAL E 530 30.68 58.44 33.45
C VAL E 530 31.98 58.44 32.67
N ILE E 531 33.08 58.10 33.33
CA ILE E 531 34.38 58.09 32.67
C ILE E 531 34.37 57.06 31.54
N GLU E 532 33.79 55.89 31.77
CA GLU E 532 33.78 54.89 30.72
C GLU E 532 33.05 55.41 29.50
N ASN E 533 31.98 56.17 29.72
CA ASN E 533 31.28 56.83 28.62
C ASN E 533 32.18 57.85 27.93
N ILE E 534 32.85 58.70 28.72
CA ILE E 534 33.73 59.71 28.14
C ILE E 534 34.84 59.07 27.32
N CYS E 535 35.44 57.98 27.81
CA CYS E 535 36.48 57.32 27.04
C CYS E 535 35.92 56.68 25.79
N ALA E 536 34.74 56.08 25.89
CA ALA E 536 34.12 55.46 24.72
C ALA E 536 33.83 56.49 23.63
N LYS E 537 33.31 57.66 24.02
CA LYS E 537 32.97 58.65 23.01
C LYS E 537 34.18 59.46 22.57
N HIS E 538 35.06 59.81 23.51
CA HIS E 538 36.10 60.80 23.23
C HIS E 538 37.51 60.23 23.16
N MET E 539 37.72 59.00 23.60
CA MET E 539 39.02 58.40 23.34
C MET E 539 38.89 57.13 22.54
N PRO E 540 38.16 57.10 21.42
CA PRO E 540 38.14 55.88 20.63
C PRO E 540 39.56 55.61 20.16
N CYS E 541 39.89 54.34 20.04
CA CYS E 541 41.25 53.94 19.66
C CYS E 541 41.12 52.98 18.50
N PRO E 542 40.77 53.50 17.32
CA PRO E 542 40.58 52.61 16.18
C PRO E 542 41.83 51.79 15.86
N LEU E 543 43.04 52.31 16.11
CA LEU E 543 44.21 51.48 15.83
C LEU E 543 44.23 50.24 16.71
N MET E 544 44.08 50.43 18.02
CA MET E 544 44.01 49.28 18.90
C MET E 544 42.89 48.34 18.48
N SER E 545 41.75 48.90 18.06
CA SER E 545 40.60 48.04 17.77
C SER E 545 40.90 47.07 16.64
N THR E 546 41.77 47.45 15.71
CA THR E 546 42.04 46.57 14.57
C THR E 546 42.69 45.27 15.01
N ILE E 547 43.39 45.28 16.14
CA ILE E 547 44.18 44.13 16.57
C ILE E 547 43.60 43.47 17.80
N VAL E 548 42.47 43.95 18.27
CA VAL E 548 41.86 43.36 19.41
C VAL E 548 40.67 42.55 18.99
N ASP E 549 40.64 41.32 19.43
CA ASP E 549 39.54 40.49 19.05
C ASP E 549 38.17 40.89 19.50
N ASP E 550 37.46 40.85 18.40
CA ASP E 550 36.13 41.11 18.10
C ASP E 550 35.83 42.54 17.70
N CYS E 551 36.77 43.48 17.78
CA CYS E 551 36.34 44.82 17.41
C CYS E 551 35.87 44.88 15.95
N ILE E 552 36.64 44.29 15.04
CA ILE E 552 36.24 44.32 13.63
C ILE E 552 34.96 43.53 13.40
N GLU E 553 34.89 42.32 13.97
CA GLU E 553 33.72 41.47 13.77
C GLU E 553 32.47 42.14 14.30
N LYS E 554 32.53 42.73 15.50
CA LYS E 554 31.38 43.44 16.04
C LYS E 554 31.16 44.78 15.36
N GLY E 555 32.14 45.32 14.66
CA GLY E 555 32.07 46.71 14.24
C GLY E 555 31.98 47.65 15.42
N LYS E 556 32.79 47.42 16.45
CA LYS E 556 32.70 48.19 17.70
C LYS E 556 34.11 48.49 18.20
N ASP E 557 34.35 49.75 18.53
CA ASP E 557 35.68 50.15 18.97
C ASP E 557 36.05 49.44 20.26
N TYR E 558 37.33 49.25 20.46
CA TYR E 558 37.85 48.63 21.62
C TYR E 558 37.50 49.45 22.83
N GLN E 559 37.37 50.74 22.64
CA GLN E 559 37.07 51.61 23.73
C GLN E 559 35.62 51.65 24.19
N ARG E 560 34.73 50.97 23.51
CA ARG E 560 33.34 50.93 23.91
C ARG E 560 32.78 49.53 23.92
N GLY E 561 33.63 48.56 24.13
CA GLY E 561 33.18 47.19 24.28
C GLY E 561 33.40 46.31 23.08
N GLY E 562 34.18 46.75 22.09
CA GLY E 562 34.47 45.93 20.92
C GLY E 562 35.27 44.68 21.24
N ALA E 563 35.99 44.66 22.34
CA ALA E 563 36.72 43.46 22.72
C ALA E 563 35.74 42.31 23.00
N ARG E 564 36.20 41.09 22.72
CA ARG E 564 35.37 39.92 22.99
C ARG E 564 35.00 39.86 24.47
N TYR E 565 35.94 40.18 25.33
CA TYR E 565 35.73 40.19 26.77
C TYR E 565 35.97 41.59 27.26
N ASN E 566 35.16 42.02 28.23
CA ASN E 566 35.25 43.37 28.73
C ASN E 566 35.11 43.33 30.24
N THR E 567 36.16 43.78 30.92
CA THR E 567 36.15 43.86 32.36
C THR E 567 36.71 45.20 32.77
N ARG E 568 36.26 45.66 33.93
CA ARG E 568 36.85 46.82 34.57
C ARG E 568 37.26 46.40 35.97
N TYR E 569 38.35 47.00 36.45
CA TYR E 569 38.86 46.66 37.76
C TYR E 569 38.97 47.91 38.61
N ILE E 570 38.89 47.71 39.89
CA ILE E 570 39.15 48.72 40.84
C ILE E 570 40.24 48.02 41.63
N GLN E 571 41.41 48.62 41.67
CA GLN E 571 42.56 48.05 42.34
C GLN E 571 42.54 48.19 43.81
N GLY E 572 42.59 47.07 44.50
CA GLY E 572 42.60 47.10 45.93
C GLY E 572 43.99 47.30 46.42
N VAL E 573 44.16 48.30 47.24
CA VAL E 573 45.47 48.57 47.82
C VAL E 573 45.34 48.45 49.33
N GLY E 574 46.38 47.91 49.95
CA GLY E 574 46.49 47.91 51.40
C GLY E 574 45.75 46.79 52.10
N ILE E 575 45.54 45.65 51.43
CA ILE E 575 44.84 44.55 52.09
C ILE E 575 45.58 44.14 53.35
N GLY E 576 46.92 44.16 53.31
CA GLY E 576 47.70 43.84 54.49
C GLY E 576 47.48 44.83 55.60
N THR E 577 47.63 46.12 55.30
CA THR E 577 47.38 47.13 56.32
C THR E 577 46.00 46.99 56.92
N ILE E 578 44.96 46.91 56.06
CA ILE E 578 43.61 46.88 56.61
C ILE E 578 43.32 45.54 57.26
N THR E 579 43.88 44.44 56.74
CA THR E 579 43.70 43.17 57.45
C THR E 579 44.28 43.26 58.83
N ASP E 580 45.52 43.76 58.95
CA ASP E 580 46.12 43.88 60.26
C ASP E 580 45.34 44.85 61.14
N SER E 581 44.82 45.92 60.54
CA SER E 581 44.04 46.90 61.31
C SER E 581 42.72 46.29 61.81
N LEU E 582 41.98 45.62 60.93
CA LEU E 582 40.75 45.00 61.40
C LEU E 582 41.04 43.83 62.34
N THR E 583 42.13 43.11 62.09
CA THR E 583 42.54 42.10 63.04
C THR E 583 42.90 42.72 64.37
N ALA E 584 43.62 43.85 64.33
CA ALA E 584 43.95 44.52 65.58
C ALA E 584 42.68 44.85 66.37
N ILE E 585 41.63 45.28 65.68
CA ILE E 585 40.42 45.66 66.38
C ILE E 585 39.66 44.44 66.90
N LYS E 586 39.47 43.43 66.05
CA LYS E 586 38.74 42.23 66.49
C LYS E 586 39.45 41.58 67.66
N TYR E 587 40.77 41.48 67.57
CA TYR E 587 41.54 40.83 68.62
C TYR E 587 41.55 41.66 69.89
N ASN E 588 41.91 42.94 69.77
CA ASN E 588 42.18 43.76 70.94
C ASN E 588 40.95 44.39 71.55
N VAL E 589 39.97 44.79 70.74
CA VAL E 589 38.79 45.46 71.27
C VAL E 589 37.67 44.47 71.60
N PHE E 590 37.41 43.49 70.73
CA PHE E 590 36.24 42.63 70.91
C PHE E 590 36.54 41.26 71.48
N ASP E 591 37.65 40.61 71.08
CA ASP E 591 37.96 39.28 71.58
C ASP E 591 38.71 39.33 72.92
N LYS E 592 39.92 39.89 72.92
CA LYS E 592 40.70 39.95 74.16
C LYS E 592 40.34 41.14 75.03
N LYS E 593 39.67 42.16 74.46
CA LYS E 593 39.22 43.32 75.24
C LYS E 593 40.37 43.95 76.02
N LYS E 594 41.52 44.08 75.37
CA LYS E 594 42.65 44.75 75.99
C LYS E 594 42.48 46.26 76.02
N PHE E 595 41.69 46.82 75.11
CA PHE E 595 41.31 48.23 75.20
C PHE E 595 40.04 48.39 74.37
N ASP E 596 39.34 49.50 74.57
CA ASP E 596 38.05 49.69 73.93
C ASP E 596 38.22 50.54 72.66
N MET E 597 37.12 50.67 71.90
CA MET E 597 37.20 51.40 70.64
C MET E 597 37.66 52.84 70.86
N ASP E 598 37.14 53.50 71.90
CA ASP E 598 37.48 54.90 72.13
C ASP E 598 38.98 55.10 72.32
N THR E 599 39.61 54.23 73.12
CA THR E 599 41.04 54.37 73.36
C THR E 599 41.83 54.16 72.08
N LEU E 600 41.44 53.18 71.28
CA LEU E 600 42.13 52.93 70.01
C LEU E 600 42.10 54.17 69.12
N LEU E 601 40.94 54.82 69.02
CA LEU E 601 40.83 56.01 68.19
C LEU E 601 41.66 57.16 68.76
N LYS E 602 41.71 57.30 70.08
CA LYS E 602 42.61 58.29 70.67
C LYS E 602 44.06 58.00 70.30
N ALA E 603 44.45 56.73 70.40
CA ALA E 603 45.81 56.32 70.01
C ALA E 603 46.06 56.66 68.54
N LEU E 604 45.13 56.32 67.65
CA LEU E 604 45.31 56.63 66.23
C LEU E 604 45.47 58.13 66.01
N ASP E 605 44.64 58.94 66.68
CA ASP E 605 44.70 60.38 66.48
C ASP E 605 46.01 60.95 67.01
N ALA E 606 46.57 60.33 68.04
CA ALA E 606 47.83 60.77 68.63
C ALA E 606 49.05 60.22 67.88
N ASN E 607 48.85 59.56 66.74
CA ASN E 607 49.93 58.86 66.05
C ASN E 607 50.65 57.92 67.00
N PHE E 608 49.92 57.39 67.97
CA PHE E 608 50.38 56.49 69.00
C PHE E 608 51.33 57.16 69.99
N GLU E 609 51.63 58.44 69.82
CA GLU E 609 52.39 59.18 70.83
C GLU E 609 51.63 59.19 72.15
N GLY E 610 52.23 58.64 73.20
CA GLY E 610 51.54 58.47 74.45
C GLY E 610 50.69 57.22 74.53
N TYR E 611 50.73 56.36 73.51
CA TYR E 611 49.99 55.10 73.52
C TYR E 611 50.91 53.96 73.08
N GLU E 612 52.17 54.05 73.51
CA GLU E 612 53.14 53.03 73.17
C GLU E 612 52.68 51.65 73.57
N ALA E 613 51.93 51.54 74.68
CA ALA E 613 51.42 50.24 75.10
C ALA E 613 50.50 49.66 74.05
N ILE E 614 49.54 50.45 73.58
CA ILE E 614 48.62 49.96 72.56
C ILE E 614 49.37 49.73 71.26
N LEU E 615 50.28 50.65 70.90
CA LEU E 615 51.08 50.43 69.70
C LEU E 615 51.78 49.08 69.77
N ASN E 616 52.36 48.77 70.92
CA ASN E 616 53.09 47.51 71.02
C ASN E 616 52.14 46.32 70.94
N LEU E 617 50.96 46.43 71.58
CA LEU E 617 50.00 45.33 71.49
C LEU E 617 49.62 45.06 70.04
N VAL E 618 49.28 46.11 69.31
CA VAL E 618 48.80 45.90 67.96
C VAL E 618 49.95 45.58 67.01
N SER E 619 51.17 46.07 67.32
CA SER E 619 52.33 45.83 66.46
C SER E 619 52.95 44.45 66.67
N ASN E 620 52.94 43.97 67.91
CA ASN E 620 53.72 42.80 68.28
C ASN E 620 52.95 41.72 69.02
N LYS E 621 51.75 42.01 69.55
CA LYS E 621 50.96 41.05 70.30
C LYS E 621 49.60 40.81 69.65
N THR E 622 49.52 40.96 68.34
CA THR E 622 48.25 40.83 67.63
C THR E 622 48.50 39.99 66.40
N PRO E 623 47.62 39.06 66.08
CA PRO E 623 47.83 38.24 64.88
C PRO E 623 48.01 39.15 63.65
N LYS E 624 48.86 38.72 62.75
CA LYS E 624 49.23 39.50 61.58
C LYS E 624 49.02 38.67 60.33
N TYR E 625 48.64 39.35 59.26
CA TYR E 625 48.53 38.73 57.97
C TYR E 625 49.92 38.38 57.44
N GLY E 626 50.01 37.22 56.80
CA GLY E 626 51.24 36.76 56.20
C GLY E 626 52.04 35.84 57.07
N ASN E 627 51.39 35.13 58.00
CA ASN E 627 52.06 34.20 58.91
C ASN E 627 51.31 32.87 58.97
N ASP E 628 50.47 32.59 57.98
CA ASP E 628 49.60 31.43 58.00
C ASP E 628 48.76 31.42 59.28
N ASP E 629 48.42 32.60 59.75
CA ASP E 629 47.64 32.77 60.97
C ASP E 629 46.17 32.97 60.58
N ASP E 630 45.36 31.92 60.75
CA ASP E 630 43.97 31.99 60.31
C ASP E 630 43.19 33.12 60.97
N TYR E 631 43.57 33.50 62.19
CA TYR E 631 42.85 34.59 62.83
C TYR E 631 42.99 35.88 62.03
N ALA E 632 44.20 36.17 61.54
CA ALA E 632 44.34 37.34 60.68
C ALA E 632 43.88 37.05 59.27
N ASP E 633 44.20 35.87 58.76
CA ASP E 633 43.92 35.55 57.36
C ASP E 633 42.42 35.43 57.10
N GLU E 634 41.64 34.95 58.07
CA GLU E 634 40.20 34.88 57.84
C GLU E 634 39.59 36.27 57.68
N ILE E 635 40.11 37.24 58.44
CA ILE E 635 39.72 38.62 58.26
C ILE E 635 40.18 39.14 56.91
N MET E 636 41.41 38.80 56.50
CA MET E 636 41.84 39.16 55.15
C MET E 636 40.83 38.65 54.14
N GLN E 637 40.36 37.42 54.33
CA GLN E 637 39.41 36.84 53.39
C GLN E 637 38.07 37.58 53.42
N GLU E 638 37.58 37.91 54.62
CA GLU E 638 36.35 38.68 54.73
C GLU E 638 36.52 40.04 54.05
N ILE E 639 37.65 40.71 54.27
CA ILE E 639 37.85 42.00 53.62
C ILE E 639 37.91 41.80 52.12
N PHE E 640 38.64 40.79 51.69
CA PHE E 640 38.72 40.49 50.27
C PHE E 640 37.35 40.13 49.71
N ASN E 641 36.62 39.26 50.41
CA ASN E 641 35.28 38.87 49.94
C ASN E 641 34.34 40.06 49.90
N ALA E 642 34.36 40.89 50.95
CA ALA E 642 33.56 42.10 50.94
C ALA E 642 33.91 42.97 49.75
N TYR E 643 35.21 43.15 49.51
CA TYR E 643 35.65 43.92 48.36
C TYR E 643 35.25 43.24 47.07
N TYR E 644 35.47 41.93 46.99
CA TYR E 644 35.05 41.19 45.80
C TYR E 644 33.54 41.27 45.61
N ASN E 645 32.76 41.04 46.67
CA ASN E 645 31.31 41.08 46.51
C ASN E 645 30.82 42.50 46.19
N GLU E 646 31.48 43.53 46.74
CA GLU E 646 30.99 44.88 46.53
C GLU E 646 31.18 45.31 45.08
N VAL E 647 32.27 44.87 44.47
CA VAL E 647 32.70 45.36 43.19
C VAL E 647 32.27 44.43 42.07
N THR E 648 32.49 43.14 42.26
CA THR E 648 32.40 42.20 41.16
C THR E 648 30.96 41.99 40.74
N GLY E 649 30.74 41.98 39.42
CA GLY E 649 29.43 41.73 38.87
C GLY E 649 28.67 42.97 38.49
N ARG E 650 29.08 44.12 39.00
CA ARG E 650 28.46 45.36 38.60
C ARG E 650 28.62 45.52 37.09
N PRO E 651 27.57 45.92 36.37
CA PRO E 651 27.71 46.08 34.93
C PRO E 651 28.62 47.25 34.64
N THR E 652 29.41 47.11 33.58
CA THR E 652 30.09 48.26 33.02
C THR E 652 29.19 48.85 31.96
N VAL E 653 29.49 50.09 31.57
CA VAL E 653 28.63 50.78 30.63
C VAL E 653 28.52 50.02 29.32
N CYS E 654 29.62 49.42 28.88
CA CYS E 654 29.69 48.88 27.53
C CYS E 654 29.58 47.36 27.48
N GLY E 655 28.82 46.75 28.38
CA GLY E 655 28.49 45.34 28.26
C GLY E 655 29.42 44.36 28.93
N GLY E 656 30.35 44.83 29.77
CA GLY E 656 31.16 43.98 30.58
C GLY E 656 30.76 44.04 32.03
N GLU E 657 31.66 43.60 32.91
CA GLU E 657 31.38 43.66 34.33
C GLU E 657 32.64 44.07 35.06
N TYR E 658 32.44 44.61 36.25
CA TYR E 658 33.55 44.91 37.11
C TYR E 658 34.08 43.66 37.77
N ARG E 659 35.40 43.63 37.95
CA ARG E 659 36.07 42.61 38.72
C ARG E 659 37.09 43.33 39.59
N VAL E 660 37.78 42.56 40.39
CA VAL E 660 38.63 43.08 41.44
C VAL E 660 40.05 42.64 41.15
N ASP E 661 41.02 43.47 41.50
CA ASP E 661 42.41 43.03 41.52
C ASP E 661 43.15 43.77 42.61
N MET E 662 44.34 43.26 42.97
CA MET E 662 45.09 43.76 44.12
C MET E 662 46.53 44.08 43.70
N LEU E 663 46.84 45.34 43.51
CA LEU E 663 48.15 45.80 43.14
C LEU E 663 48.21 47.30 43.41
N PRO E 664 49.40 47.85 43.65
CA PRO E 664 49.43 49.27 43.90
C PRO E 664 50.39 50.17 43.17
N THR E 665 51.38 49.66 42.44
CA THR E 665 52.41 50.47 41.81
C THR E 665 53.00 51.36 42.89
N THR E 666 52.94 52.66 42.79
CA THR E 666 53.43 53.46 43.91
C THR E 666 52.30 54.04 44.74
N CYS E 667 51.05 53.63 44.48
CA CYS E 667 49.90 54.24 45.15
C CYS E 667 49.82 53.88 46.61
N HIS E 668 50.47 52.79 47.05
CA HIS E 668 50.50 52.51 48.48
C HIS E 668 51.30 53.57 49.23
N ILE E 669 52.23 54.24 48.56
CA ILE E 669 52.89 55.38 49.17
C ILE E 669 51.89 56.50 49.38
N TYR E 670 51.30 56.97 48.29
CA TYR E 670 50.29 58.02 48.32
C TYR E 670 49.15 57.66 49.26
N PHE E 671 48.59 56.46 49.12
CA PHE E 671 47.43 56.10 49.94
C PHE E 671 47.77 56.08 51.42
N GLY E 672 49.01 55.74 51.76
CA GLY E 672 49.43 55.78 53.14
C GLY E 672 49.68 57.20 53.57
N GLU E 673 50.28 58.01 52.68
CA GLU E 673 50.63 59.40 53.01
C GLU E 673 49.42 60.21 53.46
N ILE E 674 48.27 60.04 52.81
CA ILE E 674 47.09 60.83 53.13
C ILE E 674 46.22 60.08 54.11
N MET E 675 46.79 59.12 54.81
CA MET E 675 46.07 58.39 55.84
C MET E 675 46.74 58.59 57.19
N GLY E 676 45.92 58.68 58.24
CA GLY E 676 46.45 58.76 59.58
C GLY E 676 46.90 57.39 60.06
N ALA E 677 47.25 57.33 61.34
CA ALA E 677 47.64 56.07 61.94
C ALA E 677 46.52 55.05 61.77
N SER E 678 46.90 53.80 61.57
CA SER E 678 45.94 52.74 61.40
C SER E 678 46.00 51.79 62.60
N PRO E 679 44.91 51.06 62.88
CA PRO E 679 44.87 50.21 64.08
C PRO E 679 45.95 49.15 64.16
N ASN E 680 46.65 48.85 63.07
CA ASN E 680 47.67 47.81 63.13
C ASN E 680 49.02 48.32 63.65
N GLY E 681 49.15 49.61 63.95
CA GLY E 681 50.41 50.19 64.36
C GLY E 681 51.15 50.97 63.29
N ARG E 682 50.73 50.89 62.03
CA ARG E 682 51.33 51.72 61.00
C ARG E 682 51.09 53.19 61.34
N LEU E 683 52.15 53.99 61.31
CA LEU E 683 52.09 55.37 61.75
C LEU E 683 51.46 56.27 60.69
N CYS E 684 51.06 57.46 61.15
CA CYS E 684 50.51 58.48 60.27
C CYS E 684 51.48 58.78 59.12
N ALA E 685 50.92 59.00 57.93
CA ALA E 685 51.63 59.31 56.68
C ALA E 685 52.50 58.16 56.19
N LYS E 686 52.54 57.03 56.88
CA LYS E 686 53.34 55.92 56.43
C LYS E 686 52.64 55.22 55.27
N PRO E 687 53.40 54.69 54.32
CA PRO E 687 52.74 53.94 53.22
C PRO E 687 51.92 52.78 53.78
N VAL E 688 50.89 52.40 53.05
CA VAL E 688 50.15 51.19 53.40
C VAL E 688 50.85 50.03 52.71
N SER E 689 50.45 48.81 53.09
CA SER E 689 51.06 47.61 52.55
C SER E 689 50.97 47.60 51.04
N GLU E 690 51.96 47.00 50.42
CA GLU E 690 51.99 46.92 48.99
C GLU E 690 51.43 45.60 48.48
N GLY E 691 50.79 45.65 47.34
CA GLY E 691 50.16 44.46 46.79
C GLY E 691 49.33 43.74 47.83
N ILE E 692 49.34 42.42 47.74
CA ILE E 692 48.80 41.58 48.80
C ILE E 692 49.90 41.17 49.77
N SER E 693 51.05 41.85 49.71
CA SER E 693 52.19 41.53 50.57
C SER E 693 51.87 41.83 52.03
N PRO E 694 52.57 41.18 52.95
CA PRO E 694 52.38 41.50 54.35
C PRO E 694 52.72 42.94 54.65
N GLU E 695 52.16 43.44 55.74
CA GLU E 695 52.46 44.77 56.21
C GLU E 695 53.94 44.82 56.64
N LYS E 696 54.49 46.03 56.69
CA LYS E 696 55.84 46.21 57.22
C LYS E 696 55.94 45.52 58.56
N GLY E 697 56.92 44.62 58.68
CA GLY E 697 57.12 43.90 59.92
C GLY E 697 56.04 42.91 60.26
N GLY E 698 55.05 42.71 59.38
CA GLY E 698 53.96 41.81 59.70
C GLY E 698 54.30 40.35 59.54
N ASP E 699 55.15 40.01 58.57
CA ASP E 699 55.51 38.62 58.28
C ASP E 699 56.79 38.26 59.03
N THR E 700 56.66 37.47 60.10
CA THR E 700 57.78 37.11 60.97
C THR E 700 58.01 35.61 61.02
N ASN E 701 57.49 34.87 60.05
CA ASN E 701 57.60 33.41 60.07
C ASN E 701 58.11 32.87 58.74
N GLY E 702 58.70 33.73 57.92
CA GLY E 702 59.35 33.32 56.70
C GLY E 702 58.47 33.32 55.46
N PRO E 703 59.09 33.11 54.30
CA PRO E 703 58.36 33.26 53.05
C PRO E 703 57.29 32.20 52.87
N THR E 704 57.53 31.00 53.40
CA THR E 704 56.49 29.98 53.29
C THR E 704 55.22 30.39 54.01
N ALA E 705 55.37 31.06 55.15
CA ALA E 705 54.18 31.51 55.88
C ALA E 705 53.41 32.57 55.09
N VAL E 706 54.10 33.49 54.43
CA VAL E 706 53.36 34.54 53.75
C VAL E 706 52.72 33.99 52.50
N ILE E 707 53.40 33.08 51.79
CA ILE E 707 52.73 32.59 50.59
C ILE E 707 51.51 31.78 50.99
N LYS E 708 51.55 31.12 52.15
CA LYS E 708 50.36 30.41 52.62
C LYS E 708 49.23 31.36 52.98
N SER E 709 49.57 32.48 53.62
CA SER E 709 48.56 33.50 53.86
C SER E 709 48.01 34.04 52.54
N CYS E 710 48.90 34.41 51.63
CA CYS E 710 48.44 34.99 50.37
C CYS E 710 47.57 34.01 49.59
N ALA E 711 47.84 32.70 49.73
CA ALA E 711 47.03 31.73 48.99
C ALA E 711 45.59 31.67 49.48
N LYS E 712 45.33 32.12 50.71
CA LYS E 712 43.97 32.07 51.21
C LYS E 712 43.10 33.14 50.57
N MET E 713 43.71 34.11 49.91
CA MET E 713 42.97 35.06 49.09
C MET E 713 42.56 34.37 47.80
N ASP E 714 41.28 34.46 47.44
CA ASP E 714 40.77 33.68 46.32
C ASP E 714 41.23 34.35 45.02
N HIS E 715 42.49 34.08 44.66
CA HIS E 715 43.11 34.71 43.51
C HIS E 715 42.33 34.46 42.24
N ILE E 716 41.71 33.28 42.16
CA ILE E 716 40.94 32.90 40.99
C ILE E 716 39.77 33.85 40.78
N LYS E 717 39.24 34.42 41.86
CA LYS E 717 38.17 35.39 41.71
C LYS E 717 38.68 36.78 41.33
N THR E 718 39.97 36.95 41.05
CA THR E 718 40.51 38.27 40.74
C THR E 718 41.11 38.31 39.34
N GLY E 719 41.48 39.51 38.94
CA GLY E 719 42.26 39.69 37.74
C GLY E 719 43.73 39.85 38.09
N GLY E 720 44.13 39.30 39.23
CA GLY E 720 45.52 39.33 39.59
C GLY E 720 45.83 39.97 40.93
N THR E 721 46.81 39.42 41.63
CA THR E 721 47.27 39.95 42.90
C THR E 721 48.78 40.03 42.85
N LEU E 722 49.35 41.01 43.56
CA LEU E 722 50.77 41.30 43.50
C LEU E 722 51.41 40.98 44.85
N LEU E 723 52.36 40.05 44.85
CA LEU E 723 53.11 39.71 46.06
C LEU E 723 54.58 40.04 45.86
N ASN E 724 55.12 40.90 46.73
CA ASN E 724 56.53 41.21 46.80
C ASN E 724 57.16 40.34 47.88
N GLN E 725 58.30 39.73 47.56
CA GLN E 725 59.13 39.07 48.55
C GLN E 725 60.56 39.53 48.36
N ARG E 726 61.27 39.69 49.47
CA ARG E 726 62.65 40.11 49.46
C ARG E 726 63.48 39.03 50.14
N PHE E 727 64.63 38.71 49.54
CA PHE E 727 65.55 37.72 50.08
C PHE E 727 66.89 38.35 50.43
N ALA E 728 67.47 37.88 51.53
CA ALA E 728 68.85 38.21 51.84
C ALA E 728 69.73 37.66 50.73
N PRO E 729 70.69 38.44 50.23
CA PRO E 729 71.53 37.94 49.12
C PRO E 729 72.23 36.63 49.43
N SER E 730 72.55 36.40 50.70
CA SER E 730 73.27 35.18 51.05
C SER E 730 72.44 33.93 50.81
N VAL E 731 71.12 34.00 51.05
CA VAL E 731 70.30 32.79 50.99
C VAL E 731 69.89 32.39 49.58
N VAL E 732 70.17 33.22 48.59
CA VAL E 732 69.84 32.87 47.21
C VAL E 732 71.07 32.52 46.39
N GLN E 733 72.23 32.38 47.04
CA GLN E 733 73.46 32.06 46.32
C GLN E 733 73.54 30.58 45.95
N GLY E 734 74.25 30.32 44.85
CA GLY E 734 74.59 28.99 44.38
C GLY E 734 73.39 28.19 43.92
N GLU E 735 73.49 26.88 44.06
CA GLU E 735 72.45 26.05 43.49
C GLU E 735 71.31 25.84 44.47
N LYS E 736 71.63 25.78 45.77
CA LYS E 736 70.59 25.65 46.76
C LYS E 736 69.65 26.86 46.74
N GLY E 737 70.22 28.06 46.50
CA GLY E 737 69.38 29.25 46.43
C GLY E 737 68.43 29.21 45.24
N LEU E 738 68.95 28.84 44.08
CA LEU E 738 68.09 28.69 42.91
C LEU E 738 66.95 27.73 43.19
N ASP E 739 67.25 26.56 43.74
CA ASP E 739 66.21 25.58 44.00
C ASP E 739 65.20 26.10 45.00
N ASN E 740 65.68 26.84 46.01
CA ASN E 740 64.77 27.35 47.01
C ASN E 740 63.84 28.40 46.44
N MET E 741 64.38 29.28 45.60
CA MET E 741 63.55 30.25 44.90
C MET E 741 62.52 29.53 44.02
N ALA E 742 62.99 28.60 43.20
CA ALA E 742 62.09 27.85 42.34
C ALA E 742 61.04 27.12 43.14
N ASN E 743 61.43 26.58 44.30
CA ASN E 743 60.46 25.87 45.13
C ASN E 743 59.40 26.81 45.68
N LEU E 744 59.81 27.99 46.12
CA LEU E 744 58.84 28.91 46.68
C LEU E 744 57.83 29.33 45.63
N VAL E 745 58.31 29.65 44.42
CA VAL E 745 57.43 30.00 43.32
C VAL E 745 56.41 28.90 43.08
N ARG E 746 56.89 27.66 42.94
CA ARG E 746 55.98 26.55 42.68
C ARG E 746 55.10 26.23 43.88
N ALA E 747 55.60 26.42 45.09
CA ALA E 747 54.78 26.14 46.27
C ALA E 747 53.62 27.12 46.36
N TYR E 748 53.88 28.40 46.07
CA TYR E 748 52.80 29.38 46.05
C TYR E 748 51.82 29.08 44.92
N PHE E 749 52.34 28.80 43.73
CA PHE E 749 51.47 28.56 42.61
C PHE E 749 50.66 27.27 42.80
N ASN E 750 51.19 26.31 43.55
CA ASN E 750 50.43 25.09 43.78
C ASN E 750 49.17 25.35 44.59
N MET E 751 49.17 26.41 45.38
CA MET E 751 47.99 26.84 46.13
C MET E 751 47.16 27.86 45.35
N ASP E 752 47.41 27.96 44.05
CA ASP E 752 46.73 28.87 43.14
C ASP E 752 47.09 30.32 43.40
N GLY E 753 48.18 30.58 44.12
CA GLY E 753 48.73 31.93 44.18
C GLY E 753 49.01 32.43 42.78
N HIS E 754 48.82 33.74 42.59
CA HIS E 754 48.81 34.36 41.26
C HIS E 754 50.19 34.85 40.81
N HIS E 755 50.92 35.53 41.70
CA HIS E 755 52.12 36.22 41.27
C HIS E 755 53.06 36.36 42.45
N ILE E 756 54.35 36.27 42.18
CA ILE E 756 55.38 36.59 43.15
C ILE E 756 56.59 37.15 42.40
N GLN E 757 57.27 38.11 43.02
CA GLN E 757 58.48 38.69 42.48
C GLN E 757 59.42 39.04 43.64
N PHE E 758 60.72 39.07 43.35
CA PHE E 758 61.74 39.09 44.39
C PHE E 758 62.64 40.31 44.28
N ASN E 759 62.92 40.92 45.42
CA ASN E 759 64.07 41.79 45.64
C ASN E 759 65.18 40.96 46.28
N VAL E 760 66.41 41.11 45.78
CA VAL E 760 67.59 40.51 46.40
C VAL E 760 68.66 41.59 46.45
N PHE E 761 68.69 42.37 47.53
CA PHE E 761 69.65 43.45 47.62
C PHE E 761 70.34 43.46 48.97
N ASP E 762 71.46 44.16 48.95
CA ASP E 762 72.24 44.37 50.10
C ASP E 762 71.76 45.66 50.60
N LYS E 763 71.23 45.68 51.81
CA LYS E 763 70.72 46.87 52.44
C LYS E 763 71.68 48.02 52.42
N ASN E 764 72.94 47.78 52.72
CA ASN E 764 73.97 48.79 52.71
C ASN E 764 74.17 49.39 51.34
N VAL E 765 74.02 48.61 50.30
CA VAL E 765 74.13 49.21 48.98
C VAL E 765 73.08 50.30 48.78
N LEU E 766 71.82 50.01 49.18
CA LEU E 766 70.75 50.99 49.06
C LEU E 766 70.96 52.18 49.98
N LEU E 767 71.53 51.97 51.16
CA LEU E 767 71.78 53.06 52.07
C LEU E 767 72.89 53.94 51.58
N GLU E 768 73.81 53.36 50.86
CA GLU E 768 74.90 54.09 50.29
C GLU E 768 74.37 54.87 49.12
N ALA E 769 73.43 54.28 48.41
CA ALA E 769 72.78 54.94 47.29
C ALA E 769 72.04 56.16 47.76
N GLN E 770 71.41 56.06 48.92
CA GLN E 770 70.72 57.19 49.54
C GLN E 770 71.75 58.25 49.94
N LYS E 771 72.91 57.87 50.40
CA LYS E 771 73.88 58.85 50.82
C LYS E 771 74.62 59.44 49.67
N ASN E 772 75.02 58.59 48.74
CA ASN E 772 75.75 59.07 47.56
C ASN E 772 75.08 58.53 46.32
N PRO E 773 74.01 59.16 45.86
CA PRO E 773 73.30 58.64 44.68
C PRO E 773 74.17 58.61 43.44
N GLN E 774 75.14 59.54 43.34
CA GLN E 774 75.96 59.66 42.14
C GLN E 774 76.80 58.41 41.87
N ASP E 775 77.07 57.62 42.90
CA ASP E 775 77.87 56.42 42.71
C ASP E 775 77.03 55.20 42.31
N TYR E 776 75.72 55.25 42.56
CA TYR E 776 74.87 54.11 42.26
C TYR E 776 73.76 54.45 41.28
N LYS E 777 74.12 55.06 40.14
CA LYS E 777 73.10 55.47 39.17
C LYS E 777 72.39 54.27 38.54
N ASP E 778 73.10 53.15 38.39
CA ASP E 778 72.59 51.93 37.77
C ASP E 778 71.94 50.96 38.77
N LEU E 779 71.76 51.37 40.02
CA LEU E 779 71.20 50.50 41.03
C LEU E 779 69.69 50.33 40.78
N ILE E 780 69.25 49.09 40.61
CA ILE E 780 67.86 48.76 40.29
C ILE E 780 67.27 47.91 41.40
N VAL E 781 66.06 48.25 41.83
CA VAL E 781 65.30 47.47 42.80
C VAL E 781 63.93 47.12 42.22
N ARG E 782 63.27 46.16 42.85
CA ARG E 782 61.91 45.81 42.51
C ARG E 782 60.98 46.68 43.33
N VAL E 783 60.07 47.38 42.66
CA VAL E 783 59.13 48.24 43.35
C VAL E 783 57.85 47.47 43.63
N ALA E 784 56.94 47.42 42.66
CA ALA E 784 55.68 46.70 42.87
C ALA E 784 55.13 46.36 41.48
N GLY E 785 55.42 45.17 41.01
CA GLY E 785 55.04 44.83 39.65
C GLY E 785 56.00 45.35 38.60
N TYR E 786 57.09 46.00 39.00
CA TYR E 786 58.08 46.53 38.06
C TYR E 786 59.39 46.81 38.79
N SER E 787 60.48 46.90 38.02
CA SER E 787 61.75 47.31 38.58
C SER E 787 62.02 48.75 38.17
N ASP E 788 62.67 49.47 39.08
CA ASP E 788 63.01 50.87 38.83
C ASP E 788 64.39 51.17 39.40
N HIS E 789 65.00 52.24 38.89
CA HIS E 789 66.24 52.74 39.46
C HIS E 789 66.01 53.28 40.86
N PHE E 790 66.86 52.85 41.79
CA PHE E 790 66.72 53.29 43.16
C PHE E 790 66.73 54.82 43.26
N ASN E 791 67.46 55.49 42.37
CA ASN E 791 67.47 56.95 42.45
C ASN E 791 66.17 57.58 41.95
N ASN E 792 65.35 56.84 41.21
CA ASN E 792 64.06 57.36 40.74
C ASN E 792 62.97 57.32 41.80
N LEU E 793 63.25 56.72 42.95
CA LEU E 793 62.24 56.52 43.97
C LEU E 793 62.39 57.61 45.03
N SER E 794 61.27 58.10 45.53
CA SER E 794 61.32 59.04 46.64
C SER E 794 61.94 58.35 47.85
N ARG E 795 62.42 59.16 48.78
CA ARG E 795 62.94 58.58 50.02
C ARG E 795 61.90 57.66 50.66
N THR E 796 60.64 58.09 50.69
CA THR E 796 59.59 57.28 51.30
C THR E 796 59.45 55.94 50.61
N LEU E 797 59.53 55.93 49.28
CA LEU E 797 59.43 54.66 48.57
C LEU E 797 60.69 53.81 48.77
N GLN E 798 61.86 54.44 48.77
CA GLN E 798 63.10 53.73 49.09
C GLN E 798 62.99 53.08 50.45
N ASP E 799 62.55 53.85 51.46
CA ASP E 799 62.41 53.33 52.81
C ASP E 799 61.32 52.27 52.90
N GLU E 800 60.29 52.36 52.04
CA GLU E 800 59.32 51.26 51.97
C GLU E 800 59.99 50.00 51.43
N ILE E 801 60.76 50.13 50.34
CA ILE E 801 61.44 48.96 49.78
C ILE E 801 62.47 48.43 50.77
N ILE E 802 63.29 49.31 51.34
CA ILE E 802 64.25 48.89 52.35
C ILE E 802 63.57 48.20 53.52
N GLY E 803 62.36 48.65 53.89
CA GLY E 803 61.66 48.05 55.02
C GLY E 803 61.00 46.72 54.76
N ARG E 804 60.94 46.25 53.52
CA ARG E 804 60.32 44.96 53.28
C ARG E 804 61.13 43.85 53.95
N THR E 805 60.41 42.84 54.43
CA THR E 805 61.01 41.76 55.20
C THR E 805 62.14 41.10 54.40
N GLU E 806 63.34 41.09 54.96
CA GLU E 806 64.42 40.32 54.35
C GLU E 806 64.18 38.86 54.69
N GLN E 807 63.74 38.08 53.71
CA GLN E 807 63.40 36.69 53.96
C GLN E 807 64.62 35.79 53.83
N THR E 808 64.61 34.71 54.58
CA THR E 808 65.57 33.62 54.45
C THR E 808 64.84 32.31 54.21
N PHE E 809 65.53 31.39 53.56
CA PHE E 809 65.03 30.04 53.39
C PHE E 809 65.38 29.21 54.65
N MET F 21 -12.85 96.83 4.69
CA MET F 21 -11.81 97.44 3.87
C MET F 21 -10.49 96.61 3.74
N ALA F 22 -9.55 96.85 4.64
CA ALA F 22 -8.35 96.04 4.78
C ALA F 22 -8.63 94.86 5.71
N ARG F 23 -7.96 93.74 5.45
CA ARG F 23 -8.29 92.56 6.23
C ARG F 23 -7.69 92.69 7.62
N GLY F 24 -8.43 92.20 8.60
CA GLY F 24 -8.12 92.40 10.00
C GLY F 24 -9.34 92.98 10.69
N THR F 25 -9.78 92.38 11.79
CA THR F 25 -10.99 92.87 12.44
C THR F 25 -10.76 94.21 13.13
N PHE F 26 -9.55 94.50 13.55
CA PHE F 26 -9.29 95.72 14.29
C PHE F 26 -8.14 96.46 13.64
N GLU F 27 -8.04 97.76 13.95
CA GLU F 27 -6.98 98.58 13.36
C GLU F 27 -5.61 98.00 13.64
N ARG F 28 -5.41 97.49 14.86
CA ARG F 28 -4.15 96.87 15.25
C ARG F 28 -3.78 95.74 14.31
N THR F 29 -4.68 94.78 14.14
CA THR F 29 -4.34 93.63 13.31
C THR F 29 -4.37 93.97 11.83
N LYS F 30 -5.11 95.00 11.44
CA LYS F 30 -4.99 95.52 10.08
C LYS F 30 -3.56 96.00 9.84
N LYS F 31 -3.01 96.76 10.80
CA LYS F 31 -1.66 97.28 10.67
C LYS F 31 -0.66 96.14 10.64
N LEU F 32 -0.80 95.19 11.57
CA LEU F 32 0.10 94.05 11.65
C LEU F 32 0.03 93.21 10.38
N ARG F 33 -1.17 92.99 9.87
CA ARG F 33 -1.28 92.19 8.65
C ARG F 33 -0.63 92.89 7.47
N GLU F 34 -0.76 94.22 7.39
CA GLU F 34 -0.15 94.95 6.29
C GLU F 34 1.37 94.83 6.35
N GLU F 35 1.95 94.98 7.55
CA GLU F 35 3.39 94.80 7.70
C GLU F 35 3.82 93.40 7.27
N SER F 36 3.02 92.38 7.62
CA SER F 36 3.33 91.00 7.26
C SER F 36 3.33 90.81 5.75
N ILE F 37 2.26 91.25 5.08
CA ILE F 37 2.09 91.02 3.65
C ILE F 37 3.16 91.78 2.85
N ASN F 38 3.74 92.84 3.42
CA ASN F 38 4.76 93.64 2.75
C ASN F 38 6.19 93.28 3.12
N ALA F 39 6.40 92.47 4.15
CA ALA F 39 7.75 92.11 4.52
C ALA F 39 8.38 91.31 3.39
N GLU F 40 9.54 91.69 2.93
CA GLU F 40 10.19 90.99 1.85
C GLU F 40 10.96 89.83 2.40
N PRO F 41 10.91 88.70 1.71
CA PRO F 41 11.69 87.55 2.19
C PRO F 41 13.18 87.81 2.09
N HIS F 42 13.89 87.67 3.22
CA HIS F 42 15.33 87.90 3.22
C HIS F 42 15.98 86.97 4.23
N ILE F 43 17.33 86.88 4.16
CA ILE F 43 18.13 86.05 5.04
C ILE F 43 18.58 86.89 6.21
N SER F 44 18.49 86.32 7.40
CA SER F 44 18.97 86.95 8.61
C SER F 44 20.18 86.16 9.05
N ILE F 45 21.37 86.78 8.93
CA ILE F 45 22.60 86.05 9.21
C ILE F 45 22.94 86.00 10.69
N GLU F 46 22.18 86.73 11.51
CA GLU F 46 22.55 86.88 12.92
C GLU F 46 22.62 85.54 13.63
N ARG F 47 21.65 84.66 13.37
CA ARG F 47 21.66 83.35 14.04
C ARG F 47 22.93 82.59 13.75
N ALA F 48 23.34 82.55 12.48
CA ALA F 48 24.57 81.86 12.13
C ALA F 48 25.78 82.47 12.84
N VAL F 49 25.83 83.80 12.89
CA VAL F 49 26.97 84.45 13.54
C VAL F 49 27.03 84.05 15.00
N LEU F 50 25.89 84.14 15.69
CA LEU F 50 25.90 83.92 17.13
C LEU F 50 26.22 82.47 17.46
N MET F 51 25.66 81.52 16.72
N MET F 51 25.71 81.54 16.66
CA MET F 51 25.98 80.14 17.02
CA MET F 51 25.95 80.12 16.88
C MET F 51 27.39 79.77 16.58
C MET F 51 27.39 79.79 16.57
N THR F 52 27.94 80.44 15.55
CA THR F 52 29.35 80.25 15.21
C THR F 52 30.23 80.70 16.37
N GLU F 53 29.90 81.84 16.98
CA GLU F 53 30.61 82.27 18.17
C GLU F 53 30.53 81.21 19.26
N ALA F 54 29.34 80.65 19.47
CA ALA F 54 29.14 79.70 20.56
C ALA F 54 29.93 78.43 20.30
N TYR F 55 29.93 77.97 19.06
CA TYR F 55 30.70 76.76 18.73
C TYR F 55 32.19 77.00 18.90
N LYS F 56 32.71 78.11 18.37
CA LYS F 56 34.13 78.42 18.57
C LYS F 56 34.48 78.46 20.05
N LYS F 57 33.51 78.79 20.89
CA LYS F 57 33.76 78.88 22.32
C LYS F 57 33.62 77.52 22.99
N TYR F 58 32.59 76.75 22.63
CA TYR F 58 32.23 75.54 23.34
C TYR F 58 32.51 74.24 22.57
N GLU F 59 32.59 74.27 21.25
CA GLU F 59 32.76 73.03 20.52
C GLU F 59 34.01 72.29 20.99
N GLY F 60 33.86 71.00 21.27
CA GLY F 60 34.94 70.19 21.76
C GLY F 60 35.06 70.11 23.27
N SER F 61 34.31 70.93 24.00
CA SER F 61 34.34 70.93 25.46
C SER F 61 33.10 70.32 26.09
N VAL F 62 32.04 70.06 25.31
CA VAL F 62 30.78 69.51 25.82
C VAL F 62 30.24 68.50 24.82
N GLU F 63 29.30 67.69 25.31
CA GLU F 63 28.55 66.80 24.44
C GLU F 63 27.68 67.61 23.49
N ILE F 64 27.37 67.02 22.35
CA ILE F 64 26.58 67.72 21.35
C ILE F 64 25.25 68.33 21.78
N PRO F 65 24.47 67.63 22.58
CA PRO F 65 23.23 68.24 23.00
C PRO F 65 23.48 69.43 23.85
N VAL F 66 24.45 69.40 24.73
CA VAL F 66 24.75 70.54 25.55
C VAL F 66 25.34 71.59 24.66
N LEU F 67 26.14 71.22 23.69
CA LEU F 67 26.64 72.21 22.75
C LEU F 67 25.49 72.91 22.06
N ARG F 68 24.51 72.15 21.57
CA ARG F 68 23.32 72.73 20.94
C ARG F 68 22.61 73.67 21.90
N ALA F 69 22.36 73.20 23.13
CA ALA F 69 21.65 74.03 24.10
C ALA F 69 22.45 75.29 24.42
N LEU F 70 23.77 75.17 24.58
CA LEU F 70 24.57 76.36 24.88
C LEU F 70 24.58 77.33 23.71
N SER F 71 24.63 76.82 22.48
CA SER F 71 24.57 77.71 21.31
C SER F 71 23.19 78.37 21.21
N PHE F 72 22.13 77.61 21.46
CA PHE F 72 20.80 78.19 21.49
C PHE F 72 20.71 79.26 22.58
N LYS F 73 21.18 78.94 23.75
CA LYS F 73 21.12 79.88 24.81
C LYS F 73 21.93 81.09 24.47
N HIS F 74 23.05 80.88 23.81
CA HIS F 74 23.88 81.97 23.43
C HIS F 74 23.23 82.80 22.35
N TYR F 75 22.51 82.17 21.47
CA TYR F 75 21.78 82.83 20.44
C TYR F 75 20.69 83.66 21.08
N ILE F 76 19.94 83.07 21.99
CA ILE F 76 18.86 83.80 22.64
C ILE F 76 19.41 84.95 23.48
N GLU F 77 20.56 84.75 24.13
CA GLU F 77 21.10 85.80 25.00
C GLU F 77 21.50 87.03 24.21
N ASN F 78 21.92 86.85 22.96
CA ASN F 78 22.59 87.92 22.23
C ASN F 78 21.91 88.31 20.95
N ARG F 79 20.90 87.56 20.51
CA ARG F 79 20.23 87.93 19.28
C ARG F 79 19.50 89.26 19.44
N THR F 80 19.32 89.91 18.31
CA THR F 80 18.49 91.10 18.23
C THR F 80 17.04 90.70 18.46
N LEU F 81 16.36 91.44 19.32
CA LEU F 81 14.93 91.26 19.54
C LEU F 81 14.21 92.46 18.96
N SER F 82 13.06 92.21 18.34
CA SER F 82 12.26 93.27 17.77
C SER F 82 10.83 93.16 18.27
N ILE F 83 10.24 94.30 18.57
CA ILE F 83 8.82 94.41 18.82
C ILE F 83 8.26 95.29 17.72
N ASN F 84 7.57 94.67 16.76
CA ASN F 84 7.00 95.38 15.64
C ASN F 84 5.87 96.29 16.11
N ASP F 85 5.60 97.29 15.29
CA ASP F 85 4.63 98.32 15.62
C ASP F 85 3.24 97.73 15.86
N GLY F 86 2.70 97.94 17.05
CA GLY F 86 1.34 97.54 17.32
C GLY F 86 1.17 96.11 17.76
N GLU F 87 2.27 95.40 18.00
CA GLU F 87 2.15 94.00 18.35
C GLU F 87 1.56 93.81 19.75
N LEU F 88 0.81 92.71 19.90
CA LEU F 88 0.45 92.19 21.20
C LEU F 88 1.15 90.90 21.51
N ILE F 89 1.43 90.09 20.50
CA ILE F 89 2.26 88.90 20.60
C ILE F 89 3.60 89.22 19.97
N VAL F 90 4.69 88.93 20.68
CA VAL F 90 6.01 89.33 20.20
C VAL F 90 6.86 88.10 19.95
N GLY F 91 7.84 88.27 19.07
CA GLY F 91 8.81 87.25 18.77
C GLY F 91 8.96 87.02 17.28
N GLU F 92 10.18 87.14 16.77
CA GLU F 92 10.46 86.87 15.38
C GLU F 92 11.61 85.88 15.29
N LYS F 93 11.54 84.98 14.30
CA LYS F 93 12.67 84.08 14.06
C LYS F 93 13.92 84.86 13.65
N GLY F 94 13.76 85.80 12.72
CA GLY F 94 14.87 86.54 12.19
C GLY F 94 14.93 87.95 12.72
N ASP F 95 15.61 88.81 11.95
CA ASP F 95 15.81 90.20 12.38
C ASP F 95 14.54 91.02 12.24
N SER F 96 13.67 90.67 11.31
CA SER F 96 12.47 91.43 11.01
C SER F 96 11.46 90.48 10.39
N PRO F 97 10.19 90.90 10.22
CA PRO F 97 9.22 90.04 9.56
C PRO F 97 9.75 89.54 8.22
N ASN F 98 9.46 88.27 7.94
CA ASN F 98 9.90 87.57 6.73
C ASN F 98 11.44 87.47 6.65
N GLY F 99 12.14 87.63 7.77
CA GLY F 99 13.57 87.38 7.77
C GLY F 99 13.90 85.97 8.23
N ALA F 100 14.29 85.12 7.31
CA ALA F 100 14.58 83.75 7.68
C ALA F 100 16.01 83.64 8.21
N PRO F 101 16.22 83.05 9.39
CA PRO F 101 17.60 82.78 9.84
C PRO F 101 18.24 81.74 8.94
N THR F 102 19.55 81.60 9.06
CA THR F 102 20.25 80.54 8.36
C THR F 102 20.59 79.45 9.37
N TYR F 103 20.76 78.25 8.86
CA TYR F 103 21.00 77.08 9.70
C TYR F 103 22.22 76.36 9.13
N PRO F 104 23.39 77.01 9.19
CA PRO F 104 24.58 76.40 8.59
C PRO F 104 25.00 75.11 9.26
N GLU F 105 24.52 74.84 10.49
CA GLU F 105 24.78 73.53 11.08
C GLU F 105 24.04 72.43 10.34
N ILE F 106 23.01 72.79 9.58
CA ILE F 106 22.28 71.81 8.78
C ILE F 106 22.74 71.90 7.34
N CYS F 107 22.54 73.07 6.74
CA CYS F 107 22.97 73.33 5.38
C CYS F 107 23.75 74.64 5.43
N CYS F 108 25.05 74.56 5.22
CA CYS F 108 25.87 75.76 5.11
C CYS F 108 25.90 76.13 3.63
N HIS F 109 25.23 77.21 3.30
CA HIS F 109 25.08 77.58 1.90
C HIS F 109 26.40 77.96 1.26
N THR F 110 26.59 77.52 0.03
CA THR F 110 27.70 78.05 -0.74
C THR F 110 27.37 79.49 -1.15
N MET F 111 28.33 80.16 -1.71
CA MET F 111 28.12 81.49 -2.15
C MET F 111 27.20 81.46 -3.34
N GLU F 112 27.19 80.38 -4.08
CA GLU F 112 26.32 80.26 -5.20
C GLU F 112 24.88 80.07 -4.77
N ASP F 113 24.67 79.41 -3.64
CA ASP F 113 23.37 79.20 -3.07
C ASP F 113 22.81 80.53 -2.67
N LEU F 114 23.58 81.34 -1.98
CA LEU F 114 23.10 82.65 -1.62
C LEU F 114 22.73 83.43 -2.86
N GLU F 115 23.57 83.37 -3.87
CA GLU F 115 23.28 84.06 -5.11
C GLU F 115 22.02 83.49 -5.76
N VAL F 116 21.89 82.17 -5.79
CA VAL F 116 20.74 81.53 -6.44
C VAL F 116 19.45 81.92 -5.73
N MET F 117 19.41 81.76 -4.41
CA MET F 117 18.18 82.04 -3.67
C MET F 117 17.85 83.52 -3.71
N HIS F 118 18.83 84.39 -3.96
CA HIS F 118 18.56 85.81 -4.06
C HIS F 118 17.89 86.17 -5.38
N ASN F 119 18.27 85.48 -6.42
CA ASN F 119 17.84 85.80 -7.73
C ASN F 119 16.84 84.89 -8.34
N ARG F 120 16.37 83.90 -7.63
CA ARG F 120 15.41 83.02 -8.24
C ARG F 120 14.06 83.67 -8.39
N ASP F 121 13.30 83.20 -9.34
CA ASP F 121 12.02 83.80 -9.60
C ASP F 121 10.99 83.60 -8.52
N ILE F 122 10.84 82.38 -8.09
CA ILE F 122 9.86 82.10 -7.05
C ILE F 122 10.57 81.66 -5.78
N ILE F 123 9.98 82.01 -4.65
CA ILE F 123 10.47 81.65 -3.32
C ILE F 123 11.91 82.16 -3.20
N ASN F 124 12.14 83.40 -3.62
CA ASN F 124 13.46 83.97 -3.47
C ASN F 124 13.61 84.54 -2.07
N PHE F 125 14.86 84.66 -1.63
CA PHE F 125 15.20 85.34 -0.38
C PHE F 125 16.33 86.30 -0.65
N SER F 126 16.14 87.56 -0.29
CA SER F 126 17.20 88.54 -0.49
C SER F 126 18.32 88.32 0.50
N VAL F 127 19.54 88.31 -0.03
CA VAL F 127 20.75 88.20 0.77
C VAL F 127 21.46 89.55 0.67
N SER F 128 21.41 90.31 1.75
CA SER F 128 22.11 91.58 1.77
C SER F 128 23.60 91.34 1.62
N GLU F 129 24.33 92.36 1.14
CA GLU F 129 25.78 92.23 1.05
C GLU F 129 26.39 91.97 2.42
N GLU F 130 25.85 92.60 3.47
CA GLU F 130 26.38 92.36 4.82
C GLU F 130 26.28 90.89 5.18
N ALA F 131 25.17 90.25 4.81
CA ALA F 131 25.01 88.82 5.07
C ALA F 131 25.92 87.98 4.18
N ARG F 132 26.03 88.33 2.88
CA ARG F 132 26.92 87.61 1.98
C ARG F 132 28.35 87.65 2.49
N LYS F 133 28.84 88.84 2.85
CA LYS F 133 30.20 88.96 3.35
C LYS F 133 30.39 88.11 4.59
N ILE F 134 29.51 88.27 5.58
CA ILE F 134 29.63 87.51 6.80
C ILE F 134 29.55 86.02 6.51
N HIS F 135 28.63 85.64 5.64
CA HIS F 135 28.54 84.23 5.35
C HIS F 135 29.82 83.70 4.72
N LYS F 136 30.41 84.44 3.78
CA LYS F 136 31.62 83.94 3.14
C LYS F 136 32.81 83.96 4.10
N GLU F 137 32.93 84.99 4.94
CA GLU F 137 34.13 85.17 5.74
C GLU F 137 34.03 84.55 7.13
N GLU F 138 32.85 84.50 7.73
CA GLU F 138 32.71 83.93 9.07
C GLU F 138 31.97 82.61 9.08
N ILE F 139 31.01 82.42 8.20
CA ILE F 139 30.15 81.23 8.30
C ILE F 139 30.77 80.07 7.53
N ILE F 140 31.08 80.28 6.24
CA ILE F 140 31.62 79.19 5.43
C ILE F 140 32.90 78.60 6.02
N PRO F 141 33.93 79.38 6.37
CA PRO F 141 35.16 78.74 6.89
C PRO F 141 34.91 77.86 8.10
N PHE F 142 33.89 78.16 8.88
CA PHE F 142 33.65 77.34 10.06
C PHE F 142 32.65 76.20 9.80
N TRP F 143 31.60 76.45 9.01
CA TRP F 143 30.48 75.52 8.92
C TRP F 143 30.49 74.66 7.66
N LYS F 144 31.31 75.00 6.67
CA LYS F 144 31.28 74.22 5.44
C LYS F 144 31.58 72.74 5.70
N LYS F 145 32.49 72.46 6.63
CA LYS F 145 32.82 71.08 6.94
C LYS F 145 31.96 70.51 8.06
N ARG F 146 31.33 71.35 8.86
CA ARG F 146 30.52 70.87 9.97
C ARG F 146 29.06 70.60 9.61
N GLN F 147 28.56 71.15 8.50
CA GLN F 147 27.14 71.03 8.17
C GLN F 147 26.69 69.58 8.03
N THR F 148 25.48 69.30 8.53
CA THR F 148 24.96 67.94 8.49
C THR F 148 24.68 67.46 7.08
N ARG F 149 24.39 68.38 6.15
CA ARG F 149 24.12 67.96 4.78
C ARG F 149 25.31 67.19 4.20
N ASP F 150 26.55 67.70 4.41
CA ASP F 150 27.75 67.01 3.92
C ASP F 150 27.95 65.68 4.65
N LYS F 151 27.73 65.65 5.96
CA LYS F 151 27.69 64.38 6.66
C LYS F 151 26.69 63.44 6.02
N ILE F 152 25.53 63.96 5.63
CA ILE F 152 24.52 63.09 5.03
C ILE F 152 24.96 62.65 3.64
N ILE F 153 25.28 63.60 2.78
CA ILE F 153 25.64 63.27 1.40
C ILE F 153 26.86 62.37 1.36
N ASN F 154 27.89 62.67 2.17
CA ASN F 154 29.08 61.82 2.18
C ASN F 154 28.82 60.41 2.67
N ALA F 155 27.78 60.20 3.45
CA ALA F 155 27.49 58.88 4.00
C ALA F 155 26.52 58.08 3.15
N MET F 156 26.02 58.65 2.05
CA MET F 156 25.03 57.94 1.25
C MET F 156 25.70 57.01 0.26
N THR F 157 25.01 55.92 -0.04
CA THR F 157 25.53 54.95 -0.97
C THR F 157 25.47 55.51 -2.39
N PRO F 158 26.24 54.93 -3.31
CA PRO F 158 26.06 55.30 -4.72
C PRO F 158 24.65 55.08 -5.23
N GLU F 159 24.02 53.96 -4.84
CA GLU F 159 22.63 53.74 -5.26
C GLU F 159 21.71 54.82 -4.72
N TRP F 160 21.94 55.27 -3.48
CA TRP F 160 21.12 56.34 -2.94
C TRP F 160 21.33 57.65 -3.69
N LEU F 161 22.60 58.03 -3.92
CA LEU F 161 22.87 59.29 -4.62
C LEU F 161 22.28 59.25 -6.03
N ALA F 162 22.38 58.12 -6.70
CA ALA F 162 21.82 58.01 -8.05
C ALA F 162 20.31 58.12 -8.03
N ALA F 163 19.64 57.38 -7.13
CA ALA F 163 18.20 57.46 -7.05
C ALA F 163 17.77 58.86 -6.65
N TYR F 164 18.45 59.44 -5.67
CA TYR F 164 18.14 60.80 -5.26
C TYR F 164 18.33 61.79 -6.39
N GLU F 165 19.48 61.73 -7.07
CA GLU F 165 19.69 62.67 -8.17
C GLU F 165 18.72 62.43 -9.31
N ALA F 166 18.32 61.18 -9.53
CA ALA F 166 17.35 60.86 -10.57
C ALA F 166 15.90 61.17 -10.17
N GLY F 167 15.66 61.63 -8.95
CA GLY F 167 14.31 61.96 -8.55
C GLY F 167 13.43 60.78 -8.17
N MET F 168 14.02 59.66 -7.73
CA MET F 168 13.22 58.55 -7.24
C MET F 168 12.57 58.88 -5.91
N PHE F 169 13.26 59.67 -5.10
CA PHE F 169 12.73 60.07 -3.82
C PHE F 169 13.41 61.38 -3.47
N THR F 170 12.97 61.98 -2.39
CA THR F 170 13.62 63.17 -1.89
C THR F 170 14.14 62.86 -0.49
N GLU F 171 14.95 63.77 0.04
CA GLU F 171 15.51 63.58 1.35
C GLU F 171 15.15 64.78 2.22
N PHE F 172 14.29 64.56 3.20
CA PHE F 172 13.79 65.67 4.00
C PHE F 172 14.87 66.29 4.87
N MET F 173 15.89 65.54 5.25
CA MET F 173 16.83 66.05 6.22
C MET F 173 18.11 66.61 5.62
N GLU F 174 18.16 66.80 4.31
CA GLU F 174 19.38 67.37 3.72
C GLU F 174 19.54 68.83 4.10
N GLN F 175 18.43 69.57 4.20
CA GLN F 175 18.49 70.99 4.49
C GLN F 175 17.61 71.42 5.65
N ARG F 176 16.91 70.50 6.30
CA ARG F 176 16.03 70.82 7.41
C ARG F 176 16.10 69.72 8.46
N ALA F 177 15.81 70.11 9.70
CA ALA F 177 15.75 69.17 10.81
C ALA F 177 14.44 68.38 10.76
N PRO F 178 14.42 67.18 11.36
CA PRO F 178 13.21 66.34 11.28
C PRO F 178 11.90 67.07 11.60
N GLY F 179 11.85 67.76 12.75
CA GLY F 179 10.68 68.50 13.18
C GLY F 179 9.37 67.76 12.98
N HIS F 180 8.43 68.41 12.29
CA HIS F 180 7.17 67.80 11.93
C HIS F 180 6.41 67.32 13.17
N THR F 181 6.36 68.19 14.17
CA THR F 181 5.70 67.86 15.40
C THR F 181 4.79 69.00 15.79
N VAL F 182 3.97 68.73 16.80
CA VAL F 182 2.89 69.61 17.18
C VAL F 182 2.91 69.78 18.68
N CYS F 183 2.69 71.00 19.12
CA CYS F 183 2.60 71.27 20.53
C CYS F 183 1.38 70.55 21.12
N GLY F 184 1.57 69.96 22.30
CA GLY F 184 0.48 69.40 23.06
C GLY F 184 0.02 70.44 24.06
N ASP F 185 -0.32 70.02 25.28
CA ASP F 185 -0.80 70.99 26.25
C ASP F 185 0.22 71.37 27.31
N THR F 186 1.45 70.83 27.25
CA THR F 186 2.43 71.06 28.32
C THR F 186 2.68 72.54 28.57
N ILE F 187 2.84 73.33 27.50
CA ILE F 187 3.18 74.73 27.67
C ILE F 187 2.03 75.55 28.27
N TYR F 188 0.82 75.01 28.30
CA TYR F 188 -0.23 75.74 28.99
C TYR F 188 -0.37 75.29 30.42
N LYS F 189 0.15 74.12 30.74
CA LYS F 189 0.13 73.60 32.09
C LYS F 189 1.41 73.91 32.86
N LYS F 190 2.52 74.15 32.15
CA LYS F 190 3.82 74.36 32.78
C LYS F 190 4.63 75.45 32.07
N GLY F 191 5.38 76.19 32.87
CA GLY F 191 6.39 77.08 32.33
C GLY F 191 7.71 76.35 32.18
N PHE F 192 8.68 77.06 31.60
CA PHE F 192 9.99 76.48 31.44
C PHE F 192 10.76 76.39 32.76
N LEU F 193 10.39 77.18 33.76
CA LEU F 193 10.90 76.94 35.10
C LEU F 193 10.37 75.61 35.64
N ASP F 194 9.08 75.32 35.42
CA ASP F 194 8.52 74.04 35.85
C ASP F 194 9.17 72.89 35.12
N LEU F 195 9.39 73.07 33.81
CA LEU F 195 10.04 72.04 33.02
C LEU F 195 11.49 71.86 33.46
N LYS F 196 12.18 72.95 33.77
CA LYS F 196 13.53 72.81 34.29
C LYS F 196 13.51 72.06 35.62
N LYS F 197 12.52 72.31 36.46
CA LYS F 197 12.44 71.57 37.72
C LYS F 197 12.23 70.08 37.46
N ASP F 198 11.35 69.74 36.51
CA ASP F 198 11.17 68.34 36.15
C ASP F 198 12.46 67.73 35.66
N ILE F 199 13.21 68.49 34.86
CA ILE F 199 14.46 68.00 34.32
C ILE F 199 15.48 67.80 35.43
N GLU F 200 15.57 68.75 36.37
CA GLU F 200 16.48 68.58 37.50
C GLU F 200 16.07 67.39 38.36
N ALA F 201 14.80 67.08 38.43
CA ALA F 201 14.36 65.94 39.18
C ALA F 201 14.74 64.67 38.47
N ARG F 202 14.86 64.77 37.17
CA ARG F 202 15.24 63.65 36.40
C ARG F 202 16.73 63.41 36.57
N LEU F 203 17.50 64.48 36.60
CA LEU F 203 18.92 64.38 36.76
C LEU F 203 19.26 63.84 38.10
N LYS F 204 18.53 64.28 39.11
CA LYS F 204 18.78 63.81 40.47
C LYS F 204 18.52 62.31 40.61
N GLU F 205 17.66 61.73 39.78
CA GLU F 205 17.27 60.34 39.94
C GLU F 205 17.93 59.42 38.92
N LEU F 206 18.83 59.93 38.11
CA LEU F 206 19.55 59.09 37.19
C LEU F 206 20.49 58.14 37.92
N ASP F 207 20.49 56.91 37.52
CA ASP F 207 21.26 55.87 38.14
C ASP F 207 22.44 55.50 37.32
N PHE F 208 23.61 55.97 37.67
CA PHE F 208 24.76 55.59 36.88
C PHE F 208 25.30 54.20 37.20
N LEU F 209 24.83 53.59 38.26
CA LEU F 209 25.27 52.26 38.67
C LEU F 209 24.57 51.20 37.83
N ASN F 210 23.25 51.32 37.64
CA ASN F 210 22.46 50.28 36.99
C ASN F 210 21.88 50.69 35.66
N ASP F 211 21.65 51.98 35.45
CA ASP F 211 21.13 52.46 34.17
C ASP F 211 22.34 52.74 33.29
N LEU F 212 22.69 51.80 32.40
CA LEU F 212 23.85 52.02 31.56
C LEU F 212 23.64 53.17 30.59
N ASP F 213 22.40 53.62 30.41
CA ASP F 213 22.03 54.73 29.55
C ASP F 213 22.07 56.04 30.30
N ALA F 214 22.49 56.03 31.55
CA ALA F 214 22.38 57.22 32.38
C ALA F 214 23.17 58.38 31.79
N TYR F 215 24.30 58.07 31.16
CA TYR F 215 25.14 59.13 30.61
C TYR F 215 24.41 59.85 29.48
N ASN F 216 23.83 59.09 28.56
CA ASN F 216 23.10 59.72 27.46
C ASN F 216 21.90 60.50 27.98
N LYS F 217 21.22 59.97 29.01
CA LYS F 217 20.13 60.72 29.62
C LYS F 217 20.64 62.01 30.25
N LYS F 218 21.78 61.94 30.94
CA LYS F 218 22.30 63.16 31.57
C LYS F 218 22.63 64.19 30.52
N ALA F 219 23.26 63.77 29.42
CA ALA F 219 23.64 64.71 28.39
C ALA F 219 22.41 65.38 27.81
N ASP F 220 21.38 64.60 27.47
CA ASP F 220 20.17 65.19 26.93
C ASP F 220 19.46 66.05 27.96
N LEU F 221 19.37 65.59 29.22
CA LEU F 221 18.70 66.36 30.26
C LEU F 221 19.43 67.66 30.57
N GLU F 222 20.77 67.61 30.69
CA GLU F 222 21.51 68.85 30.93
C GLU F 222 21.24 69.86 29.85
N ALA F 223 21.15 69.39 28.60
CA ALA F 223 20.86 70.28 27.49
C ALA F 223 19.44 70.81 27.58
N MET F 224 18.48 69.94 27.87
CA MET F 224 17.12 70.41 28.03
C MET F 224 17.05 71.48 29.11
N ALA F 225 17.83 71.29 30.19
CA ALA F 225 17.84 72.29 31.23
C ALA F 225 18.38 73.62 30.72
N ILE F 226 19.46 73.59 29.93
CA ILE F 226 19.99 74.82 29.34
C ILE F 226 18.97 75.40 28.36
N ALA F 227 18.24 74.55 27.65
CA ALA F 227 17.21 75.07 26.76
C ALA F 227 16.14 75.85 27.53
N CYS F 228 15.76 75.35 28.71
CA CYS F 228 14.80 76.08 29.54
C CYS F 228 15.34 77.43 29.95
N ASP F 229 16.59 77.45 30.41
CA ASP F 229 17.25 78.70 30.76
C ASP F 229 17.19 79.66 29.58
N ALA F 230 17.41 79.13 28.38
CA ALA F 230 17.33 79.99 27.19
C ALA F 230 15.91 80.53 27.03
N MET F 231 14.88 79.69 27.24
CA MET F 231 13.52 80.18 27.15
C MET F 231 13.26 81.22 28.22
N VAL F 232 13.78 81.01 29.42
CA VAL F 232 13.58 81.97 30.49
C VAL F 232 14.18 83.31 30.10
N ILE F 233 15.39 83.28 29.53
CA ILE F 233 16.07 84.50 29.11
C ILE F 233 15.29 85.19 27.99
N LEU F 234 14.68 84.41 27.10
CA LEU F 234 13.88 85.00 26.03
C LEU F 234 12.74 85.85 26.58
N GLY F 235 12.05 85.34 27.60
CA GLY F 235 11.01 86.14 28.20
C GLY F 235 11.58 87.34 28.91
N LYS F 236 12.64 87.13 29.69
CA LYS F 236 13.25 88.25 30.41
C LYS F 236 13.73 89.34 29.43
N ARG F 237 14.37 88.94 28.33
CA ARG F 237 14.90 89.91 27.38
C ARG F 237 13.76 90.67 26.68
N TYR F 238 12.69 89.97 26.29
CA TYR F 238 11.57 90.65 25.67
C TYR F 238 10.85 91.54 26.67
N ALA F 239 10.73 91.09 27.92
CA ALA F 239 10.15 91.94 28.95
C ALA F 239 10.97 93.21 29.14
N GLU F 240 12.30 93.08 29.17
CA GLU F 240 13.16 94.27 29.30
C GLU F 240 13.01 95.18 28.09
N LYS F 241 13.00 94.59 26.90
CA LYS F 241 12.85 95.40 25.71
C LYS F 241 11.51 96.09 25.69
N ALA F 242 10.44 95.40 26.11
CA ALA F 242 9.14 96.03 26.12
C ALA F 242 9.11 97.20 27.11
N ARG F 243 9.65 96.99 28.31
CA ARG F 243 9.66 98.09 29.29
C ARG F 243 10.55 99.22 28.84
N GLN F 244 11.72 98.91 28.25
CA GLN F 244 12.57 99.99 27.77
C GLN F 244 11.92 100.73 26.61
N MET F 245 11.13 100.02 25.80
CA MET F 245 10.39 100.70 24.74
C MET F 245 9.19 101.46 25.29
N ALA F 246 8.65 101.04 26.44
CA ALA F 246 7.57 101.81 27.06
C ALA F 246 8.08 103.13 27.61
N GLU F 247 9.30 103.15 28.16
CA GLU F 247 9.90 104.38 28.63
C GLU F 247 10.18 105.36 27.50
N GLU F 248 10.27 104.87 26.26
CA GLU F 248 10.53 105.72 25.10
C GLU F 248 9.27 106.03 24.30
N GLU F 249 8.16 105.36 24.57
CA GLU F 249 6.93 105.57 23.82
C GLU F 249 6.12 106.73 24.40
N THR F 250 5.74 107.69 23.52
CA THR F 250 4.95 108.83 23.98
C THR F 250 3.46 108.61 23.80
N ASP F 251 3.06 107.51 23.16
CA ASP F 251 1.67 107.17 22.89
C ASP F 251 1.13 106.25 23.97
N GLU F 252 0.63 106.83 25.06
CA GLU F 252 -0.06 106.11 26.13
C GLU F 252 -0.71 104.77 25.70
N ALA F 253 -1.35 104.72 24.52
CA ALA F 253 -1.96 103.47 24.08
C ALA F 253 -0.91 102.46 23.63
N LYS F 254 0.06 102.89 22.82
CA LYS F 254 1.16 102.00 22.46
C LYS F 254 1.99 101.62 23.68
N LYS F 255 2.16 102.55 24.62
CA LYS F 255 2.86 102.23 25.87
C LYS F 255 2.14 101.14 26.65
N LYS F 256 0.80 101.22 26.73
CA LYS F 256 0.05 100.23 27.47
C LYS F 256 0.18 98.86 26.83
N ASP F 257 0.28 98.83 25.50
CA ASP F 257 0.54 97.58 24.80
C ASP F 257 1.91 97.02 25.17
N LEU F 258 2.93 97.88 25.21
CA LEU F 258 4.27 97.42 25.59
C LEU F 258 4.29 96.96 27.05
N LEU F 259 3.67 97.72 27.95
CA LEU F 259 3.59 97.24 29.33
C LEU F 259 2.83 95.93 29.42
N LEU F 260 1.83 95.73 28.57
CA LEU F 260 1.12 94.45 28.54
C LEU F 260 2.02 93.35 27.99
N ILE F 261 2.82 93.65 26.96
CA ILE F 261 3.80 92.67 26.48
C ILE F 261 4.76 92.31 27.60
N ALA F 262 5.28 93.34 28.28
CA ALA F 262 6.21 93.10 29.37
C ALA F 262 5.58 92.24 30.46
N GLU F 263 4.34 92.56 30.84
CA GLU F 263 3.64 91.80 31.87
C GLU F 263 3.43 90.36 31.42
N THR F 264 3.10 90.17 30.14
CA THR F 264 2.95 88.82 29.62
C THR F 264 4.29 88.09 29.63
N CYS F 265 5.35 88.78 29.19
CA CYS F 265 6.66 88.15 29.17
C CYS F 265 7.25 87.97 30.56
N ASP F 266 6.74 88.67 31.56
CA ASP F 266 7.07 88.38 32.96
C ASP F 266 6.53 87.02 33.38
N VAL F 267 5.48 86.54 32.70
CA VAL F 267 4.89 85.25 33.02
C VAL F 267 5.47 84.17 32.13
N VAL F 268 5.32 84.35 30.82
CA VAL F 268 5.71 83.33 29.85
C VAL F 268 6.99 83.74 29.13
N PRO F 269 7.90 82.80 28.80
CA PRO F 269 7.74 81.36 28.95
C PRO F 269 8.23 80.76 30.27
N ALA F 270 8.65 81.59 31.22
CA ALA F 270 9.19 81.07 32.45
C ALA F 270 8.12 80.34 33.26
N HIS F 271 6.93 80.91 33.35
CA HIS F 271 5.84 80.33 34.11
C HIS F 271 4.71 79.91 33.18
N LYS F 272 3.81 79.09 33.71
CA LYS F 272 2.66 78.66 32.93
C LYS F 272 1.79 79.87 32.62
N PRO F 273 1.16 79.93 31.45
CA PRO F 273 0.27 81.06 31.18
C PRO F 273 -0.91 81.06 32.14
N GLU F 274 -1.29 82.25 32.60
CA GLU F 274 -2.48 82.35 33.42
C GLU F 274 -3.68 82.87 32.65
N THR F 275 -3.43 83.56 31.53
CA THR F 275 -4.48 84.16 30.75
C THR F 275 -4.38 83.65 29.31
N TYR F 276 -5.49 83.82 28.62
CA TYR F 276 -5.60 83.49 27.20
C TYR F 276 -4.49 84.18 26.40
N HIS F 277 -4.29 85.47 26.65
CA HIS F 277 -3.19 86.22 26.04
C HIS F 277 -1.86 85.54 26.31
N GLN F 278 -1.62 85.17 27.57
CA GLN F 278 -0.35 84.56 27.90
C GLN F 278 -0.22 83.19 27.26
N ALA F 279 -1.32 82.45 27.16
CA ALA F 279 -1.26 81.16 26.48
C ALA F 279 -0.79 81.35 25.05
N ILE F 280 -1.24 82.42 24.39
CA ILE F 280 -0.85 82.63 23.00
C ILE F 280 0.60 83.05 22.93
N GLN F 281 1.02 83.96 23.82
CA GLN F 281 2.42 84.39 23.82
C GLN F 281 3.34 83.23 24.18
N MET F 282 2.93 82.42 25.15
CA MET F 282 3.70 81.22 25.48
C MET F 282 3.84 80.35 24.25
N TYR F 283 2.72 80.05 23.59
CA TYR F 283 2.84 79.24 22.40
C TYR F 283 3.85 79.86 21.45
N TRP F 284 3.73 81.18 21.22
CA TRP F 284 4.56 81.81 20.20
C TRP F 284 6.04 81.83 20.60
N PHE F 285 6.33 82.01 21.90
CA PHE F 285 7.72 81.92 22.33
C PHE F 285 8.28 80.52 22.10
N VAL F 286 7.51 79.50 22.48
CA VAL F 286 7.91 78.14 22.19
C VAL F 286 8.12 77.96 20.69
N HIS F 287 7.24 78.56 19.90
CA HIS F 287 7.37 78.46 18.46
C HIS F 287 8.67 79.07 17.97
N ILE F 288 8.99 80.28 18.43
CA ILE F 288 10.23 80.92 18.05
C ILE F 288 11.41 80.09 18.52
N GLY F 289 11.36 79.63 19.75
CA GLY F 289 12.42 78.79 20.26
C GLY F 289 12.69 77.59 19.38
N VAL F 290 11.67 76.73 19.20
CA VAL F 290 11.94 75.44 18.57
C VAL F 290 12.29 75.59 17.09
N THR F 291 11.80 76.63 16.41
CA THR F 291 12.09 76.85 15.00
C THR F 291 13.35 77.66 14.75
N THR F 292 13.93 78.30 15.77
CA THR F 292 15.27 78.85 15.68
C THR F 292 16.30 77.94 16.29
N GLU F 293 15.88 77.03 17.17
CA GLU F 293 16.74 75.95 17.61
C GLU F 293 17.22 75.12 16.42
N LEU F 294 16.32 74.78 15.51
CA LEU F 294 16.62 74.03 14.30
C LEU F 294 15.64 74.43 13.21
N ASN F 295 16.07 74.31 11.95
CA ASN F 295 15.16 74.50 10.82
C ASN F 295 14.29 73.25 10.68
N ILE F 296 13.26 73.15 11.53
CA ILE F 296 12.45 71.93 11.63
C ILE F 296 11.33 71.96 10.59
N TRP F 297 11.05 70.82 9.98
CA TRP F 297 9.92 70.70 9.07
C TRP F 297 8.63 71.07 9.77
N ASP F 298 7.74 71.69 9.03
CA ASP F 298 6.45 72.12 9.52
C ASP F 298 6.43 73.07 10.67
N ALA F 299 7.53 73.77 10.89
CA ALA F 299 7.74 74.73 11.94
C ALA F 299 7.18 74.22 13.25
N PHE F 300 6.22 74.92 13.78
CA PHE F 300 5.54 74.44 14.93
C PHE F 300 4.09 74.85 14.84
N THR F 301 3.23 74.19 15.55
CA THR F 301 1.85 74.60 15.57
C THR F 301 1.31 74.31 16.95
N PRO F 302 0.36 75.12 17.44
CA PRO F 302 -0.34 74.77 18.69
C PRO F 302 -1.28 73.59 18.55
N GLY F 303 -1.45 73.05 17.36
CA GLY F 303 -2.33 71.93 17.16
C GLY F 303 -3.79 72.24 17.44
N ARG F 304 -4.33 71.64 18.51
CA ARG F 304 -5.72 71.83 18.89
C ARG F 304 -5.90 73.14 19.66
N LEU F 305 -5.59 74.23 18.96
CA LEU F 305 -5.61 75.57 19.57
C LEU F 305 -6.94 75.87 20.27
N ASP F 306 -8.08 75.48 19.66
CA ASP F 306 -9.36 75.77 20.29
C ASP F 306 -9.54 74.99 21.58
N GLN F 307 -9.01 73.78 21.68
CA GLN F 307 -9.11 73.04 22.93
C GLN F 307 -8.23 73.68 24.00
N HIS F 308 -7.02 74.12 23.64
CA HIS F 308 -6.12 74.66 24.65
C HIS F 308 -6.55 76.05 25.10
N LEU F 309 -7.03 76.87 24.17
CA LEU F 309 -7.39 78.24 24.50
C LEU F 309 -8.73 78.35 25.22
N ASN F 310 -9.69 77.43 24.97
CA ASN F 310 -11.05 77.61 25.48
C ASN F 310 -11.13 77.73 27.00
N PRO F 311 -10.53 76.85 27.81
CA PRO F 311 -10.60 77.08 29.26
C PRO F 311 -10.00 78.41 29.64
N PHE F 312 -8.97 78.88 28.92
CA PHE F 312 -8.46 80.22 29.19
C PHE F 312 -9.46 81.28 28.78
N TYR F 313 -10.07 81.11 27.61
CA TYR F 313 -11.09 82.04 27.16
C TYR F 313 -12.23 82.14 28.17
N GLU F 314 -12.81 81.01 28.55
CA GLU F 314 -13.93 81.03 29.48
C GLU F 314 -13.56 81.62 30.82
N ARG F 315 -12.41 81.23 31.33
CA ARG F 315 -11.98 81.73 32.63
C ARG F 315 -11.69 83.22 32.56
N ASP F 316 -11.11 83.67 31.45
CA ASP F 316 -10.80 85.10 31.30
C ASP F 316 -12.08 85.90 31.05
N VAL F 317 -13.01 85.34 30.28
CA VAL F 317 -14.29 86.02 30.07
C VAL F 317 -15.07 86.11 31.37
N GLU F 318 -15.07 85.02 32.15
CA GLU F 318 -15.71 85.04 33.46
C GLU F 318 -15.05 86.04 34.40
N ASN F 319 -13.76 86.31 34.22
CA ASN F 319 -13.09 87.31 35.04
C ASN F 319 -13.13 88.70 34.42
N GLY F 320 -13.81 88.85 33.29
CA GLY F 320 -13.95 90.14 32.68
C GLY F 320 -12.68 90.76 32.16
N ILE F 321 -11.61 89.97 31.98
CA ILE F 321 -10.38 90.48 31.36
C ILE F 321 -10.31 90.17 29.89
N LEU F 322 -11.34 89.54 29.35
CA LEU F 322 -11.34 89.16 27.94
C LEU F 322 -12.78 89.09 27.47
N ASP F 323 -12.99 89.45 26.21
CA ASP F 323 -14.25 89.20 25.51
C ASP F 323 -13.91 88.63 24.15
N ARG F 324 -14.94 88.35 23.36
CA ARG F 324 -14.72 87.68 22.08
C ARG F 324 -13.83 88.50 21.19
N ASP F 325 -13.96 89.79 21.28
CA ASP F 325 -13.20 90.67 20.46
C ASP F 325 -11.74 90.65 20.74
N ARG F 326 -11.34 90.71 22.01
CA ARG F 326 -9.93 90.66 22.34
C ARG F 326 -9.39 89.33 22.03
N ALA F 327 -10.14 88.29 22.30
CA ALA F 327 -9.69 86.98 22.00
C ALA F 327 -9.48 86.86 20.54
N GLN F 328 -10.35 87.41 19.72
CA GLN F 328 -10.15 87.32 18.29
C GLN F 328 -8.96 88.18 17.85
N GLU F 329 -8.80 89.37 18.46
CA GLU F 329 -7.68 90.22 18.13
C GLU F 329 -6.35 89.51 18.40
N LEU F 330 -6.26 88.89 19.58
CA LEU F 330 -5.06 88.13 19.93
C LEU F 330 -4.80 87.02 18.94
N LEU F 331 -5.85 86.29 18.55
CA LEU F 331 -5.67 85.24 17.55
C LEU F 331 -5.30 85.83 16.21
N GLU F 332 -5.79 87.03 15.89
CA GLU F 332 -5.40 87.66 14.64
C GLU F 332 -3.93 88.06 14.64
N CYS F 333 -3.43 88.54 15.78
CA CYS F 333 -2.00 88.82 15.92
C CYS F 333 -1.19 87.56 15.68
N LEU F 334 -1.57 86.47 16.35
CA LEU F 334 -0.87 85.19 16.21
C LEU F 334 -0.84 84.75 14.76
N TRP F 335 -1.96 84.90 14.05
CA TRP F 335 -1.97 84.56 12.64
C TRP F 335 -0.94 85.38 11.89
N VAL F 336 -0.83 86.67 12.18
CA VAL F 336 0.20 87.48 11.53
C VAL F 336 1.58 86.97 11.89
N LYS F 337 1.80 86.68 13.17
CA LYS F 337 3.09 86.16 13.61
C LYS F 337 3.46 84.91 12.82
N PHE F 338 2.53 83.98 12.65
CA PHE F 338 2.78 82.84 11.78
C PHE F 338 3.23 83.32 10.41
N ASN F 339 2.53 84.33 9.88
CA ASN F 339 2.77 84.72 8.50
C ASN F 339 4.09 85.44 8.32
N ASN F 340 4.64 85.99 9.40
CA ASN F 340 5.95 86.61 9.43
C ASN F 340 7.11 85.61 9.43
N GLN F 341 6.86 84.31 9.55
CA GLN F 341 7.91 83.31 9.66
C GLN F 341 7.93 82.46 8.41
N PRO F 342 8.74 82.80 7.41
CA PRO F 342 8.85 81.93 6.24
C PRO F 342 9.58 80.62 6.58
N ALA F 343 9.26 79.58 5.83
CA ALA F 343 10.14 78.43 5.82
C ALA F 343 11.52 78.93 5.37
N PRO F 344 12.57 78.72 6.16
CA PRO F 344 13.89 79.26 5.79
C PRO F 344 14.30 78.79 4.41
N PRO F 345 15.19 79.53 3.73
CA PRO F 345 15.45 79.26 2.31
C PRO F 345 15.84 77.82 2.06
N LYS F 346 15.25 77.23 1.04
CA LYS F 346 15.58 75.91 0.55
C LYS F 346 16.27 76.06 -0.79
N VAL F 347 17.13 75.12 -1.14
CA VAL F 347 17.75 75.10 -2.45
C VAL F 347 17.65 73.69 -2.99
N GLY F 348 18.08 73.52 -4.24
CA GLY F 348 18.09 72.21 -4.85
C GLY F 348 16.75 71.50 -4.70
N ILE F 349 16.84 70.20 -4.40
CA ILE F 349 15.66 69.34 -4.36
C ILE F 349 14.69 69.78 -3.28
N THR F 350 15.24 70.25 -2.16
CA THR F 350 14.38 70.63 -1.03
C THR F 350 13.42 71.74 -1.45
N LEU F 351 13.88 72.64 -2.31
CA LEU F 351 12.98 73.65 -2.84
C LEU F 351 11.97 73.03 -3.79
N LYS F 352 12.42 72.16 -4.68
CA LYS F 352 11.48 71.58 -5.63
C LYS F 352 10.32 70.88 -4.92
N GLU F 353 10.61 70.10 -3.87
CA GLU F 353 9.58 69.31 -3.20
C GLU F 353 8.72 70.14 -2.26
N SER F 354 9.17 71.34 -1.90
CA SER F 354 8.48 72.19 -0.97
C SER F 354 8.62 73.63 -1.45
N SER F 355 8.09 73.89 -2.64
CA SER F 355 8.31 75.17 -3.32
C SER F 355 7.37 76.23 -2.74
N THR F 356 7.67 76.66 -1.52
CA THR F 356 6.78 77.58 -0.85
C THR F 356 7.52 78.29 0.27
N TYR F 357 7.06 79.49 0.58
CA TYR F 357 7.49 80.16 1.79
C TYR F 357 6.77 79.63 3.02
N THR F 358 5.60 79.03 2.84
CA THR F 358 4.83 78.61 3.99
C THR F 358 5.54 77.47 4.69
N ASP F 359 5.34 77.40 5.99
CA ASP F 359 6.00 76.39 6.81
C ASP F 359 5.00 75.43 7.45
N PHE F 360 3.79 75.35 6.92
CA PHE F 360 2.84 74.28 7.24
C PHE F 360 2.58 74.20 8.75
N ALA F 361 2.40 75.34 9.37
CA ALA F 361 1.97 75.41 10.77
C ALA F 361 0.46 75.12 10.78
N ASN F 362 0.12 73.83 10.99
CA ASN F 362 -1.23 73.31 10.81
C ASN F 362 -2.01 73.36 12.11
N ILE F 363 -3.07 74.16 12.14
CA ILE F 363 -3.97 74.26 13.27
C ILE F 363 -5.22 73.44 12.98
N ASN F 364 -5.70 72.69 13.99
CA ASN F 364 -6.87 71.81 13.91
C ASN F 364 -7.96 72.36 14.82
N THR F 365 -9.02 72.88 14.22
CA THR F 365 -10.10 73.48 14.98
C THR F 365 -11.35 72.60 14.88
N GLY F 366 -12.09 72.49 15.97
CA GLY F 366 -13.22 71.60 16.00
C GLY F 366 -12.92 70.27 16.66
N GLY F 367 -13.08 69.17 15.92
CA GLY F 367 -12.77 67.84 16.40
C GLY F 367 -13.43 67.53 17.73
N ILE F 368 -12.74 66.72 18.52
CA ILE F 368 -13.23 66.28 19.82
C ILE F 368 -12.32 66.82 20.91
N ASN F 369 -12.88 66.90 22.11
CA ASN F 369 -12.11 67.30 23.27
C ASN F 369 -11.44 66.07 23.86
N PRO F 370 -10.55 66.24 24.83
CA PRO F 370 -9.86 65.06 25.39
C PRO F 370 -10.80 63.96 25.80
N ASP F 371 -12.03 64.28 26.20
CA ASP F 371 -12.96 63.23 26.56
C ASP F 371 -13.64 62.61 25.37
N GLY F 372 -13.30 63.01 24.18
CA GLY F 372 -13.89 62.43 23.02
C GLY F 372 -15.22 62.95 22.61
N GLN F 373 -15.71 63.95 23.31
CA GLN F 373 -16.96 64.52 22.90
C GLN F 373 -16.71 65.66 21.95
N ASP F 374 -17.78 66.22 21.42
CA ASP F 374 -17.76 67.35 20.50
C ASP F 374 -16.80 68.42 20.97
N GLY F 375 -15.88 68.76 20.12
CA GLY F 375 -14.84 69.69 20.54
C GLY F 375 -15.12 71.14 20.18
N VAL F 376 -16.15 71.36 19.38
CA VAL F 376 -16.48 72.72 19.00
C VAL F 376 -16.86 73.54 20.22
N ASN F 377 -16.19 74.67 20.39
CA ASN F 377 -16.47 75.59 21.50
C ASN F 377 -16.44 77.00 20.93
N GLU F 378 -16.52 78.02 21.79
CA GLU F 378 -16.57 79.39 21.27
C GLU F 378 -15.25 79.78 20.61
N VAL F 379 -14.13 79.29 21.15
CA VAL F 379 -12.86 79.56 20.51
C VAL F 379 -12.80 78.90 19.14
N SER F 380 -13.43 77.74 18.97
CA SER F 380 -13.45 77.16 17.63
C SER F 380 -14.01 78.14 16.63
N TYR F 381 -15.12 78.81 17.00
CA TYR F 381 -15.75 79.76 16.08
C TYR F 381 -14.94 81.03 15.95
N ILE F 382 -14.31 81.47 17.02
CA ILE F 382 -13.42 82.63 16.92
C ILE F 382 -12.34 82.35 15.89
N ILE F 383 -11.71 81.16 15.98
CA ILE F 383 -10.67 80.79 15.04
C ILE F 383 -11.19 80.81 13.61
N LEU F 384 -12.37 80.24 13.39
CA LEU F 384 -12.97 80.32 12.06
C LEU F 384 -13.12 81.75 11.62
N ASP F 385 -13.55 82.63 12.53
CA ASP F 385 -13.68 84.02 12.16
C ASP F 385 -12.32 84.66 11.85
N VAL F 386 -11.27 84.38 12.65
CA VAL F 386 -9.99 85.06 12.38
C VAL F 386 -9.38 84.52 11.09
N MET F 387 -9.44 83.23 10.85
CA MET F 387 -8.88 82.73 9.60
C MET F 387 -9.67 83.26 8.42
N ASP F 388 -10.99 83.39 8.56
CA ASP F 388 -11.83 83.96 7.52
C ASP F 388 -11.43 85.40 7.26
N GLU F 389 -11.32 86.18 8.33
CA GLU F 389 -10.97 87.59 8.21
C GLU F 389 -9.53 87.78 7.71
N MET F 390 -8.56 87.05 8.29
CA MET F 390 -7.16 87.32 8.01
C MET F 390 -6.73 86.85 6.62
N LYS F 391 -7.34 85.78 6.09
CA LYS F 391 -6.98 85.22 4.80
C LYS F 391 -5.44 85.14 4.61
N LEU F 392 -4.77 84.55 5.58
CA LEU F 392 -3.33 84.37 5.52
C LEU F 392 -3.01 82.91 5.27
N ILE F 393 -2.11 82.65 4.31
CA ILE F 393 -1.76 81.27 4.02
C ILE F 393 -0.90 80.65 5.12
N GLN F 394 -0.41 81.46 6.06
CA GLN F 394 0.12 80.94 7.30
C GLN F 394 -0.66 81.56 8.45
N PRO F 395 -1.09 80.79 9.45
CA PRO F 395 -0.90 79.35 9.61
C PRO F 395 -1.79 78.62 8.66
N SER F 396 -1.66 77.31 8.59
CA SER F 396 -2.62 76.49 7.86
C SER F 396 -3.76 76.18 8.83
N SER F 397 -4.82 77.01 8.78
CA SER F 397 -5.94 76.91 9.72
C SER F 397 -7.00 75.94 9.20
N ASN F 398 -7.13 74.79 9.82
CA ASN F 398 -8.01 73.75 9.27
C ASN F 398 -9.01 73.28 10.33
N VAL F 399 -9.95 72.44 9.92
CA VAL F 399 -10.99 71.98 10.81
C VAL F 399 -10.98 70.47 10.88
N GLN F 400 -11.26 69.95 12.07
CA GLN F 400 -11.52 68.53 12.26
C GLN F 400 -13.04 68.35 12.36
N ILE F 401 -13.60 67.54 11.48
CA ILE F 401 -15.03 67.29 11.51
C ILE F 401 -15.25 65.92 12.09
N SER F 402 -15.98 65.86 13.19
CA SER F 402 -16.38 64.60 13.77
C SER F 402 -17.85 64.32 13.44
N LYS F 403 -18.25 63.05 13.55
CA LYS F 403 -19.68 62.78 13.54
C LYS F 403 -20.39 63.51 14.67
N LYS F 404 -19.66 63.96 15.68
CA LYS F 404 -20.20 64.69 16.81
C LYS F 404 -20.18 66.20 16.58
N THR F 405 -19.63 66.62 15.47
CA THR F 405 -19.49 68.04 15.23
C THR F 405 -20.85 68.63 14.89
N PRO F 406 -21.24 69.75 15.49
CA PRO F 406 -22.50 70.39 15.12
C PRO F 406 -22.48 70.80 13.65
N GLN F 407 -23.60 70.58 12.98
CA GLN F 407 -23.70 70.94 11.57
C GLN F 407 -23.43 72.42 11.35
N LYS F 408 -23.81 73.27 12.30
CA LYS F 408 -23.54 74.70 12.16
C LYS F 408 -22.05 74.94 11.95
N PHE F 409 -21.20 74.26 12.73
CA PHE F 409 -19.76 74.46 12.61
C PHE F 409 -19.22 73.95 11.28
N LEU F 410 -19.67 72.76 10.86
CA LEU F 410 -19.23 72.23 9.57
C LEU F 410 -19.62 73.15 8.45
N LYS F 411 -20.86 73.66 8.48
CA LYS F 411 -21.29 74.57 7.43
C LYS F 411 -20.48 75.85 7.48
N ARG F 412 -20.17 76.33 8.68
CA ARG F 412 -19.36 77.53 8.76
C ARG F 412 -18.01 77.31 8.09
N ALA F 413 -17.37 76.17 8.33
CA ALA F 413 -16.10 75.89 7.67
C ALA F 413 -16.29 75.82 6.18
N CYS F 414 -17.38 75.18 5.73
CA CYS F 414 -17.68 75.18 4.30
C CYS F 414 -17.91 76.58 3.76
N GLU F 415 -18.49 77.47 4.57
CA GLU F 415 -18.58 78.88 4.17
C GLU F 415 -17.21 79.44 3.83
N ILE F 416 -16.21 79.15 4.68
CA ILE F 416 -14.89 79.69 4.42
C ILE F 416 -14.25 78.96 3.26
N SER F 417 -14.42 77.64 3.21
CA SER F 417 -13.81 76.88 2.14
C SER F 417 -14.30 77.36 0.78
N ARG F 418 -15.62 77.58 0.64
CA ARG F 418 -16.13 77.96 -0.67
C ARG F 418 -15.67 79.35 -1.09
N LYS F 419 -15.18 80.18 -0.16
CA LYS F 419 -14.60 81.47 -0.55
C LYS F 419 -13.33 81.31 -1.37
N GLY F 420 -12.80 80.10 -1.48
CA GLY F 420 -11.89 79.79 -2.54
C GLY F 420 -10.43 80.04 -2.31
N TRP F 421 -9.99 80.31 -1.08
CA TRP F 421 -8.55 80.39 -0.84
C TRP F 421 -8.03 79.14 -0.15
N GLY F 422 -8.68 78.00 -0.35
CA GLY F 422 -8.16 76.72 0.10
C GLY F 422 -8.49 76.32 1.52
N GLN F 423 -8.27 77.21 2.44
CA GLN F 423 -8.54 76.93 3.84
C GLN F 423 -10.04 77.09 4.15
N PRO F 424 -10.57 76.34 5.13
CA PRO F 424 -9.86 75.30 5.87
C PRO F 424 -9.93 74.00 5.14
N ALA F 425 -8.97 73.13 5.39
CA ALA F 425 -9.12 71.76 4.98
C ALA F 425 -9.93 71.02 6.05
N PHE F 426 -10.49 69.89 5.64
CA PHE F 426 -11.38 69.11 6.49
C PHE F 426 -10.70 67.81 6.81
N TYR F 427 -10.64 67.49 8.09
CA TYR F 427 -10.08 66.23 8.54
C TYR F 427 -11.13 65.45 9.30
N ASN F 428 -11.13 64.14 9.08
CA ASN F 428 -12.10 63.25 9.71
C ASN F 428 -11.58 62.91 11.10
N THR F 429 -12.22 63.46 12.12
CA THR F 429 -11.78 63.19 13.48
C THR F 429 -11.79 61.69 13.76
N GLU F 430 -12.81 60.99 13.29
CA GLU F 430 -12.89 59.57 13.58
C GLU F 430 -11.81 58.80 12.83
N ALA F 431 -11.51 59.21 11.59
CA ALA F 431 -10.42 58.54 10.89
C ALA F 431 -9.10 58.80 11.60
N ILE F 432 -8.84 60.06 11.93
CA ILE F 432 -7.64 60.42 12.66
C ILE F 432 -7.51 59.57 13.91
N VAL F 433 -8.60 59.45 14.68
CA VAL F 433 -8.53 58.71 15.93
C VAL F 433 -8.17 57.25 15.65
N GLN F 434 -8.84 56.65 14.67
CA GLN F 434 -8.58 55.26 14.33
C GLN F 434 -7.19 55.08 13.74
N GLU F 435 -6.75 56.02 12.88
CA GLU F 435 -5.40 55.97 12.37
C GLU F 435 -4.39 55.98 13.51
N LEU F 436 -4.56 56.90 14.46
CA LEU F 436 -3.67 56.96 15.61
C LEU F 436 -3.71 55.67 16.41
N MET F 437 -4.90 55.11 16.65
CA MET F 437 -4.94 53.86 17.40
C MET F 437 -4.32 52.71 16.60
N GLU F 438 -4.52 52.69 15.29
CA GLU F 438 -3.91 51.66 14.46
C GLU F 438 -2.38 51.72 14.57
N ALA F 439 -1.82 52.90 14.74
CA ALA F 439 -0.38 53.04 14.91
C ALA F 439 0.06 52.76 16.33
N GLY F 440 -0.88 52.49 17.23
CA GLY F 440 -0.56 52.15 18.60
C GLY F 440 -0.86 53.23 19.62
N LYS F 441 -1.41 54.37 19.21
CA LYS F 441 -1.79 55.36 20.20
C LYS F 441 -3.02 54.88 20.97
N THR F 442 -3.02 55.11 22.28
CA THR F 442 -4.21 54.83 23.08
C THR F 442 -5.34 55.79 22.67
N ILE F 443 -6.59 55.39 22.94
CA ILE F 443 -7.70 56.30 22.64
C ILE F 443 -7.53 57.61 23.39
N GLU F 444 -7.00 57.53 24.61
CA GLU F 444 -6.79 58.76 25.37
C GLU F 444 -5.85 59.69 24.62
N ASP F 445 -4.73 59.15 24.12
CA ASP F 445 -3.80 59.99 23.36
C ASP F 445 -4.31 60.29 21.96
N ALA F 446 -5.00 59.34 21.34
CA ALA F 446 -5.58 59.60 20.03
C ALA F 446 -6.54 60.78 20.09
N ARG F 447 -7.29 60.90 21.19
CA ARG F 447 -8.23 62.00 21.34
C ARG F 447 -7.54 63.35 21.40
N LEU F 448 -6.26 63.38 21.73
CA LEU F 448 -5.49 64.62 21.69
C LEU F 448 -4.87 64.89 20.31
N GLY F 449 -5.11 64.01 19.34
CA GLY F 449 -4.40 64.03 18.09
C GLY F 449 -5.07 64.84 16.99
N GLY F 450 -4.49 64.75 15.81
CA GLY F 450 -5.01 65.47 14.66
C GLY F 450 -4.04 65.38 13.53
N THR F 451 -4.06 66.38 12.67
CA THR F 451 -3.16 66.42 11.53
C THR F 451 -2.21 67.60 11.63
N SER F 452 -1.02 67.44 11.07
CA SER F 452 -0.01 68.46 11.03
C SER F 452 0.50 68.53 9.61
N GLY F 453 1.35 69.51 9.34
CA GLY F 453 1.82 69.70 7.99
C GLY F 453 0.67 69.80 7.02
N CYS F 454 0.64 68.89 6.05
CA CYS F 454 -0.46 68.89 5.10
C CYS F 454 -1.64 68.11 5.65
N VAL F 455 -1.45 66.81 5.89
CA VAL F 455 -2.54 65.96 6.32
C VAL F 455 -2.00 64.97 7.34
N GLU F 456 -0.80 65.19 7.83
CA GLU F 456 -0.10 64.12 8.51
C GLU F 456 -0.67 63.93 9.90
N THR F 457 -1.15 62.71 10.15
CA THR F 457 -1.70 62.37 11.46
C THR F 457 -0.60 62.17 12.49
N GLY F 458 -0.80 62.74 13.68
CA GLY F 458 0.14 62.58 14.78
C GLY F 458 -0.57 62.78 16.09
N CYS F 459 0.06 62.29 17.15
CA CYS F 459 -0.49 62.50 18.48
C CYS F 459 0.19 63.74 19.03
N PHE F 460 -0.54 64.84 19.02
CA PHE F 460 0.06 66.13 19.33
C PHE F 460 0.74 66.12 20.70
N GLY F 461 1.97 66.66 20.74
CA GLY F 461 2.76 66.75 21.95
C GLY F 461 3.36 65.44 22.44
N LYS F 462 3.12 64.34 21.74
CA LYS F 462 3.52 63.04 22.25
C LYS F 462 4.19 62.19 21.18
N GLU F 463 4.50 62.76 20.02
CA GLU F 463 4.97 61.93 18.93
C GLU F 463 6.02 62.65 18.12
N ALA F 464 7.07 61.92 17.77
CA ALA F 464 7.95 62.29 16.68
C ALA F 464 7.46 61.48 15.52
N TYR F 465 6.79 62.14 14.60
CA TYR F 465 6.35 61.47 13.39
C TYR F 465 7.02 62.24 12.26
N VAL F 466 8.15 61.71 11.83
CA VAL F 466 9.06 62.39 10.93
C VAL F 466 8.77 61.95 9.50
N LEU F 467 8.52 62.90 8.62
CA LEU F 467 8.46 62.60 7.21
C LEU F 467 9.89 62.60 6.71
N THR F 468 10.27 61.58 5.95
CA THR F 468 11.64 61.46 5.51
C THR F 468 11.81 61.79 4.05
N GLY F 469 10.75 61.86 3.29
CA GLY F 469 10.86 62.26 1.90
C GLY F 469 9.76 61.62 1.08
N TYR F 470 9.50 62.24 -0.06
CA TYR F 470 8.50 61.74 -0.96
C TYR F 470 9.07 60.58 -1.73
N MET F 471 8.22 59.64 -2.07
CA MET F 471 8.58 58.48 -2.87
C MET F 471 7.82 58.56 -4.19
N ASN F 472 8.57 58.56 -5.28
CA ASN F 472 8.04 58.74 -6.64
C ASN F 472 7.48 57.42 -7.14
N ILE F 473 6.29 57.06 -6.65
CA ILE F 473 5.67 55.78 -7.01
C ILE F 473 5.46 55.61 -8.50
N PRO F 474 4.97 56.59 -9.26
CA PRO F 474 4.87 56.38 -10.71
C PRO F 474 6.22 56.12 -11.36
N LYS F 475 7.28 56.81 -10.93
CA LYS F 475 8.59 56.56 -11.54
C LYS F 475 9.10 55.18 -11.17
N ILE F 476 8.67 54.65 -10.03
CA ILE F 476 9.01 53.27 -9.74
C ILE F 476 8.37 52.35 -10.77
N LEU F 477 7.12 52.63 -11.15
CA LEU F 477 6.52 51.88 -12.26
C LEU F 477 7.31 52.11 -13.54
N GLU F 478 7.75 53.35 -13.78
CA GLU F 478 8.57 53.62 -14.96
C GLU F 478 9.84 52.77 -14.96
N LEU F 479 10.53 52.69 -13.82
CA LEU F 479 11.67 51.80 -13.70
C LEU F 479 11.25 50.36 -14.01
N THR F 480 10.13 49.92 -13.44
CA THR F 480 9.62 48.59 -13.73
C THR F 480 9.48 48.39 -15.22
N LEU F 481 8.87 49.36 -15.90
CA LEU F 481 8.67 49.23 -17.33
C LEU F 481 9.98 49.30 -18.12
N ASN F 482 11.06 49.80 -17.51
CA ASN F 482 12.35 49.92 -18.18
C ASN F 482 13.44 49.03 -17.57
N ASN F 483 13.06 47.94 -16.93
CA ASN F 483 14.01 47.00 -16.38
C ASN F 483 15.03 47.69 -15.48
N GLY F 484 14.55 48.61 -14.65
CA GLY F 484 15.39 49.33 -13.71
C GLY F 484 16.10 50.52 -14.30
N TYR F 485 16.07 50.68 -15.62
CA TYR F 485 16.72 51.80 -16.28
C TYR F 485 15.86 53.05 -16.18
N ASP F 486 16.47 54.18 -15.87
CA ASP F 486 15.75 55.44 -15.84
C ASP F 486 15.94 56.11 -17.18
N PRO F 487 14.90 56.23 -18.01
CA PRO F 487 15.06 56.86 -19.33
C PRO F 487 15.39 58.35 -19.26
N ILE F 488 15.27 58.98 -18.10
CA ILE F 488 15.52 60.41 -18.03
C ILE F 488 16.99 60.65 -17.66
N SER F 489 17.42 60.12 -16.52
CA SER F 489 18.83 60.26 -16.19
C SER F 489 19.70 59.32 -16.99
N LYS F 490 19.10 58.35 -17.68
CA LYS F 490 19.81 57.39 -18.52
C LYS F 490 20.82 56.58 -17.72
N LYS F 491 20.46 56.27 -16.47
CA LYS F 491 21.29 55.47 -15.59
C LYS F 491 20.46 54.28 -15.14
N GLN F 492 21.13 53.26 -14.61
CA GLN F 492 20.42 52.10 -14.07
C GLN F 492 20.13 52.39 -12.61
N ILE F 493 18.99 53.07 -12.39
CA ILE F 493 18.63 53.50 -11.05
C ILE F 493 18.03 52.34 -10.26
N GLY F 494 17.19 51.55 -10.91
CA GLY F 494 16.53 50.43 -10.27
C GLY F 494 17.28 49.12 -10.46
N ILE F 495 16.54 48.04 -10.33
CA ILE F 495 17.07 46.69 -10.49
C ILE F 495 16.40 46.04 -11.69
N GLU F 496 16.91 44.88 -12.10
CA GLU F 496 16.39 44.18 -13.25
C GLU F 496 15.22 43.28 -12.85
N THR F 497 14.02 43.78 -13.02
CA THR F 497 12.87 42.95 -12.75
C THR F 497 12.37 42.25 -13.99
N GLY F 498 13.04 42.47 -15.12
CA GLY F 498 12.68 41.78 -16.33
C GLY F 498 12.23 42.70 -17.43
N ASP F 499 12.33 42.25 -18.67
CA ASP F 499 11.76 42.95 -19.80
C ASP F 499 10.25 42.86 -19.69
N PRO F 500 9.54 43.97 -19.48
CA PRO F 500 8.08 43.87 -19.27
C PRO F 500 7.35 43.31 -20.48
N ARG F 501 7.97 43.32 -21.66
CA ARG F 501 7.39 42.68 -22.83
C ARG F 501 7.22 41.19 -22.62
N ASN F 502 8.01 40.59 -21.73
CA ASN F 502 7.97 39.16 -21.42
C ASN F 502 6.98 38.84 -20.32
N PHE F 503 6.37 39.84 -19.68
CA PHE F 503 5.39 39.58 -18.63
C PHE F 503 4.12 39.03 -19.26
N GLN F 504 3.72 37.84 -18.84
CA GLN F 504 2.58 37.14 -19.43
C GLN F 504 1.24 37.50 -18.82
N SER F 505 1.22 38.22 -17.70
CA SER F 505 -0.04 38.55 -17.06
C SER F 505 0.12 39.87 -16.34
N TYR F 506 -1.01 40.50 -16.01
CA TYR F 506 -0.94 41.72 -15.21
C TYR F 506 -0.25 41.45 -13.87
N GLU F 507 -0.55 40.32 -13.24
CA GLU F 507 0.04 40.02 -11.94
C GLU F 507 1.56 40.02 -12.02
N GLU F 508 2.13 39.45 -13.09
CA GLU F 508 3.58 39.37 -13.21
C GLU F 508 4.19 40.76 -13.34
N LEU F 509 3.55 41.65 -14.09
CA LEU F 509 4.02 43.02 -14.11
C LEU F 509 3.92 43.65 -12.74
N PHE F 510 2.81 43.40 -12.04
CA PHE F 510 2.63 44.03 -10.74
C PHE F 510 3.65 43.50 -9.76
N GLU F 511 3.98 42.21 -9.85
CA GLU F 511 5.05 41.66 -9.02
C GLU F 511 6.37 42.33 -9.31
N ALA F 512 6.67 42.56 -10.59
CA ALA F 512 7.90 43.28 -10.92
C ALA F 512 7.88 44.68 -10.35
N PHE F 513 6.72 45.32 -10.35
CA PHE F 513 6.63 46.67 -9.78
C PHE F 513 6.91 46.65 -8.27
N LYS F 514 6.32 45.69 -7.56
CA LYS F 514 6.54 45.57 -6.12
C LYS F 514 8.01 45.35 -5.82
N LYS F 515 8.71 44.60 -6.70
CA LYS F 515 10.14 44.40 -6.53
C LYS F 515 10.89 45.70 -6.73
N GLN F 516 10.51 46.46 -7.75
CA GLN F 516 11.12 47.77 -7.93
C GLN F 516 10.81 48.65 -6.73
N LEU F 517 9.58 48.55 -6.21
CA LEU F 517 9.18 49.29 -5.02
C LEU F 517 10.00 48.88 -3.82
N HIS F 518 10.18 47.56 -3.64
CA HIS F 518 10.99 47.07 -2.53
C HIS F 518 12.41 47.62 -2.60
N TYR F 519 13.03 47.52 -3.78
CA TYR F 519 14.40 48.01 -3.91
C TYR F 519 14.48 49.48 -3.58
N MET F 520 13.60 50.29 -4.16
CA MET F 520 13.70 51.73 -3.96
C MET F 520 13.43 52.10 -2.52
N ILE F 521 12.46 51.43 -1.89
CA ILE F 521 12.19 51.70 -0.48
C ILE F 521 13.39 51.31 0.34
N ASP F 522 14.03 50.19 -0.01
CA ASP F 522 15.23 49.75 0.70
C ASP F 522 16.31 50.81 0.64
N ILE F 523 16.56 51.36 -0.54
CA ILE F 523 17.56 52.41 -0.66
C ILE F 523 17.18 53.60 0.21
N LYS F 524 15.91 54.01 0.12
CA LYS F 524 15.46 55.16 0.87
C LYS F 524 15.58 54.92 2.37
N ILE F 525 15.13 53.75 2.82
CA ILE F 525 15.18 53.42 4.24
C ILE F 525 16.63 53.33 4.70
N GLU F 526 17.49 52.73 3.88
CA GLU F 526 18.91 52.63 4.22
C GLU F 526 19.51 54.03 4.41
N GLY F 527 19.23 54.94 3.48
CA GLY F 527 19.64 56.31 3.68
C GLY F 527 19.00 56.92 4.91
N ASN F 528 17.71 56.60 5.13
CA ASN F 528 16.99 57.16 6.28
C ASN F 528 17.62 56.76 7.59
N ALA F 529 18.04 55.49 7.70
CA ALA F 529 18.64 55.02 8.93
C ALA F 529 19.92 55.79 9.22
N VAL F 530 20.77 55.97 8.21
CA VAL F 530 21.98 56.74 8.40
C VAL F 530 21.64 58.16 8.79
N ILE F 531 20.69 58.76 8.07
CA ILE F 531 20.31 60.15 8.33
C ILE F 531 19.71 60.31 9.73
N GLU F 532 18.86 59.36 10.14
CA GLU F 532 18.28 59.45 11.47
C GLU F 532 19.36 59.43 12.54
N ASN F 533 20.42 58.65 12.31
CA ASN F 533 21.57 58.66 13.22
C ASN F 533 22.24 60.01 13.25
N ILE F 534 22.52 60.56 12.06
CA ILE F 534 23.17 61.86 11.96
C ILE F 534 22.34 62.91 12.68
N CYS F 535 21.02 62.88 12.48
CA CYS F 535 20.16 63.85 13.18
C CYS F 535 20.14 63.62 14.67
N ALA F 536 20.10 62.35 15.10
CA ALA F 536 20.14 62.09 16.53
C ALA F 536 21.45 62.58 17.13
N LYS F 537 22.58 62.34 16.47
CA LYS F 537 23.84 62.74 17.06
C LYS F 537 24.13 64.22 16.84
N HIS F 538 23.81 64.74 15.67
CA HIS F 538 24.28 66.07 15.31
C HIS F 538 23.19 67.13 15.30
N MET F 539 21.92 66.74 15.36
CA MET F 539 20.84 67.71 15.50
C MET F 539 20.00 67.43 16.74
N PRO F 540 20.56 67.21 17.92
CA PRO F 540 19.69 67.09 19.08
C PRO F 540 18.97 68.42 19.26
N CYS F 541 17.72 68.35 19.74
CA CYS F 541 16.88 69.53 19.90
C CYS F 541 16.40 69.53 21.34
N PRO F 542 17.27 69.90 22.27
CA PRO F 542 16.86 69.90 23.68
C PRO F 542 15.64 70.75 23.97
N LEU F 543 15.44 71.86 23.27
CA LEU F 543 14.27 72.68 23.54
C LEU F 543 12.99 71.96 23.16
N MET F 544 12.90 71.45 21.93
CA MET F 544 11.76 70.65 21.54
C MET F 544 11.54 69.53 22.54
N SER F 545 12.65 68.96 23.04
CA SER F 545 12.53 67.83 23.92
C SER F 545 11.81 68.17 25.21
N THR F 546 11.90 69.41 25.68
CA THR F 546 11.26 69.77 26.95
C THR F 546 9.74 69.70 26.89
N ILE F 547 9.13 69.79 25.71
CA ILE F 547 7.69 69.93 25.60
C ILE F 547 7.02 68.73 24.96
N VAL F 548 7.79 67.78 24.52
CA VAL F 548 7.21 66.65 23.87
C VAL F 548 7.12 65.51 24.81
N ASP F 549 5.94 64.94 24.90
CA ASP F 549 5.80 63.84 25.77
C ASP F 549 6.67 62.69 25.53
N ASP F 550 7.22 62.45 26.70
CA ASP F 550 8.12 61.52 27.24
C ASP F 550 9.59 61.82 27.20
N CYS F 551 10.03 62.88 26.53
CA CYS F 551 11.48 63.08 26.44
C CYS F 551 12.09 63.29 27.81
N ILE F 552 11.52 64.20 28.60
CA ILE F 552 12.03 64.43 29.95
C ILE F 552 11.91 63.17 30.78
N GLU F 553 10.75 62.50 30.73
CA GLU F 553 10.57 61.29 31.52
C GLU F 553 11.59 60.24 31.11
N LYS F 554 11.78 60.03 29.81
CA LYS F 554 12.73 59.06 29.29
C LYS F 554 14.19 59.49 29.42
N GLY F 555 14.45 60.78 29.67
CA GLY F 555 15.81 61.29 29.56
C GLY F 555 16.36 61.09 28.17
N LYS F 556 15.55 61.33 27.14
CA LYS F 556 15.94 61.08 25.77
C LYS F 556 15.44 62.19 24.87
N ASP F 557 16.35 62.76 24.09
CA ASP F 557 16.05 63.88 23.22
C ASP F 557 14.97 63.51 22.20
N TYR F 558 14.22 64.49 21.76
CA TYR F 558 13.20 64.24 20.78
C TYR F 558 13.75 63.70 19.48
N GLN F 559 14.95 64.10 19.16
CA GLN F 559 15.63 63.67 17.96
C GLN F 559 16.18 62.26 17.95
N ARG F 560 16.17 61.58 19.07
CA ARG F 560 16.59 60.21 19.15
C ARG F 560 15.57 59.27 19.76
N GLY F 561 14.30 59.67 19.80
CA GLY F 561 13.23 58.78 20.23
C GLY F 561 12.57 59.05 21.57
N GLY F 562 12.78 60.22 22.16
CA GLY F 562 12.17 60.54 23.45
C GLY F 562 10.66 60.69 23.43
N ALA F 563 10.05 61.03 22.30
CA ALA F 563 8.60 61.15 22.26
C ALA F 563 7.96 59.80 22.62
N ARG F 564 6.76 59.88 23.20
CA ARG F 564 6.03 58.66 23.54
C ARG F 564 5.82 57.79 22.32
N TYR F 565 5.47 58.41 21.21
CA TYR F 565 5.21 57.69 19.99
C TYR F 565 6.23 58.15 18.97
N ASN F 566 6.72 57.20 18.18
CA ASN F 566 7.73 57.48 17.19
C ASN F 566 7.32 56.73 15.96
N THR F 567 7.09 57.49 14.91
CA THR F 567 6.80 56.92 13.61
C THR F 567 7.61 57.71 12.62
N ARG F 568 7.97 57.05 11.56
CA ARG F 568 8.58 57.71 10.42
C ARG F 568 7.72 57.40 9.21
N TYR F 569 7.66 58.35 8.30
CA TYR F 569 6.88 58.19 7.10
C TYR F 569 7.73 58.39 5.88
N ILE F 570 7.24 57.82 4.80
CA ILE F 570 7.74 57.99 3.48
C ILE F 570 6.45 58.39 2.76
N GLN F 571 6.44 59.58 2.22
CA GLN F 571 5.29 60.11 1.54
C GLN F 571 5.11 59.64 0.14
N GLY F 572 4.00 58.96 -0.07
CA GLY F 572 3.64 58.40 -1.35
C GLY F 572 3.06 59.41 -2.26
N VAL F 573 3.68 59.60 -3.39
CA VAL F 573 3.22 60.59 -4.34
C VAL F 573 2.73 59.87 -5.58
N GLY F 574 1.64 60.38 -6.16
CA GLY F 574 1.20 59.92 -7.46
C GLY F 574 0.38 58.66 -7.49
N ILE F 575 -0.37 58.35 -6.44
CA ILE F 575 -1.18 57.13 -6.46
C ILE F 575 -2.16 57.16 -7.63
N GLY F 576 -2.70 58.34 -7.94
CA GLY F 576 -3.61 58.43 -9.07
C GLY F 576 -2.91 58.08 -10.37
N THR F 577 -1.78 58.75 -10.63
CA THR F 577 -1.03 58.48 -11.84
C THR F 577 -0.70 57.01 -11.98
N ILE F 578 -0.16 56.42 -10.91
CA ILE F 578 0.25 55.04 -11.08
C ILE F 578 -0.96 54.12 -11.13
N THR F 579 -2.05 54.44 -10.42
CA THR F 579 -3.21 53.57 -10.50
C THR F 579 -3.73 53.51 -11.92
N ASP F 580 -3.95 54.68 -12.52
CA ASP F 580 -4.41 54.73 -13.88
C ASP F 580 -3.41 54.10 -14.85
N SER F 581 -2.11 54.25 -14.57
CA SER F 581 -1.10 53.65 -15.43
C SER F 581 -1.18 52.14 -15.39
N LEU F 582 -1.27 51.57 -14.19
CA LEU F 582 -1.38 50.12 -14.06
C LEU F 582 -2.73 49.65 -14.58
N THR F 583 -3.79 50.43 -14.34
CA THR F 583 -5.10 50.10 -14.92
C THR F 583 -5.06 50.17 -16.44
N ALA F 584 -4.42 51.21 -16.98
CA ALA F 584 -4.26 51.31 -18.43
C ALA F 584 -3.53 50.08 -18.96
N ILE F 585 -2.56 49.57 -18.21
CA ILE F 585 -1.85 48.37 -18.63
C ILE F 585 -2.74 47.14 -18.48
N LYS F 586 -3.40 46.99 -17.32
CA LYS F 586 -4.25 45.82 -17.11
C LYS F 586 -5.38 45.79 -18.13
N TYR F 587 -6.05 46.93 -18.35
CA TYR F 587 -7.20 46.96 -19.24
C TYR F 587 -6.78 46.74 -20.68
N ASN F 588 -5.82 47.54 -21.15
CA ASN F 588 -5.49 47.58 -22.57
C ASN F 588 -4.51 46.50 -23.00
N VAL F 589 -3.55 46.14 -22.15
CA VAL F 589 -2.54 45.18 -22.56
C VAL F 589 -2.95 43.75 -22.27
N PHE F 590 -3.47 43.48 -21.08
CA PHE F 590 -3.69 42.10 -20.66
C PHE F 590 -5.13 41.64 -20.78
N ASP F 591 -6.11 42.50 -20.49
CA ASP F 591 -7.51 42.09 -20.52
C ASP F 591 -8.12 42.27 -21.92
N LYS F 592 -8.18 43.51 -22.41
CA LYS F 592 -8.75 43.74 -23.72
C LYS F 592 -7.75 43.50 -24.83
N LYS F 593 -6.47 43.43 -24.50
CA LYS F 593 -5.40 43.10 -25.45
C LYS F 593 -5.46 44.01 -26.67
N LYS F 594 -5.72 45.29 -26.45
CA LYS F 594 -5.75 46.24 -27.56
C LYS F 594 -4.36 46.56 -28.08
N PHE F 595 -3.34 46.45 -27.23
CA PHE F 595 -1.95 46.57 -27.68
C PHE F 595 -1.08 45.88 -26.65
N ASP F 596 0.17 45.61 -27.04
CA ASP F 596 1.08 44.89 -26.18
C ASP F 596 2.05 45.86 -25.49
N MET F 597 2.86 45.30 -24.59
CA MET F 597 3.78 46.11 -23.79
C MET F 597 4.76 46.88 -24.67
N ASP F 598 5.32 46.20 -25.67
CA ASP F 598 6.33 46.81 -26.52
C ASP F 598 5.80 48.06 -27.22
N THR F 599 4.57 47.97 -27.73
CA THR F 599 3.99 49.15 -28.36
C THR F 599 3.82 50.26 -27.34
N LEU F 600 3.32 49.90 -26.14
CA LEU F 600 3.12 50.89 -25.10
C LEU F 600 4.42 51.60 -24.75
N LEU F 601 5.51 50.84 -24.59
CA LEU F 601 6.79 51.47 -24.26
C LEU F 601 7.30 52.33 -25.41
N LYS F 602 7.07 51.89 -26.65
CA LYS F 602 7.36 52.77 -27.78
C LYS F 602 6.53 54.03 -27.68
N ALA F 603 5.24 53.88 -27.36
CA ALA F 603 4.37 55.04 -27.20
C ALA F 603 4.90 55.94 -26.10
N LEU F 604 5.26 55.36 -24.96
CA LEU F 604 5.80 56.16 -23.86
C LEU F 604 7.08 56.88 -24.27
N ASP F 605 7.98 56.18 -24.96
CA ASP F 605 9.25 56.82 -25.31
C ASP F 605 9.04 57.95 -26.29
N ALA F 606 8.04 57.86 -27.14
CA ALA F 606 7.74 58.90 -28.12
C ALA F 606 6.89 60.02 -27.55
N ASN F 607 6.66 60.03 -26.23
CA ASN F 607 5.72 60.96 -25.60
C ASN F 607 4.36 60.91 -26.30
N PHE F 608 3.98 59.73 -26.81
CA PHE F 608 2.76 59.44 -27.55
C PHE F 608 2.71 60.07 -28.95
N GLU F 609 3.78 60.77 -29.36
CA GLU F 609 3.92 61.24 -30.74
C GLU F 609 3.90 60.05 -31.68
N GLY F 610 2.92 60.03 -32.60
CA GLY F 610 2.70 58.89 -33.45
C GLY F 610 1.88 57.79 -32.83
N TYR F 611 1.35 58.00 -31.62
CA TYR F 611 0.53 57.00 -30.94
C TYR F 611 -0.76 57.61 -30.44
N GLU F 612 -1.32 58.55 -31.20
CA GLU F 612 -2.57 59.20 -30.80
C GLU F 612 -3.67 58.20 -30.52
N ALA F 613 -3.73 57.10 -31.28
CA ALA F 613 -4.76 56.09 -31.03
C ALA F 613 -4.57 55.46 -29.66
N ILE F 614 -3.34 55.10 -29.33
CA ILE F 614 -3.06 54.50 -28.03
C ILE F 614 -3.28 55.52 -26.93
N LEU F 615 -2.86 56.76 -27.16
CA LEU F 615 -3.07 57.81 -26.17
C LEU F 615 -4.55 57.93 -25.84
N ASN F 616 -5.41 57.88 -26.86
CA ASN F 616 -6.85 57.99 -26.66
C ASN F 616 -7.40 56.82 -25.87
N LEU F 617 -6.90 55.60 -26.15
CA LEU F 617 -7.37 54.43 -25.42
C LEU F 617 -7.11 54.55 -23.92
N VAL F 618 -5.89 54.94 -23.55
CA VAL F 618 -5.53 54.99 -22.14
C VAL F 618 -6.07 56.27 -21.49
N SER F 619 -6.27 57.35 -22.26
CA SER F 619 -6.80 58.57 -21.66
C SER F 619 -8.32 58.53 -21.50
N ASN F 620 -9.03 57.90 -22.44
CA ASN F 620 -10.49 58.09 -22.51
C ASN F 620 -11.31 56.81 -22.62
N LYS F 621 -10.74 55.68 -22.99
CA LYS F 621 -11.48 54.44 -23.15
C LYS F 621 -10.94 53.37 -22.22
N THR F 622 -10.49 53.79 -21.04
CA THR F 622 -9.88 52.95 -20.03
C THR F 622 -10.41 53.30 -18.66
N PRO F 623 -10.74 52.31 -17.83
CA PRO F 623 -11.26 52.61 -16.50
C PRO F 623 -10.27 53.49 -15.75
N LYS F 624 -10.44 54.49 -14.90
CA LYS F 624 -9.71 55.49 -14.17
C LYS F 624 -10.08 55.41 -12.70
N TYR F 625 -9.21 55.71 -12.09
CA TYR F 625 -9.38 55.82 -10.66
C TYR F 625 -10.20 57.06 -10.36
N GLY F 626 -11.10 56.93 -9.41
CA GLY F 626 -11.90 58.06 -8.99
C GLY F 626 -13.29 58.17 -9.59
N ASN F 627 -13.88 57.04 -9.98
CA ASN F 627 -15.22 57.03 -10.56
C ASN F 627 -16.12 56.00 -9.90
N ASP F 628 -15.79 55.58 -8.68
CA ASP F 628 -16.45 54.45 -8.04
C ASP F 628 -16.43 53.23 -8.95
N ASP F 629 -15.36 53.13 -9.75
CA ASP F 629 -15.14 52.03 -10.69
C ASP F 629 -14.22 51.01 -10.01
N ASP F 630 -14.79 49.89 -9.59
CA ASP F 630 -14.02 48.88 -8.87
C ASP F 630 -12.84 48.37 -9.70
N TYR F 631 -12.95 48.42 -11.03
CA TYR F 631 -11.87 47.93 -11.87
C TYR F 631 -10.60 48.73 -11.64
N ALA F 632 -10.71 50.07 -11.61
CA ALA F 632 -9.54 50.89 -11.33
C ALA F 632 -9.28 51.00 -9.83
N ASP F 633 -10.33 51.06 -9.02
CA ASP F 633 -10.15 51.26 -7.59
C ASP F 633 -9.51 50.07 -6.91
N GLU F 634 -9.72 48.86 -7.42
CA GLU F 634 -9.05 47.70 -6.86
C GLU F 634 -7.56 47.71 -7.17
N ILE F 635 -7.19 48.19 -8.36
CA ILE F 635 -5.78 48.37 -8.68
C ILE F 635 -5.17 49.43 -7.77
N MET F 636 -5.89 50.54 -7.55
CA MET F 636 -5.45 51.51 -6.56
C MET F 636 -5.21 50.84 -5.23
N GLN F 637 -6.12 49.98 -4.82
CA GLN F 637 -5.97 49.32 -3.53
C GLN F 637 -4.76 48.42 -3.53
N GLU F 638 -4.54 47.69 -4.61
CA GLU F 638 -3.36 46.82 -4.67
C GLU F 638 -2.10 47.66 -4.58
N ILE F 639 -2.06 48.80 -5.30
CA ILE F 639 -0.88 49.65 -5.24
C ILE F 639 -0.73 50.23 -3.85
N PHE F 640 -1.83 50.73 -3.29
CA PHE F 640 -1.75 51.27 -1.95
C PHE F 640 -1.30 50.22 -0.97
N ASN F 641 -1.90 49.03 -1.04
CA ASN F 641 -1.53 47.97 -0.11
C ASN F 641 -0.05 47.59 -0.29
N ALA F 642 0.38 47.45 -1.55
CA ALA F 642 1.77 47.17 -1.82
C ALA F 642 2.66 48.25 -1.23
N TYR F 643 2.26 49.51 -1.37
CA TYR F 643 3.03 50.60 -0.75
C TYR F 643 2.99 50.51 0.76
N TYR F 644 1.78 50.29 1.31
CA TYR F 644 1.62 50.17 2.76
C TYR F 644 2.44 49.01 3.31
N ASN F 645 2.33 47.85 2.67
CA ASN F 645 3.05 46.67 3.16
C ASN F 645 4.55 46.84 3.06
N GLU F 646 5.02 47.50 1.99
CA GLU F 646 6.47 47.63 1.77
C GLU F 646 7.13 48.52 2.81
N VAL F 647 6.42 49.52 3.31
CA VAL F 647 6.98 50.49 4.22
C VAL F 647 6.59 50.20 5.66
N THR F 648 5.32 49.89 5.90
CA THR F 648 4.78 49.88 7.25
C THR F 648 5.34 48.73 8.08
N GLY F 649 5.79 49.05 9.28
CA GLY F 649 6.37 48.07 10.14
C GLY F 649 7.89 48.05 10.16
N ARG F 650 8.56 48.60 9.13
CA ARG F 650 10.01 48.67 9.17
C ARG F 650 10.42 49.47 10.40
N PRO F 651 11.38 49.00 11.18
CA PRO F 651 11.80 49.74 12.38
C PRO F 651 12.51 51.02 12.00
N THR F 652 12.37 52.01 12.86
CA THR F 652 13.22 53.18 12.78
C THR F 652 14.43 53.00 13.70
N VAL F 653 15.46 53.81 13.46
CA VAL F 653 16.68 53.65 14.26
C VAL F 653 16.38 53.90 15.73
N CYS F 654 15.50 54.84 16.02
CA CYS F 654 15.31 55.27 17.40
C CYS F 654 14.04 54.72 18.02
N GLY F 655 13.69 53.47 17.70
CA GLY F 655 12.67 52.73 18.43
C GLY F 655 11.24 52.87 17.97
N GLY F 656 10.99 53.44 16.80
CA GLY F 656 9.67 53.48 16.22
C GLY F 656 9.55 52.56 15.02
N GLU F 657 8.52 52.81 14.22
CA GLU F 657 8.31 52.05 13.01
C GLU F 657 7.95 53.01 11.89
N TYR F 658 8.19 52.55 10.68
CA TYR F 658 7.76 53.30 9.51
C TYR F 658 6.27 53.07 9.30
N ARG F 659 5.61 54.12 8.83
CA ARG F 659 4.24 54.05 8.40
C ARG F 659 4.16 54.84 7.11
N VAL F 660 2.97 54.88 6.55
CA VAL F 660 2.77 55.37 5.20
C VAL F 660 1.81 56.54 5.23
N ASP F 661 2.06 57.55 4.39
CA ASP F 661 1.07 58.59 4.19
C ASP F 661 1.16 59.03 2.73
N MET F 662 0.12 59.72 2.25
CA MET F 662 0.01 60.05 0.83
C MET F 662 -0.22 61.54 0.70
N LEU F 663 0.83 62.28 0.51
CA LEU F 663 0.75 63.71 0.32
C LEU F 663 1.95 64.13 -0.52
N PRO F 664 1.84 65.23 -1.24
CA PRO F 664 2.97 65.60 -2.06
C PRO F 664 3.57 66.95 -1.96
N THR F 665 2.96 67.92 -1.33
CA THR F 665 3.38 69.29 -1.36
C THR F 665 3.55 69.66 -2.82
N THR F 666 4.72 70.08 -3.22
CA THR F 666 4.94 70.38 -4.62
C THR F 666 5.76 69.30 -5.30
N CYS F 667 6.03 68.19 -4.61
CA CYS F 667 6.90 67.17 -5.16
C CYS F 667 6.24 66.38 -6.28
N HIS F 668 4.91 66.42 -6.38
CA HIS F 668 4.28 65.77 -7.52
C HIS F 668 4.64 66.48 -8.81
N ILE F 669 4.99 67.76 -8.71
CA ILE F 669 5.55 68.48 -9.84
C ILE F 669 6.93 67.94 -10.19
N TYR F 670 7.85 68.02 -9.23
CA TYR F 670 9.21 67.54 -9.43
C TYR F 670 9.21 66.10 -9.91
N PHE F 671 8.42 65.24 -9.24
CA PHE F 671 8.42 63.83 -9.59
C PHE F 671 7.93 63.59 -11.00
N GLY F 672 7.04 64.46 -11.50
CA GLY F 672 6.62 64.30 -12.87
C GLY F 672 7.68 64.79 -13.83
N GLU F 673 8.34 65.89 -13.46
CA GLU F 673 9.32 66.52 -14.34
C GLU F 673 10.44 65.57 -14.74
N ILE F 674 10.93 64.77 -13.80
CA ILE F 674 12.04 63.86 -14.09
C ILE F 674 11.48 62.50 -14.47
N MET F 675 10.21 62.48 -14.88
CA MET F 675 9.59 61.26 -15.37
C MET F 675 9.14 61.44 -16.81
N GLY F 676 9.27 60.39 -17.60
CA GLY F 676 8.74 60.38 -18.93
C GLY F 676 7.25 60.11 -18.89
N ALA F 677 6.70 59.86 -20.07
CA ALA F 677 5.26 59.59 -20.18
C ALA F 677 4.88 58.31 -19.43
N SER F 678 3.70 58.32 -18.85
CA SER F 678 3.19 57.16 -18.09
C SER F 678 2.12 56.48 -18.91
N PRO F 679 1.86 55.18 -18.68
CA PRO F 679 0.88 54.44 -19.43
C PRO F 679 -0.54 54.99 -19.33
N ASN F 680 -0.81 55.93 -18.43
CA ASN F 680 -2.17 56.44 -18.30
C ASN F 680 -2.48 57.56 -19.27
N GLY F 681 -1.49 58.02 -20.01
CA GLY F 681 -1.71 59.14 -20.93
C GLY F 681 -0.99 60.38 -20.47
N ARG F 682 -0.52 60.40 -19.24
CA ARG F 682 0.26 61.55 -18.73
C ARG F 682 1.48 61.73 -19.62
N LEU F 683 1.73 62.96 -20.05
CA LEU F 683 2.86 63.20 -20.97
C LEU F 683 4.15 63.35 -20.19
N CYS F 684 5.26 63.26 -20.92
CA CYS F 684 6.59 63.40 -20.33
C CYS F 684 6.74 64.73 -19.61
N ALA F 685 7.43 64.71 -18.48
CA ALA F 685 7.74 65.87 -17.63
C ALA F 685 6.50 66.51 -17.00
N LYS F 686 5.32 66.00 -17.27
CA LYS F 686 4.11 66.55 -16.68
C LYS F 686 4.00 66.07 -15.23
N PRO F 687 3.40 66.88 -14.35
CA PRO F 687 3.27 66.47 -12.95
C PRO F 687 2.63 65.09 -12.79
N VAL F 688 2.95 64.42 -11.70
CA VAL F 688 2.16 63.24 -11.37
C VAL F 688 0.96 63.72 -10.56
N SER F 689 -0.04 62.87 -10.39
CA SER F 689 -1.24 63.25 -9.64
C SER F 689 -0.87 63.70 -8.24
N GLU F 690 -1.64 64.64 -7.71
CA GLU F 690 -1.41 65.15 -6.36
C GLU F 690 -2.24 64.37 -5.34
N GLY F 691 -1.65 64.19 -4.16
CA GLY F 691 -2.31 63.47 -3.08
C GLY F 691 -2.84 62.12 -3.50
N ILE F 692 -4.00 61.75 -2.95
CA ILE F 692 -4.74 60.60 -3.45
C ILE F 692 -5.80 61.02 -4.44
N SER F 693 -5.72 62.25 -4.92
CA SER F 693 -6.69 62.77 -5.86
C SER F 693 -6.57 62.03 -7.18
N PRO F 694 -7.64 62.03 -7.98
CA PRO F 694 -7.56 61.37 -9.28
C PRO F 694 -6.50 61.99 -10.18
N GLU F 695 -6.13 61.24 -11.19
CA GLU F 695 -5.23 61.80 -12.18
C GLU F 695 -5.98 62.88 -12.95
N LYS F 696 -5.23 63.78 -13.56
CA LYS F 696 -5.81 64.79 -14.44
C LYS F 696 -6.76 64.14 -15.43
N GLY F 697 -8.01 64.64 -15.48
CA GLY F 697 -9.05 64.13 -16.35
C GLY F 697 -9.59 62.75 -16.01
N GLY F 698 -9.19 62.17 -14.88
CA GLY F 698 -9.61 60.82 -14.55
C GLY F 698 -11.00 60.68 -13.95
N ASP F 699 -11.42 61.65 -13.15
CA ASP F 699 -12.71 61.58 -12.47
C ASP F 699 -13.76 62.28 -13.33
N THR F 700 -14.64 61.50 -13.96
CA THR F 700 -15.65 62.01 -14.87
C THR F 700 -17.09 61.66 -14.43
N ASN F 701 -17.30 61.34 -13.14
CA ASN F 701 -18.61 60.94 -12.66
C ASN F 701 -19.02 61.70 -11.41
N GLY F 702 -18.39 62.85 -11.15
CA GLY F 702 -18.76 63.71 -10.05
C GLY F 702 -18.00 63.43 -8.77
N PRO F 703 -18.15 64.33 -7.79
CA PRO F 703 -17.38 64.19 -6.55
C PRO F 703 -17.82 63.04 -5.68
N THR F 704 -19.10 62.67 -5.71
CA THR F 704 -19.53 61.53 -4.92
C THR F 704 -18.83 60.27 -5.41
N ALA F 705 -18.64 60.17 -6.73
CA ALA F 705 -17.88 59.06 -7.25
C ALA F 705 -16.41 59.12 -6.80
N VAL F 706 -15.81 60.32 -6.70
CA VAL F 706 -14.40 60.29 -6.30
C VAL F 706 -14.27 60.03 -4.80
N ILE F 707 -15.16 60.56 -3.96
CA ILE F 707 -15.00 60.27 -2.55
C ILE F 707 -15.28 58.79 -2.28
N LYS F 708 -16.15 58.16 -3.06
CA LYS F 708 -16.34 56.72 -2.92
C LYS F 708 -15.08 55.95 -3.35
N SER F 709 -14.46 56.38 -4.45
CA SER F 709 -13.19 55.80 -4.85
C SER F 709 -12.13 56.00 -3.79
N CYS F 710 -11.97 57.24 -3.32
CA CYS F 710 -10.96 57.52 -2.30
C CYS F 710 -11.23 56.77 -1.02
N ALA F 711 -12.51 56.53 -0.69
CA ALA F 711 -12.84 55.81 0.53
C ALA F 711 -12.38 54.36 0.47
N LYS F 712 -12.15 53.82 -0.73
CA LYS F 712 -11.68 52.45 -0.84
C LYS F 712 -10.21 52.33 -0.44
N MET F 713 -9.46 53.44 -0.43
CA MET F 713 -8.14 53.41 0.17
C MET F 713 -8.29 53.33 1.68
N ASP F 714 -7.56 52.41 2.30
CA ASP F 714 -7.72 52.17 3.73
C ASP F 714 -6.98 53.27 4.49
N HIS F 715 -7.67 54.42 4.61
CA HIS F 715 -7.05 55.59 5.23
C HIS F 715 -6.60 55.30 6.64
N ILE F 716 -7.34 54.46 7.35
CA ILE F 716 -7.03 54.20 8.73
C ILE F 716 -5.66 53.58 8.85
N LYS F 717 -5.23 52.86 7.82
CA LYS F 717 -3.90 52.28 7.84
C LYS F 717 -2.79 53.28 7.49
N THR F 718 -3.11 54.56 7.34
CA THR F 718 -2.13 55.55 6.94
C THR F 718 -1.96 56.59 8.04
N GLY F 719 -0.94 57.43 7.86
CA GLY F 719 -0.76 58.58 8.74
C GLY F 719 -1.30 59.83 8.07
N GLY F 720 -2.26 59.62 7.18
CA GLY F 720 -2.91 60.72 6.52
C GLY F 720 -2.88 60.58 5.02
N THR F 721 -3.98 60.97 4.39
CA THR F 721 -4.04 61.01 2.94
C THR F 721 -4.64 62.35 2.57
N LEU F 722 -4.23 62.86 1.42
CA LEU F 722 -4.57 64.20 0.97
C LEU F 722 -5.49 64.08 -0.23
N LEU F 723 -6.70 64.62 -0.10
CA LEU F 723 -7.65 64.63 -1.21
C LEU F 723 -7.91 66.08 -1.59
N ASN F 724 -7.61 66.42 -2.84
CA ASN F 724 -7.99 67.72 -3.39
C ASN F 724 -9.28 67.53 -4.18
N GLN F 725 -10.26 68.38 -3.91
CA GLN F 725 -11.43 68.49 -4.76
C GLN F 725 -11.64 69.94 -5.11
N ARG F 726 -12.09 70.17 -6.33
CA ARG F 726 -12.36 71.50 -6.84
C ARG F 726 -13.83 71.57 -7.24
N PHE F 727 -14.50 72.66 -6.89
CA PHE F 727 -15.89 72.86 -7.26
C PHE F 727 -16.05 74.08 -8.14
N ALA F 728 -16.97 73.97 -9.10
CA ALA F 728 -17.39 75.15 -9.83
C ALA F 728 -17.95 76.14 -8.82
N PRO F 729 -17.55 77.41 -8.88
CA PRO F 729 -18.09 78.36 -7.89
C PRO F 729 -19.60 78.39 -7.90
N SER F 730 -20.22 78.10 -9.04
CA SER F 730 -21.68 78.17 -9.13
C SER F 730 -22.35 77.05 -8.33
N VAL F 731 -21.76 75.85 -8.31
CA VAL F 731 -22.47 74.71 -7.71
C VAL F 731 -22.40 74.71 -6.18
N VAL F 732 -21.62 75.61 -5.58
CA VAL F 732 -21.55 75.74 -4.13
C VAL F 732 -22.29 76.97 -3.65
N GLN F 733 -23.13 77.57 -4.51
CA GLN F 733 -23.82 78.80 -4.15
C GLN F 733 -25.00 78.53 -3.25
N GLY F 734 -25.24 79.48 -2.37
CA GLY F 734 -26.33 79.58 -1.43
C GLY F 734 -26.20 78.56 -0.32
N GLU F 735 -27.35 78.17 0.21
CA GLU F 735 -27.39 77.28 1.36
C GLU F 735 -27.35 75.84 0.90
N LYS F 736 -27.94 75.59 -0.27
CA LYS F 736 -27.80 74.29 -0.92
C LYS F 736 -26.33 74.00 -1.22
N GLY F 737 -25.57 75.01 -1.59
CA GLY F 737 -24.16 74.80 -1.85
C GLY F 737 -23.41 74.39 -0.59
N LEU F 738 -23.64 75.13 0.51
CA LEU F 738 -23.07 74.75 1.79
C LEU F 738 -23.45 73.33 2.15
N ASP F 739 -24.75 73.02 2.07
CA ASP F 739 -25.24 71.70 2.43
C ASP F 739 -24.62 70.63 1.56
N ASN F 740 -24.43 70.91 0.28
CA ASN F 740 -23.82 69.90 -0.58
C ASN F 740 -22.35 69.70 -0.23
N MET F 741 -21.64 70.79 0.06
CA MET F 741 -20.28 70.66 0.55
C MET F 741 -20.28 69.92 1.88
N ALA F 742 -21.11 70.37 2.82
CA ALA F 742 -21.18 69.70 4.12
C ALA F 742 -21.56 68.24 3.96
N ASN F 743 -22.48 67.93 3.05
CA ASN F 743 -22.83 66.53 2.85
C ASN F 743 -21.68 65.76 2.25
N LEU F 744 -20.94 66.36 1.31
CA LEU F 744 -19.84 65.66 0.68
C LEU F 744 -18.76 65.32 1.69
N VAL F 745 -18.38 66.30 2.51
CA VAL F 745 -17.43 66.05 3.58
C VAL F 745 -17.92 64.93 4.48
N ARG F 746 -19.16 65.02 4.96
CA ARG F 746 -19.65 64.00 5.87
C ARG F 746 -19.82 62.66 5.18
N ALA F 747 -20.20 62.67 3.91
CA ALA F 747 -20.40 61.41 3.22
C ALA F 747 -19.06 60.70 3.08
N TYR F 748 -18.01 61.47 2.76
CA TYR F 748 -16.67 60.93 2.66
C TYR F 748 -16.19 60.45 4.00
N PHE F 749 -16.38 61.28 5.02
CA PHE F 749 -15.92 60.90 6.35
C PHE F 749 -16.74 59.74 6.88
N ASN F 750 -18.00 59.63 6.46
CA ASN F 750 -18.80 58.51 6.87
C ASN F 750 -18.27 57.21 6.27
N MET F 751 -17.55 57.32 5.17
CA MET F 751 -16.85 56.16 4.68
C MET F 751 -15.40 56.13 5.18
N ASP F 752 -15.09 56.94 6.20
CA ASP F 752 -13.78 57.01 6.85
C ASP F 752 -12.69 57.63 5.99
N GLY F 753 -13.04 58.42 4.98
CA GLY F 753 -12.04 59.24 4.32
C GLY F 753 -11.31 60.14 5.30
N HIS F 754 -10.04 60.40 5.01
CA HIS F 754 -9.20 61.08 5.99
C HIS F 754 -9.30 62.58 5.87
N HIS F 755 -9.24 63.09 4.65
CA HIS F 755 -9.06 64.51 4.47
C HIS F 755 -9.67 64.90 3.14
N ILE F 756 -10.22 66.11 3.12
CA ILE F 756 -10.66 66.69 1.88
C ILE F 756 -10.46 68.19 2.04
N GLN F 757 -10.11 68.83 0.94
CA GLN F 757 -9.97 70.26 0.93
C GLN F 757 -10.42 70.74 -0.44
N PHE F 758 -10.89 71.98 -0.52
CA PHE F 758 -11.55 72.45 -1.72
C PHE F 758 -10.83 73.64 -2.33
N ASN F 759 -10.67 73.60 -3.63
CA ASN F 759 -10.48 74.78 -4.45
C ASN F 759 -11.85 75.13 -5.01
N VAL F 760 -12.21 76.40 -4.91
CA VAL F 760 -13.41 76.93 -5.54
C VAL F 760 -12.94 78.19 -6.25
N PHE F 761 -12.50 78.04 -7.49
CA PHE F 761 -12.02 79.20 -8.22
C PHE F 761 -12.60 79.22 -9.63
N ASP F 762 -12.55 80.42 -10.20
CA ASP F 762 -12.88 80.64 -11.60
C ASP F 762 -11.63 80.38 -12.44
N LYS F 763 -11.74 79.41 -13.34
CA LYS F 763 -10.62 79.11 -14.25
C LYS F 763 -10.06 80.39 -14.83
N ASN F 764 -10.95 81.34 -15.18
CA ASN F 764 -10.53 82.54 -15.86
C ASN F 764 -9.68 83.44 -14.97
N VAL F 765 -9.99 83.49 -13.66
CA VAL F 765 -9.18 84.33 -12.80
C VAL F 765 -7.75 83.81 -12.74
N LEU F 766 -7.58 82.50 -12.65
CA LEU F 766 -6.22 81.95 -12.59
C LEU F 766 -5.49 82.18 -13.90
N LEU F 767 -6.20 82.09 -15.01
CA LEU F 767 -5.59 82.27 -16.29
C LEU F 767 -5.12 83.68 -16.46
N GLU F 768 -5.89 84.59 -15.93
CA GLU F 768 -5.58 85.97 -15.97
C GLU F 768 -4.34 86.24 -15.16
N ALA F 769 -4.25 85.61 -14.00
CA ALA F 769 -3.10 85.76 -13.17
C ALA F 769 -1.85 85.26 -13.84
N GLN F 770 -1.92 84.23 -14.64
CA GLN F 770 -0.72 83.82 -15.35
C GLN F 770 -0.25 84.93 -16.28
N LYS F 771 -1.20 85.57 -16.97
CA LYS F 771 -0.84 86.60 -17.94
C LYS F 771 -0.40 87.88 -17.25
N ASN F 772 -1.09 88.29 -16.19
CA ASN F 772 -0.78 89.53 -15.49
C ASN F 772 -0.61 89.22 -14.01
N PRO F 773 0.55 88.69 -13.63
CA PRO F 773 0.74 88.32 -12.21
C PRO F 773 0.65 89.51 -11.27
N GLN F 774 1.09 90.69 -11.69
CA GLN F 774 1.07 91.84 -10.80
C GLN F 774 -0.36 92.22 -10.41
N ASP F 775 -1.35 91.84 -11.20
CA ASP F 775 -2.72 92.20 -10.86
C ASP F 775 -3.33 91.22 -9.86
N TYR F 776 -2.76 90.03 -9.72
CA TYR F 776 -3.34 89.06 -8.81
C TYR F 776 -2.34 88.67 -7.74
N LYS F 777 -1.72 89.66 -7.10
CA LYS F 777 -0.68 89.34 -6.12
C LYS F 777 -1.25 88.62 -4.89
N ASP F 778 -2.48 88.93 -4.49
CA ASP F 778 -3.09 88.27 -3.33
C ASP F 778 -3.93 87.05 -3.69
N LEU F 779 -3.88 86.58 -4.93
CA LEU F 779 -4.67 85.42 -5.35
C LEU F 779 -4.10 84.15 -4.74
N ILE F 780 -4.91 83.46 -3.95
CA ILE F 780 -4.51 82.29 -3.18
C ILE F 780 -5.32 81.10 -3.65
N VAL F 781 -4.65 79.98 -3.91
CA VAL F 781 -5.31 78.73 -4.25
C VAL F 781 -4.84 77.64 -3.31
N ARG F 782 -5.49 76.52 -3.36
CA ARG F 782 -5.10 75.38 -2.58
C ARG F 782 -4.16 74.57 -3.43
N VAL F 783 -3.04 74.18 -2.87
CA VAL F 783 -2.06 73.35 -3.55
C VAL F 783 -2.21 71.90 -3.12
N ALA F 784 -1.57 71.51 -2.05
CA ALA F 784 -1.70 70.18 -1.55
C ALA F 784 -1.41 70.23 -0.09
N GLY F 785 -2.44 70.23 0.71
CA GLY F 785 -2.25 70.33 2.13
C GLY F 785 -1.99 71.73 2.63
N TYR F 786 -2.00 72.73 1.74
CA TYR F 786 -1.75 74.12 2.13
C TYR F 786 -2.27 75.04 1.03
N SER F 787 -2.48 76.29 1.40
CA SER F 787 -2.82 77.33 0.44
C SER F 787 -1.60 78.20 0.21
N ASP F 788 -1.43 78.66 -1.03
CA ASP F 788 -0.31 79.52 -1.40
C ASP F 788 -0.76 80.56 -2.40
N HIS F 789 0.02 81.63 -2.48
CA HIS F 789 -0.19 82.62 -3.52
C HIS F 789 0.10 82.00 -4.88
N PHE F 790 -0.88 82.13 -5.78
CA PHE F 790 -0.75 81.58 -7.12
C PHE F 790 0.53 82.04 -7.80
N ASN F 791 0.99 83.25 -7.51
CA ASN F 791 2.21 83.76 -8.13
C ASN F 791 3.48 83.13 -7.57
N ASN F 792 3.41 82.51 -6.39
CA ASN F 792 4.57 81.80 -5.85
C ASN F 792 4.78 80.46 -6.52
N LEU F 793 3.88 80.04 -7.39
CA LEU F 793 3.91 78.72 -7.96
C LEU F 793 4.52 78.77 -9.35
N SER F 794 5.28 77.75 -9.69
CA SER F 794 5.80 77.64 -11.04
C SER F 794 4.64 77.54 -12.01
N ARG F 795 4.90 77.86 -13.29
CA ARG F 795 3.88 77.68 -14.30
C ARG F 795 3.33 76.28 -14.28
N THR F 796 4.21 75.29 -14.16
CA THR F 796 3.78 73.89 -14.16
C THR F 796 2.80 73.61 -13.03
N LEU F 797 3.09 74.14 -11.84
CA LEU F 797 2.26 73.91 -10.68
C LEU F 797 0.92 74.62 -10.82
N GLN F 798 0.95 75.85 -11.34
CA GLN F 798 -0.29 76.57 -11.62
C GLN F 798 -1.16 75.75 -12.57
N ASP F 799 -0.59 75.28 -13.67
CA ASP F 799 -1.36 74.50 -14.64
C ASP F 799 -1.85 73.20 -14.04
N GLU F 800 -1.14 72.67 -13.03
CA GLU F 800 -1.63 71.47 -12.36
C GLU F 800 -2.94 71.76 -11.64
N ILE F 801 -2.95 72.85 -10.86
CA ILE F 801 -4.14 73.22 -10.12
C ILE F 801 -5.29 73.56 -11.07
N ILE F 802 -5.00 74.38 -12.07
CA ILE F 802 -5.99 74.73 -13.10
C ILE F 802 -6.57 73.47 -13.73
N GLY F 803 -5.76 72.43 -13.88
CA GLY F 803 -6.19 71.18 -14.49
C GLY F 803 -7.01 70.27 -13.62
N ARG F 804 -7.16 70.58 -12.34
CA ARG F 804 -7.95 69.72 -11.46
C ARG F 804 -9.41 69.75 -11.85
N THR F 805 -10.07 68.59 -11.71
CA THR F 805 -11.44 68.46 -12.16
C THR F 805 -12.36 69.42 -11.42
N GLU F 806 -13.04 70.30 -12.18
CA GLU F 806 -14.07 71.17 -11.63
C GLU F 806 -15.35 70.37 -11.44
N GLN F 807 -15.69 70.08 -10.19
CA GLN F 807 -16.82 69.22 -9.86
C GLN F 807 -18.12 70.01 -9.71
N THR F 808 -19.22 69.35 -10.04
CA THR F 808 -20.56 69.82 -9.75
C THR F 808 -21.20 68.77 -8.87
N PHE F 809 -22.22 69.15 -8.10
CA PHE F 809 -22.84 68.16 -7.24
C PHE F 809 -23.88 67.23 -7.86
N MET G 21 -52.88 32.50 14.51
CA MET G 21 -52.32 31.28 13.95
C MET G 21 -51.06 30.79 14.69
N ALA G 22 -50.12 30.21 13.93
CA ALA G 22 -48.91 29.61 14.50
C ALA G 22 -47.67 30.22 13.87
N ARG G 23 -46.66 30.48 14.69
CA ARG G 23 -45.48 31.17 14.22
C ARG G 23 -44.59 30.24 13.40
N GLY G 24 -44.01 30.80 12.35
CA GLY G 24 -43.29 30.04 11.36
C GLY G 24 -43.85 30.34 9.99
N THR G 25 -42.99 30.72 9.04
CA THR G 25 -43.49 31.06 7.72
C THR G 25 -43.92 29.83 6.95
N PHE G 26 -43.39 28.66 7.27
CA PHE G 26 -43.66 27.48 6.48
C PHE G 26 -44.17 26.43 7.44
N GLU G 27 -44.87 25.44 6.91
CA GLU G 27 -45.41 24.41 7.74
C GLU G 27 -44.32 23.62 8.38
N ARG G 28 -43.23 23.49 7.68
CA ARG G 28 -42.02 22.83 8.17
C ARG G 28 -41.59 23.56 9.44
N THR G 29 -41.36 24.87 9.35
CA THR G 29 -40.89 25.59 10.53
C THR G 29 -41.99 25.81 11.56
N LYS G 30 -43.27 25.87 11.15
CA LYS G 30 -44.38 25.90 12.10
C LYS G 30 -44.38 24.63 12.96
N LYS G 31 -44.20 23.48 12.30
CA LYS G 31 -44.16 22.22 13.01
C LYS G 31 -42.91 22.14 13.89
N LEU G 32 -41.75 22.52 13.33
CA LEU G 32 -40.51 22.51 14.10
C LEU G 32 -40.56 23.48 15.29
N ARG G 33 -41.10 24.68 15.08
CA ARG G 33 -41.18 25.64 16.18
C ARG G 33 -42.10 25.12 17.25
N GLU G 34 -43.21 24.50 16.85
CA GLU G 34 -44.14 23.93 17.80
C GLU G 34 -43.47 22.83 18.60
N GLU G 35 -42.68 21.99 17.93
CA GLU G 35 -41.92 20.96 18.63
C GLU G 35 -40.93 21.58 19.60
N SER G 36 -40.27 22.65 19.18
CA SER G 36 -39.33 23.34 20.05
C SER G 36 -40.01 23.89 21.30
N ILE G 37 -41.11 24.64 21.12
CA ILE G 37 -41.73 25.29 22.27
C ILE G 37 -42.40 24.30 23.18
N ASN G 38 -42.75 23.12 22.69
CA ASN G 38 -43.36 22.11 23.53
C ASN G 38 -42.35 21.19 24.17
N ALA G 39 -41.10 21.25 23.72
CA ALA G 39 -40.05 20.39 24.23
C ALA G 39 -39.81 20.67 25.72
N GLU G 40 -39.89 19.63 26.53
CA GLU G 40 -39.64 19.83 27.95
C GLU G 40 -38.14 19.87 28.25
N PRO G 41 -37.68 20.81 29.07
CA PRO G 41 -36.27 20.83 29.45
C PRO G 41 -35.93 19.57 30.23
N HIS G 42 -34.91 18.86 29.77
CA HIS G 42 -34.44 17.67 30.45
C HIS G 42 -32.94 17.55 30.24
N ILE G 43 -32.31 16.71 31.06
CA ILE G 43 -30.89 16.48 30.88
C ILE G 43 -30.73 15.21 30.05
N SER G 44 -29.77 15.24 29.14
CA SER G 44 -29.44 14.11 28.30
C SER G 44 -28.11 13.58 28.82
N ILE G 45 -28.14 12.37 29.40
CA ILE G 45 -26.97 11.83 30.07
C ILE G 45 -25.97 11.17 29.14
N GLU G 46 -26.29 11.04 27.86
CA GLU G 46 -25.45 10.29 26.94
C GLU G 46 -24.03 10.85 26.86
N ARG G 47 -23.88 12.17 26.75
CA ARG G 47 -22.55 12.77 26.60
C ARG G 47 -21.64 12.39 27.77
N ALA G 48 -22.14 12.51 29.00
CA ALA G 48 -21.31 12.12 30.14
C ALA G 48 -20.93 10.64 30.06
N VAL G 49 -21.88 9.78 29.66
CA VAL G 49 -21.59 8.36 29.55
C VAL G 49 -20.49 8.13 28.53
N LEU G 50 -20.60 8.78 27.37
CA LEU G 50 -19.61 8.55 26.33
C LEU G 50 -18.25 9.13 26.72
N MET G 51 -18.24 10.30 27.36
N MET G 51 -18.27 10.25 27.43
CA MET G 51 -16.96 10.87 27.79
CA MET G 51 -17.07 10.89 27.86
C MET G 51 -16.34 10.03 28.88
C MET G 51 -16.38 9.99 28.85
N THR G 52 -17.16 9.42 29.74
CA THR G 52 -16.61 8.51 30.74
C THR G 52 -15.94 7.31 30.07
N GLU G 53 -16.57 6.76 29.04
CA GLU G 53 -15.95 5.67 28.30
C GLU G 53 -14.60 6.09 27.76
N ALA G 54 -14.53 7.29 27.18
CA ALA G 54 -13.31 7.73 26.51
C ALA G 54 -12.18 7.95 27.52
N TYR G 55 -12.49 8.53 28.67
CA TYR G 55 -11.45 8.76 29.65
C TYR G 55 -10.92 7.45 30.18
N LYS G 56 -11.82 6.54 30.51
CA LYS G 56 -11.41 5.23 30.97
C LYS G 56 -10.51 4.53 29.95
N LYS G 57 -10.62 4.88 28.67
CA LYS G 57 -9.77 4.28 27.67
C LYS G 57 -8.43 5.00 27.53
N TYR G 58 -8.43 6.33 27.49
CA TYR G 58 -7.26 7.10 27.08
C TYR G 58 -6.59 7.88 28.20
N GLU G 59 -7.31 8.21 29.27
CA GLU G 59 -6.74 9.06 30.30
C GLU G 59 -5.47 8.44 30.84
N GLY G 60 -4.41 9.24 30.93
CA GLY G 60 -3.13 8.77 31.40
C GLY G 60 -2.19 8.28 30.30
N SER G 61 -2.68 8.15 29.09
CA SER G 61 -1.86 7.65 28.00
C SER G 61 -1.45 8.72 27.01
N VAL G 62 -2.08 9.90 27.06
CA VAL G 62 -1.86 10.98 26.11
C VAL G 62 -1.85 12.29 26.87
N GLU G 63 -1.38 13.34 26.22
CA GLU G 63 -1.49 14.65 26.83
C GLU G 63 -2.96 15.07 26.88
N ILE G 64 -3.27 15.93 27.86
CA ILE G 64 -4.67 16.32 28.09
C ILE G 64 -5.31 16.90 26.84
N PRO G 65 -4.64 17.74 26.03
CA PRO G 65 -5.30 18.19 24.80
C PRO G 65 -5.75 17.02 23.94
N VAL G 66 -4.87 16.04 23.73
CA VAL G 66 -5.21 14.88 22.92
C VAL G 66 -6.33 14.08 23.58
N LEU G 67 -6.31 13.96 24.91
CA LEU G 67 -7.38 13.28 25.61
C LEU G 67 -8.71 13.96 25.36
N ARG G 68 -8.73 15.28 25.46
CA ARG G 68 -9.94 16.03 25.15
C ARG G 68 -10.41 15.76 23.73
N ALA G 69 -9.49 15.83 22.77
CA ALA G 69 -9.85 15.57 21.38
C ALA G 69 -10.33 14.15 21.19
N LEU G 70 -9.64 13.17 21.80
CA LEU G 70 -10.03 11.78 21.64
C LEU G 70 -11.38 11.52 22.28
N SER G 71 -11.63 12.12 23.44
CA SER G 71 -12.93 11.96 24.08
C SER G 71 -14.02 12.60 23.25
N PHE G 72 -13.74 13.79 22.73
CA PHE G 72 -14.69 14.39 21.82
C PHE G 72 -14.94 13.49 20.62
N LYS G 73 -13.88 12.90 20.06
CA LYS G 73 -14.05 12.02 18.90
C LYS G 73 -14.91 10.81 19.26
N HIS G 74 -14.65 10.20 20.40
CA HIS G 74 -15.44 9.05 20.82
C HIS G 74 -16.90 9.45 21.02
N TYR G 75 -17.12 10.65 21.56
CA TYR G 75 -18.46 11.17 21.73
C TYR G 75 -19.14 11.33 20.38
N ILE G 76 -18.44 11.93 19.43
CA ILE G 76 -19.04 12.13 18.11
C ILE G 76 -19.32 10.79 17.44
N GLU G 77 -18.41 9.82 17.63
CA GLU G 77 -18.53 8.54 16.94
C GLU G 77 -19.74 7.74 17.41
N ASN G 78 -20.15 7.89 18.67
CA ASN G 78 -21.11 6.97 19.25
C ASN G 78 -22.39 7.61 19.75
N ARG G 79 -22.47 8.93 19.78
CA ARG G 79 -23.68 9.54 20.31
C ARG G 79 -24.87 9.23 19.42
N THR G 80 -26.04 9.13 20.06
CA THR G 80 -27.27 9.02 19.30
C THR G 80 -27.48 10.31 18.54
N LEU G 81 -27.90 10.17 17.29
CA LEU G 81 -28.22 11.30 16.45
C LEU G 81 -29.73 11.32 16.26
N SER G 82 -30.30 12.51 16.19
CA SER G 82 -31.73 12.64 15.95
C SER G 82 -31.94 13.60 14.79
N ILE G 83 -32.87 13.26 13.93
CA ILE G 83 -33.38 14.17 12.93
C ILE G 83 -34.84 14.37 13.26
N ASN G 84 -35.17 15.53 13.78
CA ASN G 84 -36.53 15.82 14.17
C ASN G 84 -37.40 15.98 12.93
N ASP G 85 -38.71 15.82 13.14
CA ASP G 85 -39.66 15.79 12.03
C ASP G 85 -39.60 17.06 11.20
N GLY G 86 -39.23 16.90 9.92
CA GLY G 86 -39.28 18.00 8.99
C GLY G 86 -38.05 18.88 8.95
N GLU G 87 -36.97 18.51 9.64
CA GLU G 87 -35.80 19.36 9.73
C GLU G 87 -35.09 19.50 8.38
N LEU G 88 -34.46 20.65 8.19
CA LEU G 88 -33.48 20.89 7.14
C LEU G 88 -32.07 21.08 7.68
N ILE G 89 -31.93 21.65 8.87
CA ILE G 89 -30.68 21.73 9.60
C ILE G 89 -30.74 20.70 10.73
N VAL G 90 -29.71 19.87 10.84
CA VAL G 90 -29.75 18.78 11.80
C VAL G 90 -28.64 18.92 12.82
N GLY G 91 -28.87 18.34 13.99
CA GLY G 91 -27.85 18.35 15.01
C GLY G 91 -28.45 18.86 16.30
N GLU G 92 -28.38 18.04 17.33
CA GLU G 92 -28.84 18.41 18.66
C GLU G 92 -27.71 18.15 19.63
N LYS G 93 -27.57 19.02 20.62
CA LYS G 93 -26.58 18.76 21.66
C LYS G 93 -26.92 17.47 22.39
N GLY G 94 -28.19 17.29 22.73
CA GLY G 94 -28.64 16.15 23.49
C GLY G 94 -29.44 15.15 22.68
N ASP G 95 -30.25 14.35 23.39
CA ASP G 95 -31.03 13.30 22.75
C ASP G 95 -32.19 13.86 21.94
N SER G 96 -32.77 14.96 22.37
CA SER G 96 -33.97 15.52 21.74
C SER G 96 -34.00 17.01 22.03
N PRO G 97 -34.85 17.77 21.33
CA PRO G 97 -34.94 19.21 21.59
C PRO G 97 -35.09 19.51 23.08
N ASN G 98 -34.40 20.55 23.53
CA ASN G 98 -34.42 20.95 24.93
C ASN G 98 -33.81 19.89 25.84
N GLY G 99 -33.03 18.97 25.27
CA GLY G 99 -32.24 18.03 26.04
C GLY G 99 -30.81 18.50 26.23
N ALA G 100 -30.48 18.99 27.42
CA ALA G 100 -29.14 19.50 27.67
C ALA G 100 -28.20 18.36 28.05
N PRO G 101 -27.03 18.25 27.41
CA PRO G 101 -26.02 17.31 27.88
C PRO G 101 -25.46 17.76 29.22
N THR G 102 -24.76 16.85 29.86
CA THR G 102 -24.05 17.15 31.09
C THR G 102 -22.56 17.23 30.84
N TYR G 103 -21.86 17.95 31.71
CA TYR G 103 -20.44 18.25 31.56
C TYR G 103 -19.72 17.97 32.87
N PRO G 104 -19.72 16.71 33.31
CA PRO G 104 -19.10 16.40 34.62
C PRO G 104 -17.60 16.68 34.65
N GLU G 105 -16.94 16.82 33.51
CA GLU G 105 -15.54 17.23 33.52
C GLU G 105 -15.37 18.65 34.02
N ILE G 106 -16.43 19.46 33.94
CA ILE G 106 -16.41 20.82 34.44
C ILE G 106 -17.12 20.84 35.80
N CYS G 107 -18.39 20.46 35.82
CA CYS G 107 -19.17 20.38 37.04
C CYS G 107 -19.90 19.04 37.04
N CYS G 108 -19.50 18.15 37.93
CA CYS G 108 -20.18 16.87 38.09
C CYS G 108 -21.25 17.04 39.16
N HIS G 109 -22.51 17.05 38.76
CA HIS G 109 -23.59 17.36 39.68
C HIS G 109 -23.69 16.31 40.78
N THR G 110 -24.03 16.78 41.97
CA THR G 110 -24.47 15.89 43.03
C THR G 110 -25.89 15.43 42.75
N MET G 111 -26.30 14.37 43.43
CA MET G 111 -27.70 13.94 43.35
C MET G 111 -28.64 15.03 43.83
N GLU G 112 -28.18 15.87 44.76
CA GLU G 112 -28.98 17.01 45.19
C GLU G 112 -29.19 17.98 44.04
N ASP G 113 -28.14 18.21 43.23
CA ASP G 113 -28.28 19.09 42.07
C ASP G 113 -29.36 18.56 41.15
N LEU G 114 -29.34 17.26 40.89
CA LEU G 114 -30.35 16.66 40.04
C LEU G 114 -31.74 16.82 40.63
N GLU G 115 -31.86 16.60 41.94
CA GLU G 115 -33.16 16.81 42.59
C GLU G 115 -33.56 18.28 42.50
N VAL G 116 -32.62 19.18 42.79
CA VAL G 116 -32.90 20.61 42.78
C VAL G 116 -33.32 21.07 41.39
N MET G 117 -32.53 20.72 40.38
CA MET G 117 -32.83 21.21 39.05
C MET G 117 -34.08 20.58 38.48
N HIS G 118 -34.45 19.39 38.95
CA HIS G 118 -35.65 18.74 38.45
C HIS G 118 -36.91 19.36 39.01
N ASN G 119 -36.85 19.73 40.26
CA ASN G 119 -37.98 20.22 40.98
C ASN G 119 -38.10 21.68 41.21
N ARG G 120 -37.15 22.48 40.75
CA ARG G 120 -37.28 23.90 40.99
C ARG G 120 -38.38 24.53 40.18
N ASP G 121 -38.88 25.64 40.66
CA ASP G 121 -39.97 26.28 39.99
C ASP G 121 -39.60 26.87 38.66
N ILE G 122 -38.46 27.52 38.63
CA ILE G 122 -38.04 28.14 37.37
C ILE G 122 -36.72 27.57 36.92
N ILE G 123 -36.55 27.52 35.60
CA ILE G 123 -35.37 27.00 34.91
C ILE G 123 -35.11 25.58 35.37
N ASN G 124 -36.17 24.78 35.41
CA ASN G 124 -36.01 23.39 35.81
C ASN G 124 -35.55 22.56 34.62
N PHE G 125 -34.91 21.45 34.92
CA PHE G 125 -34.58 20.47 33.92
C PHE G 125 -35.05 19.15 34.47
N SER G 126 -35.86 18.44 33.70
CA SER G 126 -36.27 17.12 34.17
C SER G 126 -35.12 16.14 34.05
N VAL G 127 -34.89 15.40 35.13
CA VAL G 127 -33.89 14.36 35.19
C VAL G 127 -34.67 13.06 35.21
N SER G 128 -34.66 12.34 34.10
CA SER G 128 -35.40 11.08 34.05
C SER G 128 -34.83 10.13 35.09
N GLU G 129 -35.56 9.10 35.46
CA GLU G 129 -35.03 8.15 36.43
C GLU G 129 -33.80 7.50 35.89
N GLU G 130 -33.83 7.19 34.62
CA GLU G 130 -32.72 6.60 33.94
C GLU G 130 -31.48 7.43 34.11
N ALA G 131 -31.58 8.68 33.74
CA ALA G 131 -30.46 9.58 33.79
C ALA G 131 -29.98 9.72 35.20
N ARG G 132 -30.88 9.81 36.15
CA ARG G 132 -30.42 9.89 37.53
C ARG G 132 -29.60 8.66 37.91
N LYS G 133 -30.12 7.49 37.58
CA LYS G 133 -29.45 6.25 37.91
C LYS G 133 -28.08 6.20 37.24
N ILE G 134 -28.01 6.53 35.97
CA ILE G 134 -26.73 6.52 35.26
C ILE G 134 -25.75 7.52 35.88
N HIS G 135 -26.23 8.73 36.19
CA HIS G 135 -25.34 9.73 36.79
C HIS G 135 -24.85 9.27 38.15
N LYS G 136 -25.74 8.63 38.94
CA LYS G 136 -25.37 8.15 40.28
C LYS G 136 -24.33 7.06 40.21
N GLU G 137 -24.47 6.14 39.26
CA GLU G 137 -23.69 4.93 39.26
C GLU G 137 -22.45 4.99 38.37
N GLU G 138 -22.49 5.73 37.27
CA GLU G 138 -21.34 5.77 36.36
C GLU G 138 -20.61 7.09 36.37
N ILE G 139 -21.32 8.20 36.53
CA ILE G 139 -20.74 9.51 36.30
C ILE G 139 -20.08 10.05 37.55
N ILE G 140 -20.81 10.12 38.65
CA ILE G 140 -20.24 10.65 39.89
C ILE G 140 -18.97 9.91 40.30
N PRO G 141 -18.94 8.58 40.36
CA PRO G 141 -17.70 7.93 40.80
C PRO G 141 -16.48 8.31 39.96
N PHE G 142 -16.67 8.60 38.67
CA PHE G 142 -15.49 8.91 37.87
C PHE G 142 -15.13 10.38 37.91
N TRP G 143 -16.14 11.24 37.85
CA TRP G 143 -15.94 12.64 37.58
C TRP G 143 -15.96 13.53 38.81
N LYS G 144 -16.45 13.04 39.95
CA LYS G 144 -16.58 13.91 41.11
C LYS G 144 -15.22 14.49 41.51
N LYS G 145 -14.14 13.70 41.35
CA LYS G 145 -12.82 14.21 41.69
C LYS G 145 -12.08 14.82 40.51
N ARG G 146 -12.50 14.52 39.27
CA ARG G 146 -11.81 15.05 38.11
C ARG G 146 -12.37 16.39 37.65
N GLN G 147 -13.57 16.75 38.11
CA GLN G 147 -14.23 17.95 37.61
C GLN G 147 -13.38 19.17 37.87
N THR G 148 -13.35 20.07 36.90
CA THR G 148 -12.55 21.27 37.05
C THR G 148 -13.05 22.15 38.19
N ARG G 149 -14.35 22.07 38.50
CA ARG G 149 -14.90 22.93 39.54
C ARG G 149 -14.15 22.71 40.84
N ASP G 150 -13.92 21.45 41.19
CA ASP G 150 -13.22 21.14 42.42
C ASP G 150 -11.76 21.55 42.37
N LYS G 151 -11.12 21.37 41.21
CA LYS G 151 -9.78 21.91 41.02
C LYS G 151 -9.74 23.40 41.30
N ILE G 152 -10.77 24.12 40.83
CA ILE G 152 -10.83 25.56 41.00
C ILE G 152 -11.11 25.92 42.45
N ILE G 153 -12.19 25.35 43.03
CA ILE G 153 -12.58 25.72 44.39
C ILE G 153 -11.44 25.42 45.36
N ASN G 154 -10.81 24.25 45.23
CA ASN G 154 -9.72 23.87 46.11
C ASN G 154 -8.48 24.72 45.90
N ALA G 155 -8.36 25.39 44.77
CA ALA G 155 -7.17 26.20 44.54
C ALA G 155 -7.37 27.64 44.98
N MET G 156 -8.57 27.97 45.44
CA MET G 156 -8.87 29.36 45.76
C MET G 156 -8.39 29.70 47.17
N THR G 157 -7.99 30.96 47.35
CA THR G 157 -7.57 31.41 48.66
C THR G 157 -8.80 31.53 49.56
N PRO G 158 -8.59 31.54 50.87
CA PRO G 158 -9.74 31.80 51.76
C PRO G 158 -10.40 33.12 51.45
N GLU G 159 -9.61 34.17 51.17
CA GLU G 159 -10.17 35.48 50.88
C GLU G 159 -11.07 35.41 49.65
N TRP G 160 -10.66 34.64 48.65
CA TRP G 160 -11.49 34.44 47.48
C TRP G 160 -12.77 33.68 47.81
N LEU G 161 -12.66 32.58 48.56
CA LEU G 161 -13.85 31.81 48.89
C LEU G 161 -14.82 32.65 49.69
N ALA G 162 -14.31 33.43 50.63
CA ALA G 162 -15.18 34.28 51.43
C ALA G 162 -15.86 35.33 50.56
N ALA G 163 -15.07 36.01 49.73
CA ALA G 163 -15.66 37.04 48.88
C ALA G 163 -16.71 36.43 47.97
N TYR G 164 -16.40 35.26 47.40
CA TYR G 164 -17.34 34.60 46.51
C TYR G 164 -18.64 34.23 47.22
N GLU G 165 -18.55 33.64 48.39
CA GLU G 165 -19.77 33.21 49.09
C GLU G 165 -20.59 34.39 49.57
N ALA G 166 -19.97 35.51 49.89
CA ALA G 166 -20.68 36.71 50.28
C ALA G 166 -21.26 37.45 49.08
N GLY G 167 -21.05 36.96 47.86
CA GLY G 167 -21.55 37.61 46.68
C GLY G 167 -20.78 38.82 46.21
N MET G 168 -19.49 38.93 46.54
CA MET G 168 -18.69 40.04 46.04
C MET G 168 -18.43 39.93 44.55
N PHE G 169 -18.33 38.70 44.06
CA PHE G 169 -18.14 38.45 42.64
C PHE G 169 -18.64 37.05 42.36
N THR G 170 -18.66 36.69 41.08
CA THR G 170 -19.01 35.34 40.71
C THR G 170 -17.82 34.74 39.98
N GLU G 171 -17.88 33.45 39.76
CA GLU G 171 -16.80 32.73 39.07
C GLU G 171 -17.39 32.08 37.85
N PHE G 172 -17.03 32.62 36.70
CA PHE G 172 -17.63 32.13 35.46
C PHE G 172 -17.19 30.73 35.13
N MET G 173 -16.02 30.32 35.59
CA MET G 173 -15.55 29.00 35.19
C MET G 173 -15.84 27.93 36.24
N GLU G 174 -16.66 28.21 37.25
CA GLU G 174 -16.95 27.17 38.23
C GLU G 174 -17.76 26.05 37.62
N GLN G 175 -18.74 26.37 36.76
CA GLN G 175 -19.60 25.37 36.15
C GLN G 175 -19.61 25.40 34.64
N ARG G 176 -18.82 26.28 34.01
CA ARG G 176 -18.79 26.35 32.56
C ARG G 176 -17.38 26.62 32.07
N ALA G 177 -17.10 26.21 30.87
CA ALA G 177 -15.79 26.47 30.30
C ALA G 177 -15.73 27.92 29.82
N PRO G 178 -14.52 28.50 29.77
CA PRO G 178 -14.41 29.93 29.40
C PRO G 178 -15.23 30.31 28.19
N GLY G 179 -15.12 29.55 27.10
CA GLY G 179 -15.90 29.78 25.91
C GLY G 179 -15.94 31.25 25.57
N HIS G 180 -17.15 31.78 25.49
CA HIS G 180 -17.36 33.20 25.28
C HIS G 180 -16.65 33.67 24.02
N THR G 181 -16.78 32.88 22.96
CA THR G 181 -16.11 33.23 21.74
C THR G 181 -17.08 33.08 20.58
N VAL G 182 -16.66 33.59 19.44
CA VAL G 182 -17.53 33.75 18.29
C VAL G 182 -16.83 33.22 17.05
N CYS G 183 -17.57 32.49 16.24
CA CYS G 183 -17.04 31.99 15.00
C CYS G 183 -16.63 33.13 14.10
N GLY G 184 -15.50 32.97 13.45
CA GLY G 184 -15.05 33.83 12.39
C GLY G 184 -15.43 33.25 11.06
N ASP G 185 -14.57 33.42 10.07
CA ASP G 185 -14.87 32.98 8.72
C ASP G 185 -14.16 31.69 8.32
N THR G 186 -13.36 31.10 9.22
CA THR G 186 -12.58 29.93 8.84
C THR G 186 -13.48 28.80 8.35
N ILE G 187 -14.56 28.51 9.07
CA ILE G 187 -15.40 27.36 8.72
C ILE G 187 -16.16 27.56 7.42
N TYR G 188 -16.19 28.76 6.86
CA TYR G 188 -16.76 28.95 5.53
C TYR G 188 -15.72 28.96 4.43
N LYS G 189 -14.44 29.15 4.78
CA LYS G 189 -13.27 29.13 3.89
C LYS G 189 -12.59 27.78 3.86
N LYS G 190 -12.75 27.00 4.91
CA LYS G 190 -12.06 25.74 5.07
C LYS G 190 -13.01 24.74 5.72
N GLY G 191 -12.88 23.50 5.31
CA GLY G 191 -13.47 22.42 6.04
C GLY G 191 -12.50 21.87 7.04
N PHE G 192 -12.99 20.92 7.85
CA PHE G 192 -12.13 20.33 8.86
C PHE G 192 -11.08 19.39 8.25
N LEU G 193 -11.29 18.91 7.02
CA LEU G 193 -10.19 18.25 6.32
C LEU G 193 -9.09 19.23 5.96
N ASP G 194 -9.46 20.45 5.55
CA ASP G 194 -8.43 21.46 5.26
C ASP G 194 -7.66 21.87 6.50
N LEU G 195 -8.37 22.05 7.61
CA LEU G 195 -7.72 22.48 8.84
C LEU G 195 -6.79 21.39 9.34
N LYS G 196 -7.19 20.13 9.17
CA LYS G 196 -6.31 19.03 9.53
C LYS G 196 -5.02 19.07 8.71
N LYS G 197 -5.11 19.43 7.43
CA LYS G 197 -3.89 19.56 6.62
C LYS G 197 -3.02 20.69 7.15
N ASP G 198 -3.61 21.85 7.47
CA ASP G 198 -2.85 22.95 8.05
C ASP G 198 -2.17 22.50 9.32
N ILE G 199 -2.89 21.73 10.14
CA ILE G 199 -2.32 21.24 11.37
C ILE G 199 -1.14 20.32 11.06
N GLU G 200 -1.30 19.44 10.07
CA GLU G 200 -0.24 18.50 9.75
C GLU G 200 0.99 19.21 9.22
N ALA G 201 0.81 20.27 8.42
CA ALA G 201 1.95 21.02 7.92
C ALA G 201 2.70 21.69 9.07
N ARG G 202 1.96 22.14 10.09
CA ARG G 202 2.58 22.71 11.27
C ARG G 202 3.36 21.64 12.02
N LEU G 203 2.77 20.45 12.16
CA LEU G 203 3.47 19.34 12.78
C LEU G 203 4.76 19.03 12.04
N LYS G 204 4.73 19.09 10.70
CA LYS G 204 5.91 18.76 9.93
C LYS G 204 7.02 19.79 10.12
N GLU G 205 6.71 21.02 10.49
CA GLU G 205 7.73 22.05 10.56
C GLU G 205 8.19 22.35 11.98
N LEU G 206 7.66 21.65 12.98
CA LEU G 206 8.13 21.88 14.33
C LEU G 206 9.61 21.55 14.45
N ASP G 207 10.38 22.50 14.97
CA ASP G 207 11.83 22.41 15.09
C ASP G 207 12.15 21.98 16.51
N PHE G 208 12.40 20.68 16.70
CA PHE G 208 12.72 20.25 18.05
C PHE G 208 14.16 20.56 18.46
N LEU G 209 15.03 20.98 17.55
CA LEU G 209 16.38 21.35 17.97
C LEU G 209 16.41 22.73 18.60
N ASN G 210 15.74 23.69 18.00
CA ASN G 210 15.91 25.07 18.44
C ASN G 210 14.68 25.68 19.06
N ASP G 211 13.50 25.18 18.74
CA ASP G 211 12.25 25.66 19.33
C ASP G 211 12.01 24.85 20.58
N LEU G 212 12.36 25.41 21.73
CA LEU G 212 12.21 24.63 22.95
C LEU G 212 10.76 24.37 23.30
N ASP G 213 9.83 25.09 22.67
CA ASP G 213 8.39 24.94 22.91
C ASP G 213 7.75 23.92 21.97
N ALA G 214 8.55 23.21 21.17
CA ALA G 214 7.98 22.37 20.13
C ALA G 214 7.05 21.30 20.66
N TYR G 215 7.32 20.75 21.84
CA TYR G 215 6.51 19.67 22.37
C TYR G 215 5.09 20.15 22.63
N ASN G 216 4.97 21.29 23.32
CA ASN G 216 3.65 21.84 23.61
C ASN G 216 2.90 22.19 22.34
N LYS G 217 3.62 22.66 21.31
CA LYS G 217 2.99 22.85 20.03
C LYS G 217 2.45 21.54 19.47
N LYS G 218 3.24 20.48 19.54
CA LYS G 218 2.84 19.20 18.95
C LYS G 218 1.61 18.62 19.65
N ALA G 219 1.59 18.66 20.98
CA ALA G 219 0.46 18.10 21.71
C ALA G 219 -0.82 18.84 21.34
N ASP G 220 -0.78 20.17 21.32
CA ASP G 220 -1.95 20.96 20.96
C ASP G 220 -2.36 20.68 19.52
N LEU G 221 -1.39 20.68 18.61
CA LEU G 221 -1.67 20.44 17.20
C LEU G 221 -2.19 19.03 16.98
N GLU G 222 -1.56 18.04 17.63
CA GLU G 222 -2.06 16.67 17.52
C GLU G 222 -3.51 16.58 17.96
N ALA G 223 -3.87 17.29 19.03
CA ALA G 223 -5.25 17.28 19.51
C ALA G 223 -6.19 17.94 18.50
N MET G 224 -5.77 19.08 17.96
CA MET G 224 -6.58 19.75 16.95
C MET G 224 -6.82 18.83 15.76
N ALA G 225 -5.81 18.06 15.37
CA ALA G 225 -5.97 17.12 14.27
C ALA G 225 -7.04 16.09 14.59
N ILE G 226 -7.04 15.58 15.82
CA ILE G 226 -8.07 14.63 16.21
C ILE G 226 -9.44 15.30 16.20
N ALA G 227 -9.51 16.54 16.66
CA ALA G 227 -10.79 17.24 16.63
C ALA G 227 -11.30 17.37 15.20
N CYS G 228 -10.41 17.61 14.25
CA CYS G 228 -10.83 17.65 12.85
C CYS G 228 -11.44 16.31 12.44
N ASP G 229 -10.75 15.20 12.76
CA ASP G 229 -11.30 13.88 12.47
C ASP G 229 -12.69 13.71 13.04
N ALA G 230 -12.91 14.21 14.25
CA ALA G 230 -14.22 14.08 14.87
C ALA G 230 -15.29 14.85 14.09
N MET G 231 -14.97 16.07 13.65
CA MET G 231 -15.94 16.81 12.86
C MET G 231 -16.27 16.08 11.57
N VAL G 232 -15.28 15.43 10.97
CA VAL G 232 -15.54 14.66 9.76
C VAL G 232 -16.52 13.55 10.07
N ILE G 233 -16.34 12.88 11.21
CA ILE G 233 -17.23 11.80 11.60
C ILE G 233 -18.65 12.32 11.84
N LEU G 234 -18.78 13.50 12.45
CA LEU G 234 -20.12 14.03 12.70
C LEU G 234 -20.89 14.21 11.42
N GLY G 235 -20.25 14.75 10.38
CA GLY G 235 -20.91 14.89 9.10
C GLY G 235 -21.18 13.54 8.49
N LYS G 236 -20.19 12.65 8.53
CA LYS G 236 -20.37 11.31 8.00
C LYS G 236 -21.53 10.60 8.67
N ARG G 237 -21.61 10.68 9.99
CA ARG G 237 -22.65 9.96 10.72
C ARG G 237 -24.04 10.54 10.47
N TYR G 238 -24.16 11.86 10.39
CA TYR G 238 -25.49 12.43 10.15
C TYR G 238 -25.95 12.13 8.74
N ALA G 239 -25.03 12.12 7.77
CA ALA G 239 -25.40 11.76 6.42
C ALA G 239 -25.90 10.32 6.37
N GLU G 240 -25.25 9.41 7.12
CA GLU G 240 -25.71 8.04 7.19
C GLU G 240 -27.10 7.97 7.81
N LYS G 241 -27.34 8.71 8.89
CA LYS G 241 -28.67 8.63 9.52
C LYS G 241 -29.74 9.18 8.60
N ALA G 242 -29.44 10.29 7.90
CA ALA G 242 -30.41 10.86 6.98
C ALA G 242 -30.76 9.87 5.87
N ARG G 243 -29.73 9.21 5.32
CA ARG G 243 -29.96 8.20 4.29
C ARG G 243 -30.73 7.00 4.82
N GLN G 244 -30.45 6.59 6.04
CA GLN G 244 -31.15 5.45 6.61
C GLN G 244 -32.63 5.79 6.85
N MET G 245 -32.92 7.04 7.20
CA MET G 245 -34.28 7.46 7.41
C MET G 245 -35.01 7.68 6.10
N ALA G 246 -34.29 8.01 5.03
CA ALA G 246 -34.94 8.15 3.75
C ALA G 246 -35.40 6.79 3.24
N GLU G 247 -34.65 5.74 3.56
CA GLU G 247 -35.01 4.40 3.14
C GLU G 247 -36.34 3.95 3.76
N GLU G 248 -36.68 4.50 4.93
CA GLU G 248 -37.89 4.09 5.63
C GLU G 248 -39.03 5.09 5.46
N GLU G 249 -38.76 6.25 4.89
CA GLU G 249 -39.78 7.27 4.72
C GLU G 249 -40.57 6.99 3.44
N THR G 250 -41.90 6.93 3.56
CA THR G 250 -42.72 6.73 2.38
C THR G 250 -43.26 8.03 1.81
N ASP G 251 -43.06 9.12 2.51
CA ASP G 251 -43.50 10.36 1.96
C ASP G 251 -42.36 10.82 1.10
N GLU G 252 -42.62 11.01 -0.18
CA GLU G 252 -41.60 11.45 -1.08
C GLU G 252 -40.96 12.77 -0.72
N ALA G 253 -41.75 13.70 -0.21
CA ALA G 253 -41.26 14.99 0.16
C ALA G 253 -40.38 14.88 1.34
N LYS G 254 -40.80 14.16 2.36
CA LYS G 254 -39.90 14.03 3.50
C LYS G 254 -38.63 13.27 3.13
N LYS G 255 -38.76 12.28 2.25
CA LYS G 255 -37.64 11.49 1.77
C LYS G 255 -36.63 12.39 1.05
N LYS G 256 -37.13 13.31 0.21
CA LYS G 256 -36.27 14.23 -0.51
C LYS G 256 -35.56 15.16 0.47
N ASP G 257 -36.28 15.60 1.51
CA ASP G 257 -35.67 16.40 2.55
C ASP G 257 -34.57 15.64 3.25
N LEU G 258 -34.79 14.36 3.53
CA LEU G 258 -33.74 13.59 4.18
C LEU G 258 -32.51 13.45 3.29
N LEU G 259 -32.70 13.20 2.00
CA LEU G 259 -31.53 13.11 1.12
C LEU G 259 -30.81 14.45 1.01
N LEU G 260 -31.55 15.56 1.08
CA LEU G 260 -30.89 16.86 1.06
C LEU G 260 -30.05 17.06 2.32
N ILE G 261 -30.58 16.67 3.48
CA ILE G 261 -29.77 16.69 4.68
C ILE G 261 -28.52 15.85 4.49
N ALA G 262 -28.69 14.63 3.96
CA ALA G 262 -27.56 13.74 3.78
C ALA G 262 -26.50 14.35 2.85
N GLU G 263 -26.92 14.84 1.69
CA GLU G 263 -25.98 15.45 0.75
C GLU G 263 -25.32 16.68 1.36
N THR G 264 -26.06 17.40 2.20
CA THR G 264 -25.47 18.54 2.89
C THR G 264 -24.35 18.05 3.80
N CYS G 265 -24.62 16.98 4.55
CA CYS G 265 -23.60 16.46 5.46
C CYS G 265 -22.45 15.76 4.75
N ASP G 266 -22.62 15.41 3.47
CA ASP G 266 -21.49 14.92 2.70
C ASP G 266 -20.43 15.98 2.52
N VAL G 267 -20.83 17.27 2.56
CA VAL G 267 -19.89 18.35 2.34
C VAL G 267 -19.38 18.88 3.69
N VAL G 268 -20.30 19.27 4.55
CA VAL G 268 -19.93 19.92 5.81
C VAL G 268 -20.10 18.89 6.92
N PRO G 269 -19.24 18.89 7.94
CA PRO G 269 -18.16 19.84 8.16
C PRO G 269 -16.81 19.44 7.60
N ALA G 270 -16.74 18.33 6.86
CA ALA G 270 -15.44 17.84 6.40
C ALA G 270 -14.81 18.81 5.43
N HIS G 271 -15.62 19.34 4.51
CA HIS G 271 -15.16 20.28 3.52
C HIS G 271 -15.82 21.63 3.78
N LYS G 272 -15.23 22.65 3.17
CA LYS G 272 -15.81 23.96 3.31
C LYS G 272 -17.18 23.94 2.66
N PRO G 273 -18.16 24.65 3.22
CA PRO G 273 -19.48 24.70 2.59
C PRO G 273 -19.40 25.32 1.21
N GLU G 274 -20.17 24.77 0.27
CA GLU G 274 -20.26 25.36 -1.07
C GLU G 274 -21.54 26.13 -1.29
N THR G 275 -22.53 25.92 -0.44
CA THR G 275 -23.84 26.53 -0.56
C THR G 275 -24.24 27.21 0.75
N TYR G 276 -25.22 28.10 0.63
CA TYR G 276 -25.84 28.74 1.79
C TYR G 276 -26.37 27.70 2.79
N HIS G 277 -27.11 26.70 2.30
CA HIS G 277 -27.60 25.62 3.15
C HIS G 277 -26.43 24.91 3.86
N GLN G 278 -25.35 24.61 3.12
CA GLN G 278 -24.21 23.93 3.73
C GLN G 278 -23.52 24.85 4.74
N ALA G 279 -23.40 26.14 4.42
CA ALA G 279 -22.78 27.06 5.36
C ALA G 279 -23.52 27.08 6.69
N ILE G 280 -24.86 27.02 6.65
CA ILE G 280 -25.63 27.01 7.88
C ILE G 280 -25.44 25.69 8.60
N GLN G 281 -25.52 24.59 7.88
CA GLN G 281 -25.29 23.29 8.50
C GLN G 281 -23.86 23.20 8.99
N MET G 282 -22.92 23.75 8.21
CA MET G 282 -21.53 23.80 8.67
C MET G 282 -21.44 24.56 9.98
N TYR G 283 -22.02 25.76 10.03
CA TYR G 283 -22.00 26.48 11.28
C TYR G 283 -22.60 25.64 12.40
N TRP G 284 -23.79 25.08 12.16
CA TRP G 284 -24.50 24.43 13.24
C TRP G 284 -23.78 23.19 13.72
N PHE G 285 -23.13 22.46 12.81
CA PHE G 285 -22.30 21.34 13.23
C PHE G 285 -21.16 21.81 14.12
N VAL G 286 -20.43 22.83 13.69
CA VAL G 286 -19.40 23.42 14.53
C VAL G 286 -20.00 23.89 15.84
N HIS G 287 -21.22 24.45 15.77
CA HIS G 287 -21.90 24.90 16.99
C HIS G 287 -22.12 23.74 17.96
N ILE G 288 -22.70 22.65 17.47
CA ILE G 288 -22.91 21.47 18.28
C ILE G 288 -21.56 20.96 18.77
N GLY G 289 -20.57 20.98 17.87
CA GLY G 289 -19.23 20.56 18.21
C GLY G 289 -18.63 21.31 19.37
N VAL G 290 -18.49 22.63 19.26
CA VAL G 290 -17.76 23.32 20.31
C VAL G 290 -18.60 23.39 21.58
N THR G 291 -19.92 23.35 21.46
CA THR G 291 -20.73 23.38 22.68
C THR G 291 -20.91 22.00 23.30
N THR G 292 -20.57 20.93 22.60
CA THR G 292 -20.47 19.65 23.26
C THR G 292 -19.05 19.27 23.59
N GLU G 293 -18.05 19.90 22.95
CA GLU G 293 -16.69 19.78 23.41
C GLU G 293 -16.56 20.27 24.84
N LEU G 294 -17.19 21.42 25.14
CA LEU G 294 -17.20 22.01 26.47
C LEU G 294 -18.51 22.76 26.69
N ASN G 295 -18.92 22.85 27.94
CA ASN G 295 -20.08 23.67 28.27
C ASN G 295 -19.60 25.12 28.27
N ILE G 296 -19.47 25.67 27.11
CA ILE G 296 -18.84 26.97 26.97
C ILE G 296 -19.87 28.06 27.15
N TRP G 297 -19.46 29.12 27.84
CA TRP G 297 -20.30 30.30 28.00
C TRP G 297 -20.70 30.84 26.64
N ASP G 298 -21.92 31.34 26.55
CA ASP G 298 -22.45 31.91 25.33
C ASP G 298 -22.48 30.88 24.22
N ALA G 299 -22.56 29.60 24.60
CA ALA G 299 -22.70 28.52 23.63
C ALA G 299 -21.75 28.77 22.46
N PHE G 300 -22.31 29.03 21.30
CA PHE G 300 -21.54 29.50 20.17
C PHE G 300 -22.48 30.34 19.34
N THR G 301 -21.91 31.17 18.49
CA THR G 301 -22.70 31.99 17.60
C THR G 301 -21.94 32.12 16.31
N PRO G 302 -22.63 32.21 15.18
CA PRO G 302 -21.93 32.51 13.92
C PRO G 302 -21.40 33.92 13.87
N GLY G 303 -21.75 34.75 14.87
CA GLY G 303 -21.33 36.13 14.90
C GLY G 303 -21.93 36.94 13.79
N ARG G 304 -21.10 37.36 12.84
CA ARG G 304 -21.55 38.16 11.71
C ARG G 304 -22.19 37.26 10.66
N LEU G 305 -23.28 36.61 11.07
CA LEU G 305 -23.94 35.61 10.24
C LEU G 305 -24.24 36.17 8.86
N ASP G 306 -24.78 37.38 8.79
CA ASP G 306 -25.11 37.93 7.49
C ASP G 306 -23.85 38.16 6.64
N GLN G 307 -22.71 38.46 7.28
CA GLN G 307 -21.48 38.60 6.49
C GLN G 307 -21.04 37.26 5.92
N HIS G 308 -21.10 36.22 6.73
CA HIS G 308 -20.71 34.91 6.31
C HIS G 308 -21.68 34.29 5.35
N LEU G 309 -22.95 34.46 5.57
CA LEU G 309 -23.95 33.85 4.71
C LEU G 309 -24.12 34.62 3.39
N ASN G 310 -23.90 35.93 3.38
CA ASN G 310 -24.26 36.68 2.19
C ASN G 310 -23.56 36.18 0.93
N PRO G 311 -22.24 35.95 0.90
CA PRO G 311 -21.64 35.44 -0.35
C PRO G 311 -22.25 34.12 -0.78
N PHE G 312 -22.62 33.26 0.16
CA PHE G 312 -23.29 32.03 -0.20
C PHE G 312 -24.67 32.30 -0.72
N TYR G 313 -25.40 33.21 -0.08
CA TYR G 313 -26.73 33.57 -0.53
C TYR G 313 -26.69 34.08 -1.96
N GLU G 314 -25.81 35.06 -2.22
CA GLU G 314 -25.72 35.64 -3.55
C GLU G 314 -25.32 34.60 -4.59
N ARG G 315 -24.32 33.76 -4.28
CA ARG G 315 -23.89 32.75 -5.23
C ARG G 315 -25.01 31.75 -5.50
N ASP G 316 -25.77 31.38 -4.46
CA ASP G 316 -26.82 30.38 -4.63
C ASP G 316 -28.00 30.94 -5.41
N VAL G 317 -28.34 32.19 -5.17
CA VAL G 317 -29.38 32.81 -5.98
C VAL G 317 -28.90 32.89 -7.42
N GLU G 318 -27.62 33.22 -7.61
CA GLU G 318 -27.04 33.23 -8.95
C GLU G 318 -27.09 31.85 -9.61
N ASN G 319 -26.97 30.80 -8.82
CA ASN G 319 -27.02 29.44 -9.35
C ASN G 319 -28.40 28.82 -9.32
N GLY G 320 -29.43 29.57 -8.91
CA GLY G 320 -30.80 29.09 -8.93
C GLY G 320 -31.15 27.96 -7.98
N ILE G 321 -30.32 27.69 -6.97
CA ILE G 321 -30.64 26.68 -5.96
C ILE G 321 -31.25 27.29 -4.72
N LEU G 322 -31.42 28.61 -4.69
CA LEU G 322 -31.91 29.26 -3.48
C LEU G 322 -32.60 30.55 -3.89
N ASP G 323 -33.62 30.91 -3.12
CA ASP G 323 -34.29 32.19 -3.23
C ASP G 323 -34.48 32.72 -1.82
N ARG G 324 -35.11 33.90 -1.71
CA ARG G 324 -35.27 34.50 -0.39
C ARG G 324 -36.08 33.61 0.54
N ASP G 325 -37.17 32.98 0.05
CA ASP G 325 -37.99 32.16 0.94
C ASP G 325 -37.24 30.94 1.42
N ARG G 326 -36.56 30.25 0.51
CA ARG G 326 -35.80 29.07 0.93
C ARG G 326 -34.71 29.47 1.90
N ALA G 327 -34.05 30.60 1.63
CA ALA G 327 -33.05 31.11 2.56
C ALA G 327 -33.68 31.38 3.91
N GLN G 328 -34.88 31.96 3.92
CA GLN G 328 -35.54 32.24 5.18
C GLN G 328 -35.96 30.97 5.91
N GLU G 329 -36.46 29.99 5.17
CA GLU G 329 -36.83 28.73 5.80
C GLU G 329 -35.64 28.10 6.51
N LEU G 330 -34.48 28.08 5.84
CA LEU G 330 -33.26 27.51 6.42
C LEU G 330 -32.86 28.28 7.69
N LEU G 331 -32.94 29.60 7.66
CA LEU G 331 -32.63 30.37 8.86
C LEU G 331 -33.69 30.18 9.95
N GLU G 332 -34.96 30.01 9.56
CA GLU G 332 -35.97 29.71 10.58
C GLU G 332 -35.69 28.36 11.21
N CYS G 333 -35.25 27.40 10.39
CA CYS G 333 -34.81 26.12 10.93
C CYS G 333 -33.66 26.31 11.91
N LEU G 334 -32.66 27.10 11.51
CA LEU G 334 -31.54 27.37 12.40
C LEU G 334 -32.02 28.03 13.69
N TRP G 335 -32.98 28.97 13.59
CA TRP G 335 -33.51 29.61 14.79
C TRP G 335 -34.11 28.57 15.73
N VAL G 336 -34.91 27.65 15.18
CA VAL G 336 -35.45 26.59 16.03
C VAL G 336 -34.31 25.76 16.61
N LYS G 337 -33.24 25.51 15.82
CA LYS G 337 -32.12 24.72 16.32
C LYS G 337 -31.51 25.36 17.55
N PHE G 338 -31.21 26.66 17.49
CA PHE G 338 -30.76 27.40 18.66
C PHE G 338 -31.74 27.21 19.80
N ASN G 339 -33.04 27.34 19.50
CA ASN G 339 -34.02 27.28 20.57
C ASN G 339 -34.14 25.90 21.17
N ASN G 340 -33.72 24.87 20.43
CA ASN G 340 -33.68 23.50 20.94
C ASN G 340 -32.52 23.24 21.90
N GLN G 341 -31.58 24.18 22.04
CA GLN G 341 -30.36 23.97 22.84
C GLN G 341 -30.39 24.87 24.07
N PRO G 342 -30.87 24.41 25.19
CA PRO G 342 -30.77 25.22 26.40
C PRO G 342 -29.32 25.28 26.85
N ALA G 343 -28.97 26.38 27.52
CA ALA G 343 -27.76 26.38 28.32
C ALA G 343 -27.86 25.22 29.30
N PRO G 344 -26.87 24.32 29.33
CA PRO G 344 -26.96 23.13 30.18
C PRO G 344 -27.25 23.52 31.62
N PRO G 345 -27.83 22.62 32.41
CA PRO G 345 -28.30 23.01 33.74
C PRO G 345 -27.21 23.66 34.59
N LYS G 346 -27.60 24.76 35.21
CA LYS G 346 -26.80 25.47 36.19
C LYS G 346 -27.42 25.24 37.56
N VAL G 347 -26.56 25.29 38.58
CA VAL G 347 -27.01 25.25 39.95
C VAL G 347 -26.24 26.34 40.70
N GLY G 348 -26.55 26.49 41.98
CA GLY G 348 -25.83 27.42 42.81
C GLY G 348 -25.72 28.79 42.20
N ILE G 349 -24.54 29.40 42.37
CA ILE G 349 -24.33 30.80 41.98
C ILE G 349 -24.49 30.94 40.48
N THR G 350 -24.06 29.93 39.72
CA THR G 350 -24.13 30.04 38.27
C THR G 350 -25.56 30.22 37.81
N LEU G 351 -26.50 29.58 38.49
CA LEU G 351 -27.89 29.82 38.14
C LEU G 351 -28.32 31.22 38.51
N LYS G 352 -27.94 31.67 39.70
CA LYS G 352 -28.35 33.01 40.10
C LYS G 352 -27.85 34.06 39.11
N GLU G 353 -26.59 33.95 38.69
CA GLU G 353 -26.05 34.97 37.81
C GLU G 353 -26.53 34.79 36.39
N SER G 354 -27.07 33.61 36.05
CA SER G 354 -27.51 33.33 34.71
C SER G 354 -28.79 32.47 34.75
N SER G 355 -29.86 33.01 35.34
CA SER G 355 -31.08 32.24 35.57
C SER G 355 -31.93 32.23 34.31
N THR G 356 -31.51 31.42 33.35
CA THR G 356 -32.19 31.34 32.06
C THR G 356 -31.83 30.03 31.39
N TYR G 357 -32.75 29.55 30.55
CA TYR G 357 -32.44 28.46 29.65
C TYR G 357 -31.65 28.93 28.45
N THR G 358 -31.72 30.22 28.13
CA THR G 358 -31.03 30.71 26.94
C THR G 358 -29.53 30.63 27.13
N ASP G 359 -28.80 30.44 26.02
CA ASP G 359 -27.35 30.31 26.04
C ASP G 359 -26.64 31.43 25.29
N PHE G 360 -27.31 32.56 25.07
CA PHE G 360 -26.67 33.81 24.64
C PHE G 360 -25.86 33.61 23.37
N ALA G 361 -26.43 32.89 22.42
CA ALA G 361 -25.84 32.78 21.10
C ALA G 361 -26.17 34.09 20.41
N ASN G 362 -25.24 35.02 20.49
CA ASN G 362 -25.49 36.40 20.07
C ASN G 362 -25.14 36.53 18.61
N ILE G 363 -26.13 36.80 17.78
CA ILE G 363 -25.93 37.03 16.37
C ILE G 363 -25.94 38.53 16.14
N ASN G 364 -24.97 39.01 15.36
CA ASN G 364 -24.79 40.42 15.06
C ASN G 364 -25.16 40.59 13.61
N THR G 365 -26.29 41.24 13.37
CA THR G 365 -26.78 41.43 12.02
C THR G 365 -26.62 42.91 11.69
N GLY G 366 -26.21 43.20 10.47
CA GLY G 366 -25.95 44.56 10.06
C GLY G 366 -24.47 44.93 10.10
N GLY G 367 -24.13 45.94 10.87
CA GLY G 367 -22.75 46.39 11.08
C GLY G 367 -21.99 46.66 9.78
N ILE G 368 -20.68 46.45 9.83
CA ILE G 368 -19.82 46.69 8.69
C ILE G 368 -19.27 45.37 8.20
N ASN G 369 -18.88 45.34 6.92
CA ASN G 369 -18.25 44.18 6.30
C ASN G 369 -16.75 44.21 6.55
N PRO G 370 -16.03 43.14 6.20
CA PRO G 370 -14.58 43.13 6.49
C PRO G 370 -13.81 44.33 5.96
N ASP G 371 -14.27 44.97 4.88
CA ASP G 371 -13.56 46.14 4.35
C ASP G 371 -13.95 47.43 5.04
N GLY G 372 -14.81 47.38 6.05
CA GLY G 372 -15.23 48.55 6.79
C GLY G 372 -16.42 49.30 6.24
N GLN G 373 -17.02 48.82 5.16
CA GLN G 373 -18.20 49.47 4.60
C GLN G 373 -19.48 48.89 5.19
N ASP G 374 -20.59 49.58 4.94
CA ASP G 374 -21.91 49.14 5.35
C ASP G 374 -22.08 47.64 5.10
N GLY G 375 -22.40 46.90 6.15
CA GLY G 375 -22.49 45.46 6.03
C GLY G 375 -23.89 44.93 5.82
N VAL G 376 -24.90 45.82 5.90
CA VAL G 376 -26.27 45.36 5.75
C VAL G 376 -26.45 44.80 4.35
N ASN G 377 -26.91 43.56 4.28
CA ASN G 377 -27.08 42.90 2.99
C ASN G 377 -28.44 42.19 2.98
N GLU G 378 -28.69 41.39 1.94
CA GLU G 378 -29.96 40.73 1.81
C GLU G 378 -30.19 39.76 2.95
N VAL G 379 -29.13 39.06 3.36
CA VAL G 379 -29.28 38.12 4.45
C VAL G 379 -29.60 38.86 5.74
N SER G 380 -29.07 40.08 5.89
CA SER G 380 -29.36 40.87 7.08
C SER G 380 -30.86 41.03 7.27
N TYR G 381 -31.58 41.35 6.20
CA TYR G 381 -33.03 41.52 6.31
C TYR G 381 -33.74 40.19 6.44
N ILE G 382 -33.25 39.13 5.81
CA ILE G 382 -33.86 37.83 6.04
C ILE G 382 -33.77 37.47 7.51
N ILE G 383 -32.61 37.69 8.14
CA ILE G 383 -32.45 37.39 9.55
C ILE G 383 -33.46 38.16 10.37
N LEU G 384 -33.65 39.45 10.06
CA LEU G 384 -34.67 40.22 10.75
C LEU G 384 -36.06 39.59 10.58
N ASP G 385 -36.39 39.11 9.37
CA ASP G 385 -37.67 38.45 9.15
C ASP G 385 -37.78 37.17 9.96
N VAL G 386 -36.73 36.34 10.00
CA VAL G 386 -36.86 35.08 10.71
C VAL G 386 -36.99 35.33 12.21
N MET G 387 -36.23 36.28 12.77
CA MET G 387 -36.37 36.51 14.21
C MET G 387 -37.75 37.09 14.53
N ASP G 388 -38.28 37.94 13.65
CA ASP G 388 -39.62 38.48 13.82
C ASP G 388 -40.68 37.38 13.77
N GLU G 389 -40.63 36.54 12.75
CA GLU G 389 -41.62 35.47 12.63
C GLU G 389 -41.49 34.48 13.76
N MET G 390 -40.26 34.04 14.05
CA MET G 390 -40.06 32.91 14.94
C MET G 390 -40.31 33.28 16.39
N LYS G 391 -39.98 34.52 16.78
CA LYS G 391 -40.15 34.97 18.16
C LYS G 391 -39.63 33.93 19.15
N LEU G 392 -38.37 33.54 18.94
CA LEU G 392 -37.69 32.59 19.81
C LEU G 392 -36.64 33.35 20.60
N ILE G 393 -36.58 33.11 21.91
CA ILE G 393 -35.58 33.79 22.72
C ILE G 393 -34.17 33.27 22.48
N GLN G 394 -34.01 32.17 21.76
CA GLN G 394 -32.74 31.74 21.22
C GLN G 394 -32.86 31.59 19.71
N PRO G 395 -31.92 32.12 18.93
CA PRO G 395 -30.74 32.83 19.41
C PRO G 395 -31.05 34.23 19.91
N SER G 396 -30.05 34.87 20.49
CA SER G 396 -30.13 36.29 20.81
C SER G 396 -29.82 37.00 19.50
N SER G 397 -30.88 37.31 18.75
CA SER G 397 -30.75 37.86 17.41
C SER G 397 -30.68 39.38 17.52
N ASN G 398 -29.50 39.94 17.29
CA ASN G 398 -29.32 41.36 17.52
C ASN G 398 -28.78 42.01 16.26
N VAL G 399 -28.74 43.34 16.30
CA VAL G 399 -28.32 44.13 15.15
C VAL G 399 -27.15 44.99 15.58
N GLN G 400 -26.19 45.15 14.69
CA GLN G 400 -25.11 46.11 14.85
C GLN G 400 -25.47 47.33 14.02
N ILE G 401 -25.52 48.49 14.65
CA ILE G 401 -25.85 49.72 13.95
C ILE G 401 -24.55 50.49 13.78
N SER G 402 -24.18 50.74 12.54
CA SER G 402 -23.08 51.62 12.21
C SER G 402 -23.61 52.97 11.77
N LYS G 403 -22.75 53.98 11.83
CA LYS G 403 -23.04 55.23 11.13
C LYS G 403 -23.21 54.97 9.64
N LYS G 404 -22.77 53.82 9.18
CA LYS G 404 -22.96 53.42 7.78
C LYS G 404 -24.22 52.60 7.57
N THR G 405 -24.95 52.26 8.63
CA THR G 405 -26.12 51.40 8.48
C THR G 405 -27.26 52.16 7.82
N PRO G 406 -27.91 51.60 6.80
CA PRO G 406 -29.06 52.29 6.21
C PRO G 406 -30.16 52.42 7.26
N GLN G 407 -30.82 53.58 7.27
CA GLN G 407 -31.88 53.81 8.25
C GLN G 407 -32.99 52.77 8.16
N LYS G 408 -33.26 52.25 6.97
CA LYS G 408 -34.31 51.25 6.80
C LYS G 408 -34.07 50.02 7.66
N PHE G 409 -32.81 49.59 7.76
CA PHE G 409 -32.48 48.40 8.56
C PHE G 409 -32.67 48.71 10.03
N LEU G 410 -32.21 49.88 10.47
CA LEU G 410 -32.41 50.28 11.86
C LEU G 410 -33.89 50.37 12.20
N LYS G 411 -34.68 50.95 11.29
CA LYS G 411 -36.11 51.09 11.55
C LYS G 411 -36.77 49.72 11.63
N ARG G 412 -36.38 48.82 10.74
CA ARG G 412 -36.92 47.47 10.81
C ARG G 412 -36.58 46.82 12.15
N ALA G 413 -35.33 46.98 12.61
CA ALA G 413 -34.96 46.40 13.89
C ALA G 413 -35.77 47.01 15.02
N CYS G 414 -35.99 48.32 14.97
CA CYS G 414 -36.89 48.95 15.94
C CYS G 414 -38.32 48.43 15.78
N GLU G 415 -38.74 48.13 14.54
CA GLU G 415 -40.05 47.54 14.32
C GLU G 415 -40.21 46.23 15.06
N ILE G 416 -39.17 45.39 15.03
CA ILE G 416 -39.22 44.13 15.77
C ILE G 416 -39.11 44.40 17.25
N SER G 417 -38.22 45.32 17.62
CA SER G 417 -38.01 45.62 19.03
C SER G 417 -39.32 46.07 19.71
N ARG G 418 -40.09 46.93 19.05
CA ARG G 418 -41.29 47.49 19.67
C ARG G 418 -42.41 46.47 19.83
N LYS G 419 -42.35 45.33 19.15
CA LYS G 419 -43.34 44.30 19.44
C LYS G 419 -43.19 43.77 20.85
N GLY G 420 -42.14 44.14 21.56
CA GLY G 420 -42.14 43.97 22.99
C GLY G 420 -41.60 42.66 23.54
N TRP G 421 -40.93 41.85 22.73
CA TRP G 421 -40.25 40.70 23.31
C TRP G 421 -38.72 40.88 23.33
N GLY G 422 -38.24 42.11 23.38
CA GLY G 422 -36.82 42.36 23.64
C GLY G 422 -35.83 42.39 22.49
N GLN G 423 -35.89 41.41 21.63
CA GLN G 423 -34.98 41.39 20.51
C GLN G 423 -35.48 42.32 19.42
N PRO G 424 -34.59 42.92 18.64
CA PRO G 424 -33.15 42.83 18.80
C PRO G 424 -32.62 43.88 19.75
N ALA G 425 -31.47 43.60 20.36
CA ALA G 425 -30.69 44.62 20.99
C ALA G 425 -29.87 45.35 19.94
N PHE G 426 -29.41 46.55 20.29
CA PHE G 426 -28.68 47.40 19.35
C PHE G 426 -27.25 47.60 19.82
N TYR G 427 -26.28 47.36 18.93
CA TYR G 427 -24.86 47.55 19.21
C TYR G 427 -24.27 48.56 18.26
N ASN G 428 -23.38 49.41 18.79
CA ASN G 428 -22.74 50.47 18.05
C ASN G 428 -21.47 49.93 17.35
N THR G 429 -21.56 49.75 16.03
CA THR G 429 -20.41 49.21 15.33
C THR G 429 -19.15 50.05 15.55
N GLU G 430 -19.27 51.38 15.50
CA GLU G 430 -18.06 52.18 15.65
C GLU G 430 -17.51 52.09 17.07
N ALA G 431 -18.39 51.94 18.06
CA ALA G 431 -17.90 51.73 19.41
C ALA G 431 -17.14 50.43 19.47
N ILE G 432 -17.72 49.38 18.91
CA ILE G 432 -17.11 48.06 18.86
C ILE G 432 -15.70 48.15 18.25
N VAL G 433 -15.61 48.76 17.06
CA VAL G 433 -14.33 48.81 16.36
C VAL G 433 -13.28 49.55 17.19
N GLN G 434 -13.66 50.70 17.73
CA GLN G 434 -12.72 51.46 18.54
C GLN G 434 -12.35 50.72 19.81
N GLU G 435 -13.33 50.08 20.46
CA GLU G 435 -13.05 49.29 21.65
C GLU G 435 -12.01 48.22 21.34
N LEU G 436 -12.19 47.51 20.23
CA LEU G 436 -11.25 46.51 19.80
C LEU G 436 -9.87 47.12 19.54
N MET G 437 -9.81 48.22 18.81
CA MET G 437 -8.50 48.79 18.51
C MET G 437 -7.82 49.28 19.78
N GLU G 438 -8.59 49.83 20.72
CA GLU G 438 -8.04 50.22 22.00
C GLU G 438 -7.47 49.03 22.75
N ALA G 439 -8.07 47.85 22.57
CA ALA G 439 -7.51 46.66 23.18
C ALA G 439 -6.32 46.13 22.40
N GLY G 440 -5.98 46.75 21.27
CA GLY G 440 -4.82 46.35 20.48
C GLY G 440 -5.11 45.63 19.18
N LYS G 441 -6.37 45.44 18.81
CA LYS G 441 -6.68 44.82 17.54
C LYS G 441 -6.29 45.77 16.41
N THR G 442 -5.78 45.20 15.33
CA THR G 442 -5.61 45.97 14.12
C THR G 442 -7.00 46.35 13.59
N ILE G 443 -7.05 47.42 12.80
CA ILE G 443 -8.34 47.78 12.23
C ILE G 443 -8.86 46.63 11.38
N GLU G 444 -7.95 45.95 10.69
CA GLU G 444 -8.35 44.84 9.83
C GLU G 444 -9.09 43.78 10.64
N ASP G 445 -8.58 43.42 11.82
CA ASP G 445 -9.25 42.43 12.64
C ASP G 445 -10.46 43.02 13.36
N ALA G 446 -10.37 44.29 13.76
CA ALA G 446 -11.52 44.91 14.43
C ALA G 446 -12.75 44.91 13.55
N ARG G 447 -12.57 45.05 12.24
CA ARG G 447 -13.71 45.06 11.32
C ARG G 447 -14.46 43.75 11.32
N LEU G 448 -13.83 42.67 11.74
CA LEU G 448 -14.50 41.39 11.84
C LEU G 448 -15.22 41.21 13.18
N GLY G 449 -15.17 42.21 14.05
CA GLY G 449 -15.62 42.07 15.41
C GLY G 449 -17.08 42.38 15.64
N GLY G 450 -17.44 42.37 16.92
CA GLY G 450 -18.80 42.70 17.31
C GLY G 450 -19.03 42.32 18.75
N THR G 451 -20.28 42.07 19.07
CA THR G 451 -20.60 41.70 20.43
C THR G 451 -21.16 40.30 20.45
N SER G 452 -20.94 39.64 21.58
CA SER G 452 -21.44 38.29 21.81
C SER G 452 -22.00 38.22 23.22
N GLY G 453 -22.57 37.07 23.56
CA GLY G 453 -23.23 36.98 24.84
C GLY G 453 -24.25 38.09 25.00
N CYS G 454 -24.08 38.90 26.04
CA CYS G 454 -24.98 40.04 26.20
C CYS G 454 -24.53 41.23 25.38
N VAL G 455 -23.35 41.78 25.69
CA VAL G 455 -22.92 43.00 25.03
C VAL G 455 -21.42 42.99 24.77
N GLU G 456 -20.79 41.83 24.95
CA GLU G 456 -19.34 41.76 25.11
C GLU G 456 -18.63 41.86 23.76
N THR G 457 -17.73 42.83 23.67
CA THR G 457 -16.94 43.07 22.46
C THR G 457 -15.79 42.07 22.31
N GLY G 458 -15.65 41.53 21.11
CA GLY G 458 -14.58 40.62 20.80
C GLY G 458 -14.32 40.64 19.32
N CYS G 459 -13.11 40.20 18.95
CA CYS G 459 -12.72 40.07 17.55
C CYS G 459 -13.04 38.64 17.14
N PHE G 460 -14.14 38.48 16.41
CA PHE G 460 -14.67 37.17 16.11
C PHE G 460 -13.65 36.32 15.37
N GLY G 461 -13.50 35.07 15.82
CA GLY G 461 -12.60 34.13 15.22
C GLY G 461 -11.13 34.37 15.48
N LYS G 462 -10.78 35.43 16.20
CA LYS G 462 -9.37 35.75 16.39
C LYS G 462 -9.10 36.07 17.84
N GLU G 463 -10.05 35.82 18.74
CA GLU G 463 -9.87 36.29 20.10
C GLU G 463 -10.42 35.29 21.08
N ALA G 464 -9.68 35.09 22.16
CA ALA G 464 -10.21 34.52 23.39
C ALA G 464 -10.48 35.73 24.27
N TYR G 465 -11.75 36.11 24.41
CA TYR G 465 -12.09 37.21 25.31
C TYR G 465 -13.03 36.61 26.34
N VAL G 466 -12.44 36.25 27.48
CA VAL G 466 -13.06 35.40 28.49
C VAL G 466 -13.64 36.28 29.58
N LEU G 467 -14.92 36.11 29.85
CA LEU G 467 -15.52 36.75 31.01
C LEU G 467 -15.26 35.87 32.21
N THR G 468 -14.79 36.46 33.31
CA THR G 468 -14.41 35.67 34.46
C THR G 468 -15.42 35.75 35.60
N GLY G 469 -16.32 36.73 35.58
CA GLY G 469 -17.33 36.77 36.60
C GLY G 469 -17.78 38.18 36.88
N TYR G 470 -18.97 38.28 37.45
CA TYR G 470 -19.51 39.58 37.77
C TYR G 470 -18.86 40.10 39.04
N MET G 471 -18.69 41.41 39.10
CA MET G 471 -18.10 42.10 40.24
C MET G 471 -19.20 42.94 40.88
N ASN G 472 -19.45 42.70 42.17
CA ASN G 472 -20.52 43.37 42.87
C ASN G 472 -19.99 44.73 43.33
N ILE G 473 -19.93 45.67 42.40
CA ILE G 473 -19.40 46.99 42.72
C ILE G 473 -20.20 47.70 43.80
N PRO G 474 -21.55 47.66 43.82
CA PRO G 474 -22.23 48.32 44.95
C PRO G 474 -21.84 47.73 46.29
N LYS G 475 -21.66 46.41 46.39
CA LYS G 475 -21.29 45.84 47.67
C LYS G 475 -19.86 46.19 48.05
N ILE G 476 -18.99 46.49 47.07
CA ILE G 476 -17.66 47.00 47.40
C ILE G 476 -17.79 48.35 48.10
N LEU G 477 -18.73 49.18 47.66
CA LEU G 477 -19.03 50.39 48.42
C LEU G 477 -19.55 50.03 49.80
N GLU G 478 -20.45 49.05 49.88
CA GLU G 478 -20.95 48.62 51.18
C GLU G 478 -19.80 48.16 52.07
N LEU G 479 -18.87 47.37 51.52
CA LEU G 479 -17.68 47.03 52.29
C LEU G 479 -16.93 48.28 52.74
N THR G 480 -16.74 49.23 51.82
CA THR G 480 -16.08 50.48 52.20
C THR G 480 -16.78 51.13 53.38
N LEU G 481 -18.11 51.26 53.30
CA LEU G 481 -18.85 51.92 54.35
C LEU G 481 -18.85 51.11 55.65
N ASN G 482 -18.48 49.83 55.61
CA ASN G 482 -18.42 49.03 56.82
C ASN G 482 -16.98 48.62 57.17
N ASN G 483 -15.98 49.39 56.72
CA ASN G 483 -14.57 49.12 57.01
C ASN G 483 -14.20 47.68 56.63
N GLY G 484 -14.69 47.23 55.48
CA GLY G 484 -14.38 45.91 54.99
C GLY G 484 -15.29 44.82 55.53
N TYR G 485 -16.16 45.14 56.48
CA TYR G 485 -17.11 44.19 57.03
C TYR G 485 -18.31 44.03 56.09
N ASP G 486 -18.78 42.80 55.91
CA ASP G 486 -19.98 42.57 55.11
C ASP G 486 -21.18 42.46 56.04
N PRO G 487 -22.07 43.45 56.07
CA PRO G 487 -23.20 43.39 57.02
C PRO G 487 -24.17 42.27 56.75
N ILE G 488 -24.11 41.62 55.58
CA ILE G 488 -25.05 40.54 55.27
C ILE G 488 -24.46 39.20 55.69
N SER G 489 -23.27 38.88 55.17
CA SER G 489 -22.60 37.65 55.59
C SER G 489 -21.96 37.75 56.96
N LYS G 490 -21.92 38.94 57.56
CA LYS G 490 -21.34 39.12 58.89
C LYS G 490 -19.88 38.67 58.92
N LYS G 491 -19.16 38.84 57.81
CA LYS G 491 -17.75 38.45 57.74
C LYS G 491 -16.91 39.65 57.32
N GLN G 492 -15.61 39.54 57.56
CA GLN G 492 -14.67 40.59 57.13
C GLN G 492 -14.19 40.24 55.72
N ILE G 493 -14.99 40.65 54.73
CA ILE G 493 -14.73 40.28 53.34
C ILE G 493 -13.65 41.19 52.74
N GLY G 494 -13.72 42.48 53.03
CA GLY G 494 -12.79 43.47 52.52
C GLY G 494 -11.62 43.69 53.45
N ILE G 495 -11.01 44.87 53.32
CA ILE G 495 -9.89 45.27 54.14
C ILE G 495 -10.31 46.46 54.99
N GLU G 496 -9.45 46.83 55.93
CA GLU G 496 -9.70 47.97 56.81
C GLU G 496 -9.20 49.22 56.11
N THR G 497 -10.12 49.88 55.43
CA THR G 497 -9.84 51.15 54.78
C THR G 497 -10.21 52.35 55.64
N GLY G 498 -10.76 52.12 56.82
CA GLY G 498 -11.08 53.19 57.76
C GLY G 498 -12.56 53.29 58.11
N ASP G 499 -12.86 53.81 59.29
CA ASP G 499 -14.24 54.12 59.63
C ASP G 499 -14.71 55.30 58.79
N PRO G 500 -15.71 55.12 57.92
CA PRO G 500 -16.15 56.23 57.05
C PRO G 500 -16.66 57.42 57.82
N ARG G 501 -17.07 57.24 59.08
CA ARG G 501 -17.43 58.39 59.89
C ARG G 501 -16.25 59.34 60.07
N ASN G 502 -15.02 58.85 59.91
CA ASN G 502 -13.85 59.70 60.03
C ASN G 502 -13.44 60.33 58.70
N PHE G 503 -14.05 59.93 57.59
CA PHE G 503 -13.65 60.51 56.31
C PHE G 503 -14.11 61.96 56.27
N GLN G 504 -13.15 62.88 56.17
CA GLN G 504 -13.46 64.29 56.25
C GLN G 504 -13.84 64.87 54.90
N SER G 505 -13.71 64.10 53.83
CA SER G 505 -14.09 64.58 52.51
C SER G 505 -14.58 63.39 51.72
N TYR G 506 -15.35 63.67 50.67
CA TYR G 506 -15.76 62.62 49.76
C TYR G 506 -14.54 61.95 49.14
N GLU G 507 -13.54 62.74 48.75
CA GLU G 507 -12.36 62.18 48.10
C GLU G 507 -11.69 61.16 49.01
N GLU G 508 -11.69 61.41 50.31
CA GLU G 508 -11.10 60.43 51.21
C GLU G 508 -11.90 59.13 51.21
N LEU G 509 -13.24 59.24 51.20
CA LEU G 509 -14.10 58.06 51.07
C LEU G 509 -13.89 57.36 49.74
N PHE G 510 -13.83 58.14 48.66
CA PHE G 510 -13.66 57.50 47.38
C PHE G 510 -12.33 56.77 47.29
N GLU G 511 -11.26 57.37 47.86
CA GLU G 511 -9.98 56.68 47.96
C GLU G 511 -10.13 55.37 48.73
N ALA G 512 -10.90 55.39 49.82
CA ALA G 512 -11.17 54.17 50.56
C ALA G 512 -11.92 53.16 49.68
N PHE G 513 -12.84 53.64 48.85
CA PHE G 513 -13.52 52.71 47.96
C PHE G 513 -12.55 52.10 46.96
N LYS G 514 -11.68 52.94 46.38
CA LYS G 514 -10.67 52.46 45.44
C LYS G 514 -9.75 51.44 46.09
N LYS G 515 -9.38 51.66 47.36
CA LYS G 515 -8.60 50.66 48.06
C LYS G 515 -9.38 49.37 48.24
N GLN G 516 -10.68 49.48 48.57
CA GLN G 516 -11.52 48.28 48.64
C GLN G 516 -11.66 47.62 47.29
N LEU G 517 -11.84 48.42 46.25
CA LEU G 517 -11.93 47.88 44.89
C LEU G 517 -10.64 47.18 44.51
N HIS G 518 -9.49 47.82 44.79
CA HIS G 518 -8.18 47.21 44.52
C HIS G 518 -8.03 45.86 45.21
N TYR G 519 -8.38 45.79 46.50
CA TYR G 519 -8.30 44.51 47.20
C TYR G 519 -9.21 43.47 46.56
N MET G 520 -10.46 43.82 46.29
CA MET G 520 -11.37 42.82 45.76
C MET G 520 -10.94 42.40 44.37
N ILE G 521 -10.49 43.35 43.56
CA ILE G 521 -10.04 42.99 42.23
C ILE G 521 -8.77 42.15 42.33
N ASP G 522 -7.87 42.49 43.26
CA ASP G 522 -6.70 41.66 43.45
C ASP G 522 -7.10 40.22 43.78
N ILE G 523 -8.04 40.06 44.71
CA ILE G 523 -8.50 38.72 45.05
C ILE G 523 -9.04 38.02 43.82
N LYS G 524 -9.94 38.69 43.10
CA LYS G 524 -10.58 38.07 41.96
C LYS G 524 -9.55 37.72 40.89
N ILE G 525 -8.63 38.64 40.62
CA ILE G 525 -7.63 38.39 39.59
C ILE G 525 -6.73 37.24 40.00
N GLU G 526 -6.32 37.19 41.27
CA GLU G 526 -5.47 36.09 41.74
C GLU G 526 -6.16 34.76 41.52
N GLY G 527 -7.44 34.67 41.90
CA GLY G 527 -8.20 33.47 41.61
C GLY G 527 -8.30 33.23 40.12
N ASN G 528 -8.52 34.32 39.36
CA ASN G 528 -8.64 34.21 37.91
C ASN G 528 -7.39 33.63 37.30
N ALA G 529 -6.22 34.05 37.81
CA ALA G 529 -4.95 33.53 37.29
C ALA G 529 -4.87 32.04 37.51
N VAL G 530 -5.23 31.59 38.71
CA VAL G 530 -5.26 30.17 38.99
C VAL G 530 -6.24 29.48 38.07
N ILE G 531 -7.43 30.05 37.94
CA ILE G 531 -8.45 29.44 37.11
C ILE G 531 -7.98 29.40 35.66
N GLU G 532 -7.32 30.46 35.19
CA GLU G 532 -6.89 30.50 33.78
C GLU G 532 -5.95 29.34 33.47
N ASN G 533 -5.05 29.03 34.41
CA ASN G 533 -4.16 27.90 34.23
C ASN G 533 -4.95 26.60 34.20
N ILE G 534 -5.89 26.45 35.13
CA ILE G 534 -6.67 25.22 35.22
C ILE G 534 -7.40 24.97 33.91
N CYS G 535 -8.01 26.03 33.37
CA CYS G 535 -8.70 25.90 32.09
C CYS G 535 -7.70 25.63 30.97
N ALA G 536 -6.52 26.27 31.02
CA ALA G 536 -5.50 26.04 30.00
C ALA G 536 -5.07 24.57 29.99
N LYS G 537 -4.84 23.99 31.17
CA LYS G 537 -4.32 22.63 31.27
C LYS G 537 -5.42 21.59 31.16
N HIS G 538 -6.58 21.84 31.76
CA HIS G 538 -7.61 20.82 31.95
C HIS G 538 -8.86 21.03 31.11
N MET G 539 -9.03 22.22 30.52
CA MET G 539 -10.10 22.39 29.55
C MET G 539 -9.53 22.78 28.19
N PRO G 540 -8.53 22.07 27.64
CA PRO G 540 -8.10 22.41 26.28
C PRO G 540 -9.27 22.15 25.36
N CYS G 541 -9.38 22.97 24.34
CA CYS G 541 -10.49 22.85 23.41
C CYS G 541 -9.91 22.77 22.03
N PRO G 542 -9.29 21.63 21.70
CA PRO G 542 -8.69 21.49 20.37
C PRO G 542 -9.67 21.76 19.25
N LEU G 543 -10.95 21.37 19.40
CA LEU G 543 -11.91 21.64 18.34
C LEU G 543 -12.08 23.13 18.15
N MET G 544 -12.38 23.85 19.23
CA MET G 544 -12.46 25.29 19.16
C MET G 544 -11.19 25.89 18.58
N SER G 545 -10.02 25.35 18.96
CA SER G 545 -8.76 25.93 18.51
C SER G 545 -8.62 25.86 17.00
N THR G 546 -9.18 24.83 16.36
CA THR G 546 -8.99 24.70 14.91
C THR G 546 -9.56 25.90 14.17
N ILE G 547 -10.52 26.60 14.78
CA ILE G 547 -11.25 27.64 14.07
C ILE G 547 -10.95 29.03 14.59
N VAL G 548 -10.11 29.15 15.59
CA VAL G 548 -9.77 30.43 16.13
C VAL G 548 -8.41 30.85 15.68
N ASP G 549 -8.33 32.05 15.15
CA ASP G 549 -7.10 32.53 14.68
C ASP G 549 -6.01 32.66 15.63
N ASP G 550 -5.00 32.05 15.06
CA ASP G 550 -3.67 31.82 15.39
C ASP G 550 -3.40 30.56 16.11
N CYS G 551 -4.39 29.80 16.53
CA CYS G 551 -4.03 28.62 17.31
C CYS G 551 -3.19 27.63 16.51
N ILE G 552 -3.62 27.32 15.29
CA ILE G 552 -2.86 26.40 14.44
C ILE G 552 -1.50 26.99 14.12
N GLU G 553 -1.47 28.28 13.76
CA GLU G 553 -0.21 28.94 13.39
C GLU G 553 0.77 28.95 14.55
N LYS G 554 0.30 29.33 15.73
CA LYS G 554 1.17 29.33 16.91
C LYS G 554 1.44 27.92 17.41
N GLY G 555 0.69 26.93 16.93
CA GLY G 555 0.74 25.63 17.57
C GLY G 555 0.32 25.72 19.02
N LYS G 556 -0.74 26.46 19.31
CA LYS G 556 -1.09 26.76 20.69
C LYS G 556 -2.59 26.72 20.87
N ASP G 557 -3.05 26.00 21.89
CA ASP G 557 -4.47 25.83 22.11
C ASP G 557 -5.18 27.15 22.40
N TYR G 558 -6.45 27.22 21.98
CA TYR G 558 -7.28 28.39 22.24
C TYR G 558 -7.35 28.69 23.74
N GLN G 559 -7.38 27.67 24.59
CA GLN G 559 -7.53 27.87 26.03
C GLN G 559 -6.24 28.31 26.72
N ARG G 560 -5.12 28.42 26.00
CA ARG G 560 -3.87 28.87 26.63
C ARG G 560 -3.16 29.93 25.79
N GLY G 561 -3.92 30.71 25.02
CA GLY G 561 -3.35 31.84 24.33
C GLY G 561 -3.13 31.68 22.84
N GLY G 562 -3.66 30.62 22.21
CA GLY G 562 -3.49 30.47 20.78
C GLY G 562 -4.17 31.55 19.97
N ALA G 563 -5.21 32.16 20.52
CA ALA G 563 -5.88 33.22 19.79
C ALA G 563 -4.93 34.38 19.53
N ARG G 564 -5.14 35.08 18.41
CA ARG G 564 -4.34 36.26 18.13
C ARG G 564 -4.47 37.29 19.23
N TYR G 565 -5.66 37.47 19.75
CA TYR G 565 -5.89 38.44 20.79
C TYR G 565 -6.39 37.70 22.02
N ASN G 566 -5.94 38.13 23.18
CA ASN G 566 -6.33 37.47 24.41
C ASN G 566 -6.65 38.54 25.43
N THR G 567 -7.91 38.55 25.87
CA THR G 567 -8.36 39.44 26.92
C THR G 567 -9.20 38.67 27.89
N ARG G 568 -9.19 39.11 29.14
CA ARG G 568 -10.10 38.61 30.14
C ARG G 568 -10.84 39.80 30.72
N TYR G 569 -12.10 39.58 31.09
CA TYR G 569 -12.94 40.64 31.61
C TYR G 569 -13.46 40.27 32.99
N ILE G 570 -13.75 41.28 33.77
CA ILE G 570 -14.41 41.16 35.03
C ILE G 570 -15.64 42.06 34.78
N GLN G 571 -16.84 41.53 34.90
CA GLN G 571 -18.04 42.31 34.64
C GLN G 571 -18.51 43.17 35.77
N GLY G 572 -18.61 44.45 35.52
CA GLY G 572 -19.01 45.38 36.52
C GLY G 572 -20.50 45.44 36.63
N VAL G 573 -21.00 45.16 37.80
CA VAL G 573 -22.44 45.16 37.98
C VAL G 573 -22.80 46.30 38.92
N GLY G 574 -23.95 46.92 38.65
CA GLY G 574 -24.52 47.90 39.56
C GLY G 574 -23.94 49.28 39.51
N ILE G 575 -23.36 49.70 38.38
CA ILE G 575 -22.77 51.03 38.31
C ILE G 575 -23.82 52.07 38.65
N GLY G 576 -25.07 51.85 38.22
CA GLY G 576 -26.13 52.79 38.55
C GLY G 576 -26.37 52.90 40.05
N THR G 577 -26.61 51.76 40.70
CA THR G 577 -26.81 51.75 42.15
C THR G 577 -25.64 52.40 42.87
N ILE G 578 -24.42 52.01 42.55
CA ILE G 578 -23.27 52.51 43.31
C ILE G 578 -23.02 53.98 43.00
N THR G 579 -23.29 54.40 41.75
CA THR G 579 -23.17 55.82 41.43
C THR G 579 -24.14 56.64 42.27
N ASP G 580 -25.42 56.23 42.26
CA ASP G 580 -26.41 56.94 43.06
C ASP G 580 -26.09 56.86 44.54
N SER G 581 -25.50 55.74 44.97
CA SER G 581 -25.12 55.67 46.38
C SER G 581 -23.98 56.62 46.71
N LEU G 582 -22.90 56.61 45.90
CA LEU G 582 -21.81 57.54 46.18
C LEU G 582 -22.24 58.97 45.94
N THR G 583 -23.14 59.18 44.97
CA THR G 583 -23.71 60.51 44.80
C THR G 583 -24.52 60.91 46.02
N ALA G 584 -25.32 59.98 46.54
CA ALA G 584 -26.11 60.28 47.73
C ALA G 584 -25.21 60.71 48.89
N ILE G 585 -24.05 60.08 49.03
CA ILE G 585 -23.15 60.40 50.13
C ILE G 585 -22.47 61.75 49.90
N LYS G 586 -21.96 61.98 48.69
CA LYS G 586 -21.30 63.25 48.42
C LYS G 586 -22.27 64.40 48.56
N TYR G 587 -23.49 64.25 48.03
CA TYR G 587 -24.49 65.30 48.09
C TYR G 587 -25.01 65.51 49.52
N ASN G 588 -25.46 64.43 50.16
CA ASN G 588 -26.14 64.56 51.46
C ASN G 588 -25.18 64.63 52.63
N VAL G 589 -24.07 63.89 52.59
CA VAL G 589 -23.16 63.84 53.73
C VAL G 589 -22.07 64.90 53.66
N PHE G 590 -21.47 65.15 52.49
CA PHE G 590 -20.33 66.06 52.43
C PHE G 590 -20.66 67.45 51.89
N ASP G 591 -21.52 67.57 50.88
CA ASP G 591 -21.83 68.87 50.27
C ASP G 591 -22.93 69.60 51.04
N LYS G 592 -24.15 69.04 51.06
CA LYS G 592 -25.25 69.70 51.74
C LYS G 592 -25.31 69.38 53.23
N LYS G 593 -24.60 68.34 53.71
CA LYS G 593 -24.48 68.04 55.13
C LYS G 593 -25.85 67.89 55.81
N LYS G 594 -26.78 67.22 55.14
CA LYS G 594 -28.11 67.00 55.70
C LYS G 594 -28.12 65.92 56.78
N PHE G 595 -27.19 64.98 56.71
CA PHE G 595 -26.99 64.02 57.78
C PHE G 595 -25.55 63.53 57.66
N ASP G 596 -25.04 62.94 58.73
CA ASP G 596 -23.66 62.54 58.73
C ASP G 596 -23.55 61.06 58.36
N MET G 597 -22.30 60.59 58.23
CA MET G 597 -22.07 59.22 57.82
C MET G 597 -22.73 58.23 58.76
N ASP G 598 -22.60 58.46 60.06
CA ASP G 598 -23.15 57.53 61.04
C ASP G 598 -24.67 57.39 60.88
N THR G 599 -25.37 58.51 60.71
CA THR G 599 -26.82 58.44 60.52
C THR G 599 -27.16 57.68 59.24
N LEU G 600 -26.39 57.92 58.17
CA LEU G 600 -26.64 57.19 56.93
C LEU G 600 -26.51 55.69 57.14
N LEU G 601 -25.48 55.28 57.87
CA LEU G 601 -25.27 53.85 58.11
C LEU G 601 -26.37 53.27 59.00
N LYS G 602 -26.78 54.02 60.03
CA LYS G 602 -27.91 53.58 60.83
C LYS G 602 -29.16 53.43 59.98
N ALA G 603 -29.41 54.38 59.08
CA ALA G 603 -30.53 54.26 58.17
C ALA G 603 -30.41 52.98 57.36
N LEU G 604 -29.22 52.72 56.81
CA LEU G 604 -29.00 51.53 56.02
C LEU G 604 -29.27 50.26 56.82
N ASP G 605 -28.79 50.22 58.07
CA ASP G 605 -29.00 49.00 58.83
C ASP G 605 -30.47 48.78 59.17
N ALA G 606 -31.23 49.87 59.33
CA ALA G 606 -32.64 49.79 59.64
C ALA G 606 -33.50 49.62 58.41
N ASN G 607 -32.89 49.43 57.25
CA ASN G 607 -33.61 49.40 55.97
C ASN G 607 -34.50 50.63 55.84
N PHE G 608 -34.06 51.74 56.42
CA PHE G 608 -34.71 53.05 56.44
C PHE G 608 -35.96 53.10 57.29
N GLU G 609 -36.37 52.00 57.91
CA GLU G 609 -37.47 52.05 58.87
C GLU G 609 -37.09 52.96 60.01
N GLY G 610 -37.88 54.02 60.21
CA GLY G 610 -37.52 55.05 61.14
C GLY G 610 -36.60 56.08 60.54
N TYR G 611 -36.29 55.97 59.26
CA TYR G 611 -35.48 56.96 58.57
C TYR G 611 -36.17 57.34 57.27
N GLU G 612 -37.50 57.34 57.27
CA GLU G 612 -38.24 57.67 56.06
C GLU G 612 -37.84 59.03 55.54
N ALA G 613 -37.52 59.96 56.43
CA ALA G 613 -37.05 61.27 56.00
C ALA G 613 -35.76 61.15 55.20
N ILE G 614 -34.80 60.37 55.71
CA ILE G 614 -33.56 60.18 55.00
C ILE G 614 -33.80 59.39 53.72
N LEU G 615 -34.63 58.37 53.80
CA LEU G 615 -34.98 57.61 52.61
C LEU G 615 -35.51 58.52 51.51
N ASN G 616 -36.36 59.48 51.88
CA ASN G 616 -36.91 60.39 50.88
C ASN G 616 -35.81 61.31 50.32
N LEU G 617 -34.90 61.77 51.19
CA LEU G 617 -33.83 62.63 50.72
C LEU G 617 -32.99 61.94 49.66
N VAL G 618 -32.59 60.70 49.94
CA VAL G 618 -31.71 60.01 49.01
C VAL G 618 -32.50 59.47 47.82
N SER G 619 -33.80 59.17 47.97
CA SER G 619 -34.53 58.66 46.82
C SER G 619 -34.96 59.77 45.89
N ASN G 620 -35.33 60.93 46.43
CA ASN G 620 -36.06 61.93 45.68
C ASN G 620 -35.47 63.33 45.69
N LYS G 621 -34.55 63.66 46.61
CA LYS G 621 -33.97 64.99 46.67
C LYS G 621 -32.46 64.94 46.50
N THR G 622 -31.97 63.98 45.74
CA THR G 622 -30.55 63.78 45.53
C THR G 622 -30.31 63.54 44.05
N PRO G 623 -29.29 64.16 43.47
CA PRO G 623 -29.00 63.90 42.06
C PRO G 623 -28.88 62.41 41.80
N LYS G 624 -29.36 61.98 40.65
CA LYS G 624 -29.40 60.57 40.34
C LYS G 624 -28.81 60.33 38.97
N TYR G 625 -27.94 59.34 38.85
CA TYR G 625 -27.41 58.96 37.56
C TYR G 625 -28.54 58.66 36.59
N GLY G 626 -28.33 59.02 35.33
CA GLY G 626 -29.31 58.79 34.30
C GLY G 626 -30.23 59.95 34.05
N ASN G 627 -29.82 61.15 34.44
CA ASN G 627 -30.61 62.36 34.21
C ASN G 627 -29.75 63.44 33.56
N ASP G 628 -28.63 63.05 32.96
CA ASP G 628 -27.67 63.99 32.40
C ASP G 628 -27.21 64.99 33.46
N ASP G 629 -27.19 64.58 34.71
CA ASP G 629 -26.78 65.44 35.81
C ASP G 629 -25.31 65.15 36.08
N ASP G 630 -24.44 66.07 35.69
CA ASP G 630 -22.99 65.85 35.84
C ASP G 630 -22.59 65.59 37.29
N TYR G 631 -23.38 66.07 38.25
CA TYR G 631 -23.00 65.83 39.63
C TYR G 631 -23.00 64.34 39.93
N ALA G 632 -24.02 63.62 39.48
CA ALA G 632 -24.03 62.18 39.67
C ALA G 632 -23.19 61.50 38.60
N ASP G 633 -23.20 62.01 37.37
CA ASP G 633 -22.50 61.35 36.28
C ASP G 633 -20.98 61.45 36.41
N GLU G 634 -20.44 62.55 36.94
CA GLU G 634 -19.00 62.59 37.17
C GLU G 634 -18.59 61.60 38.25
N ILE G 635 -19.49 61.33 39.20
CA ILE G 635 -19.22 60.26 40.15
C ILE G 635 -19.27 58.91 39.44
N MET G 636 -20.27 58.71 38.56
CA MET G 636 -20.29 57.50 37.76
C MET G 636 -18.98 57.36 36.97
N GLN G 637 -18.48 58.46 36.41
CA GLN G 637 -17.23 58.39 35.68
C GLN G 637 -16.07 58.05 36.58
N GLU G 638 -15.98 58.69 37.75
CA GLU G 638 -14.90 58.36 38.67
C GLU G 638 -14.96 56.88 39.04
N ILE G 639 -16.16 56.36 39.28
CA ILE G 639 -16.29 54.96 39.65
C ILE G 639 -15.85 54.06 38.50
N PHE G 640 -16.32 54.37 37.31
CA PHE G 640 -15.92 53.57 36.15
C PHE G 640 -14.42 53.69 35.90
N ASN G 641 -13.88 54.91 35.94
CA ASN G 641 -12.44 55.06 35.78
C ASN G 641 -11.71 54.29 36.87
N ALA G 642 -12.20 54.38 38.11
CA ALA G 642 -11.58 53.61 39.19
C ALA G 642 -11.58 52.13 38.85
N TYR G 643 -12.72 51.63 38.36
CA TYR G 643 -12.85 50.23 37.96
C TYR G 643 -11.97 49.90 36.75
N TYR G 644 -11.99 50.76 35.73
CA TYR G 644 -11.17 50.55 34.55
C TYR G 644 -9.68 50.54 34.89
N ASN G 645 -9.22 51.54 35.67
CA ASN G 645 -7.81 51.63 36.02
C ASN G 645 -7.37 50.46 36.88
N GLU G 646 -8.26 49.99 37.75
CA GLU G 646 -7.90 48.90 38.65
C GLU G 646 -7.76 47.58 37.90
N VAL G 647 -8.50 47.36 36.83
CA VAL G 647 -8.53 46.07 36.16
C VAL G 647 -7.70 46.06 34.90
N THR G 648 -7.87 47.09 34.07
CA THR G 648 -7.36 47.06 32.71
C THR G 648 -5.83 47.14 32.68
N GLY G 649 -5.22 46.29 31.88
CA GLY G 649 -3.78 46.25 31.74
C GLY G 649 -3.12 45.15 32.56
N ARG G 650 -3.81 44.67 33.59
CA ARG G 650 -3.28 43.56 34.34
C ARG G 650 -3.04 42.40 33.39
N PRO G 651 -1.89 41.73 33.49
CA PRO G 651 -1.61 40.62 32.56
C PRO G 651 -2.47 39.40 32.84
N THR G 652 -2.83 38.69 31.76
CA THR G 652 -3.35 37.35 31.95
C THR G 652 -2.20 36.35 31.86
N VAL G 653 -2.46 35.14 32.36
CA VAL G 653 -1.41 34.12 32.41
C VAL G 653 -0.89 33.81 31.02
N CYS G 654 -1.79 33.81 30.04
CA CYS G 654 -1.45 33.31 28.72
C CYS G 654 -1.20 34.43 27.75
N GLY G 655 -0.58 35.51 28.21
CA GLY G 655 -0.02 36.54 27.35
C GLY G 655 -0.95 37.65 26.94
N GLY G 656 -2.12 37.76 27.53
CA GLY G 656 -3.01 38.86 27.29
C GLY G 656 -3.10 39.84 28.44
N GLU G 657 -4.14 40.63 28.44
CA GLU G 657 -4.35 41.58 29.50
C GLU G 657 -5.81 41.58 29.92
N TYR G 658 -6.03 42.06 31.14
CA TYR G 658 -7.37 42.25 31.64
C TYR G 658 -7.99 43.51 31.09
N ARG G 659 -9.29 43.44 30.83
CA ARG G 659 -10.09 44.60 30.46
C ARG G 659 -11.40 44.52 31.23
N VAL G 660 -12.23 45.51 31.02
CA VAL G 660 -13.40 45.76 31.83
C VAL G 660 -14.62 45.76 30.93
N ASP G 661 -15.74 45.24 31.41
CA ASP G 661 -17.03 45.42 30.74
C ASP G 661 -18.10 45.50 31.82
N MET G 662 -19.30 45.94 31.43
CA MET G 662 -20.37 46.26 32.38
C MET G 662 -21.67 45.59 31.96
N LEU G 663 -22.02 44.46 32.55
CA LEU G 663 -23.25 43.76 32.26
C LEU G 663 -23.64 42.90 33.45
N PRO G 664 -24.92 42.55 33.57
CA PRO G 664 -25.28 41.75 34.72
C PRO G 664 -25.94 40.40 34.54
N THR G 665 -26.59 40.12 33.42
CA THR G 665 -27.42 38.96 33.23
C THR G 665 -28.41 38.97 34.39
N THR G 666 -28.47 37.96 35.19
CA THR G 666 -29.41 38.06 36.29
C THR G 666 -28.70 38.37 37.57
N CYS G 667 -27.40 38.59 37.49
CA CYS G 667 -26.59 38.76 38.68
C CYS G 667 -26.92 40.04 39.43
N HIS G 668 -27.56 41.01 38.77
CA HIS G 668 -28.00 42.18 39.54
C HIS G 668 -29.09 41.79 40.53
N ILE G 669 -29.88 40.75 40.26
CA ILE G 669 -30.81 40.24 41.28
C ILE G 669 -30.02 39.67 42.45
N TYR G 670 -29.20 38.67 42.16
CA TYR G 670 -28.38 38.05 43.19
C TYR G 670 -27.58 39.07 43.97
N PHE G 671 -26.86 39.95 43.27
CA PHE G 671 -26.00 40.92 43.94
C PHE G 671 -26.81 41.85 44.83
N GLY G 672 -28.05 42.12 44.46
CA GLY G 672 -28.93 42.92 45.27
C GLY G 672 -29.45 42.13 46.45
N GLU G 673 -29.77 40.85 46.23
CA GLU G 673 -30.31 39.99 47.28
C GLU G 673 -29.35 39.89 48.46
N ILE G 674 -28.05 39.73 48.21
CA ILE G 674 -27.09 39.55 49.29
C ILE G 674 -26.44 40.88 49.69
N MET G 675 -27.10 41.99 49.41
CA MET G 675 -26.62 43.28 49.84
C MET G 675 -27.67 43.91 50.73
N GLY G 676 -27.21 44.68 51.70
CA GLY G 676 -28.12 45.43 52.54
C GLY G 676 -28.61 46.64 51.78
N ALA G 677 -29.31 47.52 52.48
CA ALA G 677 -29.74 48.77 51.88
C ALA G 677 -28.53 49.59 51.45
N SER G 678 -28.69 50.34 50.39
CA SER G 678 -27.62 51.20 49.90
C SER G 678 -28.00 52.67 50.00
N PRO G 679 -27.01 53.56 50.07
CA PRO G 679 -27.30 54.98 50.35
C PRO G 679 -28.23 55.64 49.34
N ASN G 680 -28.51 55.03 48.19
CA ASN G 680 -29.37 55.65 47.22
C ASN G 680 -30.85 55.43 47.50
N GLY G 681 -31.17 54.71 48.57
CA GLY G 681 -32.55 54.39 48.87
C GLY G 681 -32.97 53.01 48.47
N ARG G 682 -32.14 52.28 47.71
CA ARG G 682 -32.48 50.89 47.41
C ARG G 682 -32.57 50.13 48.73
N LEU G 683 -33.67 49.42 48.91
CA LEU G 683 -33.88 48.72 50.16
C LEU G 683 -33.07 47.43 50.19
N CYS G 684 -32.92 46.89 51.40
CA CYS G 684 -32.22 45.63 51.59
C CYS G 684 -32.80 44.53 50.70
N ALA G 685 -31.90 43.65 50.21
CA ALA G 685 -32.19 42.48 49.39
C ALA G 685 -32.76 42.82 48.02
N LYS G 686 -32.96 44.10 47.71
CA LYS G 686 -33.55 44.49 46.45
C LYS G 686 -32.48 44.47 45.36
N PRO G 687 -32.84 44.17 44.11
CA PRO G 687 -31.82 44.11 43.05
C PRO G 687 -30.98 45.37 42.94
N VAL G 688 -29.73 45.22 42.47
CA VAL G 688 -28.98 46.42 42.14
C VAL G 688 -29.39 46.75 40.72
N SER G 689 -28.98 47.88 40.24
CA SER G 689 -29.28 48.26 38.89
C SER G 689 -28.69 47.35 37.82
N GLU G 690 -29.42 47.14 36.74
CA GLU G 690 -28.93 46.31 35.67
C GLU G 690 -28.15 47.12 34.67
N GLY G 691 -27.08 46.53 34.17
CA GLY G 691 -26.19 47.12 33.21
C GLY G 691 -25.68 48.46 33.65
N ILE G 692 -25.57 49.35 32.71
CA ILE G 692 -25.23 50.71 33.06
C ILE G 692 -26.51 51.53 33.14
N SER G 693 -27.65 50.83 33.24
CA SER G 693 -28.95 51.49 33.33
C SER G 693 -29.09 52.22 34.65
N PRO G 694 -29.95 53.24 34.70
CA PRO G 694 -30.18 53.95 35.95
C PRO G 694 -30.76 53.00 37.00
N GLU G 695 -30.65 53.41 38.26
CA GLU G 695 -31.28 52.72 39.37
C GLU G 695 -32.81 52.84 39.27
N LYS G 696 -33.52 51.93 39.93
CA LYS G 696 -34.98 52.01 39.98
C LYS G 696 -35.46 53.39 40.39
N GLY G 697 -36.28 54.01 39.55
CA GLY G 697 -36.74 55.35 39.83
C GLY G 697 -35.68 56.42 39.72
N GLY G 698 -34.46 56.08 39.29
CA GLY G 698 -33.42 57.09 39.26
C GLY G 698 -33.53 58.05 38.10
N ASP G 699 -34.00 57.57 36.95
CA ASP G 699 -34.10 58.38 35.74
C ASP G 699 -35.52 58.95 35.66
N THR G 700 -35.66 60.24 35.93
CA THR G 700 -36.98 60.87 35.93
C THR G 700 -37.07 61.96 34.87
N ASN G 701 -36.20 61.89 33.86
CA ASN G 701 -36.13 62.94 32.85
C ASN G 701 -36.16 62.38 31.43
N GLY G 702 -36.58 61.14 31.26
CA GLY G 702 -36.74 60.58 29.94
C GLY G 702 -35.49 59.93 29.38
N PRO G 703 -35.66 59.21 28.27
CA PRO G 703 -34.57 58.37 27.75
C PRO G 703 -33.41 59.16 27.18
N THR G 704 -33.67 60.33 26.59
CA THR G 704 -32.56 61.13 26.08
C THR G 704 -31.61 61.51 27.20
N ALA G 705 -32.17 61.82 28.38
CA ALA G 705 -31.29 62.13 29.50
C ALA G 705 -30.48 60.91 29.91
N VAL G 706 -31.07 59.71 29.83
CA VAL G 706 -30.29 58.58 30.33
C VAL G 706 -29.18 58.22 29.35
N ILE G 707 -29.43 58.30 28.04
CA ILE G 707 -28.35 57.96 27.12
C ILE G 707 -27.23 58.98 27.21
N LYS G 708 -27.55 60.23 27.51
CA LYS G 708 -26.49 61.21 27.71
C LYS G 708 -25.68 60.87 28.97
N SER G 709 -26.36 60.43 30.02
CA SER G 709 -25.65 59.95 31.21
C SER G 709 -24.79 58.75 30.85
N CYS G 710 -25.37 57.76 30.16
CA CYS G 710 -24.62 56.57 29.79
C CYS G 710 -23.45 56.90 28.87
N ALA G 711 -23.62 57.90 28.01
CA ALA G 711 -22.54 58.24 27.08
C ALA G 711 -21.31 58.77 27.79
N LYS G 712 -21.46 59.26 29.03
CA LYS G 712 -20.30 59.80 29.72
C LYS G 712 -19.36 58.71 30.18
N MET G 713 -19.82 57.47 30.23
CA MET G 713 -18.95 56.35 30.50
C MET G 713 -18.11 56.05 29.26
N ASP G 714 -16.81 55.86 29.46
CA ASP G 714 -15.91 55.73 28.31
C ASP G 714 -16.02 54.31 27.74
N HIS G 715 -17.06 54.11 26.93
CA HIS G 715 -17.34 52.80 26.37
C HIS G 715 -16.16 52.25 25.57
N ILE G 716 -15.44 53.12 24.86
CA ILE G 716 -14.34 52.65 24.02
C ILE G 716 -13.29 51.95 24.86
N LYS G 717 -13.11 52.39 26.10
CA LYS G 717 -12.13 51.73 26.95
C LYS G 717 -12.67 50.44 27.56
N THR G 718 -13.85 49.96 27.17
CA THR G 718 -14.41 48.73 27.73
C THR G 718 -14.59 47.67 26.63
N GLY G 719 -14.93 46.47 27.08
CA GLY G 719 -15.35 45.41 26.18
C GLY G 719 -16.86 45.29 26.12
N GLY G 720 -17.57 46.39 26.36
CA GLY G 720 -19.02 46.39 26.24
C GLY G 720 -19.76 46.83 27.50
N THR G 721 -20.84 47.55 27.31
CA THR G 721 -21.72 47.99 28.39
C THR G 721 -23.14 47.73 27.97
N LEU G 722 -24.02 47.51 28.96
CA LEU G 722 -25.40 47.11 28.73
C LEU G 722 -26.36 48.18 29.22
N LEU G 723 -27.19 48.70 28.32
CA LEU G 723 -28.21 49.68 28.66
C LEU G 723 -29.59 49.12 28.34
N ASN G 724 -30.43 49.00 29.36
CA ASN G 724 -31.84 48.63 29.19
C ASN G 724 -32.67 49.90 29.18
N GLN G 725 -33.59 49.99 28.23
CA GLN G 725 -34.62 51.03 28.23
C GLN G 725 -35.99 50.40 28.02
N ARG G 726 -36.98 50.99 28.66
CA ARG G 726 -38.35 50.52 28.56
C ARG G 726 -39.24 51.65 28.06
N PHE G 727 -40.11 51.34 27.12
CA PHE G 727 -41.04 52.33 26.59
C PHE G 727 -42.49 51.95 26.83
N ALA G 728 -43.29 52.96 27.10
CA ALA G 728 -44.73 52.79 27.11
C ALA G 728 -45.19 52.32 25.74
N PRO G 729 -46.03 51.30 25.67
CA PRO G 729 -46.45 50.77 24.35
C PRO G 729 -47.06 51.82 23.44
N SER G 730 -47.73 52.84 24.00
CA SER G 730 -48.40 53.83 23.17
C SER G 730 -47.39 54.72 22.45
N VAL G 731 -46.27 55.05 23.11
CA VAL G 731 -45.32 56.00 22.53
C VAL G 731 -44.43 55.39 21.44
N VAL G 732 -44.51 54.08 21.19
CA VAL G 732 -43.73 53.51 20.10
C VAL G 732 -44.60 53.16 18.90
N GLN G 733 -45.85 53.64 18.87
CA GLN G 733 -46.79 53.26 17.82
C GLN G 733 -46.48 54.00 16.53
N GLY G 734 -46.77 53.33 15.42
CA GLY G 734 -46.73 53.86 14.09
C GLY G 734 -45.34 54.27 13.65
N GLU G 735 -45.30 55.30 12.83
CA GLU G 735 -44.05 55.72 12.22
C GLU G 735 -43.30 56.67 13.12
N LYS G 736 -44.05 57.48 13.87
CA LYS G 736 -43.43 58.33 14.88
C LYS G 736 -42.70 57.47 15.90
N GLY G 737 -43.27 56.31 16.25
CA GLY G 737 -42.62 55.43 17.20
C GLY G 737 -41.33 54.85 16.67
N LEU G 738 -41.36 54.32 15.45
CA LEU G 738 -40.14 53.84 14.81
C LEU G 738 -39.09 54.95 14.76
N ASP G 739 -39.47 56.14 14.30
CA ASP G 739 -38.51 57.23 14.17
C ASP G 739 -37.92 57.66 15.51
N ASN G 740 -38.73 57.71 16.57
CA ASN G 740 -38.20 58.10 17.87
C ASN G 740 -37.23 57.05 18.40
N MET G 741 -37.57 55.77 18.22
CA MET G 741 -36.69 54.68 18.59
C MET G 741 -35.38 54.75 17.81
N ALA G 742 -35.48 54.86 16.48
CA ALA G 742 -34.28 54.95 15.66
C ALA G 742 -33.43 56.12 16.08
N ASN G 743 -34.07 57.25 16.38
CA ASN G 743 -33.32 58.44 16.75
C ASN G 743 -32.60 58.23 18.06
N LEU G 744 -33.26 57.58 19.02
CA LEU G 744 -32.63 57.32 20.31
C LEU G 744 -31.40 56.45 20.15
N VAL G 745 -31.52 55.39 19.37
CA VAL G 745 -30.38 54.50 19.13
C VAL G 745 -29.20 55.27 18.55
N ARG G 746 -29.45 56.03 17.48
CA ARG G 746 -28.36 56.74 16.83
C ARG G 746 -27.82 57.86 17.71
N ALA G 747 -28.68 58.50 18.51
CA ALA G 747 -28.21 59.58 19.35
C ALA G 747 -27.22 59.07 20.38
N TYR G 748 -27.54 57.93 20.95
CA TYR G 748 -26.65 57.30 21.91
C TYR G 748 -25.36 56.88 21.24
N PHE G 749 -25.48 56.24 20.09
CA PHE G 749 -24.29 55.76 19.38
C PHE G 749 -23.41 56.91 18.89
N ASN G 750 -24.00 58.06 18.58
CA ASN G 750 -23.21 59.20 18.15
C ASN G 750 -22.35 59.73 19.28
N MET G 751 -22.72 59.45 20.52
CA MET G 751 -21.89 59.72 21.67
C MET G 751 -21.03 58.53 22.03
N ASP G 752 -20.91 57.55 21.14
CA ASP G 752 -20.11 56.35 21.36
C ASP G 752 -20.70 55.44 22.43
N GLY G 753 -21.99 55.57 22.73
CA GLY G 753 -22.64 54.56 23.51
C GLY G 753 -22.49 53.20 22.86
N HIS G 754 -22.39 52.17 23.68
CA HIS G 754 -22.06 50.85 23.19
C HIS G 754 -23.30 50.08 22.74
N HIS G 755 -24.35 50.09 23.55
CA HIS G 755 -25.48 49.20 23.34
C HIS G 755 -26.75 49.76 23.97
N ILE G 756 -27.89 49.49 23.32
CA ILE G 756 -29.18 49.78 23.92
C ILE G 756 -30.17 48.71 23.44
N GLN G 757 -31.10 48.33 24.32
CA GLN G 757 -32.16 47.37 24.01
C GLN G 757 -33.43 47.77 24.76
N PHE G 758 -34.58 47.37 24.21
CA PHE G 758 -35.85 47.94 24.65
C PHE G 758 -36.82 46.89 25.18
N ASN G 759 -37.49 47.24 26.28
CA ASN G 759 -38.75 46.62 26.69
C ASN G 759 -39.93 47.49 26.26
N VAL G 760 -40.95 46.86 25.68
CA VAL G 760 -42.21 47.54 25.35
C VAL G 760 -43.36 46.65 25.80
N PHE G 761 -43.83 46.82 27.03
CA PHE G 761 -44.91 45.97 27.51
C PHE G 761 -45.96 46.77 28.26
N ASP G 762 -47.12 46.14 28.41
CA ASP G 762 -48.20 46.62 29.26
C ASP G 762 -47.98 46.07 30.66
N LYS G 763 -47.76 46.98 31.62
CA LYS G 763 -47.56 46.56 32.99
C LYS G 763 -48.65 45.57 33.43
N ASN G 764 -49.90 45.77 32.98
CA ASN G 764 -51.00 44.91 33.42
C ASN G 764 -50.89 43.50 32.88
N VAL G 765 -50.40 43.35 31.65
CA VAL G 765 -50.23 41.99 31.14
C VAL G 765 -49.25 41.24 32.02
N LEU G 766 -48.13 41.87 32.39
CA LEU G 766 -47.19 41.18 33.25
C LEU G 766 -47.79 40.95 34.63
N LEU G 767 -48.47 41.95 35.17
CA LEU G 767 -49.11 41.83 36.46
C LEU G 767 -50.12 40.72 36.39
N GLU G 768 -50.77 40.63 35.26
CA GLU G 768 -51.71 39.61 35.02
C GLU G 768 -51.03 38.29 34.82
N ALA G 769 -49.82 38.28 34.29
CA ALA G 769 -49.13 37.03 34.13
C ALA G 769 -48.70 36.51 35.46
N GLN G 770 -48.40 37.39 36.38
CA GLN G 770 -48.07 36.97 37.73
C GLN G 770 -49.25 36.26 38.40
N LYS G 771 -50.47 36.76 38.20
CA LYS G 771 -51.63 36.15 38.85
C LYS G 771 -52.01 34.81 38.21
N ASN G 772 -51.99 34.74 36.88
CA ASN G 772 -52.32 33.49 36.17
C ASN G 772 -51.23 33.20 35.16
N PRO G 773 -50.08 32.69 35.60
CA PRO G 773 -48.98 32.43 34.66
C PRO G 773 -49.36 31.45 33.58
N GLN G 774 -50.25 30.51 33.88
CA GLN G 774 -50.64 29.49 32.92
C GLN G 774 -51.30 30.07 31.68
N ASP G 775 -51.85 31.27 31.77
CA ASP G 775 -52.47 31.91 30.61
C ASP G 775 -51.47 32.71 29.79
N TYR G 776 -50.30 33.04 30.34
CA TYR G 776 -49.31 33.83 29.62
C TYR G 776 -48.00 33.07 29.45
N LYS G 777 -48.04 31.82 28.97
CA LYS G 777 -46.81 31.04 28.84
C LYS G 777 -45.89 31.60 27.76
N ASP G 778 -46.44 32.20 26.72
CA ASP G 778 -45.69 32.76 25.62
C ASP G 778 -45.24 34.22 25.85
N LEU G 779 -45.48 34.77 27.05
CA LEU G 779 -45.12 36.16 27.34
C LEU G 779 -43.62 36.31 27.54
N ILE G 780 -42.99 37.17 26.73
CA ILE G 780 -41.54 37.37 26.70
C ILE G 780 -41.24 38.82 27.06
N VAL G 781 -40.27 39.02 27.95
CA VAL G 781 -39.77 40.34 28.27
C VAL G 781 -38.24 40.37 28.03
N ARG G 782 -37.69 41.57 28.04
CA ARG G 782 -36.25 41.77 27.95
C ARG G 782 -35.66 41.84 29.36
N VAL G 783 -34.66 40.98 29.62
CA VAL G 783 -34.00 40.94 30.92
C VAL G 783 -32.76 41.83 30.91
N ALA G 784 -31.63 41.30 30.43
CA ALA G 784 -30.38 42.05 30.36
C ALA G 784 -29.47 41.40 29.32
N GLY G 785 -29.52 41.93 28.10
CA GLY G 785 -28.74 41.34 27.03
C GLY G 785 -29.37 40.14 26.40
N TYR G 786 -30.59 39.78 26.81
CA TYR G 786 -31.32 38.65 26.26
C TYR G 786 -32.79 38.80 26.63
N SER G 787 -33.63 38.10 25.88
CA SER G 787 -35.05 37.98 26.16
C SER G 787 -35.34 36.62 26.78
N ASP G 788 -36.34 36.60 27.66
CA ASP G 788 -36.71 35.37 28.34
C ASP G 788 -38.24 35.33 28.49
N HIS G 789 -38.79 34.14 28.66
CA HIS G 789 -40.19 34.04 29.02
C HIS G 789 -40.38 34.57 30.42
N PHE G 790 -41.36 35.47 30.58
CA PHE G 790 -41.65 36.09 31.85
C PHE G 790 -41.90 35.07 32.95
N ASN G 791 -42.47 33.92 32.61
CA ASN G 791 -42.74 32.89 33.61
C ASN G 791 -41.47 32.21 34.09
N ASN G 792 -40.37 32.35 33.35
CA ASN G 792 -39.08 31.82 33.74
C ASN G 792 -38.38 32.69 34.76
N LEU G 793 -38.92 33.86 35.05
CA LEU G 793 -38.21 34.79 35.91
C LEU G 793 -38.76 34.71 37.31
N SER G 794 -37.88 34.82 38.28
CA SER G 794 -38.32 34.86 39.65
C SER G 794 -39.22 36.09 39.85
N ARG G 795 -40.03 36.03 40.91
CA ARG G 795 -40.85 37.18 41.24
C ARG G 795 -39.99 38.44 41.37
N THR G 796 -38.85 38.33 42.06
CA THR G 796 -37.99 39.50 42.23
C THR G 796 -37.56 40.07 40.88
N LEU G 797 -37.23 39.19 39.93
CA LEU G 797 -36.74 39.67 38.64
C LEU G 797 -37.89 40.22 37.79
N GLN G 798 -39.05 39.56 37.83
CA GLN G 798 -40.22 40.11 37.14
C GLN G 798 -40.50 41.52 37.62
N ASP G 799 -40.52 41.69 38.94
CA ASP G 799 -40.75 43.01 39.53
C ASP G 799 -39.60 43.97 39.23
N GLU G 800 -38.38 43.45 39.03
CA GLU G 800 -37.29 44.31 38.60
C GLU G 800 -37.59 44.87 37.22
N ILE G 801 -37.97 43.99 36.29
CA ILE G 801 -38.32 44.41 34.96
C ILE G 801 -39.54 45.33 34.99
N ILE G 802 -40.58 44.93 35.73
CA ILE G 802 -41.78 45.77 35.86
C ILE G 802 -41.42 47.16 36.40
N GLY G 803 -40.44 47.24 37.30
CA GLY G 803 -40.02 48.51 37.87
C GLY G 803 -39.16 49.39 36.99
N ARG G 804 -38.71 48.93 35.84
CA ARG G 804 -37.87 49.79 35.01
C ARG G 804 -38.68 50.99 34.52
N THR G 805 -38.01 52.13 34.40
CA THR G 805 -38.70 53.36 34.06
C THR G 805 -39.39 53.21 32.71
N GLU G 806 -40.71 53.38 32.70
CA GLU G 806 -41.47 53.39 31.46
C GLU G 806 -41.21 54.73 30.79
N GLN G 807 -40.40 54.72 29.74
CA GLN G 807 -40.03 55.97 29.13
C GLN G 807 -41.05 56.36 28.08
N THR G 808 -41.18 57.66 27.90
CA THR G 808 -41.91 58.23 26.78
C THR G 808 -40.93 59.10 26.02
N PHE G 809 -41.23 59.32 24.75
CA PHE G 809 -40.38 60.19 23.93
C PHE G 809 -40.77 61.66 24.14
N MET H 21 39.40 -12.89 53.12
CA MET H 21 38.71 -13.75 54.08
C MET H 21 37.80 -12.95 54.99
N ALA H 22 36.50 -13.25 54.93
CA ALA H 22 35.50 -12.58 55.75
C ALA H 22 35.61 -11.05 55.67
N ARG H 23 35.40 -10.40 54.85
CA ARG H 23 35.46 -8.95 54.74
C ARG H 23 34.35 -8.29 55.57
N GLY H 24 35.10 -7.25 55.84
CA GLY H 24 34.37 -6.45 56.80
C GLY H 24 35.20 -6.22 58.05
N THR H 25 35.34 -4.97 58.48
CA THR H 25 36.21 -4.69 59.61
C THR H 25 35.57 -5.13 60.93
N PHE H 26 34.25 -5.20 60.99
CA PHE H 26 33.58 -5.54 62.23
C PHE H 26 32.63 -6.69 61.98
N GLU H 27 32.29 -7.39 63.07
CA GLU H 27 31.36 -8.50 62.98
C GLU H 27 30.04 -8.04 62.38
N ARG H 28 29.58 -6.86 62.80
CA ARG H 28 28.36 -6.28 62.26
C ARG H 28 28.43 -6.16 60.74
N THR H 29 29.46 -5.47 60.24
CA THR H 29 29.56 -5.25 58.81
C THR H 29 30.03 -6.49 58.06
N LYS H 30 30.73 -7.43 58.71
CA LYS H 30 30.91 -8.72 58.06
C LYS H 30 29.56 -9.38 57.80
N LYS H 31 28.67 -9.35 58.80
CA LYS H 31 27.36 -9.98 58.65
C LYS H 31 26.53 -9.28 57.59
N LEU H 32 26.48 -7.94 57.64
CA LEU H 32 25.71 -7.19 56.65
C LEU H 32 26.25 -7.42 55.24
N ARG H 33 27.58 -7.45 55.10
CA ARG H 33 28.16 -7.67 53.78
C ARG H 33 27.82 -9.06 53.23
N GLU H 34 27.84 -10.09 54.09
CA GLU H 34 27.48 -11.43 53.61
C GLU H 34 26.01 -11.50 53.19
N GLU H 35 25.11 -10.85 53.96
CA GLU H 35 23.71 -10.78 53.55
C GLU H 35 23.60 -10.07 52.21
N SER H 36 24.33 -8.98 52.05
CA SER H 36 24.37 -8.23 50.80
C SER H 36 24.91 -9.10 49.67
N ILE H 37 26.02 -9.80 49.91
CA ILE H 37 26.63 -10.59 48.85
C ILE H 37 25.74 -11.75 48.44
N ASN H 38 24.92 -12.26 49.37
CA ASN H 38 24.10 -13.43 49.12
C ASN H 38 22.69 -13.12 48.66
N ALA H 39 22.23 -11.87 48.78
CA ALA H 39 20.86 -11.55 48.40
C ALA H 39 20.64 -11.79 46.91
N GLU H 40 19.65 -12.58 46.60
CA GLU H 40 19.42 -12.87 45.18
C GLU H 40 18.66 -11.71 44.52
N PRO H 41 19.08 -11.27 43.34
CA PRO H 41 18.35 -10.19 42.66
C PRO H 41 16.94 -10.62 42.26
N HIS H 42 15.96 -9.84 42.70
CA HIS H 42 14.56 -10.11 42.38
C HIS H 42 13.83 -8.78 42.29
N ILE H 43 12.62 -8.81 41.74
CA ILE H 43 11.81 -7.60 41.66
C ILE H 43 10.84 -7.58 42.85
N SER H 44 10.64 -6.39 43.39
CA SER H 44 9.72 -6.14 44.49
C SER H 44 8.54 -5.37 43.92
N ILE H 45 7.37 -6.02 43.87
CA ILE H 45 6.19 -5.44 43.25
C ILE H 45 5.46 -4.45 44.14
N GLU H 46 5.88 -4.33 45.42
CA GLU H 46 5.13 -3.54 46.39
C GLU H 46 4.95 -2.11 45.93
N ARG H 47 6.03 -1.49 45.46
CA ARG H 47 6.00 -0.10 45.01
C ARG H 47 4.96 0.10 43.92
N ALA H 48 4.95 -0.79 42.94
CA ALA H 48 3.97 -0.70 41.87
C ALA H 48 2.55 -0.78 42.43
N VAL H 49 2.32 -1.70 43.35
CA VAL H 49 0.97 -1.82 43.90
C VAL H 49 0.57 -0.52 44.59
N LEU H 50 1.46 0.03 45.41
CA LEU H 50 1.10 1.23 46.16
C LEU H 50 0.91 2.42 45.22
N MET H 51 1.73 2.50 44.17
N MET H 51 1.68 2.48 44.15
CA MET H 51 1.58 3.57 43.20
CA MET H 51 1.54 3.58 43.23
C MET H 51 0.25 3.41 42.46
C MET H 51 0.22 3.40 42.49
N THR H 52 -0.16 2.18 42.20
CA THR H 52 -1.46 1.97 41.57
C THR H 52 -2.59 2.42 42.49
N GLU H 53 -2.49 2.10 43.78
CA GLU H 53 -3.50 2.58 44.71
C GLU H 53 -3.57 4.10 44.68
N ALA H 54 -2.41 4.75 44.73
CA ALA H 54 -2.38 6.20 44.80
C ALA H 54 -2.93 6.82 43.52
N TYR H 55 -2.59 6.26 42.37
CA TYR H 55 -3.11 6.80 41.13
C TYR H 55 -4.62 6.59 41.04
N LYS H 56 -5.09 5.36 41.27
CA LYS H 56 -6.53 5.11 41.24
C LYS H 56 -7.26 6.00 42.23
N LYS H 57 -6.56 6.47 43.28
CA LYS H 57 -7.15 7.32 44.30
C LYS H 57 -7.12 8.79 43.85
N TYR H 58 -5.96 9.25 43.33
CA TYR H 58 -5.69 10.66 43.13
C TYR H 58 -5.59 11.10 41.67
N GLU H 59 -5.30 10.19 40.74
CA GLU H 59 -5.05 10.62 39.38
C GLU H 59 -6.25 11.37 38.82
N GLY H 60 -5.98 12.52 38.21
CA GLY H 60 -7.04 13.33 37.65
C GLY H 60 -7.59 14.37 38.58
N SER H 61 -7.20 14.35 39.84
CA SER H 61 -7.69 15.33 40.78
C SER H 61 -6.64 16.38 41.09
N VAL H 62 -5.38 16.11 40.73
CA VAL H 62 -4.27 17.00 41.04
C VAL H 62 -3.36 17.08 39.83
N GLU H 63 -2.50 18.11 39.84
CA GLU H 63 -1.46 18.23 38.84
C GLU H 63 -0.47 17.08 38.98
N ILE H 64 0.20 16.75 37.89
CA ILE H 64 1.10 15.59 37.89
C ILE H 64 2.20 15.70 38.95
N PRO H 65 2.88 16.83 39.16
CA PRO H 65 3.86 16.88 40.26
C PRO H 65 3.25 16.52 41.59
N VAL H 66 2.09 17.10 41.92
CA VAL H 66 1.44 16.78 43.19
C VAL H 66 1.06 15.31 43.22
N LEU H 67 0.61 14.78 42.08
CA LEU H 67 0.25 13.37 41.99
C LEU H 67 1.45 12.50 42.33
N ARG H 68 2.60 12.82 41.71
CA ARG H 68 3.84 12.11 42.01
C ARG H 68 4.17 12.20 43.50
N ALA H 69 4.11 13.41 44.06
CA ALA H 69 4.40 13.57 45.48
C ALA H 69 3.41 12.78 46.33
N LEU H 70 2.12 12.79 45.97
CA LEU H 70 1.14 12.04 46.73
C LEU H 70 1.37 10.53 46.58
N SER H 71 1.75 10.07 45.40
CA SER H 71 2.03 8.65 45.26
C SER H 71 3.23 8.27 46.11
N PHE H 72 4.26 9.12 46.06
CA PHE H 72 5.41 8.88 46.93
C PHE H 72 4.97 8.87 48.39
N LYS H 73 4.14 9.83 48.80
CA LYS H 73 3.67 9.83 50.19
C LYS H 73 2.83 8.59 50.50
N HIS H 74 1.91 8.24 49.60
CA HIS H 74 1.11 7.03 49.82
C HIS H 74 2.01 5.80 49.86
N TYR H 75 3.03 5.77 49.00
CA TYR H 75 3.99 4.68 49.01
C TYR H 75 4.81 4.69 50.31
N ILE H 76 5.37 5.84 50.66
CA ILE H 76 6.15 5.91 51.90
C ILE H 76 5.26 5.62 53.10
N GLU H 77 4.01 6.09 53.08
CA GLU H 77 3.14 5.85 54.23
C GLU H 77 2.78 4.37 54.39
N ASN H 78 2.71 3.61 53.29
CA ASN H 78 2.16 2.27 53.33
C ASN H 78 3.15 1.17 52.96
N ARG H 79 4.32 1.50 52.44
CA ARG H 79 5.25 0.44 52.08
C ARG H 79 5.73 -0.30 53.31
N THR H 80 6.00 -1.59 53.14
CA THR H 80 6.64 -2.33 54.23
C THR H 80 8.07 -1.85 54.35
N LEU H 81 8.50 -1.66 55.57
CA LEU H 81 9.86 -1.27 55.87
C LEU H 81 10.59 -2.48 56.44
N SER H 82 11.87 -2.57 56.17
CA SER H 82 12.66 -3.66 56.70
C SER H 82 13.86 -3.09 57.43
N ILE H 83 14.17 -3.67 58.58
CA ILE H 83 15.42 -3.41 59.28
C ILE H 83 16.16 -4.74 59.30
N ASN H 84 17.18 -4.87 58.44
CA ASN H 84 17.91 -6.13 58.34
C ASN H 84 18.74 -6.38 59.59
N ASP H 85 19.06 -7.65 59.79
CA ASP H 85 19.74 -8.09 61.00
C ASP H 85 21.09 -7.39 61.14
N GLY H 86 21.24 -6.60 62.21
CA GLY H 86 22.50 -5.96 62.54
C GLY H 86 22.74 -4.59 61.93
N GLU H 87 21.75 -4.00 61.27
CA GLU H 87 21.97 -2.74 60.58
C GLU H 87 22.15 -1.56 61.53
N LEU H 88 22.98 -0.61 61.11
CA LEU H 88 23.00 0.71 61.73
C LEU H 88 22.42 1.77 60.83
N ILE H 89 22.55 1.60 59.53
CA ILE H 89 21.88 2.44 58.55
C ILE H 89 20.72 1.63 58.00
N VAL H 90 19.54 2.22 57.98
CA VAL H 90 18.34 1.50 57.58
C VAL H 90 17.78 2.10 56.30
N GLY H 91 17.04 1.28 55.57
CA GLY H 91 16.38 1.72 54.37
C GLY H 91 16.65 0.79 53.22
N GLU H 92 15.60 0.26 52.62
CA GLU H 92 15.74 -0.58 51.43
C GLU H 92 14.82 -0.05 50.36
N LYS H 93 15.27 -0.08 49.11
CA LYS H 93 14.41 0.33 48.02
C LYS H 93 13.21 -0.60 47.87
N GLY H 94 13.46 -1.91 47.89
CA GLY H 94 12.44 -2.91 47.73
C GLY H 94 12.09 -3.59 49.03
N ASP H 95 11.55 -4.80 48.93
CA ASP H 95 11.15 -5.52 50.13
C ASP H 95 12.35 -5.99 50.94
N SER H 96 13.45 -6.33 50.29
CA SER H 96 14.59 -6.96 50.92
C SER H 96 15.83 -6.65 50.11
N PRO H 97 17.02 -6.90 50.66
CA PRO H 97 18.27 -6.62 49.92
C PRO H 97 18.26 -7.24 48.52
N ASN H 98 18.80 -6.49 47.55
CA ASN H 98 18.85 -6.86 46.14
C ASN H 98 17.47 -7.03 45.55
N GLY H 99 16.46 -6.48 46.23
CA GLY H 99 15.11 -6.44 45.69
C GLY H 99 14.85 -5.10 45.04
N ALA H 100 14.82 -5.08 43.74
CA ALA H 100 14.59 -3.86 43.01
C ALA H 100 13.09 -3.60 42.90
N PRO H 101 12.61 -2.42 43.27
CA PRO H 101 11.20 -2.11 42.99
C PRO H 101 11.00 -2.01 41.48
N THR H 102 9.75 -2.03 41.06
CA THR H 102 9.46 -1.80 39.66
C THR H 102 8.97 -0.37 39.49
N TYR H 103 9.10 0.13 38.28
CA TYR H 103 8.81 1.52 37.97
C TYR H 103 7.89 1.53 36.78
N PRO H 104 6.67 1.02 36.95
CA PRO H 104 5.76 0.92 35.81
C PRO H 104 5.33 2.27 35.26
N GLU H 105 5.49 3.36 36.03
CA GLU H 105 5.22 4.67 35.46
C GLU H 105 6.27 5.03 34.42
N ILE H 106 7.45 4.41 34.48
CA ILE H 106 8.51 4.64 33.52
C ILE H 106 8.54 3.53 32.48
N CYS H 107 8.72 2.30 32.92
CA CYS H 107 8.66 1.16 32.02
C CYS H 107 7.78 0.12 32.69
N CYS H 108 6.60 -0.13 32.09
CA CYS H 108 5.70 -1.17 32.59
C CYS H 108 6.00 -2.45 31.84
N HIS H 109 6.61 -3.40 32.54
CA HIS H 109 7.07 -4.60 31.87
C HIS H 109 5.90 -5.40 31.34
N THR H 110 6.10 -5.97 30.15
CA THR H 110 5.22 -7.00 29.67
C THR H 110 5.45 -8.26 30.49
N MET H 111 4.53 -9.21 30.38
CA MET H 111 4.78 -10.49 31.00
C MET H 111 6.04 -11.14 30.41
N GLU H 112 6.35 -10.85 29.14
CA GLU H 112 7.59 -11.36 28.54
C GLU H 112 8.82 -10.76 29.21
N ASP H 113 8.78 -9.46 29.53
CA ASP H 113 9.89 -8.84 30.23
C ASP H 113 10.18 -9.56 31.54
N LEU H 114 9.14 -9.85 32.31
CA LEU H 114 9.32 -10.56 33.57
C LEU H 114 9.92 -11.95 33.35
N GLU H 115 9.48 -12.64 32.30
CA GLU H 115 10.06 -13.94 31.97
C GLU H 115 11.51 -13.80 31.53
N VAL H 116 11.79 -12.82 30.65
CA VAL H 116 13.15 -12.66 30.14
C VAL H 116 14.12 -12.33 31.25
N MET H 117 13.78 -11.33 32.07
CA MET H 117 14.70 -10.92 33.12
C MET H 117 14.86 -11.99 34.18
N HIS H 118 13.87 -12.87 34.31
CA HIS H 118 13.94 -13.94 35.28
C HIS H 118 14.86 -15.06 34.83
N ASN H 119 14.96 -15.32 33.53
CA ASN H 119 15.71 -16.48 33.08
C ASN H 119 16.96 -16.16 32.28
N ARG H 120 17.26 -14.91 32.00
CA ARG H 120 18.47 -14.61 31.23
C ARG H 120 19.71 -15.00 32.02
N ASP H 121 20.80 -15.24 31.29
CA ASP H 121 22.03 -15.70 31.93
C ASP H 121 22.60 -14.65 32.87
N ILE H 122 22.73 -13.41 32.40
CA ILE H 122 23.39 -12.39 33.19
C ILE H 122 22.43 -11.25 33.51
N ILE H 123 22.65 -10.67 34.69
CA ILE H 123 21.89 -9.52 35.21
C ILE H 123 20.42 -9.89 35.25
N ASN H 124 20.14 -11.08 35.77
CA ASN H 124 18.80 -11.57 35.94
C ASN H 124 18.19 -11.05 37.24
N PHE H 125 16.86 -10.99 37.26
CA PHE H 125 16.09 -10.67 38.47
C PHE H 125 15.00 -11.72 38.60
N SER H 126 14.88 -12.31 39.79
CA SER H 126 13.83 -13.30 40.00
C SER H 126 12.47 -12.62 40.11
N VAL H 127 11.48 -13.18 39.42
CA VAL H 127 10.10 -12.70 39.47
C VAL H 127 9.28 -13.74 40.22
N SER H 128 8.93 -13.44 41.47
CA SER H 128 8.11 -14.36 42.25
C SER H 128 6.75 -14.54 41.60
N GLU H 129 6.11 -15.68 41.87
CA GLU H 129 4.81 -15.94 41.24
C GLU H 129 3.76 -14.93 41.65
N GLU H 130 3.79 -14.50 42.90
CA GLU H 130 2.79 -13.50 43.32
C GLU H 130 3.08 -12.17 42.60
N ALA H 131 4.36 -11.85 42.36
CA ALA H 131 4.70 -10.56 41.71
C ALA H 131 4.24 -10.60 40.26
N ARG H 132 4.22 -11.79 39.69
CA ARG H 132 3.79 -11.97 38.29
C ARG H 132 2.27 -11.74 38.26
N LYS H 133 1.56 -12.48 39.10
CA LYS H 133 0.09 -12.36 39.16
C LYS H 133 -0.28 -10.91 39.42
N ILE H 134 0.34 -10.28 40.40
CA ILE H 134 -0.02 -8.91 40.69
C ILE H 134 0.33 -8.01 39.50
N HIS H 135 1.53 -8.19 38.94
CA HIS H 135 1.92 -7.37 37.81
C HIS H 135 0.99 -7.59 36.63
N LYS H 136 0.56 -8.84 36.42
CA LYS H 136 -0.35 -9.12 35.31
C LYS H 136 -1.72 -8.55 35.56
N GLU H 137 -2.25 -8.69 36.77
CA GLU H 137 -3.66 -8.45 37.01
C GLU H 137 -3.94 -7.04 37.50
N GLU H 138 -3.03 -6.43 38.25
CA GLU H 138 -3.22 -5.10 38.81
C GLU H 138 -2.33 -4.04 38.19
N ILE H 139 -1.11 -4.38 37.75
CA ILE H 139 -0.14 -3.38 37.31
C ILE H 139 -0.31 -3.11 35.82
N ILE H 140 -0.22 -4.16 35.00
CA ILE H 140 -0.35 -3.97 33.56
C ILE H 140 -1.67 -3.31 33.18
N PRO H 141 -2.85 -3.80 33.63
CA PRO H 141 -4.10 -3.17 33.18
C PRO H 141 -4.14 -1.68 33.45
N PHE H 142 -3.44 -1.22 34.48
CA PHE H 142 -3.44 0.19 34.78
C PHE H 142 -2.29 0.95 34.14
N TRP H 143 -1.09 0.36 34.13
CA TRP H 143 0.11 1.12 33.79
C TRP H 143 0.57 0.93 32.36
N LYS H 144 0.07 -0.09 31.67
CA LYS H 144 0.56 -0.35 30.32
C LYS H 144 0.34 0.86 29.42
N LYS H 145 -0.72 1.62 29.64
CA LYS H 145 -0.93 2.80 28.82
C LYS H 145 -0.32 4.07 29.41
N ARG H 146 -0.03 4.10 30.72
CA ARG H 146 0.50 5.30 31.38
C ARG H 146 2.03 5.39 31.38
N GLN H 147 2.73 4.28 31.17
CA GLN H 147 4.19 4.29 31.30
C GLN H 147 4.83 5.29 30.34
N THR H 148 5.86 5.97 30.82
CA THR H 148 6.52 6.97 29.98
C THR H 148 7.21 6.36 28.76
N ARG H 149 7.63 5.10 28.85
CA ARG H 149 8.32 4.49 27.72
C ARG H 149 7.44 4.54 26.47
N ASP H 150 6.16 4.20 26.61
CA ASP H 150 5.26 4.23 25.45
C ASP H 150 5.04 5.67 25.00
N LYS H 151 4.94 6.61 25.94
CA LYS H 151 4.92 8.01 25.56
C LYS H 151 6.14 8.35 24.71
N ILE H 152 7.31 7.86 25.09
CA ILE H 152 8.52 8.17 24.34
C ILE H 152 8.51 7.47 22.99
N ILE H 153 8.31 6.15 22.97
CA ILE H 153 8.40 5.39 21.73
C ILE H 153 7.34 5.86 20.74
N ASN H 154 6.10 6.03 21.19
CA ASN H 154 5.06 6.47 20.26
C ASN H 154 5.35 7.88 19.73
N ALA H 155 6.17 8.67 20.44
CA ALA H 155 6.47 10.04 20.05
C ALA H 155 7.76 10.19 19.24
N MET H 156 8.52 9.13 19.01
CA MET H 156 9.78 9.25 18.29
C MET H 156 9.56 9.20 16.77
N THR H 157 10.44 9.85 16.04
CA THR H 157 10.36 9.84 14.59
C THR H 157 10.76 8.46 14.07
N PRO H 158 10.38 8.13 12.83
CA PRO H 158 10.89 6.88 12.24
C PRO H 158 12.40 6.83 12.15
N GLU H 159 13.04 7.94 11.79
CA GLU H 159 14.50 7.95 11.69
C GLU H 159 15.15 7.66 13.03
N TRP H 160 14.58 8.21 14.11
CA TRP H 160 15.09 7.91 15.44
C TRP H 160 14.90 6.43 15.75
N LEU H 161 13.70 5.91 15.51
CA LEU H 161 13.44 4.50 15.81
C LEU H 161 14.36 3.58 15.01
N ALA H 162 14.62 3.91 13.73
CA ALA H 162 15.52 3.10 12.92
C ALA H 162 16.95 3.15 13.45
N ALA H 163 17.45 4.36 13.69
CA ALA H 163 18.81 4.51 14.21
C ALA H 163 18.92 3.84 15.57
N TYR H 164 17.91 4.00 16.41
CA TYR H 164 17.92 3.38 17.72
C TYR H 164 18.01 1.87 17.59
N GLU H 165 17.20 1.29 16.70
CA GLU H 165 17.19 -0.16 16.56
C GLU H 165 18.49 -0.65 15.92
N ALA H 166 19.09 0.15 15.05
CA ALA H 166 20.35 -0.18 14.42
C ALA H 166 21.56 0.05 15.35
N GLY H 167 21.33 0.53 16.56
CA GLY H 167 22.43 0.76 17.47
C GLY H 167 23.26 1.98 17.17
N MET H 168 22.72 2.96 16.45
CA MET H 168 23.47 4.19 16.22
C MET H 168 23.68 4.95 17.51
N PHE H 169 22.72 4.86 18.42
CA PHE H 169 22.77 5.50 19.72
C PHE H 169 21.82 4.74 20.62
N THR H 170 21.79 5.11 21.88
CA THR H 170 20.87 4.55 22.84
C THR H 170 20.00 5.67 23.41
N GLU H 171 18.98 5.27 24.16
CA GLU H 171 18.08 6.23 24.77
C GLU H 171 18.07 5.98 26.27
N PHE H 172 18.60 6.95 27.02
CA PHE H 172 18.73 6.76 28.46
C PHE H 172 17.39 6.76 29.19
N MET H 173 16.40 7.47 28.68
CA MET H 173 15.17 7.65 29.45
C MET H 173 14.06 6.71 29.02
N GLU H 174 14.34 5.68 28.23
CA GLU H 174 13.27 4.75 27.85
C GLU H 174 12.82 3.92 29.03
N GLN H 175 13.75 3.55 29.91
CA GLN H 175 13.47 2.67 31.03
C GLN H 175 13.91 3.24 32.36
N ARG H 176 14.44 4.46 32.38
CA ARG H 176 14.91 5.06 33.61
C ARG H 176 14.64 6.56 33.58
N ALA H 177 14.52 7.14 34.76
CA ALA H 177 14.36 8.57 34.86
C ALA H 177 15.72 9.26 34.72
N PRO H 178 15.74 10.50 34.20
CA PRO H 178 17.03 11.16 33.93
C PRO H 178 18.06 11.08 35.03
N GLY H 179 17.67 11.38 36.27
CA GLY H 179 18.58 11.32 37.40
C GLY H 179 19.96 11.87 37.11
N HIS H 180 20.96 11.05 37.32
CA HIS H 180 22.35 11.37 37.02
C HIS H 180 22.79 12.60 37.80
N THR H 181 22.43 12.64 39.06
CA THR H 181 22.82 13.77 39.87
C THR H 181 23.37 13.26 41.19
N VAL H 182 23.94 14.19 41.92
CA VAL H 182 24.72 13.91 43.10
C VAL H 182 24.23 14.82 44.20
N CYS H 183 24.11 14.28 45.40
CA CYS H 183 23.74 15.09 46.55
C CYS H 183 24.79 16.16 46.82
N GLY H 184 24.33 17.36 47.16
CA GLY H 184 25.21 18.42 47.62
C GLY H 184 25.28 18.41 49.14
N ASP H 185 25.34 19.56 49.79
CA ASP H 185 25.42 19.60 51.24
C ASP H 185 24.11 20.01 51.90
N THR H 186 23.06 20.24 51.10
CA THR H 186 21.80 20.75 51.65
C THR H 186 21.25 19.81 52.72
N ILE H 187 21.26 18.51 52.45
CA ILE H 187 20.69 17.58 53.39
C ILE H 187 21.46 17.47 54.69
N TYR H 188 22.71 17.98 54.77
CA TYR H 188 23.44 18.02 56.04
C TYR H 188 23.27 19.32 56.76
N LYS H 189 22.80 20.37 56.07
CA LYS H 189 22.49 21.62 56.72
C LYS H 189 21.00 21.76 57.05
N LYS H 190 20.11 21.02 56.39
CA LYS H 190 18.67 21.17 56.59
C LYS H 190 17.98 19.82 56.59
N GLY H 191 16.95 19.67 57.43
CA GLY H 191 16.05 18.54 57.33
C GLY H 191 14.89 18.84 56.40
N PHE H 192 14.07 17.82 56.16
CA PHE H 192 12.92 17.99 55.27
C PHE H 192 11.80 18.80 55.90
N LEU H 193 11.77 18.92 57.23
CA LEU H 193 10.89 19.94 57.82
C LEU H 193 11.40 21.32 57.51
N ASP H 194 12.72 21.50 57.52
CA ASP H 194 13.31 22.78 57.17
C ASP H 194 13.05 23.11 55.71
N LEU H 195 13.21 22.12 54.84
CA LEU H 195 12.96 22.34 53.43
C LEU H 195 11.49 22.66 53.20
N LYS H 196 10.62 21.98 53.94
CA LYS H 196 9.19 22.28 53.89
C LYS H 196 8.93 23.71 54.32
N LYS H 197 9.67 24.22 55.32
CA LYS H 197 9.54 25.64 55.65
C LYS H 197 9.93 26.50 54.47
N ASP H 198 11.05 26.15 53.80
CA ASP H 198 11.49 26.92 52.65
C ASP H 198 10.43 26.93 51.56
N ILE H 199 9.80 25.79 51.33
CA ILE H 199 8.78 25.68 50.29
C ILE H 199 7.55 26.51 50.65
N GLU H 200 7.14 26.46 51.92
CA GLU H 200 6.00 27.26 52.36
C GLU H 200 6.30 28.74 52.26
N ALA H 201 7.54 29.15 52.56
CA ALA H 201 7.89 30.54 52.34
C ALA H 201 7.83 30.86 50.86
N ARG H 202 8.21 29.90 50.01
CA ARG H 202 8.11 30.10 48.57
C ARG H 202 6.66 30.20 48.15
N LEU H 203 5.80 29.32 48.68
CA LEU H 203 4.37 29.40 48.36
C LEU H 203 3.79 30.75 48.74
N LYS H 204 4.15 31.27 49.92
CA LYS H 204 3.64 32.56 50.35
C LYS H 204 4.18 33.69 49.47
N GLU H 205 5.28 33.48 48.74
CA GLU H 205 5.85 34.55 47.92
C GLU H 205 5.36 34.50 46.48
N LEU H 206 4.62 33.46 46.12
CA LEU H 206 4.14 33.35 44.76
C LEU H 206 3.18 34.50 44.46
N ASP H 207 3.52 35.27 43.42
CA ASP H 207 2.75 36.42 42.98
C ASP H 207 1.89 35.95 41.84
N PHE H 208 0.63 35.59 42.13
CA PHE H 208 -0.22 35.18 41.01
C PHE H 208 -0.76 36.34 40.21
N LEU H 209 -0.57 37.58 40.67
CA LEU H 209 -0.94 38.72 39.84
C LEU H 209 0.09 38.99 38.74
N ASN H 210 1.41 38.94 39.04
CA ASN H 210 2.42 39.39 38.09
C ASN H 210 3.37 38.32 37.58
N ASP H 211 3.60 37.26 38.34
CA ASP H 211 4.44 36.16 37.92
C ASP H 211 3.52 35.20 37.19
N LEU H 212 3.51 35.30 35.87
CA LEU H 212 2.62 34.46 35.08
C LEU H 212 2.97 32.99 35.19
N ASP H 213 4.13 32.66 35.75
CA ASP H 213 4.57 31.28 35.96
C ASP H 213 4.20 30.76 37.35
N ALA H 214 3.47 31.55 38.13
CA ALA H 214 3.21 31.19 39.53
C ALA H 214 2.52 29.85 39.66
N TYR H 215 1.64 29.52 38.73
CA TYR H 215 0.86 28.30 38.87
C TYR H 215 1.77 27.07 38.81
N ASN H 216 2.66 27.03 37.82
CA ASN H 216 3.60 25.93 37.72
C ASN H 216 4.56 25.91 38.91
N LYS H 217 4.97 27.07 39.40
CA LYS H 217 5.77 27.07 40.62
C LYS H 217 4.98 26.49 41.79
N LYS H 218 3.73 26.91 41.95
CA LYS H 218 2.93 26.39 43.06
C LYS H 218 2.74 24.89 42.93
N ALA H 219 2.49 24.41 41.71
CA ALA H 219 2.32 22.99 41.54
C ALA H 219 3.59 22.25 41.95
N ASP H 220 4.73 22.71 41.45
CA ASP H 220 6.00 22.09 41.83
C ASP H 220 6.30 22.27 43.31
N LEU H 221 6.09 23.47 43.85
CA LEU H 221 6.36 23.69 45.27
C LEU H 221 5.41 22.89 46.15
N GLU H 222 4.11 22.86 45.82
CA GLU H 222 3.18 22.03 46.60
C GLU H 222 3.63 20.59 46.61
N ALA H 223 4.12 20.12 45.46
CA ALA H 223 4.55 18.74 45.36
C ALA H 223 5.80 18.50 46.18
N MET H 224 6.76 19.43 46.10
CA MET H 224 7.97 19.31 46.90
C MET H 224 7.61 19.26 48.38
N ALA H 225 6.59 20.05 48.76
CA ALA H 225 6.13 20.07 50.14
C ALA H 225 5.58 18.71 50.58
N ILE H 226 4.81 18.06 49.71
CA ILE H 226 4.29 16.74 50.03
C ILE H 226 5.43 15.73 50.15
N ALA H 227 6.42 15.82 49.26
CA ALA H 227 7.59 14.93 49.35
C ALA H 227 8.34 15.16 50.64
N CYS H 228 8.42 16.41 51.11
CA CYS H 228 8.98 16.66 52.43
C CYS H 228 8.19 15.94 53.50
N ASP H 229 6.86 16.06 53.47
CA ASP H 229 6.01 15.32 54.40
C ASP H 229 6.31 13.84 54.35
N ALA H 230 6.48 13.30 53.13
CA ALA H 230 6.75 11.88 52.97
C ALA H 230 8.09 11.51 53.60
N MET H 231 9.12 12.35 53.44
CA MET H 231 10.39 12.07 54.08
C MET H 231 10.25 12.08 55.60
N VAL H 232 9.43 12.99 56.13
CA VAL H 232 9.21 13.09 57.57
C VAL H 232 8.54 11.82 58.07
N ILE H 233 7.57 11.34 57.29
CA ILE H 233 6.89 10.09 57.61
C ILE H 233 7.83 8.91 57.51
N LEU H 234 8.75 8.93 56.54
CA LEU H 234 9.72 7.85 56.43
C LEU H 234 10.53 7.73 57.72
N GLY H 235 10.89 8.87 58.32
CA GLY H 235 11.60 8.84 59.59
C GLY H 235 10.73 8.34 60.74
N LYS H 236 9.50 8.85 60.84
CA LYS H 236 8.59 8.38 61.89
C LYS H 236 8.31 6.90 61.76
N ARG H 237 8.04 6.42 60.53
CA ARG H 237 7.69 5.01 60.38
C ARG H 237 8.87 4.11 60.74
N TYR H 238 10.09 4.50 60.36
CA TYR H 238 11.26 3.70 60.71
C TYR H 238 11.61 3.83 62.18
N ALA H 239 11.44 5.01 62.78
CA ALA H 239 11.66 5.13 64.22
C ALA H 239 10.67 4.29 65.00
N GLU H 240 9.39 4.31 64.58
CA GLU H 240 8.35 3.49 65.19
C GLU H 240 8.61 2.00 64.96
N LYS H 241 9.03 1.61 63.74
CA LYS H 241 9.32 0.20 63.49
C LYS H 241 10.52 -0.24 64.33
N ALA H 242 11.52 0.61 64.46
CA ALA H 242 12.68 0.26 65.28
C ALA H 242 12.28 0.06 66.73
N ARG H 243 11.47 0.99 67.27
CA ARG H 243 11.02 0.87 68.66
C ARG H 243 10.11 -0.34 68.85
N GLN H 244 9.22 -0.63 67.89
CA GLN H 244 8.38 -1.80 68.06
C GLN H 244 9.23 -3.07 67.96
N MET H 245 10.31 -3.04 67.15
CA MET H 245 11.26 -4.16 67.12
C MET H 245 12.19 -4.14 68.32
N ALA H 246 12.49 -2.97 68.88
CA ALA H 246 13.33 -2.92 70.08
C ALA H 246 12.58 -3.39 71.32
N GLU H 247 11.30 -3.03 71.44
CA GLU H 247 10.45 -3.46 72.54
C GLU H 247 10.13 -4.95 72.40
N GLU H 248 11.02 -5.67 71.73
CA GLU H 248 10.82 -7.08 71.43
C GLU H 248 12.12 -7.79 71.22
N GLU H 249 13.15 -7.00 71.03
CA GLU H 249 14.46 -7.56 70.80
C GLU H 249 15.03 -7.82 72.18
N THR H 250 15.50 -9.03 72.42
CA THR H 250 16.08 -9.43 73.69
C THR H 250 17.61 -9.38 73.71
N ASP H 251 18.19 -9.09 72.57
CA ASP H 251 19.60 -9.17 72.38
C ASP H 251 20.39 -8.11 73.07
N GLU H 252 19.75 -7.08 73.59
CA GLU H 252 20.40 -5.98 74.35
C GLU H 252 21.32 -5.03 73.57
N ALA H 253 22.23 -5.55 72.79
CA ALA H 253 23.09 -4.84 71.92
C ALA H 253 22.18 -4.57 70.73
N LYS H 254 21.55 -5.58 70.18
CA LYS H 254 20.64 -5.33 69.06
C LYS H 254 19.55 -4.37 69.49
N LYS H 255 19.06 -4.52 70.71
CA LYS H 255 18.08 -3.59 71.25
C LYS H 255 18.66 -2.18 71.28
N LYS H 256 19.92 -2.06 71.69
CA LYS H 256 20.58 -0.75 71.73
C LYS H 256 20.74 -0.19 70.33
N ASP H 257 21.04 -1.06 69.37
CA ASP H 257 21.12 -0.64 67.98
C ASP H 257 19.77 -0.16 67.47
N LEU H 258 18.69 -0.87 67.79
CA LEU H 258 17.39 -0.40 67.38
C LEU H 258 17.06 0.92 68.06
N LEU H 259 17.40 1.07 69.35
CA LEU H 259 17.22 2.38 69.97
C LEU H 259 18.08 3.42 69.29
N LEU H 260 19.26 3.05 68.81
CA LEU H 260 20.08 4.02 68.10
C LEU H 260 19.44 4.36 66.75
N ILE H 261 18.92 3.34 66.04
CA ILE H 261 18.19 3.60 64.81
C ILE H 261 17.02 4.54 65.08
N ALA H 262 16.21 4.21 66.10
CA ALA H 262 15.08 5.05 66.45
C ALA H 262 15.52 6.47 66.84
N GLU H 263 16.54 6.59 67.70
CA GLU H 263 17.02 7.93 68.03
C GLU H 263 17.57 8.64 66.79
N THR H 264 18.18 7.89 65.87
CA THR H 264 18.64 8.48 64.63
C THR H 264 17.47 8.91 63.75
N CYS H 265 16.46 8.04 63.60
CA CYS H 265 15.31 8.37 62.78
C CYS H 265 14.40 9.42 63.40
N ASP H 266 14.50 9.66 64.71
CA ASP H 266 13.84 10.81 65.29
C ASP H 266 14.43 12.11 64.79
N VAL H 267 15.69 12.09 64.31
CA VAL H 267 16.35 13.29 63.80
C VAL H 267 16.16 13.37 62.29
N VAL H 268 16.64 12.36 61.57
CA VAL H 268 16.68 12.42 60.11
C VAL H 268 15.60 11.49 59.56
N PRO H 269 14.93 11.83 58.45
CA PRO H 269 15.23 13.00 57.61
C PRO H 269 14.45 14.27 57.93
N ALA H 270 13.66 14.30 59.00
CA ALA H 270 12.83 15.46 59.29
C ALA H 270 13.69 16.67 59.65
N HIS H 271 14.71 16.45 60.45
CA HIS H 271 15.61 17.52 60.86
C HIS H 271 16.99 17.28 60.27
N LYS H 272 17.79 18.34 60.28
CA LYS H 272 19.15 18.24 59.78
C LYS H 272 19.93 17.28 60.67
N PRO H 273 20.87 16.52 60.10
CA PRO H 273 21.71 15.65 60.91
C PRO H 273 22.57 16.44 61.89
N GLU H 274 22.70 15.89 63.10
CA GLU H 274 23.58 16.45 64.09
C GLU H 274 24.83 15.63 64.27
N THR H 275 24.78 14.36 63.86
CA THR H 275 25.88 13.44 64.08
C THR H 275 26.32 12.83 62.76
N TYR H 276 27.55 12.34 62.80
CA TYR H 276 28.11 11.59 61.68
C TYR H 276 27.18 10.44 61.31
N HIS H 277 26.72 9.69 62.31
CA HIS H 277 25.74 8.63 62.08
C HIS H 277 24.50 9.18 61.40
N GLN H 278 23.95 10.26 61.94
CA GLN H 278 22.73 10.80 61.37
C GLN H 278 22.98 11.36 59.97
N ALA H 279 24.14 11.97 59.75
CA ALA H 279 24.45 12.46 58.41
C ALA H 279 24.44 11.32 57.41
N ILE H 280 24.95 10.15 57.81
CA ILE H 280 24.93 9.01 56.91
C ILE H 280 23.50 8.51 56.72
N GLN H 281 22.75 8.38 57.83
CA GLN H 281 21.37 7.92 57.71
C GLN H 281 20.54 8.92 56.93
N MET H 282 20.76 10.21 57.17
CA MET H 282 20.08 11.22 56.38
C MET H 282 20.36 11.01 54.91
N TYR H 283 21.66 10.87 54.57
CA TYR H 283 21.96 10.60 53.17
C TYR H 283 21.20 9.38 52.67
N TRP H 284 21.24 8.29 53.43
CA TRP H 284 20.66 7.07 52.89
C TRP H 284 19.14 7.19 52.78
N PHE H 285 18.49 7.85 53.73
CA PHE H 285 17.04 8.07 53.59
C PHE H 285 16.74 8.82 52.32
N VAL H 286 17.46 9.92 52.10
CA VAL H 286 17.34 10.66 50.87
C VAL H 286 17.62 9.76 49.68
N HIS H 287 18.62 8.89 49.81
CA HIS H 287 18.94 7.97 48.73
C HIS H 287 17.76 7.06 48.42
N ILE H 288 17.20 6.41 49.45
CA ILE H 288 16.04 5.56 49.23
C ILE H 288 14.91 6.39 48.64
N GLY H 289 14.72 7.60 49.17
CA GLY H 289 13.72 8.50 48.66
C GLY H 289 13.86 8.77 47.17
N VAL H 290 14.99 9.34 46.72
CA VAL H 290 15.07 9.77 45.33
C VAL H 290 15.12 8.57 44.39
N THR H 291 15.65 7.45 44.84
CA THR H 291 15.71 6.26 44.00
C THR H 291 14.47 5.39 44.06
N THR H 292 13.54 5.62 45.00
CA THR H 292 12.22 4.99 44.87
C THR H 292 11.16 5.95 44.32
N GLU H 293 11.40 7.26 44.39
CA GLU H 293 10.58 8.22 43.67
C GLU H 293 10.62 7.93 42.17
N LEU H 294 11.81 7.67 41.65
CA LEU H 294 12.02 7.39 40.24
C LEU H 294 13.20 6.44 40.09
N ASN H 295 13.16 5.64 39.03
CA ASN H 295 14.29 4.79 38.68
C ASN H 295 15.35 5.67 38.02
N ILE H 296 16.09 6.40 38.84
CA ILE H 296 16.98 7.42 38.31
C ILE H 296 18.34 6.83 37.96
N TRP H 297 18.90 7.29 36.84
CA TRP H 297 20.25 6.89 36.45
C TRP H 297 21.26 7.25 37.52
N ASP H 298 22.17 6.34 37.76
CA ASP H 298 23.20 6.50 38.74
C ASP H 298 22.75 6.62 40.15
N ALA H 299 21.57 6.10 40.42
CA ALA H 299 20.97 6.10 41.73
C ALA H 299 21.12 7.43 42.41
N PHE H 300 21.91 7.42 43.45
CA PHE H 300 22.26 8.61 44.14
C PHE H 300 23.63 8.37 44.76
N THR H 301 24.29 9.44 45.10
CA THR H 301 25.59 9.37 45.74
C THR H 301 25.73 10.57 46.66
N PRO H 302 26.45 10.44 47.78
CA PRO H 302 26.77 11.63 48.56
C PRO H 302 27.77 12.53 47.89
N GLY H 303 28.33 12.11 46.75
CA GLY H 303 29.35 12.85 46.05
C GLY H 303 30.62 12.97 46.85
N ARG H 304 30.91 14.18 47.31
CA ARG H 304 32.09 14.47 48.12
C ARG H 304 31.81 14.06 49.57
N LEU H 305 31.60 12.75 49.73
CA LEU H 305 31.23 12.21 51.04
C LEU H 305 32.21 12.66 52.12
N ASP H 306 33.51 12.63 51.83
CA ASP H 306 34.48 12.99 52.85
C ASP H 306 34.39 14.47 53.25
N GLN H 307 34.02 15.35 52.33
CA GLN H 307 33.85 16.74 52.71
C GLN H 307 32.61 16.91 53.58
N HIS H 308 31.54 16.19 53.25
CA HIS H 308 30.31 16.33 54.03
C HIS H 308 30.45 15.68 55.40
N LEU H 309 31.10 14.51 55.47
CA LEU H 309 31.17 13.80 56.74
C LEU H 309 32.21 14.38 57.69
N ASN H 310 33.31 14.93 57.17
CA ASN H 310 34.44 15.30 58.02
C ASN H 310 34.07 16.26 59.13
N PRO H 311 33.34 17.35 58.91
CA PRO H 311 32.95 18.18 60.07
C PRO H 311 32.19 17.40 61.11
N PHE H 312 31.30 16.48 60.69
CA PHE H 312 30.59 15.65 61.64
C PHE H 312 31.55 14.72 62.37
N TYR H 313 32.52 14.18 61.64
CA TYR H 313 33.53 13.32 62.24
C TYR H 313 34.31 14.06 63.32
N GLU H 314 34.81 15.26 63.01
CA GLU H 314 35.60 15.98 63.99
C GLU H 314 34.78 16.33 65.23
N ARG H 315 33.56 16.85 65.02
CA ARG H 315 32.73 17.25 66.16
C ARG H 315 32.31 16.05 66.99
N ASP H 316 32.04 14.92 66.34
CA ASP H 316 31.63 13.75 67.09
C ASP H 316 32.78 13.14 67.88
N VAL H 317 33.98 13.08 67.28
CA VAL H 317 35.12 12.57 68.05
C VAL H 317 35.46 13.52 69.18
N GLU H 318 35.41 14.83 68.92
CA GLU H 318 35.67 15.79 69.99
C GLU H 318 34.63 15.67 71.09
N ASN H 319 33.41 15.27 70.74
CA ASN H 319 32.37 15.03 71.72
C ASN H 319 32.35 13.58 72.19
N GLY H 320 33.29 12.75 71.73
CA GLY H 320 33.39 11.40 72.24
C GLY H 320 32.25 10.47 71.93
N ILE H 321 31.38 10.79 70.96
CA ILE H 321 30.34 9.85 70.57
C ILE H 321 30.77 9.04 69.37
N LEU H 322 31.99 9.25 68.88
CA LEU H 322 32.48 8.59 67.69
C LEU H 322 34.00 8.56 67.74
N ASP H 323 34.56 7.50 67.19
CA ASP H 323 35.99 7.39 66.92
C ASP H 323 36.17 6.85 65.51
N ARG H 324 37.42 6.67 65.11
CA ARG H 324 37.70 6.28 63.73
C ARG H 324 37.06 4.95 63.39
N ASP H 325 37.06 4.03 64.34
CA ASP H 325 36.51 2.69 64.11
C ASP H 325 34.99 2.72 63.97
N ARG H 326 34.29 3.43 64.88
CA ARG H 326 32.84 3.56 64.74
C ARG H 326 32.48 4.34 63.47
N ALA H 327 33.26 5.36 63.15
CA ALA H 327 33.05 6.07 61.90
C ALA H 327 33.18 5.13 60.70
N GLN H 328 34.19 4.25 60.75
CA GLN H 328 34.42 3.30 59.68
C GLN H 328 33.32 2.25 59.60
N GLU H 329 32.84 1.77 60.74
CA GLU H 329 31.74 0.80 60.74
C GLU H 329 30.53 1.35 60.02
N LEU H 330 30.15 2.60 60.35
CA LEU H 330 29.01 3.23 59.70
C LEU H 330 29.20 3.31 58.19
N LEU H 331 30.39 3.74 57.75
CA LEU H 331 30.66 3.80 56.31
C LEU H 331 30.65 2.41 55.68
N GLU H 332 31.10 1.40 56.42
CA GLU H 332 30.99 0.04 55.88
C GLU H 332 29.53 -0.40 55.84
N CYS H 333 28.73 -0.01 56.84
CA CYS H 333 27.29 -0.24 56.75
C CYS H 333 26.72 0.46 55.54
N LEU H 334 27.09 1.73 55.35
CA LEU H 334 26.62 2.48 54.19
C LEU H 334 27.01 1.78 52.90
N TRP H 335 28.25 1.29 52.83
CA TRP H 335 28.71 0.55 51.66
C TRP H 335 27.81 -0.64 51.37
N VAL H 336 27.46 -1.40 52.41
CA VAL H 336 26.55 -2.53 52.23
C VAL H 336 25.22 -2.05 51.69
N LYS H 337 24.74 -0.91 52.20
CA LYS H 337 23.46 -0.38 51.74
C LYS H 337 23.50 -0.09 50.25
N PHE H 338 24.58 0.56 49.79
CA PHE H 338 24.78 0.76 48.36
C PHE H 338 24.73 -0.57 47.62
N ASN H 339 25.44 -1.58 48.15
CA ASN H 339 25.48 -2.85 47.43
C ASN H 339 24.15 -3.58 47.47
N ASN H 340 23.27 -3.27 48.43
CA ASN H 340 21.93 -3.87 48.49
C ASN H 340 20.96 -3.33 47.46
N GLN H 341 21.30 -2.24 46.76
CA GLN H 341 20.37 -1.60 45.85
C GLN H 341 20.84 -1.81 44.41
N PRO H 342 20.39 -2.83 43.73
CA PRO H 342 20.72 -2.98 42.31
C PRO H 342 20.03 -1.90 41.48
N ALA H 343 20.64 -1.60 40.35
CA ALA H 343 19.91 -0.87 39.34
C ALA H 343 18.65 -1.69 39.00
N PRO H 344 17.47 -1.11 39.08
CA PRO H 344 16.24 -1.87 38.84
C PRO H 344 16.31 -2.52 37.47
N PRO H 345 15.57 -3.62 37.26
CA PRO H 345 15.78 -4.43 36.06
C PRO H 345 15.64 -3.62 34.78
N LYS H 346 16.59 -3.82 33.89
CA LYS H 346 16.61 -3.28 32.55
C LYS H 346 16.29 -4.39 31.57
N VAL H 347 15.70 -4.03 30.44
CA VAL H 347 15.46 -4.98 29.37
C VAL H 347 15.93 -4.35 28.07
N GLY H 348 15.88 -5.13 26.99
CA GLY H 348 16.22 -4.61 25.69
C GLY H 348 17.54 -3.85 25.70
N ILE H 349 17.56 -2.75 24.96
CA ILE H 349 18.78 -1.97 24.78
C ILE H 349 19.30 -1.40 26.10
N THR H 350 18.41 -1.08 27.03
CA THR H 350 18.88 -0.49 28.29
C THR H 350 19.79 -1.45 29.04
N LEU H 351 19.55 -2.76 28.96
CA LEU H 351 20.51 -3.70 29.55
C LEU H 351 21.81 -3.76 28.74
N LYS H 352 21.72 -3.81 27.40
CA LYS H 352 22.90 -3.90 26.56
C LYS H 352 23.90 -2.77 26.82
N GLU H 353 23.41 -1.53 27.00
CA GLU H 353 24.29 -0.40 27.24
C GLU H 353 24.74 -0.28 28.69
N SER H 354 24.05 -0.95 29.60
CA SER H 354 24.32 -0.87 31.03
C SER H 354 24.08 -2.26 31.62
N SER H 355 24.88 -3.23 31.16
CA SER H 355 24.71 -4.64 31.54
C SER H 355 25.40 -4.90 32.86
N THR H 356 24.78 -4.39 33.92
CA THR H 356 25.34 -4.50 35.25
C THR H 356 24.23 -4.34 36.26
N TYR H 357 24.40 -4.97 37.42
CA TYR H 357 23.53 -4.70 38.55
C TYR H 357 23.89 -3.40 39.24
N THR H 358 25.12 -2.92 39.04
CA THR H 358 25.56 -1.74 39.75
C THR H 358 24.80 -0.52 39.25
N ASP H 359 24.59 0.43 40.17
CA ASP H 359 23.84 1.66 39.87
C ASP H 359 24.72 2.89 39.99
N PHE H 360 26.04 2.72 39.89
CA PHE H 360 27.01 3.80 39.66
C PHE H 360 26.87 4.94 40.67
N ALA H 361 26.76 4.57 41.94
CA ALA H 361 26.78 5.53 43.03
C ALA H 361 28.23 5.95 43.24
N ASN H 362 28.65 6.99 42.54
CA ASN H 362 30.04 7.37 42.44
C ASN H 362 30.43 8.31 43.57
N ILE H 363 31.32 7.86 44.44
CA ILE H 363 31.83 8.67 45.54
C ILE H 363 33.16 9.27 45.14
N ASN H 364 33.35 10.57 45.42
CA ASN H 364 34.57 11.29 45.12
C ASN H 364 35.27 11.65 46.42
N THR H 365 36.36 10.96 46.71
CA THR H 365 37.12 11.18 47.93
C THR H 365 38.44 11.85 47.62
N GLY H 366 38.84 12.78 48.48
CA GLY H 366 40.07 13.53 48.25
C GLY H 366 39.79 14.90 47.67
N GLY H 367 40.30 15.18 46.47
CA GLY H 367 40.06 16.42 45.77
C GLY H 367 40.32 17.64 46.62
N ILE H 368 39.55 18.69 46.37
CA ILE H 368 39.70 19.93 47.10
C ILE H 368 38.45 20.14 47.94
N ASN H 369 38.59 20.96 48.98
CA ASN H 369 37.49 21.32 49.84
C ASN H 369 36.75 22.51 49.22
N PRO H 370 35.60 22.92 49.78
CA PRO H 370 34.90 24.07 49.18
C PRO H 370 35.77 25.29 48.95
N ASP H 371 36.83 25.48 49.74
CA ASP H 371 37.75 26.61 49.59
C ASP H 371 38.83 26.39 48.53
N GLY H 372 38.84 25.25 47.85
CA GLY H 372 39.82 24.98 46.81
C GLY H 372 41.14 24.45 47.30
N GLN H 373 41.31 24.29 48.60
CA GLN H 373 42.50 23.74 49.20
C GLN H 373 42.40 22.22 49.21
N ASP H 374 43.54 21.57 49.45
CA ASP H 374 43.60 20.12 49.55
C ASP H 374 42.43 19.57 50.37
N GLY H 375 41.67 18.66 49.78
CA GLY H 375 40.47 18.20 50.44
C GLY H 375 40.63 16.96 51.25
N VAL H 376 41.79 16.31 51.18
CA VAL H 376 42.03 15.08 51.92
C VAL H 376 41.94 15.37 53.41
N ASN H 377 41.10 14.61 54.11
CA ASN H 377 40.91 14.77 55.54
C ASN H 377 40.88 13.37 56.14
N GLU H 378 40.56 13.28 57.43
CA GLU H 378 40.59 11.96 58.05
C GLU H 378 39.54 11.04 57.45
N VAL H 379 38.35 11.55 57.13
CA VAL H 379 37.31 10.74 56.52
C VAL H 379 37.77 10.24 55.15
N SER H 380 38.61 11.04 54.48
CA SER H 380 39.18 10.62 53.20
C SER H 380 39.92 9.29 53.35
N TYR H 381 40.72 9.18 54.41
CA TYR H 381 41.42 7.93 54.61
C TYR H 381 40.48 6.84 55.13
N ILE H 382 39.50 7.21 55.96
CA ILE H 382 38.49 6.23 56.40
C ILE H 382 37.79 5.64 55.18
N ILE H 383 37.40 6.49 54.23
CA ILE H 383 36.72 5.99 53.04
C ILE H 383 37.64 5.05 52.27
N LEU H 384 38.92 5.41 52.11
CA LEU H 384 39.86 4.50 51.46
C LEU H 384 39.94 3.16 52.20
N ASP H 385 39.98 3.20 53.53
CA ASP H 385 39.99 1.97 54.31
C ASP H 385 38.71 1.16 54.11
N VAL H 386 37.54 1.82 54.16
CA VAL H 386 36.32 1.01 54.04
C VAL H 386 36.21 0.42 52.64
N MET H 387 36.55 1.19 51.61
CA MET H 387 36.42 0.62 50.26
C MET H 387 37.42 -0.52 50.07
N ASP H 388 38.63 -0.37 50.61
CA ASP H 388 39.64 -1.42 50.57
C ASP H 388 39.11 -2.67 51.28
N GLU H 389 38.57 -2.49 52.49
CA GLU H 389 38.08 -3.63 53.27
C GLU H 389 36.89 -4.30 52.60
N MET H 390 35.88 -3.51 52.18
CA MET H 390 34.62 -4.12 51.79
C MET H 390 34.70 -4.78 50.42
N LYS H 391 35.52 -4.24 49.52
CA LYS H 391 35.63 -4.72 48.15
C LYS H 391 34.24 -4.97 47.56
N LEU H 392 33.42 -3.92 47.63
CA LEU H 392 32.08 -3.93 47.06
C LEU H 392 32.05 -3.04 45.83
N ILE H 393 31.48 -3.57 44.74
CA ILE H 393 31.39 -2.81 43.49
C ILE H 393 30.32 -1.72 43.56
N GLN H 394 29.52 -1.71 44.61
CA GLN H 394 28.76 -0.53 44.93
C GLN H 394 29.14 -0.14 46.35
N PRO H 395 29.44 1.13 46.62
CA PRO H 395 29.42 2.21 45.63
C PRO H 395 30.65 2.21 44.73
N SER H 396 30.62 3.06 43.72
CA SER H 396 31.79 3.34 42.91
C SER H 396 32.62 4.35 43.70
N SER H 397 33.51 3.83 44.54
CA SER H 397 34.32 4.65 45.45
C SER H 397 35.61 5.05 44.76
N ASN H 398 35.73 6.32 44.41
CA ASN H 398 36.87 6.75 43.62
C ASN H 398 37.51 7.93 44.31
N VAL H 399 38.67 8.32 43.81
CA VAL H 399 39.46 9.39 44.41
C VAL H 399 39.60 10.51 43.39
N GLN H 400 39.56 11.72 43.88
CA GLN H 400 39.91 12.91 43.13
C GLN H 400 41.33 13.28 43.52
N ILE H 401 42.21 13.36 42.54
CA ILE H 401 43.59 13.71 42.77
C ILE H 401 43.79 15.13 42.31
N SER H 402 44.16 16.01 43.22
CA SER H 402 44.56 17.36 42.91
C SER H 402 46.08 17.49 42.95
N LYS H 403 46.60 18.53 42.28
CA LYS H 403 48.00 18.92 42.47
C LYS H 403 48.28 19.31 43.92
N LYS H 404 47.23 19.57 44.68
CA LYS H 404 47.32 19.86 46.11
C LYS H 404 47.18 18.59 46.94
N THR H 405 46.90 17.46 46.30
CA THR H 405 46.69 16.22 47.04
C THR H 405 48.02 15.72 47.59
N PRO H 406 48.08 15.35 48.86
CA PRO H 406 49.33 14.78 49.40
C PRO H 406 49.64 13.46 48.70
N GLN H 407 50.94 13.25 48.43
CA GLN H 407 51.35 12.03 47.74
C GLN H 407 50.91 10.79 48.51
N LYS H 408 50.86 10.88 49.85
CA LYS H 408 50.45 9.74 50.66
C LYS H 408 49.06 9.28 50.25
N PHE H 409 48.14 10.21 50.07
CA PHE H 409 46.79 9.83 49.70
C PHE H 409 46.78 9.21 48.31
N LEU H 410 47.56 9.80 47.39
CA LEU H 410 47.64 9.25 46.04
C LEU H 410 48.20 7.83 46.04
N LYS H 411 49.28 7.61 46.80
CA LYS H 411 49.86 6.25 46.81
C LYS H 411 48.89 5.28 47.47
N ARG H 412 48.26 5.69 48.56
CA ARG H 412 47.25 4.86 49.18
C ARG H 412 46.15 4.52 48.19
N ALA H 413 45.76 5.50 47.38
CA ALA H 413 44.77 5.20 46.35
C ALA H 413 45.33 4.21 45.34
N CYS H 414 46.60 4.42 44.92
CA CYS H 414 47.26 3.46 44.01
C CYS H 414 47.43 2.10 44.67
N GLU H 415 47.69 2.09 45.98
CA GLU H 415 47.79 0.84 46.72
C GLU H 415 46.51 0.03 46.60
N ILE H 416 45.35 0.69 46.69
CA ILE H 416 44.08 -0.02 46.55
C ILE H 416 43.84 -0.40 45.10
N SER H 417 44.16 0.53 44.19
CA SER H 417 43.96 0.25 42.77
C SER H 417 44.78 -0.93 42.31
N ARG H 418 46.03 -1.01 42.76
CA ARG H 418 46.89 -2.09 42.28
C ARG H 418 46.41 -3.44 42.75
N LYS H 419 45.57 -3.49 43.80
CA LYS H 419 44.96 -4.74 44.22
C LYS H 419 44.04 -5.31 43.14
N GLY H 420 43.75 -4.56 42.08
CA GLY H 420 43.28 -5.15 40.83
C GLY H 420 41.80 -5.35 40.65
N TRP H 421 40.95 -4.78 41.51
CA TRP H 421 39.50 -4.84 41.28
C TRP H 421 38.93 -3.50 40.79
N GLY H 422 39.73 -2.69 40.12
CA GLY H 422 39.22 -1.51 39.44
C GLY H 422 39.11 -0.27 40.28
N GLN H 423 38.48 -0.37 41.45
CA GLN H 423 38.39 0.80 42.30
C GLN H 423 39.72 0.99 43.06
N PRO H 424 40.10 2.24 43.37
CA PRO H 424 39.40 3.46 43.00
C PRO H 424 39.82 3.96 41.63
N ALA H 425 38.90 4.66 40.97
CA ALA H 425 39.25 5.40 39.79
C ALA H 425 39.87 6.73 40.22
N PHE H 426 40.62 7.33 39.28
CA PHE H 426 41.36 8.54 39.54
C PHE H 426 40.78 9.65 38.67
N TYR H 427 40.42 10.75 39.32
CA TYR H 427 39.90 11.92 38.62
C TYR H 427 40.81 13.08 38.95
N ASN H 428 41.08 13.88 37.93
CA ASN H 428 41.97 15.03 38.04
C ASN H 428 41.13 16.20 38.54
N THR H 429 41.30 16.56 39.81
CA THR H 429 40.49 17.64 40.40
C THR H 429 40.60 18.92 39.58
N GLU H 430 41.80 19.25 39.10
CA GLU H 430 41.97 20.47 38.33
C GLU H 430 41.30 20.37 36.96
N ALA H 431 41.28 19.18 36.37
CA ALA H 431 40.48 19.01 35.16
C ALA H 431 39.00 19.16 35.49
N ILE H 432 38.54 18.55 36.58
CA ILE H 432 37.13 18.66 36.96
C ILE H 432 36.74 20.12 37.11
N VAL H 433 37.51 20.87 37.91
CA VAL H 433 37.19 22.28 38.16
C VAL H 433 37.18 23.06 36.85
N GLN H 434 38.20 22.88 36.03
CA GLN H 434 38.26 23.61 34.76
C GLN H 434 37.15 23.21 33.82
N GLU H 435 36.83 21.92 33.75
CA GLU H 435 35.71 21.48 32.93
C GLU H 435 34.43 22.18 33.37
N LEU H 436 34.16 22.20 34.68
CA LEU H 436 32.96 22.86 35.18
C LEU H 436 32.95 24.34 34.84
N MET H 437 34.09 25.02 35.01
CA MET H 437 34.16 26.44 34.71
C MET H 437 33.99 26.67 33.21
N GLU H 438 34.54 25.78 32.39
CA GLU H 438 34.30 25.86 30.96
C GLU H 438 32.82 25.70 30.65
N ALA H 439 32.09 24.90 31.44
CA ALA H 439 30.67 24.69 31.27
C ALA H 439 29.83 25.80 31.88
N GLY H 440 30.48 26.77 32.49
CA GLY H 440 29.81 27.92 33.07
C GLY H 440 29.71 27.92 34.56
N LYS H 441 30.21 26.90 35.26
CA LYS H 441 30.16 26.93 36.71
C LYS H 441 31.10 27.99 37.27
N THR H 442 30.66 28.63 38.34
CA THR H 442 31.57 29.50 39.08
C THR H 442 32.64 28.63 39.74
N ILE H 443 33.78 29.25 40.04
CA ILE H 443 34.82 28.50 40.74
C ILE H 443 34.29 28.02 42.08
N GLU H 444 33.46 28.83 42.73
CA GLU H 444 32.87 28.43 43.99
C GLU H 444 32.04 27.16 43.85
N ASP H 445 31.22 27.07 42.80
CA ASP H 445 30.45 25.84 42.60
C ASP H 445 31.30 24.72 42.01
N ALA H 446 32.30 25.07 41.18
CA ALA H 446 33.20 24.04 40.65
C ALA H 446 33.95 23.34 41.75
N ARG H 447 34.36 24.09 42.78
CA ARG H 447 35.08 23.50 43.91
C ARG H 447 34.23 22.49 44.66
N LEU H 448 32.91 22.54 44.52
CA LEU H 448 32.02 21.53 45.07
C LEU H 448 31.78 20.40 44.10
N GLY H 449 32.41 20.43 42.94
CA GLY H 449 32.09 19.51 41.89
C GLY H 449 32.92 18.24 41.92
N GLY H 450 32.71 17.42 40.91
CA GLY H 450 33.42 16.17 40.80
C GLY H 450 32.80 15.35 39.70
N THR H 451 32.99 14.05 39.81
CA THR H 451 32.49 13.15 38.80
C THR H 451 31.49 12.19 39.40
N SER H 452 30.54 11.74 38.58
CA SER H 452 29.59 10.74 39.04
C SER H 452 29.37 9.77 37.90
N GLY H 453 28.53 8.77 38.14
CA GLY H 453 28.38 7.68 37.20
C GLY H 453 29.75 7.10 36.95
N CYS H 454 30.18 7.08 35.69
CA CYS H 454 31.51 6.56 35.40
C CYS H 454 32.57 7.63 35.59
N VAL H 455 32.51 8.71 34.79
CA VAL H 455 33.54 9.74 34.80
C VAL H 455 32.89 11.11 34.64
N GLU H 456 31.56 11.16 34.75
CA GLU H 456 30.81 12.31 34.28
C GLU H 456 30.94 13.47 35.26
N THR H 457 31.46 14.59 34.76
CA THR H 457 31.66 15.78 35.58
C THR H 457 30.34 16.52 35.83
N GLY H 458 30.17 16.96 37.06
CA GLY H 458 28.98 17.69 37.43
C GLY H 458 29.24 18.57 38.63
N CYS H 459 28.37 19.53 38.83
CA CYS H 459 28.43 20.37 40.02
C CYS H 459 27.45 19.79 41.04
N PHE H 460 27.99 19.04 41.99
CA PHE H 460 27.20 18.25 42.92
C PHE H 460 26.19 19.11 43.68
N GLY H 461 24.96 18.64 43.76
CA GLY H 461 23.89 19.32 44.46
C GLY H 461 23.33 20.55 43.76
N LYS H 462 23.88 20.94 42.60
CA LYS H 462 23.46 22.19 42.00
C LYS H 462 23.25 22.06 40.50
N GLU H 463 23.23 20.85 39.96
CA GLU H 463 23.19 20.64 38.53
C GLU H 463 22.38 19.41 38.19
N ALA H 464 21.56 19.52 37.15
CA ALA H 464 21.04 18.37 36.42
C ALA H 464 21.94 18.21 35.21
N TYR H 465 22.80 17.21 35.24
CA TYR H 465 23.64 16.90 34.09
C TYR H 465 23.19 15.53 33.62
N VAL H 466 22.28 15.53 32.67
CA VAL H 466 21.58 14.33 32.28
C VAL H 466 22.29 13.74 31.08
N LEU H 467 22.66 12.46 31.17
CA LEU H 467 23.19 11.76 30.03
C LEU H 467 22.02 11.25 29.20
N THR H 468 22.09 11.42 27.89
CA THR H 468 20.94 11.04 27.09
C THR H 468 21.13 9.75 26.32
N GLY H 469 22.37 9.26 26.21
CA GLY H 469 22.59 8.00 25.55
C GLY H 469 23.96 7.96 24.91
N TYR H 470 24.43 6.76 24.64
CA TYR H 470 25.73 6.65 24.01
C TYR H 470 25.57 6.86 22.51
N MET H 471 26.59 7.44 21.90
CA MET H 471 26.60 7.71 20.47
C MET H 471 27.65 6.79 19.83
N ASN H 472 27.22 6.00 18.84
CA ASN H 472 28.10 5.02 18.20
C ASN H 472 28.95 5.69 17.14
N ILE H 473 29.99 6.38 17.60
CA ILE H 473 30.86 7.12 16.67
C ILE H 473 31.46 6.23 15.60
N PRO H 474 32.00 5.04 15.91
CA PRO H 474 32.53 4.20 14.82
C PRO H 474 31.47 3.79 13.81
N LYS H 475 30.25 3.51 14.25
CA LYS H 475 29.22 3.15 13.28
C LYS H 475 28.84 4.34 12.43
N ILE H 476 29.02 5.55 12.97
CA ILE H 476 28.83 6.74 12.15
C ILE H 476 29.85 6.75 11.03
N LEU H 477 31.09 6.40 11.34
CA LEU H 477 32.08 6.23 10.27
C LEU H 477 31.65 5.12 9.33
N GLU H 478 31.12 4.03 9.88
CA GLU H 478 30.66 2.94 9.04
C GLU H 478 29.59 3.42 8.07
N LEU H 479 28.62 4.20 8.56
CA LEU H 479 27.62 4.78 7.66
C LEU H 479 28.27 5.66 6.61
N THR H 480 29.22 6.50 7.03
CA THR H 480 29.94 7.34 6.08
C THR H 480 30.54 6.49 4.97
N LEU H 481 31.22 5.41 5.33
CA LEU H 481 31.84 4.54 4.36
C LEU H 481 30.82 3.77 3.53
N ASN H 482 29.57 3.71 4.00
CA ASN H 482 28.51 3.03 3.27
C ASN H 482 27.44 3.98 2.78
N ASN H 483 27.77 5.26 2.60
CA ASN H 483 26.83 6.23 2.04
C ASN H 483 25.50 6.19 2.80
N GLY H 484 25.60 6.09 4.13
CA GLY H 484 24.44 6.08 4.99
C GLY H 484 23.77 4.74 5.16
N TYR H 485 24.14 3.74 4.37
CA TYR H 485 23.56 2.42 4.52
C TYR H 485 24.20 1.70 5.69
N ASP H 486 23.39 1.00 6.47
CA ASP H 486 23.90 0.19 7.56
C ASP H 486 24.03 -1.23 7.07
N PRO H 487 25.24 -1.76 6.87
CA PRO H 487 25.38 -3.14 6.38
C PRO H 487 24.88 -4.19 7.36
N ILE H 488 24.61 -3.83 8.61
CA ILE H 488 24.20 -4.79 9.62
C ILE H 488 22.68 -4.91 9.66
N SER H 489 21.97 -3.81 9.94
CA SER H 489 20.51 -3.82 9.92
C SER H 489 19.94 -3.79 8.51
N LYS H 490 20.79 -3.53 7.51
CA LYS H 490 20.42 -3.53 6.10
C LYS H 490 19.36 -2.47 5.82
N LYS H 491 19.48 -1.33 6.50
CA LYS H 491 18.59 -0.20 6.29
C LYS H 491 19.41 1.05 5.99
N GLN H 492 18.73 2.07 5.48
CA GLN H 492 19.36 3.36 5.20
C GLN H 492 19.24 4.24 6.43
N ILE H 493 20.17 4.05 7.37
CA ILE H 493 20.09 4.71 8.65
C ILE H 493 20.59 6.15 8.58
N GLY H 494 21.73 6.38 7.96
CA GLY H 494 22.28 7.72 7.85
C GLY H 494 21.78 8.39 6.59
N ILE H 495 22.53 9.39 6.15
CA ILE H 495 22.16 10.15 4.97
C ILE H 495 23.12 9.78 3.86
N GLU H 496 22.79 10.23 2.65
CA GLU H 496 23.60 9.92 1.48
C GLU H 496 24.69 10.99 1.36
N THR H 497 25.86 10.69 1.91
CA THR H 497 27.01 11.61 1.84
C THR H 497 27.95 11.33 0.67
N GLY H 498 27.67 10.32 -0.15
CA GLY H 498 28.49 10.08 -1.30
C GLY H 498 29.18 8.74 -1.24
N ASP H 499 29.56 8.21 -2.40
CA ASP H 499 30.40 7.02 -2.45
C ASP H 499 31.81 7.35 -1.99
N PRO H 500 32.30 6.75 -0.91
CA PRO H 500 33.65 7.10 -0.43
C PRO H 500 34.74 6.76 -1.42
N ARG H 501 34.49 5.81 -2.33
CA ARG H 501 35.42 5.50 -3.40
C ARG H 501 35.69 6.71 -4.28
N ASN H 502 34.82 7.71 -4.24
CA ASN H 502 34.99 8.98 -4.95
C ASN H 502 35.70 10.05 -4.14
N PHE H 503 35.96 9.82 -2.85
CA PHE H 503 36.63 10.83 -2.06
C PHE H 503 38.08 10.91 -2.51
N GLN H 504 38.50 12.10 -2.97
CA GLN H 504 39.82 12.30 -3.55
C GLN H 504 40.89 12.63 -2.52
N SER H 505 40.50 12.91 -1.27
CA SER H 505 41.44 13.28 -0.23
C SER H 505 40.87 12.82 1.10
N TYR H 506 41.75 12.75 2.12
CA TYR H 506 41.27 12.42 3.46
C TYR H 506 40.26 13.46 3.94
N GLU H 507 40.49 14.74 3.64
CA GLU H 507 39.59 15.79 4.12
C GLU H 507 38.15 15.55 3.66
N GLU H 508 37.96 15.14 2.40
CA GLU H 508 36.61 14.87 1.92
C GLU H 508 35.97 13.73 2.69
N LEU H 509 36.73 12.69 2.99
CA LEU H 509 36.18 11.61 3.78
C LEU H 509 35.78 12.13 5.15
N PHE H 510 36.59 13.03 5.72
CA PHE H 510 36.30 13.53 7.04
C PHE H 510 35.07 14.42 7.03
N GLU H 511 34.91 15.23 5.98
CA GLU H 511 33.72 16.05 5.84
C GLU H 511 32.48 15.17 5.74
N ALA H 512 32.54 14.10 4.95
CA ALA H 512 31.40 13.20 4.87
C ALA H 512 31.10 12.60 6.23
N PHE H 513 32.15 12.28 6.99
CA PHE H 513 31.91 11.77 8.33
C PHE H 513 31.31 12.83 9.23
N LYS H 514 31.81 14.08 9.16
CA LYS H 514 31.21 15.13 9.96
C LYS H 514 29.74 15.31 9.62
N LYS H 515 29.39 15.22 8.33
CA LYS H 515 28.00 15.36 7.94
C LYS H 515 27.16 14.19 8.44
N GLN H 516 27.68 12.97 8.38
CA GLN H 516 26.97 11.85 8.99
C GLN H 516 26.83 12.04 10.50
N LEU H 517 27.89 12.55 11.15
CA LEU H 517 27.83 12.84 12.57
C LEU H 517 26.76 13.88 12.89
N HIS H 518 26.72 14.94 12.08
CA HIS H 518 25.69 15.96 12.25
C HIS H 518 24.28 15.36 12.14
N TYR H 519 24.02 14.59 11.08
CA TYR H 519 22.70 14.01 10.89
C TYR H 519 22.30 13.15 12.08
N MET H 520 23.21 12.28 12.52
CA MET H 520 22.86 11.35 13.59
C MET H 520 22.66 12.10 14.89
N ILE H 521 23.51 13.09 15.17
CA ILE H 521 23.33 13.85 16.39
C ILE H 521 22.04 14.66 16.33
N ASP H 522 21.69 15.19 15.15
CA ASP H 522 20.42 15.88 15.02
C ASP H 522 19.26 14.96 15.39
N ILE H 523 19.25 13.73 14.85
CA ILE H 523 18.21 12.77 15.20
C ILE H 523 18.18 12.55 16.70
N LYS H 524 19.35 12.33 17.30
CA LYS H 524 19.41 12.05 18.73
C LYS H 524 18.89 13.23 19.53
N ILE H 525 19.36 14.44 19.20
CA ILE H 525 18.94 15.62 19.95
C ILE H 525 17.43 15.86 19.79
N GLU H 526 16.92 15.67 18.57
CA GLU H 526 15.49 15.85 18.32
C GLU H 526 14.66 14.95 19.21
N GLY H 527 14.98 13.65 19.25
CA GLY H 527 14.30 12.75 20.15
C GLY H 527 14.50 13.15 21.60
N ASN H 528 15.70 13.61 21.95
CA ASN H 528 16.01 14.02 23.32
C ASN H 528 15.10 15.14 23.78
N ALA H 529 14.81 16.10 22.89
CA ALA H 529 13.95 17.22 23.24
C ALA H 529 12.55 16.75 23.60
N VAL H 530 11.99 15.85 22.79
CA VAL H 530 10.71 15.25 23.14
C VAL H 530 10.83 14.54 24.47
N ILE H 531 11.90 13.75 24.63
CA ILE H 531 12.07 12.97 25.85
C ILE H 531 12.24 13.89 27.05
N GLU H 532 12.99 14.98 26.90
CA GLU H 532 13.16 15.90 28.03
C GLU H 532 11.82 16.49 28.47
N ASN H 533 10.96 16.81 27.51
CA ASN H 533 9.61 17.29 27.84
C ASN H 533 8.80 16.21 28.56
N ILE H 534 8.83 15.00 28.02
CA ILE H 534 8.09 13.89 28.63
C ILE H 534 8.56 13.66 30.05
N CYS H 535 9.88 13.72 30.29
CA CYS H 535 10.36 13.56 31.65
C CYS H 535 9.96 14.73 32.52
N ALA H 536 10.06 15.95 31.99
CA ALA H 536 9.65 17.13 32.75
C ALA H 536 8.17 17.08 33.09
N LYS H 537 7.33 16.66 32.15
CA LYS H 537 5.89 16.68 32.42
C LYS H 537 5.42 15.45 33.17
N HIS H 538 5.94 14.28 32.82
CA HIS H 538 5.39 13.04 33.32
C HIS H 538 6.24 12.35 34.36
N MET H 539 7.50 12.76 34.53
CA MET H 539 8.32 12.24 35.59
C MET H 539 8.84 13.35 36.49
N PRO H 540 8.02 14.29 36.95
CA PRO H 540 8.55 15.28 37.90
C PRO H 540 8.99 14.55 39.15
N CYS H 541 10.01 15.09 39.78
CA CYS H 541 10.61 14.45 40.96
C CYS H 541 10.62 15.48 42.07
N PRO H 542 9.47 15.72 42.69
CA PRO H 542 9.43 16.72 43.75
C PRO H 542 10.46 16.49 44.84
N LEU H 543 10.75 15.22 45.20
CA LEU H 543 11.71 14.97 46.26
C LEU H 543 13.11 15.39 45.85
N MET H 544 13.58 14.90 44.69
CA MET H 544 14.89 15.32 44.22
C MET H 544 14.99 16.85 44.22
N SER H 545 13.88 17.51 43.87
CA SER H 545 13.90 18.97 43.75
C SER H 545 14.20 19.64 45.07
N THR H 546 13.77 19.03 46.19
CA THR H 546 13.95 19.69 47.47
C THR H 546 15.42 19.87 47.83
N ILE H 547 16.30 19.04 47.28
CA ILE H 547 17.70 19.02 47.71
C ILE H 547 18.67 19.48 46.62
N VAL H 548 18.19 19.83 45.47
CA VAL H 548 19.07 20.25 44.41
C VAL H 548 19.02 21.73 44.26
N ASP H 549 20.17 22.34 44.30
CA ASP H 549 20.22 23.75 44.19
C ASP H 549 19.56 24.40 43.03
N ASP H 550 18.72 25.27 43.56
CA ASP H 550 17.80 26.22 43.00
C ASP H 550 16.39 25.75 42.79
N CYS H 551 16.07 24.47 42.97
CA CYS H 551 14.68 24.12 42.65
C CYS H 551 13.67 24.87 43.53
N ILE H 552 13.89 24.89 44.85
CA ILE H 552 12.96 25.58 45.74
C ILE H 552 12.96 27.07 45.44
N GLU H 553 14.16 27.64 45.28
CA GLU H 553 14.27 29.06 44.99
C GLU H 553 13.58 29.40 43.67
N LYS H 554 13.78 28.59 42.64
CA LYS H 554 13.12 28.83 41.36
C LYS H 554 11.64 28.45 41.39
N GLY H 555 11.21 27.67 42.37
CA GLY H 555 9.91 27.06 42.27
C GLY H 555 9.80 26.20 41.03
N LYS H 556 10.84 25.43 40.72
CA LYS H 556 10.87 24.68 39.49
C LYS H 556 11.44 23.30 39.76
N ASP H 557 10.73 22.28 39.31
CA ASP H 557 11.15 20.90 39.56
C ASP H 557 12.52 20.63 38.93
N TYR H 558 13.27 19.72 39.56
CA TYR H 558 14.57 19.32 39.03
C TYR H 558 14.45 18.81 37.60
N GLN H 559 13.35 18.12 37.29
CA GLN H 559 13.21 17.49 35.99
C GLN H 559 12.88 18.46 34.88
N ARG H 560 12.70 19.74 35.20
CA ARG H 560 12.44 20.73 34.15
C ARG H 560 13.28 21.99 34.32
N GLY H 561 14.46 21.88 34.93
CA GLY H 561 15.42 22.97 34.94
C GLY H 561 15.57 23.72 36.25
N GLY H 562 15.04 23.20 37.37
CA GLY H 562 15.21 23.88 38.64
C GLY H 562 16.63 23.93 39.15
N ALA H 563 17.48 23.00 38.71
CA ALA H 563 18.87 23.01 39.11
C ALA H 563 19.57 24.28 38.64
N ARG H 564 20.57 24.70 39.41
CA ARG H 564 21.33 25.89 39.04
C ARG H 564 21.98 25.72 37.67
N TYR H 565 22.55 24.55 37.41
CA TYR H 565 23.20 24.28 36.14
C TYR H 565 22.49 23.13 35.47
N ASN H 566 22.39 23.21 34.15
CA ASN H 566 21.70 22.20 33.38
C ASN H 566 22.54 21.91 32.17
N THR H 567 22.98 20.68 32.09
CA THR H 567 23.71 20.20 30.93
C THR H 567 23.09 18.86 30.56
N ARG H 568 23.14 18.58 29.29
CA ARG H 568 22.78 17.27 28.81
C ARG H 568 23.97 16.75 28.04
N TYR H 569 24.21 15.45 28.14
CA TYR H 569 25.34 14.86 27.47
C TYR H 569 24.84 13.79 26.51
N ILE H 570 25.58 13.67 25.42
CA ILE H 570 25.55 12.49 24.58
C ILE H 570 26.93 11.86 24.74
N GLN H 571 26.96 10.62 25.21
CA GLN H 571 28.23 10.00 25.54
C GLN H 571 28.84 9.40 24.27
N GLY H 572 30.00 9.91 23.88
CA GLY H 572 30.67 9.40 22.70
C GLY H 572 31.45 8.14 23.02
N VAL H 573 31.23 7.11 22.22
CA VAL H 573 31.89 5.82 22.41
C VAL H 573 32.81 5.56 21.22
N GLY H 574 33.96 4.94 21.50
CA GLY H 574 34.79 4.46 20.42
C GLY H 574 35.72 5.46 19.77
N ILE H 575 36.21 6.46 20.51
CA ILE H 575 37.12 7.41 19.90
C ILE H 575 38.35 6.69 19.35
N GLY H 576 38.84 5.69 20.09
CA GLY H 576 40.00 4.95 19.63
C GLY H 576 39.74 4.21 18.35
N THR H 577 38.66 3.40 18.33
CA THR H 577 38.33 2.63 17.14
C THR H 577 38.23 3.53 15.93
N ILE H 578 37.51 4.64 16.07
CA ILE H 578 37.28 5.53 14.94
C ILE H 578 38.56 6.29 14.59
N THR H 579 39.40 6.63 15.57
CA THR H 579 40.67 7.28 15.25
C THR H 579 41.56 6.37 14.42
N ASP H 580 41.77 5.15 14.90
CA ASP H 580 42.61 4.21 14.17
C ASP H 580 42.01 3.86 12.83
N SER H 581 40.68 3.78 12.75
CA SER H 581 40.05 3.50 11.48
C SER H 581 40.30 4.64 10.50
N LEU H 582 40.14 5.88 10.96
CA LEU H 582 40.42 7.02 10.08
C LEU H 582 41.91 7.17 9.84
N THR H 583 42.73 6.90 10.84
CA THR H 583 44.18 6.93 10.62
C THR H 583 44.59 5.89 9.58
N ALA H 584 44.02 4.69 9.67
CA ALA H 584 44.29 3.68 8.66
C ALA H 584 43.91 4.18 7.28
N ILE H 585 42.82 4.94 7.16
CA ILE H 585 42.40 5.38 5.85
C ILE H 585 43.33 6.49 5.35
N LYS H 586 43.65 7.44 6.21
CA LYS H 586 44.54 8.52 5.79
C LYS H 586 45.91 7.97 5.40
N TYR H 587 46.47 7.09 6.25
CA TYR H 587 47.80 6.56 6.00
C TYR H 587 47.82 5.66 4.78
N ASN H 588 46.94 4.67 4.78
CA ASN H 588 47.04 3.62 3.77
C ASN H 588 46.39 4.02 2.46
N VAL H 589 45.26 4.73 2.50
CA VAL H 589 44.56 5.05 1.27
C VAL H 589 45.06 6.36 0.67
N PHE H 590 45.23 7.40 1.48
CA PHE H 590 45.50 8.73 0.94
C PHE H 590 46.96 9.14 1.04
N ASP H 591 47.68 8.75 2.10
CA ASP H 591 49.05 9.21 2.27
C ASP H 591 50.04 8.35 1.48
N LYS H 592 50.17 7.09 1.85
CA LYS H 592 51.09 6.17 1.18
C LYS H 592 50.44 5.45 -0.02
N LYS H 593 49.11 5.44 -0.11
CA LYS H 593 48.38 4.84 -1.24
C LYS H 593 48.72 3.36 -1.41
N LYS H 594 48.77 2.63 -0.29
CA LYS H 594 49.03 1.20 -0.33
C LYS H 594 47.83 0.43 -0.85
N PHE H 595 46.63 0.98 -0.71
CA PHE H 595 45.43 0.44 -1.33
C PHE H 595 44.39 1.55 -1.41
N ASP H 596 43.37 1.34 -2.23
CA ASP H 596 42.37 2.37 -2.47
C ASP H 596 41.11 2.10 -1.63
N MET H 597 40.22 3.09 -1.62
CA MET H 597 39.02 2.99 -0.78
C MET H 597 38.19 1.77 -1.15
N ASP H 598 38.06 1.48 -2.45
CA ASP H 598 37.21 0.37 -2.86
C ASP H 598 37.68 -0.94 -2.24
N THR H 599 38.99 -1.17 -2.22
CA THR H 599 39.49 -2.42 -1.65
C THR H 599 39.22 -2.48 -0.15
N LEU H 600 39.47 -1.37 0.55
CA LEU H 600 39.24 -1.35 1.99
C LEU H 600 37.80 -1.74 2.31
N LEU H 601 36.84 -1.21 1.56
CA LEU H 601 35.44 -1.55 1.80
C LEU H 601 35.18 -3.02 1.48
N LYS H 602 35.79 -3.54 0.41
CA LYS H 602 35.70 -4.98 0.17
C LYS H 602 36.28 -5.73 1.35
N ALA H 603 37.42 -5.26 1.86
CA ALA H 603 38.01 -5.88 3.04
C ALA H 603 37.04 -5.82 4.22
N LEU H 604 36.45 -4.65 4.47
CA LEU H 604 35.51 -4.52 5.58
C LEU H 604 34.33 -5.48 5.39
N ASP H 605 33.78 -5.55 4.17
CA ASP H 605 32.62 -6.39 3.95
C ASP H 605 32.94 -7.87 4.09
N ALA H 606 34.15 -8.29 3.71
CA ALA H 606 34.51 -9.69 3.85
C ALA H 606 35.01 -10.01 5.24
N ASN H 607 34.93 -9.05 6.17
CA ASN H 607 35.51 -9.21 7.49
C ASN H 607 36.99 -9.57 7.40
N PHE H 608 37.65 -9.05 6.37
CA PHE H 608 39.06 -9.22 6.01
C PHE H 608 39.45 -10.61 5.53
N GLU H 609 38.52 -11.57 5.47
CA GLU H 609 38.83 -12.88 4.91
C GLU H 609 39.26 -12.73 3.46
N GLY H 610 40.49 -13.14 3.17
CA GLY H 610 41.11 -12.92 1.87
C GLY H 610 41.78 -11.58 1.70
N TYR H 611 41.86 -10.75 2.75
CA TYR H 611 42.53 -9.45 2.68
C TYR H 611 43.53 -9.33 3.81
N GLU H 612 44.16 -10.46 4.16
CA GLU H 612 45.13 -10.50 5.24
C GLU H 612 46.22 -9.46 5.05
N ALA H 613 46.62 -9.20 3.79
CA ALA H 613 47.64 -8.19 3.53
C ALA H 613 47.19 -6.83 3.99
N ILE H 614 45.96 -6.44 3.62
CA ILE H 614 45.47 -5.13 4.07
C ILE H 614 45.27 -5.14 5.58
N LEU H 615 44.72 -6.23 6.13
CA LEU H 615 44.56 -6.32 7.58
C LEU H 615 45.88 -6.09 8.29
N ASN H 616 46.97 -6.68 7.77
CA ASN H 616 48.27 -6.49 8.40
C ASN H 616 48.69 -5.03 8.33
N LEU H 617 48.43 -4.38 7.19
CA LEU H 617 48.81 -2.98 7.02
C LEU H 617 48.14 -2.09 8.07
N VAL H 618 46.83 -2.23 8.24
CA VAL H 618 46.12 -1.33 9.14
C VAL H 618 46.32 -1.76 10.59
N SER H 619 46.54 -3.05 10.83
CA SER H 619 46.74 -3.50 12.20
C SER H 619 48.14 -3.23 12.71
N ASN H 620 49.16 -3.26 11.83
CA ASN H 620 50.55 -3.32 12.27
C ASN H 620 51.49 -2.32 11.62
N LYS H 621 51.13 -1.70 10.50
CA LYS H 621 52.02 -0.76 9.84
C LYS H 621 51.39 0.61 9.70
N THR H 622 50.49 0.93 10.60
CA THR H 622 49.81 2.19 10.50
C THR H 622 49.81 2.82 11.84
N PRO H 623 50.08 4.11 11.90
CA PRO H 623 50.14 4.82 13.16
C PRO H 623 48.87 4.64 13.96
N LYS H 624 48.69 4.53 15.24
CA LYS H 624 47.77 4.19 16.27
C LYS H 624 47.78 5.22 17.33
N TYR H 625 46.67 5.09 17.71
CA TYR H 625 46.53 6.11 18.70
C TYR H 625 46.97 5.52 20.02
N GLY H 626 47.64 6.30 20.82
CA GLY H 626 48.06 5.81 22.07
C GLY H 626 49.51 5.54 22.12
N ASN H 627 50.26 6.02 21.15
CA ASN H 627 51.69 5.80 21.10
C ASN H 627 52.45 7.06 21.02
N ASP H 628 51.74 8.15 21.20
CA ASP H 628 52.31 9.49 21.11
C ASP H 628 52.69 9.82 19.70
N ASP H 629 51.93 9.31 18.78
CA ASP H 629 52.19 9.51 17.38
C ASP H 629 51.32 10.61 16.86
N ASP H 630 51.91 11.72 16.57
CA ASP H 630 51.05 12.83 16.18
C ASP H 630 50.21 12.51 14.95
N TYR H 631 50.68 11.61 14.08
CA TYR H 631 49.92 11.32 12.88
C TYR H 631 48.53 10.76 13.23
N ALA H 632 48.47 9.83 14.18
CA ALA H 632 47.18 9.32 14.62
C ALA H 632 46.53 10.23 15.65
N ASP H 633 47.32 10.79 16.57
CA ASP H 633 46.73 11.59 17.64
C ASP H 633 46.11 12.88 17.10
N GLU H 634 46.68 13.46 16.05
CA GLU H 634 46.01 14.62 15.48
C GLU H 634 44.68 14.23 14.85
N ILE H 635 44.59 13.02 14.30
CA ILE H 635 43.31 12.53 13.80
C ILE H 635 42.33 12.31 14.93
N MET H 636 42.80 11.76 16.05
CA MET H 636 41.96 11.67 17.24
C MET H 636 41.44 13.06 17.60
N GLN H 637 42.31 14.07 17.53
CA GLN H 637 41.88 15.42 17.88
C GLN H 637 40.81 15.93 16.92
N GLU H 638 40.98 15.64 15.63
CA GLU H 638 39.96 16.02 14.66
C GLU H 638 38.62 15.36 14.97
N ILE H 639 38.63 14.07 15.30
CA ILE H 639 37.38 13.38 15.60
C ILE H 639 36.76 13.90 16.87
N PHE H 640 37.57 14.09 17.91
CA PHE H 640 37.04 14.66 19.14
C PHE H 640 36.54 16.08 18.90
N ASN H 641 37.31 16.91 18.20
CA ASN H 641 36.83 18.27 17.92
C ASN H 641 35.53 18.22 17.14
N ALA H 642 35.44 17.33 16.15
CA ALA H 642 34.21 17.18 15.39
C ALA H 642 33.04 16.81 16.30
N TYR H 643 33.24 15.84 17.20
CA TYR H 643 32.18 15.43 18.09
C TYR H 643 31.82 16.54 19.07
N TYR H 644 32.84 17.18 19.64
CA TYR H 644 32.61 18.27 20.58
C TYR H 644 31.83 19.41 19.93
N ASN H 645 32.23 19.81 18.74
CA ASN H 645 31.58 20.93 18.06
C ASN H 645 30.17 20.59 17.64
N GLU H 646 29.92 19.34 17.26
CA GLU H 646 28.60 18.98 16.76
C GLU H 646 27.56 19.02 17.87
N VAL H 647 27.96 18.72 19.10
CA VAL H 647 27.02 18.57 20.22
C VAL H 647 27.02 19.78 21.13
N THR H 648 28.21 20.28 21.49
CA THR H 648 28.32 21.25 22.58
C THR H 648 27.70 22.57 22.19
N GLY H 649 26.90 23.14 23.10
CA GLY H 649 26.24 24.40 22.90
C GLY H 649 24.80 24.28 22.46
N ARG H 650 24.41 23.15 21.90
CA ARG H 650 23.01 22.95 21.53
C ARG H 650 22.12 23.13 22.76
N PRO H 651 21.01 23.87 22.65
CA PRO H 651 20.18 24.14 23.82
C PRO H 651 19.41 22.91 24.28
N THR H 652 19.19 22.83 25.59
CA THR H 652 18.22 21.87 26.10
C THR H 652 16.84 22.51 26.26
N VAL H 653 15.81 21.65 26.36
CA VAL H 653 14.45 22.15 26.40
C VAL H 653 14.25 23.06 27.59
N CYS H 654 14.86 22.69 28.72
CA CYS H 654 14.61 23.36 29.99
C CYS H 654 15.75 24.33 30.34
N GLY H 655 16.35 24.94 29.32
CA GLY H 655 17.20 26.09 29.51
C GLY H 655 18.68 25.85 29.78
N GLY H 656 19.18 24.63 29.56
CA GLY H 656 20.59 24.35 29.61
C GLY H 656 21.15 24.10 28.22
N GLU H 657 22.32 23.48 28.18
CA GLU H 657 22.95 23.23 26.90
C GLU H 657 23.53 21.83 26.87
N TYR H 658 23.71 21.31 25.67
CA TYR H 658 24.37 20.03 25.49
C TYR H 658 25.88 20.18 25.61
N ARG H 659 26.51 19.19 26.20
CA ARG H 659 27.95 19.08 26.28
C ARG H 659 28.31 17.63 25.98
N VAL H 660 29.61 17.37 25.94
CA VAL H 660 30.13 16.13 25.38
C VAL H 660 30.91 15.39 26.45
N ASP H 661 30.78 14.07 26.48
CA ASP H 661 31.63 13.27 27.33
C ASP H 661 31.89 11.95 26.62
N MET H 662 32.90 11.23 27.11
CA MET H 662 33.46 10.04 26.48
C MET H 662 33.47 8.94 27.52
N LEU H 663 32.69 8.02 27.33
CA LEU H 663 32.57 7.07 28.40
C LEU H 663 31.81 5.87 27.87
N PRO H 664 31.62 4.62 27.92
CA PRO H 664 30.67 3.72 27.31
C PRO H 664 29.92 2.77 28.18
N THR H 665 30.24 2.61 29.45
CA THR H 665 29.67 1.56 30.30
C THR H 665 29.88 0.25 29.51
N THR H 666 28.83 -0.45 29.17
CA THR H 666 28.98 -1.66 28.38
C THR H 666 28.58 -1.43 26.94
N CYS H 667 28.28 -0.20 26.58
CA CYS H 667 27.75 0.09 25.26
C CYS H 667 28.77 -0.08 24.16
N HIS H 668 30.05 -0.03 24.48
CA HIS H 668 31.05 -0.29 23.45
C HIS H 668 30.98 -1.73 22.98
N ILE H 669 30.49 -2.63 23.84
CA ILE H 669 30.20 -3.99 23.38
C ILE H 669 29.07 -3.96 22.37
N TYR H 670 27.90 -3.49 22.81
CA TYR H 670 26.71 -3.39 21.95
C TYR H 670 27.04 -2.67 20.65
N PHE H 671 27.73 -1.53 20.74
CA PHE H 671 28.05 -0.77 19.53
C PHE H 671 28.94 -1.56 18.58
N GLY H 672 29.78 -2.42 19.10
CA GLY H 672 30.58 -3.25 18.24
C GLY H 672 29.78 -4.40 17.67
N GLU H 673 28.91 -4.98 18.50
CA GLU H 673 28.15 -6.14 18.06
C GLU H 673 27.34 -5.84 16.82
N ILE H 674 26.70 -4.68 16.76
CA ILE H 674 25.86 -4.37 15.60
C ILE H 674 26.66 -3.55 14.60
N MET H 675 27.98 -3.62 14.65
CA MET H 675 28.84 -2.99 13.66
C MET H 675 29.69 -4.03 12.95
N GLY H 676 29.91 -3.83 11.65
CA GLY H 676 30.80 -4.67 10.87
C GLY H 676 32.25 -4.30 11.09
N ALA H 677 33.13 -4.91 10.27
CA ALA H 677 34.55 -4.60 10.39
C ALA H 677 34.83 -3.12 10.15
N SER H 678 35.79 -2.59 10.89
CA SER H 678 36.17 -1.20 10.76
C SER H 678 37.59 -1.09 10.18
N PRO H 679 37.92 0.02 9.51
CA PRO H 679 39.19 0.11 8.77
C PRO H 679 40.45 -0.10 9.59
N ASN H 680 40.39 -0.06 10.91
CA ASN H 680 41.62 -0.23 11.67
C ASN H 680 41.99 -1.70 11.85
N GLY H 681 41.18 -2.61 11.32
CA GLY H 681 41.41 -4.03 11.50
C GLY H 681 40.50 -4.70 12.50
N ARG H 682 39.73 -3.95 13.28
CA ARG H 682 38.75 -4.57 14.17
C ARG H 682 37.72 -5.37 13.35
N LEU H 683 37.51 -6.62 13.75
CA LEU H 683 36.65 -7.50 12.97
C LEU H 683 35.18 -7.20 13.24
N CYS H 684 34.33 -7.70 12.35
CA CYS H 684 32.89 -7.54 12.49
C CYS H 684 32.39 -8.04 13.84
N ALA H 685 31.39 -7.34 14.38
CA ALA H 685 30.68 -7.64 15.62
C ALA H 685 31.55 -7.51 16.86
N LYS H 686 32.84 -7.14 16.72
CA LYS H 686 33.76 -7.01 17.83
C LYS H 686 33.56 -5.67 18.53
N PRO H 687 33.76 -5.62 19.86
CA PRO H 687 33.56 -4.37 20.57
C PRO H 687 34.36 -3.22 19.95
N VAL H 688 33.84 -2.00 20.13
CA VAL H 688 34.64 -0.84 19.76
C VAL H 688 35.47 -0.49 20.97
N SER H 689 36.45 0.38 20.77
CA SER H 689 37.31 0.76 21.87
C SER H 689 36.46 1.35 22.97
N GLU H 690 36.87 1.09 24.20
CA GLU H 690 36.19 1.59 25.36
C GLU H 690 36.83 2.90 25.79
N GLY H 691 36.00 3.83 26.27
CA GLY H 691 36.46 5.16 26.70
C GLY H 691 37.31 5.87 25.67
N ILE H 692 38.29 6.61 26.15
CA ILE H 692 39.23 7.27 25.27
C ILE H 692 40.53 6.51 25.20
N SER H 693 40.44 5.24 25.51
CA SER H 693 41.55 4.36 25.49
C SER H 693 41.86 3.95 24.08
N PRO H 694 43.08 3.49 23.91
CA PRO H 694 43.52 3.01 22.65
C PRO H 694 42.73 1.81 22.30
N GLU H 695 42.76 1.49 21.03
CA GLU H 695 42.07 0.36 20.52
C GLU H 695 42.92 -0.88 20.77
N LYS H 696 42.28 -2.03 20.81
CA LYS H 696 42.94 -3.27 21.04
C LYS H 696 44.21 -3.45 20.23
N GLY H 697 45.31 -3.67 20.93
CA GLY H 697 46.60 -3.87 20.32
C GLY H 697 47.19 -2.69 19.58
N GLY H 698 46.51 -1.56 19.56
CA GLY H 698 47.07 -0.37 18.93
C GLY H 698 48.09 0.29 19.82
N ASP H 699 48.03 -0.05 21.10
CA ASP H 699 48.79 0.53 22.19
C ASP H 699 50.10 -0.25 22.35
N THR H 700 51.20 0.25 21.73
CA THR H 700 52.45 -0.52 21.69
C THR H 700 53.70 0.21 22.19
N ASN H 701 53.55 1.31 22.94
CA ASN H 701 54.74 2.03 23.41
C ASN H 701 54.66 2.33 24.89
N GLY H 702 53.78 1.64 25.61
CA GLY H 702 53.74 1.80 27.05
C GLY H 702 52.80 2.90 27.48
N PRO H 703 52.58 3.00 28.78
CA PRO H 703 51.56 3.93 29.29
C PRO H 703 51.92 5.39 29.12
N THR H 704 53.22 5.75 29.17
CA THR H 704 53.57 7.15 28.99
C THR H 704 53.17 7.64 27.60
N ALA H 705 53.32 6.79 26.58
CA ALA H 705 52.88 7.19 25.26
C ALA H 705 51.36 7.33 25.20
N VAL H 706 50.62 6.46 25.90
CA VAL H 706 49.17 6.53 25.79
C VAL H 706 48.63 7.72 26.56
N ILE H 707 49.18 8.04 27.73
CA ILE H 707 48.66 9.21 28.41
C ILE H 707 49.04 10.45 27.65
N LYS H 708 50.18 10.46 26.97
CA LYS H 708 50.51 11.60 26.13
C LYS H 708 49.52 11.71 24.97
N SER H 709 49.15 10.57 24.38
CA SER H 709 48.09 10.60 23.38
C SER H 709 46.78 11.11 23.99
N CYS H 710 46.38 10.52 25.11
CA CYS H 710 45.13 10.93 25.76
C CYS H 710 45.18 12.38 26.20
N ALA H 711 46.36 12.88 26.55
CA ALA H 711 46.48 14.28 26.97
C ALA H 711 46.20 15.25 25.83
N LYS H 712 46.32 14.79 24.58
CA LYS H 712 46.07 15.63 23.42
C LYS H 712 44.57 15.86 23.19
N MET H 713 43.71 15.02 23.75
CA MET H 713 42.28 15.31 23.76
C MET H 713 41.97 16.39 24.78
N ASP H 714 41.24 17.42 24.35
CA ASP H 714 41.02 18.57 25.24
C ASP H 714 39.93 18.21 26.25
N HIS H 715 40.36 17.57 27.34
CA HIS H 715 39.41 17.13 28.36
C HIS H 715 38.63 18.28 28.95
N ILE H 716 39.24 19.45 29.06
CA ILE H 716 38.59 20.57 29.73
C ILE H 716 37.29 20.90 29.03
N LYS H 717 37.22 20.65 27.73
CA LYS H 717 36.02 20.94 26.96
C LYS H 717 34.95 19.87 27.11
N THR H 718 35.15 18.89 27.98
CA THR H 718 34.21 17.80 28.12
C THR H 718 33.59 17.79 29.52
N GLY H 719 32.60 16.93 29.68
CA GLY H 719 32.07 16.65 30.99
C GLY H 719 32.67 15.36 31.50
N GLY H 720 33.86 15.01 30.99
CA GLY H 720 34.56 13.83 31.45
C GLY H 720 34.90 12.81 30.37
N THR H 721 36.05 12.17 30.49
CA THR H 721 36.49 11.13 29.59
C THR H 721 36.95 9.95 30.43
N LEU H 722 36.82 8.76 29.88
CA LEU H 722 37.12 7.54 30.64
C LEU H 722 38.33 6.89 30.00
N LEU H 723 39.42 6.78 30.77
CA LEU H 723 40.64 6.10 30.31
C LEU H 723 40.92 4.87 31.16
N ASN H 724 40.93 3.71 30.51
CA ASN H 724 41.34 2.46 31.13
C ASN H 724 42.80 2.19 30.83
N GLN H 725 43.55 1.85 31.86
CA GLN H 725 44.88 1.31 31.65
C GLN H 725 44.98 0.02 32.44
N ARG H 726 45.72 -0.92 31.87
CA ARG H 726 45.94 -2.22 32.48
C ARG H 726 47.44 -2.40 32.67
N PHE H 727 47.83 -2.88 33.86
CA PHE H 727 49.23 -3.13 34.17
C PHE H 727 49.45 -4.61 34.46
N ALA H 728 50.60 -5.11 34.00
CA ALA H 728 51.06 -6.43 34.44
C ALA H 728 51.21 -6.38 35.96
N PRO H 729 50.66 -7.33 36.69
CA PRO H 729 50.71 -7.25 38.17
C PRO H 729 52.13 -7.07 38.70
N SER H 730 53.13 -7.59 37.97
CA SER H 730 54.52 -7.51 38.44
C SER H 730 55.06 -6.09 38.45
N VAL H 731 54.69 -5.26 37.47
CA VAL H 731 55.26 -3.90 37.37
C VAL H 731 54.64 -2.91 38.36
N VAL H 732 53.63 -3.31 39.12
CA VAL H 732 53.05 -2.45 40.15
C VAL H 732 53.47 -2.87 41.56
N GLN H 733 54.47 -3.76 41.69
CA GLN H 733 54.88 -4.30 42.98
C GLN H 733 55.72 -3.30 43.77
N GLY H 734 55.55 -3.36 45.09
CA GLY H 734 56.39 -2.65 46.03
C GLY H 734 56.25 -1.14 45.97
N GLU H 735 57.35 -0.46 46.22
CA GLU H 735 57.34 0.99 46.29
C GLU H 735 57.59 1.59 44.92
N LYS H 736 58.41 0.92 44.10
CA LYS H 736 58.56 1.30 42.71
C LYS H 736 57.22 1.21 41.99
N GLY H 737 56.40 0.21 42.33
CA GLY H 737 55.12 0.08 41.67
C GLY H 737 54.16 1.20 42.02
N LEU H 738 54.01 1.50 43.33
CA LEU H 738 53.21 2.64 43.74
C LEU H 738 53.71 3.92 43.09
N ASP H 739 55.02 4.18 43.22
CA ASP H 739 55.57 5.42 42.66
C ASP H 739 55.35 5.48 41.16
N ASN H 740 55.51 4.37 40.45
CA ASN H 740 55.26 4.42 39.01
C ASN H 740 53.79 4.66 38.72
N MET H 741 52.88 4.02 39.47
CA MET H 741 51.46 4.31 39.33
C MET H 741 51.19 5.77 39.67
N ALA H 742 51.64 6.21 40.84
CA ALA H 742 51.40 7.59 41.24
C ALA H 742 51.97 8.55 40.21
N ASN H 743 53.15 8.25 39.67
CA ASN H 743 53.75 9.14 38.68
C ASN H 743 52.92 9.17 37.40
N LEU H 744 52.38 8.02 36.99
CA LEU H 744 51.57 7.99 35.79
C LEU H 744 50.31 8.82 35.96
N VAL H 745 49.63 8.65 37.11
CA VAL H 745 48.46 9.47 37.41
C VAL H 745 48.83 10.95 37.37
N ARG H 746 49.90 11.35 38.06
CA ARG H 746 50.24 12.77 38.12
C ARG H 746 50.75 13.29 36.79
N ALA H 747 51.48 12.47 36.04
CA ALA H 747 51.93 12.94 34.74
C ALA H 747 50.75 13.13 33.80
N TYR H 748 49.76 12.21 33.86
CA TYR H 748 48.58 12.36 33.05
C TYR H 748 47.76 13.57 33.49
N PHE H 749 47.58 13.73 34.79
CA PHE H 749 46.85 14.90 35.28
C PHE H 749 47.63 16.19 35.04
N ASN H 750 48.98 16.11 35.04
CA ASN H 750 49.75 17.32 34.80
C ASN H 750 49.56 17.82 33.37
N MET H 751 49.18 16.93 32.46
CA MET H 751 48.80 17.31 31.11
C MET H 751 47.28 17.55 30.99
N ASP H 752 46.59 17.67 32.13
CA ASP H 752 45.16 17.95 32.24
C ASP H 752 44.26 16.79 31.82
N GLY H 753 44.80 15.57 31.75
CA GLY H 753 43.95 14.41 31.59
C GLY H 753 42.87 14.36 32.65
N HIS H 754 41.72 13.83 32.27
CA HIS H 754 40.55 13.89 33.14
C HIS H 754 40.49 12.72 34.12
N HIS H 755 40.74 11.52 33.64
CA HIS H 755 40.48 10.35 34.45
C HIS H 755 41.39 9.21 33.99
N ILE H 756 41.76 8.38 34.94
CA ILE H 756 42.45 7.14 34.63
C ILE H 756 42.04 6.13 35.68
N GLN H 757 41.88 4.89 35.25
CA GLN H 757 41.57 3.81 36.18
C GLN H 757 42.30 2.57 35.70
N PHE H 758 42.62 1.69 36.64
CA PHE H 758 43.55 0.61 36.37
C PHE H 758 42.92 -0.74 36.56
N ASN H 759 43.20 -1.62 35.60
CA ASN H 759 43.08 -3.05 35.80
C ASN H 759 44.48 -3.56 36.13
N VAL H 760 44.56 -4.39 37.15
CA VAL H 760 45.77 -5.10 37.52
C VAL H 760 45.33 -6.54 37.76
N PHE H 761 45.28 -7.34 36.70
CA PHE H 761 44.89 -8.73 36.82
C PHE H 761 45.87 -9.61 36.07
N ASP H 762 45.90 -10.88 36.46
CA ASP H 762 46.66 -11.89 35.74
C ASP H 762 45.72 -12.47 34.71
N LYS H 763 46.06 -12.33 33.44
CA LYS H 763 45.24 -12.84 32.37
C LYS H 763 44.78 -14.24 32.56
N ASN H 764 45.61 -15.04 33.22
CA ASN H 764 45.30 -16.45 33.40
C ASN H 764 44.11 -16.60 34.35
N VAL H 765 44.01 -15.72 35.36
CA VAL H 765 42.90 -15.80 36.30
C VAL H 765 41.57 -15.57 35.59
N LEU H 766 41.51 -14.57 34.71
CA LEU H 766 40.29 -14.33 33.95
C LEU H 766 40.02 -15.44 32.94
N LEU H 767 41.08 -15.93 32.29
CA LEU H 767 40.90 -17.02 31.34
C LEU H 767 40.36 -18.25 32.07
N GLU H 768 40.91 -18.52 33.27
CA GLU H 768 40.40 -19.62 34.08
C GLU H 768 38.97 -19.35 34.53
N ALA H 769 38.67 -18.11 34.91
CA ALA H 769 37.32 -17.76 35.34
C ALA H 769 36.29 -17.98 34.23
N GLN H 770 36.69 -17.75 32.97
CA GLN H 770 35.78 -18.03 31.87
C GLN H 770 35.42 -19.50 31.81
N LYS H 771 36.41 -20.37 32.02
CA LYS H 771 36.16 -21.81 31.93
C LYS H 771 35.35 -22.31 33.11
N ASN H 772 35.63 -21.85 34.31
CA ASN H 772 34.94 -22.29 35.53
C ASN H 772 34.45 -21.08 36.31
N PRO H 773 33.30 -20.53 35.89
CA PRO H 773 32.79 -19.33 36.59
C PRO H 773 32.51 -19.57 38.06
N GLN H 774 32.14 -20.80 38.46
CA GLN H 774 31.75 -21.07 39.84
C GLN H 774 32.88 -20.81 40.84
N ASP H 775 34.14 -20.84 40.40
CA ASP H 775 35.27 -20.61 41.29
C ASP H 775 35.57 -19.13 41.46
N TYR H 776 35.08 -18.30 40.55
CA TYR H 776 35.40 -16.89 40.57
C TYR H 776 34.14 -16.04 40.72
N LYS H 777 33.34 -16.37 41.70
CA LYS H 777 32.11 -15.66 42.00
C LYS H 777 32.37 -14.23 42.42
N ASP H 778 33.44 -14.03 43.17
CA ASP H 778 33.88 -12.71 43.63
C ASP H 778 35.02 -12.12 42.79
N LEU H 779 35.33 -12.68 41.61
CA LEU H 779 36.37 -12.09 40.77
C LEU H 779 35.86 -10.80 40.15
N ILE H 780 36.51 -9.68 40.47
CA ILE H 780 36.06 -8.36 40.06
C ILE H 780 37.12 -7.74 39.16
N VAL H 781 36.68 -7.22 38.02
CA VAL H 781 37.56 -6.49 37.12
C VAL H 781 36.97 -5.10 36.92
N ARG H 782 37.71 -4.23 36.29
CA ARG H 782 37.25 -2.92 36.02
C ARG H 782 36.67 -2.96 34.65
N VAL H 783 35.44 -2.52 34.49
CA VAL H 783 34.87 -2.52 33.18
C VAL H 783 35.16 -1.21 32.51
N ALA H 784 34.35 -0.20 32.80
CA ALA H 784 34.52 1.14 32.25
C ALA H 784 33.78 2.11 33.13
N GLY H 785 34.52 2.79 33.97
CA GLY H 785 33.99 3.70 34.95
C GLY H 785 33.43 3.00 36.17
N TYR H 786 33.49 1.68 36.21
CA TYR H 786 32.96 0.93 37.33
C TYR H 786 33.59 -0.45 37.32
N SER H 787 33.54 -1.10 38.48
CA SER H 787 33.96 -2.48 38.61
C SER H 787 32.73 -3.38 38.70
N ASP H 788 32.87 -4.58 38.15
CA ASP H 788 31.78 -5.55 38.15
C ASP H 788 32.34 -6.95 38.41
N HIS H 789 31.47 -7.85 38.87
CA HIS H 789 31.88 -9.24 38.97
C HIS H 789 32.10 -9.80 37.58
N PHE H 790 33.29 -10.37 37.36
CA PHE H 790 33.63 -10.88 36.05
C PHE H 790 32.57 -11.84 35.52
N ASN H 791 31.89 -12.56 36.42
CA ASN H 791 30.85 -13.50 35.99
C ASN H 791 29.59 -12.82 35.50
N ASN H 792 29.37 -11.54 35.84
CA ASN H 792 28.22 -10.82 35.35
C ASN H 792 28.39 -10.32 33.93
N LEU H 793 29.56 -10.49 33.32
CA LEU H 793 29.84 -9.93 32.00
C LEU H 793 29.67 -11.00 30.93
N SER H 794 29.12 -10.60 29.79
CA SER H 794 29.01 -11.52 28.66
C SER H 794 30.40 -11.96 28.23
N ARG H 795 30.45 -13.08 27.50
CA ARG H 795 31.73 -13.52 26.95
C ARG H 795 32.42 -12.41 26.17
N THR H 796 31.67 -11.69 25.33
CA THR H 796 32.28 -10.65 24.51
C THR H 796 32.94 -9.57 25.35
N LEU H 797 32.29 -9.16 26.44
CA LEU H 797 32.84 -8.11 27.30
C LEU H 797 34.07 -8.60 28.03
N GLN H 798 34.04 -9.86 28.49
CA GLN H 798 35.20 -10.46 29.12
C GLN H 798 36.43 -10.40 28.21
N ASP H 799 36.27 -10.82 26.94
CA ASP H 799 37.40 -10.78 26.02
C ASP H 799 37.84 -9.37 25.70
N GLU H 800 36.94 -8.40 25.77
CA GLU H 800 37.34 -7.01 25.60
C GLU H 800 38.32 -6.61 26.70
N ILE H 801 37.96 -6.92 27.94
CA ILE H 801 38.83 -6.59 29.07
C ILE H 801 40.15 -7.35 28.98
N ILE H 802 40.07 -8.65 28.71
CA ILE H 802 41.27 -9.47 28.59
C ILE H 802 42.19 -8.92 27.51
N GLY H 803 41.62 -8.35 26.44
CA GLY H 803 42.40 -7.79 25.36
C GLY H 803 43.04 -6.45 25.62
N ARG H 804 42.75 -5.82 26.75
CA ARG H 804 43.37 -4.52 27.04
C ARG H 804 44.87 -4.67 27.23
N THR H 805 45.61 -3.69 26.71
CA THR H 805 47.07 -3.76 26.67
C THR H 805 47.65 -3.91 28.06
N GLU H 806 48.38 -5.01 28.28
CA GLU H 806 49.10 -5.20 29.52
C GLU H 806 50.34 -4.32 29.49
N GLN H 807 50.29 -3.22 30.23
CA GLN H 807 51.32 -2.21 30.19
C GLN H 807 52.42 -2.52 31.18
N THR H 808 53.63 -2.09 30.84
CA THR H 808 54.77 -2.11 31.75
C THR H 808 55.20 -0.67 31.99
N PHE H 809 55.75 -0.41 33.16
CA PHE H 809 56.24 0.95 33.45
C PHE H 809 57.61 1.18 32.81
N HYP I . -19.35 -49.00 -62.89
CA HYP I . -18.36 -48.03 -62.76
C HYP I . -17.39 -48.17 -63.84
O HYP I . -16.39 -48.84 -63.68
CB HYP I . -17.71 -48.38 -61.45
CG HYP I . -18.75 -49.16 -60.72
CD HYP I . -19.37 -49.92 -61.81
OD1 HYP I . -19.81 -48.30 -60.39
OXT HYP I . -17.63 -47.57 -64.87
N HYP J . 1.68 -6.58 -29.95
CA HYP J . 0.68 -5.65 -29.37
C HYP J . 0.89 -4.31 -30.07
O HYP J . 1.97 -3.95 -30.48
CB HYP J . 0.95 -5.62 -27.85
CG HYP J . 1.38 -7.08 -27.67
CD HYP J . 2.37 -7.20 -28.79
OD1 HYP J . 0.37 -7.94 -28.11
OXT HYP J . -0.25 -3.65 -30.18
N HYP K . 1.07 -39.57 8.95
CA HYP K . 1.52 -40.83 8.49
C HYP K . 2.09 -41.76 9.48
O HYP K . 1.61 -41.88 10.58
CB HYP K . 2.52 -40.43 7.44
CG HYP K . 1.85 -39.26 6.82
CD HYP K . 1.23 -38.55 7.97
OD1 HYP K . 0.73 -39.78 6.20
OXT HYP K . 2.98 -42.47 9.07
N HYP L . -42.26 -66.84 -20.50
CA HYP L . -42.58 -65.76 -19.68
C HYP L . -43.72 -66.04 -18.79
O HYP L . -43.78 -67.13 -18.27
CB HYP L . -42.94 -64.72 -20.68
CG HYP L . -42.12 -65.04 -21.86
CD HYP L . -42.21 -66.52 -21.89
OD1 HYP L . -40.84 -64.80 -21.41
OXT HYP L . -44.49 -65.12 -18.57
N HYP M . 51.39 50.78 35.97
CA HYP M . 50.36 51.70 36.30
C HYP M . 50.78 52.74 37.29
O HYP M . 51.83 53.39 37.09
CB HYP M . 49.25 50.84 36.84
CG HYP M . 49.58 49.39 36.54
CD HYP M . 50.97 49.42 35.97
OD1 HYP M . 48.71 48.89 35.55
OXT HYP M . 50.02 52.92 38.25
N HYP N . 4.77 70.29 4.31
CA HYP N . 6.16 70.01 4.16
C HYP N . 6.71 70.57 2.90
O HYP N . 6.95 71.77 2.84
CB HYP N . 6.18 68.50 4.11
CG HYP N . 4.88 68.02 4.72
CD HYP N . 3.93 69.15 4.51
OD1 HYP N . 5.05 67.96 6.13
OXT HYP N . 6.95 69.81 1.96
N HYP O . -24.34 35.26 29.22
CA HYP O . -23.77 34.83 30.40
C HYP O . -24.74 34.61 31.48
O HYP O . -24.53 35.10 32.56
CB HYP O . -22.77 35.88 30.74
CG HYP O . -22.69 36.80 29.58
CD HYP O . -23.90 36.53 28.79
OD1 HYP O . -21.66 36.39 28.74
OXT HYP O . -25.68 33.89 31.28
N HYP P . 25.83 4.34 34.48
CA HYP P . 25.24 4.46 33.23
C HYP P . 25.05 3.15 32.63
O HYP P . 24.76 2.21 33.37
CB HYP P . 26.22 5.27 32.43
CG HYP P . 26.86 6.13 33.46
CD HYP P . 26.89 5.27 34.67
OD1 HYP P . 25.89 7.09 33.75
OXT HYP P . 25.16 3.08 31.41
#